data_6EU0
#
_entry.id   6EU0
#
_cell.length_a   1.00
_cell.length_b   1.00
_cell.length_c   1.00
_cell.angle_alpha   90.00
_cell.angle_beta   90.00
_cell.angle_gamma   90.00
#
_symmetry.space_group_name_H-M   'P 1'
#
loop_
_entity.id
_entity.type
_entity.pdbx_description
1 polymer 'DNA-directed RNA polymerase III subunit RPC1'
2 polymer 'DNA-directed RNA polymerase III subunit RPC2'
3 polymer 'DNA-directed RNA polymerases I and III subunit RPAC1'
4 polymer 'DNA-directed RNA polymerase III subunit RPC9'
5 polymer 'DNA-directed RNA polymerases I, II, and III subunit RPABC1'
6 polymer 'DNA-directed RNA polymerases I, II, and III subunit RPABC2'
7 polymer 'DNA-directed RNA polymerase III subunit RPC8'
8 polymer 'DNA-directed RNA polymerases I, II, and III subunit RPABC3'
9 polymer 'DNA-directed RNA polymerase III subunit RPC10'
10 polymer 'DNA-directed RNA polymerases I, II, and III subunit RPABC5'
11 polymer 'DNA-directed RNA polymerases I and III subunit RPAC2'
12 polymer 'DNA-directed RNA polymerases I, II, and III subunit RPABC4'
13 polymer 'DNA-directed RNA polymerase III subunit RPC5'
14 polymer 'DNA-directed RNA polymerase III subunit RPC4'
15 polymer 'DNA-directed RNA polymerase III subunit RPC3'
16 polymer 'DNA-directed RNA polymerase III subunit RPC6'
17 polymer 'DNA-directed RNA polymerase III subunit RPC7'
18 polymer Non-Template
19 polymer Template
20 polymer "Transcription factor TFIIIB component B''"
21 polymer 'TATA-box-binding protein'
22 polymer 'Transcription factor IIIB 70 kDa subunit'
23 non-polymer 'ZINC ION'
24 non-polymer 'MAGNESIUM ION'
#
loop_
_entity_poly.entity_id
_entity_poly.type
_entity_poly.pdbx_seq_one_letter_code
_entity_poly.pdbx_strand_id
1 'polypeptide(L)'
;MKEVVVSETPKRIKGLEFSALSAADIVAQSEVEVSTRDLFDLEKDRAPKANGALDPKMGVSSSSLECATCHGNLASCHGH
FGHLKLALPVFHIGYFKATIQILQGICKNCSAILLSETDKRQFLHELRRPGVDNLRRMGILKKILDQCKKQRRCLHCGAL
NGVVKKAAAGAGSAALKIIHDTFRWVGKKSAPEKDIWVGEWKEVLAHNPELERYVKRCMDDLNPLKTLNLFKQIKSADCE
LLGIDATVPSGRPETYIWRYLPAPPVCIRPSVMMQDSPASNEDDLTVKLTEIVWTSSLIKAGLDKGISINNMMEHWDYLQ
LTVAMYINSDSVNPAMLPGSSNGGGKVKPIRGFCQRLKGKQGRFRGNLSGKRVDFSGRTVISPDPNLSIDEVAVPDRVAK
VLTYPEKVTRYNRHKLQELIVNGPNVHPGANYLLKRNEDARRNLRYGDRMKLAKNLQIGDVVERHLEDGDVVLFNRQPSL
HRLSILSHYAKIRPWRTFRLNECVCTPYNADFDGDEMNLHVPQTEEARAEAINLMGVKNNLLTPKSGEPIIAATQDFITG
SYLISHKDSFYDRATLTQLLSMMSDGIEHFDIPPPAIMKPYYLWTGKQVFSLLIKPNHNSPVVINLDAKNKVFVPPKSKS
LPNEMSQNDGFVIIRGSQILSGVMDKSVLGDGKKHSVFYTILRDYGPQEAANAMNRMAKLCARFLGNRGFSIGINDVTPA
DDLKQKKEELVEIAYHKCDELITLFNKGELETQPGCNEEQTLEAKIGGLLSKVREEVGDVCINELDNWNAPLIMATCGSK
GSTLNVSQMVAVVGQQIISGNRVPDGFQDRSLPHFPKNSKTPQSKGFVRNSFFSGLSPPEFLFHAISGREGLVDTAVKTA
ETGYMSRRLMKSLEDLSCQYDNTVRTSANGIVQFTYGGDGLDPLEMEGNAQPVNFNRSWDHAYNITFNNQDKGLLPYAIM
ETANEILGPLEERLVRYDNSGCLVKREDLNKAEYVDQYDAERDFYHSLREYINGKATALANLRKSRGMLGLLEPPAKELQ
GIDPDETVPDNVKTSVSQLYRISEKSVRKFLEIALFKYRKARLEPGTAIGAIGAQSIGEPGTQMTLKTFHFAGVASMNVT
LGVPRIKEIINASKVISTPIINAVLVNDNDERAARVVKGRVEKTLLSDVAFYVQDVYKDNLSFIQVRIDLGTIDKLQLEL
TIEDIAVAITRASKLKIQASDVNIIGKDRIAINVFPEGYKAKSISTSAKEPSENDVFYRMQQLRRALPDVVVKGLPDISR
AVINIRDDGKRELLVEGYGLRDVMCTDGVIGSRTTTNHVLEVFSVLGIEAARYSIIREINYTMSNHGMSVDPRHIQLLGD
VMTYKGEVLGITRFGLSKMRDSVLQLASFEKTTDHLFDAAFYMKKDAVEGVSECIILGQTMSIGTGSFKVVKGTNISEKD
LVPKRCLFESLSNEAALKAN
;
A
2 'polypeptide(L)'
;MVAATKRRKTHIHKHVKDEAFDDLLKPVYKGKKLTDEINTAQDKWHLLPAFLKVKGLVKQHLDSFNYFVDTDLKKIIKAN
QLILSDVDPEFYLKYVDIRVGKKSSSSTKDYLTPPHECRLRDMTYSAPIYVDIEYTRGRNIIMHKDVEIGRMPIMLRSNK
CILYDADESKMAKLNECPLDPGGYFIVNGTEKVILVQEQLSKNRIIVEADEKKGIVQASVTSSTHERKSKTYVITKNGKI
YLKHNSIAEEIPIAIVLKACGILSDLEIMQLVCGNDSSYQDIFAVNLEESSKLDIYTQQQALEYIGAKVKTMRRQKLTIL
QEGIEAIATTVIAHLTVEALDFREKALYIAMMTRRVVMAMYNPKMIDDRDYVGNKRLELAGQLISLLFEDLFKKFNNDFK
LSIDKVLKKPNRAMEYDALLSINVHSNNITSGLNRAISTGNWSLKRFKMERAGVTHVLSRLSYISALGMMTRISSQFEKS
RKVSGPRALQPSQFGMLCTADTPEGEACGLVKNLALMTHITTDDEEEPIKKLCYVLGVEDITLIDSASLHLNYGVYLNGT
LIGSIRFPTKFVTQFRHLRRTGKVSEFISIYSNSHQMAVHIATDGGRICRPLIIVSDGQSRVKDIHLRKLLDGELDFDDF
LKLGLVEYLDVNEENDSYIALYEKDIVPSMTHLEIEPFTILGAVAGLIPYPHHNQSPRNTYQCAMGKQAIGAIAYNQFKR
IDTLLYLMTYPQQPMVKTKTIELIDYDKLPAGQNATVAVMSYSGYDIEDALVLNKSSIDRGFGRCETRRKTTTVLKRYAN
HTQDIIGGMRVDENGDPIWQHQSLGPDGLGEVGMKVQSGQIYINKSVPTNSADAPNPNNVNVQTQYREAPVIYRGPEPSH
IDQVMMSVSDNDQALIKVLLRQNRRPELGDKFSSRHGQKGVCGIIVKQEDMPFNDQGIVPDIIMNPHGFPSRMTVGKMIE
LISGKAGVLNGTLEYGTCFGGSKLEDMSKILVDQGFNYSGKDMLYSGITGECLQAYIFFGPIYYQKLKHMVLDKMHARAR
GPRAVLTRQPTEGRSRDGGLRLGEMERDCVIAYGASQLLLERLMISSDAFEVDVCDKCGLMGYSGWCTTCKSAENIIKMT
IPYAAKLLFQELLSMNIAPRLRLEDIFQQ
;
B
3 'polypeptide(L)'
;MSNIVGIEYNRVTNTTSTDFPGFSKDAENEWNVEKFKKDFEVNISSLDAREANFDLINIDTSIANAFRRIMISEVPSVAA
EYVYFFNNTSVIQDEVLAHRIGLVPLKVDPDMLTWVDSNLPDDEKFTDENTIVLSLNVKCTRNPDAPKGSTDPKELYNNA
HVYARDLKFEPQGRQSTTFADCPVVPADPDILLAKLRPGQEISLKAHCILGIGGDHAKFSPVSTASYRLLPQINILQPIK
GESARRFQKCFPPGVIGIDEGSDEAYVKDARKDTVSREVLRYEEFADKVKLGRVRNHFIFNVESAGAMTPEEIFFKSVRI
LKNKAEYLKNCPITQ
;
C
4 'polypeptide(L)'
;MKVLEERNAFLSDYEVLKFLTDLEKKHLWDQKSLAALKKSRSKGKQNRPYNHPELQGITRNVVNYLSINKNFINQEDEGE
ERESSGAKDAEKSGISKMSDESFAELMTKLNSFKLFKAEKLQIVNQLPANMVHLYSIVEECDARFDEKTIEEMLEIISGY
A
;
D
5 'polypeptide(L)'
;MDQENERNISRLWRAFRTVKEMVKDRGYFITQEEVELPLEDFKAKYCDSMGRPQRKMMSFQANPTEESISKFPDMGSLWV
EFCDEPSVGVKTMKTFVIHIQEKNFQTGIFVYQNNITPSAMKLVPSIPPATIETFNEAALVVNITHHELVPKHIRLSSDE
KRELLKRYRLKESQLPRIQRADPVALYLGLKRGEVVKIIRKSETSGRYASYRICM
;
E
6 'polypeptide(L)'
;MSDYEEAFNDGNENFEDFDVEHFSDEETYEEKPQFKDGETTDANGKTIVTGGNGPEDFQQHEQIRRKTLKEKAIPKDQRA
TTPYMTKYERARILGTRALQISMNAPVFVDLEGETDPLRIAMKELAEKKIPLVIRRYLPDGSFEDWSVEELIVDL
;
F
7 'polypeptide(L)'
;MFILSKIADLVRIPPDQFHRDTISAITHQLNNKFANKIIPNVGLCITIYDLLTVEEGQLKPGDGSSYINVTFRAVVFKPF
LGEIVTGWISKCTAEGIKVSLLGIFDDIFIPQNMLFEGCYYTPEESAWIWPMDEETKLYFDVNEKIRFRIEREVFVDVKP
KSPKERELEERAQLENEIEGKNEETPQNEKPPAYALLGSCQTDGMGLVSWWE
;
G
8 'polypeptide(L)'
;MSNTLFDDIFQVSEVDPGRYNKVCRIEAASTTQDQCKLTLDINVELFPVAAQDSLTVTIASSLNLEDTPANDSSATRSWR
PPQAGDRSLADDYDYVMYGTAYKFEEVSKDLIAVYYSFGGLLMRLEGNYRNLNNLKQENAYLLIRR
;
H
9 'polypeptide(L)'
;MLSFCPSCNNMLLITSGDSGVYTLACRSCPYEFPIEGIEIYDRKKLPRKEVDDVLGGGWDNVDQTKTQCPNYDTCGGESA
YFFQLQIRSADEPMTTFYKCVNCGHRWKEN
;
I
10 'polypeptide(L)' MIVPVRCFSCGKVVGDKWESYLNLLQEDELDEGTALSRLGLKRYCCRRMILTHVDLIEKFLRYNPLEKRD J
11 'polypeptide(L)'
;MTEDIEQKKTATEVTPQEPKHIQEEEEQDVDMTGDEEQEEEPDREKIKLLTQATSEDGTSASFQIVEEDHTLGNALRYVI
MKNPDVEFCGYSIPHPSENLLNIRIQTYGETTAVDALQKGLKDLMDLCDVVESKFTEKIKSM
;
K
12 'polypeptide(L)' MSREGFQIPTNLDAAAAGTSQARTATLKYICAECSSKLSLSRTDAVRCKDCGHRILLKARTKRLVQFEAR L
13 'polypeptide(L)'
;MSIDNKLFVTEEDEEDRTQDRADVEDESNDIDMIADENGTNSAIANEQEEKSEEVKAEDDTGEEEEDDPVIEEFPLKISG
EEESLHVFQYANRPRLVGRKPAEHPFISAARYKPKSHLWEIDIPLDEQAFYNKDKAESEWNGVNVQTLKGVGVENNGQYA
AFVKDMQVYLVPIERVAQLKPFFKYIDDANVTRKQEDARRNPNPSSQRAQVVTMSVKSVNDPSQNRLTGSLLAHKVADEE
ANIELTWAEGTFEQFKDTIVKEAEDKTLVALEKQEDYIDNLV
;
M
14 'polypeptide(L)'
;MSSNKGNGRLPSLKDSSSNGGGSAKPSLKFKPKAVARKSKEEREAAASKVKLEEESKRGNDKKHFNNKNKRVTGAGGQQR
RMAKYLNNTHVISSGPLAAGNFVSEKGDLRRGFIKSEGSGSSLVQKGLETIDNGAESSENEAEDDDNEGVASKSKKKFNM
GKEFEARNLIEDEDDGESEKSSDVDMDDEEWRSKRIEQLFPVRPVRVRHEDVETVKREIQEALSEKPTREPTPSVKTEPV
GTGLQSYLEERERQVNEKLADLGLEKEFQSVDGKEAAAELELLNADHQHILRKLKKMNNKPERFMVFQLPTRLPAFERPA
VKEEKEDMETQASDPSKKKKNIKKKDTKDALSTRELAGKVGSIRVHKSGKLSVKIGNVVMDIGKGAETTFLQDVIALSIA
DDASSAELLGRVDGKIVVTPQI
;
N
15 'polypeptide(L)'
;MDELLGEALSAENQTGESTVESEKLVTPEDVMTISSLEQRTLNPDLFLYKELVKAHLGERAASVIGMLVALGRLSVRELV
EKIDGMDVDSVKTTLVSLTQLRCVKYLQETAISGKKTTYYYYNEEGIHILLYSGLIIDEIITQMRVNDEEEHKQLVAEIV
QNVISLGSLTVEDYLSSVTSDSMKYTISSLFVQLCEMGYLIQISKLHYTPIEDLWQFLYEKHYKNIPRNSPLSDLKKRSQ
AKMNAKTDFAKIINKPNELSQILTVDPKTSLRIVKPTVSLTINLDRFMKGRRSKQLINLAKTRVGSVTAQVYKIALRLTE
QKSPKIRDPLTQTGLLQDLEEAKSFQDEAELVEEKTPGLTFNAIDLARHLPAELDLRGSLLSRKPSDNKKRSGSNAAASL
PSKKLKTEDGFVIPALPAAVSKSLQESGDTQEEDEEEEDLDADTEDPHSASLINSHLKILASSNFPFLNETKPGVYYVPY
SKLMPVLKSSVYEYVIASTLGPSAMRLSRCIRDNKLVSEKIINSTALMKEKDIRSTLASLIRYNSVEIQEVPRTADRSAS
RAVFLFRCKETHSYNFMRQNLEWNMANLLFKKEKLKQENSTLLKKANRDDVKGRENELLLPSELNQLKMVNERELNVFAR
LSRLLSLWEVFQMA
;
O
16 'polypeptide(L)'
;MSGMIENGLQLSDNAKTLHSQMMSKGIGALFTQQELQKQMGIGSLTDLMSIVQELLDKNLIKLVKQNDELKFQGVLESEA
QKKATMSAEEALVYSYIEASGREGIWSKTIKARTNLHQHVVLKCLKSLESQRYVKSVKSVKFPTRKIYMLYSLQPSVDIT
GGPWFTDGELDIEFINSLLTIVWRFISENTFPNGFKNFENGPKKNVFYAPNVKNYSTTQEILEFITAAQVANVELTPSNI
RSLCEVLVYDDKLEKVTHDCYRVTLESILQMNQGEGEPEAGNKALEDEEEFSIFNYFKMFPASKHDKEVVYFDEWTI
;
P
17 'polypeptide(L)'
;MSSYRGGSRGGGSNYMSNLPFGLGYGDVGKNHITEFPSIPLPINGPITNKERSLAVKYINFGKTVKDGPFYTGSMSLIID
QQENSKSGKRKPNIILDEDDTNDGIERYSDKYLKKRKIGISIDDHPYNLNLFPNELYNVMGINKKKLLAISKFNNADDVF
TGTGLQDENIGLSMLAKLKELAEDVDDASTGDGAAKGSKTGEGEDDDLADDDFEEDEDEEDDDDYNAEKYFNNGDDDDYG
DEEDPNEEAAF
;
Q
18 'polydeoxyribonucleotide'
;(DC)(DG)(DT)(DC)(DC)(DA)(DC)(DT)(DA)(DT)(DT)(DT)(DT)(DC)(DG)(DG)(DC)(DT)(DA)(DC)
(DT)(DA)(DT)(DA)(DA)(DA)(DA)(DA)(DA)(DA)(DT)(DG)(DT)(DT)(DT)(DT)(DT)(DT)(DT)(DC)
(DG)(DC)(DA)(DA)(DC)(DT)(DA)(DT)(DG)(DT)(DG)(DT)(DT)(DC)(DG)(DC)(DG)(DA)(DA)(DG)
(DT)(DA)(DA)(DC)(DC)(DC)(DT)(DT)(DC)(DG)
;
R
19 'polydeoxyribonucleotide'
;(DC)(DG)(DA)(DA)(DG)(DG)(DG)(DT)(DT)(DA)(DC)(DT)(DT)(DC)(DG)(DC)(DG)(DA)(DA)(DC)
(DA)(DC)(DA)(DT)(DA)(DG)(DT)(DT)(DG)(DC)(DG)(DA)(DA)(DA)(DA)(DA)(DA)(DA)(DC)(DA)
(DT)(DT)(DT)(DT)(DT)(DT)(DT)(DA)(DT)(DA)(DG)(DT)(DA)(DG)(DC)(DC)(DG)(DA)(DA)(DA)
(DA)(DT)(DA)(DG)(DT)(DG)(DG)(DA)(DC)(DG)
;
S
20 'polypeptide(L)'
;MSSIVNKSGTRFAPKVRQRRAATGGTPTPKPRTPQLFIPESKEIEEDNSDNDKGVDENETAIVEKPSLVGERSLEGFTLT
GTNGHDNEIGDEGPIDASTQNPKADVIEDNVTLKPAPLQTHRDQKVPRSSRLASLSKDNESRPSFKPSFLDSSSNSNGTA
RRLSTISNKLPKKIRLGSITENDMNLKTFKRHRVLGKPSSAKKPAGAHRISIVSKISPPTAMTDSLDRNEFSSETSTSRE
ADENENYVISKVKDIPKKVRDGESAKYFIDEENFTMAELCKPNFPIGQISENFEKSKMAKKAKLEKRRHLRELRMRARQE
FKPLHSLTKEEQEEEEEKRKEERDKLLNADIPESDRKAHTAIQLKLNPDGTMAIDEETMVVDRHKNASIENEYKEKVDEN
PFANLYNYGSYGRGSYTDPWTVEEMIKFYKALSMWGTDFNLISQLYPYRSRKQVKAKFVNEEKKRPILIELALRSKLPPN
FDEYCCEIKKNIGTVADFNEKLIELQNEHKHHMKEIEEAKNTAKEEDQTAQRLNDANLNKKGSGGIMTNDLKVYRKTEVV
LGTIDDLKRKKLKERNNDDNEDNEGSEEEPEIDQ
;
V
21 'polypeptide(L)'
;MADEERLKEFKEANKIVFDPNTRQVWENQNRDGTKPATTFQSEEDIKRAAPESEKDTSATSGIVPTLQNIVATVTLGCRL
DLKTVALHARNAEYNPKRFAAVIMRIREPKTTALIFASGKMVVTGAKSEDDSKLASRKYARIIQKIGFAAKFTDFKIQNI
VGSCDVKFPIRLEGLAFSHGTFSSYEPELFPGLIYRMVKPKIVLLIFVSGKIVLTGAKQREEIYQAFEAIYPVLSEFRKM
;
Y
22 'polypeptide(L)'
;MPVCKNCHGTEFERDLSNANNDLVCKACGVVSEDNPIVSEVTFGETSAGAAVVQGSFIGAGQSHAAFGGSSALESREATL
NNARRKLRAVSYALHIPEYITDAAFQWYKLALANNFVQGRRSQNVIASCLYVACRKEKTHHMLIDFSSRLQVSVYSIGAT
FLKMVKKLHITELPLADPSLFIQHFAEKLDLADKKIKVVKDAVKLAQRMSKDWMFEGRRPAGIAGACILLACRMNNLRRT
HTEIVAVSHVAEETLQQRLNEFKNTKAAKLSVQKFRENDVEDGEARPPSFVKNRKKERKIKDSLDKEEMFQTSEEALNKN
PILTQVLGEQELSSKEVLFYLKQFSERRARVVERIKATNGIDGENIYHEGSENETRKRKLSEVSIQNEHVEGEDKETEGT
EEKVKKVKTKTSEEKKENESGHFQDAIDGYSLETDPYCPRNLHLLPTTDTYLSKVSDDPDNLEDVDDEELNAHLLNEEAS
KLKERIWIGLNADFLLEQESKRLKQEADIATGNTSVKKKRTRRRNNTRSDEPTKTVDAAAAIGLMSDLQDKSGLHAALKA
AEESGDFTTADSVKNMLQKASFSKKINYDAIDGLFR
;
Z
#
# COMPACT_ATOMS: atom_id res chain seq x y z
N MET A 1 -24.53 -12.78 -55.93
CA MET A 1 -24.10 -14.00 -55.25
C MET A 1 -22.62 -13.92 -54.87
N LYS A 2 -22.26 -12.87 -54.14
CA LYS A 2 -20.85 -12.72 -53.74
C LYS A 2 -20.55 -13.55 -52.49
N GLU A 3 -21.15 -13.13 -51.36
CA GLU A 3 -21.14 -13.74 -50.02
C GLU A 3 -19.82 -14.41 -49.62
N VAL A 4 -18.71 -13.71 -49.83
CA VAL A 4 -17.38 -14.28 -49.62
C VAL A 4 -17.12 -14.42 -48.12
N VAL A 5 -16.58 -15.58 -47.73
CA VAL A 5 -16.33 -15.91 -46.34
C VAL A 5 -14.87 -16.29 -46.18
N VAL A 6 -14.16 -15.59 -45.31
CA VAL A 6 -12.77 -15.88 -44.97
C VAL A 6 -12.78 -16.88 -43.82
N SER A 7 -11.96 -17.92 -43.95
CA SER A 7 -11.92 -18.97 -42.94
C SER A 7 -11.28 -18.47 -41.65
N GLU A 8 -11.62 -19.13 -40.55
CA GLU A 8 -11.09 -18.82 -39.24
C GLU A 8 -10.21 -19.95 -38.75
N THR A 9 -9.31 -19.62 -37.82
CA THR A 9 -8.38 -20.60 -37.28
C THR A 9 -8.11 -20.25 -35.82
N PRO A 10 -8.32 -21.18 -34.89
CA PRO A 10 -7.93 -20.94 -33.50
C PRO A 10 -6.41 -20.86 -33.38
N LYS A 11 -5.93 -19.90 -32.60
CA LYS A 11 -4.50 -19.65 -32.44
C LYS A 11 -4.19 -19.50 -30.96
N ARG A 12 -3.27 -20.30 -30.46
CA ARG A 12 -2.85 -20.23 -29.07
C ARG A 12 -1.65 -19.32 -28.93
N ILE A 13 -1.63 -18.50 -27.87
CA ILE A 13 -0.53 -17.58 -27.63
C ILE A 13 0.70 -18.37 -27.20
N LYS A 14 1.77 -18.27 -27.99
CA LYS A 14 3.06 -18.80 -27.63
C LYS A 14 4.09 -17.68 -27.72
N GLY A 15 4.96 -17.61 -26.73
CA GLY A 15 6.00 -16.61 -26.72
C GLY A 15 5.52 -15.30 -26.12
N LEU A 16 6.50 -14.50 -25.68
CA LEU A 16 6.21 -13.19 -25.10
C LEU A 16 7.43 -12.31 -25.41
N GLU A 17 7.33 -11.54 -26.49
CA GLU A 17 8.45 -10.73 -26.95
C GLU A 17 8.39 -9.38 -26.26
N PHE A 18 9.24 -9.19 -25.26
CA PHE A 18 9.39 -7.88 -24.65
C PHE A 18 10.37 -7.03 -25.45
N SER A 19 10.04 -5.75 -25.57
CA SER A 19 10.81 -4.79 -26.34
C SER A 19 10.65 -3.43 -25.66
N ALA A 20 10.95 -2.36 -26.39
CA ALA A 20 10.64 -1.01 -25.94
C ALA A 20 9.80 -0.32 -27.01
N LEU A 21 9.09 0.72 -26.59
CA LEU A 21 8.33 1.54 -27.55
C LEU A 21 9.32 2.33 -28.41
N SER A 22 9.18 2.19 -29.73
CA SER A 22 10.15 2.77 -30.65
C SER A 22 10.00 4.27 -30.80
N ALA A 23 8.94 4.87 -30.25
CA ALA A 23 8.56 6.27 -30.40
C ALA A 23 8.39 6.70 -31.86
N ALA A 24 8.06 5.75 -32.72
CA ALA A 24 7.70 6.01 -34.11
C ALA A 24 6.42 5.26 -34.41
N ASP A 25 6.19 4.18 -33.66
CA ASP A 25 4.90 3.51 -33.62
C ASP A 25 3.98 4.10 -32.57
N ILE A 26 4.46 5.06 -31.77
CA ILE A 26 3.61 5.73 -30.80
C ILE A 26 2.68 6.70 -31.49
N VAL A 27 3.03 7.16 -32.70
CA VAL A 27 2.13 7.98 -33.51
C VAL A 27 1.24 7.10 -34.38
N ALA A 28 1.52 5.81 -34.47
CA ALA A 28 0.61 4.89 -35.15
C ALA A 28 -0.64 4.68 -34.32
N GLN A 29 -0.47 4.29 -33.05
CA GLN A 29 -1.58 4.14 -32.11
C GLN A 29 -1.90 5.45 -31.38
N SER A 30 -1.98 6.54 -32.15
CA SER A 30 -2.03 7.86 -31.52
C SER A 30 -3.44 8.23 -31.08
N GLU A 31 -4.35 8.40 -32.05
CA GLU A 31 -5.78 8.72 -31.90
C GLU A 31 -6.06 10.10 -31.29
N VAL A 32 -5.03 10.81 -30.83
CA VAL A 32 -5.10 12.13 -30.22
C VAL A 32 -3.68 12.66 -30.12
N GLU A 33 -3.52 13.99 -30.21
CA GLU A 33 -2.26 14.67 -29.95
C GLU A 33 -2.59 15.79 -28.97
N VAL A 34 -2.33 15.56 -27.67
CA VAL A 34 -3.02 16.36 -26.67
C VAL A 34 -2.44 17.77 -26.54
N SER A 35 -1.25 17.92 -25.92
CA SER A 35 -0.22 18.94 -26.16
C SER A 35 -0.65 20.40 -26.36
N THR A 36 -1.87 20.77 -26.00
CA THR A 36 -2.48 22.05 -26.42
C THR A 36 -3.17 22.73 -25.25
N ARG A 37 -2.45 22.89 -24.14
CA ARG A 37 -2.95 23.49 -22.89
C ARG A 37 -4.12 22.66 -22.35
N ASP A 38 -3.76 21.47 -21.87
CA ASP A 38 -4.72 20.52 -21.34
C ASP A 38 -5.06 20.79 -19.88
N LEU A 39 -4.65 21.95 -19.34
CA LEU A 39 -5.07 22.36 -18.01
C LEU A 39 -6.57 22.65 -17.96
N PHE A 40 -7.16 23.02 -19.09
CA PHE A 40 -8.61 23.15 -19.22
C PHE A 40 -9.13 21.82 -19.75
N ASP A 41 -9.32 20.87 -18.84
CA ASP A 41 -9.71 19.51 -19.20
C ASP A 41 -11.16 19.21 -18.88
N LEU A 42 -11.98 20.24 -18.66
CA LEU A 42 -13.42 20.11 -18.50
C LEU A 42 -14.07 21.32 -19.17
N GLU A 43 -15.00 21.08 -20.09
CA GLU A 43 -15.59 22.17 -20.88
C GLU A 43 -16.65 22.87 -20.04
N LYS A 44 -16.17 23.68 -19.09
CA LYS A 44 -16.78 24.78 -18.33
C LYS A 44 -17.89 24.36 -17.36
N ASP A 45 -18.52 23.19 -17.55
CA ASP A 45 -19.14 22.44 -16.47
C ASP A 45 -19.07 20.94 -16.70
N ARG A 46 -18.99 20.51 -17.96
CA ARG A 46 -19.16 19.11 -18.30
C ARG A 46 -17.86 18.53 -18.87
N ALA A 47 -17.94 17.28 -19.32
CA ALA A 47 -16.80 16.60 -19.93
C ALA A 47 -16.41 17.30 -21.23
N PRO A 48 -15.12 17.40 -21.54
CA PRO A 48 -14.69 18.19 -22.70
C PRO A 48 -14.92 17.45 -24.01
N LYS A 49 -14.64 18.16 -25.10
CA LYS A 49 -14.64 17.59 -26.43
C LYS A 49 -13.35 17.87 -27.20
N ALA A 50 -12.45 18.68 -26.64
CA ALA A 50 -11.16 18.99 -27.26
C ALA A 50 -10.17 17.87 -26.99
N ASN A 51 -8.88 18.17 -27.19
CA ASN A 51 -7.80 17.22 -26.90
C ASN A 51 -7.75 16.88 -25.42
N GLY A 52 -7.44 17.87 -24.58
CA GLY A 52 -7.46 17.88 -23.13
C GLY A 52 -6.73 16.73 -22.46
N ALA A 53 -7.13 16.46 -21.22
CA ALA A 53 -6.70 15.25 -20.51
C ALA A 53 -7.71 14.14 -20.74
N LEU A 54 -8.97 14.39 -20.38
CA LEU A 54 -10.06 13.55 -20.83
C LEU A 54 -10.35 13.83 -22.30
N ASP A 55 -11.02 12.88 -22.95
CA ASP A 55 -11.20 12.95 -24.40
C ASP A 55 -12.36 12.06 -24.80
N PRO A 56 -13.30 12.56 -25.62
CA PRO A 56 -14.31 11.65 -26.19
C PRO A 56 -13.73 10.59 -27.11
N LYS A 57 -12.66 10.88 -27.85
CA LYS A 57 -12.04 9.86 -28.68
C LYS A 57 -10.93 9.12 -27.94
N MET A 58 -11.26 8.70 -26.72
CA MET A 58 -10.37 7.88 -25.91
C MET A 58 -11.16 6.84 -25.11
N GLY A 59 -12.47 6.78 -25.28
CA GLY A 59 -13.33 5.93 -24.49
C GLY A 59 -14.08 6.70 -23.43
N VAL A 60 -14.81 5.95 -22.59
CA VAL A 60 -15.49 6.49 -21.42
C VAL A 60 -15.33 5.50 -20.27
N SER A 61 -15.62 6.00 -19.07
CA SER A 61 -15.84 5.17 -17.89
C SER A 61 -17.07 5.68 -17.14
N SER A 62 -18.05 6.16 -17.89
CA SER A 62 -19.28 6.71 -17.34
C SER A 62 -20.48 5.96 -17.92
N SER A 63 -21.65 6.25 -17.36
CA SER A 63 -22.85 5.49 -17.71
C SER A 63 -23.39 5.90 -19.08
N SER A 64 -23.80 7.15 -19.22
CA SER A 64 -24.51 7.60 -20.41
C SER A 64 -23.65 8.42 -21.37
N LEU A 65 -22.37 8.60 -21.08
CA LEU A 65 -21.52 9.36 -21.97
C LEU A 65 -21.16 8.54 -23.21
N GLU A 66 -21.03 9.23 -24.34
CA GLU A 66 -20.59 8.62 -25.58
C GLU A 66 -19.08 8.78 -25.73
N CYS A 67 -18.52 8.03 -26.65
CA CYS A 67 -17.10 7.70 -26.62
C CYS A 67 -16.56 7.64 -28.04
N ALA A 68 -15.46 6.92 -28.22
CA ALA A 68 -14.61 6.95 -29.41
C ALA A 68 -15.23 6.20 -30.59
N THR A 69 -14.37 5.86 -31.56
CA THR A 69 -14.73 5.24 -32.85
C THR A 69 -15.75 4.11 -32.73
N CYS A 70 -15.52 3.18 -31.81
CA CYS A 70 -16.59 2.27 -31.41
C CYS A 70 -17.56 3.04 -30.53
N HIS A 71 -18.81 3.17 -30.99
CA HIS A 71 -19.78 4.07 -30.39
C HIS A 71 -20.53 3.47 -29.22
N GLY A 72 -19.93 2.51 -28.52
CA GLY A 72 -20.56 1.89 -27.37
C GLY A 72 -20.35 2.68 -26.10
N ASN A 73 -19.79 2.03 -25.09
CA ASN A 73 -19.60 2.62 -23.77
C ASN A 73 -18.34 2.02 -23.17
N LEU A 74 -18.23 2.09 -21.84
CA LEU A 74 -17.10 1.47 -21.14
C LEU A 74 -17.08 -0.05 -21.35
N ALA A 75 -18.24 -0.67 -21.50
CA ALA A 75 -18.30 -2.12 -21.71
C ALA A 75 -17.79 -2.55 -23.08
N SER A 76 -17.86 -1.67 -24.08
CA SER A 76 -17.51 -2.03 -25.44
C SER A 76 -16.21 -1.41 -25.93
N CYS A 77 -15.88 -0.20 -25.50
CA CYS A 77 -14.66 0.45 -25.96
C CYS A 77 -13.45 -0.11 -25.21
N HIS A 78 -12.46 -0.57 -25.96
CA HIS A 78 -11.30 -1.24 -25.37
C HIS A 78 -10.32 -0.25 -24.75
N GLY A 79 -10.32 0.98 -25.21
CA GLY A 79 -9.36 1.98 -24.78
C GLY A 79 -8.44 2.38 -25.92
N HIS A 80 -7.97 3.64 -25.87
CA HIS A 80 -7.12 4.19 -26.90
C HIS A 80 -6.03 5.01 -26.26
N PHE A 81 -4.80 4.86 -26.75
CA PHE A 81 -3.65 5.55 -26.17
C PHE A 81 -3.55 6.96 -26.73
N GLY A 82 -2.41 7.61 -26.52
CA GLY A 82 -2.19 8.96 -27.03
C GLY A 82 -0.79 9.45 -26.78
N HIS A 83 -0.16 10.05 -27.78
CA HIS A 83 1.21 10.51 -27.61
C HIS A 83 1.23 11.96 -27.16
N LEU A 84 2.41 12.41 -26.74
CA LEU A 84 2.58 13.71 -26.11
C LEU A 84 3.90 14.30 -26.56
N LYS A 85 3.84 15.51 -27.12
CA LYS A 85 5.03 16.16 -27.64
C LYS A 85 5.91 16.67 -26.52
N LEU A 86 7.22 16.72 -26.78
CA LEU A 86 8.17 17.21 -25.80
C LEU A 86 9.30 17.96 -26.47
N ALA A 87 9.88 18.89 -25.74
CA ALA A 87 11.17 19.48 -26.06
C ALA A 87 12.07 19.34 -24.84
N LEU A 88 13.39 19.24 -25.09
CA LEU A 88 14.44 19.05 -24.08
C LEU A 88 14.16 17.79 -23.28
N PRO A 89 14.44 16.60 -23.84
CA PRO A 89 13.90 15.34 -23.31
C PRO A 89 14.44 14.98 -21.92
N VAL A 90 13.96 13.84 -21.43
CA VAL A 90 14.09 13.45 -20.03
C VAL A 90 14.42 11.96 -19.95
N PHE A 91 15.33 11.60 -19.04
CA PHE A 91 15.71 10.22 -18.81
C PHE A 91 14.53 9.38 -18.32
N HIS A 92 14.70 8.07 -18.39
CA HIS A 92 13.73 7.10 -17.91
C HIS A 92 14.21 6.61 -16.54
N ILE A 93 13.37 6.76 -15.51
CA ILE A 93 13.81 6.42 -14.16
C ILE A 93 13.82 4.90 -13.94
N GLY A 94 13.03 4.16 -14.73
CA GLY A 94 13.05 2.71 -14.65
C GLY A 94 14.24 2.10 -15.36
N TYR A 95 14.63 2.70 -16.49
CA TYR A 95 15.82 2.31 -17.22
C TYR A 95 17.06 3.09 -16.79
N PHE A 96 17.10 3.58 -15.55
CA PHE A 96 18.18 4.49 -15.15
C PHE A 96 19.51 3.75 -14.95
N LYS A 97 19.49 2.61 -14.25
CA LYS A 97 20.71 1.82 -14.10
C LYS A 97 21.16 1.23 -15.44
N ALA A 98 20.21 0.85 -16.29
CA ALA A 98 20.56 0.40 -17.63
C ALA A 98 21.10 1.54 -18.48
N THR A 99 20.66 2.77 -18.23
CA THR A 99 21.23 3.93 -18.91
C THR A 99 22.66 4.17 -18.46
N ILE A 100 22.92 4.00 -17.16
CA ILE A 100 24.28 4.04 -16.62
C ILE A 100 25.16 2.99 -17.30
N GLN A 101 24.62 1.78 -17.49
CA GLN A 101 25.38 0.71 -18.15
C GLN A 101 25.68 1.03 -19.61
N ILE A 102 24.64 1.40 -20.37
CA ILE A 102 24.80 1.65 -21.81
C ILE A 102 25.60 2.92 -22.07
N LEU A 103 25.67 3.83 -21.10
CA LEU A 103 26.48 5.04 -21.28
C LEU A 103 27.89 4.87 -20.73
N GLN A 104 28.10 3.91 -19.83
CA GLN A 104 29.43 3.67 -19.30
C GLN A 104 30.21 2.68 -20.15
N GLY A 105 29.52 1.87 -20.94
CA GLY A 105 30.21 1.02 -21.90
C GLY A 105 30.62 1.75 -23.16
N ILE A 106 30.07 2.94 -23.39
CA ILE A 106 30.32 3.73 -24.59
C ILE A 106 31.10 4.98 -24.21
N CYS A 107 32.05 5.37 -25.06
CA CYS A 107 32.90 6.53 -24.80
C CYS A 107 32.14 7.82 -25.09
N LYS A 108 32.86 8.95 -25.13
CA LYS A 108 32.24 10.26 -25.22
C LYS A 108 32.49 11.00 -26.52
N ASN A 109 33.61 10.75 -27.20
CA ASN A 109 33.99 11.55 -28.36
C ASN A 109 33.48 10.93 -29.66
N CYS A 110 33.92 9.71 -29.98
CA CYS A 110 33.40 9.02 -31.15
C CYS A 110 32.20 8.15 -30.85
N SER A 111 31.90 7.94 -29.57
CA SER A 111 30.73 7.18 -29.06
C SER A 111 30.69 5.76 -29.60
N ALA A 112 31.85 5.10 -29.56
CA ALA A 112 31.97 3.70 -29.94
C ALA A 112 32.19 2.84 -28.70
N ILE A 113 31.73 1.59 -28.79
CA ILE A 113 31.93 0.64 -27.70
C ILE A 113 33.41 0.25 -27.65
N LEU A 114 34.06 0.55 -26.54
CA LEU A 114 35.52 0.52 -26.45
C LEU A 114 36.00 -0.87 -26.06
N LEU A 115 36.26 -1.69 -27.07
CA LEU A 115 36.92 -2.99 -26.89
C LEU A 115 37.96 -3.17 -28.00
N SER A 116 38.90 -4.07 -27.74
CA SER A 116 39.82 -4.49 -28.79
C SER A 116 39.07 -5.32 -29.82
N GLU A 117 39.58 -5.31 -31.06
CA GLU A 117 38.88 -5.97 -32.16
C GLU A 117 38.90 -7.48 -32.02
N THR A 118 39.97 -8.05 -31.48
CA THR A 118 40.01 -9.48 -31.22
C THR A 118 39.06 -9.86 -30.08
N ASP A 119 39.05 -9.07 -29.02
CA ASP A 119 38.21 -9.35 -27.86
C ASP A 119 36.73 -9.14 -28.17
N LYS A 120 36.44 -8.20 -29.08
CA LYS A 120 35.07 -7.97 -29.53
C LYS A 120 34.51 -9.17 -30.27
N ARG A 121 35.27 -9.69 -31.23
CA ARG A 121 34.89 -10.92 -31.93
C ARG A 121 34.83 -12.12 -30.97
N GLN A 122 35.70 -12.13 -29.96
CA GLN A 122 35.70 -13.21 -28.97
C GLN A 122 34.40 -13.26 -28.18
N PHE A 123 33.97 -12.11 -27.65
CA PHE A 123 32.71 -12.12 -26.91
C PHE A 123 31.49 -12.19 -27.83
N LEU A 124 31.59 -11.77 -29.08
CA LEU A 124 30.53 -12.07 -30.04
C LEU A 124 30.47 -13.56 -30.36
N HIS A 125 31.58 -14.28 -30.21
CA HIS A 125 31.56 -15.72 -30.36
C HIS A 125 30.93 -16.41 -29.15
N GLU A 126 31.44 -16.15 -27.95
CA GLU A 126 30.88 -16.82 -26.77
C GLU A 126 29.65 -16.11 -26.20
N LEU A 127 29.02 -15.20 -26.96
CA LEU A 127 27.71 -14.71 -26.58
C LEU A 127 26.60 -15.21 -27.50
N ARG A 128 26.93 -15.62 -28.73
CA ARG A 128 25.96 -16.13 -29.68
C ARG A 128 25.88 -17.66 -29.67
N ARG A 129 26.18 -18.27 -28.52
CA ARG A 129 26.15 -19.72 -28.40
C ARG A 129 24.69 -20.22 -28.44
N PRO A 130 24.43 -21.33 -29.14
CA PRO A 130 23.06 -21.88 -29.14
C PRO A 130 22.58 -22.36 -27.79
N GLY A 131 23.49 -22.78 -26.90
CA GLY A 131 23.12 -23.10 -25.55
C GLY A 131 23.35 -21.93 -24.61
N VAL A 132 22.29 -21.21 -24.29
CA VAL A 132 22.40 -19.99 -23.50
C VAL A 132 21.21 -19.94 -22.54
N ASP A 133 21.40 -19.25 -21.41
CA ASP A 133 20.40 -19.15 -20.36
C ASP A 133 20.30 -17.69 -19.93
N ASN A 134 19.34 -17.39 -19.05
CA ASN A 134 19.26 -16.08 -18.44
C ASN A 134 20.46 -15.82 -17.54
N LEU A 135 20.95 -16.87 -16.86
CA LEU A 135 22.16 -16.76 -16.07
C LEU A 135 23.38 -16.55 -16.95
N ARG A 136 23.39 -17.17 -18.15
CA ARG A 136 24.56 -17.07 -19.01
C ARG A 136 24.69 -15.69 -19.64
N ARG A 137 23.58 -15.11 -20.08
CA ARG A 137 23.62 -13.78 -20.69
C ARG A 137 24.04 -12.72 -19.69
N MET A 138 23.51 -12.78 -18.46
CA MET A 138 23.92 -11.83 -17.43
C MET A 138 25.35 -12.06 -17.00
N GLY A 139 25.76 -13.33 -16.88
CA GLY A 139 27.12 -13.68 -16.55
C GLY A 139 28.15 -13.39 -17.61
N ILE A 140 27.73 -13.13 -18.85
CA ILE A 140 28.63 -12.62 -19.88
C ILE A 140 28.59 -11.10 -19.95
N LEU A 141 27.40 -10.48 -19.84
CA LEU A 141 27.30 -9.03 -19.99
C LEU A 141 27.88 -8.29 -18.78
N LYS A 142 27.63 -8.78 -17.57
CA LYS A 142 28.28 -8.18 -16.42
C LYS A 142 29.74 -8.59 -16.28
N LYS A 143 30.19 -9.56 -17.08
CA LYS A 143 31.61 -9.88 -17.14
C LYS A 143 32.33 -8.96 -18.12
N ILE A 144 31.67 -8.60 -19.22
CA ILE A 144 32.28 -7.65 -20.16
C ILE A 144 32.10 -6.23 -19.67
N LEU A 145 31.19 -6.00 -18.73
CA LEU A 145 30.97 -4.66 -18.20
C LEU A 145 31.83 -4.40 -16.96
N ASP A 146 33.13 -4.68 -17.10
CA ASP A 146 34.15 -4.08 -16.24
C ASP A 146 35.35 -3.56 -17.00
N GLN A 147 35.67 -4.13 -18.17
CA GLN A 147 36.78 -3.66 -18.99
C GLN A 147 36.53 -2.26 -19.52
N CYS A 148 35.27 -1.93 -19.82
CA CYS A 148 34.93 -0.57 -20.22
C CYS A 148 35.13 0.42 -19.09
N LYS A 149 34.94 -0.02 -17.85
CA LYS A 149 35.27 0.81 -16.69
C LYS A 149 36.78 0.84 -16.45
N LYS A 150 37.45 -0.29 -16.70
CA LYS A 150 38.86 -0.43 -16.36
C LYS A 150 39.77 0.26 -17.37
N GLN A 151 39.38 0.28 -18.65
CA GLN A 151 40.26 0.84 -19.67
C GLN A 151 40.32 2.37 -19.56
N ARG A 152 41.54 2.90 -19.61
CA ARG A 152 41.78 4.32 -19.35
C ARG A 152 41.26 5.18 -20.50
N ARG A 153 41.83 4.98 -21.68
CA ARG A 153 41.56 5.77 -22.87
C ARG A 153 40.78 4.95 -23.88
N CYS A 154 40.31 5.63 -24.91
CA CYS A 154 39.40 5.03 -25.88
C CYS A 154 40.18 4.27 -26.95
N LEU A 155 39.48 3.86 -28.01
CA LEU A 155 40.03 3.00 -29.04
C LEU A 155 40.60 3.79 -30.22
N HIS A 156 39.78 4.63 -30.85
CA HIS A 156 40.19 5.30 -32.08
C HIS A 156 39.79 6.77 -32.09
N CYS A 157 39.77 7.40 -30.92
CA CYS A 157 39.64 8.86 -30.86
C CYS A 157 40.78 9.41 -30.00
N GLY A 158 40.98 10.73 -30.10
CA GLY A 158 42.14 11.35 -29.50
C GLY A 158 42.04 11.61 -28.01
N ALA A 159 40.88 11.39 -27.41
CA ALA A 159 40.66 11.71 -26.01
C ALA A 159 40.51 10.42 -25.20
N LEU A 160 40.44 10.58 -23.88
CA LEU A 160 40.30 9.48 -22.95
C LEU A 160 38.94 9.54 -22.27
N ASN A 161 38.73 8.67 -21.30
CA ASN A 161 37.43 8.48 -20.68
C ASN A 161 37.62 8.37 -19.17
N GLY A 162 36.55 8.03 -18.46
CA GLY A 162 36.61 7.88 -17.03
C GLY A 162 35.46 7.07 -16.46
N VAL A 163 34.93 7.50 -15.32
CA VAL A 163 33.89 6.77 -14.60
C VAL A 163 32.56 7.49 -14.82
N VAL A 164 31.49 6.70 -14.96
CA VAL A 164 30.13 7.19 -15.05
C VAL A 164 29.41 6.79 -13.77
N LYS A 165 28.76 7.76 -13.12
CA LYS A 165 28.26 7.56 -11.77
C LYS A 165 27.05 8.45 -11.57
N LYS A 166 26.17 8.03 -10.66
CA LYS A 166 25.18 8.94 -10.10
C LYS A 166 25.91 10.06 -9.35
N ALA A 167 25.29 11.25 -9.34
CA ALA A 167 25.98 12.53 -9.17
C ALA A 167 26.84 12.66 -7.91
N ALA A 168 26.24 12.70 -6.71
CA ALA A 168 27.04 12.55 -5.49
C ALA A 168 26.60 11.37 -4.66
N ALA A 169 25.40 11.39 -4.08
CA ALA A 169 24.94 10.30 -3.24
C ALA A 169 23.43 10.07 -3.30
N GLY A 170 22.72 10.70 -4.22
CA GLY A 170 21.31 10.99 -4.02
C GLY A 170 20.40 9.78 -4.08
N ALA A 171 19.51 9.70 -3.09
CA ALA A 171 18.44 8.71 -3.08
C ALA A 171 17.07 9.36 -3.05
N GLY A 172 16.99 10.65 -2.73
CA GLY A 172 15.78 11.42 -2.84
C GLY A 172 15.53 12.04 -4.18
N SER A 173 16.20 11.54 -5.23
CA SER A 173 16.01 11.92 -6.64
C SER A 173 16.32 13.40 -6.89
N ALA A 174 17.22 13.94 -6.06
CA ALA A 174 17.77 15.26 -6.33
C ALA A 174 19.08 15.20 -7.11
N ALA A 175 19.87 14.15 -6.89
CA ALA A 175 21.10 13.93 -7.65
C ALA A 175 20.84 12.90 -8.76
N LEU A 176 20.02 13.31 -9.73
CA LEU A 176 19.72 12.50 -10.90
C LEU A 176 20.49 13.00 -12.13
N LYS A 177 21.72 13.45 -11.92
CA LYS A 177 22.57 13.94 -13.00
C LYS A 177 23.70 12.94 -13.22
N ILE A 178 23.88 12.52 -14.46
CA ILE A 178 24.94 11.58 -14.83
C ILE A 178 26.23 12.36 -15.07
N ILE A 179 27.28 11.99 -14.35
CA ILE A 179 28.58 12.64 -14.46
C ILE A 179 29.54 11.71 -15.17
N HIS A 180 30.45 12.28 -15.95
CA HIS A 180 31.53 11.55 -16.60
C HIS A 180 32.83 12.20 -16.15
N ASP A 181 33.37 11.74 -15.04
CA ASP A 181 34.62 12.27 -14.51
C ASP A 181 35.75 11.81 -15.43
N THR A 182 36.18 12.72 -16.32
CA THR A 182 37.26 12.43 -17.26
C THR A 182 38.57 12.19 -16.55
N PHE A 183 38.80 12.90 -15.43
CA PHE A 183 39.95 12.70 -14.58
C PHE A 183 39.75 11.52 -13.63
N ARG A 184 40.58 11.46 -12.57
CA ARG A 184 40.64 10.45 -11.49
C ARG A 184 41.26 9.14 -11.98
N TRP A 185 41.47 8.97 -13.28
CA TRP A 185 42.20 7.82 -13.78
C TRP A 185 43.47 8.20 -14.55
N VAL A 186 43.89 9.46 -14.55
CA VAL A 186 45.00 9.88 -15.41
C VAL A 186 46.33 9.83 -14.66
N GLY A 187 46.35 10.27 -13.40
CA GLY A 187 47.58 10.33 -12.66
C GLY A 187 48.34 11.63 -12.83
N LYS A 188 49.37 11.62 -13.69
CA LYS A 188 50.17 12.81 -13.92
C LYS A 188 50.52 13.01 -15.40
N LYS A 189 49.85 12.31 -16.32
CA LYS A 189 50.20 12.36 -17.74
C LYS A 189 48.99 12.74 -18.57
N SER A 190 49.08 12.55 -19.89
CA SER A 190 48.04 12.83 -20.88
C SER A 190 47.64 14.30 -20.86
N ALA A 191 48.61 15.12 -21.28
CA ALA A 191 48.57 16.58 -21.31
C ALA A 191 47.32 17.24 -21.91
N PRO A 192 46.92 16.99 -23.18
CA PRO A 192 46.11 18.02 -23.90
C PRO A 192 44.73 18.30 -23.33
N GLU A 193 43.99 17.26 -22.92
CA GLU A 193 42.70 17.49 -22.27
C GLU A 193 42.89 18.11 -20.90
N LYS A 194 43.90 17.64 -20.15
CA LYS A 194 44.24 18.28 -18.87
C LYS A 194 44.76 19.70 -19.09
N ASP A 195 45.49 19.94 -20.19
CA ASP A 195 46.00 21.29 -20.47
C ASP A 195 44.88 22.25 -20.79
N ILE A 196 43.89 21.85 -21.60
CA ILE A 196 42.80 22.76 -21.88
C ILE A 196 41.88 22.90 -20.67
N TRP A 197 41.81 21.87 -19.82
CA TRP A 197 41.00 21.97 -18.61
C TRP A 197 41.62 22.91 -17.59
N VAL A 198 42.96 22.96 -17.50
CA VAL A 198 43.59 23.91 -16.60
C VAL A 198 43.82 25.27 -17.24
N GLY A 199 43.68 25.38 -18.56
CA GLY A 199 43.82 26.66 -19.21
C GLY A 199 42.51 27.37 -19.41
N GLU A 200 41.40 26.64 -19.26
CA GLU A 200 40.09 27.27 -19.35
C GLU A 200 39.79 28.10 -18.11
N TRP A 201 40.27 27.67 -16.94
CA TRP A 201 39.97 28.34 -15.68
C TRP A 201 41.00 29.40 -15.31
N LYS A 202 41.72 29.96 -16.28
CA LYS A 202 42.78 30.93 -16.00
C LYS A 202 42.53 32.28 -16.65
N GLU A 203 41.73 32.33 -17.71
CA GLU A 203 41.71 33.50 -18.59
C GLU A 203 40.94 34.67 -17.97
N VAL A 204 39.89 34.38 -17.22
CA VAL A 204 38.98 35.42 -16.74
C VAL A 204 39.44 35.93 -15.39
N LEU A 205 39.42 37.25 -15.23
CA LEU A 205 39.81 37.91 -14.00
C LEU A 205 38.60 38.43 -13.23
N ALA A 206 37.39 38.26 -13.78
CA ALA A 206 36.18 38.84 -13.21
C ALA A 206 35.50 37.91 -12.22
N HIS A 207 35.12 36.70 -12.64
CA HIS A 207 34.38 35.77 -11.80
C HIS A 207 35.11 34.46 -11.54
N ASN A 208 35.93 34.01 -12.50
CA ASN A 208 36.73 32.80 -12.27
C ASN A 208 37.77 32.86 -11.13
N PRO A 209 38.38 33.99 -10.73
CA PRO A 209 39.22 33.96 -9.51
C PRO A 209 38.46 33.71 -8.20
N GLU A 210 37.13 33.74 -8.18
CA GLU A 210 36.40 33.22 -7.03
C GLU A 210 35.65 31.93 -7.33
N LEU A 211 35.36 31.65 -8.60
CA LEU A 211 34.83 30.33 -8.97
C LEU A 211 35.87 29.24 -8.73
N GLU A 212 37.10 29.43 -9.23
CA GLU A 212 38.17 28.46 -9.00
C GLU A 212 38.54 28.37 -7.52
N ARG A 213 38.36 29.48 -6.79
CA ARG A 213 38.59 29.47 -5.35
C ARG A 213 37.53 28.66 -4.62
N TYR A 214 36.27 28.70 -5.09
CA TYR A 214 35.18 28.12 -4.32
C TYR A 214 34.78 26.72 -4.78
N VAL A 215 34.39 26.54 -6.04
CA VAL A 215 33.86 25.24 -6.45
C VAL A 215 34.97 24.30 -6.89
N LYS A 216 35.96 24.80 -7.65
CA LYS A 216 37.21 24.13 -8.10
C LYS A 216 36.99 22.75 -8.76
N ARG A 217 35.78 22.46 -9.21
CA ARG A 217 35.41 21.11 -9.62
C ARG A 217 34.12 21.19 -10.41
N CYS A 218 34.02 20.38 -11.48
CA CYS A 218 32.81 20.36 -12.29
C CYS A 218 32.12 19.01 -12.30
N MET A 219 32.84 17.94 -12.68
CA MET A 219 32.32 16.61 -13.05
C MET A 219 31.10 16.75 -13.96
N ASP A 220 31.36 17.18 -15.20
CA ASP A 220 30.39 17.61 -16.21
C ASP A 220 29.17 16.71 -16.31
N ASP A 221 28.00 17.34 -16.36
CA ASP A 221 26.73 16.65 -16.45
C ASP A 221 26.46 16.14 -17.86
N LEU A 222 25.55 15.18 -17.97
CA LEU A 222 25.24 14.51 -19.22
C LEU A 222 23.73 14.45 -19.42
N ASN A 223 23.09 15.64 -19.32
CA ASN A 223 21.68 15.91 -19.60
C ASN A 223 21.18 15.28 -20.90
N PRO A 224 19.89 14.92 -21.00
CA PRO A 224 19.43 14.07 -22.13
C PRO A 224 19.58 14.69 -23.52
N LEU A 225 19.79 15.99 -23.65
CA LEU A 225 20.10 16.53 -24.97
C LEU A 225 21.51 16.11 -25.38
N LYS A 226 22.43 16.03 -24.43
CA LYS A 226 23.74 15.46 -24.72
C LYS A 226 23.64 13.95 -24.93
N THR A 227 22.80 13.30 -24.14
CA THR A 227 22.76 11.83 -24.11
C THR A 227 22.09 11.25 -25.35
N LEU A 228 20.97 11.83 -25.78
CA LEU A 228 20.23 11.29 -26.92
C LEU A 228 20.99 11.47 -28.24
N ASN A 229 21.76 12.55 -28.36
CA ASN A 229 22.59 12.74 -29.53
C ASN A 229 23.96 12.09 -29.40
N LEU A 230 24.29 11.54 -28.23
CA LEU A 230 25.40 10.62 -28.09
C LEU A 230 24.96 9.17 -28.27
N PHE A 231 23.69 8.88 -28.07
CA PHE A 231 23.12 7.58 -28.43
C PHE A 231 22.63 7.53 -29.86
N LYS A 232 23.15 8.40 -30.74
CA LYS A 232 22.75 8.41 -32.14
C LYS A 232 23.87 7.91 -33.04
N GLN A 233 25.11 8.32 -32.79
CA GLN A 233 26.30 7.67 -33.34
C GLN A 233 26.65 6.47 -32.46
N ILE A 234 25.81 5.44 -32.54
CA ILE A 234 25.89 4.33 -31.60
C ILE A 234 26.03 3.04 -32.44
N LYS A 235 26.74 3.18 -33.56
CA LYS A 235 26.76 2.30 -34.75
C LYS A 235 26.68 0.81 -34.44
N SER A 236 25.77 0.14 -35.14
CA SER A 236 25.30 -1.19 -34.78
C SER A 236 26.25 -2.32 -35.13
N ALA A 237 27.52 -2.03 -35.46
CA ALA A 237 28.50 -3.10 -35.62
C ALA A 237 28.79 -3.77 -34.28
N ASP A 238 28.69 -3.01 -33.19
CA ASP A 238 28.95 -3.52 -31.84
C ASP A 238 27.84 -3.15 -30.86
N CYS A 239 26.61 -2.96 -31.35
CA CYS A 239 25.50 -2.65 -30.46
C CYS A 239 24.99 -3.90 -29.76
N GLU A 240 25.20 -5.08 -30.33
CA GLU A 240 24.72 -6.32 -29.76
C GLU A 240 25.52 -6.72 -28.52
N LEU A 241 26.71 -6.15 -28.34
CA LEU A 241 27.58 -6.42 -27.19
C LEU A 241 27.01 -5.94 -25.87
N LEU A 242 25.94 -5.15 -25.87
CA LEU A 242 25.36 -4.60 -24.64
C LEU A 242 23.89 -4.96 -24.52
N GLY A 243 23.49 -6.07 -25.11
CA GLY A 243 22.17 -6.63 -24.89
C GLY A 243 21.18 -6.42 -26.01
N ILE A 244 21.17 -5.24 -26.61
CA ILE A 244 20.14 -4.85 -27.55
C ILE A 244 20.56 -5.29 -28.95
N ASP A 245 19.72 -6.07 -29.61
CA ASP A 245 19.96 -6.47 -31.00
C ASP A 245 19.36 -5.45 -31.96
N ALA A 246 20.11 -5.11 -33.00
CA ALA A 246 19.63 -4.17 -34.01
C ALA A 246 19.00 -4.89 -35.20
N THR A 247 18.09 -5.82 -34.92
CA THR A 247 17.38 -6.55 -35.96
C THR A 247 15.90 -6.22 -35.98
N VAL A 248 15.42 -5.47 -35.01
CA VAL A 248 14.03 -5.01 -34.93
C VAL A 248 14.12 -3.49 -35.05
N PRO A 249 13.12 -2.81 -35.64
CA PRO A 249 13.17 -1.33 -35.64
C PRO A 249 13.01 -0.70 -34.26
N SER A 250 12.48 -1.43 -33.28
CA SER A 250 12.47 -0.95 -31.90
C SER A 250 13.68 -1.52 -31.14
N GLY A 251 14.86 -1.24 -31.69
CA GLY A 251 16.08 -1.81 -31.15
C GLY A 251 17.23 -0.82 -31.04
N ARG A 252 16.90 0.43 -30.72
CA ARG A 252 17.94 1.44 -30.58
C ARG A 252 17.84 2.12 -29.22
N PRO A 253 18.98 2.49 -28.62
CA PRO A 253 18.95 3.18 -27.32
C PRO A 253 18.51 4.64 -27.38
N GLU A 254 18.12 5.15 -28.54
CA GLU A 254 17.43 6.44 -28.59
C GLU A 254 16.05 6.36 -27.96
N THR A 255 15.42 5.18 -28.02
CA THR A 255 14.06 5.00 -27.53
C THR A 255 13.99 4.86 -26.02
N TYR A 256 15.13 4.76 -25.34
CA TYR A 256 15.17 4.64 -23.89
C TYR A 256 15.10 5.99 -23.20
N ILE A 257 15.09 7.07 -23.99
CA ILE A 257 14.90 8.43 -23.49
C ILE A 257 13.50 8.85 -23.89
N TRP A 258 12.79 9.53 -23.00
CA TRP A 258 11.41 9.92 -23.24
C TRP A 258 11.34 11.00 -24.31
N ARG A 259 11.10 10.60 -25.55
CA ARG A 259 10.75 11.55 -26.59
C ARG A 259 9.26 11.77 -26.71
N TYR A 260 8.45 10.83 -26.21
CA TYR A 260 7.01 10.95 -26.21
C TYR A 260 6.44 10.24 -24.98
N LEU A 261 5.38 10.83 -24.43
CA LEU A 261 4.68 10.24 -23.29
C LEU A 261 3.41 9.55 -23.78
N PRO A 262 3.29 8.24 -23.62
CA PRO A 262 2.03 7.57 -23.98
C PRO A 262 0.96 7.91 -22.96
N ALA A 263 -0.01 8.72 -23.34
CA ALA A 263 -1.15 8.97 -22.48
C ALA A 263 -2.00 7.70 -22.45
N PRO A 264 -2.25 7.12 -21.27
CA PRO A 264 -3.07 5.91 -21.20
C PRO A 264 -4.52 6.25 -21.48
N PRO A 265 -5.35 5.24 -21.79
CA PRO A 265 -6.78 5.51 -22.04
C PRO A 265 -7.50 6.01 -20.79
N VAL A 266 -8.73 6.44 -21.01
CA VAL A 266 -9.62 6.82 -19.91
C VAL A 266 -10.52 5.66 -19.52
N CYS A 267 -10.36 4.51 -20.18
CA CYS A 267 -11.04 3.30 -19.74
C CYS A 267 -10.24 2.57 -18.66
N ILE A 268 -8.91 2.69 -18.69
CA ILE A 268 -8.09 2.08 -17.64
C ILE A 268 -8.09 2.92 -16.36
N ARG A 269 -8.10 4.25 -16.45
CA ARG A 269 -8.14 5.07 -15.25
C ARG A 269 -9.56 5.56 -15.02
N PRO A 270 -10.04 5.53 -13.78
CA PRO A 270 -11.44 5.89 -13.53
C PRO A 270 -11.67 7.38 -13.57
N SER A 271 -12.87 7.74 -14.02
CA SER A 271 -13.37 9.11 -14.05
C SER A 271 -14.56 9.28 -13.10
N VAL A 272 -14.41 8.78 -11.87
CA VAL A 272 -15.41 8.67 -10.82
C VAL A 272 -16.19 9.96 -10.61
N MET A 273 -17.51 9.85 -10.54
CA MET A 273 -18.39 11.00 -10.33
C MET A 273 -18.40 11.39 -8.85
N MET A 274 -19.37 12.21 -8.47
CA MET A 274 -19.46 12.74 -7.11
C MET A 274 -19.81 11.61 -6.13
N GLN A 275 -19.10 11.57 -5.00
CA GLN A 275 -19.26 10.51 -4.00
C GLN A 275 -19.84 11.12 -2.74
N ASP A 276 -21.17 11.18 -2.68
CA ASP A 276 -21.99 11.67 -1.56
C ASP A 276 -21.71 13.14 -1.22
N SER A 277 -21.14 13.90 -2.16
CA SER A 277 -20.84 15.32 -2.02
C SER A 277 -20.60 15.86 -3.42
N PRO A 278 -21.23 16.98 -3.80
CA PRO A 278 -21.14 17.44 -5.21
C PRO A 278 -19.77 17.95 -5.61
N ALA A 279 -18.84 17.03 -5.86
CA ALA A 279 -17.51 17.37 -6.33
C ALA A 279 -16.96 16.21 -7.13
N SER A 280 -16.39 16.51 -8.30
CA SER A 280 -15.81 15.47 -9.14
C SER A 280 -14.52 14.93 -8.51
N ASN A 281 -14.17 13.70 -8.86
CA ASN A 281 -13.05 13.04 -8.19
C ASN A 281 -11.71 13.59 -8.68
N GLU A 282 -11.57 13.75 -10.00
CA GLU A 282 -10.36 14.29 -10.66
C GLU A 282 -9.14 13.43 -10.31
N ASP A 283 -9.15 12.22 -10.88
CA ASP A 283 -8.21 11.13 -10.58
C ASP A 283 -6.75 11.59 -10.67
N ASP A 284 -5.91 10.95 -9.86
CA ASP A 284 -4.57 11.44 -9.57
C ASP A 284 -3.66 11.35 -10.79
N LEU A 285 -3.76 10.27 -11.56
CA LEU A 285 -2.94 10.13 -12.75
C LEU A 285 -3.37 11.11 -13.84
N THR A 286 -4.66 11.45 -13.89
CA THR A 286 -5.13 12.47 -14.82
C THR A 286 -4.57 13.84 -14.44
N VAL A 287 -4.50 14.13 -13.14
CA VAL A 287 -3.90 15.37 -12.65
C VAL A 287 -2.41 15.42 -12.97
N LYS A 288 -1.71 14.28 -12.83
CA LYS A 288 -0.29 14.27 -13.15
C LYS A 288 -0.03 14.39 -14.65
N LEU A 289 -0.89 13.82 -15.49
CA LEU A 289 -0.66 13.97 -16.93
C LEU A 289 -1.04 15.36 -17.41
N THR A 290 -2.05 16.01 -16.82
CA THR A 290 -2.29 17.39 -17.24
C THR A 290 -1.23 18.35 -16.68
N GLU A 291 -0.67 18.03 -15.52
CA GLU A 291 0.42 18.84 -14.98
C GLU A 291 1.72 18.59 -15.75
N ILE A 292 1.88 17.44 -16.39
CA ILE A 292 3.04 17.21 -17.25
C ILE A 292 2.80 17.74 -18.67
N VAL A 293 1.55 17.96 -19.08
CA VAL A 293 1.29 18.71 -20.31
C VAL A 293 1.61 20.18 -20.11
N TRP A 294 1.22 20.74 -18.94
CA TRP A 294 1.34 22.18 -18.73
C TRP A 294 2.80 22.64 -18.62
N THR A 295 3.66 21.83 -17.98
CA THR A 295 5.06 22.22 -17.88
C THR A 295 5.80 22.09 -19.21
N SER A 296 5.40 21.13 -20.06
CA SER A 296 5.96 21.04 -21.39
C SER A 296 5.49 22.19 -22.27
N SER A 297 4.24 22.62 -22.08
CA SER A 297 3.75 23.81 -22.79
C SER A 297 4.47 25.07 -22.33
N LEU A 298 4.79 25.14 -21.03
CA LEU A 298 5.53 26.29 -20.50
C LEU A 298 6.96 26.32 -21.06
N ILE A 299 7.59 25.14 -21.19
CA ILE A 299 8.90 25.07 -21.83
C ILE A 299 8.83 25.48 -23.29
N LYS A 300 7.82 24.98 -24.01
CA LYS A 300 7.66 25.29 -25.43
C LYS A 300 7.38 26.77 -25.67
N ALA A 301 6.71 27.44 -24.72
CA ALA A 301 6.52 28.88 -24.85
C ALA A 301 7.77 29.66 -24.43
N GLY A 302 8.38 29.29 -23.30
CA GLY A 302 9.45 30.09 -22.75
C GLY A 302 10.78 29.97 -23.47
N LEU A 303 11.03 28.85 -24.15
CA LEU A 303 12.33 28.69 -24.79
C LEU A 303 12.44 29.51 -26.06
N ASP A 304 11.41 29.54 -26.91
CA ASP A 304 11.44 30.44 -28.06
C ASP A 304 10.94 31.84 -27.73
N LYS A 305 10.33 32.04 -26.55
CA LYS A 305 10.06 33.40 -26.09
C LYS A 305 11.33 34.03 -25.53
N GLY A 306 12.07 33.29 -24.71
CA GLY A 306 13.30 33.77 -24.14
C GLY A 306 13.20 34.13 -22.68
N ILE A 307 13.67 33.23 -21.81
CA ILE A 307 13.67 33.44 -20.37
C ILE A 307 15.04 33.04 -19.83
N SER A 308 15.18 33.13 -18.50
CA SER A 308 16.47 32.91 -17.86
C SER A 308 16.83 31.43 -17.86
N ILE A 309 18.13 31.15 -18.00
CA ILE A 309 18.59 29.77 -18.12
C ILE A 309 18.55 29.04 -16.77
N ASN A 310 18.64 29.76 -15.65
CA ASN A 310 18.54 29.10 -14.35
C ASN A 310 17.10 28.70 -14.05
N ASN A 311 16.15 29.57 -14.38
CA ASN A 311 14.74 29.23 -14.28
C ASN A 311 14.37 28.13 -15.28
N MET A 312 15.02 28.12 -16.44
CA MET A 312 14.79 27.06 -17.42
C MET A 312 15.27 25.71 -16.88
N MET A 313 16.46 25.70 -16.26
CA MET A 313 16.97 24.47 -15.68
C MET A 313 16.16 24.01 -14.48
N GLU A 314 15.62 24.95 -13.70
CA GLU A 314 14.78 24.58 -12.56
C GLU A 314 13.46 23.97 -13.04
N HIS A 315 12.82 24.60 -14.03
CA HIS A 315 11.56 24.09 -14.55
C HIS A 315 11.73 22.78 -15.31
N TRP A 316 12.85 22.61 -16.02
CA TRP A 316 13.13 21.38 -16.72
C TRP A 316 13.58 20.27 -15.79
N ASP A 317 14.22 20.60 -14.66
CA ASP A 317 14.50 19.59 -13.65
C ASP A 317 13.22 19.20 -12.92
N TYR A 318 12.26 20.12 -12.80
CA TYR A 318 10.94 19.74 -12.29
C TYR A 318 10.21 18.83 -13.27
N LEU A 319 10.38 19.09 -14.58
CA LEU A 319 9.90 18.16 -15.61
C LEU A 319 10.55 16.78 -15.46
N GLN A 320 11.85 16.75 -15.15
CA GLN A 320 12.55 15.47 -14.99
C GLN A 320 12.10 14.75 -13.71
N LEU A 321 11.78 15.49 -12.66
CA LEU A 321 11.32 14.88 -11.42
C LEU A 321 9.87 14.42 -11.48
N THR A 322 9.01 15.12 -12.23
CA THR A 322 7.59 14.78 -12.25
C THR A 322 7.34 13.47 -12.99
N VAL A 323 8.12 13.21 -14.05
CA VAL A 323 8.05 11.92 -14.72
C VAL A 323 8.61 10.82 -13.82
N ALA A 324 9.65 11.14 -13.04
CA ALA A 324 10.28 10.15 -12.17
C ALA A 324 9.44 9.81 -10.96
N MET A 325 8.52 10.68 -10.54
CA MET A 325 7.56 10.33 -9.49
C MET A 325 6.16 10.10 -10.05
N TYR A 326 6.00 10.15 -11.36
CA TYR A 326 4.80 9.70 -12.05
C TYR A 326 4.84 8.22 -12.40
N ILE A 327 6.02 7.71 -12.71
CA ILE A 327 6.28 6.30 -12.94
C ILE A 327 7.42 5.91 -12.02
N ASN A 328 7.27 4.78 -11.31
CA ASN A 328 8.21 4.30 -10.29
C ASN A 328 8.39 5.35 -9.20
N SER A 329 7.30 5.54 -8.46
CA SER A 329 7.17 6.59 -7.45
C SER A 329 7.94 6.23 -6.18
N ASP A 330 7.61 6.94 -5.10
CA ASP A 330 8.16 6.90 -3.74
C ASP A 330 9.71 6.85 -3.68
N SER A 331 10.37 7.48 -4.66
CA SER A 331 11.78 7.79 -4.58
C SER A 331 12.03 9.26 -4.25
N VAL A 332 10.99 10.08 -4.22
CA VAL A 332 11.08 11.51 -3.95
C VAL A 332 9.73 11.98 -3.42
N ASN A 333 9.77 12.84 -2.42
CA ASN A 333 8.54 13.43 -1.86
C ASN A 333 8.85 14.84 -1.39
N PRO A 334 8.80 15.83 -2.31
CA PRO A 334 9.08 17.22 -1.92
C PRO A 334 7.93 17.84 -1.13
N VAL A 347 -3.29 10.74 2.92
CA VAL A 347 -2.45 9.90 2.07
C VAL A 347 -1.70 10.77 1.07
N LYS A 348 -0.38 10.88 1.26
CA LYS A 348 0.41 11.61 0.27
C LYS A 348 1.58 10.86 -0.37
N PRO A 349 1.46 9.56 -0.75
CA PRO A 349 2.11 9.15 -2.01
C PRO A 349 1.12 9.13 -3.15
N ILE A 350 1.53 9.49 -4.35
CA ILE A 350 0.67 9.31 -5.50
C ILE A 350 0.95 7.95 -6.12
N ARG A 351 -0.04 7.41 -6.81
CA ARG A 351 0.09 6.10 -7.42
C ARG A 351 0.35 6.25 -8.91
N GLY A 352 1.38 5.55 -9.39
CA GLY A 352 1.71 5.55 -10.80
C GLY A 352 1.67 4.13 -11.34
N PHE A 353 2.50 3.84 -12.33
CA PHE A 353 2.57 2.46 -12.84
C PHE A 353 3.68 1.66 -12.15
N CYS A 354 3.76 1.79 -10.82
CA CYS A 354 4.55 0.88 -10.00
C CYS A 354 3.85 0.47 -8.70
N GLN A 355 2.94 1.30 -8.17
CA GLN A 355 2.16 0.90 -7.01
C GLN A 355 0.98 0.04 -7.42
N ARG A 356 0.62 0.06 -8.70
CA ARG A 356 -0.35 -0.86 -9.26
C ARG A 356 0.25 -2.21 -9.61
N LEU A 357 1.57 -2.34 -9.49
CA LEU A 357 2.26 -3.61 -9.75
C LEU A 357 3.15 -4.03 -8.59
N LYS A 358 3.04 -3.38 -7.43
CA LYS A 358 4.02 -3.57 -6.36
C LYS A 358 3.81 -4.89 -5.63
N GLY A 359 2.66 -5.05 -4.97
CA GLY A 359 2.43 -6.26 -4.21
C GLY A 359 1.32 -6.16 -3.18
N LYS A 360 0.54 -7.24 -3.07
CA LYS A 360 -0.53 -7.54 -2.10
C LYS A 360 -1.79 -6.72 -2.31
N GLN A 361 -1.74 -5.70 -3.17
CA GLN A 361 -2.91 -4.97 -3.62
C GLN A 361 -2.83 -4.59 -5.10
N GLY A 362 -1.78 -5.01 -5.81
CA GLY A 362 -1.57 -4.60 -7.18
C GLY A 362 -2.10 -5.61 -8.17
N ARG A 363 -1.62 -5.48 -9.41
CA ARG A 363 -2.09 -6.29 -10.53
C ARG A 363 -1.25 -7.55 -10.71
N PHE A 364 -0.61 -8.01 -9.66
CA PHE A 364 0.21 -9.22 -9.58
C PHE A 364 -0.18 -10.12 -8.42
N ARG A 365 -0.60 -9.56 -7.29
CA ARG A 365 -0.68 -10.27 -6.02
C ARG A 365 -2.04 -9.98 -5.37
N GLY A 366 -3.11 -10.13 -6.15
CA GLY A 366 -4.42 -9.84 -5.60
C GLY A 366 -5.44 -9.33 -6.60
N ASN A 367 -5.00 -9.10 -7.84
CA ASN A 367 -5.93 -8.74 -8.89
C ASN A 367 -5.74 -9.59 -10.14
N LEU A 368 -4.62 -10.30 -10.25
CA LEU A 368 -4.35 -11.18 -11.39
C LEU A 368 -4.23 -12.64 -10.99
N SER A 369 -3.34 -12.95 -10.03
CA SER A 369 -3.17 -14.33 -9.57
C SER A 369 -4.35 -14.74 -8.70
N GLY A 370 -4.59 -14.01 -7.62
CA GLY A 370 -5.76 -14.24 -6.81
C GLY A 370 -6.85 -13.21 -7.05
N LYS A 371 -7.86 -13.56 -7.83
CA LYS A 371 -8.91 -12.63 -8.19
C LYS A 371 -10.23 -13.06 -7.58
N ARG A 372 -11.09 -12.07 -7.34
CA ARG A 372 -12.39 -12.32 -6.72
C ARG A 372 -13.30 -12.99 -7.72
N VAL A 373 -13.60 -14.27 -7.47
CA VAL A 373 -14.35 -15.08 -8.42
C VAL A 373 -15.85 -14.88 -8.21
N ASP A 374 -16.64 -15.32 -9.17
CA ASP A 374 -18.10 -15.28 -9.07
C ASP A 374 -18.63 -16.61 -8.54
N PHE A 375 -19.91 -16.59 -8.17
CA PHE A 375 -20.70 -17.76 -7.74
C PHE A 375 -20.07 -18.42 -6.51
N SER A 376 -20.09 -17.67 -5.40
CA SER A 376 -19.59 -18.15 -4.12
C SER A 376 -20.57 -17.76 -3.02
N GLY A 377 -20.25 -18.15 -1.79
CA GLY A 377 -21.07 -17.83 -0.65
C GLY A 377 -20.38 -18.19 0.65
N ARG A 378 -20.64 -17.46 1.73
CA ARG A 378 -19.87 -17.61 2.97
C ARG A 378 -20.80 -17.59 4.16
N THR A 379 -20.86 -18.71 4.89
CA THR A 379 -21.75 -18.88 6.03
C THR A 379 -21.04 -19.78 7.04
N VAL A 380 -21.32 -19.57 8.33
CA VAL A 380 -20.77 -20.44 9.37
C VAL A 380 -21.34 -21.85 9.25
N ILE A 381 -20.66 -22.78 9.92
CA ILE A 381 -20.91 -24.21 9.74
C ILE A 381 -21.39 -24.81 11.05
N SER A 382 -22.44 -25.64 10.98
CA SER A 382 -22.82 -26.50 12.07
C SER A 382 -22.52 -27.96 11.72
N PRO A 383 -22.20 -28.79 12.70
CA PRO A 383 -21.93 -30.21 12.39
C PRO A 383 -23.18 -30.97 12.02
N ASP A 384 -22.99 -32.06 11.27
CA ASP A 384 -24.07 -33.02 11.00
C ASP A 384 -23.48 -34.39 10.66
N PRO A 385 -23.71 -35.40 11.50
CA PRO A 385 -23.16 -36.73 11.21
C PRO A 385 -23.92 -37.49 10.15
N ASN A 386 -25.21 -37.19 9.99
CA ASN A 386 -26.10 -38.01 9.19
C ASN A 386 -25.95 -37.82 7.69
N LEU A 387 -25.01 -36.98 7.24
CA LEU A 387 -24.64 -36.90 5.85
C LEU A 387 -23.43 -37.80 5.59
N SER A 388 -23.35 -38.32 4.37
CA SER A 388 -22.19 -39.08 3.95
C SER A 388 -21.01 -38.15 3.72
N ILE A 389 -19.80 -38.71 3.63
CA ILE A 389 -18.65 -37.87 3.34
C ILE A 389 -18.48 -37.74 1.82
N ASP A 390 -19.43 -37.07 1.21
CA ASP A 390 -19.29 -36.53 -0.13
C ASP A 390 -20.12 -35.28 -0.33
N GLU A 391 -20.80 -34.77 0.71
CA GLU A 391 -21.87 -33.80 0.55
C GLU A 391 -21.72 -32.68 1.55
N VAL A 392 -21.75 -31.44 1.07
CA VAL A 392 -21.95 -30.26 1.91
C VAL A 392 -23.40 -29.83 1.77
N ALA A 393 -24.10 -29.70 2.89
CA ALA A 393 -25.48 -29.26 2.87
C ALA A 393 -25.54 -27.77 2.51
N VAL A 394 -26.07 -27.47 1.32
CA VAL A 394 -26.20 -26.10 0.84
C VAL A 394 -27.64 -25.67 1.07
N PRO A 395 -27.90 -24.73 1.98
CA PRO A 395 -29.28 -24.33 2.25
C PRO A 395 -29.86 -23.48 1.14
N ASP A 396 -31.20 -23.52 1.04
CA ASP A 396 -31.91 -22.91 -0.08
C ASP A 396 -31.87 -21.39 -0.05
N ARG A 397 -31.48 -20.77 1.06
CA ARG A 397 -31.34 -19.32 1.07
C ARG A 397 -30.10 -18.87 0.29
N VAL A 398 -29.09 -19.75 0.16
CA VAL A 398 -27.94 -19.51 -0.69
C VAL A 398 -27.84 -20.49 -1.84
N ALA A 399 -28.81 -21.41 -1.98
CA ALA A 399 -28.84 -22.30 -3.13
C ALA A 399 -29.73 -21.75 -4.24
N LYS A 400 -30.68 -20.88 -3.91
CA LYS A 400 -31.52 -20.25 -4.93
C LYS A 400 -30.84 -19.05 -5.59
N VAL A 401 -29.69 -18.63 -5.08
CA VAL A 401 -28.93 -17.53 -5.67
C VAL A 401 -27.65 -18.04 -6.31
N LEU A 402 -27.50 -19.35 -6.43
CA LEU A 402 -26.24 -19.97 -6.85
C LEU A 402 -26.59 -21.00 -7.92
N THR A 403 -26.44 -20.61 -9.18
CA THR A 403 -26.95 -21.40 -10.30
C THR A 403 -25.86 -22.26 -10.92
N TYR A 404 -26.27 -23.10 -11.86
CA TYR A 404 -25.39 -23.95 -12.66
C TYR A 404 -26.01 -24.10 -14.05
N PRO A 405 -25.28 -23.78 -15.11
CA PRO A 405 -25.87 -23.87 -16.46
C PRO A 405 -25.98 -25.32 -16.94
N GLU A 406 -27.10 -25.62 -17.60
CA GLU A 406 -27.35 -26.95 -18.17
C GLU A 406 -27.88 -26.78 -19.59
N LYS A 407 -27.03 -27.04 -20.57
CA LYS A 407 -27.48 -27.07 -21.96
C LYS A 407 -28.37 -28.28 -22.19
N VAL A 408 -29.58 -28.06 -22.68
CA VAL A 408 -30.51 -29.16 -22.89
C VAL A 408 -30.02 -30.02 -24.06
N THR A 409 -30.10 -31.33 -23.89
CA THR A 409 -29.44 -32.29 -24.78
C THR A 409 -30.36 -33.46 -25.07
N ARG A 410 -31.64 -33.16 -25.35
CA ARG A 410 -32.74 -34.08 -25.74
C ARG A 410 -32.94 -35.26 -24.78
N TYR A 411 -32.36 -35.19 -23.58
CA TYR A 411 -32.48 -36.21 -22.55
C TYR A 411 -33.11 -35.65 -21.30
N ASN A 412 -32.66 -34.48 -20.85
CA ASN A 412 -33.23 -33.75 -19.72
C ASN A 412 -34.21 -32.67 -20.15
N ARG A 413 -34.84 -32.84 -21.31
CA ARG A 413 -35.79 -31.83 -21.78
C ARG A 413 -37.02 -31.78 -20.89
N HIS A 414 -37.50 -32.93 -20.43
CA HIS A 414 -38.65 -32.96 -19.54
C HIS A 414 -38.31 -32.40 -18.16
N LYS A 415 -37.11 -32.69 -17.66
CA LYS A 415 -36.73 -32.19 -16.35
C LYS A 415 -36.49 -30.68 -16.38
N LEU A 416 -35.86 -30.18 -17.44
CA LEU A 416 -35.67 -28.73 -17.54
C LEU A 416 -36.98 -28.02 -17.85
N GLN A 417 -37.90 -28.66 -18.56
CA GLN A 417 -39.23 -28.07 -18.74
C GLN A 417 -39.99 -28.03 -17.43
N GLU A 418 -39.80 -29.04 -16.57
CA GLU A 418 -40.40 -29.02 -15.23
C GLU A 418 -39.82 -27.90 -14.38
N LEU A 419 -38.50 -27.70 -14.43
CA LEU A 419 -37.90 -26.62 -13.67
C LEU A 419 -38.16 -25.24 -14.26
N ILE A 420 -38.52 -25.15 -15.54
CA ILE A 420 -38.99 -23.86 -16.07
C ILE A 420 -40.42 -23.58 -15.63
N VAL A 421 -41.31 -24.56 -15.77
CA VAL A 421 -42.72 -24.36 -15.43
C VAL A 421 -42.92 -24.26 -13.92
N ASN A 422 -41.95 -24.72 -13.12
CA ASN A 422 -42.08 -24.66 -11.67
C ASN A 422 -41.84 -23.24 -11.14
N GLY A 423 -40.85 -22.54 -11.68
CA GLY A 423 -40.61 -21.17 -11.30
C GLY A 423 -39.38 -20.99 -10.43
N PRO A 424 -38.81 -19.78 -10.43
CA PRO A 424 -37.60 -19.54 -9.64
C PRO A 424 -37.85 -19.22 -8.17
N ASN A 425 -39.12 -19.13 -7.74
CA ASN A 425 -39.40 -18.84 -6.34
C ASN A 425 -39.15 -20.05 -5.46
N VAL A 426 -39.67 -21.21 -5.86
CA VAL A 426 -39.41 -22.46 -5.15
C VAL A 426 -38.03 -22.97 -5.54
N HIS A 427 -37.54 -23.98 -4.82
CA HIS A 427 -36.15 -24.40 -5.04
C HIS A 427 -35.94 -25.20 -6.32
N PRO A 428 -36.75 -26.24 -6.67
CA PRO A 428 -36.43 -26.84 -7.99
C PRO A 428 -36.95 -26.03 -9.17
N GLY A 429 -36.20 -24.99 -9.53
CA GLY A 429 -36.56 -24.12 -10.62
C GLY A 429 -35.38 -23.54 -11.37
N ALA A 430 -35.60 -22.52 -12.20
CA ALA A 430 -34.54 -21.90 -12.96
C ALA A 430 -34.76 -20.40 -13.02
N ASN A 431 -33.66 -19.64 -12.87
CA ASN A 431 -33.75 -18.18 -12.89
C ASN A 431 -33.76 -17.64 -14.33
N TYR A 432 -32.68 -17.87 -15.06
CA TYR A 432 -32.44 -17.23 -16.34
C TYR A 432 -32.37 -18.27 -17.44
N LEU A 433 -32.45 -17.81 -18.69
CA LEU A 433 -32.46 -18.69 -19.84
C LEU A 433 -31.91 -17.95 -21.04
N LEU A 434 -31.26 -18.68 -21.95
CA LEU A 434 -30.65 -18.12 -23.16
C LEU A 434 -30.86 -19.09 -24.32
N LYS A 435 -31.69 -18.71 -25.29
CA LYS A 435 -32.04 -19.58 -26.39
C LYS A 435 -30.92 -19.61 -27.45
N ARG A 436 -31.23 -20.19 -28.60
CA ARG A 436 -30.24 -20.32 -29.67
C ARG A 436 -29.97 -18.98 -30.34
N ASN A 437 -31.01 -18.16 -30.52
CA ASN A 437 -30.83 -16.84 -31.07
C ASN A 437 -30.10 -15.93 -30.09
N GLU A 438 -29.46 -14.90 -30.63
CA GLU A 438 -28.60 -14.02 -29.82
C GLU A 438 -29.48 -13.06 -29.04
N ASP A 439 -29.86 -13.46 -27.83
CA ASP A 439 -30.39 -12.57 -26.81
C ASP A 439 -29.31 -12.39 -25.75
N ALA A 440 -29.57 -11.52 -24.78
CA ALA A 440 -28.58 -11.38 -23.70
C ALA A 440 -28.80 -12.44 -22.64
N ARG A 441 -29.88 -12.31 -21.85
CA ARG A 441 -30.23 -13.25 -20.78
C ARG A 441 -31.74 -13.11 -20.58
N ARG A 442 -32.51 -14.07 -21.09
CA ARG A 442 -33.95 -14.00 -20.91
C ARG A 442 -34.34 -14.49 -19.52
N ASN A 443 -35.11 -13.68 -18.80
CA ASN A 443 -35.51 -13.96 -17.43
C ASN A 443 -36.83 -14.71 -17.40
N LEU A 444 -37.09 -15.38 -16.27
CA LEU A 444 -38.28 -16.20 -16.08
C LEU A 444 -39.34 -15.57 -15.19
N ARG A 445 -38.94 -14.87 -14.14
CA ARG A 445 -39.89 -14.36 -13.16
C ARG A 445 -40.59 -13.08 -13.58
N TYR A 446 -40.26 -12.53 -14.75
CA TYR A 446 -40.86 -11.28 -15.21
C TYR A 446 -41.73 -11.47 -16.44
N GLY A 447 -41.25 -12.21 -17.44
CA GLY A 447 -42.02 -12.46 -18.63
C GLY A 447 -42.94 -13.66 -18.47
N ASP A 448 -43.27 -14.27 -19.61
CA ASP A 448 -44.12 -15.45 -19.62
C ASP A 448 -43.37 -16.67 -19.09
N ARG A 449 -44.13 -17.66 -18.65
CA ARG A 449 -43.55 -18.90 -18.16
C ARG A 449 -44.24 -20.08 -18.83
N MET A 450 -45.49 -19.90 -19.22
CA MET A 450 -46.23 -20.96 -19.90
C MET A 450 -45.84 -21.05 -21.37
N LYS A 451 -45.81 -19.92 -22.06
CA LYS A 451 -45.43 -19.91 -23.47
C LYS A 451 -43.94 -20.19 -23.65
N LEU A 452 -43.13 -19.82 -22.66
CA LEU A 452 -41.69 -20.03 -22.75
C LEU A 452 -41.33 -21.51 -22.62
N ALA A 453 -42.14 -22.28 -21.91
CA ALA A 453 -41.88 -23.71 -21.74
C ALA A 453 -42.63 -24.54 -22.78
N LYS A 454 -42.48 -24.19 -24.04
CA LYS A 454 -43.12 -24.96 -25.11
C LYS A 454 -42.16 -25.35 -26.22
N ASN A 455 -41.24 -24.46 -26.61
CA ASN A 455 -40.34 -24.76 -27.72
C ASN A 455 -39.14 -25.60 -27.30
N LEU A 456 -38.28 -25.03 -26.44
CA LEU A 456 -37.08 -25.67 -25.87
C LEU A 456 -36.16 -26.25 -26.96
N GLN A 457 -35.59 -25.35 -27.74
CA GLN A 457 -34.59 -25.74 -28.73
C GLN A 457 -33.33 -26.23 -28.03
N ILE A 458 -32.49 -26.96 -28.78
CA ILE A 458 -31.39 -27.71 -28.18
C ILE A 458 -30.29 -26.78 -27.70
N GLY A 459 -29.97 -25.74 -28.47
CA GLY A 459 -28.99 -24.76 -28.04
C GLY A 459 -29.54 -23.80 -27.01
N ASP A 460 -29.78 -24.28 -25.79
CA ASP A 460 -30.43 -23.50 -24.75
C ASP A 460 -29.63 -23.64 -23.46
N VAL A 461 -28.92 -22.58 -23.08
CA VAL A 461 -28.14 -22.56 -21.85
C VAL A 461 -29.03 -21.93 -20.78
N VAL A 462 -29.64 -22.78 -19.96
CA VAL A 462 -30.55 -22.35 -18.90
C VAL A 462 -29.87 -22.62 -17.55
N GLU A 463 -29.92 -21.62 -16.68
CA GLU A 463 -29.28 -21.69 -15.37
C GLU A 463 -30.34 -22.03 -14.33
N ARG A 464 -30.34 -23.26 -13.84
CA ARG A 464 -31.27 -23.70 -12.81
C ARG A 464 -30.60 -23.64 -11.44
N HIS A 465 -31.42 -23.79 -10.40
CA HIS A 465 -30.92 -23.71 -9.04
C HIS A 465 -30.06 -24.92 -8.70
N LEU A 466 -29.23 -24.76 -7.67
CA LEU A 466 -28.30 -25.80 -7.24
C LEU A 466 -29.07 -26.91 -6.55
N GLU A 467 -29.43 -27.95 -7.30
CA GLU A 467 -30.27 -29.02 -6.80
C GLU A 467 -29.41 -30.09 -6.12
N ASP A 468 -30.03 -31.19 -5.73
CA ASP A 468 -29.32 -32.29 -5.10
C ASP A 468 -28.51 -33.07 -6.12
N GLY A 469 -27.38 -33.62 -5.67
CA GLY A 469 -26.52 -34.40 -6.52
C GLY A 469 -25.56 -33.60 -7.37
N ASP A 470 -25.44 -32.29 -7.14
CA ASP A 470 -24.56 -31.44 -7.93
C ASP A 470 -23.25 -31.23 -7.21
N VAL A 471 -22.16 -31.27 -7.97
CA VAL A 471 -20.82 -31.19 -7.41
C VAL A 471 -20.51 -29.73 -7.07
N VAL A 472 -20.12 -29.47 -5.83
CA VAL A 472 -19.73 -28.15 -5.39
C VAL A 472 -18.30 -28.20 -4.90
N LEU A 473 -17.64 -27.05 -4.92
CA LEU A 473 -16.34 -26.90 -4.27
C LEU A 473 -16.54 -26.32 -2.89
N PHE A 474 -15.53 -26.50 -2.04
CA PHE A 474 -15.62 -26.05 -0.66
C PHE A 474 -14.20 -25.92 -0.13
N ASN A 475 -13.86 -24.77 0.44
CA ASN A 475 -12.49 -24.53 0.87
C ASN A 475 -12.43 -23.54 2.03
N ARG A 476 -11.38 -23.65 2.82
CA ARG A 476 -11.04 -22.66 3.82
C ARG A 476 -10.07 -21.66 3.19
N GLN A 477 -10.21 -20.38 3.54
CA GLN A 477 -9.39 -19.38 2.90
C GLN A 477 -7.95 -19.40 3.43
N PRO A 478 -7.66 -19.60 4.74
CA PRO A 478 -6.30 -20.05 5.07
C PRO A 478 -6.10 -21.52 4.76
N SER A 479 -5.38 -21.80 3.68
CA SER A 479 -5.17 -23.15 3.19
C SER A 479 -3.69 -23.49 3.24
N LEU A 480 -3.29 -24.23 4.26
CA LEU A 480 -1.88 -24.54 4.50
C LEU A 480 -1.37 -25.70 3.66
N HIS A 481 -2.24 -26.64 3.31
CA HIS A 481 -1.83 -27.80 2.53
C HIS A 481 -2.79 -28.05 1.37
N ARG A 482 -2.60 -29.16 0.64
CA ARG A 482 -3.39 -29.37 -0.56
C ARG A 482 -4.82 -29.79 -0.24
N LEU A 483 -5.04 -30.49 0.88
CA LEU A 483 -6.39 -30.97 1.23
C LEU A 483 -7.20 -29.84 1.85
N SER A 484 -7.55 -28.86 1.01
CA SER A 484 -8.42 -27.78 1.44
C SER A 484 -9.58 -27.62 0.45
N ILE A 485 -9.31 -27.82 -0.82
CA ILE A 485 -10.33 -27.72 -1.86
C ILE A 485 -10.76 -29.16 -2.16
N LEU A 486 -11.82 -29.59 -1.49
CA LEU A 486 -12.38 -30.92 -1.68
C LEU A 486 -13.73 -30.78 -2.37
N SER A 487 -13.89 -31.48 -3.49
CA SER A 487 -15.11 -31.40 -4.27
C SER A 487 -16.19 -32.24 -3.59
N HIS A 488 -17.17 -31.57 -3.01
CA HIS A 488 -18.30 -32.23 -2.37
C HIS A 488 -19.50 -32.24 -3.31
N TYR A 489 -20.56 -32.94 -2.91
CA TYR A 489 -21.85 -32.85 -3.56
C TYR A 489 -22.75 -31.89 -2.79
N ALA A 490 -23.94 -31.66 -3.34
CA ALA A 490 -24.88 -30.73 -2.74
C ALA A 490 -25.95 -31.47 -1.94
N LYS A 491 -26.58 -30.75 -1.03
CA LYS A 491 -27.68 -31.25 -0.23
C LYS A 491 -28.50 -30.05 0.24
N ILE A 492 -29.82 -30.18 0.20
CA ILE A 492 -30.72 -29.04 0.40
C ILE A 492 -31.45 -29.24 1.73
N ARG A 493 -31.07 -28.45 2.72
CA ARG A 493 -31.61 -28.51 4.07
C ARG A 493 -31.94 -27.11 4.54
N PRO A 494 -32.89 -26.98 5.48
CA PRO A 494 -33.13 -25.67 6.12
C PRO A 494 -32.06 -25.29 7.12
N TRP A 495 -32.32 -24.21 7.89
CA TRP A 495 -31.43 -23.69 8.92
C TRP A 495 -30.09 -23.27 8.34
N ARG A 496 -30.07 -22.09 7.71
CA ARG A 496 -29.11 -21.57 6.73
C ARG A 496 -27.61 -21.72 7.02
N THR A 497 -27.22 -22.12 8.22
CA THR A 497 -25.82 -22.46 8.45
C THR A 497 -25.42 -23.69 7.64
N PHE A 498 -24.13 -23.80 7.36
CA PHE A 498 -23.62 -24.90 6.54
C PHE A 498 -23.45 -26.18 7.36
N ARG A 499 -23.47 -27.30 6.65
CA ARG A 499 -23.15 -28.61 7.22
C ARG A 499 -22.29 -29.35 6.21
N LEU A 500 -21.19 -29.94 6.66
CA LEU A 500 -20.42 -30.81 5.78
C LEU A 500 -20.40 -32.26 6.27
N ASN A 501 -19.73 -32.55 7.39
CA ASN A 501 -19.78 -33.76 8.22
C ASN A 501 -18.84 -33.45 9.38
N GLU A 502 -18.49 -34.43 10.22
CA GLU A 502 -17.45 -34.21 11.19
C GLU A 502 -16.24 -35.11 10.99
N CYS A 503 -16.34 -36.14 10.14
CA CYS A 503 -15.19 -37.00 9.89
C CYS A 503 -14.12 -36.30 9.08
N VAL A 504 -14.51 -35.32 8.25
CA VAL A 504 -13.57 -34.62 7.39
C VAL A 504 -13.22 -33.24 7.96
N CYS A 505 -13.36 -33.06 9.27
CA CYS A 505 -13.03 -31.79 9.92
C CYS A 505 -11.53 -31.59 10.08
N THR A 506 -10.74 -32.67 10.07
CA THR A 506 -9.31 -32.62 10.30
C THR A 506 -8.50 -31.88 9.21
N PRO A 507 -8.74 -32.04 7.89
CA PRO A 507 -7.95 -31.23 6.95
C PRO A 507 -8.36 -29.77 6.93
N TYR A 508 -9.65 -29.47 7.15
CA TYR A 508 -10.07 -28.07 7.22
C TYR A 508 -9.62 -27.40 8.50
N ASN A 509 -9.28 -28.18 9.54
CA ASN A 509 -8.87 -27.69 10.86
C ASN A 509 -9.93 -26.78 11.48
N ALA A 510 -11.20 -27.11 11.26
CA ALA A 510 -12.29 -26.29 11.74
C ALA A 510 -12.49 -26.51 13.23
N ASP A 511 -13.05 -25.49 13.88
CA ASP A 511 -13.25 -25.52 15.32
C ASP A 511 -14.67 -25.23 15.76
N PHE A 512 -15.56 -24.83 14.84
CA PHE A 512 -16.97 -24.51 15.09
C PHE A 512 -17.12 -23.42 16.16
N ASP A 513 -16.35 -22.34 16.00
CA ASP A 513 -16.31 -21.22 16.92
C ASP A 513 -16.62 -19.93 16.19
N GLY A 514 -17.68 -19.95 15.39
CA GLY A 514 -17.96 -18.83 14.52
C GLY A 514 -17.00 -18.74 13.36
N ASP A 515 -16.59 -19.89 12.82
CA ASP A 515 -15.58 -19.96 11.78
C ASP A 515 -16.27 -20.05 10.42
N GLU A 516 -16.22 -18.97 9.66
CA GLU A 516 -16.79 -18.95 8.31
C GLU A 516 -15.86 -19.69 7.36
N MET A 517 -16.47 -20.31 6.33
CA MET A 517 -15.70 -21.11 5.38
C MET A 517 -16.52 -21.20 4.10
N ASN A 518 -16.01 -20.59 3.04
CA ASN A 518 -16.79 -20.34 1.84
C ASN A 518 -16.78 -21.54 0.88
N LEU A 519 -17.74 -21.56 -0.03
CA LEU A 519 -17.86 -22.63 -1.01
C LEU A 519 -17.84 -22.03 -2.41
N HIS A 520 -17.64 -22.91 -3.40
CA HIS A 520 -17.64 -22.52 -4.80
C HIS A 520 -18.40 -23.56 -5.61
N VAL A 521 -18.77 -23.19 -6.83
CA VAL A 521 -19.36 -24.14 -7.77
C VAL A 521 -18.62 -24.07 -9.10
N PRO A 522 -18.39 -25.20 -9.77
CA PRO A 522 -17.90 -25.17 -11.14
C PRO A 522 -19.00 -24.72 -12.10
N GLN A 523 -18.60 -24.44 -13.34
CA GLN A 523 -19.56 -23.93 -14.33
C GLN A 523 -19.74 -24.86 -15.52
N THR A 524 -18.69 -25.21 -16.24
CA THR A 524 -18.88 -26.05 -17.42
C THR A 524 -18.87 -27.52 -17.02
N GLU A 525 -19.28 -28.36 -17.97
CA GLU A 525 -19.34 -29.80 -17.72
C GLU A 525 -17.96 -30.44 -17.67
N GLU A 526 -16.93 -29.76 -18.15
CA GLU A 526 -15.57 -30.29 -18.03
C GLU A 526 -15.08 -30.21 -16.60
N ALA A 527 -15.16 -29.02 -15.99
CA ALA A 527 -14.56 -28.80 -14.69
C ALA A 527 -15.34 -29.43 -13.55
N ARG A 528 -16.62 -29.74 -13.75
CA ARG A 528 -17.39 -30.44 -12.72
C ARG A 528 -16.88 -31.87 -12.52
N ALA A 529 -16.69 -32.60 -13.63
CA ALA A 529 -16.11 -33.92 -13.54
C ALA A 529 -14.63 -33.86 -13.21
N GLU A 530 -13.93 -32.80 -13.65
CA GLU A 530 -12.55 -32.58 -13.25
C GLU A 530 -12.42 -32.35 -11.75
N ALA A 531 -13.45 -31.77 -11.12
CA ALA A 531 -13.45 -31.63 -9.67
C ALA A 531 -13.80 -32.94 -8.99
N ILE A 532 -14.85 -33.63 -9.45
CA ILE A 532 -15.35 -34.77 -8.68
C ILE A 532 -14.54 -36.05 -8.90
N ASN A 533 -13.81 -36.19 -10.01
CA ASN A 533 -13.04 -37.39 -10.23
C ASN A 533 -11.60 -37.27 -9.76
N LEU A 534 -11.12 -36.04 -9.58
CA LEU A 534 -9.74 -35.79 -9.20
C LEU A 534 -9.60 -35.23 -7.80
N MET A 535 -10.65 -34.62 -7.25
CA MET A 535 -10.62 -33.99 -5.94
C MET A 535 -11.78 -34.45 -5.06
N GLY A 536 -12.33 -35.64 -5.36
CA GLY A 536 -13.40 -36.17 -4.53
C GLY A 536 -12.92 -36.58 -3.16
N VAL A 537 -13.88 -36.63 -2.24
CA VAL A 537 -13.54 -36.99 -0.86
C VAL A 537 -13.20 -38.48 -0.78
N LYS A 538 -13.80 -39.30 -1.63
CA LYS A 538 -13.47 -40.72 -1.69
C LYS A 538 -12.06 -40.95 -2.22
N ASN A 539 -11.57 -40.04 -3.07
CA ASN A 539 -10.21 -40.17 -3.56
C ASN A 539 -9.18 -39.63 -2.58
N ASN A 540 -9.54 -38.60 -1.83
CA ASN A 540 -8.61 -37.89 -0.96
C ASN A 540 -8.72 -38.37 0.49
N LEU A 541 -8.54 -39.67 0.72
CA LEU A 541 -8.43 -40.16 2.08
C LEU A 541 -7.03 -40.04 2.66
N LEU A 542 -6.06 -39.58 1.88
CA LEU A 542 -4.67 -39.57 2.30
C LEU A 542 -4.08 -38.16 2.19
N THR A 543 -3.38 -37.74 3.23
CA THR A 543 -2.48 -36.61 3.08
C THR A 543 -1.18 -37.10 2.43
N PRO A 544 -0.63 -36.35 1.47
CA PRO A 544 0.51 -36.87 0.71
C PRO A 544 1.85 -36.72 1.40
N LYS A 545 1.90 -36.19 2.63
CA LYS A 545 3.19 -35.97 3.28
C LYS A 545 3.79 -37.28 3.77
N SER A 546 2.98 -38.24 4.20
CA SER A 546 3.49 -39.58 4.48
C SER A 546 2.58 -40.71 4.00
N GLY A 547 1.31 -40.45 3.68
CA GLY A 547 0.43 -41.49 3.21
C GLY A 547 -0.41 -42.18 4.25
N GLU A 548 -0.66 -41.53 5.38
CA GLU A 548 -1.58 -42.08 6.37
C GLU A 548 -3.00 -41.58 6.09
N PRO A 549 -4.02 -42.30 6.54
CA PRO A 549 -5.38 -41.76 6.45
C PRO A 549 -5.58 -40.59 7.41
N ILE A 550 -6.17 -39.52 6.90
CA ILE A 550 -6.41 -38.33 7.70
C ILE A 550 -7.89 -38.09 7.95
N ILE A 551 -8.79 -38.64 7.15
CA ILE A 551 -10.23 -38.46 7.34
C ILE A 551 -10.82 -39.82 7.73
N ALA A 552 -10.91 -40.06 9.03
CA ALA A 552 -11.60 -41.26 9.50
C ALA A 552 -12.82 -40.92 10.32
N ALA A 553 -12.64 -40.20 11.42
CA ALA A 553 -13.71 -39.79 12.33
C ALA A 553 -13.13 -38.74 13.27
N THR A 554 -13.88 -38.38 14.30
CA THR A 554 -13.45 -37.39 15.26
C THR A 554 -13.94 -37.82 16.64
N GLN A 555 -13.90 -36.90 17.60
CA GLN A 555 -13.70 -37.22 19.02
C GLN A 555 -14.84 -38.06 19.60
N ASP A 556 -16.09 -37.65 19.35
CA ASP A 556 -17.24 -38.41 19.83
C ASP A 556 -17.31 -39.79 19.22
N PHE A 557 -16.94 -39.94 17.94
CA PHE A 557 -17.06 -41.21 17.27
C PHE A 557 -16.07 -42.24 17.82
N ILE A 558 -14.82 -41.83 18.01
CA ILE A 558 -13.82 -42.72 18.58
C ILE A 558 -14.12 -43.02 20.05
N THR A 559 -14.49 -41.99 20.84
CA THR A 559 -14.73 -42.25 22.26
C THR A 559 -16.05 -42.97 22.52
N GLY A 560 -16.95 -43.04 21.54
CA GLY A 560 -18.16 -43.79 21.73
C GLY A 560 -18.03 -45.20 21.21
N SER A 561 -17.22 -45.39 20.16
CA SER A 561 -16.91 -46.75 19.72
C SER A 561 -16.04 -47.47 20.75
N TYR A 562 -15.23 -46.71 21.49
CA TYR A 562 -14.50 -47.29 22.62
C TYR A 562 -15.45 -47.78 23.70
N LEU A 563 -16.54 -47.06 23.94
CA LEU A 563 -17.52 -47.51 24.93
C LEU A 563 -18.38 -48.65 24.40
N ILE A 564 -18.59 -48.71 23.09
CA ILE A 564 -19.33 -49.82 22.49
C ILE A 564 -18.54 -51.10 22.60
N SER A 565 -17.27 -51.07 22.23
CA SER A 565 -16.46 -52.28 22.09
C SER A 565 -15.34 -52.34 23.13
N HIS A 566 -15.62 -51.98 24.38
CA HIS A 566 -14.57 -51.94 25.39
C HIS A 566 -14.00 -53.30 25.75
N LYS A 567 -14.65 -54.04 26.65
CA LYS A 567 -14.55 -55.50 26.73
C LYS A 567 -15.80 -56.06 27.38
N ASP A 568 -16.66 -55.18 27.88
CA ASP A 568 -17.64 -55.52 28.89
C ASP A 568 -18.97 -54.83 28.62
N SER A 569 -19.41 -54.85 27.35
CA SER A 569 -20.61 -54.17 26.92
C SER A 569 -21.56 -55.16 26.26
N PHE A 570 -21.84 -56.25 26.97
CA PHE A 570 -22.71 -57.30 26.48
C PHE A 570 -24.12 -56.78 26.22
N TYR A 571 -24.58 -56.90 24.98
CA TYR A 571 -25.84 -56.31 24.57
C TYR A 571 -26.96 -57.33 24.60
N ASP A 572 -28.15 -56.87 24.96
CA ASP A 572 -29.38 -57.64 24.78
C ASP A 572 -29.67 -57.81 23.30
N ARG A 573 -30.51 -58.80 22.97
CA ARG A 573 -30.90 -59.00 21.58
C ARG A 573 -31.74 -57.84 21.06
N ALA A 574 -32.57 -57.24 21.91
CA ALA A 574 -33.27 -56.03 21.51
C ALA A 574 -32.32 -54.85 21.36
N THR A 575 -31.34 -54.75 22.27
CA THR A 575 -30.37 -53.66 22.21
C THR A 575 -29.43 -53.81 21.01
N LEU A 576 -28.93 -55.03 20.78
CA LEU A 576 -28.13 -55.32 19.59
C LEU A 576 -28.95 -55.14 18.32
N THR A 577 -30.24 -55.48 18.38
CA THR A 577 -31.11 -55.33 17.22
C THR A 577 -31.29 -53.86 16.84
N GLN A 578 -31.58 -53.02 17.84
CA GLN A 578 -31.74 -51.59 17.59
C GLN A 578 -30.41 -50.96 17.18
N LEU A 579 -29.32 -51.36 17.83
CA LEU A 579 -28.02 -50.79 17.53
C LEU A 579 -27.49 -51.24 16.17
N LEU A 580 -27.88 -52.42 15.70
CA LEU A 580 -27.50 -52.87 14.37
C LEU A 580 -28.38 -52.28 13.29
N SER A 581 -29.65 -51.99 13.60
CA SER A 581 -30.49 -51.31 12.63
C SER A 581 -30.15 -49.82 12.54
N MET A 582 -29.62 -49.24 13.62
CA MET A 582 -29.35 -47.81 13.65
C MET A 582 -27.91 -47.51 13.22
N MET A 583 -27.52 -48.03 12.06
CA MET A 583 -26.26 -47.62 11.44
C MET A 583 -26.44 -47.43 9.93
N SER A 584 -27.36 -48.17 9.34
CA SER A 584 -27.58 -48.21 7.90
C SER A 584 -29.08 -48.21 7.64
N ASP A 585 -29.77 -47.22 8.21
CA ASP A 585 -31.10 -47.27 8.83
C ASP A 585 -32.09 -48.26 8.24
N GLY A 586 -32.31 -48.18 6.93
CA GLY A 586 -33.19 -49.14 6.27
C GLY A 586 -32.72 -49.50 4.88
N ILE A 587 -31.51 -49.07 4.52
CA ILE A 587 -31.07 -49.23 3.14
C ILE A 587 -30.50 -50.63 2.89
N GLU A 588 -29.96 -51.29 3.91
CA GLU A 588 -29.32 -52.59 3.72
C GLU A 588 -29.50 -53.43 4.97
N HIS A 589 -29.39 -54.74 4.80
CA HIS A 589 -29.79 -55.72 5.82
C HIS A 589 -28.56 -56.38 6.42
N PHE A 590 -28.79 -57.22 7.42
CA PHE A 590 -27.70 -57.87 8.14
C PHE A 590 -28.05 -59.34 8.37
N ASP A 591 -27.02 -60.14 8.60
CA ASP A 591 -27.16 -61.53 9.03
C ASP A 591 -26.62 -61.65 10.45
N ILE A 592 -27.50 -61.94 11.39
CA ILE A 592 -27.14 -61.95 12.82
C ILE A 592 -26.31 -63.20 13.10
N PRO A 593 -25.10 -63.04 13.59
CA PRO A 593 -24.23 -64.19 13.85
C PRO A 593 -24.69 -64.91 15.11
N PRO A 594 -24.23 -66.13 15.34
CA PRO A 594 -24.38 -66.74 16.67
C PRO A 594 -23.62 -65.95 17.71
N PRO A 595 -24.19 -65.77 18.89
CA PRO A 595 -23.57 -64.90 19.90
C PRO A 595 -22.35 -65.54 20.52
N ALA A 596 -21.61 -64.73 21.27
CA ALA A 596 -20.39 -65.21 21.90
C ALA A 596 -20.68 -66.10 23.11
N ILE A 597 -21.87 -65.97 23.69
CA ILE A 597 -22.23 -66.73 24.88
C ILE A 597 -23.56 -67.43 24.60
N MET A 598 -23.56 -68.77 24.70
CA MET A 598 -24.75 -69.59 24.54
C MET A 598 -25.51 -69.67 25.87
N LYS A 599 -26.38 -70.68 26.03
CA LYS A 599 -27.62 -70.77 26.82
C LYS A 599 -27.75 -69.95 28.11
N PRO A 600 -26.80 -69.87 29.04
CA PRO A 600 -26.93 -68.86 30.10
C PRO A 600 -26.71 -67.46 29.53
N TYR A 601 -27.60 -66.54 29.90
CA TYR A 601 -28.24 -65.54 29.04
C TYR A 601 -27.45 -65.09 27.81
N TYR A 602 -28.08 -65.19 26.62
CA TYR A 602 -27.44 -64.94 25.33
C TYR A 602 -27.03 -63.47 25.21
N LEU A 603 -25.72 -63.23 25.21
CA LEU A 603 -25.18 -61.88 25.20
C LEU A 603 -24.10 -61.77 24.12
N TRP A 604 -24.28 -60.81 23.22
CA TRP A 604 -23.28 -60.54 22.19
C TRP A 604 -22.20 -59.62 22.75
N THR A 605 -20.94 -60.00 22.56
CA THR A 605 -19.83 -59.13 22.91
C THR A 605 -19.75 -57.98 21.92
N GLY A 606 -19.41 -56.78 22.41
CA GLY A 606 -19.32 -55.58 21.60
C GLY A 606 -18.31 -55.64 20.47
N LYS A 607 -17.31 -56.52 20.57
CA LYS A 607 -16.36 -56.67 19.48
C LYS A 607 -16.99 -57.37 18.29
N GLN A 608 -17.90 -58.34 18.53
CA GLN A 608 -18.69 -58.89 17.44
C GLN A 608 -19.64 -57.85 16.86
N VAL A 609 -20.06 -56.88 17.68
CA VAL A 609 -20.94 -55.82 17.20
C VAL A 609 -20.17 -54.89 16.27
N PHE A 610 -18.91 -54.58 16.59
CA PHE A 610 -18.09 -53.84 15.65
C PHE A 610 -17.70 -54.68 14.44
N SER A 611 -17.64 -56.01 14.60
CA SER A 611 -17.40 -56.90 13.46
C SER A 611 -18.56 -56.87 12.48
N LEU A 612 -19.79 -56.73 12.98
CA LEU A 612 -20.94 -56.57 12.10
C LEU A 612 -20.94 -55.23 11.37
N LEU A 613 -20.21 -54.24 11.88
CA LEU A 613 -20.15 -52.95 11.22
C LEU A 613 -19.34 -53.01 9.94
N ILE A 614 -18.30 -53.85 9.91
CA ILE A 614 -17.43 -53.93 8.74
C ILE A 614 -18.08 -54.78 7.65
N LYS A 615 -18.47 -56.00 7.98
CA LYS A 615 -19.07 -56.92 7.01
C LYS A 615 -20.57 -57.05 7.29
N PRO A 616 -21.42 -56.40 6.51
CA PRO A 616 -22.86 -56.47 6.81
C PRO A 616 -23.52 -57.77 6.37
N ASN A 617 -23.08 -58.34 5.25
CA ASN A 617 -23.71 -59.51 4.66
C ASN A 617 -22.65 -60.39 4.02
N HIS A 618 -23.09 -61.50 3.45
CA HIS A 618 -22.23 -62.33 2.61
C HIS A 618 -22.24 -61.89 1.15
N ASN A 619 -23.14 -60.98 0.78
CA ASN A 619 -23.17 -60.41 -0.56
C ASN A 619 -22.12 -59.33 -0.77
N SER A 620 -21.48 -58.87 0.30
CA SER A 620 -20.46 -57.83 0.20
C SER A 620 -19.08 -58.47 0.34
N PRO A 621 -18.29 -58.56 -0.73
CA PRO A 621 -16.93 -59.12 -0.61
C PRO A 621 -15.97 -58.13 0.05
N VAL A 622 -15.98 -58.12 1.38
CA VAL A 622 -15.24 -57.14 2.16
C VAL A 622 -14.31 -57.84 3.16
N VAL A 623 -13.84 -59.04 2.81
CA VAL A 623 -13.00 -59.81 3.71
C VAL A 623 -11.61 -59.16 3.80
N ILE A 624 -11.20 -58.84 5.03
CA ILE A 624 -9.95 -58.14 5.29
C ILE A 624 -9.18 -58.88 6.38
N ASN A 625 -7.95 -58.45 6.61
CA ASN A 625 -7.08 -59.01 7.64
C ASN A 625 -6.23 -57.89 8.21
N LEU A 626 -6.02 -57.92 9.53
CA LEU A 626 -5.31 -56.85 10.21
C LEU A 626 -4.78 -57.38 11.54
N ASP A 627 -3.66 -56.80 11.98
CA ASP A 627 -3.13 -57.04 13.32
C ASP A 627 -2.35 -55.80 13.74
N ALA A 628 -2.73 -55.21 14.87
CA ALA A 628 -2.25 -53.88 15.23
C ALA A 628 -2.35 -53.69 16.74
N LYS A 629 -2.27 -52.44 17.19
CA LYS A 629 -2.03 -52.08 18.58
C LYS A 629 -2.87 -50.86 18.96
N ASN A 630 -3.54 -50.92 20.12
CA ASN A 630 -4.46 -49.85 20.55
C ASN A 630 -3.76 -48.69 21.23
N LYS A 631 -2.68 -48.16 20.63
CA LYS A 631 -2.03 -46.88 20.95
C LYS A 631 -1.31 -46.88 22.30
N VAL A 632 -1.60 -47.85 23.17
CA VAL A 632 -0.97 -48.05 24.47
C VAL A 632 -1.34 -49.46 24.94
N PHE A 633 -0.38 -50.17 25.52
CA PHE A 633 -0.65 -51.44 26.19
C PHE A 633 0.45 -51.73 27.18
N VAL A 634 0.08 -52.29 28.32
CA VAL A 634 1.06 -52.90 29.22
C VAL A 634 1.57 -54.17 28.56
N PRO A 635 2.90 -54.38 28.50
CA PRO A 635 3.42 -55.54 27.76
C PRO A 635 3.09 -56.84 28.47
N PRO A 636 3.05 -57.96 27.74
CA PRO A 636 2.72 -59.25 28.36
C PRO A 636 3.85 -59.77 29.25
N LYS A 637 3.79 -59.37 30.53
CA LYS A 637 4.81 -59.54 31.56
C LYS A 637 5.40 -60.95 31.70
N SER A 638 4.68 -61.99 31.28
CA SER A 638 5.19 -63.35 31.38
C SER A 638 5.96 -63.67 30.09
N LYS A 639 6.28 -64.95 29.87
CA LYS A 639 6.94 -65.37 28.63
C LYS A 639 5.85 -65.83 27.65
N SER A 640 5.23 -64.85 27.01
CA SER A 640 4.20 -65.10 26.02
C SER A 640 4.62 -64.49 24.68
N LEU A 641 4.44 -65.26 23.60
CA LEU A 641 4.82 -64.76 22.29
C LEU A 641 3.88 -63.68 21.76
N PRO A 642 2.55 -63.80 21.77
CA PRO A 642 1.74 -62.68 21.33
C PRO A 642 1.64 -61.59 22.39
N ASN A 643 1.34 -60.38 21.92
CA ASN A 643 1.13 -59.23 22.78
C ASN A 643 -0.33 -59.08 23.19
N GLU A 644 -1.13 -60.14 23.06
CA GLU A 644 -2.53 -60.11 23.43
C GLU A 644 -2.77 -60.58 24.86
N MET A 645 -1.82 -61.27 25.46
CA MET A 645 -1.97 -61.79 26.83
C MET A 645 -1.47 -60.77 27.85
N SER A 646 -2.21 -59.66 27.93
CA SER A 646 -1.87 -58.55 28.80
C SER A 646 -3.02 -58.27 29.75
N GLN A 647 -2.85 -57.22 30.57
CA GLN A 647 -3.90 -56.77 31.47
C GLN A 647 -5.04 -56.07 30.75
N ASN A 648 -4.82 -55.63 29.51
CA ASN A 648 -5.88 -55.06 28.69
C ASN A 648 -5.97 -55.82 27.37
N ASP A 649 -6.73 -55.28 26.42
CA ASP A 649 -6.84 -55.92 25.12
C ASP A 649 -5.55 -55.79 24.31
N GLY A 650 -4.97 -54.58 24.26
CA GLY A 650 -3.66 -54.37 23.69
C GLY A 650 -3.54 -54.61 22.20
N PHE A 651 -2.90 -55.71 21.84
CA PHE A 651 -2.68 -56.07 20.46
C PHE A 651 -4.01 -56.53 19.84
N VAL A 652 -4.37 -55.99 18.69
CA VAL A 652 -5.60 -56.37 18.03
C VAL A 652 -5.29 -57.36 16.92
N ILE A 653 -6.34 -58.02 16.42
CA ILE A 653 -6.21 -58.96 15.33
C ILE A 653 -7.56 -59.05 14.60
N ILE A 654 -7.52 -58.99 13.27
CA ILE A 654 -8.71 -59.11 12.45
C ILE A 654 -8.48 -60.25 11.46
N ARG A 655 -9.39 -61.22 11.47
CA ARG A 655 -9.31 -62.37 10.58
C ARG A 655 -10.66 -62.54 9.89
N GLY A 656 -10.72 -62.17 8.61
CA GLY A 656 -11.93 -62.34 7.84
C GLY A 656 -13.02 -61.34 8.15
N SER A 657 -12.64 -60.06 8.22
CA SER A 657 -13.52 -58.94 8.59
C SER A 657 -14.20 -59.18 9.94
N GLN A 658 -13.40 -59.59 10.91
CA GLN A 658 -13.91 -59.83 12.25
C GLN A 658 -12.81 -59.52 13.24
N ILE A 659 -13.04 -58.51 14.08
CA ILE A 659 -12.13 -58.25 15.19
C ILE A 659 -12.39 -59.27 16.30
N LEU A 660 -11.32 -59.83 16.85
CA LEU A 660 -11.43 -60.83 17.89
C LEU A 660 -10.89 -60.38 19.24
N SER A 661 -10.17 -59.26 19.30
CA SER A 661 -9.68 -58.68 20.53
C SER A 661 -9.27 -57.25 20.24
N GLY A 662 -9.72 -56.30 21.05
CA GLY A 662 -9.25 -54.93 20.95
C GLY A 662 -10.38 -53.92 20.97
N VAL A 663 -9.97 -52.66 21.14
CA VAL A 663 -10.89 -51.53 21.11
C VAL A 663 -10.62 -50.71 19.86
N MET A 664 -11.43 -49.66 19.67
CA MET A 664 -11.43 -48.87 18.44
C MET A 664 -10.91 -47.46 18.69
N ASP A 665 -9.81 -47.37 19.43
CA ASP A 665 -9.25 -46.08 19.81
C ASP A 665 -8.44 -45.48 18.66
N LYS A 666 -7.64 -44.46 18.97
CA LYS A 666 -6.78 -43.82 17.97
C LYS A 666 -5.69 -44.77 17.52
N SER A 667 -5.22 -44.55 16.29
CA SER A 667 -4.25 -45.36 15.55
C SER A 667 -4.73 -46.79 15.30
N VAL A 668 -6.03 -47.05 15.48
CA VAL A 668 -6.68 -48.30 15.08
C VAL A 668 -7.85 -47.87 14.18
N LEU A 669 -8.35 -46.67 14.42
CA LEU A 669 -9.48 -46.12 13.69
C LEU A 669 -9.05 -45.05 12.69
N GLY A 670 -8.13 -44.17 13.07
CA GLY A 670 -7.63 -43.18 12.14
C GLY A 670 -6.94 -42.06 12.86
N ASP A 671 -6.48 -41.09 12.06
CA ASP A 671 -5.69 -39.92 12.50
C ASP A 671 -4.45 -40.37 13.28
N GLY A 672 -3.58 -41.09 12.58
CA GLY A 672 -2.42 -41.69 13.20
C GLY A 672 -1.53 -42.37 12.20
N LYS A 673 -1.08 -43.59 12.51
CA LYS A 673 -0.22 -44.34 11.60
C LYS A 673 -1.06 -45.08 10.56
N LYS A 674 -0.35 -45.79 9.68
CA LYS A 674 -0.93 -46.36 8.46
C LYS A 674 -1.40 -47.81 8.64
N HIS A 675 -2.12 -48.07 9.73
CA HIS A 675 -2.64 -49.41 9.97
C HIS A 675 -4.05 -49.39 10.54
N SER A 676 -4.85 -48.40 10.18
CA SER A 676 -6.20 -48.31 10.70
C SER A 676 -7.12 -49.29 9.96
N VAL A 677 -8.37 -49.37 10.42
CA VAL A 677 -9.35 -50.25 9.78
C VAL A 677 -9.79 -49.66 8.45
N PHE A 678 -10.00 -48.35 8.42
CA PHE A 678 -10.50 -47.69 7.22
C PHE A 678 -9.46 -47.67 6.11
N TYR A 679 -8.19 -47.52 6.47
CA TYR A 679 -7.10 -47.65 5.51
C TYR A 679 -7.04 -49.06 4.93
N THR A 680 -7.35 -50.07 5.75
CA THR A 680 -7.37 -51.45 5.29
C THR A 680 -8.54 -51.71 4.33
N ILE A 681 -9.73 -51.19 4.66
CA ILE A 681 -10.87 -51.29 3.76
C ILE A 681 -10.59 -50.58 2.44
N LEU A 682 -9.91 -49.42 2.51
CA LEU A 682 -9.51 -48.68 1.33
C LEU A 682 -8.59 -49.50 0.43
N ARG A 683 -7.43 -49.92 0.97
CA ARG A 683 -6.46 -50.68 0.20
C ARG A 683 -6.96 -52.04 -0.24
N ASP A 684 -7.99 -52.58 0.41
CA ASP A 684 -8.49 -53.88 0.02
C ASP A 684 -9.56 -53.79 -1.05
N TYR A 685 -10.55 -52.91 -0.88
CA TYR A 685 -11.67 -52.86 -1.82
C TYR A 685 -12.07 -51.43 -2.17
N GLY A 686 -11.08 -50.59 -2.52
CA GLY A 686 -11.37 -49.35 -3.20
C GLY A 686 -11.87 -48.24 -2.28
N PRO A 687 -12.29 -47.12 -2.87
CA PRO A 687 -12.71 -45.96 -2.06
C PRO A 687 -14.17 -46.00 -1.62
N GLN A 688 -15.03 -46.68 -2.39
CA GLN A 688 -16.46 -46.63 -2.15
C GLN A 688 -16.84 -47.36 -0.87
N GLU A 689 -16.29 -48.57 -0.68
CA GLU A 689 -16.57 -49.31 0.55
C GLU A 689 -15.90 -48.67 1.76
N ALA A 690 -14.74 -48.03 1.54
CA ALA A 690 -14.07 -47.29 2.61
C ALA A 690 -14.93 -46.12 3.09
N ALA A 691 -15.57 -45.41 2.16
CA ALA A 691 -16.48 -44.34 2.53
C ALA A 691 -17.75 -44.89 3.17
N ASN A 692 -18.26 -46.02 2.66
CA ASN A 692 -19.51 -46.58 3.20
C ASN A 692 -19.33 -47.08 4.63
N ALA A 693 -18.17 -47.64 4.96
CA ALA A 693 -17.91 -48.10 6.31
C ALA A 693 -17.86 -46.92 7.28
N MET A 694 -17.28 -45.79 6.87
CA MET A 694 -17.25 -44.61 7.71
C MET A 694 -18.63 -43.99 7.87
N ASN A 695 -19.43 -44.01 6.80
CA ASN A 695 -20.75 -43.41 6.88
C ASN A 695 -21.78 -44.32 7.53
N ARG A 696 -21.46 -45.59 7.74
CA ARG A 696 -22.28 -46.44 8.59
C ARG A 696 -21.74 -46.52 10.02
N MET A 697 -20.49 -46.11 10.25
CA MET A 697 -20.04 -45.96 11.62
C MET A 697 -20.49 -44.64 12.23
N ALA A 698 -20.59 -43.59 11.41
CA ALA A 698 -20.95 -42.26 11.92
C ALA A 698 -22.38 -42.23 12.43
N LYS A 699 -23.32 -42.71 11.60
CA LYS A 699 -24.73 -42.78 12.00
C LYS A 699 -24.93 -43.75 13.16
N LEU A 700 -24.05 -44.74 13.29
CA LEU A 700 -24.09 -45.63 14.45
C LEU A 700 -23.72 -44.88 15.73
N CYS A 701 -22.50 -44.35 15.77
CA CYS A 701 -21.95 -43.88 17.02
C CYS A 701 -22.54 -42.55 17.46
N ALA A 702 -22.86 -41.67 16.50
CA ALA A 702 -23.51 -40.41 16.84
C ALA A 702 -24.90 -40.62 17.42
N ARG A 703 -25.60 -41.64 16.98
CA ARG A 703 -26.93 -41.92 17.49
C ARG A 703 -26.92 -42.80 18.73
N PHE A 704 -25.84 -43.53 19.00
CA PHE A 704 -25.79 -44.33 20.22
C PHE A 704 -25.17 -43.61 21.41
N LEU A 705 -24.17 -42.75 21.19
CA LEU A 705 -23.49 -42.11 22.32
C LEU A 705 -24.39 -41.08 23.00
N GLY A 706 -25.38 -40.54 22.29
CA GLY A 706 -26.42 -39.76 22.94
C GLY A 706 -27.36 -40.59 23.79
N ASN A 707 -27.35 -41.91 23.62
CA ASN A 707 -28.17 -42.80 24.42
C ASN A 707 -27.40 -43.45 25.57
N ARG A 708 -26.07 -43.59 25.45
CA ARG A 708 -25.35 -44.26 26.52
C ARG A 708 -25.11 -43.36 27.73
N GLY A 709 -24.48 -42.20 27.51
CA GLY A 709 -24.24 -41.28 28.61
C GLY A 709 -22.79 -41.16 29.02
N PHE A 710 -22.31 -39.94 29.22
CA PHE A 710 -20.90 -39.67 29.44
C PHE A 710 -20.75 -38.26 29.98
N SER A 711 -20.13 -38.12 31.16
CA SER A 711 -19.98 -36.80 31.76
C SER A 711 -18.69 -36.76 32.59
N ILE A 712 -18.25 -35.53 32.90
CA ILE A 712 -17.03 -35.30 33.67
C ILE A 712 -17.41 -34.41 34.85
N GLY A 713 -17.77 -35.02 35.98
CA GLY A 713 -18.20 -34.27 37.14
C GLY A 713 -17.06 -33.97 38.11
N ILE A 714 -17.43 -33.35 39.24
CA ILE A 714 -16.42 -33.02 40.23
C ILE A 714 -15.93 -34.27 40.96
N ASN A 715 -16.73 -35.34 40.98
CA ASN A 715 -16.26 -36.61 41.50
C ASN A 715 -15.27 -37.25 40.53
N ASP A 716 -15.38 -36.91 39.25
CA ASP A 716 -14.51 -37.48 38.24
C ASP A 716 -13.10 -36.91 38.34
N VAL A 717 -12.99 -35.65 38.80
CA VAL A 717 -11.70 -34.97 38.90
C VAL A 717 -11.49 -34.66 40.39
N THR A 718 -11.83 -35.62 41.24
CA THR A 718 -11.56 -35.47 42.68
C THR A 718 -10.28 -36.19 43.04
N PRO A 719 -9.28 -35.50 43.59
CA PRO A 719 -8.13 -36.21 44.15
C PRO A 719 -8.50 -36.94 45.42
N ALA A 720 -8.04 -38.18 45.53
CA ALA A 720 -8.31 -38.97 46.72
C ALA A 720 -7.44 -38.52 47.87
N ASP A 721 -7.72 -39.08 49.06
CA ASP A 721 -6.91 -38.76 50.23
C ASP A 721 -5.52 -39.39 50.15
N ASP A 722 -5.41 -40.52 49.44
CA ASP A 722 -4.11 -41.17 49.28
C ASP A 722 -3.18 -40.35 48.40
N LEU A 723 -3.71 -39.81 47.29
CA LEU A 723 -2.92 -38.93 46.44
C LEU A 723 -2.56 -37.64 47.16
N LYS A 724 -3.45 -37.14 48.01
CA LYS A 724 -3.17 -35.93 48.77
C LYS A 724 -2.05 -36.15 49.79
N GLN A 725 -2.11 -37.25 50.54
CA GLN A 725 -1.07 -37.53 51.52
C GLN A 725 0.23 -37.99 50.87
N LYS A 726 0.19 -38.48 49.63
CA LYS A 726 1.43 -38.79 48.93
C LYS A 726 2.08 -37.53 48.37
N LYS A 727 1.28 -36.61 47.84
CA LYS A 727 1.80 -35.33 47.37
C LYS A 727 2.34 -34.50 48.53
N GLU A 728 1.67 -34.53 49.69
CA GLU A 728 2.06 -33.74 50.84
C GLU A 728 3.43 -34.15 51.40
N GLU A 729 3.85 -35.40 51.19
CA GLU A 729 5.20 -35.81 51.58
C GLU A 729 6.20 -35.76 50.44
N LEU A 730 5.78 -35.98 49.19
CA LEU A 730 6.73 -35.99 48.08
C LEU A 730 7.18 -34.57 47.72
N VAL A 731 6.23 -33.62 47.69
CA VAL A 731 6.59 -32.23 47.46
C VAL A 731 7.38 -31.68 48.64
N GLU A 732 7.12 -32.17 49.85
CA GLU A 732 7.87 -31.73 51.02
C GLU A 732 9.32 -32.22 50.98
N ILE A 733 9.54 -33.50 50.64
CA ILE A 733 10.92 -33.98 50.54
C ILE A 733 11.62 -33.40 49.32
N ALA A 734 10.89 -33.03 48.26
CA ALA A 734 11.49 -32.35 47.13
C ALA A 734 11.93 -30.94 47.48
N TYR A 735 11.08 -30.19 48.19
CA TYR A 735 11.46 -28.85 48.64
C TYR A 735 12.58 -28.91 49.67
N HIS A 736 12.63 -29.95 50.48
CA HIS A 736 13.73 -30.12 51.43
C HIS A 736 15.04 -30.37 50.69
N LYS A 737 15.02 -31.25 49.69
CA LYS A 737 16.21 -31.54 48.89
C LYS A 737 16.67 -30.32 48.11
N CYS A 738 15.73 -29.55 47.57
CA CYS A 738 16.09 -28.30 46.89
C CYS A 738 16.62 -27.26 47.85
N ASP A 739 16.13 -27.26 49.09
CA ASP A 739 16.63 -26.34 50.11
C ASP A 739 18.08 -26.65 50.47
N GLU A 740 18.41 -27.94 50.63
CA GLU A 740 19.83 -28.27 50.81
C GLU A 740 20.64 -28.01 49.55
N LEU A 741 20.06 -28.24 48.37
CA LEU A 741 20.77 -28.07 47.11
C LEU A 741 21.08 -26.60 46.83
N ILE A 742 20.32 -25.67 47.39
CA ILE A 742 20.63 -24.26 47.27
C ILE A 742 21.45 -23.75 48.46
N THR A 743 21.27 -24.31 49.66
CA THR A 743 22.05 -23.80 50.79
C THR A 743 23.47 -24.33 50.81
N LEU A 744 23.76 -25.42 50.08
CA LEU A 744 25.15 -25.83 49.88
C LEU A 744 25.88 -24.99 48.85
N PHE A 745 25.18 -24.06 48.18
CA PHE A 745 25.82 -22.95 47.50
C PHE A 745 25.78 -21.66 48.32
N ASN A 746 24.76 -21.49 49.16
CA ASN A 746 24.70 -20.32 50.04
C ASN A 746 25.83 -20.33 51.06
N LYS A 747 26.14 -21.50 51.64
CA LYS A 747 27.26 -21.59 52.57
C LYS A 747 28.50 -22.22 51.97
N GLY A 748 28.38 -22.90 50.82
CA GLY A 748 29.51 -23.54 50.20
C GLY A 748 29.65 -23.19 48.74
N GLU A 749 29.74 -24.21 47.89
CA GLU A 749 29.93 -24.01 46.45
C GLU A 749 29.41 -25.24 45.71
N LEU A 750 29.13 -25.04 44.43
CA LEU A 750 28.63 -26.10 43.57
C LEU A 750 29.52 -26.23 42.35
N GLU A 751 29.66 -27.46 41.86
CA GLU A 751 30.50 -27.76 40.71
C GLU A 751 29.70 -28.49 39.64
N THR A 752 30.13 -28.33 38.39
CA THR A 752 29.54 -29.04 37.26
C THR A 752 30.54 -29.14 36.13
N GLN A 753 30.61 -30.31 35.50
CA GLN A 753 31.52 -30.55 34.39
C GLN A 753 31.02 -30.01 33.03
N PRO A 754 29.81 -30.42 32.48
CA PRO A 754 29.56 -30.11 31.06
C PRO A 754 29.22 -28.66 30.74
N GLY A 755 28.41 -28.01 31.57
CA GLY A 755 27.87 -26.71 31.22
C GLY A 755 28.74 -25.53 31.64
N CYS A 756 28.10 -24.44 32.04
CA CYS A 756 28.80 -23.24 32.45
C CYS A 756 29.25 -23.35 33.90
N ASN A 757 29.65 -22.21 34.48
CA ASN A 757 30.24 -22.22 35.81
C ASN A 757 29.17 -22.35 36.90
N GLU A 758 28.14 -21.50 36.86
CA GLU A 758 27.20 -21.41 37.97
C GLU A 758 25.92 -20.75 37.46
N GLU A 759 24.81 -21.06 38.14
CA GLU A 759 23.48 -20.44 37.99
C GLU A 759 22.83 -20.74 36.66
N GLN A 760 23.33 -21.71 35.92
CA GLN A 760 22.62 -22.29 34.79
C GLN A 760 22.46 -23.78 34.94
N THR A 761 23.50 -24.49 35.38
CA THR A 761 23.35 -25.90 35.72
C THR A 761 22.56 -26.05 37.00
N LEU A 762 22.62 -25.06 37.88
CA LEU A 762 21.73 -24.99 39.05
C LEU A 762 20.26 -24.97 38.61
N GLU A 763 19.93 -24.11 37.64
CA GLU A 763 18.56 -24.03 37.15
C GLU A 763 18.16 -25.30 36.41
N ALA A 764 19.10 -25.91 35.67
CA ALA A 764 18.82 -27.17 34.98
C ALA A 764 18.57 -28.31 35.97
N LYS A 765 19.32 -28.36 37.07
CA LYS A 765 19.15 -29.40 38.06
C LYS A 765 17.86 -29.21 38.85
N ILE A 766 17.50 -27.96 39.17
CA ILE A 766 16.21 -27.69 39.80
C ILE A 766 15.06 -28.07 38.87
N GLY A 767 15.20 -27.77 37.57
CA GLY A 767 14.16 -28.15 36.62
C GLY A 767 14.02 -29.66 36.46
N GLY A 768 15.14 -30.38 36.47
CA GLY A 768 15.07 -31.83 36.38
C GLY A 768 14.48 -32.47 37.63
N LEU A 769 14.95 -32.04 38.80
CA LEU A 769 14.45 -32.58 40.07
C LEU A 769 13.04 -32.13 40.41
N LEU A 770 12.49 -31.12 39.71
CA LEU A 770 11.07 -30.81 39.83
C LEU A 770 10.23 -31.41 38.71
N SER A 771 10.83 -31.78 37.58
CA SER A 771 10.10 -32.54 36.58
C SER A 771 9.93 -33.99 37.00
N LYS A 772 10.90 -34.53 37.75
CA LYS A 772 10.76 -35.86 38.33
C LYS A 772 9.60 -35.93 39.31
N VAL A 773 9.34 -34.82 40.02
CA VAL A 773 8.20 -34.73 40.92
C VAL A 773 6.89 -34.84 40.14
N ARG A 774 6.78 -34.09 39.04
CA ARG A 774 5.59 -34.14 38.20
C ARG A 774 5.39 -35.52 37.60
N GLU A 775 6.47 -36.16 37.15
CA GLU A 775 6.39 -37.50 36.58
C GLU A 775 5.94 -38.53 37.60
N GLU A 776 6.52 -38.50 38.81
CA GLU A 776 6.19 -39.50 39.82
C GLU A 776 4.78 -39.30 40.37
N VAL A 777 4.36 -38.04 40.58
CA VAL A 777 3.04 -37.81 41.14
C VAL A 777 1.96 -38.05 40.08
N GLY A 778 2.26 -37.78 38.81
CA GLY A 778 1.35 -38.19 37.75
C GLY A 778 1.26 -39.70 37.57
N ASP A 779 2.38 -40.40 37.81
CA ASP A 779 2.36 -41.86 37.72
C ASP A 779 1.53 -42.47 38.83
N VAL A 780 1.68 -41.97 40.07
CA VAL A 780 0.84 -42.51 41.14
C VAL A 780 -0.59 -42.03 41.02
N CYS A 781 -0.83 -40.90 40.33
CA CYS A 781 -2.19 -40.45 40.07
C CYS A 781 -2.89 -41.37 39.09
N ILE A 782 -2.24 -41.71 37.98
CA ILE A 782 -2.86 -42.62 37.02
C ILE A 782 -2.90 -44.05 37.56
N ASN A 783 -2.01 -44.40 38.49
CA ASN A 783 -2.11 -45.72 39.13
C ASN A 783 -3.29 -45.77 40.09
N GLU A 784 -3.57 -44.67 40.79
CA GLU A 784 -4.63 -44.62 41.78
C GLU A 784 -6.00 -44.37 41.15
N LEU A 785 -6.05 -43.96 39.87
CA LEU A 785 -7.24 -43.35 39.30
C LEU A 785 -8.34 -44.38 39.07
N ASP A 786 -9.59 -43.90 39.13
CA ASP A 786 -10.78 -44.73 39.28
C ASP A 786 -11.11 -45.47 37.96
N ASN A 787 -11.99 -46.46 38.07
CA ASN A 787 -12.61 -47.07 36.90
C ASN A 787 -13.75 -46.20 36.39
N TRP A 788 -13.98 -46.28 35.08
CA TRP A 788 -14.92 -45.42 34.33
C TRP A 788 -14.64 -43.93 34.58
N ASN A 789 -13.36 -43.60 34.68
CA ASN A 789 -12.93 -42.24 34.95
C ASN A 789 -12.70 -41.56 33.61
N ALA A 790 -13.52 -40.55 33.31
CA ALA A 790 -13.59 -40.02 31.96
C ALA A 790 -12.34 -39.29 31.47
N PRO A 791 -11.52 -38.62 32.30
CA PRO A 791 -10.16 -38.28 31.83
C PRO A 791 -9.29 -39.50 31.53
N LEU A 792 -9.38 -40.56 32.34
CA LEU A 792 -8.64 -41.79 32.02
C LEU A 792 -9.25 -42.49 30.81
N ILE A 793 -10.55 -42.33 30.57
CA ILE A 793 -11.16 -42.90 29.37
C ILE A 793 -10.65 -42.20 28.13
N MET A 794 -10.53 -40.87 28.17
CA MET A 794 -9.99 -40.14 27.02
C MET A 794 -8.48 -40.34 26.89
N ALA A 795 -7.79 -40.63 28.00
CA ALA A 795 -6.34 -40.81 27.96
C ALA A 795 -5.94 -42.20 27.48
N THR A 796 -6.77 -43.21 27.71
CA THR A 796 -6.51 -44.56 27.23
C THR A 796 -7.03 -44.75 25.80
N CYS A 797 -7.72 -43.74 25.27
CA CYS A 797 -8.32 -43.83 23.95
C CYS A 797 -7.73 -42.85 22.95
N GLY A 798 -7.10 -41.76 23.39
CA GLY A 798 -6.50 -40.81 22.47
C GLY A 798 -7.38 -39.63 22.12
N SER A 799 -8.33 -39.30 22.98
CA SER A 799 -9.22 -38.16 22.77
C SER A 799 -8.54 -36.90 23.31
N LYS A 800 -9.32 -35.84 23.54
CA LYS A 800 -8.85 -34.57 24.07
C LYS A 800 -8.09 -34.71 25.38
N GLY A 801 -6.78 -34.43 25.36
CA GLY A 801 -5.98 -34.49 26.56
C GLY A 801 -5.28 -35.82 26.79
N SER A 802 -3.98 -35.77 27.06
CA SER A 802 -3.21 -36.97 27.36
C SER A 802 -3.19 -37.18 28.87
N THR A 803 -2.32 -38.09 29.34
CA THR A 803 -2.18 -38.30 30.78
C THR A 803 -1.46 -37.17 31.47
N LEU A 804 -0.67 -36.37 30.73
CA LEU A 804 -0.10 -35.14 31.27
C LEU A 804 -1.19 -34.15 31.66
N ASN A 805 -2.23 -34.06 30.83
CA ASN A 805 -3.38 -33.21 31.12
C ASN A 805 -4.17 -33.71 32.33
N VAL A 806 -4.28 -35.02 32.50
CA VAL A 806 -4.94 -35.58 33.68
C VAL A 806 -4.12 -35.35 34.94
N SER A 807 -2.78 -35.39 34.83
CA SER A 807 -1.93 -35.05 35.96
C SER A 807 -2.06 -33.58 36.32
N GLN A 808 -2.16 -32.70 35.31
CA GLN A 808 -2.39 -31.28 35.58
C GLN A 808 -3.77 -31.02 36.16
N MET A 809 -4.76 -31.86 35.81
CA MET A 809 -6.07 -31.80 36.48
C MET A 809 -5.93 -32.14 37.96
N VAL A 810 -5.53 -33.37 38.25
CA VAL A 810 -5.69 -33.91 39.59
C VAL A 810 -4.41 -33.77 40.40
N ALA A 811 -3.32 -34.35 39.89
CA ALA A 811 -2.11 -34.56 40.69
C ALA A 811 -1.40 -33.27 41.09
N VAL A 812 -0.80 -32.58 40.12
CA VAL A 812 0.00 -31.37 40.39
C VAL A 812 0.25 -30.68 39.06
N VAL A 813 0.46 -29.37 39.08
CA VAL A 813 0.97 -28.61 37.94
C VAL A 813 2.33 -28.07 38.35
N GLY A 814 3.30 -28.17 37.44
CA GLY A 814 4.63 -27.68 37.77
C GLY A 814 5.49 -27.37 36.56
N GLN A 815 6.40 -26.40 36.73
CA GLN A 815 7.46 -26.07 35.78
C GLN A 815 6.88 -25.66 34.42
N GLN A 816 6.24 -24.50 34.42
CA GLN A 816 5.84 -23.87 33.16
C GLN A 816 7.07 -23.49 32.35
N ILE A 817 6.92 -23.52 31.03
CA ILE A 817 8.05 -23.40 30.12
C ILE A 817 7.95 -22.04 29.42
N ILE A 818 8.90 -21.17 29.72
CA ILE A 818 9.09 -19.91 28.98
C ILE A 818 10.55 -19.81 28.57
N SER A 819 10.79 -19.72 27.25
CA SER A 819 12.11 -19.56 26.63
C SER A 819 13.07 -20.69 27.01
N GLY A 820 12.54 -21.89 27.25
CA GLY A 820 13.36 -23.04 27.55
C GLY A 820 13.88 -23.11 28.98
N ASN A 821 13.45 -22.21 29.85
CA ASN A 821 13.90 -22.23 31.25
C ASN A 821 12.77 -21.68 32.12
N ARG A 822 13.11 -21.29 33.35
CA ARG A 822 12.15 -20.72 34.28
C ARG A 822 11.96 -19.23 33.98
N VAL A 823 11.15 -18.57 34.80
CA VAL A 823 10.85 -17.15 34.52
C VAL A 823 12.05 -16.29 34.90
N PRO A 824 12.34 -15.24 34.14
CA PRO A 824 13.51 -14.40 34.46
C PRO A 824 13.21 -13.36 35.53
N ASP A 825 14.17 -12.49 35.80
CA ASP A 825 13.97 -11.42 36.76
C ASP A 825 13.10 -10.33 36.16
N GLY A 826 11.90 -10.16 36.72
CA GLY A 826 11.04 -9.07 36.34
C GLY A 826 11.39 -7.80 37.08
N PHE A 827 12.12 -7.96 38.17
CA PHE A 827 12.61 -6.88 39.01
C PHE A 827 14.14 -6.86 38.99
N GLN A 828 14.71 -6.04 39.87
CA GLN A 828 16.11 -6.13 40.21
C GLN A 828 16.27 -7.21 41.27
N ASP A 829 17.03 -8.26 40.94
CA ASP A 829 17.50 -9.36 41.79
C ASP A 829 16.40 -10.35 42.17
N ARG A 830 15.12 -10.07 41.89
CA ARG A 830 14.05 -11.02 42.18
C ARG A 830 12.95 -10.83 41.15
N SER A 831 11.78 -11.44 41.41
CA SER A 831 10.68 -11.46 40.45
C SER A 831 9.45 -10.71 40.95
N LEU A 832 8.92 -11.07 42.12
CA LEU A 832 7.72 -10.50 42.69
C LEU A 832 7.98 -9.91 44.07
N PRO A 833 7.12 -8.99 44.55
CA PRO A 833 7.34 -8.47 45.91
C PRO A 833 7.04 -9.48 47.00
N HIS A 834 6.32 -10.55 46.70
CA HIS A 834 5.99 -11.55 47.71
C HIS A 834 7.12 -12.55 47.95
N PHE A 835 8.22 -12.42 47.23
CA PHE A 835 9.36 -13.30 47.33
C PHE A 835 10.56 -12.52 47.86
N PRO A 836 11.38 -13.12 48.71
CA PRO A 836 12.51 -12.38 49.29
C PRO A 836 13.60 -12.09 48.25
N LYS A 837 14.53 -11.22 48.65
CA LYS A 837 15.63 -10.86 47.77
C LYS A 837 16.61 -12.01 47.64
N ASN A 838 17.31 -12.04 46.50
CA ASN A 838 18.17 -13.14 46.07
C ASN A 838 17.39 -14.47 46.04
N SER A 839 16.31 -14.46 45.26
CA SER A 839 15.41 -15.60 45.16
C SER A 839 16.05 -16.65 44.25
N LYS A 840 16.44 -17.79 44.84
CA LYS A 840 17.02 -18.89 44.08
C LYS A 840 16.46 -20.23 44.52
N THR A 841 15.21 -20.26 44.97
CA THR A 841 14.55 -21.43 45.52
C THR A 841 13.30 -21.75 44.71
N PRO A 842 12.75 -22.96 44.83
CA PRO A 842 11.40 -23.19 44.31
C PRO A 842 10.37 -22.40 45.12
N GLN A 843 9.25 -22.11 44.45
CA GLN A 843 8.26 -21.11 44.87
C GLN A 843 8.92 -19.74 45.08
N SER A 844 9.95 -19.45 44.28
CA SER A 844 10.51 -18.11 44.17
C SER A 844 10.87 -17.71 42.76
N LYS A 845 11.07 -18.66 41.83
CA LYS A 845 11.48 -18.38 40.47
C LYS A 845 10.62 -19.10 39.46
N GLY A 846 9.34 -19.31 39.77
CA GLY A 846 8.42 -19.81 38.78
C GLY A 846 8.06 -21.29 38.84
N PHE A 847 7.78 -21.80 40.03
CA PHE A 847 7.28 -23.17 40.19
C PHE A 847 5.92 -23.14 40.85
N VAL A 848 4.87 -23.37 40.07
CA VAL A 848 3.55 -23.63 40.62
C VAL A 848 3.56 -24.97 41.33
N ARG A 849 2.82 -25.07 42.43
CA ARG A 849 2.71 -26.32 43.18
C ARG A 849 1.28 -26.79 43.39
N ASN A 850 0.27 -25.98 43.07
CA ASN A 850 -1.11 -26.33 43.29
C ASN A 850 -1.75 -26.83 42.01
N SER A 851 -2.67 -27.77 42.15
CA SER A 851 -3.44 -28.25 41.01
C SER A 851 -4.53 -27.24 40.66
N PHE A 852 -5.20 -27.49 39.53
CA PHE A 852 -6.33 -26.64 39.16
C PHE A 852 -7.55 -26.87 40.02
N PHE A 853 -7.63 -28.01 40.72
CA PHE A 853 -8.75 -28.25 41.62
C PHE A 853 -8.57 -27.53 42.96
N SER A 854 -7.35 -27.53 43.49
CA SER A 854 -7.10 -27.01 44.82
C SER A 854 -7.08 -25.49 44.89
N GLY A 855 -7.06 -24.81 43.75
CA GLY A 855 -6.96 -23.36 43.75
C GLY A 855 -5.52 -22.91 43.70
N LEU A 856 -5.19 -22.04 42.75
CA LEU A 856 -3.82 -21.62 42.52
C LEU A 856 -3.46 -20.41 43.37
N SER A 857 -2.18 -20.31 43.71
CA SER A 857 -1.67 -19.16 44.43
C SER A 857 -1.59 -17.97 43.47
N PRO A 858 -1.73 -16.75 43.98
CA PRO A 858 -1.69 -15.55 43.09
C PRO A 858 -0.34 -15.32 42.40
N PRO A 859 0.83 -15.56 43.04
CA PRO A 859 2.05 -15.60 42.22
C PRO A 859 2.06 -16.74 41.22
N GLU A 860 1.49 -17.90 41.59
CA GLU A 860 1.40 -19.02 40.66
C GLU A 860 0.43 -18.71 39.52
N PHE A 861 -0.65 -17.99 39.82
CA PHE A 861 -1.57 -17.56 38.78
C PHE A 861 -0.92 -16.55 37.83
N LEU A 862 -0.10 -15.64 38.39
CA LEU A 862 0.65 -14.71 37.55
C LEU A 862 1.66 -15.45 36.67
N PHE A 863 2.31 -16.48 37.20
CA PHE A 863 3.28 -17.26 36.44
C PHE A 863 2.61 -18.04 35.32
N HIS A 864 1.41 -18.59 35.59
CA HIS A 864 0.70 -19.30 34.54
C HIS A 864 0.17 -18.32 33.49
N ALA A 865 -0.12 -17.08 33.88
CA ALA A 865 -0.48 -16.06 32.89
C ALA A 865 0.72 -15.69 32.01
N ILE A 866 1.91 -15.62 32.61
CA ILE A 866 3.17 -15.44 31.87
C ILE A 866 3.32 -16.51 30.80
N SER A 867 3.17 -17.77 31.21
CA SER A 867 3.36 -18.89 30.29
C SER A 867 2.28 -18.91 29.20
N GLY A 868 1.04 -18.59 29.56
CA GLY A 868 -0.04 -18.60 28.58
C GLY A 868 0.11 -17.53 27.52
N ARG A 869 0.42 -16.29 27.94
CA ARG A 869 0.59 -15.21 26.96
C ARG A 869 1.83 -15.42 26.11
N GLU A 870 2.91 -15.98 26.69
CA GLU A 870 4.11 -16.26 25.92
C GLU A 870 3.85 -17.32 24.86
N GLY A 871 3.11 -18.39 25.22
CA GLY A 871 2.77 -19.40 24.24
C GLY A 871 1.84 -18.89 23.15
N LEU A 872 0.91 -17.99 23.51
CA LEU A 872 -0.03 -17.47 22.52
C LEU A 872 0.66 -16.54 21.53
N VAL A 873 1.54 -15.66 22.02
CA VAL A 873 2.22 -14.75 21.10
C VAL A 873 3.29 -15.49 20.29
N ASP A 874 3.84 -16.58 20.85
CA ASP A 874 4.77 -17.41 20.08
C ASP A 874 4.04 -18.11 18.95
N THR A 875 2.82 -18.61 19.22
CA THR A 875 1.99 -19.21 18.17
C THR A 875 1.64 -18.20 17.08
N ALA A 876 1.28 -16.97 17.47
CA ALA A 876 0.90 -15.94 16.51
C ALA A 876 2.06 -15.55 15.59
N VAL A 877 3.22 -15.23 16.18
CA VAL A 877 4.38 -14.81 15.39
C VAL A 877 4.93 -15.98 14.57
N LYS A 878 4.82 -17.21 15.09
CA LYS A 878 5.32 -18.38 14.39
C LYS A 878 4.47 -18.70 13.16
N THR A 879 3.14 -18.60 13.29
CA THR A 879 2.30 -18.76 12.10
C THR A 879 2.49 -17.61 11.12
N ALA A 880 2.75 -16.40 11.62
CA ALA A 880 2.99 -15.26 10.73
C ALA A 880 4.26 -15.42 9.91
N GLU A 881 5.28 -16.07 10.48
CA GLU A 881 6.48 -16.35 9.70
C GLU A 881 6.29 -17.57 8.80
N THR A 882 5.55 -18.57 9.28
CA THR A 882 5.42 -19.83 8.56
C THR A 882 4.57 -19.68 7.31
N GLY A 883 3.58 -18.77 7.33
CA GLY A 883 2.78 -18.53 6.12
C GLY A 883 3.58 -17.95 4.98
N TYR A 884 4.41 -16.95 5.28
CA TYR A 884 5.29 -16.38 4.27
C TYR A 884 6.38 -17.35 3.84
N MET A 885 6.86 -18.21 4.76
CA MET A 885 7.83 -19.23 4.38
C MET A 885 7.23 -20.24 3.41
N SER A 886 6.01 -20.70 3.68
CA SER A 886 5.35 -21.65 2.79
C SER A 886 4.93 -20.99 1.48
N ARG A 887 4.72 -19.67 1.48
CA ARG A 887 4.39 -19.01 0.22
C ARG A 887 5.63 -18.81 -0.65
N ARG A 888 6.74 -18.38 -0.06
CA ARG A 888 7.94 -18.18 -0.86
C ARG A 888 8.68 -19.47 -1.18
N LEU A 889 8.33 -20.57 -0.50
CA LEU A 889 8.83 -21.88 -0.90
C LEU A 889 8.16 -22.38 -2.17
N MET A 890 7.00 -21.81 -2.53
CA MET A 890 6.14 -22.41 -3.55
C MET A 890 6.61 -22.10 -4.97
N LYS A 891 6.92 -20.84 -5.25
CA LYS A 891 7.14 -20.40 -6.63
C LYS A 891 8.39 -20.98 -7.26
N SER A 892 9.36 -21.42 -6.45
CA SER A 892 10.53 -22.10 -6.99
C SER A 892 10.29 -23.57 -7.30
N LEU A 893 9.11 -24.10 -6.96
CA LEU A 893 8.85 -25.53 -7.05
C LEU A 893 7.44 -25.77 -7.57
N GLU A 894 6.81 -24.71 -8.10
CA GLU A 894 5.43 -24.81 -8.55
C GLU A 894 5.30 -25.53 -9.88
N ASP A 895 6.15 -25.21 -10.84
CA ASP A 895 6.13 -25.83 -12.16
C ASP A 895 7.17 -26.94 -12.17
N LEU A 896 6.71 -28.17 -11.91
CA LEU A 896 7.62 -29.32 -11.94
C LEU A 896 6.76 -30.54 -12.26
N SER A 897 6.74 -30.93 -13.53
CA SER A 897 5.87 -31.99 -14.01
C SER A 897 6.54 -33.36 -13.79
N CYS A 898 5.95 -34.39 -14.40
CA CYS A 898 6.59 -35.72 -14.43
C CYS A 898 6.10 -36.39 -15.72
N GLN A 899 6.93 -36.33 -16.76
CA GLN A 899 6.54 -36.79 -18.08
C GLN A 899 6.53 -38.32 -18.15
N TYR A 900 6.17 -38.85 -19.32
CA TYR A 900 6.00 -40.29 -19.50
C TYR A 900 7.31 -41.03 -19.74
N ASP A 901 8.46 -40.36 -19.62
CA ASP A 901 9.76 -41.02 -19.63
C ASP A 901 10.20 -41.45 -18.24
N ASN A 902 9.28 -41.43 -17.26
CA ASN A 902 9.56 -41.69 -15.84
C ASN A 902 10.62 -40.76 -15.28
N THR A 903 10.62 -39.52 -15.76
CA THR A 903 11.54 -38.47 -15.32
C THR A 903 10.73 -37.30 -14.77
N VAL A 904 11.40 -36.44 -14.02
CA VAL A 904 10.80 -35.22 -13.49
C VAL A 904 11.45 -34.03 -14.19
N ARG A 905 10.63 -33.11 -14.71
CA ARG A 905 11.10 -32.09 -15.63
C ARG A 905 10.60 -30.72 -15.22
N THR A 906 11.37 -29.70 -15.59
CA THR A 906 11.10 -28.31 -15.23
C THR A 906 10.28 -27.62 -16.32
N SER A 907 10.21 -26.29 -16.25
CA SER A 907 9.43 -25.49 -17.19
C SER A 907 10.10 -25.39 -18.56
N ALA A 908 11.43 -25.29 -18.58
CA ALA A 908 12.18 -25.13 -19.82
C ALA A 908 12.53 -26.46 -20.46
N ASN A 909 11.76 -27.52 -20.17
CA ASN A 909 11.98 -28.91 -20.59
C ASN A 909 13.37 -29.40 -20.16
N GLY A 910 13.84 -28.91 -19.01
CA GLY A 910 15.04 -29.40 -18.40
C GLY A 910 14.76 -30.65 -17.60
N ILE A 911 15.74 -31.02 -16.76
CA ILE A 911 15.60 -32.23 -15.96
C ILE A 911 16.43 -32.05 -14.69
N VAL A 912 15.91 -32.58 -13.58
CA VAL A 912 16.59 -32.46 -12.30
C VAL A 912 16.88 -33.81 -11.65
N GLN A 913 16.15 -34.87 -12.00
CA GLN A 913 16.33 -36.18 -11.40
C GLN A 913 15.77 -37.21 -12.37
N PHE A 914 16.51 -38.28 -12.62
CA PHE A 914 16.17 -39.16 -13.73
C PHE A 914 15.06 -40.15 -13.39
N THR A 915 14.88 -40.48 -12.11
CA THR A 915 13.69 -41.18 -11.67
C THR A 915 13.37 -40.69 -10.26
N TYR A 916 12.08 -40.55 -9.97
CA TYR A 916 11.67 -39.86 -8.75
C TYR A 916 11.94 -40.73 -7.52
N GLY A 917 12.78 -40.22 -6.62
CA GLY A 917 13.12 -40.93 -5.41
C GLY A 917 14.03 -42.12 -5.60
N GLY A 918 14.57 -42.32 -6.80
CA GLY A 918 15.39 -43.47 -7.11
C GLY A 918 14.61 -44.68 -7.58
N ASP A 919 13.39 -44.85 -7.09
CA ASP A 919 12.55 -45.97 -7.49
C ASP A 919 11.61 -45.59 -8.63
N GLY A 920 11.00 -44.41 -8.54
CA GLY A 920 9.98 -44.00 -9.46
C GLY A 920 8.56 -44.24 -8.99
N LEU A 921 8.37 -44.49 -7.70
CA LEU A 921 7.07 -44.86 -7.16
C LEU A 921 6.36 -43.65 -6.57
N ASP A 922 5.07 -43.81 -6.34
CA ASP A 922 4.24 -42.76 -5.78
C ASP A 922 4.49 -42.66 -4.28
N PRO A 923 4.91 -41.49 -3.76
CA PRO A 923 5.07 -41.35 -2.31
C PRO A 923 3.76 -41.23 -1.55
N LEU A 924 2.62 -41.06 -2.25
CA LEU A 924 1.34 -40.97 -1.57
C LEU A 924 0.82 -42.37 -1.21
N GLU A 925 0.66 -43.23 -2.21
CA GLU A 925 0.09 -44.56 -2.02
C GLU A 925 1.15 -45.62 -1.74
N MET A 926 2.01 -45.33 -0.75
CA MET A 926 3.04 -46.26 -0.31
C MET A 926 2.61 -46.89 1.00
N GLU A 927 2.77 -48.21 1.12
CA GLU A 927 2.23 -48.94 2.25
C GLU A 927 3.05 -48.74 3.52
N GLY A 928 4.32 -49.16 3.49
CA GLY A 928 5.18 -49.10 4.64
C GLY A 928 6.33 -48.12 4.47
N ASN A 929 7.31 -48.25 5.36
CA ASN A 929 8.50 -47.40 5.34
C ASN A 929 9.40 -47.81 4.17
N ALA A 930 9.17 -47.18 3.00
CA ALA A 930 9.89 -47.46 1.75
C ALA A 930 9.81 -48.95 1.37
N GLN A 931 8.64 -49.54 1.57
CA GLN A 931 8.41 -50.95 1.32
C GLN A 931 6.92 -51.17 1.11
N PRO A 932 6.43 -51.05 -0.15
CA PRO A 932 4.98 -51.01 -0.40
C PRO A 932 4.26 -52.38 -0.39
N VAL A 933 4.59 -53.20 0.61
CA VAL A 933 3.93 -54.50 0.75
C VAL A 933 3.34 -54.63 2.14
N ASN A 934 4.13 -54.32 3.17
CA ASN A 934 3.87 -54.66 4.58
C ASN A 934 3.69 -56.18 4.71
N PHE A 935 4.83 -56.87 4.53
CA PHE A 935 4.89 -58.32 4.39
C PHE A 935 4.26 -59.05 5.57
N ASN A 936 4.45 -58.54 6.79
CA ASN A 936 3.92 -59.21 7.98
C ASN A 936 2.39 -59.17 8.03
N ARG A 937 1.79 -58.14 7.42
CA ARG A 937 0.35 -58.12 7.23
C ARG A 937 -0.06 -58.77 5.92
N SER A 938 0.73 -58.60 4.85
CA SER A 938 0.35 -59.08 3.54
C SER A 938 0.40 -60.60 3.42
N TRP A 939 1.22 -61.27 4.24
CA TRP A 939 1.22 -62.72 4.22
C TRP A 939 -0.02 -63.27 4.94
N ASP A 940 -0.43 -62.61 6.02
CA ASP A 940 -1.64 -63.01 6.72
C ASP A 940 -2.90 -62.59 6.00
N HIS A 941 -2.80 -61.64 5.05
CA HIS A 941 -3.97 -61.27 4.27
C HIS A 941 -4.33 -62.34 3.25
N ALA A 942 -3.32 -62.94 2.61
CA ALA A 942 -3.55 -64.02 1.67
C ALA A 942 -3.68 -65.38 2.34
N TYR A 943 -3.70 -65.42 3.67
CA TYR A 943 -3.80 -66.69 4.37
C TYR A 943 -5.23 -67.21 4.38
N ASN A 944 -6.18 -66.41 4.84
CA ASN A 944 -7.56 -66.85 5.01
C ASN A 944 -8.53 -66.20 4.03
N ILE A 945 -8.11 -66.06 2.78
CA ILE A 945 -9.03 -65.85 1.67
C ILE A 945 -9.25 -67.15 0.92
N THR A 946 -8.16 -67.86 0.61
CA THR A 946 -8.21 -69.19 0.02
C THR A 946 -8.07 -70.29 1.07
N PHE A 947 -8.58 -70.04 2.28
CA PHE A 947 -8.43 -70.96 3.40
C PHE A 947 -9.27 -72.22 3.17
N ASN A 948 -8.62 -73.38 3.17
CA ASN A 948 -9.30 -74.65 2.97
C ASN A 948 -8.46 -75.75 3.58
N ASN A 949 -9.14 -76.74 4.14
CA ASN A 949 -8.51 -77.94 4.68
C ASN A 949 -8.46 -78.99 3.57
N GLN A 950 -8.19 -80.26 3.95
CA GLN A 950 -8.12 -81.46 3.09
C GLN A 950 -7.26 -81.24 1.83
N ASP A 951 -6.16 -80.50 1.99
CA ASP A 951 -5.29 -80.15 0.88
C ASP A 951 -3.96 -80.88 0.88
N LYS A 952 -3.36 -81.10 2.06
CA LYS A 952 -1.98 -81.56 2.23
C LYS A 952 -1.01 -80.69 1.43
N GLY A 953 -0.94 -79.43 1.87
CA GLY A 953 -0.50 -78.30 1.06
C GLY A 953 0.87 -78.35 0.40
N LEU A 954 1.95 -78.18 1.16
CA LEU A 954 3.25 -77.97 0.53
C LEU A 954 4.37 -78.49 1.41
N LEU A 955 5.47 -78.84 0.74
CA LEU A 955 6.77 -79.09 1.36
C LEU A 955 7.50 -77.76 1.51
N PRO A 956 8.50 -77.67 2.41
CA PRO A 956 9.19 -76.37 2.57
C PRO A 956 10.06 -75.97 1.39
N TYR A 957 10.56 -76.92 0.58
CA TYR A 957 11.26 -76.54 -0.63
C TYR A 957 10.31 -76.23 -1.77
N ALA A 958 9.06 -76.70 -1.68
CA ALA A 958 8.07 -76.42 -2.71
C ALA A 958 7.72 -74.94 -2.75
N ILE A 959 7.74 -74.28 -1.58
CA ILE A 959 7.49 -72.84 -1.51
C ILE A 959 8.59 -72.08 -2.23
N MET A 960 9.83 -72.51 -2.03
CA MET A 960 10.98 -71.84 -2.65
C MET A 960 11.00 -72.04 -4.16
N GLU A 961 10.70 -73.26 -4.63
CA GLU A 961 10.69 -73.47 -6.07
C GLU A 961 9.48 -72.83 -6.73
N THR A 962 8.34 -72.71 -6.02
CA THR A 962 7.20 -72.00 -6.57
C THR A 962 7.48 -70.50 -6.66
N ALA A 963 8.13 -69.94 -5.64
CA ALA A 963 8.52 -68.53 -5.69
C ALA A 963 9.54 -68.27 -6.79
N ASN A 964 10.47 -69.20 -7.01
CA ASN A 964 11.43 -69.04 -8.09
C ASN A 964 10.76 -69.17 -9.45
N GLU A 965 9.77 -70.06 -9.57
CA GLU A 965 9.03 -70.21 -10.83
C GLU A 965 8.19 -68.98 -11.13
N ILE A 966 7.69 -68.30 -10.10
CA ILE A 966 6.92 -67.09 -10.33
C ILE A 966 7.83 -65.91 -10.64
N LEU A 967 8.94 -65.75 -9.90
CA LEU A 967 9.82 -64.61 -10.08
C LEU A 967 10.95 -64.86 -11.08
N GLY A 968 10.91 -65.95 -11.84
CA GLY A 968 11.85 -66.15 -12.91
C GLY A 968 11.55 -65.40 -14.20
N PRO A 969 10.45 -65.73 -14.89
CA PRO A 969 10.16 -65.07 -16.17
C PRO A 969 9.66 -63.64 -16.03
N LEU A 970 9.41 -63.16 -14.82
CA LEU A 970 9.03 -61.78 -14.60
C LEU A 970 10.21 -60.92 -14.17
N GLU A 971 11.36 -61.53 -13.89
CA GLU A 971 12.58 -60.81 -13.58
C GLU A 971 13.63 -60.92 -14.68
N GLU A 972 13.59 -61.98 -15.49
CA GLU A 972 14.62 -62.16 -16.52
C GLU A 972 14.47 -61.20 -17.70
N ARG A 973 13.38 -60.44 -17.78
CA ARG A 973 13.20 -59.46 -18.85
C ARG A 973 13.78 -58.09 -18.48
N LEU A 974 14.63 -58.03 -17.46
CA LEU A 974 15.29 -56.78 -17.07
C LEU A 974 16.80 -56.97 -17.08
N VAL A 975 17.34 -57.49 -18.18
CA VAL A 975 18.78 -57.70 -18.29
C VAL A 975 19.50 -56.36 -18.33
N ARG A 976 20.71 -56.35 -17.78
CA ARG A 976 21.45 -55.10 -17.65
C ARG A 976 22.12 -54.75 -18.96
N TYR A 977 21.97 -53.49 -19.38
CA TYR A 977 22.73 -52.95 -20.49
C TYR A 977 23.94 -52.20 -19.94
N ASP A 978 25.06 -52.34 -20.63
CA ASP A 978 26.30 -51.70 -20.18
C ASP A 978 26.29 -50.23 -20.59
N ASN A 979 27.44 -49.56 -20.42
CA ASN A 979 27.57 -48.17 -20.84
C ASN A 979 27.58 -48.03 -22.36
N SER A 980 27.91 -49.08 -23.10
CA SER A 980 27.73 -49.11 -24.54
C SER A 980 26.28 -49.36 -24.91
N GLY A 981 25.59 -50.26 -24.20
CA GLY A 981 24.16 -50.40 -24.35
C GLY A 981 23.68 -51.63 -25.10
N CYS A 982 24.49 -52.68 -25.16
CA CYS A 982 24.09 -53.90 -25.84
C CYS A 982 23.79 -55.04 -24.88
N LEU A 983 24.77 -55.47 -24.08
CA LEU A 983 24.59 -56.60 -23.18
C LEU A 983 25.51 -56.44 -21.98
N VAL A 984 25.49 -57.44 -21.10
CA VAL A 984 26.40 -57.51 -19.96
C VAL A 984 26.75 -58.98 -19.76
N LYS A 985 27.89 -59.21 -19.12
CA LYS A 985 28.32 -60.57 -18.80
C LYS A 985 27.93 -60.94 -17.38
N ARG A 986 28.15 -62.21 -17.04
CA ARG A 986 27.80 -62.69 -15.70
C ARG A 986 28.80 -62.20 -14.66
N GLU A 987 30.07 -62.02 -15.05
CA GLU A 987 31.11 -61.67 -14.10
C GLU A 987 30.97 -60.22 -13.64
N ASP A 988 30.54 -59.33 -14.54
CA ASP A 988 30.39 -57.92 -14.22
C ASP A 988 28.93 -57.55 -13.97
N LEU A 989 28.18 -58.45 -13.33
CA LEU A 989 26.77 -58.21 -13.09
C LEU A 989 26.55 -57.22 -11.96
N ASN A 990 27.31 -57.35 -10.88
CA ASN A 990 27.21 -56.46 -9.73
C ASN A 990 28.48 -55.61 -9.71
N LYS A 991 28.43 -54.49 -10.42
CA LYS A 991 29.54 -53.54 -10.45
C LYS A 991 28.95 -52.14 -10.34
N ALA A 992 29.70 -51.24 -9.70
CA ALA A 992 29.21 -49.90 -9.42
C ALA A 992 29.00 -49.07 -10.67
N GLU A 993 29.82 -49.26 -11.70
CA GLU A 993 29.65 -48.49 -12.93
C GLU A 993 28.55 -49.03 -13.83
N TYR A 994 28.01 -50.21 -13.52
CA TYR A 994 26.98 -50.85 -14.35
C TYR A 994 25.63 -50.85 -13.65
N VAL A 995 25.39 -49.91 -12.75
CA VAL A 995 24.13 -49.83 -12.03
C VAL A 995 23.09 -49.18 -12.94
N ASP A 996 22.04 -49.92 -13.27
CA ASP A 996 20.99 -49.43 -14.14
C ASP A 996 20.04 -48.50 -13.39
N GLN A 997 19.08 -47.96 -14.13
CA GLN A 997 17.99 -47.18 -13.53
C GLN A 997 16.88 -48.06 -13.00
N TYR A 998 16.91 -49.37 -13.25
CA TYR A 998 15.89 -50.30 -12.78
C TYR A 998 16.38 -51.11 -11.59
N ASP A 999 17.15 -50.49 -10.70
CA ASP A 999 17.59 -51.18 -9.49
C ASP A 999 16.45 -51.38 -8.49
N ALA A 1000 15.38 -50.60 -8.62
CA ALA A 1000 14.23 -50.72 -7.74
C ALA A 1000 13.54 -52.08 -7.89
N GLU A 1001 13.35 -52.51 -9.13
CA GLU A 1001 12.68 -53.79 -9.39
C GLU A 1001 13.51 -54.96 -8.89
N ARG A 1002 14.82 -54.93 -9.14
CA ARG A 1002 15.69 -56.02 -8.70
C ARG A 1002 15.80 -56.07 -7.18
N ASP A 1003 15.93 -54.90 -6.53
CA ASP A 1003 16.01 -54.86 -5.08
C ASP A 1003 14.69 -55.31 -4.44
N PHE A 1004 13.57 -54.94 -5.05
CA PHE A 1004 12.26 -55.38 -4.59
C PHE A 1004 12.10 -56.89 -4.74
N TYR A 1005 12.59 -57.46 -5.84
CA TYR A 1005 12.43 -58.90 -6.06
C TYR A 1005 13.36 -59.70 -5.16
N HIS A 1006 14.56 -59.18 -4.89
CA HIS A 1006 15.43 -59.81 -3.90
C HIS A 1006 14.83 -59.77 -2.51
N SER A 1007 14.22 -58.64 -2.13
CA SER A 1007 13.57 -58.55 -0.81
C SER A 1007 12.35 -59.47 -0.73
N LEU A 1008 11.61 -59.61 -1.83
CA LEU A 1008 10.45 -60.48 -1.87
C LEU A 1008 10.84 -61.95 -1.73
N ARG A 1009 11.83 -62.38 -2.52
CA ARG A 1009 12.29 -63.77 -2.43
C ARG A 1009 13.00 -64.04 -1.10
N GLU A 1010 13.63 -63.03 -0.51
CA GLU A 1010 14.23 -63.21 0.80
C GLU A 1010 13.17 -63.34 1.89
N TYR A 1011 12.05 -62.62 1.76
CA TYR A 1011 10.96 -62.80 2.73
C TYR A 1011 10.30 -64.16 2.58
N ILE A 1012 10.16 -64.65 1.34
CA ILE A 1012 9.59 -65.99 1.14
C ILE A 1012 10.54 -67.06 1.69
N ASN A 1013 11.85 -66.85 1.51
CA ASN A 1013 12.84 -67.76 2.10
C ASN A 1013 12.81 -67.70 3.62
N GLY A 1014 12.54 -66.51 4.20
CA GLY A 1014 12.43 -66.41 5.64
C GLY A 1014 11.17 -67.06 6.18
N LYS A 1015 10.08 -67.02 5.42
CA LYS A 1015 8.88 -67.74 5.84
C LYS A 1015 9.02 -69.25 5.64
N ALA A 1016 9.89 -69.67 4.71
CA ALA A 1016 10.10 -71.09 4.50
C ALA A 1016 11.08 -71.70 5.51
N THR A 1017 12.10 -70.94 5.93
CA THR A 1017 13.09 -71.49 6.84
C THR A 1017 12.57 -71.69 8.25
N ALA A 1018 11.49 -70.98 8.64
CA ALA A 1018 10.88 -71.26 9.93
C ALA A 1018 10.19 -72.61 9.93
N LEU A 1019 9.50 -72.95 8.84
CA LEU A 1019 8.95 -74.29 8.68
C LEU A 1019 10.05 -75.33 8.57
N ALA A 1020 11.16 -74.97 7.92
CA ALA A 1020 12.29 -75.89 7.79
C ALA A 1020 12.94 -76.17 9.15
N ASN A 1021 12.94 -75.18 10.05
CA ASN A 1021 13.43 -75.42 11.40
C ASN A 1021 12.42 -76.17 12.26
N LEU A 1022 11.12 -75.92 12.06
CA LEU A 1022 10.09 -76.60 12.85
C LEU A 1022 10.03 -78.08 12.49
N ARG A 1023 10.26 -78.42 11.22
CA ARG A 1023 10.23 -79.82 10.81
C ARG A 1023 11.41 -80.59 11.39
N LYS A 1024 12.61 -79.99 11.40
CA LYS A 1024 13.76 -80.69 11.96
C LYS A 1024 13.72 -80.69 13.49
N SER A 1025 13.04 -79.72 14.10
CA SER A 1025 12.91 -79.73 15.56
C SER A 1025 11.86 -80.72 16.02
N ARG A 1026 10.81 -80.95 15.22
CA ARG A 1026 9.76 -81.87 15.65
C ARG A 1026 10.14 -83.33 15.43
N GLY A 1027 10.79 -83.65 14.33
CA GLY A 1027 11.13 -85.02 14.01
C GLY A 1027 10.86 -85.35 12.56
N MET A 1028 10.37 -84.36 11.83
CA MET A 1028 10.10 -84.47 10.41
C MET A 1028 11.42 -84.27 9.65
N LEU A 1029 11.43 -84.56 8.35
CA LEU A 1029 12.63 -84.41 7.53
C LEU A 1029 12.61 -83.00 6.95
N GLY A 1030 13.30 -82.07 7.62
CA GLY A 1030 13.35 -80.70 7.16
C GLY A 1030 14.42 -80.54 6.09
N LEU A 1031 14.05 -79.86 5.00
CA LEU A 1031 14.93 -79.69 3.86
C LEU A 1031 14.50 -78.47 3.06
N LEU A 1032 15.45 -77.78 2.46
CA LEU A 1032 15.16 -76.70 1.53
C LEU A 1032 15.92 -76.84 0.22
N GLU A 1033 17.16 -77.29 0.27
CA GLU A 1033 18.00 -77.42 -0.92
C GLU A 1033 17.76 -78.68 -1.78
N PRO A 1034 17.65 -79.91 -1.26
CA PRO A 1034 17.54 -81.07 -2.17
C PRO A 1034 16.18 -81.13 -2.85
N PRO A 1035 16.15 -81.28 -4.17
CA PRO A 1035 14.88 -81.49 -4.87
C PRO A 1035 14.46 -82.95 -4.82
N ALA A 1036 13.39 -83.29 -5.54
CA ALA A 1036 12.90 -84.67 -5.54
C ALA A 1036 12.72 -85.20 -6.96
N LYS A 1037 13.73 -85.03 -7.80
CA LYS A 1037 13.65 -85.51 -9.19
C LYS A 1037 13.86 -87.02 -9.21
N GLU A 1038 12.80 -87.75 -9.57
CA GLU A 1038 12.76 -89.22 -9.61
C GLU A 1038 13.10 -89.86 -8.27
N LEU A 1039 12.72 -89.19 -7.18
CA LEU A 1039 12.80 -89.77 -5.84
C LEU A 1039 11.46 -90.43 -5.50
N GLN A 1040 11.26 -90.76 -4.22
CA GLN A 1040 10.02 -91.39 -3.78
C GLN A 1040 8.87 -90.40 -3.77
N GLY A 1041 7.68 -90.91 -3.46
CA GLY A 1041 6.49 -90.06 -3.44
C GLY A 1041 6.50 -89.06 -2.30
N ILE A 1042 6.69 -89.56 -1.08
CA ILE A 1042 6.86 -88.70 0.08
C ILE A 1042 8.34 -88.72 0.44
N ASP A 1043 8.79 -87.65 1.12
CA ASP A 1043 10.21 -87.54 1.43
C ASP A 1043 10.67 -88.48 2.54
N PRO A 1044 10.09 -88.51 3.75
CA PRO A 1044 10.69 -89.35 4.80
C PRO A 1044 10.31 -90.82 4.74
N ASP A 1045 9.72 -91.28 3.64
CA ASP A 1045 9.28 -92.66 3.42
C ASP A 1045 8.28 -93.11 4.48
N GLU A 1046 7.27 -92.27 4.74
CA GLU A 1046 6.11 -92.43 5.63
C GLU A 1046 6.42 -93.09 6.98
N THR A 1047 7.53 -92.69 7.60
CA THR A 1047 7.91 -93.28 8.89
C THR A 1047 7.02 -92.80 10.02
N VAL A 1048 6.69 -91.51 10.04
CA VAL A 1048 5.81 -90.97 11.08
C VAL A 1048 4.61 -90.21 10.50
N PRO A 1049 3.58 -90.89 9.97
CA PRO A 1049 2.44 -90.15 9.43
C PRO A 1049 1.29 -90.02 10.43
N ASP A 1050 1.41 -90.69 11.58
CA ASP A 1050 0.25 -90.86 12.45
C ASP A 1050 -0.08 -89.60 13.26
N ASN A 1051 0.92 -88.99 13.88
CA ASN A 1051 0.67 -87.80 14.68
C ASN A 1051 1.65 -86.67 14.35
N VAL A 1052 2.83 -87.03 13.85
CA VAL A 1052 3.86 -86.04 13.56
C VAL A 1052 3.47 -85.19 12.36
N LYS A 1053 3.08 -85.84 11.27
CA LYS A 1053 2.63 -85.11 10.07
C LYS A 1053 1.34 -84.36 10.34
N THR A 1054 0.46 -84.92 11.18
CA THR A 1054 -0.77 -84.23 11.56
C THR A 1054 -0.48 -82.97 12.36
N SER A 1055 0.45 -83.04 13.32
CA SER A 1055 0.81 -81.87 14.11
C SER A 1055 1.55 -80.83 13.29
N VAL A 1056 2.38 -81.25 12.33
CA VAL A 1056 3.08 -80.29 11.48
C VAL A 1056 2.11 -79.59 10.53
N SER A 1057 1.22 -80.36 9.88
CA SER A 1057 0.24 -79.76 8.97
C SER A 1057 -0.85 -78.99 9.69
N GLN A 1058 -1.04 -79.24 10.99
CA GLN A 1058 -1.98 -78.44 11.77
C GLN A 1058 -1.31 -77.19 12.34
N LEU A 1059 0.01 -77.24 12.54
CA LEU A 1059 0.72 -76.08 13.04
C LEU A 1059 0.95 -75.05 11.93
N TYR A 1060 1.67 -75.45 10.88
CA TYR A 1060 1.89 -74.62 9.70
C TYR A 1060 1.28 -75.31 8.48
N ARG A 1061 0.54 -74.55 7.68
CA ARG A 1061 -0.12 -75.12 6.50
C ARG A 1061 -0.20 -74.06 5.42
N ILE A 1062 0.53 -74.26 4.33
CA ILE A 1062 0.50 -73.37 3.17
C ILE A 1062 0.09 -74.25 1.99
N SER A 1063 -1.01 -73.88 1.33
CA SER A 1063 -1.71 -74.76 0.41
C SER A 1063 -1.55 -74.38 -1.06
N GLU A 1064 -0.46 -73.66 -1.41
CA GLU A 1064 0.00 -73.35 -2.77
C GLU A 1064 -0.89 -72.33 -3.48
N LYS A 1065 -2.06 -72.05 -2.93
CA LYS A 1065 -2.85 -70.92 -3.39
C LYS A 1065 -2.54 -69.66 -2.61
N SER A 1066 -2.02 -69.81 -1.39
CA SER A 1066 -1.62 -68.66 -0.60
C SER A 1066 -0.36 -68.01 -1.18
N VAL A 1067 0.55 -68.82 -1.73
CA VAL A 1067 1.76 -68.27 -2.34
C VAL A 1067 1.42 -67.52 -3.63
N ARG A 1068 0.56 -68.11 -4.47
CA ARG A 1068 0.11 -67.46 -5.69
C ARG A 1068 -0.70 -66.20 -5.40
N LYS A 1069 -1.56 -66.24 -4.38
CA LYS A 1069 -2.33 -65.05 -3.99
C LYS A 1069 -1.44 -63.98 -3.39
N PHE A 1070 -0.42 -64.35 -2.62
CA PHE A 1070 0.51 -63.37 -2.06
C PHE A 1070 1.33 -62.70 -3.15
N LEU A 1071 1.83 -63.48 -4.11
CA LEU A 1071 2.61 -62.90 -5.19
C LEU A 1071 1.74 -62.27 -6.27
N GLU A 1072 0.42 -62.43 -6.21
CA GLU A 1072 -0.47 -61.60 -7.00
C GLU A 1072 -0.74 -60.27 -6.31
N ILE A 1073 -1.06 -60.30 -5.01
CA ILE A 1073 -1.46 -59.09 -4.29
C ILE A 1073 -0.27 -58.16 -4.09
N ALA A 1074 0.91 -58.70 -3.75
CA ALA A 1074 2.08 -57.84 -3.52
C ALA A 1074 2.55 -57.19 -4.81
N LEU A 1075 2.55 -57.93 -5.92
CA LEU A 1075 2.93 -57.34 -7.21
C LEU A 1075 1.86 -56.38 -7.73
N PHE A 1076 0.59 -56.64 -7.44
CA PHE A 1076 -0.45 -55.70 -7.87
C PHE A 1076 -0.42 -54.43 -7.05
N LYS A 1077 0.02 -54.50 -5.79
CA LYS A 1077 0.22 -53.31 -4.99
C LYS A 1077 1.54 -52.61 -5.27
N TYR A 1078 2.50 -53.32 -5.87
CA TYR A 1078 3.76 -52.67 -6.25
C TYR A 1078 3.70 -52.00 -7.61
N ARG A 1079 3.04 -52.61 -8.60
CA ARG A 1079 2.94 -51.97 -9.92
C ARG A 1079 1.98 -50.80 -9.89
N LYS A 1080 1.00 -50.81 -8.99
CA LYS A 1080 0.10 -49.68 -8.84
C LYS A 1080 0.76 -48.54 -8.08
N ALA A 1081 1.69 -48.84 -7.17
CA ALA A 1081 2.36 -47.82 -6.38
C ALA A 1081 3.41 -47.05 -7.16
N ARG A 1082 3.70 -47.45 -8.39
CA ARG A 1082 4.58 -46.66 -9.26
C ARG A 1082 3.90 -45.34 -9.58
N LEU A 1083 4.71 -44.27 -9.61
CA LEU A 1083 4.18 -42.92 -9.77
C LEU A 1083 3.61 -42.73 -11.17
N GLU A 1084 2.32 -42.41 -11.23
CA GLU A 1084 1.64 -42.19 -12.49
C GLU A 1084 2.12 -40.89 -13.10
N PRO A 1085 2.61 -40.91 -14.34
CA PRO A 1085 3.21 -39.70 -14.92
C PRO A 1085 2.17 -38.63 -15.24
N GLY A 1086 2.64 -37.39 -15.30
CA GLY A 1086 1.77 -36.25 -15.48
C GLY A 1086 1.30 -35.59 -14.21
N THR A 1087 2.02 -35.78 -13.11
CA THR A 1087 1.62 -35.28 -11.81
C THR A 1087 2.59 -34.19 -11.35
N ALA A 1088 2.05 -33.09 -10.82
CA ALA A 1088 2.87 -32.01 -10.28
C ALA A 1088 3.47 -32.47 -8.96
N ILE A 1089 4.59 -33.19 -9.07
CA ILE A 1089 5.26 -33.71 -7.89
C ILE A 1089 5.94 -32.58 -7.12
N GLY A 1090 6.41 -31.55 -7.81
CA GLY A 1090 6.98 -30.40 -7.14
C GLY A 1090 5.95 -29.63 -6.32
N ALA A 1091 4.72 -29.54 -6.84
CA ALA A 1091 3.67 -28.85 -6.10
C ALA A 1091 3.25 -29.63 -4.86
N ILE A 1092 3.15 -30.96 -4.99
CA ILE A 1092 2.82 -31.81 -3.84
C ILE A 1092 3.92 -31.76 -2.79
N GLY A 1093 5.17 -31.78 -3.23
CA GLY A 1093 6.28 -31.70 -2.29
C GLY A 1093 6.40 -30.35 -1.61
N ALA A 1094 6.08 -29.27 -2.35
CA ALA A 1094 6.15 -27.95 -1.74
C ALA A 1094 4.99 -27.69 -0.80
N GLN A 1095 3.83 -28.30 -1.06
CA GLN A 1095 2.76 -28.26 -0.06
C GLN A 1095 3.08 -29.16 1.13
N SER A 1096 3.90 -30.20 0.93
CA SER A 1096 4.24 -31.08 2.02
C SER A 1096 5.27 -30.45 2.96
N ILE A 1097 6.25 -29.73 2.41
CA ILE A 1097 7.27 -29.10 3.25
C ILE A 1097 6.70 -27.89 3.98
N GLY A 1098 5.87 -27.11 3.31
CA GLY A 1098 5.27 -25.93 3.92
C GLY A 1098 4.15 -26.20 4.90
N GLU A 1099 3.69 -27.46 5.00
CA GLU A 1099 2.59 -27.76 5.91
C GLU A 1099 2.95 -27.74 7.38
N PRO A 1100 3.96 -28.52 7.91
CA PRO A 1100 4.07 -28.63 9.38
C PRO A 1100 4.51 -27.35 10.08
N GLY A 1101 3.56 -26.43 10.22
CA GLY A 1101 3.80 -25.18 10.91
C GLY A 1101 3.41 -25.26 12.38
N THR A 1102 3.82 -26.33 13.05
CA THR A 1102 3.64 -26.46 14.48
C THR A 1102 4.85 -25.93 15.23
N GLN A 1103 6.02 -26.56 15.02
CA GLN A 1103 7.34 -26.05 15.41
C GLN A 1103 7.43 -25.77 16.92
N MET A 1104 7.42 -26.86 17.68
CA MET A 1104 7.42 -26.77 19.14
C MET A 1104 8.64 -26.04 19.68
N THR A 1105 9.80 -26.18 19.02
CA THR A 1105 11.06 -25.50 19.34
C THR A 1105 11.50 -25.73 20.78
N LEU A 1106 11.74 -26.99 21.13
CA LEU A 1106 12.24 -27.32 22.45
C LEU A 1106 13.71 -26.93 22.57
N LYS A 1107 13.98 -25.89 23.36
CA LYS A 1107 15.32 -25.34 23.51
C LYS A 1107 16.06 -25.95 24.70
N THR A 1108 15.64 -27.14 25.13
CA THR A 1108 16.30 -27.85 26.22
C THR A 1108 17.35 -28.80 25.64
N PHE A 1109 18.55 -28.74 26.20
CA PHE A 1109 19.72 -29.56 25.80
C PHE A 1109 20.07 -29.42 24.32
N SER A 1116 24.46 -31.45 23.55
CA SER A 1116 24.62 -30.48 22.48
C SER A 1116 24.01 -29.14 22.88
N MET A 1117 24.85 -28.24 23.39
CA MET A 1117 24.39 -26.94 23.83
C MET A 1117 24.45 -25.93 22.70
N ASN A 1118 23.48 -25.00 22.69
CA ASN A 1118 23.39 -23.86 21.77
C ASN A 1118 23.29 -24.33 20.32
N VAL A 1119 22.26 -25.11 20.04
CA VAL A 1119 21.97 -25.59 18.70
C VAL A 1119 20.51 -25.23 18.37
N THR A 1120 20.28 -24.80 17.14
CA THR A 1120 18.97 -24.37 16.68
C THR A 1120 18.27 -25.50 15.93
N LEU A 1121 16.98 -25.67 16.20
CA LEU A 1121 16.20 -26.76 15.61
C LEU A 1121 14.88 -26.33 14.99
N GLY A 1122 14.36 -25.15 15.32
CA GLY A 1122 13.03 -24.75 14.89
C GLY A 1122 12.94 -24.28 13.46
N VAL A 1123 11.93 -23.47 13.19
CA VAL A 1123 11.69 -22.91 11.85
C VAL A 1123 12.78 -21.94 11.35
N PRO A 1124 13.59 -21.22 12.16
CA PRO A 1124 14.74 -20.54 11.54
C PRO A 1124 15.79 -21.48 10.96
N ARG A 1125 15.88 -22.71 11.44
CA ARG A 1125 16.85 -23.66 10.87
C ARG A 1125 16.43 -24.07 9.46
N ILE A 1126 15.17 -24.48 9.28
CA ILE A 1126 14.68 -24.83 7.95
C ILE A 1126 14.53 -23.59 7.07
N LYS A 1127 14.39 -22.40 7.67
CA LYS A 1127 14.42 -21.17 6.90
C LYS A 1127 15.81 -20.86 6.38
N GLU A 1128 16.84 -21.16 7.17
CA GLU A 1128 18.21 -20.79 6.85
C GLU A 1128 18.91 -21.82 5.98
N ILE A 1129 18.48 -23.07 6.01
CA ILE A 1129 19.02 -24.07 5.09
C ILE A 1129 18.53 -23.79 3.66
N ILE A 1130 17.24 -23.49 3.51
CA ILE A 1130 16.62 -23.51 2.19
C ILE A 1130 17.04 -22.31 1.34
N ASN A 1131 17.50 -21.22 1.94
CA ASN A 1131 17.95 -20.07 1.15
C ASN A 1131 19.47 -20.01 1.00
N ALA A 1132 20.21 -20.91 1.66
CA ALA A 1132 21.67 -21.05 1.56
C ALA A 1132 22.38 -19.75 1.94
N SER A 1133 22.23 -19.38 3.21
CA SER A 1133 22.78 -18.11 3.69
C SER A 1133 24.30 -18.19 3.80
N LYS A 1134 24.95 -17.06 3.53
CA LYS A 1134 26.41 -17.01 3.57
C LYS A 1134 26.95 -17.05 4.99
N VAL A 1135 26.20 -16.50 5.94
CA VAL A 1135 26.54 -16.56 7.35
C VAL A 1135 25.47 -17.39 8.05
N ILE A 1136 25.80 -17.86 9.26
CA ILE A 1136 24.93 -18.77 9.98
C ILE A 1136 25.18 -18.60 11.47
N SER A 1137 24.12 -18.75 12.26
CA SER A 1137 24.20 -18.66 13.71
C SER A 1137 24.49 -20.04 14.30
N THR A 1138 25.55 -20.11 15.12
CA THR A 1138 26.15 -21.25 15.85
C THR A 1138 26.09 -22.62 15.15
N PRO A 1139 26.83 -22.82 14.05
CA PRO A 1139 26.92 -24.16 13.47
C PRO A 1139 27.87 -25.02 14.30
N ILE A 1140 27.80 -26.33 14.06
CA ILE A 1140 28.68 -27.28 14.71
C ILE A 1140 29.47 -28.04 13.66
N ILE A 1141 30.66 -28.50 14.03
CA ILE A 1141 31.50 -29.34 13.18
C ILE A 1141 31.72 -30.62 13.95
N ASN A 1142 30.88 -31.63 13.69
CA ASN A 1142 30.96 -32.90 14.43
C ASN A 1142 32.11 -33.71 13.85
N ALA A 1143 33.29 -33.54 14.44
CA ALA A 1143 34.48 -34.25 14.01
C ALA A 1143 34.61 -35.57 14.75
N VAL A 1144 35.16 -36.57 14.06
CA VAL A 1144 35.38 -37.89 14.62
C VAL A 1144 36.87 -38.11 14.80
N LEU A 1145 37.24 -38.71 15.92
CA LEU A 1145 38.63 -38.90 16.28
C LEU A 1145 39.06 -40.33 16.00
N VAL A 1146 40.25 -40.69 16.46
CA VAL A 1146 40.74 -42.06 16.41
C VAL A 1146 40.78 -42.68 17.80
N ASN A 1147 41.26 -41.94 18.80
CA ASN A 1147 41.43 -42.43 20.15
C ASN A 1147 40.41 -41.78 21.10
N ASP A 1148 40.26 -42.40 22.26
CA ASP A 1148 39.29 -42.00 23.26
C ASP A 1148 39.93 -41.03 24.26
N ASN A 1149 39.29 -40.83 25.42
CA ASN A 1149 39.69 -39.89 26.45
C ASN A 1149 40.77 -40.43 27.39
N ASP A 1150 41.62 -41.36 26.92
CA ASP A 1150 42.44 -42.26 27.73
C ASP A 1150 43.23 -41.56 28.84
N GLU A 1151 44.23 -40.75 28.49
CA GLU A 1151 44.73 -39.76 29.44
C GLU A 1151 45.08 -38.41 28.84
N ARG A 1152 45.46 -38.33 27.56
CA ARG A 1152 45.89 -37.07 26.96
C ARG A 1152 45.33 -36.82 25.57
N ALA A 1153 45.00 -37.86 24.79
CA ALA A 1153 44.96 -37.75 23.33
C ALA A 1153 43.76 -36.94 22.85
N ALA A 1154 42.56 -37.21 23.39
CA ALA A 1154 41.40 -36.43 22.99
C ALA A 1154 41.42 -35.02 23.56
N ARG A 1155 42.11 -34.81 24.69
CA ARG A 1155 42.27 -33.46 25.21
C ARG A 1155 43.23 -32.64 24.35
N VAL A 1156 44.16 -33.30 23.65
CA VAL A 1156 45.00 -32.60 22.68
C VAL A 1156 44.16 -32.07 21.52
N VAL A 1157 43.21 -32.88 21.02
CA VAL A 1157 42.31 -32.42 19.98
C VAL A 1157 41.35 -31.35 20.53
N LYS A 1158 40.96 -31.47 21.80
CA LYS A 1158 40.17 -30.44 22.47
C LYS A 1158 40.93 -29.13 22.66
N GLY A 1159 42.27 -29.18 22.68
CA GLY A 1159 43.05 -27.97 22.92
C GLY A 1159 43.72 -27.34 21.71
N ARG A 1160 43.92 -28.09 20.63
CA ARG A 1160 44.71 -27.57 19.51
C ARG A 1160 43.97 -26.56 18.62
N VAL A 1161 42.83 -26.94 18.05
CA VAL A 1161 42.31 -26.27 16.86
C VAL A 1161 41.37 -25.12 17.16
N GLU A 1162 41.17 -24.78 18.43
CA GLU A 1162 40.09 -23.84 18.73
C GLU A 1162 40.55 -22.39 18.86
N LYS A 1163 41.35 -22.09 19.88
CA LYS A 1163 41.62 -20.71 20.27
C LYS A 1163 42.69 -20.72 21.35
N THR A 1164 43.60 -19.75 21.30
CA THR A 1164 44.59 -19.55 22.34
C THR A 1164 44.24 -18.29 23.11
N LEU A 1165 43.83 -18.46 24.37
CA LEU A 1165 43.52 -17.34 25.25
C LEU A 1165 44.85 -16.83 25.82
N LEU A 1166 45.48 -15.94 25.04
CA LEU A 1166 46.82 -15.44 25.37
C LEU A 1166 46.81 -14.48 26.56
N SER A 1167 45.63 -14.00 26.98
CA SER A 1167 45.53 -13.25 28.23
C SER A 1167 45.85 -14.12 29.43
N ASP A 1168 45.60 -15.44 29.34
CA ASP A 1168 46.02 -16.38 30.36
C ASP A 1168 47.45 -16.87 30.15
N VAL A 1169 47.96 -16.80 28.91
CA VAL A 1169 49.31 -17.28 28.63
C VAL A 1169 50.38 -16.27 29.03
N ALA A 1170 50.09 -14.98 28.93
CA ALA A 1170 51.10 -13.95 29.19
C ALA A 1170 51.31 -13.65 30.67
N PHE A 1171 50.22 -13.62 31.45
CA PHE A 1171 50.07 -13.27 32.87
C PHE A 1171 50.23 -11.77 33.16
N TYR A 1172 50.78 -11.02 32.21
CA TYR A 1172 50.91 -9.56 32.18
C TYR A 1172 51.64 -9.20 30.90
N VAL A 1173 51.64 -7.91 30.58
CA VAL A 1173 52.40 -7.35 29.47
C VAL A 1173 53.23 -6.19 30.01
N GLN A 1174 54.55 -6.31 29.93
CA GLN A 1174 55.47 -5.36 30.56
C GLN A 1174 56.50 -4.89 29.55
N ASP A 1175 56.86 -3.61 29.63
CA ASP A 1175 58.05 -3.09 28.97
C ASP A 1175 58.86 -2.29 29.98
N VAL A 1176 60.06 -1.90 29.58
CA VAL A 1176 60.95 -1.10 30.41
C VAL A 1176 61.66 -0.10 29.52
N TYR A 1177 61.87 1.11 30.04
CA TYR A 1177 62.41 2.22 29.26
C TYR A 1177 63.83 2.52 29.73
N LYS A 1178 64.80 1.89 29.05
CA LYS A 1178 66.22 2.18 29.29
C LYS A 1178 66.91 2.69 28.05
N ASP A 1179 66.69 2.06 26.91
CA ASP A 1179 67.31 2.44 25.64
C ASP A 1179 66.26 3.05 24.72
N ASN A 1180 66.74 3.74 23.68
CA ASN A 1180 65.86 4.31 22.67
C ASN A 1180 65.16 3.20 21.88
N LEU A 1181 63.88 3.42 21.57
CA LEU A 1181 62.99 2.47 20.91
C LEU A 1181 62.94 1.14 21.68
N SER A 1182 62.40 1.24 22.90
CA SER A 1182 62.40 0.14 23.85
C SER A 1182 61.47 -0.99 23.39
N PHE A 1183 61.64 -2.14 24.02
CA PHE A 1183 60.95 -3.37 23.65
C PHE A 1183 60.01 -3.82 24.75
N ILE A 1184 59.02 -4.62 24.36
CA ILE A 1184 57.89 -5.00 25.20
C ILE A 1184 57.99 -6.48 25.53
N GLN A 1185 58.22 -6.81 26.80
CA GLN A 1185 58.45 -8.18 27.21
C GLN A 1185 57.15 -8.96 27.26
N VAL A 1186 57.22 -10.24 26.92
CA VAL A 1186 56.11 -11.18 27.06
C VAL A 1186 56.62 -12.39 27.83
N ARG A 1187 55.91 -12.76 28.89
CA ARG A 1187 56.29 -13.90 29.73
C ARG A 1187 55.43 -15.11 29.40
N ILE A 1188 56.09 -16.26 29.19
CA ILE A 1188 55.36 -17.50 28.96
C ILE A 1188 55.02 -18.14 30.31
N ASP A 1189 54.01 -19.00 30.31
CA ASP A 1189 53.63 -19.77 31.50
C ASP A 1189 53.79 -21.26 31.19
N LEU A 1190 54.99 -21.77 31.45
CA LEU A 1190 55.28 -23.18 31.18
C LEU A 1190 54.51 -24.09 32.14
N GLY A 1191 54.36 -23.68 33.39
CA GLY A 1191 53.60 -24.47 34.35
C GLY A 1191 52.10 -24.50 34.06
N THR A 1192 51.59 -23.46 33.39
CA THR A 1192 50.18 -23.45 33.02
C THR A 1192 49.94 -24.34 31.80
N ILE A 1193 50.83 -24.28 30.79
CA ILE A 1193 50.69 -25.11 29.61
C ILE A 1193 51.23 -26.52 29.86
N ASP A 1194 51.73 -26.81 31.06
CA ASP A 1194 51.90 -28.21 31.47
C ASP A 1194 50.64 -28.78 32.10
N LYS A 1195 49.50 -28.53 31.43
CA LYS A 1195 48.25 -29.25 31.58
C LYS A 1195 47.59 -29.54 30.25
N LEU A 1196 47.86 -28.75 29.21
CA LEU A 1196 47.21 -28.79 27.91
C LEU A 1196 48.26 -28.67 26.80
N GLN A 1197 49.28 -29.54 26.84
CA GLN A 1197 50.51 -29.39 26.05
C GLN A 1197 50.20 -29.49 24.56
N LEU A 1198 50.26 -28.35 23.87
CA LEU A 1198 50.07 -28.33 22.42
C LEU A 1198 51.28 -27.77 21.67
N GLU A 1199 51.82 -26.64 22.12
CA GLU A 1199 52.87 -25.92 21.41
C GLU A 1199 53.97 -25.43 22.34
N LEU A 1200 54.56 -26.34 23.13
CA LEU A 1200 55.71 -25.97 23.95
C LEU A 1200 56.99 -25.85 23.12
N THR A 1201 56.97 -24.97 22.12
CA THR A 1201 58.01 -24.79 21.11
C THR A 1201 58.20 -23.29 20.90
N ILE A 1202 58.47 -22.56 21.99
CA ILE A 1202 58.19 -21.13 22.17
C ILE A 1202 58.72 -20.17 21.10
N GLU A 1203 59.58 -20.66 20.20
CA GLU A 1203 59.82 -19.99 18.93
C GLU A 1203 58.56 -19.94 18.07
N ASP A 1204 57.63 -20.88 18.26
CA ASP A 1204 56.36 -20.85 17.52
C ASP A 1204 55.50 -19.66 17.90
N ILE A 1205 55.58 -19.21 19.16
CA ILE A 1205 54.92 -17.98 19.55
C ILE A 1205 55.54 -16.79 18.81
N ALA A 1206 56.87 -16.80 18.64
CA ALA A 1206 57.54 -15.74 17.91
C ALA A 1206 57.17 -15.74 16.43
N VAL A 1207 57.01 -16.92 15.83
CA VAL A 1207 56.65 -16.92 14.41
C VAL A 1207 55.16 -16.61 14.22
N ALA A 1208 54.33 -16.90 15.22
CA ALA A 1208 52.94 -16.46 15.18
C ALA A 1208 52.82 -14.95 15.37
N ILE A 1209 53.78 -14.35 16.06
CA ILE A 1209 53.83 -12.89 16.11
C ILE A 1209 54.35 -12.31 14.80
N THR A 1210 55.33 -12.97 14.17
CA THR A 1210 55.79 -12.50 12.86
C THR A 1210 54.82 -12.83 11.72
N ARG A 1211 53.73 -13.55 11.99
CA ARG A 1211 52.58 -13.49 11.11
C ARG A 1211 52.17 -12.03 11.03
N ALA A 1212 52.35 -11.42 9.86
CA ALA A 1212 52.88 -10.07 9.73
C ALA A 1212 52.09 -8.94 10.39
N SER A 1213 50.91 -8.59 9.86
CA SER A 1213 50.30 -7.37 10.37
C SER A 1213 49.43 -7.60 11.60
N LYS A 1214 48.25 -8.18 11.40
CA LYS A 1214 47.27 -8.64 12.40
C LYS A 1214 46.67 -7.52 13.27
N LEU A 1215 47.31 -6.35 13.33
CA LEU A 1215 46.80 -5.23 14.11
C LEU A 1215 47.14 -3.89 13.46
N LYS A 1216 47.46 -3.87 12.16
CA LYS A 1216 47.88 -2.74 11.32
C LYS A 1216 49.23 -2.16 11.72
N ILE A 1217 49.98 -2.82 12.60
CA ILE A 1217 51.37 -2.48 12.88
C ILE A 1217 52.16 -3.79 12.88
N GLN A 1218 53.20 -3.86 12.04
CA GLN A 1218 53.96 -5.10 11.89
C GLN A 1218 54.87 -5.31 13.11
N ALA A 1219 54.73 -6.48 13.71
CA ALA A 1219 55.63 -6.92 14.78
C ALA A 1219 56.56 -7.99 14.21
N SER A 1220 57.63 -7.53 13.57
CA SER A 1220 58.56 -8.43 12.91
C SER A 1220 59.82 -8.68 13.75
N ASP A 1221 60.47 -7.62 14.22
CA ASP A 1221 61.69 -7.74 15.02
C ASP A 1221 61.29 -8.05 16.46
N VAL A 1222 61.03 -9.33 16.72
CA VAL A 1222 60.57 -9.79 18.02
C VAL A 1222 61.55 -10.81 18.59
N ASN A 1223 62.83 -10.60 18.30
CA ASN A 1223 63.93 -11.54 18.60
C ASN A 1223 64.02 -11.90 20.07
N ILE A 1224 63.76 -13.16 20.38
CA ILE A 1224 63.62 -13.63 21.76
C ILE A 1224 65.01 -13.88 22.35
N ILE A 1225 65.13 -13.63 23.65
CA ILE A 1225 66.33 -13.93 24.41
C ILE A 1225 65.92 -14.99 25.45
N GLY A 1226 66.91 -15.52 26.17
CA GLY A 1226 66.65 -16.59 27.13
C GLY A 1226 65.78 -16.14 28.30
N LYS A 1227 65.20 -17.15 28.96
CA LYS A 1227 64.21 -17.00 30.05
C LYS A 1227 62.97 -16.23 29.61
N ASP A 1228 62.65 -16.31 28.31
CA ASP A 1228 61.40 -15.83 27.70
C ASP A 1228 61.17 -14.33 27.95
N ARG A 1229 62.06 -13.55 27.36
CA ARG A 1229 61.90 -12.09 27.32
C ARG A 1229 61.87 -11.70 25.85
N ILE A 1230 60.66 -11.72 25.27
CA ILE A 1230 60.49 -11.39 23.86
C ILE A 1230 60.65 -9.89 23.69
N ALA A 1231 61.47 -9.48 22.72
CA ALA A 1231 61.79 -8.08 22.50
C ALA A 1231 60.98 -7.56 21.30
N ILE A 1232 59.73 -7.21 21.56
CA ILE A 1232 58.85 -6.72 20.51
C ILE A 1232 59.15 -5.24 20.26
N ASN A 1233 59.57 -4.93 19.02
CA ASN A 1233 59.96 -3.59 18.57
C ASN A 1233 61.05 -2.95 19.43
N ASP A 1255 53.76 9.20 17.43
CA ASP A 1255 54.93 9.15 18.28
C ASP A 1255 55.34 7.71 18.58
N VAL A 1256 55.92 7.50 19.76
CA VAL A 1256 56.35 6.19 20.20
C VAL A 1256 55.35 5.56 21.16
N PHE A 1257 54.79 6.38 22.07
CA PHE A 1257 53.89 5.85 23.09
C PHE A 1257 52.54 5.44 22.49
N TYR A 1258 52.13 6.06 21.38
CA TYR A 1258 50.85 5.69 20.77
C TYR A 1258 50.95 4.34 20.08
N ARG A 1259 52.04 4.10 19.34
CA ARG A 1259 52.27 2.78 18.78
C ARG A 1259 52.67 1.77 19.85
N MET A 1260 53.10 2.23 21.03
CA MET A 1260 53.30 1.31 22.14
C MET A 1260 51.97 0.88 22.74
N GLN A 1261 51.06 1.81 22.97
CA GLN A 1261 49.78 1.47 23.58
C GLN A 1261 48.86 0.74 22.62
N GLN A 1262 49.05 0.93 21.31
CA GLN A 1262 48.35 0.09 20.34
C GLN A 1262 48.75 -1.37 20.48
N LEU A 1263 50.04 -1.64 20.67
CA LEU A 1263 50.48 -3.01 20.92
C LEU A 1263 50.13 -3.47 22.33
N ARG A 1264 49.98 -2.53 23.26
CA ARG A 1264 49.54 -2.87 24.61
C ARG A 1264 48.10 -3.38 24.62
N ARG A 1265 47.21 -2.72 23.87
CA ARG A 1265 45.81 -3.11 23.81
C ARG A 1265 45.47 -3.86 22.53
N ALA A 1266 46.48 -4.40 21.84
CA ALA A 1266 46.23 -5.28 20.70
C ALA A 1266 46.90 -6.65 20.82
N LEU A 1267 47.89 -6.81 21.69
CA LEU A 1267 48.59 -8.08 21.86
C LEU A 1267 47.76 -9.20 22.48
N PRO A 1268 46.86 -8.97 23.58
CA PRO A 1268 45.98 -10.06 24.04
C PRO A 1268 44.74 -10.30 23.16
N ASP A 1269 44.96 -10.35 21.85
CA ASP A 1269 43.92 -10.72 20.90
C ASP A 1269 44.42 -11.71 19.86
N VAL A 1270 45.73 -11.90 19.74
CA VAL A 1270 46.28 -12.78 18.71
C VAL A 1270 46.13 -14.23 19.16
N VAL A 1271 46.33 -15.14 18.20
CA VAL A 1271 46.23 -16.57 18.43
C VAL A 1271 47.55 -17.21 17.98
N VAL A 1272 47.92 -18.31 18.63
CA VAL A 1272 49.14 -19.03 18.26
C VAL A 1272 48.85 -20.35 17.56
N LYS A 1273 47.66 -20.95 17.75
CA LYS A 1273 47.31 -22.18 17.05
C LYS A 1273 45.80 -22.25 16.90
N GLY A 1274 45.35 -22.68 15.73
CA GLY A 1274 43.94 -22.84 15.45
C GLY A 1274 43.42 -21.78 14.51
N LEU A 1275 42.24 -22.04 13.98
CA LEU A 1275 41.60 -21.08 13.09
C LEU A 1275 40.99 -19.95 13.91
N PRO A 1276 41.07 -18.70 13.43
CA PRO A 1276 40.40 -17.60 14.14
C PRO A 1276 38.91 -17.55 13.96
N ASP A 1277 38.33 -18.43 13.13
CA ASP A 1277 36.89 -18.49 12.91
C ASP A 1277 36.22 -19.54 13.79
N ILE A 1278 36.92 -20.02 14.83
CA ILE A 1278 36.41 -21.08 15.71
C ILE A 1278 36.35 -20.54 17.13
N SER A 1279 35.17 -20.66 17.75
CA SER A 1279 34.98 -20.16 19.11
C SER A 1279 35.55 -21.12 20.15
N ARG A 1280 35.00 -22.34 20.23
CA ARG A 1280 35.34 -23.30 21.26
C ARG A 1280 34.90 -24.68 20.80
N ALA A 1281 35.03 -25.67 21.69
CA ALA A 1281 34.64 -27.04 21.37
C ALA A 1281 34.18 -27.75 22.63
N VAL A 1282 33.16 -28.60 22.46
CA VAL A 1282 32.62 -29.43 23.54
C VAL A 1282 32.68 -30.88 23.08
N ILE A 1283 33.29 -31.74 23.90
CA ILE A 1283 33.38 -33.15 23.57
C ILE A 1283 32.16 -33.88 24.13
N ASN A 1284 31.65 -34.85 23.37
CA ASN A 1284 30.45 -35.60 23.73
C ASN A 1284 30.80 -37.07 23.90
N ILE A 1285 29.80 -37.84 24.31
CA ILE A 1285 29.94 -39.28 24.55
C ILE A 1285 28.88 -39.98 23.71
N ARG A 1286 29.32 -40.65 22.65
CA ARG A 1286 28.43 -41.55 21.92
C ARG A 1286 28.20 -42.80 22.77
N ASP A 1287 27.04 -43.45 22.55
CA ASP A 1287 26.60 -44.54 23.42
C ASP A 1287 27.49 -45.78 23.33
N ASP A 1288 28.24 -45.94 22.23
CA ASP A 1288 29.11 -47.10 22.11
C ASP A 1288 30.39 -46.97 22.93
N GLY A 1289 30.89 -45.74 23.09
CA GLY A 1289 32.12 -45.50 23.82
C GLY A 1289 33.02 -44.51 23.10
N LYS A 1290 32.76 -44.29 21.82
CA LYS A 1290 33.54 -43.35 21.03
C LYS A 1290 33.19 -41.92 21.42
N ARG A 1291 34.19 -41.04 21.32
CA ARG A 1291 34.03 -39.63 21.69
C ARG A 1291 33.94 -38.78 20.43
N GLU A 1292 32.90 -37.95 20.36
CA GLU A 1292 32.58 -37.16 19.18
C GLU A 1292 32.46 -35.70 19.60
N LEU A 1293 33.53 -34.93 19.41
CA LEU A 1293 33.51 -33.52 19.81
C LEU A 1293 32.93 -32.64 18.70
N LEU A 1294 32.11 -31.68 19.11
CA LEU A 1294 31.58 -30.67 18.20
C LEU A 1294 32.42 -29.41 18.27
N VAL A 1295 32.49 -28.70 17.14
CA VAL A 1295 33.30 -27.49 17.01
C VAL A 1295 32.41 -26.39 16.45
N GLU A 1296 32.29 -25.29 17.19
CA GLU A 1296 31.61 -24.10 16.68
C GLU A 1296 32.61 -23.33 15.82
N GLY A 1297 32.43 -23.37 14.51
CA GLY A 1297 33.37 -22.71 13.63
C GLY A 1297 32.85 -22.62 12.22
N TYR A 1298 33.75 -22.23 11.32
CA TYR A 1298 33.41 -22.04 9.90
C TYR A 1298 34.40 -22.67 8.94
N GLY A 1299 35.54 -23.18 9.40
CA GLY A 1299 36.60 -23.61 8.51
C GLY A 1299 36.33 -24.86 7.69
N LEU A 1300 36.28 -26.01 8.38
CA LEU A 1300 36.17 -27.36 7.80
C LEU A 1300 37.31 -27.63 6.80
N ARG A 1301 38.46 -27.03 7.03
CA ARG A 1301 39.64 -27.39 6.26
C ARG A 1301 40.84 -27.69 7.15
N ASP A 1302 41.02 -26.92 8.22
CA ASP A 1302 42.09 -27.19 9.17
C ASP A 1302 41.68 -28.21 10.22
N VAL A 1303 40.39 -28.31 10.54
CA VAL A 1303 39.91 -29.37 11.41
C VAL A 1303 39.88 -30.71 10.66
N MET A 1304 39.89 -30.67 9.33
CA MET A 1304 40.03 -31.87 8.51
C MET A 1304 41.49 -32.18 8.21
N CYS A 1305 42.33 -31.14 8.16
CA CYS A 1305 43.76 -31.32 7.91
C CYS A 1305 44.51 -31.77 9.16
N THR A 1306 43.90 -31.60 10.33
CA THR A 1306 44.59 -31.86 11.59
C THR A 1306 44.82 -33.35 11.81
N ASP A 1307 46.08 -33.72 12.02
CA ASP A 1307 46.41 -35.10 12.36
C ASP A 1307 45.90 -35.43 13.77
N GLY A 1308 45.42 -36.66 13.93
CA GLY A 1308 44.77 -37.10 15.15
C GLY A 1308 43.31 -37.44 14.94
N VAL A 1309 42.62 -36.70 14.07
CA VAL A 1309 41.25 -37.02 13.68
C VAL A 1309 41.29 -37.63 12.29
N ILE A 1310 40.30 -38.47 12.00
CA ILE A 1310 40.17 -39.08 10.68
C ILE A 1310 39.20 -38.24 9.87
N GLY A 1311 39.46 -38.12 8.57
CA GLY A 1311 38.64 -37.30 7.71
C GLY A 1311 37.54 -38.08 7.02
N SER A 1312 36.97 -39.07 7.73
CA SER A 1312 35.89 -39.85 7.14
C SER A 1312 34.57 -39.09 7.19
N ARG A 1313 34.06 -38.83 8.40
CA ARG A 1313 32.75 -38.21 8.56
C ARG A 1313 32.88 -36.91 9.34
N THR A 1314 32.30 -35.84 8.78
CA THR A 1314 32.21 -34.52 9.43
C THR A 1314 30.78 -34.03 9.21
N THR A 1315 29.90 -34.31 10.16
CA THR A 1315 28.50 -33.94 10.06
C THR A 1315 28.35 -32.49 10.52
N THR A 1316 28.20 -31.58 9.56
CA THR A 1316 28.18 -30.15 9.83
C THR A 1316 26.79 -29.58 9.56
N ASN A 1317 26.64 -28.28 9.81
CA ASN A 1317 25.38 -27.59 9.57
C ASN A 1317 25.39 -26.73 8.31
N HIS A 1318 26.55 -26.51 7.70
CA HIS A 1318 26.63 -25.65 6.54
C HIS A 1318 26.03 -26.33 5.32
N VAL A 1319 25.69 -25.52 4.32
CA VAL A 1319 25.14 -26.04 3.08
C VAL A 1319 25.87 -25.36 1.92
N LEU A 1320 26.59 -24.28 2.23
CA LEU A 1320 27.36 -23.54 1.23
C LEU A 1320 28.86 -23.75 1.39
N GLU A 1321 29.37 -23.72 2.62
CA GLU A 1321 30.76 -24.06 2.85
C GLU A 1321 31.04 -25.53 2.55
N VAL A 1322 30.06 -26.40 2.80
CA VAL A 1322 30.18 -27.81 2.45
C VAL A 1322 30.27 -27.98 0.94
N PHE A 1323 29.51 -27.16 0.19
CA PHE A 1323 29.65 -27.10 -1.26
C PHE A 1323 31.05 -26.64 -1.65
N SER A 1324 31.55 -25.60 -0.98
CA SER A 1324 32.84 -25.02 -1.33
C SER A 1324 34.01 -25.97 -1.06
N VAL A 1325 33.88 -26.87 -0.10
CA VAL A 1325 34.98 -27.76 0.23
C VAL A 1325 34.80 -29.21 -0.23
N LEU A 1326 33.57 -29.63 -0.60
CA LEU A 1326 33.38 -30.99 -1.08
C LEU A 1326 32.48 -31.10 -2.31
N GLY A 1327 32.33 -30.04 -3.10
CA GLY A 1327 31.65 -30.18 -4.36
C GLY A 1327 30.13 -30.21 -4.24
N ILE A 1328 29.50 -30.74 -5.29
CA ILE A 1328 28.06 -30.62 -5.48
C ILE A 1328 27.30 -31.69 -4.71
N GLU A 1329 27.68 -32.96 -4.90
CA GLU A 1329 26.85 -34.06 -4.43
C GLU A 1329 26.88 -34.21 -2.91
N ALA A 1330 28.01 -33.87 -2.29
CA ALA A 1330 28.08 -33.89 -0.82
C ALA A 1330 27.22 -32.80 -0.21
N ALA A 1331 27.17 -31.62 -0.86
CA ALA A 1331 26.31 -30.55 -0.38
C ALA A 1331 24.84 -30.89 -0.54
N ARG A 1332 24.47 -31.61 -1.60
CA ARG A 1332 23.07 -31.97 -1.76
C ARG A 1332 22.68 -33.12 -0.85
N TYR A 1333 23.62 -34.02 -0.54
CA TYR A 1333 23.34 -35.00 0.50
C TYR A 1333 23.20 -34.32 1.86
N SER A 1334 23.98 -33.27 2.09
CA SER A 1334 23.84 -32.50 3.32
C SER A 1334 22.50 -31.79 3.38
N ILE A 1335 22.00 -31.29 2.24
CA ILE A 1335 20.73 -30.57 2.27
C ILE A 1335 19.54 -31.54 2.32
N ILE A 1336 19.71 -32.81 1.90
CA ILE A 1336 18.63 -33.77 2.11
C ILE A 1336 18.77 -34.51 3.43
N ARG A 1337 19.89 -34.38 4.12
CA ARG A 1337 20.07 -35.01 5.42
C ARG A 1337 19.77 -34.07 6.58
N GLU A 1338 20.16 -32.80 6.49
CA GLU A 1338 20.02 -31.89 7.60
C GLU A 1338 18.57 -31.41 7.75
N ILE A 1339 17.84 -31.30 6.64
CA ILE A 1339 16.40 -31.05 6.71
C ILE A 1339 15.69 -32.21 7.40
N ASN A 1340 16.08 -33.44 7.07
CA ASN A 1340 15.50 -34.61 7.71
C ASN A 1340 15.89 -34.70 9.18
N TYR A 1341 17.07 -34.21 9.54
CA TYR A 1341 17.49 -34.24 10.93
C TYR A 1341 16.80 -33.18 11.77
N THR A 1342 16.62 -31.97 11.24
CA THR A 1342 16.01 -30.89 12.00
C THR A 1342 14.49 -30.99 12.06
N MET A 1343 13.90 -31.96 11.38
CA MET A 1343 12.45 -32.11 11.31
C MET A 1343 11.94 -33.36 12.01
N SER A 1344 12.71 -34.45 12.01
CA SER A 1344 12.34 -35.65 12.73
C SER A 1344 12.55 -35.53 14.24
N ASN A 1345 13.24 -34.49 14.70
CA ASN A 1345 13.41 -34.27 16.13
C ASN A 1345 12.16 -33.74 16.80
N HIS A 1346 11.21 -33.22 16.02
CA HIS A 1346 9.93 -32.74 16.54
C HIS A 1346 8.78 -33.59 16.03
N GLY A 1347 9.00 -34.89 15.88
CA GLY A 1347 7.97 -35.75 15.29
C GLY A 1347 7.87 -35.45 13.80
N MET A 1348 6.63 -35.20 13.35
CA MET A 1348 6.21 -34.71 12.03
C MET A 1348 6.96 -35.29 10.83
N SER A 1349 7.26 -36.59 10.90
CA SER A 1349 8.11 -37.22 9.88
C SER A 1349 7.37 -37.38 8.56
N VAL A 1350 7.97 -36.88 7.49
CA VAL A 1350 7.40 -37.01 6.17
C VAL A 1350 8.20 -38.03 5.37
N ASP A 1351 7.70 -38.36 4.19
CA ASP A 1351 8.40 -39.24 3.26
C ASP A 1351 9.64 -38.53 2.76
N PRO A 1352 10.85 -39.07 2.96
CA PRO A 1352 12.07 -38.35 2.55
C PRO A 1352 12.29 -38.25 1.04
N ARG A 1353 11.40 -38.81 0.20
CA ARG A 1353 11.48 -38.54 -1.22
C ARG A 1353 11.08 -37.11 -1.54
N HIS A 1354 10.18 -36.53 -0.74
CA HIS A 1354 9.92 -35.09 -0.81
C HIS A 1354 11.15 -34.28 -0.41
N ILE A 1355 11.93 -34.78 0.55
CA ILE A 1355 13.16 -34.12 0.94
C ILE A 1355 14.19 -34.19 -0.19
N GLN A 1356 14.28 -35.34 -0.86
CA GLN A 1356 15.18 -35.46 -2.01
C GLN A 1356 14.74 -34.59 -3.17
N LEU A 1357 13.43 -34.46 -3.40
CA LEU A 1357 12.95 -33.60 -4.47
C LEU A 1357 13.14 -32.13 -4.13
N LEU A 1358 13.10 -31.77 -2.84
CA LEU A 1358 13.44 -30.41 -2.45
C LEU A 1358 14.93 -30.14 -2.60
N GLY A 1359 15.76 -31.15 -2.34
CA GLY A 1359 17.20 -30.98 -2.50
C GLY A 1359 17.68 -30.95 -3.93
N ASP A 1360 16.97 -31.62 -4.83
CA ASP A 1360 17.39 -31.67 -6.23
C ASP A 1360 17.11 -30.38 -6.99
N VAL A 1361 16.09 -29.61 -6.60
CA VAL A 1361 15.63 -28.48 -7.41
C VAL A 1361 16.35 -27.18 -7.10
N MET A 1362 17.39 -27.21 -6.25
CA MET A 1362 18.25 -26.06 -6.07
C MET A 1362 19.72 -26.45 -6.18
N THR A 1363 20.01 -27.69 -6.55
CA THR A 1363 21.35 -28.21 -6.72
C THR A 1363 21.44 -28.94 -8.05
N TYR A 1364 20.97 -28.30 -9.12
CA TYR A 1364 21.09 -28.85 -10.46
C TYR A 1364 21.65 -27.87 -11.48
N LYS A 1365 21.62 -26.56 -11.23
CA LYS A 1365 22.23 -25.60 -12.14
C LYS A 1365 23.74 -25.49 -11.95
N GLY A 1366 24.30 -26.16 -10.95
CA GLY A 1366 25.74 -26.20 -10.78
C GLY A 1366 26.19 -25.85 -9.38
N GLU A 1367 25.53 -24.89 -8.75
CA GLU A 1367 25.84 -24.50 -7.38
C GLU A 1367 24.56 -24.49 -6.55
N VAL A 1368 24.72 -24.27 -5.25
CA VAL A 1368 23.60 -24.29 -4.32
C VAL A 1368 22.87 -22.95 -4.46
N LEU A 1369 21.80 -22.94 -5.25
CA LEU A 1369 20.98 -21.74 -5.38
C LEU A 1369 19.98 -21.67 -4.23
N GLY A 1370 19.54 -20.46 -3.92
CA GLY A 1370 18.58 -20.23 -2.87
C GLY A 1370 17.15 -20.12 -3.41
N ILE A 1371 16.22 -19.99 -2.47
CA ILE A 1371 14.82 -19.74 -2.78
C ILE A 1371 14.46 -18.27 -2.53
N THR A 1372 15.42 -17.46 -2.12
CA THR A 1372 15.22 -16.04 -1.91
C THR A 1372 15.08 -15.30 -3.24
N ARG A 1373 14.94 -13.97 -3.16
CA ARG A 1373 14.73 -13.14 -4.34
C ARG A 1373 15.96 -13.09 -5.26
N PHE A 1374 17.15 -13.42 -4.76
CA PHE A 1374 18.31 -13.51 -5.63
C PHE A 1374 18.50 -14.92 -6.17
N GLY A 1375 18.10 -15.94 -5.41
CA GLY A 1375 18.25 -17.30 -5.90
C GLY A 1375 17.21 -17.66 -6.95
N LEU A 1376 15.95 -17.30 -6.70
CA LEU A 1376 14.88 -17.56 -7.65
C LEU A 1376 14.93 -16.62 -8.86
N SER A 1377 15.68 -15.52 -8.77
CA SER A 1377 15.95 -14.72 -9.96
C SER A 1377 16.79 -15.48 -10.98
N LYS A 1378 17.55 -16.46 -10.54
CA LYS A 1378 18.25 -17.38 -11.43
C LYS A 1378 17.32 -18.53 -11.78
N MET A 1379 17.88 -19.58 -12.42
CA MET A 1379 17.27 -20.89 -12.62
C MET A 1379 16.04 -20.93 -13.53
N ARG A 1380 15.57 -19.78 -13.99
CA ARG A 1380 14.33 -19.72 -14.75
C ARG A 1380 14.48 -18.74 -15.90
N ASP A 1381 13.50 -18.78 -16.80
CA ASP A 1381 13.44 -17.86 -17.93
C ASP A 1381 12.11 -17.12 -18.01
N SER A 1382 11.05 -17.68 -17.41
CA SER A 1382 9.71 -17.08 -17.46
C SER A 1382 9.69 -15.81 -16.63
N VAL A 1383 9.77 -14.66 -17.30
CA VAL A 1383 9.92 -13.38 -16.62
C VAL A 1383 8.68 -12.96 -15.85
N LEU A 1384 7.53 -13.58 -16.11
CA LEU A 1384 6.35 -13.29 -15.31
C LEU A 1384 6.48 -13.85 -13.90
N GLN A 1385 6.92 -15.11 -13.79
CA GLN A 1385 7.16 -15.67 -12.46
C GLN A 1385 8.50 -15.25 -11.89
N LEU A 1386 9.43 -14.79 -12.73
CA LEU A 1386 10.61 -14.11 -12.20
C LEU A 1386 10.24 -12.76 -11.60
N ALA A 1387 9.24 -12.08 -12.16
CA ALA A 1387 8.84 -10.78 -11.66
C ALA A 1387 7.97 -10.92 -10.41
N SER A 1388 6.83 -11.60 -10.54
CA SER A 1388 5.80 -11.58 -9.50
C SER A 1388 6.10 -12.56 -8.35
N PHE A 1389 7.29 -12.47 -7.78
CA PHE A 1389 7.62 -13.25 -6.59
C PHE A 1389 7.94 -12.37 -5.39
N GLU A 1390 8.98 -11.55 -5.45
CA GLU A 1390 9.30 -10.65 -4.35
C GLU A 1390 9.67 -9.24 -4.80
N LYS A 1391 10.17 -9.04 -6.01
CA LYS A 1391 10.48 -7.70 -6.50
C LYS A 1391 9.95 -7.57 -7.92
N THR A 1392 8.84 -6.87 -8.08
CA THR A 1392 8.24 -6.63 -9.38
C THR A 1392 8.63 -5.27 -9.95
N THR A 1393 9.60 -4.60 -9.33
CA THR A 1393 9.93 -3.22 -9.68
C THR A 1393 10.62 -3.15 -11.04
N ASP A 1394 11.73 -3.87 -11.22
CA ASP A 1394 12.45 -3.78 -12.47
C ASP A 1394 12.86 -5.13 -13.05
N HIS A 1395 12.19 -6.23 -12.67
CA HIS A 1395 12.38 -7.47 -13.40
C HIS A 1395 11.81 -7.37 -14.81
N LEU A 1396 10.65 -6.70 -14.95
CA LEU A 1396 10.11 -6.41 -16.27
C LEU A 1396 11.03 -5.46 -17.05
N PHE A 1397 11.68 -4.54 -16.35
CA PHE A 1397 12.58 -3.59 -17.02
C PHE A 1397 13.86 -4.29 -17.45
N ASP A 1398 14.35 -5.22 -16.63
CA ASP A 1398 15.49 -6.05 -16.96
C ASP A 1398 15.17 -6.98 -18.13
N ALA A 1399 13.92 -7.43 -18.24
CA ALA A 1399 13.51 -8.24 -19.38
C ALA A 1399 13.32 -7.41 -20.64
N ALA A 1400 12.91 -6.14 -20.50
CA ALA A 1400 12.67 -5.30 -21.66
C ALA A 1400 13.92 -4.63 -22.20
N PHE A 1401 14.90 -4.34 -21.34
CA PHE A 1401 16.12 -3.71 -21.80
C PHE A 1401 16.97 -4.67 -22.63
N TYR A 1402 17.10 -5.91 -22.17
CA TYR A 1402 17.86 -6.90 -22.90
C TYR A 1402 17.00 -7.70 -23.88
N MET A 1403 15.68 -7.46 -23.86
CA MET A 1403 14.73 -7.91 -24.88
C MET A 1403 14.67 -9.45 -24.97
N LYS A 1404 14.36 -10.06 -23.83
CA LYS A 1404 14.29 -11.51 -23.75
C LYS A 1404 12.99 -12.02 -24.37
N LYS A 1405 13.12 -12.98 -25.28
CA LYS A 1405 11.98 -13.60 -25.95
C LYS A 1405 11.63 -14.85 -25.16
N ASP A 1406 10.65 -14.71 -24.27
CA ASP A 1406 10.26 -15.79 -23.36
C ASP A 1406 9.08 -16.56 -23.94
N ALA A 1407 9.26 -17.86 -24.11
CA ALA A 1407 8.20 -18.74 -24.59
C ALA A 1407 7.34 -19.18 -23.41
N VAL A 1408 6.07 -18.78 -23.41
CA VAL A 1408 5.16 -19.10 -22.32
C VAL A 1408 4.78 -20.59 -22.41
N GLU A 1409 5.18 -21.36 -21.39
CA GLU A 1409 4.87 -22.78 -21.38
C GLU A 1409 4.46 -23.32 -20.01
N GLY A 1410 4.76 -22.63 -18.92
CA GLY A 1410 4.62 -23.21 -17.60
C GLY A 1410 3.24 -23.18 -16.97
N VAL A 1411 3.16 -22.75 -15.71
CA VAL A 1411 1.89 -22.60 -15.01
C VAL A 1411 1.70 -21.19 -14.47
N SER A 1412 2.75 -20.59 -13.87
CA SER A 1412 2.62 -19.26 -13.29
C SER A 1412 2.52 -18.19 -14.38
N GLU A 1413 3.01 -18.50 -15.58
CA GLU A 1413 2.86 -17.63 -16.73
C GLU A 1413 1.72 -18.05 -17.65
N CYS A 1414 1.06 -19.18 -17.38
CA CYS A 1414 -0.13 -19.57 -18.11
C CYS A 1414 -1.43 -19.27 -17.38
N ILE A 1415 -1.37 -19.02 -16.06
CA ILE A 1415 -2.55 -18.50 -15.37
C ILE A 1415 -2.81 -17.04 -15.73
N ILE A 1416 -1.79 -16.33 -16.22
CA ILE A 1416 -1.94 -14.92 -16.56
C ILE A 1416 -2.58 -14.77 -17.93
N LEU A 1417 -2.02 -15.43 -18.93
CA LEU A 1417 -2.55 -15.37 -20.28
C LEU A 1417 -3.83 -16.17 -20.44
N GLY A 1418 -4.10 -17.10 -19.53
CA GLY A 1418 -5.33 -17.88 -19.59
C GLY A 1418 -5.30 -18.98 -20.61
N GLN A 1419 -4.40 -19.95 -20.43
CA GLN A 1419 -4.32 -21.11 -21.30
C GLN A 1419 -3.96 -22.34 -20.47
N THR A 1420 -4.10 -23.51 -21.08
CA THR A 1420 -3.92 -24.77 -20.36
C THR A 1420 -2.44 -25.03 -20.10
N MET A 1421 -2.12 -25.37 -18.87
CA MET A 1421 -0.74 -25.69 -18.51
C MET A 1421 -0.42 -27.14 -18.85
N SER A 1422 0.87 -27.47 -18.80
CA SER A 1422 1.35 -28.78 -19.21
C SER A 1422 1.52 -29.74 -18.05
N ILE A 1423 1.12 -29.35 -16.84
CA ILE A 1423 1.20 -30.22 -15.68
C ILE A 1423 -0.22 -30.65 -15.30
N GLY A 1424 -0.30 -31.74 -14.54
CA GLY A 1424 -1.60 -32.19 -14.08
C GLY A 1424 -2.39 -32.85 -15.18
N THR A 1425 -3.63 -32.38 -15.37
CA THR A 1425 -4.51 -32.94 -16.40
C THR A 1425 -4.01 -32.56 -17.79
N GLY A 1426 -3.49 -31.35 -17.95
CA GLY A 1426 -3.09 -30.86 -19.26
C GLY A 1426 -1.74 -31.33 -19.78
N SER A 1427 -1.31 -32.53 -19.39
CA SER A 1427 -0.07 -33.10 -19.89
C SER A 1427 -0.23 -33.71 -21.28
N PHE A 1428 -1.45 -33.86 -21.76
CA PHE A 1428 -1.69 -34.48 -23.06
C PHE A 1428 -2.97 -33.90 -23.63
N LYS A 1429 -2.97 -33.66 -24.94
CA LYS A 1429 -4.15 -33.12 -25.63
C LYS A 1429 -5.01 -34.29 -26.07
N VAL A 1430 -6.25 -34.33 -25.59
CA VAL A 1430 -7.15 -35.41 -25.95
C VAL A 1430 -7.57 -35.26 -27.41
N VAL A 1431 -7.89 -36.39 -28.05
CA VAL A 1431 -8.10 -36.44 -29.49
C VAL A 1431 -9.13 -37.54 -29.76
N LYS A 1432 -9.90 -37.39 -30.84
CA LYS A 1432 -10.92 -38.35 -31.21
C LYS A 1432 -10.52 -39.10 -32.47
N GLY A 1433 -10.71 -40.42 -32.45
CA GLY A 1433 -10.45 -41.22 -33.64
C GLY A 1433 -11.51 -40.98 -34.70
N THR A 1434 -11.08 -40.96 -35.95
CA THR A 1434 -11.94 -40.58 -37.07
C THR A 1434 -12.33 -41.76 -37.95
N ASN A 1435 -12.04 -42.99 -37.49
CA ASN A 1435 -12.45 -44.32 -38.03
C ASN A 1435 -12.53 -44.40 -39.56
N ILE A 1436 -11.48 -43.90 -40.21
CA ILE A 1436 -11.39 -43.96 -41.67
C ILE A 1436 -10.97 -45.36 -42.08
N SER A 1437 -11.80 -46.02 -42.89
CA SER A 1437 -11.61 -47.41 -43.29
C SER A 1437 -10.90 -47.53 -44.63
N GLU A 1438 -10.03 -46.55 -44.97
CA GLU A 1438 -9.25 -46.51 -46.21
C GLU A 1438 -10.15 -46.55 -47.45
N LYS A 1439 -11.31 -45.92 -47.36
CA LYS A 1439 -12.23 -45.76 -48.47
C LYS A 1439 -12.26 -44.34 -49.01
N ASP A 1440 -12.15 -43.34 -48.14
CA ASP A 1440 -12.13 -41.93 -48.52
C ASP A 1440 -10.75 -41.43 -48.88
N LEU A 1441 -9.82 -42.31 -49.23
CA LEU A 1441 -8.48 -41.91 -49.65
C LEU A 1441 -8.28 -41.96 -51.15
N VAL A 1442 -8.95 -42.88 -51.85
CA VAL A 1442 -8.80 -42.96 -53.31
C VAL A 1442 -9.76 -41.98 -53.96
N PRO A 1443 -9.29 -41.14 -54.89
CA PRO A 1443 -10.20 -40.23 -55.59
C PRO A 1443 -10.82 -40.89 -56.81
N LYS A 1444 -11.61 -40.13 -57.55
CA LYS A 1444 -12.22 -40.61 -58.80
C LYS A 1444 -11.70 -39.74 -59.93
N ARG A 1445 -10.97 -40.35 -60.86
CA ARG A 1445 -10.46 -39.62 -62.01
C ARG A 1445 -11.60 -39.27 -62.96
N CYS A 1446 -11.57 -38.05 -63.48
CA CYS A 1446 -12.52 -37.64 -64.50
C CYS A 1446 -12.18 -38.33 -65.82
N LEU A 1447 -13.16 -38.36 -66.72
CA LEU A 1447 -12.99 -39.06 -67.99
C LEU A 1447 -12.43 -38.11 -69.05
N PHE A 1448 -11.33 -37.44 -68.71
CA PHE A 1448 -10.61 -36.61 -69.66
C PHE A 1448 -9.10 -36.67 -69.41
N GLU A 1449 -8.65 -37.47 -68.43
CA GLU A 1449 -7.27 -37.42 -67.98
C GLU A 1449 -6.35 -38.43 -68.67
N SER A 1450 -6.92 -39.45 -69.32
CA SER A 1450 -6.12 -40.28 -70.21
C SER A 1450 -5.85 -39.57 -71.54
N LEU A 1451 -6.66 -38.56 -71.87
CA LEU A 1451 -6.45 -37.81 -73.10
C LEU A 1451 -5.23 -36.91 -72.99
N SER A 1452 -4.84 -36.52 -71.78
CA SER A 1452 -3.63 -35.74 -71.58
C SER A 1452 -2.37 -36.56 -71.85
N ASN A 1453 -2.44 -37.89 -71.73
CA ASN A 1453 -1.36 -38.76 -72.17
C ASN A 1453 -1.56 -39.23 -73.61
N GLU A 1454 -2.80 -39.20 -74.10
CA GLU A 1454 -3.05 -39.63 -75.47
C GLU A 1454 -2.61 -38.57 -76.49
N ALA A 1455 -3.21 -37.39 -76.45
CA ALA A 1455 -3.06 -36.40 -77.50
C ALA A 1455 -2.82 -35.00 -76.94
N ALA A 1456 -1.87 -34.89 -76.00
CA ALA A 1456 -1.42 -33.59 -75.53
C ALA A 1456 0.08 -33.41 -75.66
N LEU A 1457 0.82 -34.47 -76.03
CA LEU A 1457 2.25 -34.39 -76.29
C LEU A 1457 2.57 -34.93 -77.68
N LYS A 1458 1.61 -34.84 -78.60
CA LYS A 1458 1.75 -35.41 -79.94
C LYS A 1458 2.48 -34.42 -80.82
N ALA A 1459 3.82 -34.57 -80.88
CA ALA A 1459 4.72 -33.80 -81.73
C ALA A 1459 4.63 -32.30 -81.47
N ASN A 1460 4.55 -31.93 -80.20
CA ASN A 1460 4.47 -30.52 -79.82
C ASN A 1460 5.06 -30.27 -78.43
N ILE B 38 -19.47 -9.31 64.64
CA ILE B 38 -18.87 -8.43 63.63
C ILE B 38 -17.47 -8.91 63.28
N ASN B 39 -16.85 -8.24 62.32
CA ASN B 39 -15.49 -8.58 61.92
C ASN B 39 -14.48 -8.13 62.96
N THR B 40 -13.42 -8.93 63.12
CA THR B 40 -12.32 -8.56 64.01
C THR B 40 -11.11 -8.04 63.25
N ALA B 41 -10.53 -8.87 62.38
CA ALA B 41 -9.39 -8.45 61.57
C ALA B 41 -9.39 -9.07 60.17
N GLN B 42 -10.41 -9.86 59.83
CA GLN B 42 -10.35 -10.73 58.65
C GLN B 42 -11.11 -10.18 57.46
N ASP B 43 -11.69 -8.99 57.55
CA ASP B 43 -12.46 -8.41 56.46
C ASP B 43 -11.58 -8.09 55.25
N LYS B 44 -10.69 -7.10 55.40
CA LYS B 44 -9.72 -6.65 54.38
C LYS B 44 -10.35 -6.33 53.03
N TRP B 45 -11.62 -5.95 53.00
CA TRP B 45 -12.34 -5.83 51.75
C TRP B 45 -13.00 -4.48 51.53
N HIS B 46 -13.46 -3.81 52.59
CA HIS B 46 -14.22 -2.58 52.46
C HIS B 46 -13.36 -1.35 52.19
N LEU B 47 -12.10 -1.51 51.81
CA LEU B 47 -11.31 -0.39 51.33
C LEU B 47 -11.56 -0.11 49.85
N LEU B 48 -11.84 -1.15 49.06
CA LEU B 48 -12.16 -1.01 47.65
C LEU B 48 -13.52 -0.35 47.37
N PRO B 49 -14.63 -0.64 48.07
CA PRO B 49 -15.84 0.18 47.83
C PRO B 49 -15.70 1.61 48.28
N ALA B 50 -14.94 1.88 49.35
CA ALA B 50 -14.69 3.25 49.75
C ALA B 50 -13.83 3.98 48.72
N PHE B 51 -12.84 3.29 48.14
CA PHE B 51 -12.03 3.87 47.09
C PHE B 51 -12.86 4.16 45.83
N LEU B 52 -13.75 3.23 45.47
CA LEU B 52 -14.64 3.42 44.34
C LEU B 52 -15.67 4.52 44.59
N LYS B 53 -16.05 4.74 45.83
CA LYS B 53 -16.99 5.81 46.16
C LYS B 53 -16.31 7.18 46.16
N VAL B 54 -15.08 7.26 46.65
CA VAL B 54 -14.39 8.55 46.70
C VAL B 54 -13.86 8.93 45.33
N LYS B 55 -12.99 8.10 44.74
CA LYS B 55 -12.38 8.46 43.47
C LYS B 55 -13.10 7.85 42.27
N GLY B 56 -13.33 6.55 42.26
CA GLY B 56 -14.05 5.91 41.18
C GLY B 56 -13.13 5.13 40.25
N LEU B 57 -13.76 4.35 39.37
CA LEU B 57 -13.02 3.50 38.46
C LEU B 57 -12.45 4.31 37.31
N VAL B 58 -13.31 4.96 36.53
CA VAL B 58 -12.87 5.75 35.38
C VAL B 58 -12.54 7.14 35.90
N LYS B 59 -11.26 7.38 36.15
CA LYS B 59 -10.77 8.70 36.50
C LYS B 59 -9.51 9.05 35.72
N GLN B 60 -9.14 8.23 34.73
CA GLN B 60 -8.00 8.51 33.86
C GLN B 60 -8.30 9.61 32.86
N HIS B 61 -9.56 9.97 32.69
CA HIS B 61 -9.95 11.06 31.81
C HIS B 61 -10.60 12.23 32.54
N LEU B 62 -11.47 11.93 33.51
CA LEU B 62 -12.23 12.96 34.21
C LEU B 62 -11.32 13.85 35.07
N ASP B 63 -10.47 13.22 35.89
CA ASP B 63 -9.57 13.96 36.77
C ASP B 63 -8.54 14.74 35.96
N SER B 64 -8.06 14.17 34.86
CA SER B 64 -7.07 14.85 34.04
C SER B 64 -7.68 16.02 33.30
N PHE B 65 -8.92 15.89 32.82
CA PHE B 65 -9.56 17.00 32.14
C PHE B 65 -9.97 18.10 33.11
N ASN B 66 -10.35 17.73 34.34
CA ASN B 66 -10.67 18.74 35.35
C ASN B 66 -9.42 19.49 35.78
N TYR B 67 -8.29 18.79 35.93
CA TYR B 67 -7.04 19.45 36.23
C TYR B 67 -6.58 20.34 35.07
N PHE B 68 -6.87 19.91 33.84
CA PHE B 68 -6.61 20.73 32.66
C PHE B 68 -7.37 22.04 32.71
N VAL B 69 -8.71 21.97 32.76
CA VAL B 69 -9.55 23.16 32.75
C VAL B 69 -9.45 23.99 34.03
N ASP B 70 -8.84 23.45 35.10
CA ASP B 70 -8.63 24.24 36.30
C ASP B 70 -7.27 24.92 36.32
N THR B 71 -6.23 24.28 35.81
CA THR B 71 -4.87 24.82 35.92
C THR B 71 -4.24 25.15 34.58
N ASP B 72 -4.23 24.20 33.63
CA ASP B 72 -3.39 24.37 32.45
C ASP B 72 -4.00 25.32 31.43
N LEU B 73 -5.34 25.31 31.31
CA LEU B 73 -6.01 26.23 30.40
C LEU B 73 -5.84 27.68 30.83
N LYS B 74 -5.69 27.93 32.13
CA LYS B 74 -5.39 29.26 32.63
C LYS B 74 -3.90 29.55 32.65
N LYS B 75 -3.06 28.51 32.69
CA LYS B 75 -1.62 28.69 32.81
C LYS B 75 -0.94 28.93 31.47
N ILE B 76 -1.31 28.21 30.41
CA ILE B 76 -0.53 28.30 29.17
C ILE B 76 -0.84 29.54 28.36
N ILE B 77 -1.90 30.28 28.72
CA ILE B 77 -2.22 31.52 28.02
C ILE B 77 -1.27 32.63 28.46
N LYS B 78 -0.72 32.54 29.68
CA LYS B 78 0.25 33.53 30.16
C LYS B 78 1.56 33.48 29.38
N ALA B 79 1.87 32.35 28.73
CA ALA B 79 3.05 32.27 27.89
C ALA B 79 2.84 32.90 26.51
N ASN B 80 1.59 33.22 26.14
CA ASN B 80 1.32 33.87 24.87
C ASN B 80 0.22 34.90 25.12
N GLN B 81 0.62 36.13 25.45
CA GLN B 81 -0.35 37.18 25.75
C GLN B 81 0.00 38.48 25.03
N LEU B 82 1.27 38.63 24.63
CA LEU B 82 1.75 39.87 24.05
C LEU B 82 1.76 39.74 22.53
N ILE B 83 0.99 40.60 21.86
CA ILE B 83 0.71 40.43 20.43
C ILE B 83 1.19 41.64 19.62
N LEU B 84 2.29 42.26 20.08
CA LEU B 84 2.82 43.50 19.50
C LEU B 84 3.11 43.38 18.01
N SER B 85 2.81 44.45 17.28
CA SER B 85 2.84 44.47 15.83
C SER B 85 4.04 45.27 15.32
N ASP B 86 4.30 45.12 14.02
CA ASP B 86 5.39 45.84 13.38
C ASP B 86 5.00 47.30 13.14
N VAL B 87 3.95 47.52 12.36
CA VAL B 87 3.46 48.86 12.10
C VAL B 87 2.73 49.38 13.34
N ASP B 88 2.82 50.72 13.56
CA ASP B 88 2.23 51.46 14.67
C ASP B 88 2.63 50.86 16.01
N PRO B 89 3.87 51.07 16.48
CA PRO B 89 4.33 50.39 17.70
C PRO B 89 3.70 50.91 18.99
N GLU B 90 2.37 50.80 19.09
CA GLU B 90 1.63 51.15 20.29
C GLU B 90 0.58 50.12 20.67
N PHE B 91 0.14 49.28 19.73
CA PHE B 91 -1.01 48.41 19.93
C PHE B 91 -0.61 47.09 20.61
N TYR B 92 -1.43 46.66 21.57
CA TYR B 92 -1.23 45.39 22.23
C TYR B 92 -2.54 44.93 22.89
N LEU B 93 -2.68 43.62 23.00
CA LEU B 93 -3.61 42.98 23.91
C LEU B 93 -2.81 42.30 25.02
N LYS B 94 -3.51 41.89 26.08
CA LYS B 94 -2.84 41.29 27.23
C LYS B 94 -3.85 40.44 27.97
N TYR B 95 -3.65 39.12 27.95
CA TYR B 95 -4.57 38.19 28.60
C TYR B 95 -4.34 38.21 30.10
N VAL B 96 -5.40 38.48 30.87
CA VAL B 96 -5.31 38.41 32.32
C VAL B 96 -6.12 37.27 32.90
N ASP B 97 -7.14 36.78 32.20
CA ASP B 97 -7.98 35.71 32.72
C ASP B 97 -8.60 34.95 31.56
N ILE B 98 -8.74 33.65 31.74
CA ILE B 98 -9.39 32.78 30.76
C ILE B 98 -10.06 31.63 31.50
N ARG B 99 -11.30 31.33 31.12
CA ARG B 99 -12.09 30.32 31.80
C ARG B 99 -13.12 29.76 30.84
N VAL B 100 -13.58 28.55 31.14
CA VAL B 100 -14.43 27.79 30.24
C VAL B 100 -15.85 27.72 30.81
N GLY B 101 -16.81 28.23 30.04
CA GLY B 101 -18.23 28.08 30.32
C GLY B 101 -18.72 28.67 31.63
N LYS B 102 -18.16 29.80 32.06
CA LYS B 102 -18.51 30.38 33.36
C LYS B 102 -19.54 31.49 33.23
N LYS B 103 -19.22 32.56 32.48
CA LYS B 103 -20.08 33.73 32.25
C LYS B 103 -20.47 34.37 33.59
N SER B 104 -19.47 34.97 34.23
CA SER B 104 -19.59 35.34 35.64
C SER B 104 -20.39 36.61 35.90
N SER B 105 -21.56 36.73 35.26
CA SER B 105 -22.67 37.56 35.71
C SER B 105 -23.93 36.74 35.88
N SER B 106 -24.29 35.97 34.86
CA SER B 106 -25.40 35.03 34.87
C SER B 106 -24.90 33.65 35.29
N SER B 107 -25.67 32.61 35.00
CA SER B 107 -25.25 31.23 35.24
C SER B 107 -24.26 30.76 34.19
N THR B 108 -24.01 29.44 34.12
CA THR B 108 -22.85 28.92 33.39
C THR B 108 -22.97 29.13 31.87
N LYS B 109 -24.10 28.72 31.28
CA LYS B 109 -24.35 28.99 29.87
C LYS B 109 -25.80 29.40 29.61
N ASP B 110 -26.71 29.10 30.56
CA ASP B 110 -28.17 29.26 30.60
C ASP B 110 -28.88 28.24 29.70
N TYR B 111 -28.14 27.55 28.84
CA TYR B 111 -28.58 26.27 28.29
C TYR B 111 -27.59 25.16 28.59
N LEU B 112 -26.33 25.32 28.15
CA LEU B 112 -25.28 24.31 28.16
C LEU B 112 -25.81 22.97 27.64
N THR B 113 -26.09 22.98 26.32
CA THR B 113 -26.92 22.09 25.50
C THR B 113 -26.88 20.64 25.96
N PRO B 114 -28.04 20.06 26.31
CA PRO B 114 -28.06 18.80 27.09
C PRO B 114 -27.53 17.61 26.31
N PRO B 115 -26.80 16.70 26.98
CA PRO B 115 -25.93 15.76 26.25
C PRO B 115 -26.65 14.73 25.38
N HIS B 116 -27.67 14.07 25.91
CA HIS B 116 -28.39 13.09 25.10
C HIS B 116 -29.21 13.76 24.01
N GLU B 117 -29.70 14.97 24.26
CA GLU B 117 -30.33 15.75 23.21
C GLU B 117 -29.30 16.17 22.15
N CYS B 118 -28.08 16.47 22.59
CA CYS B 118 -27.04 16.90 21.65
C CYS B 118 -26.54 15.73 20.81
N ARG B 119 -26.71 14.50 21.28
CA ARG B 119 -26.31 13.34 20.50
C ARG B 119 -27.29 13.08 19.34
N LEU B 120 -28.58 13.39 19.54
CA LEU B 120 -29.57 13.20 18.49
C LEU B 120 -29.68 14.37 17.54
N ARG B 121 -29.26 15.57 17.96
CA ARG B 121 -29.37 16.76 17.13
C ARG B 121 -28.24 16.86 16.10
N ASP B 122 -27.27 15.93 16.15
CA ASP B 122 -26.03 15.95 15.36
C ASP B 122 -25.27 17.26 15.60
N MET B 123 -25.18 17.63 16.86
CA MET B 123 -24.42 18.78 17.33
C MET B 123 -23.27 18.28 18.20
N THR B 124 -22.19 19.05 18.26
CA THR B 124 -21.10 18.78 19.19
C THR B 124 -21.46 19.32 20.57
N TYR B 125 -21.15 18.54 21.60
CA TYR B 125 -21.40 18.96 22.98
C TYR B 125 -20.28 19.89 23.42
N SER B 126 -20.62 21.16 23.67
CA SER B 126 -19.59 22.16 23.85
C SER B 126 -20.03 23.22 24.86
N ALA B 127 -19.05 23.98 25.34
CA ALA B 127 -19.22 25.14 26.19
C ALA B 127 -18.10 26.11 25.80
N PRO B 128 -18.38 27.40 25.63
CA PRO B 128 -17.40 28.30 25.01
C PRO B 128 -16.30 28.79 25.93
N ILE B 129 -15.41 29.61 25.38
CA ILE B 129 -14.28 30.21 26.08
C ILE B 129 -14.68 31.62 26.47
N TYR B 130 -14.13 32.13 27.57
CA TYR B 130 -14.33 33.53 27.96
C TYR B 130 -13.01 34.10 28.44
N VAL B 131 -12.61 35.24 27.87
CA VAL B 131 -11.32 35.85 28.14
C VAL B 131 -11.51 37.30 28.55
N ASP B 132 -10.48 37.86 29.20
CA ASP B 132 -10.43 39.26 29.61
C ASP B 132 -9.15 39.88 29.08
N ILE B 133 -9.28 40.97 28.32
CA ILE B 133 -8.14 41.58 27.64
C ILE B 133 -8.29 43.09 27.60
N GLU B 134 -7.14 43.77 27.41
CA GLU B 134 -7.07 45.21 27.25
C GLU B 134 -7.01 45.58 25.76
N TYR B 135 -6.89 46.88 25.50
CA TYR B 135 -6.73 47.40 24.14
C TYR B 135 -5.82 48.62 24.23
N THR B 136 -5.73 49.35 23.11
CA THR B 136 -5.20 50.71 23.03
C THR B 136 -6.14 51.56 22.20
N ARG B 137 -7.42 51.55 22.57
CA ARG B 137 -8.55 52.09 21.82
C ARG B 137 -8.38 53.57 21.51
N GLY B 138 -8.40 54.42 22.53
CA GLY B 138 -8.28 55.84 22.35
C GLY B 138 -6.84 56.32 22.44
N ARG B 139 -6.69 57.63 22.27
CA ARG B 139 -5.39 58.25 22.51
C ARG B 139 -5.02 58.22 23.99
N ASN B 140 -6.02 58.24 24.86
CA ASN B 140 -5.79 58.09 26.30
C ASN B 140 -6.77 57.13 26.96
N ILE B 141 -7.36 56.21 26.20
CA ILE B 141 -8.41 55.33 26.68
C ILE B 141 -8.00 53.89 26.40
N ILE B 142 -8.09 53.04 27.44
CA ILE B 142 -7.85 51.61 27.31
C ILE B 142 -9.10 50.88 27.80
N MET B 143 -9.74 50.14 26.89
CA MET B 143 -10.92 49.35 27.21
C MET B 143 -10.52 48.00 27.80
N HIS B 144 -11.46 47.42 28.57
CA HIS B 144 -11.27 46.10 29.16
C HIS B 144 -12.42 45.18 28.75
N LYS B 145 -12.72 45.14 27.45
CA LYS B 145 -13.87 44.39 26.96
C LYS B 145 -13.65 42.88 27.10
N ASP B 146 -14.68 42.20 27.60
CA ASP B 146 -14.60 40.80 27.98
C ASP B 146 -15.37 39.98 26.93
N VAL B 147 -14.64 39.34 26.03
CA VAL B 147 -15.22 38.70 24.86
C VAL B 147 -15.06 37.19 24.97
N GLU B 148 -15.63 36.49 23.98
CA GLU B 148 -15.52 35.04 23.85
C GLU B 148 -14.73 34.69 22.59
N ILE B 149 -14.03 33.56 22.64
CA ILE B 149 -13.27 33.10 21.47
C ILE B 149 -13.55 31.62 21.19
N GLY B 150 -14.52 31.37 20.31
CA GLY B 150 -14.79 30.02 19.86
C GLY B 150 -15.42 29.08 20.87
N ARG B 151 -15.79 27.88 20.42
CA ARG B 151 -16.38 26.88 21.28
C ARG B 151 -15.32 25.84 21.70
N MET B 152 -15.70 24.97 22.63
CA MET B 152 -14.79 23.94 23.12
C MET B 152 -15.56 22.75 23.67
N PRO B 153 -15.26 21.51 23.25
CA PRO B 153 -15.93 20.35 23.84
C PRO B 153 -15.42 20.01 25.22
N ILE B 154 -16.33 19.52 26.06
CA ILE B 154 -16.04 19.11 27.42
C ILE B 154 -16.58 17.69 27.61
N MET B 155 -15.74 16.79 28.12
CA MET B 155 -16.19 15.42 28.34
C MET B 155 -17.18 15.34 29.48
N LEU B 156 -18.01 14.30 29.43
CA LEU B 156 -19.10 14.12 30.38
C LEU B 156 -18.56 13.82 31.78
N ARG B 157 -19.42 14.07 32.78
CA ARG B 157 -19.18 13.82 34.20
C ARG B 157 -18.00 14.61 34.77
N SER B 158 -17.57 15.68 34.10
CA SER B 158 -16.46 16.49 34.57
C SER B 158 -17.00 17.62 35.45
N ASN B 159 -16.15 18.62 35.72
CA ASN B 159 -16.58 19.75 36.53
C ASN B 159 -17.51 20.66 35.74
N LYS B 160 -17.11 21.05 34.53
CA LYS B 160 -17.87 22.01 33.73
C LYS B 160 -18.88 21.29 32.83
N CYS B 161 -19.78 20.54 33.46
CA CYS B 161 -20.79 19.79 32.73
C CYS B 161 -22.10 19.80 33.51
N ILE B 162 -23.18 19.38 32.84
CA ILE B 162 -24.49 19.30 33.46
C ILE B 162 -24.59 18.10 34.39
N LEU B 163 -24.00 16.97 33.99
CA LEU B 163 -24.25 15.67 34.62
C LEU B 163 -23.41 15.45 35.88
N TYR B 164 -22.87 16.49 36.48
CA TYR B 164 -22.11 16.37 37.72
C TYR B 164 -23.06 16.50 38.90
N ASP B 165 -23.07 15.48 39.77
CA ASP B 165 -23.87 15.40 41.00
C ASP B 165 -25.37 15.50 40.70
N ALA B 166 -25.86 14.47 40.02
CA ALA B 166 -27.28 14.32 39.73
C ALA B 166 -27.69 12.89 40.04
N ASP B 167 -28.92 12.72 40.52
CA ASP B 167 -29.32 11.42 41.06
C ASP B 167 -30.81 11.20 40.79
N GLU B 168 -31.13 10.59 39.64
CA GLU B 168 -32.47 10.14 39.23
C GLU B 168 -33.55 11.21 39.13
N SER B 169 -33.22 12.49 39.32
CA SER B 169 -34.17 13.57 39.05
C SER B 169 -33.70 14.43 37.89
N LYS B 170 -32.50 15.00 38.00
CA LYS B 170 -31.87 15.63 36.83
C LYS B 170 -31.48 14.57 35.81
N MET B 171 -31.19 13.35 36.26
CA MET B 171 -30.95 12.25 35.33
C MET B 171 -32.21 11.87 34.57
N ALA B 172 -33.37 11.95 35.23
CA ALA B 172 -34.62 11.63 34.56
C ALA B 172 -35.08 12.76 33.64
N LYS B 173 -34.84 14.02 34.03
CA LYS B 173 -35.20 15.14 33.16
C LYS B 173 -34.22 15.29 32.00
N LEU B 174 -32.98 14.83 32.18
CA LEU B 174 -31.94 14.92 31.16
C LEU B 174 -31.95 13.73 30.21
N ASN B 175 -32.71 12.67 30.54
CA ASN B 175 -33.00 11.54 29.65
C ASN B 175 -31.72 10.81 29.24
N GLU B 176 -30.93 10.41 30.23
CA GLU B 176 -29.72 9.63 29.97
C GLU B 176 -29.42 8.79 31.21
N CYS B 177 -28.66 7.72 30.99
CA CYS B 177 -28.46 6.71 32.03
C CYS B 177 -27.43 7.18 33.06
N PRO B 178 -27.74 7.07 34.36
CA PRO B 178 -26.76 7.48 35.37
C PRO B 178 -25.76 6.39 35.73
N LEU B 179 -25.21 5.70 34.73
CA LEU B 179 -24.20 4.69 35.01
C LEU B 179 -23.11 4.69 33.94
N ASP B 180 -23.13 5.60 32.99
CA ASP B 180 -22.11 5.67 31.97
C ASP B 180 -20.77 6.10 32.56
N PRO B 181 -19.66 5.56 32.04
CA PRO B 181 -18.36 5.83 32.66
C PRO B 181 -17.83 7.24 32.44
N GLY B 182 -18.33 7.96 31.44
CA GLY B 182 -17.80 9.27 31.13
C GLY B 182 -16.49 9.16 30.39
N GLY B 183 -15.73 10.25 30.40
CA GLY B 183 -14.47 10.30 29.69
C GLY B 183 -14.61 10.42 28.19
N TYR B 184 -15.80 10.78 27.71
CA TYR B 184 -16.03 10.93 26.28
C TYR B 184 -16.90 12.15 26.06
N PHE B 185 -16.92 12.63 24.82
CA PHE B 185 -17.72 13.81 24.49
C PHE B 185 -18.20 13.71 23.05
N ILE B 186 -19.47 14.07 22.86
CA ILE B 186 -20.11 13.93 21.56
C ILE B 186 -19.60 15.03 20.64
N VAL B 187 -18.98 14.63 19.53
CA VAL B 187 -18.53 15.55 18.50
C VAL B 187 -19.09 15.10 17.16
N ASN B 188 -19.89 15.99 16.54
CA ASN B 188 -20.56 15.74 15.25
C ASN B 188 -21.43 14.49 15.28
N GLY B 189 -22.38 14.47 16.22
CA GLY B 189 -23.32 13.37 16.33
C GLY B 189 -22.78 12.18 17.10
N THR B 190 -21.69 11.59 16.59
CA THR B 190 -21.05 10.49 17.29
C THR B 190 -20.23 11.00 18.47
N GLU B 191 -19.73 10.08 19.27
CA GLU B 191 -18.91 10.41 20.43
C GLU B 191 -17.56 9.69 20.32
N LYS B 192 -16.50 10.36 20.75
CA LYS B 192 -15.15 9.83 20.66
C LYS B 192 -14.55 9.71 22.05
N VAL B 193 -13.63 8.77 22.20
CA VAL B 193 -12.95 8.50 23.46
C VAL B 193 -11.46 8.65 23.25
N ILE B 194 -10.84 9.59 23.95
CA ILE B 194 -9.40 9.78 23.86
C ILE B 194 -8.71 8.63 24.59
N LEU B 195 -8.02 7.76 23.84
CA LEU B 195 -7.34 6.63 24.43
C LEU B 195 -6.12 7.10 25.22
N VAL B 196 -5.79 6.36 26.28
CA VAL B 196 -4.67 6.71 27.14
C VAL B 196 -3.40 6.24 26.44
N GLN B 197 -2.66 7.17 25.86
CA GLN B 197 -1.45 6.83 25.12
C GLN B 197 -0.31 6.52 26.08
N GLU B 198 0.44 5.46 25.79
CA GLU B 198 1.62 5.09 26.55
C GLU B 198 2.86 5.26 25.70
N GLN B 199 3.86 5.94 26.26
CA GLN B 199 5.17 6.04 25.63
C GLN B 199 6.24 5.62 26.64
N LEU B 200 7.50 5.84 26.31
CA LEU B 200 8.59 5.50 27.22
C LEU B 200 8.77 6.65 28.21
N SER B 201 9.81 6.55 29.05
CA SER B 201 10.12 7.62 29.97
C SER B 201 10.74 8.80 29.22
N LYS B 202 10.85 9.93 29.91
CA LYS B 202 11.34 11.15 29.27
C LYS B 202 12.69 11.59 29.83
N ASN B 203 12.82 11.76 31.13
CA ASN B 203 14.09 12.17 31.72
C ASN B 203 14.82 11.01 32.38
N ARG B 204 15.05 9.94 31.62
CA ARG B 204 15.77 8.77 32.11
C ARG B 204 16.84 8.38 31.11
N ILE B 205 17.67 7.43 31.51
CA ILE B 205 18.77 6.92 30.70
C ILE B 205 18.52 5.43 30.52
N ILE B 206 18.01 5.05 29.35
CA ILE B 206 17.61 3.68 29.09
C ILE B 206 18.76 2.94 28.40
N VAL B 207 18.96 1.68 28.77
CA VAL B 207 20.07 0.87 28.29
C VAL B 207 19.59 0.02 27.12
N GLU B 208 20.40 -0.05 26.06
CA GLU B 208 20.11 -0.91 24.93
C GLU B 208 21.32 -1.80 24.66
N ALA B 209 21.11 -2.82 23.83
CA ALA B 209 22.16 -3.79 23.54
C ALA B 209 21.94 -4.36 22.14
N ASP B 210 23.01 -4.92 21.58
CA ASP B 210 22.96 -5.52 20.26
C ASP B 210 24.09 -6.57 20.21
N GLU B 211 24.41 -7.05 19.02
CA GLU B 211 25.44 -8.07 18.83
C GLU B 211 26.81 -7.41 18.89
N LYS B 212 27.27 -7.18 20.13
CA LYS B 212 28.61 -6.72 20.55
C LYS B 212 29.11 -5.45 19.84
N LYS B 213 28.22 -4.68 19.20
CA LYS B 213 28.61 -3.42 18.58
C LYS B 213 27.70 -2.29 19.04
N GLY B 214 26.41 -2.59 19.16
CA GLY B 214 25.43 -1.62 19.58
C GLY B 214 25.21 -1.60 21.07
N ILE B 215 26.13 -1.00 21.82
CA ILE B 215 26.05 -0.93 23.28
C ILE B 215 25.64 0.51 23.60
N VAL B 216 24.84 1.10 22.70
CA VAL B 216 24.31 2.45 22.82
C VAL B 216 23.55 2.68 24.13
N GLN B 217 23.91 3.75 24.84
CA GLN B 217 23.27 4.15 26.08
C GLN B 217 22.38 5.34 25.75
N ALA B 218 21.18 5.05 25.25
CA ALA B 218 20.34 6.07 24.66
C ALA B 218 19.49 6.77 25.72
N SER B 219 18.84 7.85 25.31
CA SER B 219 17.98 8.64 26.17
C SER B 219 17.06 9.48 25.29
N VAL B 220 16.20 10.26 25.94
CA VAL B 220 15.51 11.40 25.35
C VAL B 220 15.56 12.54 26.37
N THR B 221 15.09 13.71 25.96
CA THR B 221 15.03 14.86 26.84
C THR B 221 13.96 15.82 26.32
N SER B 222 13.51 16.71 27.20
CA SER B 222 12.49 17.70 26.83
C SER B 222 12.62 18.92 27.71
N SER B 223 12.89 20.06 27.10
CA SER B 223 12.70 21.37 27.70
C SER B 223 11.44 22.01 27.14
N THR B 224 10.43 21.17 26.90
CA THR B 224 9.09 21.41 26.33
C THR B 224 9.10 21.82 24.87
N HIS B 225 10.27 21.97 24.23
CA HIS B 225 10.30 22.24 22.79
C HIS B 225 11.44 21.57 22.05
N GLU B 226 12.24 20.72 22.71
CA GLU B 226 13.38 20.08 22.07
C GLU B 226 13.48 18.64 22.51
N ARG B 227 13.32 17.69 21.58
CA ARG B 227 13.74 16.32 21.84
C ARG B 227 14.83 15.89 20.86
N LYS B 228 14.49 15.70 19.59
CA LYS B 228 15.32 15.65 18.39
C LYS B 228 16.32 14.49 18.28
N SER B 229 16.82 13.98 19.42
CA SER B 229 17.79 12.89 19.53
C SER B 229 18.22 12.65 20.98
N LYS B 230 18.91 11.55 21.24
CA LYS B 230 20.07 11.65 22.12
C LYS B 230 21.28 10.93 21.55
N THR B 231 21.10 9.73 21.00
CA THR B 231 22.05 8.95 20.19
C THR B 231 23.47 8.90 20.77
N TYR B 232 23.59 8.26 21.93
CA TYR B 232 24.89 8.04 22.56
C TYR B 232 25.40 6.63 22.21
N VAL B 233 25.83 6.49 20.96
CA VAL B 233 26.17 5.18 20.40
C VAL B 233 27.67 4.98 20.50
N ILE B 234 28.09 3.72 20.46
CA ILE B 234 29.49 3.32 20.50
C ILE B 234 29.86 2.73 19.13
N THR B 235 31.04 3.09 18.62
CA THR B 235 31.53 2.56 17.36
C THR B 235 32.75 1.66 17.57
N LYS B 236 33.76 2.17 18.26
CA LYS B 236 34.94 1.41 18.62
C LYS B 236 35.00 1.32 20.14
N ASN B 237 35.69 0.29 20.65
CA ASN B 237 35.77 0.06 22.08
C ASN B 237 36.46 1.22 22.80
N GLY B 238 35.72 1.87 23.70
CA GLY B 238 36.14 3.11 24.31
C GLY B 238 35.59 4.33 23.61
N LYS B 239 35.28 4.19 22.32
CA LYS B 239 34.81 5.31 21.50
C LYS B 239 33.28 5.30 21.47
N ILE B 240 32.66 6.05 22.38
CA ILE B 240 31.21 6.09 22.53
C ILE B 240 30.76 7.50 22.17
N TYR B 241 31.29 8.00 21.04
CA TYR B 241 31.05 9.35 20.51
C TYR B 241 29.58 9.78 20.60
N LEU B 242 29.37 11.00 21.06
CA LEU B 242 28.05 11.64 21.01
C LEU B 242 27.69 11.90 19.55
N LYS B 243 26.59 11.31 19.10
CA LYS B 243 26.08 11.57 17.76
C LYS B 243 24.91 12.53 17.82
N HIS B 244 24.62 13.16 16.69
CA HIS B 244 23.49 14.06 16.54
C HIS B 244 23.14 14.07 15.06
N ASN B 245 21.97 14.61 14.72
CA ASN B 245 21.64 14.72 13.31
C ASN B 245 22.13 16.01 12.67
N SER B 246 22.26 17.08 13.45
CA SER B 246 22.85 18.33 12.97
C SER B 246 24.34 18.39 13.29
N ILE B 247 25.08 17.34 12.92
CA ILE B 247 26.52 17.29 13.13
C ILE B 247 27.08 16.37 12.05
N ALA B 248 28.36 16.54 11.73
CA ALA B 248 28.92 15.80 10.61
C ALA B 248 29.29 14.37 10.99
N GLU B 249 30.27 14.19 11.87
CA GLU B 249 30.77 12.85 12.16
C GLU B 249 30.54 12.42 13.60
N GLU B 250 31.16 13.08 14.58
CA GLU B 250 31.31 12.53 15.92
C GLU B 250 32.00 13.49 16.88
N ILE B 251 31.75 13.34 18.18
CA ILE B 251 32.45 14.10 19.20
C ILE B 251 32.84 13.15 20.33
N PRO B 252 34.12 13.10 20.73
CA PRO B 252 34.52 12.16 21.80
C PRO B 252 34.00 12.57 23.17
N ILE B 253 34.05 11.60 24.09
CA ILE B 253 33.62 11.86 25.46
C ILE B 253 34.69 12.64 26.21
N ALA B 254 35.96 12.32 25.95
CA ALA B 254 37.08 12.94 26.64
C ALA B 254 37.28 14.40 26.27
N ILE B 255 36.55 14.92 25.29
CA ILE B 255 36.54 16.35 25.03
C ILE B 255 35.23 17.01 25.45
N VAL B 256 34.11 16.26 25.50
CA VAL B 256 32.87 16.81 26.06
C VAL B 256 33.03 17.04 27.57
N LEU B 257 33.46 16.00 28.29
CA LEU B 257 33.62 16.06 29.74
C LEU B 257 34.78 16.99 30.16
N LYS B 258 35.64 17.39 29.22
CA LYS B 258 36.76 18.26 29.50
C LYS B 258 36.54 19.68 29.00
N ALA B 259 35.60 19.88 28.07
CA ALA B 259 35.25 21.21 27.57
C ALA B 259 34.03 21.78 28.29
N CYS B 260 32.89 21.11 28.15
CA CYS B 260 31.69 21.58 28.85
C CYS B 260 31.55 20.92 30.21
N GLY B 261 32.59 20.24 30.66
CA GLY B 261 32.69 19.77 32.02
C GLY B 261 33.95 20.30 32.68
N ILE B 262 34.06 20.01 33.97
CA ILE B 262 35.27 20.38 34.71
C ILE B 262 36.45 19.55 34.21
N LEU B 263 37.59 20.21 34.03
CA LEU B 263 38.74 19.64 33.34
C LEU B 263 39.84 19.33 34.34
N SER B 264 40.23 18.07 34.43
CA SER B 264 41.38 17.68 35.22
C SER B 264 42.26 16.60 34.59
N ASP B 265 41.76 15.85 33.60
CA ASP B 265 42.40 14.71 32.92
C ASP B 265 42.79 13.59 33.90
N LEU B 266 42.26 13.63 35.12
CA LEU B 266 42.44 12.62 36.13
C LEU B 266 41.12 12.17 36.73
N GLU B 267 40.18 13.09 36.91
CA GLU B 267 38.83 12.74 37.35
C GLU B 267 38.09 11.90 36.31
N ILE B 268 38.43 12.03 35.03
CA ILE B 268 37.87 11.16 34.00
C ILE B 268 38.30 9.71 34.19
N MET B 269 39.41 9.46 34.88
CA MET B 269 39.75 8.12 35.36
C MET B 269 39.18 7.85 36.74
N GLN B 270 38.88 8.90 37.50
CA GLN B 270 38.59 8.81 38.93
C GLN B 270 37.13 9.03 39.29
N LEU B 271 36.48 10.03 38.69
CA LEU B 271 35.13 10.41 39.11
C LEU B 271 34.05 9.61 38.39
N VAL B 272 34.30 9.19 37.15
CA VAL B 272 33.25 8.72 36.26
C VAL B 272 33.27 7.21 36.04
N CYS B 273 34.33 6.52 36.48
CA CYS B 273 34.51 5.13 36.08
C CYS B 273 34.69 4.24 37.31
N GLY B 274 35.25 4.79 38.38
CA GLY B 274 35.44 4.07 39.62
C GLY B 274 36.87 4.17 40.11
N ASN B 275 37.17 3.38 41.13
CA ASN B 275 38.48 3.39 41.77
C ASN B 275 39.30 2.16 41.46
N ASP B 276 38.69 0.98 41.44
CA ASP B 276 39.42 -0.25 41.17
C ASP B 276 39.75 -0.36 39.68
N SER B 277 40.86 -1.02 39.38
CA SER B 277 41.43 -1.00 38.04
C SER B 277 40.67 -1.88 37.04
N SER B 278 39.68 -2.66 37.51
CA SER B 278 38.97 -3.57 36.61
C SER B 278 38.10 -2.83 35.60
N TYR B 279 37.69 -1.60 35.92
CA TYR B 279 36.96 -0.75 35.00
C TYR B 279 37.85 0.24 34.26
N GLN B 280 38.86 0.80 34.95
CA GLN B 280 39.74 1.77 34.31
C GLN B 280 40.70 1.12 33.32
N ASP B 281 41.00 -0.17 33.49
CA ASP B 281 41.81 -0.87 32.51
C ASP B 281 41.06 -1.08 31.20
N ILE B 282 39.73 -1.10 31.25
CA ILE B 282 38.93 -1.12 30.03
C ILE B 282 38.73 0.31 29.51
N PHE B 283 38.63 1.28 30.42
CA PHE B 283 38.44 2.68 30.06
C PHE B 283 39.76 3.38 29.71
N ALA B 284 40.88 2.65 29.65
CA ALA B 284 42.16 3.25 29.27
C ALA B 284 42.16 3.75 27.83
N VAL B 285 41.43 3.07 26.95
CA VAL B 285 41.22 3.59 25.60
C VAL B 285 40.27 4.78 25.69
N ASN B 286 40.46 5.76 24.80
CA ASN B 286 39.75 7.04 24.71
C ASN B 286 39.97 7.89 25.96
N LEU B 287 41.12 7.76 26.60
CA LEU B 287 41.54 8.72 27.60
C LEU B 287 42.75 9.51 27.14
N GLU B 288 43.51 8.97 26.18
CA GLU B 288 44.61 9.67 25.54
C GLU B 288 44.18 10.45 24.30
N GLU B 289 42.89 10.45 23.96
CA GLU B 289 42.45 11.20 22.79
C GLU B 289 42.46 12.70 23.03
N SER B 290 42.36 13.13 24.29
CA SER B 290 42.59 14.54 24.62
C SER B 290 44.04 14.94 24.47
N SER B 291 44.97 13.98 24.48
CA SER B 291 46.37 14.23 24.25
C SER B 291 46.80 13.95 22.81
N LYS B 292 46.01 13.22 22.03
CA LYS B 292 46.39 12.87 20.67
C LYS B 292 46.16 14.03 19.73
N LEU B 293 44.96 14.62 19.75
CA LEU B 293 44.65 15.74 18.89
C LEU B 293 45.09 17.06 19.50
N ASP B 294 45.50 17.04 20.77
CA ASP B 294 46.09 18.17 21.51
C ASP B 294 45.12 19.36 21.56
N ILE B 295 44.02 19.14 22.28
CA ILE B 295 42.96 20.13 22.28
C ILE B 295 43.15 21.06 23.48
N TYR B 296 43.03 20.50 24.69
CA TYR B 296 43.49 21.13 25.94
C TYR B 296 42.85 22.49 26.23
N THR B 297 41.57 22.47 26.65
CA THR B 297 40.58 23.54 26.53
C THR B 297 41.04 24.95 26.82
N GLN B 298 41.03 25.78 25.77
CA GLN B 298 40.98 27.23 25.92
C GLN B 298 39.71 27.76 25.29
N GLN B 299 39.58 27.68 23.97
CA GLN B 299 38.35 27.85 23.20
C GLN B 299 38.26 26.87 22.04
N GLN B 300 39.38 26.24 21.65
CA GLN B 300 39.41 25.23 20.61
C GLN B 300 38.70 23.94 21.02
N ALA B 301 38.46 23.73 22.31
CA ALA B 301 37.63 22.61 22.73
C ALA B 301 36.15 22.91 22.54
N LEU B 302 35.80 24.16 22.28
CA LEU B 302 34.50 24.45 21.70
C LEU B 302 34.55 24.46 20.18
N GLU B 303 35.68 24.91 19.62
CA GLU B 303 35.79 25.02 18.16
C GLU B 303 35.80 23.66 17.48
N TYR B 304 36.47 22.66 18.08
CA TYR B 304 36.50 21.33 17.48
C TYR B 304 35.18 20.59 17.66
N ILE B 305 34.46 20.84 18.75
CA ILE B 305 33.18 20.15 18.94
C ILE B 305 32.05 20.84 18.20
N GLY B 306 32.25 22.06 17.71
CA GLY B 306 31.19 22.67 16.92
C GLY B 306 31.61 23.40 15.67
N ALA B 307 32.72 23.00 15.05
CA ALA B 307 32.99 23.43 13.69
C ALA B 307 32.24 22.59 12.67
N LYS B 308 31.57 21.53 13.11
CA LYS B 308 30.85 20.62 12.24
C LYS B 308 29.34 20.77 12.32
N VAL B 309 28.83 21.57 13.24
CA VAL B 309 27.39 21.82 13.32
C VAL B 309 26.99 22.76 12.19
N LYS B 310 25.82 22.53 11.61
CA LYS B 310 25.35 23.33 10.49
C LYS B 310 24.34 24.38 10.95
N THR B 311 23.87 25.17 9.97
CA THR B 311 22.74 26.13 10.01
C THR B 311 22.68 27.02 11.26
N MET B 312 23.63 27.94 11.40
CA MET B 312 23.73 28.77 12.60
C MET B 312 22.69 29.89 12.67
N ARG B 313 21.42 29.54 12.51
CA ARG B 313 20.21 30.25 12.94
C ARG B 313 19.90 31.53 12.15
N ARG B 314 20.90 32.08 11.44
CA ARG B 314 20.77 33.29 10.62
C ARG B 314 22.07 33.55 9.86
N GLN B 315 22.13 34.68 9.15
CA GLN B 315 23.32 35.07 8.39
C GLN B 315 24.30 35.90 9.21
N LYS B 316 24.06 36.09 10.51
CA LYS B 316 24.97 36.87 11.33
C LYS B 316 26.28 36.13 11.60
N LEU B 317 26.29 34.81 11.40
CA LEU B 317 27.38 33.90 11.80
C LEU B 317 27.64 34.07 13.31
N THR B 318 26.61 33.65 14.07
CA THR B 318 26.38 33.82 15.50
C THR B 318 27.27 32.98 16.36
N ILE B 319 28.34 32.35 15.88
CA ILE B 319 29.21 31.59 16.78
C ILE B 319 29.98 32.54 17.70
N LEU B 320 30.57 33.60 17.13
CA LEU B 320 31.54 34.51 17.79
C LEU B 320 32.54 33.76 18.68
N GLN B 321 33.00 32.60 18.15
CA GLN B 321 33.85 31.55 18.71
C GLN B 321 33.39 30.98 20.08
N GLU B 322 32.21 31.37 20.57
CA GLU B 322 31.67 30.79 21.81
C GLU B 322 30.18 30.52 21.80
N GLY B 323 29.39 31.23 20.98
CA GLY B 323 27.94 31.32 21.18
C GLY B 323 27.12 30.11 20.82
N ILE B 324 27.29 29.60 19.59
CA ILE B 324 26.56 28.40 19.20
C ILE B 324 27.05 27.19 19.98
N GLU B 325 28.29 27.23 20.48
CA GLU B 325 28.81 26.15 21.30
C GLU B 325 28.14 26.14 22.66
N ALA B 326 28.00 27.32 23.28
CA ALA B 326 27.32 27.42 24.57
C ALA B 326 25.85 27.05 24.43
N ILE B 327 25.19 27.52 23.37
CA ILE B 327 23.75 27.22 23.26
C ILE B 327 23.52 25.76 22.84
N ALA B 328 24.49 25.14 22.15
CA ALA B 328 24.39 23.73 21.80
C ALA B 328 24.71 22.84 22.99
N THR B 329 25.54 23.32 23.92
CA THR B 329 25.68 22.64 25.20
C THR B 329 24.39 22.73 26.01
N THR B 330 23.79 23.92 26.08
CA THR B 330 22.67 24.10 27.00
C THR B 330 21.37 23.49 26.48
N VAL B 331 20.86 23.99 25.35
CA VAL B 331 19.42 23.83 25.09
C VAL B 331 19.06 22.66 24.17
N ILE B 332 19.98 22.20 23.31
CA ILE B 332 19.61 21.19 22.32
C ILE B 332 20.03 19.78 22.73
N ALA B 333 20.61 19.60 23.92
CA ALA B 333 21.06 18.27 24.32
C ALA B 333 20.76 17.93 25.77
N HIS B 334 20.06 18.80 26.51
CA HIS B 334 19.83 18.59 27.93
C HIS B 334 18.60 19.38 28.34
N LEU B 335 18.08 19.09 29.52
CA LEU B 335 16.86 19.71 30.03
C LEU B 335 17.14 20.86 30.99
N THR B 336 18.41 21.21 31.21
CA THR B 336 18.78 22.25 32.17
C THR B 336 19.36 23.43 31.40
N VAL B 337 18.96 24.64 31.80
CA VAL B 337 19.40 25.84 31.08
C VAL B 337 20.85 26.17 31.39
N GLU B 338 21.33 25.83 32.60
CA GLU B 338 22.70 25.97 33.13
C GLU B 338 23.36 27.31 32.79
N ALA B 339 22.83 28.40 33.36
CA ALA B 339 23.22 29.75 32.95
C ALA B 339 24.66 30.07 33.33
N LEU B 340 25.12 29.60 34.47
CA LEU B 340 26.49 29.93 34.86
C LEU B 340 27.37 28.71 35.09
N ASP B 341 26.85 27.68 35.76
CA ASP B 341 27.66 26.53 36.19
C ASP B 341 27.36 25.36 35.26
N PHE B 342 28.34 25.00 34.43
CA PHE B 342 28.20 23.90 33.48
C PHE B 342 28.77 22.60 34.07
N ARG B 343 28.30 22.30 35.28
CA ARG B 343 28.86 21.16 36.02
C ARG B 343 27.77 20.14 36.34
N GLU B 344 26.51 20.56 36.40
CA GLU B 344 25.43 19.62 36.64
C GLU B 344 25.18 18.72 35.43
N LYS B 345 25.17 19.31 34.23
CA LYS B 345 25.15 18.52 33.00
C LYS B 345 26.40 17.66 32.87
N ALA B 346 27.53 18.15 33.37
CA ALA B 346 28.77 17.37 33.36
C ALA B 346 28.65 16.13 34.21
N LEU B 347 28.08 16.25 35.41
CA LEU B 347 27.87 15.10 36.26
C LEU B 347 26.77 14.19 35.72
N TYR B 348 25.81 14.75 34.98
CA TYR B 348 24.77 13.91 34.37
C TYR B 348 25.33 13.03 33.26
N ILE B 349 26.15 13.61 32.38
CA ILE B 349 26.84 12.81 31.36
C ILE B 349 27.87 11.89 32.01
N ALA B 350 28.51 12.34 33.11
CA ALA B 350 29.49 11.53 33.81
C ALA B 350 28.88 10.31 34.47
N MET B 351 27.64 10.41 34.93
CA MET B 351 26.93 9.24 35.42
C MET B 351 26.19 8.50 34.32
N MET B 352 26.01 9.12 33.15
CA MET B 352 25.47 8.39 32.01
C MET B 352 26.51 7.46 31.42
N THR B 353 27.77 7.89 31.32
CA THR B 353 28.84 7.06 30.82
C THR B 353 29.36 6.07 31.85
N ARG B 354 28.89 6.14 33.09
CA ARG B 354 29.27 5.16 34.09
C ARG B 354 28.49 3.87 33.91
N ARG B 355 27.37 3.91 33.20
CA ARG B 355 26.57 2.71 32.93
C ARG B 355 27.05 1.95 31.71
N VAL B 356 27.59 2.64 30.70
CA VAL B 356 28.05 1.95 29.50
C VAL B 356 29.35 1.19 29.78
N VAL B 357 30.12 1.61 30.78
CA VAL B 357 31.25 0.82 31.24
C VAL B 357 30.74 -0.39 32.02
N MET B 358 29.67 -0.21 32.79
CA MET B 358 28.99 -1.32 33.43
C MET B 358 28.20 -2.16 32.43
N ALA B 359 27.95 -1.66 31.23
CA ALA B 359 27.38 -2.47 30.15
C ALA B 359 28.44 -3.23 29.38
N MET B 360 29.71 -3.09 29.75
CA MET B 360 30.81 -3.72 29.05
C MET B 360 31.60 -4.67 29.94
N TYR B 361 31.95 -4.25 31.16
CA TYR B 361 32.70 -5.11 32.05
C TYR B 361 31.82 -6.16 32.71
N ASN B 362 30.76 -5.71 33.38
CA ASN B 362 29.70 -6.59 33.86
C ASN B 362 29.05 -7.21 32.64
N PRO B 363 29.03 -8.57 32.50
CA PRO B 363 28.60 -9.19 31.24
C PRO B 363 27.14 -8.98 30.88
N LYS B 364 26.86 -7.78 30.35
CA LYS B 364 25.61 -7.43 29.66
C LYS B 364 24.39 -7.55 30.57
N MET B 365 24.35 -6.71 31.59
CA MET B 365 23.11 -6.40 32.29
C MET B 365 22.51 -5.14 31.68
N ILE B 366 21.24 -5.22 31.31
CA ILE B 366 20.57 -4.16 30.55
C ILE B 366 19.23 -3.87 31.22
N ASP B 367 19.01 -2.62 31.58
CA ASP B 367 17.67 -2.17 31.96
C ASP B 367 16.85 -2.06 30.68
N ASP B 368 16.07 -3.10 30.40
CA ASP B 368 15.30 -3.15 29.16
C ASP B 368 14.13 -2.16 29.20
N ARG B 369 13.66 -1.78 28.02
CA ARG B 369 12.56 -0.82 27.91
C ARG B 369 11.19 -1.50 27.91
N ASP B 370 10.99 -2.39 28.88
CA ASP B 370 9.69 -3.00 29.15
C ASP B 370 9.25 -2.89 30.59
N TYR B 371 10.11 -2.42 31.49
CA TYR B 371 9.75 -2.32 32.89
C TYR B 371 8.91 -1.07 33.12
N VAL B 372 7.99 -1.15 34.09
CA VAL B 372 7.00 -0.09 34.28
C VAL B 372 7.64 1.15 34.90
N GLY B 373 8.70 0.97 35.69
CA GLY B 373 9.44 2.11 36.21
C GLY B 373 10.12 2.91 35.11
N ASN B 374 10.51 2.23 34.04
CA ASN B 374 10.93 2.90 32.80
C ASN B 374 9.77 3.04 31.83
N LYS B 375 8.64 3.56 32.31
CA LYS B 375 7.44 3.67 31.49
C LYS B 375 6.50 4.71 32.10
N ARG B 376 6.24 5.78 31.38
CA ARG B 376 5.28 6.79 31.78
C ARG B 376 4.27 7.01 30.65
N LEU B 377 3.01 7.14 31.01
CA LEU B 377 1.92 7.24 30.05
C LEU B 377 1.24 8.59 30.16
N GLU B 378 0.86 9.14 29.01
CA GLU B 378 0.17 10.41 28.92
C GLU B 378 -1.34 10.19 28.90
N LEU B 379 -2.08 11.17 29.42
CA LEU B 379 -3.52 11.05 29.63
C LEU B 379 -4.23 11.96 28.63
N ALA B 380 -5.56 12.05 28.76
CA ALA B 380 -6.34 12.85 27.82
C ALA B 380 -6.09 14.35 27.97
N GLY B 381 -5.80 14.79 29.20
CA GLY B 381 -5.55 16.21 29.42
C GLY B 381 -4.25 16.68 28.80
N GLN B 382 -3.20 15.86 28.85
CA GLN B 382 -1.93 16.24 28.24
C GLN B 382 -2.04 16.30 26.72
N LEU B 383 -2.78 15.36 26.13
CA LEU B 383 -2.95 15.36 24.68
C LEU B 383 -3.81 16.53 24.21
N ILE B 384 -4.88 16.84 24.95
CA ILE B 384 -5.70 17.98 24.54
C ILE B 384 -4.98 19.31 24.84
N SER B 385 -4.06 19.32 25.81
CA SER B 385 -3.24 20.50 26.04
C SER B 385 -2.24 20.72 24.92
N LEU B 386 -1.62 19.63 24.44
CA LEU B 386 -0.70 19.73 23.31
C LEU B 386 -1.43 20.07 22.02
N LEU B 387 -2.71 19.74 21.90
CA LEU B 387 -3.50 20.24 20.78
C LEU B 387 -3.76 21.74 20.92
N PHE B 388 -4.17 22.16 22.12
CA PHE B 388 -4.63 23.53 22.32
C PHE B 388 -3.47 24.52 22.24
N GLU B 389 -2.28 24.12 22.69
CA GLU B 389 -1.14 25.04 22.69
C GLU B 389 -0.62 25.32 21.29
N ASP B 390 -0.92 24.46 20.32
CA ASP B 390 -0.58 24.74 18.93
C ASP B 390 -1.72 25.42 18.17
N LEU B 391 -2.96 25.05 18.49
CA LEU B 391 -4.08 25.70 17.81
C LEU B 391 -4.27 27.14 18.29
N PHE B 392 -3.86 27.47 19.51
CA PHE B 392 -3.86 28.85 19.96
C PHE B 392 -2.80 29.67 19.23
N LYS B 393 -1.64 29.08 18.93
CA LYS B 393 -0.64 29.76 18.13
C LYS B 393 -1.12 29.99 16.70
N LYS B 394 -1.78 28.99 16.10
CA LYS B 394 -2.31 29.14 14.75
C LYS B 394 -3.50 30.08 14.68
N PHE B 395 -4.19 30.32 15.80
CA PHE B 395 -5.14 31.41 15.94
C PHE B 395 -4.48 32.78 16.07
N ASN B 396 -3.46 32.88 16.92
CA ASN B 396 -2.87 34.17 17.26
C ASN B 396 -2.07 34.73 16.09
N ASN B 397 -1.41 33.86 15.30
CA ASN B 397 -0.65 34.33 14.15
C ASN B 397 -1.58 34.91 13.08
N ASP B 398 -2.73 34.28 12.87
CA ASP B 398 -3.69 34.79 11.89
C ASP B 398 -4.36 36.06 12.39
N PHE B 399 -4.59 36.16 13.70
CA PHE B 399 -5.16 37.39 14.25
C PHE B 399 -4.17 38.55 14.16
N LYS B 400 -2.87 38.28 14.37
CA LYS B 400 -1.84 39.30 14.18
C LYS B 400 -1.71 39.69 12.71
N LEU B 401 -1.88 38.73 11.80
CA LEU B 401 -1.93 39.04 10.37
C LEU B 401 -3.11 39.95 10.03
N SER B 402 -4.27 39.72 10.66
CA SER B 402 -5.41 40.61 10.46
C SER B 402 -5.16 42.00 11.02
N ILE B 403 -4.49 42.10 12.17
CA ILE B 403 -4.09 43.40 12.74
C ILE B 403 -3.18 44.15 11.77
N ASP B 404 -2.18 43.46 11.23
CA ASP B 404 -1.28 44.08 10.26
C ASP B 404 -1.97 44.39 8.94
N LYS B 405 -3.04 43.68 8.60
CA LYS B 405 -3.81 44.00 7.41
C LYS B 405 -4.63 45.28 7.61
N VAL B 406 -5.17 45.47 8.82
CA VAL B 406 -5.98 46.66 9.07
C VAL B 406 -5.10 47.91 9.17
N LEU B 407 -4.02 47.85 9.94
CA LEU B 407 -3.16 49.01 10.19
C LEU B 407 -2.25 49.26 8.99
N LYS B 408 -2.83 49.78 7.91
CA LYS B 408 -2.05 50.07 6.71
C LYS B 408 -2.73 51.12 5.82
N LYS B 409 -3.43 52.04 6.45
CA LYS B 409 -4.12 53.11 5.73
C LYS B 409 -4.15 54.38 6.58
N PRO B 410 -4.12 55.55 5.92
CA PRO B 410 -4.13 56.83 6.66
C PRO B 410 -5.45 57.15 7.35
N ASN B 411 -6.34 56.17 7.53
CA ASN B 411 -7.61 56.34 8.25
C ASN B 411 -7.33 56.49 9.74
N ARG B 412 -8.39 56.68 10.54
CA ARG B 412 -8.25 56.75 11.99
C ARG B 412 -7.82 55.39 12.53
N ALA B 413 -7.11 55.41 13.65
CA ALA B 413 -6.53 54.20 14.23
C ALA B 413 -7.62 53.23 14.67
N MET B 414 -7.22 51.98 14.86
CA MET B 414 -8.16 50.89 15.07
C MET B 414 -8.69 50.91 16.49
N GLU B 415 -9.85 51.54 16.69
CA GLU B 415 -10.50 51.51 17.98
C GLU B 415 -11.33 50.23 18.16
N TYR B 416 -12.35 50.06 17.31
CA TYR B 416 -13.36 49.04 17.53
C TYR B 416 -13.17 47.78 16.71
N ASP B 417 -12.34 47.83 15.66
CA ASP B 417 -12.05 46.62 14.90
C ASP B 417 -11.06 45.72 15.64
N ALA B 418 -10.39 46.23 16.67
CA ALA B 418 -9.70 45.38 17.63
C ALA B 418 -10.69 44.79 18.62
N LEU B 419 -11.68 45.59 19.04
CA LEU B 419 -12.77 45.07 19.85
C LEU B 419 -13.58 44.04 19.08
N LEU B 420 -13.78 44.28 17.79
CA LEU B 420 -14.34 43.29 16.89
C LEU B 420 -13.23 42.41 16.34
N SER B 421 -13.56 41.63 15.31
CA SER B 421 -12.61 40.82 14.53
C SER B 421 -11.91 39.74 15.36
N ILE B 422 -12.51 39.35 16.49
CA ILE B 422 -12.13 38.13 17.17
C ILE B 422 -13.12 36.99 16.90
N ASN B 423 -14.40 37.32 16.71
CA ASN B 423 -15.33 36.36 16.12
C ASN B 423 -15.31 36.43 14.60
N VAL B 424 -14.11 36.44 14.02
CA VAL B 424 -13.89 36.10 12.62
C VAL B 424 -12.84 35.01 12.47
N HIS B 425 -11.91 34.89 13.42
CA HIS B 425 -11.04 33.75 13.55
C HIS B 425 -11.41 32.90 14.76
N SER B 426 -12.53 33.20 15.43
CA SER B 426 -13.07 32.30 16.44
C SER B 426 -13.49 30.94 15.87
N ASN B 427 -13.77 30.86 14.57
CA ASN B 427 -14.02 29.56 13.95
C ASN B 427 -12.73 28.99 13.37
N ASN B 428 -11.67 28.99 14.17
CA ASN B 428 -10.41 28.33 13.85
C ASN B 428 -10.01 27.47 15.04
N ILE B 429 -10.40 27.90 16.23
CA ILE B 429 -10.24 27.07 17.42
C ILE B 429 -11.34 26.01 17.50
N THR B 430 -12.56 26.38 17.13
CA THR B 430 -13.68 25.44 17.22
C THR B 430 -13.61 24.39 16.11
N SER B 431 -13.40 24.83 14.87
CA SER B 431 -13.37 23.91 13.74
C SER B 431 -12.17 22.99 13.80
N GLY B 432 -11.00 23.52 14.18
CA GLY B 432 -9.82 22.69 14.33
C GLY B 432 -9.93 21.75 15.53
N LEU B 433 -10.51 22.25 16.64
CA LEU B 433 -10.64 21.43 17.84
C LEU B 433 -11.69 20.34 17.67
N ASN B 434 -12.65 20.52 16.76
CA ASN B 434 -13.58 19.46 16.43
C ASN B 434 -13.03 18.51 15.37
N ARG B 435 -12.28 19.04 14.40
CA ARG B 435 -11.76 18.22 13.32
C ARG B 435 -10.66 17.28 13.81
N ALA B 436 -9.79 17.77 14.69
CA ALA B 436 -8.71 16.94 15.20
C ALA B 436 -9.19 15.85 16.15
N ILE B 437 -10.40 15.99 16.69
CA ILE B 437 -10.95 14.95 17.56
C ILE B 437 -11.97 14.07 16.82
N SER B 438 -12.47 14.52 15.67
CA SER B 438 -13.36 13.69 14.86
C SER B 438 -12.63 12.93 13.77
N THR B 439 -11.37 13.26 13.49
CA THR B 439 -10.57 12.51 12.53
C THR B 439 -9.49 11.68 13.21
N GLY B 440 -8.64 12.31 14.01
CA GLY B 440 -7.58 11.61 14.69
C GLY B 440 -6.20 11.78 14.09
N ASN B 441 -5.90 12.93 13.49
CA ASN B 441 -4.59 13.21 12.92
C ASN B 441 -4.22 14.63 13.31
N TRP B 442 -3.25 14.77 14.21
CA TRP B 442 -2.98 16.05 14.87
C TRP B 442 -1.69 16.63 14.29
N SER B 443 -1.84 17.50 13.31
CA SER B 443 -0.69 18.18 12.70
C SER B 443 -0.26 19.33 13.61
N LEU B 444 0.98 19.28 14.09
CA LEU B 444 1.56 20.33 14.91
C LEU B 444 2.79 20.88 14.21
N LYS B 445 3.00 22.19 14.35
CA LYS B 445 4.09 22.88 13.66
C LYS B 445 5.24 23.24 14.59
N ARG B 446 5.34 22.59 15.74
CA ARG B 446 6.45 22.81 16.65
C ARG B 446 7.07 21.54 17.21
N PHE B 447 6.38 20.40 17.17
CA PHE B 447 6.97 19.13 17.55
C PHE B 447 7.25 18.21 16.38
N LYS B 448 6.60 18.44 15.23
CA LYS B 448 6.79 17.70 13.97
C LYS B 448 6.51 16.21 14.16
N MET B 449 5.24 15.91 14.41
CA MET B 449 4.77 14.55 14.47
C MET B 449 3.37 14.46 13.87
N GLU B 450 2.98 13.25 13.49
CA GLU B 450 1.61 12.95 13.06
C GLU B 450 1.15 11.73 13.86
N ARG B 451 0.19 11.96 14.74
CA ARG B 451 -0.32 10.90 15.59
C ARG B 451 -1.64 10.40 15.02
N ALA B 452 -1.66 9.15 14.58
CA ALA B 452 -2.83 8.56 13.94
C ALA B 452 -3.46 7.51 14.86
N GLY B 453 -4.79 7.43 14.82
CA GLY B 453 -5.51 6.49 15.64
C GLY B 453 -5.51 6.86 17.10
N VAL B 454 -5.87 8.11 17.39
CA VAL B 454 -5.90 8.57 18.78
C VAL B 454 -7.17 8.12 19.47
N THR B 455 -8.31 8.36 18.85
CA THR B 455 -9.61 8.07 19.44
C THR B 455 -10.27 6.89 18.75
N HIS B 456 -11.50 6.61 19.16
CA HIS B 456 -12.26 5.48 18.63
C HIS B 456 -13.74 5.77 18.86
N VAL B 457 -14.57 5.33 17.91
CA VAL B 457 -16.02 5.42 18.09
C VAL B 457 -16.44 4.50 19.23
N LEU B 458 -17.41 4.93 20.02
CA LEU B 458 -17.71 4.26 21.28
C LEU B 458 -18.59 3.04 20.99
N SER B 459 -18.02 1.85 21.15
CA SER B 459 -18.76 0.62 20.93
C SER B 459 -19.70 0.36 22.11
N ARG B 460 -20.96 0.11 21.79
CA ARG B 460 -21.96 -0.19 22.82
C ARG B 460 -22.56 -1.57 22.62
N LEU B 461 -21.69 -2.56 22.40
CA LEU B 461 -22.16 -3.95 22.36
C LEU B 461 -22.69 -4.38 23.72
N SER B 462 -22.08 -3.90 24.79
CA SER B 462 -22.53 -4.21 26.15
C SER B 462 -22.04 -3.10 27.09
N TYR B 463 -22.48 -3.18 28.34
CA TYR B 463 -21.95 -2.30 29.37
C TYR B 463 -20.50 -2.64 29.70
N ILE B 464 -20.12 -3.91 29.56
CA ILE B 464 -18.73 -4.32 29.70
C ILE B 464 -17.89 -3.71 28.59
N SER B 465 -18.44 -3.57 27.39
CA SER B 465 -17.73 -2.92 26.29
C SER B 465 -17.52 -1.43 26.58
N ALA B 466 -18.56 -0.76 27.09
CA ALA B 466 -18.44 0.65 27.41
C ALA B 466 -17.57 0.90 28.63
N LEU B 467 -17.35 -0.12 29.46
CA LEU B 467 -16.44 0.05 30.58
C LEU B 467 -15.01 -0.32 30.21
N GLY B 468 -14.83 -1.29 29.32
CA GLY B 468 -13.51 -1.82 29.01
C GLY B 468 -12.83 -1.19 27.81
N MET B 469 -13.57 -0.46 26.97
CA MET B 469 -12.89 0.31 25.95
C MET B 469 -12.24 1.54 26.56
N MET B 470 -12.85 2.11 27.60
CA MET B 470 -12.14 2.99 28.51
C MET B 470 -11.19 2.18 29.37
N THR B 471 -10.33 2.89 30.11
CA THR B 471 -9.28 2.34 30.97
C THR B 471 -8.36 1.43 30.14
N ARG B 472 -8.03 1.90 28.93
CA ARG B 472 -7.25 1.15 27.97
C ARG B 472 -5.91 1.83 27.74
N ILE B 473 -4.84 1.05 27.74
CA ILE B 473 -3.49 1.55 27.58
C ILE B 473 -3.05 1.19 26.16
N SER B 474 -3.22 2.12 25.22
CA SER B 474 -2.72 1.93 23.88
C SER B 474 -1.21 2.20 23.84
N SER B 475 -0.57 1.84 22.74
CA SER B 475 0.89 1.90 22.70
C SER B 475 1.43 2.55 21.43
N GLN B 476 2.77 2.49 21.28
CA GLN B 476 3.47 3.03 20.12
C GLN B 476 4.02 1.92 19.21
N PHE B 477 4.07 0.69 19.71
CA PHE B 477 4.64 -0.46 19.01
C PHE B 477 3.55 -1.26 18.31
N GLU B 478 2.59 -0.54 17.71
CA GLU B 478 1.30 -1.08 17.26
C GLU B 478 1.41 -2.19 16.21
N LYS B 479 2.20 -1.99 15.17
CA LYS B 479 2.29 -2.96 14.07
C LYS B 479 3.77 -3.25 13.79
N SER B 480 4.30 -4.24 14.50
CA SER B 480 5.68 -4.68 14.31
C SER B 480 5.79 -6.12 14.79
N ARG B 481 6.22 -7.02 13.89
CA ARG B 481 6.25 -8.45 14.17
C ARG B 481 7.54 -8.79 14.91
N LYS B 482 7.51 -8.58 16.23
CA LYS B 482 8.62 -8.93 17.10
C LYS B 482 8.13 -9.84 18.21
N VAL B 483 8.80 -10.97 18.40
CA VAL B 483 8.41 -11.96 19.38
C VAL B 483 9.22 -11.72 20.66
N SER B 484 8.55 -11.88 21.81
CA SER B 484 9.14 -11.80 23.16
C SER B 484 9.77 -10.44 23.45
N GLY B 485 9.31 -9.40 22.77
CA GLY B 485 9.77 -8.05 23.04
C GLY B 485 8.73 -7.29 23.84
N PRO B 486 8.11 -6.27 23.22
CA PRO B 486 6.96 -5.58 23.84
C PRO B 486 5.62 -6.27 23.58
N ARG B 487 5.63 -7.60 23.67
CA ARG B 487 4.42 -8.41 23.53
C ARG B 487 4.19 -9.32 24.72
N ALA B 488 5.26 -9.91 25.28
CA ALA B 488 5.12 -10.74 26.46
C ALA B 488 5.03 -9.86 27.69
N LEU B 489 4.06 -10.16 28.56
CA LEU B 489 3.87 -9.36 29.75
C LEU B 489 4.97 -9.65 30.77
N GLN B 490 5.26 -8.66 31.58
CA GLN B 490 6.34 -8.70 32.56
C GLN B 490 5.78 -8.92 33.96
N PRO B 491 6.59 -9.44 34.89
CA PRO B 491 6.10 -9.66 36.26
C PRO B 491 5.79 -8.40 37.05
N SER B 492 6.18 -7.22 36.57
CA SER B 492 5.77 -5.95 37.21
C SER B 492 4.42 -5.52 36.68
N GLN B 493 3.41 -6.36 36.98
CA GLN B 493 2.04 -6.07 36.56
C GLN B 493 1.07 -6.53 37.64
N PHE B 494 1.57 -6.92 38.81
CA PHE B 494 0.75 -7.37 39.93
C PHE B 494 0.00 -6.17 40.50
N GLY B 495 -1.26 -6.00 40.10
CA GLY B 495 -2.06 -4.88 40.51
C GLY B 495 -1.97 -3.65 39.63
N MET B 496 -0.95 -3.58 38.78
CA MET B 496 -0.79 -2.41 37.91
C MET B 496 -1.76 -2.48 36.73
N LEU B 497 -1.64 -3.51 35.90
CA LEU B 497 -2.48 -3.70 34.74
C LEU B 497 -3.08 -5.10 34.81
N CYS B 498 -4.12 -5.35 34.01
CA CYS B 498 -4.75 -6.65 34.03
C CYS B 498 -3.90 -7.66 33.27
N THR B 499 -3.69 -8.83 33.86
CA THR B 499 -2.85 -9.87 33.29
C THR B 499 -3.64 -10.85 32.44
N ALA B 500 -4.90 -10.56 32.14
CA ALA B 500 -5.70 -11.46 31.33
C ALA B 500 -6.56 -10.74 30.30
N ASP B 501 -6.37 -9.44 30.09
CA ASP B 501 -7.25 -8.64 29.23
C ASP B 501 -6.46 -8.21 28.00
N THR B 502 -6.62 -8.95 26.91
CA THR B 502 -5.97 -8.65 25.65
C THR B 502 -6.76 -9.28 24.50
N PRO B 503 -7.16 -8.49 23.50
CA PRO B 503 -7.84 -9.08 22.33
C PRO B 503 -6.87 -9.88 21.48
N GLU B 504 -7.29 -11.09 21.12
CA GLU B 504 -6.44 -11.98 20.35
C GLU B 504 -6.38 -11.53 18.89
N GLY B 505 -5.23 -11.75 18.26
CA GLY B 505 -5.02 -11.34 16.89
C GLY B 505 -3.66 -10.69 16.68
N GLU B 506 -3.63 -9.66 15.83
CA GLU B 506 -2.37 -8.96 15.59
C GLU B 506 -2.00 -8.03 16.74
N ALA B 507 -3.00 -7.50 17.45
CA ALA B 507 -2.74 -6.62 18.59
C ALA B 507 -2.83 -7.43 19.89
N CYS B 508 -1.82 -8.25 20.10
CA CYS B 508 -1.74 -9.16 21.25
C CYS B 508 -0.58 -8.74 22.13
N GLY B 509 -0.87 -7.92 23.14
CA GLY B 509 0.14 -7.49 24.08
C GLY B 509 0.44 -6.02 23.96
N LEU B 510 -0.43 -5.29 23.27
CA LEU B 510 -0.21 -3.89 22.94
C LEU B 510 -1.33 -2.97 23.40
N VAL B 511 -2.56 -3.47 23.51
CA VAL B 511 -3.72 -2.64 23.87
C VAL B 511 -4.34 -3.19 25.14
N LYS B 512 -3.51 -3.73 26.03
CA LYS B 512 -3.98 -4.29 27.30
C LYS B 512 -4.59 -3.20 28.18
N ASN B 513 -5.52 -3.62 29.04
CA ASN B 513 -6.26 -2.68 29.87
C ASN B 513 -5.59 -2.53 31.23
N LEU B 514 -6.29 -1.85 32.14
CA LEU B 514 -5.73 -1.42 33.41
C LEU B 514 -6.62 -1.86 34.55
N ALA B 515 -6.01 -2.08 35.72
CA ALA B 515 -6.65 -2.77 36.83
C ALA B 515 -7.59 -1.82 37.59
N LEU B 516 -8.16 -2.32 38.69
CA LEU B 516 -9.17 -1.57 39.43
C LEU B 516 -8.53 -0.58 40.40
N MET B 517 -7.79 -1.07 41.38
CA MET B 517 -7.19 -0.24 42.43
C MET B 517 -5.97 0.47 41.85
N THR B 518 -6.21 1.60 41.19
CA THR B 518 -5.15 2.33 40.52
C THR B 518 -5.32 3.83 40.73
N HIS B 519 -4.22 4.54 40.55
CA HIS B 519 -4.20 5.99 40.53
C HIS B 519 -2.98 6.42 39.72
N ILE B 520 -3.11 7.53 39.01
CA ILE B 520 -2.04 8.03 38.15
C ILE B 520 -1.56 9.36 38.69
N THR B 521 -0.24 9.47 38.92
CA THR B 521 0.38 10.64 39.52
C THR B 521 0.35 11.82 38.55
N THR B 522 -0.02 12.99 39.05
CA THR B 522 0.22 14.27 38.40
C THR B 522 1.35 14.98 39.12
N ASP B 523 2.08 15.81 38.37
CA ASP B 523 3.24 16.52 38.90
C ASP B 523 2.87 17.95 39.24
N ASP B 524 3.13 18.34 40.49
CA ASP B 524 2.95 19.74 40.90
C ASP B 524 4.19 20.59 40.58
N GLU B 525 5.33 20.26 41.19
CA GLU B 525 6.60 20.96 41.02
C GLU B 525 7.69 20.14 41.70
N GLU B 526 8.87 20.09 41.07
CA GLU B 526 9.99 19.33 41.61
C GLU B 526 10.93 20.18 42.46
N GLU B 527 10.71 21.49 42.52
CA GLU B 527 11.62 22.38 43.24
C GLU B 527 11.43 22.39 44.77
N PRO B 528 10.21 22.44 45.35
CA PRO B 528 10.13 22.30 46.81
C PRO B 528 10.53 20.92 47.30
N ILE B 529 10.36 19.89 46.47
CA ILE B 529 10.84 18.55 46.81
C ILE B 529 12.36 18.54 46.91
N LYS B 530 13.04 19.17 45.95
CA LYS B 530 14.50 19.23 45.97
C LYS B 530 15.00 20.07 47.13
N LYS B 531 14.31 21.18 47.43
CA LYS B 531 14.70 22.00 48.58
C LYS B 531 14.47 21.28 49.90
N LEU B 532 13.39 20.49 49.99
CA LEU B 532 13.18 19.66 51.17
C LEU B 532 14.24 18.57 51.29
N CYS B 533 14.74 18.08 50.16
CA CYS B 533 15.87 17.15 50.20
C CYS B 533 17.14 17.84 50.70
N TYR B 534 17.33 19.12 50.33
CA TYR B 534 18.43 19.89 50.90
C TYR B 534 18.25 20.13 52.40
N VAL B 535 17.00 20.22 52.87
CA VAL B 535 16.75 20.36 54.30
C VAL B 535 17.14 19.08 55.05
N LEU B 536 16.81 17.92 54.48
CA LEU B 536 16.94 16.64 55.17
C LEU B 536 18.38 16.10 55.23
N GLY B 537 19.39 16.93 54.98
CA GLY B 537 20.75 16.52 55.24
C GLY B 537 21.48 15.94 54.04
N VAL B 538 21.46 16.65 52.92
CA VAL B 538 22.28 16.28 51.78
C VAL B 538 23.27 17.40 51.51
N GLU B 539 24.30 17.07 50.76
CA GLU B 539 25.22 18.06 50.20
C GLU B 539 24.92 18.23 48.72
N ASP B 540 25.44 19.32 48.15
CA ASP B 540 25.16 19.68 46.77
C ASP B 540 26.25 19.10 45.87
N ILE B 541 26.31 19.56 44.62
CA ILE B 541 27.31 19.18 43.63
C ILE B 541 28.13 20.45 43.36
N THR B 542 28.41 21.19 44.41
CA THR B 542 29.39 22.27 44.32
C THR B 542 30.71 21.93 45.00
N LEU B 543 30.75 20.87 45.82
CA LEU B 543 31.95 20.57 46.61
C LEU B 543 32.25 19.08 46.72
N ILE B 544 31.92 18.27 45.72
CA ILE B 544 31.82 16.83 45.93
C ILE B 544 32.79 16.06 45.03
N ASP B 545 33.62 16.76 44.27
CA ASP B 545 34.65 16.11 43.45
C ASP B 545 35.69 15.44 44.34
N SER B 546 35.75 14.12 44.29
CA SER B 546 36.74 13.31 45.01
C SER B 546 36.73 11.91 44.43
N ALA B 547 37.58 11.05 44.99
CA ALA B 547 37.43 9.60 44.82
C ALA B 547 36.29 9.05 45.66
N SER B 548 35.79 9.81 46.62
CA SER B 548 34.67 9.42 47.47
C SER B 548 33.32 9.76 46.86
N LEU B 549 33.25 9.92 45.53
CA LEU B 549 31.94 10.00 44.88
C LEU B 549 31.23 8.66 44.96
N HIS B 550 31.98 7.57 44.83
CA HIS B 550 31.41 6.23 44.82
C HIS B 550 31.46 5.58 46.21
N LEU B 551 30.97 6.30 47.21
CA LEU B 551 30.55 5.72 48.48
C LEU B 551 29.05 5.43 48.39
N ASN B 552 28.38 5.30 49.54
CA ASN B 552 26.94 5.01 49.64
C ASN B 552 26.05 5.94 48.81
N TYR B 553 24.81 5.49 48.60
CA TYR B 553 24.02 5.80 47.42
C TYR B 553 23.76 7.30 47.24
N GLY B 554 23.98 7.78 46.02
CA GLY B 554 23.76 9.17 45.70
C GLY B 554 22.33 9.46 45.28
N VAL B 555 21.79 10.56 45.81
CA VAL B 555 20.38 10.88 45.64
C VAL B 555 20.16 11.57 44.30
N TYR B 556 19.01 11.33 43.69
CA TYR B 556 18.62 11.90 42.42
C TYR B 556 17.28 12.60 42.52
N LEU B 557 16.88 13.24 41.43
CA LEU B 557 15.52 13.76 41.21
C LEU B 557 15.26 13.59 39.72
N ASN B 558 14.63 12.46 39.36
CA ASN B 558 14.23 11.96 38.05
C ASN B 558 15.18 12.34 36.90
N GLY B 559 16.48 12.14 37.11
CA GLY B 559 17.46 12.44 36.08
C GLY B 559 18.31 13.66 36.38
N THR B 560 18.56 13.93 37.67
CA THR B 560 19.43 15.03 38.08
C THR B 560 19.97 14.69 39.46
N LEU B 561 21.30 14.65 39.59
CA LEU B 561 21.91 14.22 40.84
C LEU B 561 22.04 15.43 41.78
N ILE B 562 21.77 15.19 43.06
CA ILE B 562 21.81 16.23 44.08
C ILE B 562 23.00 16.06 45.02
N GLY B 563 23.26 14.84 45.47
CA GLY B 563 24.41 14.61 46.33
C GLY B 563 24.69 13.15 46.63
N SER B 564 25.97 12.80 46.73
CA SER B 564 26.38 11.44 47.09
C SER B 564 26.43 11.34 48.61
N ILE B 565 25.30 11.03 49.19
CA ILE B 565 25.14 11.01 50.64
C ILE B 565 25.41 9.61 51.16
N ARG B 566 26.00 9.55 52.35
CA ARG B 566 26.08 8.29 53.06
C ARG B 566 24.82 8.11 53.91
N PHE B 567 24.77 7.00 54.65
CA PHE B 567 23.69 6.56 55.52
C PHE B 567 22.37 6.49 54.76
N PRO B 568 22.21 5.54 53.81
CA PRO B 568 21.04 5.59 52.93
C PRO B 568 19.76 5.10 53.57
N THR B 569 19.86 4.16 54.52
CA THR B 569 18.67 3.60 55.13
C THR B 569 17.99 4.59 56.06
N LYS B 570 18.79 5.45 56.71
CA LYS B 570 18.23 6.47 57.59
C LYS B 570 17.51 7.56 56.80
N PHE B 571 18.03 7.90 55.61
CA PHE B 571 17.37 8.88 54.76
C PHE B 571 16.05 8.35 54.23
N VAL B 572 16.02 7.09 53.80
CA VAL B 572 14.79 6.44 53.36
C VAL B 572 13.80 6.30 54.51
N THR B 573 14.30 6.06 55.73
CA THR B 573 13.40 5.97 56.90
C THR B 573 12.81 7.33 57.24
N GLN B 574 13.62 8.39 57.14
CA GLN B 574 13.11 9.74 57.42
C GLN B 574 12.09 10.18 56.37
N PHE B 575 12.33 9.87 55.10
CA PHE B 575 11.32 10.23 54.12
C PHE B 575 10.10 9.30 54.17
N ARG B 576 10.29 8.06 54.65
CA ARG B 576 9.18 7.16 54.94
C ARG B 576 8.27 7.76 56.01
N HIS B 577 8.86 8.37 57.04
CA HIS B 577 8.06 9.03 58.05
C HIS B 577 7.47 10.34 57.53
N LEU B 578 8.18 11.03 56.65
CA LEU B 578 7.68 12.32 56.15
C LEU B 578 6.54 12.16 55.14
N ARG B 579 6.48 11.03 54.44
CA ARG B 579 5.41 10.87 53.45
C ARG B 579 4.08 10.57 54.11
N ARG B 580 4.07 10.19 55.38
CA ARG B 580 2.84 10.04 56.16
C ARG B 580 2.56 11.23 57.07
N THR B 581 3.60 11.88 57.59
CA THR B 581 3.46 12.92 58.61
C THR B 581 3.80 14.32 58.09
N GLY B 582 4.83 14.44 57.26
CA GLY B 582 5.35 15.73 56.84
C GLY B 582 4.41 16.52 55.94
N LYS B 583 4.90 17.67 55.48
CA LYS B 583 4.01 18.67 54.90
C LYS B 583 3.62 18.34 53.47
N VAL B 584 4.59 18.36 52.54
CA VAL B 584 4.30 18.24 51.11
C VAL B 584 5.27 17.24 50.49
N SER B 585 4.85 15.98 50.41
CA SER B 585 5.42 15.05 49.43
C SER B 585 4.33 14.52 48.49
N GLU B 586 3.38 13.75 49.03
CA GLU B 586 2.07 13.31 48.53
C GLU B 586 2.07 12.53 47.21
N PHE B 587 3.12 12.63 46.40
CA PHE B 587 3.31 11.76 45.22
C PHE B 587 4.81 11.68 44.97
N ILE B 588 5.50 10.78 45.66
CA ILE B 588 6.94 10.62 45.52
C ILE B 588 7.30 9.17 45.77
N SER B 589 8.05 8.57 44.84
CA SER B 589 8.58 7.22 45.00
C SER B 589 10.09 7.30 45.18
N ILE B 590 10.58 6.76 46.30
CA ILE B 590 12.02 6.66 46.54
C ILE B 590 12.37 5.17 46.56
N TYR B 591 13.56 4.85 46.05
CA TYR B 591 13.99 3.46 45.94
C TYR B 591 15.50 3.42 45.82
N SER B 592 16.11 2.47 46.53
CA SER B 592 17.56 2.27 46.50
C SER B 592 17.91 1.14 45.57
N ASN B 593 18.74 1.43 44.57
CA ASN B 593 19.20 0.43 43.61
C ASN B 593 20.65 0.10 43.93
N SER B 594 20.89 -1.15 44.34
CA SER B 594 22.19 -1.51 44.88
C SER B 594 23.19 -1.89 43.79
N HIS B 595 22.72 -2.32 42.63
CA HIS B 595 23.63 -2.81 41.59
C HIS B 595 24.29 -1.67 40.84
N GLN B 596 23.55 -0.61 40.51
CA GLN B 596 24.13 0.58 39.92
C GLN B 596 24.54 1.61 40.98
N MET B 597 24.45 1.23 42.25
CA MET B 597 24.80 2.01 43.46
C MET B 597 24.29 3.45 43.42
N ALA B 598 22.96 3.57 43.41
CA ALA B 598 22.31 4.88 43.44
C ALA B 598 20.95 4.76 44.11
N VAL B 599 20.39 5.92 44.48
CA VAL B 599 19.02 6.03 44.98
C VAL B 599 18.34 7.16 44.22
N HIS B 600 17.13 6.89 43.72
CA HIS B 600 16.43 7.84 42.87
C HIS B 600 15.17 8.37 43.56
N ILE B 601 14.71 9.52 43.08
CA ILE B 601 13.45 10.11 43.49
C ILE B 601 12.69 10.47 42.21
N ALA B 602 11.57 9.79 41.99
CA ALA B 602 10.73 10.05 40.83
C ALA B 602 9.57 10.95 41.24
N THR B 603 9.37 12.04 40.49
CA THR B 603 8.26 12.95 40.76
C THR B 603 7.51 13.38 39.51
N ASP B 604 7.89 12.92 38.32
CA ASP B 604 7.16 13.27 37.11
C ASP B 604 5.80 12.56 37.07
N GLY B 605 4.92 13.08 36.23
CA GLY B 605 3.55 12.61 36.16
C GLY B 605 3.36 11.57 35.07
N GLY B 606 2.66 10.49 35.42
CA GLY B 606 2.33 9.47 34.44
C GLY B 606 2.36 8.04 34.95
N ARG B 607 3.05 7.79 36.06
CA ARG B 607 3.16 6.44 36.59
C ARG B 607 1.86 6.02 37.30
N ILE B 608 1.73 4.72 37.52
CA ILE B 608 0.51 4.14 38.03
C ILE B 608 0.69 3.91 39.53
N CYS B 609 -0.40 3.62 40.23
CA CYS B 609 -0.34 3.33 41.67
C CYS B 609 -1.26 2.16 42.01
N ARG B 610 -1.14 1.66 43.25
CA ARG B 610 -2.11 0.76 43.85
C ARG B 610 -2.01 0.84 45.37
N PRO B 611 -3.14 0.92 46.08
CA PRO B 611 -3.09 1.02 47.54
C PRO B 611 -2.62 -0.27 48.20
N LEU B 612 -1.97 -0.11 49.35
CA LEU B 612 -1.45 -1.22 50.13
C LEU B 612 -1.25 -0.77 51.57
N ILE B 613 -1.35 -1.73 52.50
CA ILE B 613 -1.39 -1.45 53.94
C ILE B 613 0.03 -1.45 54.48
N ILE B 614 0.36 -0.41 55.27
CA ILE B 614 1.68 -0.27 55.86
C ILE B 614 1.74 -1.08 57.16
N VAL B 615 2.81 -1.85 57.33
CA VAL B 615 3.02 -2.62 58.56
C VAL B 615 4.29 -2.14 59.23
N SER B 616 4.33 -2.28 60.56
CA SER B 616 5.53 -1.96 61.35
C SER B 616 5.86 -3.13 62.30
N ASP B 617 6.52 -4.15 61.75
CA ASP B 617 7.35 -5.14 62.44
C ASP B 617 6.58 -6.12 63.33
N GLY B 618 5.32 -5.83 63.66
CA GLY B 618 4.57 -6.77 64.46
C GLY B 618 3.19 -7.12 63.96
N GLN B 619 2.57 -6.20 63.22
CA GLN B 619 1.15 -6.29 62.95
C GLN B 619 0.81 -5.45 61.72
N SER B 620 -0.42 -5.62 61.25
CA SER B 620 -0.97 -4.83 60.16
C SER B 620 -1.65 -3.59 60.74
N ARG B 621 -2.43 -2.90 59.91
CA ARG B 621 -3.12 -1.70 60.39
C ARG B 621 -4.62 -1.88 60.22
N VAL B 622 -5.15 -3.02 60.68
CA VAL B 622 -6.59 -3.20 60.79
C VAL B 622 -7.01 -2.79 62.18
N LYS B 623 -6.51 -3.52 63.19
CA LYS B 623 -6.56 -3.18 64.61
C LYS B 623 -7.96 -3.02 65.18
N ASP B 624 -8.97 -3.64 64.54
CA ASP B 624 -10.33 -3.85 65.09
C ASP B 624 -11.14 -2.56 65.26
N ILE B 625 -10.53 -1.39 65.01
CA ILE B 625 -11.24 -0.13 65.24
C ILE B 625 -11.27 0.70 63.97
N HIS B 626 -10.28 0.51 63.08
CA HIS B 626 -10.20 1.33 61.88
C HIS B 626 -11.28 0.96 60.87
N LEU B 627 -11.37 -0.33 60.53
CA LEU B 627 -12.42 -0.78 59.62
C LEU B 627 -13.80 -0.70 60.27
N ARG B 628 -13.86 -0.78 61.60
CA ARG B 628 -15.12 -0.58 62.32
C ARG B 628 -15.62 0.85 62.16
N LYS B 629 -14.74 1.84 62.36
CA LYS B 629 -15.10 3.23 62.10
C LYS B 629 -15.39 3.47 60.63
N LEU B 630 -14.74 2.72 59.74
CA LEU B 630 -14.97 2.84 58.30
C LEU B 630 -16.39 2.43 57.93
N LEU B 631 -16.77 1.21 58.28
CA LEU B 631 -18.10 0.71 57.92
C LEU B 631 -19.17 1.12 58.91
N ASP B 632 -18.84 1.90 59.94
CA ASP B 632 -19.87 2.53 60.77
C ASP B 632 -20.57 3.66 60.00
N GLY B 633 -19.84 4.36 59.13
CA GLY B 633 -20.40 5.47 58.41
C GLY B 633 -19.58 6.75 58.49
N GLU B 634 -18.31 6.63 58.85
CA GLU B 634 -17.40 7.76 58.88
C GLU B 634 -16.02 7.28 58.44
N LEU B 635 -15.07 8.22 58.39
CA LEU B 635 -13.63 7.96 58.20
C LEU B 635 -13.37 7.21 56.89
N ASP B 636 -13.79 7.81 55.79
CA ASP B 636 -13.72 7.18 54.48
C ASP B 636 -12.31 7.32 53.90
N PHE B 637 -12.17 7.05 52.60
CA PHE B 637 -10.90 7.21 51.90
C PHE B 637 -10.55 8.70 51.79
N ASP B 638 -9.28 8.96 51.46
CA ASP B 638 -8.58 10.26 51.55
C ASP B 638 -8.48 10.75 52.98
N ASP B 639 -8.60 9.83 53.94
CA ASP B 639 -8.27 10.09 55.34
C ASP B 639 -7.38 8.99 55.92
N PHE B 640 -7.44 7.77 55.37
CA PHE B 640 -6.53 6.71 55.75
C PHE B 640 -5.09 7.00 55.35
N LEU B 641 -4.88 7.81 54.31
CA LEU B 641 -3.53 8.30 54.01
C LEU B 641 -3.08 9.31 55.05
N LYS B 642 -4.00 10.10 55.58
CA LYS B 642 -3.65 11.07 56.62
C LYS B 642 -3.31 10.37 57.93
N LEU B 643 -4.05 9.32 58.26
CA LEU B 643 -3.72 8.54 59.46
C LEU B 643 -2.57 7.58 59.23
N GLY B 644 -2.40 7.09 58.01
CA GLY B 644 -1.32 6.19 57.67
C GLY B 644 -1.71 4.73 57.49
N LEU B 645 -2.86 4.45 56.91
CA LEU B 645 -3.30 3.07 56.71
C LEU B 645 -2.90 2.55 55.33
N VAL B 646 -3.41 3.19 54.27
CA VAL B 646 -3.13 2.77 52.90
C VAL B 646 -2.32 3.87 52.23
N GLU B 647 -1.59 3.48 51.18
CA GLU B 647 -0.74 4.42 50.46
C GLU B 647 -0.52 3.86 49.05
N TYR B 648 -1.10 4.53 48.06
CA TYR B 648 -1.08 4.00 46.70
C TYR B 648 0.21 4.38 45.97
N LEU B 649 0.79 3.38 45.30
CA LEU B 649 2.10 3.45 44.68
C LEU B 649 2.28 2.26 43.76
N ASP B 650 2.79 2.53 42.54
CA ASP B 650 3.34 1.49 41.66
C ASP B 650 4.45 2.13 40.84
N VAL B 651 5.65 2.13 41.40
CA VAL B 651 6.90 2.42 40.71
C VAL B 651 7.75 1.30 41.29
N ASN B 652 9.05 1.29 41.07
CA ASN B 652 9.94 0.33 41.70
C ASN B 652 10.30 0.68 43.16
N GLU B 653 9.48 1.49 43.83
CA GLU B 653 9.50 1.53 45.30
C GLU B 653 9.23 0.16 45.87
N GLU B 654 8.28 -0.58 45.29
CA GLU B 654 7.98 -1.92 45.77
C GLU B 654 9.07 -2.92 45.41
N ASN B 655 9.94 -2.59 44.45
CA ASN B 655 11.15 -3.37 44.24
C ASN B 655 12.09 -3.24 45.44
N ASP B 656 12.11 -2.06 46.06
CA ASP B 656 12.82 -1.87 47.32
C ASP B 656 11.87 -2.06 48.51
N SER B 657 11.16 -3.19 48.51
CA SER B 657 10.14 -3.47 49.51
C SER B 657 9.85 -4.98 49.51
N TYR B 658 8.84 -5.38 50.27
CA TYR B 658 8.48 -6.79 50.42
C TYR B 658 7.04 -6.84 50.89
N ILE B 659 6.15 -7.40 50.07
CA ILE B 659 4.71 -7.31 50.27
C ILE B 659 4.16 -8.69 50.60
N ALA B 660 3.37 -8.77 51.67
CA ALA B 660 2.77 -10.03 52.09
C ALA B 660 1.47 -10.28 51.34
N LEU B 661 1.00 -11.53 51.42
CA LEU B 661 -0.23 -11.97 50.76
C LEU B 661 -1.44 -11.85 51.66
N TYR B 662 -1.44 -12.57 52.77
CA TYR B 662 -2.60 -12.71 53.65
C TYR B 662 -2.23 -12.22 55.05
N GLU B 663 -3.16 -12.43 55.99
CA GLU B 663 -2.90 -12.06 57.37
C GLU B 663 -1.94 -13.04 58.05
N LYS B 664 -2.10 -14.33 57.77
CA LYS B 664 -1.31 -15.37 58.45
C LYS B 664 -0.02 -15.69 57.68
N ASP B 665 0.69 -14.64 57.29
CA ASP B 665 1.91 -14.81 56.50
C ASP B 665 2.99 -13.82 56.92
N ILE B 666 2.77 -13.06 58.01
CA ILE B 666 3.63 -11.95 58.35
C ILE B 666 4.92 -12.46 58.98
N VAL B 667 6.03 -11.78 58.67
CA VAL B 667 7.37 -12.06 59.18
C VAL B 667 7.88 -10.74 59.72
N PRO B 668 8.51 -10.70 60.91
CA PRO B 668 8.96 -9.39 61.46
C PRO B 668 10.20 -8.81 60.79
N SER B 669 10.19 -8.72 59.45
CA SER B 669 11.16 -7.93 58.71
C SER B 669 10.54 -7.26 57.50
N MET B 670 9.21 -7.19 57.43
CA MET B 670 8.50 -6.78 56.23
C MET B 670 8.39 -5.26 56.13
N THR B 671 7.80 -4.81 55.03
CA THR B 671 7.50 -3.41 54.79
C THR B 671 6.00 -3.14 54.65
N HIS B 672 5.30 -3.90 53.80
CA HIS B 672 3.89 -3.67 53.54
C HIS B 672 3.20 -5.01 53.33
N LEU B 673 1.90 -4.95 53.02
CA LEU B 673 1.15 -6.12 52.58
C LEU B 673 0.09 -5.69 51.56
N GLU B 674 -0.57 -6.68 50.98
CA GLU B 674 -1.56 -6.48 49.93
C GLU B 674 -2.97 -6.50 50.51
N ILE B 675 -3.83 -5.62 50.00
CA ILE B 675 -5.18 -5.49 50.55
C ILE B 675 -6.07 -6.62 50.02
N GLU B 676 -6.30 -6.65 48.71
CA GLU B 676 -7.02 -7.76 48.11
C GLU B 676 -6.20 -8.42 47.03
N PRO B 677 -6.21 -9.75 46.94
CA PRO B 677 -5.47 -10.42 45.86
C PRO B 677 -6.15 -10.37 44.50
N PHE B 678 -7.46 -10.10 44.44
CA PHE B 678 -8.18 -10.13 43.18
C PHE B 678 -8.18 -8.77 42.47
N THR B 679 -7.34 -7.84 42.90
CA THR B 679 -7.20 -6.57 42.20
C THR B 679 -6.29 -6.67 40.98
N ILE B 680 -5.67 -7.82 40.75
CA ILE B 680 -4.80 -7.98 39.59
C ILE B 680 -5.63 -8.15 38.31
N LEU B 681 -6.80 -8.77 38.39
CA LEU B 681 -7.66 -8.91 37.24
C LEU B 681 -8.45 -7.62 37.02
N GLY B 682 -8.68 -7.28 35.75
CA GLY B 682 -9.37 -6.06 35.41
C GLY B 682 -10.88 -6.20 35.52
N ALA B 683 -11.57 -5.16 35.04
CA ALA B 683 -13.03 -5.16 35.08
C ALA B 683 -13.62 -6.11 34.04
N VAL B 684 -12.97 -6.25 32.89
CA VAL B 684 -13.45 -7.17 31.87
C VAL B 684 -13.08 -8.61 32.23
N ALA B 685 -12.01 -8.81 32.98
CA ALA B 685 -11.72 -10.12 33.54
C ALA B 685 -12.41 -10.35 34.87
N GLY B 686 -13.23 -9.41 35.33
CA GLY B 686 -13.85 -9.47 36.63
C GLY B 686 -15.24 -10.05 36.68
N LEU B 687 -15.77 -10.59 35.58
CA LEU B 687 -17.04 -11.29 35.63
C LEU B 687 -16.88 -12.79 35.45
N ILE B 688 -15.64 -13.28 35.40
CA ILE B 688 -15.37 -14.71 35.21
C ILE B 688 -15.61 -15.42 36.54
N PRO B 689 -16.47 -16.44 36.58
CA PRO B 689 -16.68 -17.19 37.83
C PRO B 689 -15.58 -18.22 38.03
N TYR B 690 -14.84 -18.10 39.15
CA TYR B 690 -13.65 -18.88 39.49
C TYR B 690 -12.61 -18.87 38.37
N PRO B 691 -11.90 -17.76 38.13
CA PRO B 691 -10.98 -17.70 36.99
C PRO B 691 -9.69 -18.46 37.24
N HIS B 692 -9.32 -18.61 38.51
CA HIS B 692 -8.05 -19.27 38.84
C HIS B 692 -8.10 -20.78 38.66
N HIS B 693 -9.28 -21.36 38.42
CA HIS B 693 -9.40 -22.76 38.07
C HIS B 693 -9.41 -22.99 36.56
N ASN B 694 -8.76 -22.12 35.80
CA ASN B 694 -8.64 -22.27 34.35
C ASN B 694 -7.19 -22.11 33.95
N GLN B 695 -6.85 -22.58 32.76
CA GLN B 695 -5.59 -22.19 32.17
C GLN B 695 -5.73 -20.79 31.58
N SER B 696 -4.61 -20.08 31.53
CA SER B 696 -4.54 -18.68 31.09
C SER B 696 -4.99 -18.36 29.66
N PRO B 697 -4.76 -19.19 28.62
CA PRO B 697 -5.30 -18.83 27.30
C PRO B 697 -6.81 -18.79 27.22
N ARG B 698 -7.52 -19.62 27.99
CA ARG B 698 -8.98 -19.55 27.96
C ARG B 698 -9.50 -18.33 28.70
N ASN B 699 -8.83 -17.92 29.79
CA ASN B 699 -9.18 -16.66 30.44
C ASN B 699 -8.91 -15.47 29.52
N THR B 700 -7.81 -15.53 28.76
CA THR B 700 -7.48 -14.45 27.82
C THR B 700 -8.49 -14.38 26.68
N TYR B 701 -8.88 -15.54 26.13
CA TYR B 701 -9.91 -15.59 25.08
C TYR B 701 -11.24 -15.07 25.58
N GLN B 702 -11.64 -15.49 26.78
CA GLN B 702 -12.96 -15.11 27.29
C GLN B 702 -13.00 -13.65 27.70
N CYS B 703 -11.90 -13.12 28.24
CA CYS B 703 -11.85 -11.70 28.52
C CYS B 703 -11.74 -10.87 27.25
N ALA B 704 -11.20 -11.45 26.17
CA ALA B 704 -11.18 -10.76 24.89
C ALA B 704 -12.58 -10.69 24.27
N MET B 705 -13.37 -11.75 24.42
CA MET B 705 -14.69 -11.81 23.79
C MET B 705 -15.81 -11.48 24.76
N GLY B 706 -15.50 -11.11 26.00
CA GLY B 706 -16.53 -10.67 26.92
C GLY B 706 -17.07 -9.29 26.65
N LYS B 707 -16.29 -8.43 25.99
CA LYS B 707 -16.80 -7.15 25.51
C LYS B 707 -17.34 -7.27 24.08
N GLN B 708 -18.13 -8.31 23.85
CA GLN B 708 -18.68 -8.57 22.52
C GLN B 708 -20.11 -9.08 22.56
N ALA B 709 -20.59 -9.57 23.70
CA ALA B 709 -21.90 -10.19 23.80
C ALA B 709 -22.99 -9.13 23.89
N ILE B 710 -24.22 -9.55 23.59
CA ILE B 710 -25.36 -8.64 23.64
C ILE B 710 -25.79 -8.45 25.09
N GLY B 711 -26.56 -7.40 25.34
CA GLY B 711 -26.97 -7.11 26.69
C GLY B 711 -27.98 -6.00 26.90
N ALA B 712 -27.80 -5.26 27.99
CA ALA B 712 -28.76 -4.30 28.53
C ALA B 712 -28.08 -2.96 28.80
N ILE B 713 -27.44 -2.42 27.74
CA ILE B 713 -26.42 -1.37 27.73
C ILE B 713 -26.69 -0.19 28.66
N ALA B 714 -27.89 0.39 28.61
CA ALA B 714 -28.16 1.58 29.41
C ALA B 714 -29.65 1.67 29.73
N TYR B 715 -29.98 2.63 30.61
CA TYR B 715 -31.36 2.87 30.99
C TYR B 715 -32.16 3.57 29.91
N ASN B 716 -31.51 4.30 29.00
CA ASN B 716 -32.17 4.94 27.87
C ASN B 716 -32.09 4.09 26.62
N GLN B 717 -32.15 2.76 26.82
CA GLN B 717 -32.10 1.79 25.74
C GLN B 717 -33.23 1.98 24.73
N PHE B 718 -34.41 2.37 25.19
CA PHE B 718 -35.55 2.57 24.29
C PHE B 718 -35.77 4.02 23.93
N LYS B 719 -34.86 4.93 24.31
CA LYS B 719 -35.00 6.35 24.02
C LYS B 719 -33.80 6.91 23.25
N ARG B 720 -32.97 6.05 22.66
CA ARG B 720 -31.79 6.51 21.95
C ARG B 720 -31.77 5.95 20.53
N ILE B 721 -30.96 6.58 19.70
CA ILE B 721 -30.79 6.22 18.29
C ILE B 721 -29.32 5.93 18.07
N ASP B 722 -28.99 4.66 17.82
CA ASP B 722 -27.60 4.24 17.68
C ASP B 722 -27.39 3.63 16.30
N THR B 723 -26.14 3.70 15.83
CA THR B 723 -25.81 3.17 14.50
C THR B 723 -25.70 1.65 14.49
N LEU B 724 -25.39 1.03 15.63
CA LEU B 724 -25.28 -0.42 15.73
C LEU B 724 -25.49 -0.77 17.19
N LEU B 725 -26.64 -1.37 17.51
CA LEU B 725 -27.02 -1.59 18.90
C LEU B 725 -27.76 -2.91 19.01
N TYR B 726 -27.08 -3.92 19.52
CA TYR B 726 -27.69 -5.22 19.79
C TYR B 726 -28.22 -5.25 21.22
N LEU B 727 -29.44 -5.76 21.39
CA LEU B 727 -30.13 -5.66 22.67
C LEU B 727 -30.61 -7.03 23.12
N MET B 728 -30.56 -7.26 24.44
CA MET B 728 -31.06 -8.48 25.04
C MET B 728 -32.52 -8.27 25.44
N THR B 729 -33.36 -9.28 25.17
CA THR B 729 -34.78 -9.13 25.45
C THR B 729 -35.09 -9.40 26.91
N TYR B 730 -34.69 -10.56 27.43
CA TYR B 730 -34.93 -10.97 28.81
C TYR B 730 -33.60 -11.15 29.52
N PRO B 731 -32.97 -10.08 30.01
CA PRO B 731 -31.71 -10.25 30.73
C PRO B 731 -31.96 -10.74 32.15
N GLN B 732 -31.05 -11.57 32.63
CA GLN B 732 -31.12 -12.08 33.99
C GLN B 732 -29.78 -11.89 34.67
N GLN B 733 -29.82 -11.89 36.01
CA GLN B 733 -28.63 -11.75 36.85
C GLN B 733 -27.66 -12.89 36.60
N PRO B 734 -26.37 -12.69 36.89
CA PRO B 734 -25.48 -13.84 37.09
C PRO B 734 -25.92 -14.63 38.32
N MET B 735 -26.00 -15.95 38.16
CA MET B 735 -26.38 -16.80 39.29
C MET B 735 -25.30 -16.79 40.37
N VAL B 736 -24.05 -16.92 39.96
CA VAL B 736 -22.92 -16.70 40.86
C VAL B 736 -22.35 -15.31 40.60
N LYS B 737 -22.07 -14.58 41.66
CA LYS B 737 -21.57 -13.21 41.57
C LYS B 737 -20.10 -13.17 41.93
N THR B 738 -19.28 -12.65 41.03
CA THR B 738 -17.92 -12.27 41.38
C THR B 738 -17.98 -11.01 42.24
N LYS B 739 -17.04 -10.87 43.17
CA LYS B 739 -17.01 -9.73 44.07
C LYS B 739 -16.50 -8.43 43.42
N THR B 740 -16.35 -8.40 42.10
CA THR B 740 -16.08 -7.17 41.37
C THR B 740 -17.28 -6.65 40.59
N ILE B 741 -18.15 -7.54 40.11
CA ILE B 741 -19.35 -7.11 39.39
C ILE B 741 -20.47 -6.69 40.32
N GLU B 742 -20.32 -6.92 41.62
CA GLU B 742 -21.21 -6.31 42.60
C GLU B 742 -20.96 -4.80 42.68
N LEU B 743 -19.74 -4.37 42.41
CA LEU B 743 -19.34 -2.98 42.58
C LEU B 743 -19.53 -2.13 41.33
N ILE B 744 -19.39 -2.72 40.14
CA ILE B 744 -19.55 -1.98 38.90
C ILE B 744 -20.98 -2.02 38.39
N ASP B 745 -21.92 -2.48 39.22
CA ASP B 745 -23.37 -2.57 38.93
C ASP B 745 -23.67 -3.43 37.70
N TYR B 746 -22.83 -4.44 37.45
CA TYR B 746 -23.10 -5.37 36.37
C TYR B 746 -24.25 -6.31 36.73
N ASP B 747 -24.48 -6.53 38.02
CA ASP B 747 -25.67 -7.29 38.43
C ASP B 747 -26.95 -6.53 38.14
N LYS B 748 -26.89 -5.19 38.10
CA LYS B 748 -28.02 -4.39 37.69
C LYS B 748 -28.22 -4.44 36.18
N LEU B 749 -27.14 -4.38 35.41
CA LEU B 749 -27.18 -4.33 33.94
C LEU B 749 -26.40 -5.51 33.39
N PRO B 750 -27.02 -6.69 33.30
CA PRO B 750 -26.29 -7.87 32.83
C PRO B 750 -26.18 -7.91 31.32
N ALA B 751 -25.49 -8.93 30.83
CA ALA B 751 -25.20 -9.06 29.41
C ALA B 751 -25.38 -10.50 28.94
N GLY B 752 -26.46 -11.15 29.37
CA GLY B 752 -26.70 -12.51 28.93
C GLY B 752 -28.00 -13.12 29.42
N GLN B 753 -27.94 -14.41 29.77
CA GLN B 753 -29.13 -15.19 30.06
C GLN B 753 -28.69 -16.43 30.82
N ASN B 754 -29.50 -16.88 31.78
CA ASN B 754 -29.17 -18.03 32.60
C ASN B 754 -29.92 -19.26 32.09
N ALA B 755 -29.26 -20.41 32.13
CA ALA B 755 -29.84 -21.64 31.63
C ALA B 755 -29.18 -22.85 32.28
N THR B 756 -30.00 -23.83 32.65
CA THR B 756 -29.47 -25.12 33.07
C THR B 756 -28.95 -25.88 31.86
N VAL B 757 -27.96 -26.73 32.08
CA VAL B 757 -27.23 -27.35 30.98
C VAL B 757 -26.68 -28.71 31.42
N ALA B 758 -26.93 -29.73 30.60
CA ALA B 758 -26.51 -31.10 30.89
C ALA B 758 -25.24 -31.40 30.10
N VAL B 759 -24.13 -31.59 30.80
CA VAL B 759 -22.86 -31.89 30.14
C VAL B 759 -22.88 -33.37 29.77
N MET B 760 -23.13 -33.66 28.50
CA MET B 760 -23.11 -35.02 27.99
C MET B 760 -22.80 -34.98 26.50
N SER B 761 -22.49 -36.13 25.93
CA SER B 761 -22.31 -36.23 24.49
C SER B 761 -23.62 -36.72 23.91
N TYR B 762 -24.37 -35.82 23.26
CA TYR B 762 -25.73 -36.10 22.85
C TYR B 762 -25.87 -35.95 21.34
N SER B 763 -26.36 -37.01 20.69
CA SER B 763 -26.84 -37.04 19.30
C SER B 763 -25.76 -36.78 18.26
N GLY B 764 -24.49 -36.74 18.65
CA GLY B 764 -23.41 -36.51 17.71
C GLY B 764 -23.28 -35.09 17.19
N TYR B 765 -24.15 -34.18 17.61
CA TYR B 765 -24.03 -32.76 17.28
C TYR B 765 -23.26 -31.99 18.33
N ASP B 766 -22.35 -32.66 19.03
CA ASP B 766 -21.65 -32.11 20.19
C ASP B 766 -20.17 -32.39 20.09
N ILE B 767 -19.59 -32.06 18.94
CA ILE B 767 -18.26 -32.54 18.57
C ILE B 767 -17.16 -31.63 19.12
N GLU B 768 -17.12 -30.40 18.65
CA GLU B 768 -16.03 -29.47 18.99
C GLU B 768 -16.67 -28.10 19.20
N ASP B 769 -17.04 -27.82 20.46
CA ASP B 769 -17.78 -26.64 20.87
C ASP B 769 -19.07 -26.48 20.06
N ALA B 770 -19.81 -27.57 19.94
CA ALA B 770 -21.03 -27.62 19.14
C ALA B 770 -22.20 -27.84 20.10
N LEU B 771 -22.90 -26.77 20.42
CA LEU B 771 -24.00 -26.89 21.37
C LEU B 771 -25.23 -27.46 20.67
N VAL B 772 -26.24 -27.78 21.49
CA VAL B 772 -27.54 -28.19 20.99
C VAL B 772 -28.62 -27.58 21.89
N LEU B 773 -29.49 -26.78 21.29
CA LEU B 773 -30.49 -26.00 22.01
C LEU B 773 -31.75 -26.82 22.20
N ASN B 774 -32.82 -26.16 22.64
CA ASN B 774 -34.09 -26.84 22.96
C ASN B 774 -35.22 -26.02 22.38
N LYS B 775 -35.94 -26.60 21.43
CA LYS B 775 -37.22 -26.05 21.00
C LYS B 775 -38.20 -26.13 22.17
N SER B 776 -39.17 -25.20 22.18
CA SER B 776 -40.13 -24.96 23.25
C SER B 776 -39.47 -24.58 24.57
N SER B 777 -38.19 -24.22 24.54
CA SER B 777 -37.48 -23.60 25.66
C SER B 777 -36.81 -22.36 25.11
N ILE B 778 -36.36 -22.44 23.85
CA ILE B 778 -35.94 -21.27 23.10
C ILE B 778 -37.16 -20.51 22.58
N ASP B 779 -38.31 -21.16 22.51
CA ASP B 779 -39.54 -20.56 22.05
C ASP B 779 -40.20 -19.70 23.13
N ARG B 780 -39.75 -19.82 24.37
CA ARG B 780 -40.31 -19.09 25.49
C ARG B 780 -39.52 -17.84 25.84
N GLY B 781 -38.67 -17.38 24.92
CA GLY B 781 -37.97 -16.13 25.10
C GLY B 781 -36.54 -16.29 25.57
N PHE B 782 -35.87 -17.35 25.11
CA PHE B 782 -34.49 -17.63 25.50
C PHE B 782 -33.56 -17.07 24.44
N GLY B 783 -32.79 -16.04 24.82
CA GLY B 783 -31.81 -15.47 23.92
C GLY B 783 -32.37 -14.65 22.78
N ARG B 784 -33.53 -14.04 22.98
CA ARG B 784 -34.15 -13.25 21.93
C ARG B 784 -33.40 -11.94 21.73
N CYS B 785 -33.15 -11.58 20.47
CA CYS B 785 -32.29 -10.46 20.13
C CYS B 785 -33.11 -9.29 19.61
N GLU B 786 -32.52 -8.09 19.71
CA GLU B 786 -33.04 -6.88 19.07
C GLU B 786 -31.88 -6.19 18.39
N THR B 787 -31.87 -6.20 17.06
CA THR B 787 -30.83 -5.55 16.26
C THR B 787 -31.36 -4.22 15.77
N ARG B 788 -30.67 -3.13 16.12
CA ARG B 788 -31.10 -1.79 15.78
C ARG B 788 -30.06 -1.10 14.93
N ARG B 789 -30.43 -0.77 13.70
CA ARG B 789 -29.62 0.03 12.79
C ARG B 789 -30.37 1.29 12.42
N LYS B 790 -29.67 2.42 12.42
CA LYS B 790 -30.25 3.69 12.04
C LYS B 790 -29.88 4.02 10.61
N THR B 791 -30.67 4.89 9.99
CA THR B 791 -30.41 5.34 8.61
C THR B 791 -30.80 6.82 8.56
N THR B 792 -29.80 7.69 8.74
CA THR B 792 -30.03 9.12 8.74
C THR B 792 -29.68 9.70 7.37
N THR B 793 -30.67 10.35 6.74
CA THR B 793 -30.49 11.05 5.47
C THR B 793 -30.92 12.49 5.69
N VAL B 794 -29.96 13.35 6.01
CA VAL B 794 -30.25 14.77 6.19
C VAL B 794 -30.57 15.39 4.84
N LEU B 795 -31.74 16.01 4.74
CA LEU B 795 -32.12 16.72 3.53
C LEU B 795 -31.51 18.12 3.60
N LYS B 796 -30.76 18.48 2.56
CA LYS B 796 -30.10 19.77 2.54
C LYS B 796 -30.61 20.60 1.38
N ARG B 797 -30.61 21.91 1.57
CA ARG B 797 -30.92 22.86 0.52
C ARG B 797 -29.60 23.33 -0.10
N TYR B 798 -29.61 23.46 -1.42
CA TYR B 798 -28.37 23.63 -2.17
C TYR B 798 -28.03 25.11 -2.29
N ALA B 799 -26.89 25.40 -2.92
CA ALA B 799 -26.54 26.78 -3.25
C ALA B 799 -26.98 27.13 -4.66
N ASN B 800 -28.23 26.79 -4.98
CA ASN B 800 -28.83 27.10 -6.27
C ASN B 800 -30.31 27.46 -6.11
N HIS B 801 -30.66 28.01 -4.94
CA HIS B 801 -31.98 28.57 -4.64
C HIS B 801 -33.09 27.51 -4.71
N THR B 802 -32.80 26.30 -4.26
CA THR B 802 -33.74 25.20 -4.31
C THR B 802 -33.77 24.48 -2.97
N GLN B 803 -34.73 23.57 -2.82
CA GLN B 803 -34.87 22.76 -1.62
C GLN B 803 -35.43 21.40 -2.02
N ASP B 804 -34.99 20.35 -1.31
CA ASP B 804 -35.40 18.98 -1.61
C ASP B 804 -36.69 18.63 -0.87
N ILE B 805 -37.80 18.70 -1.60
CA ILE B 805 -39.11 18.34 -1.06
C ILE B 805 -39.20 16.82 -0.96
N ILE B 806 -39.67 16.34 0.18
CA ILE B 806 -39.74 14.90 0.44
C ILE B 806 -41.15 14.37 0.23
N GLY B 807 -41.93 15.04 -0.60
CA GLY B 807 -43.31 14.64 -0.82
C GLY B 807 -43.40 13.34 -1.62
N GLY B 808 -44.40 12.53 -1.29
CA GLY B 808 -44.60 11.26 -1.94
C GLY B 808 -46.08 10.93 -2.10
N MET B 809 -46.47 9.72 -1.68
CA MET B 809 -47.85 9.25 -1.58
C MET B 809 -48.55 9.28 -2.95
N ARG B 810 -48.07 8.40 -3.82
CA ARG B 810 -48.75 8.11 -5.08
C ARG B 810 -49.81 7.07 -4.78
N VAL B 811 -51.08 7.50 -4.82
CA VAL B 811 -52.18 6.67 -4.35
C VAL B 811 -52.48 5.55 -5.34
N ASP B 812 -52.57 5.90 -6.62
CA ASP B 812 -52.79 4.98 -7.76
C ASP B 812 -54.09 4.20 -7.58
N GLU B 813 -55.19 4.95 -7.66
CA GLU B 813 -56.58 4.45 -7.67
C GLU B 813 -56.90 3.69 -6.38
N ASN B 814 -56.91 4.48 -5.29
CA ASN B 814 -57.40 4.21 -3.92
C ASN B 814 -57.22 2.78 -3.42
N GLY B 815 -56.05 2.21 -3.63
CA GLY B 815 -55.87 0.79 -3.40
C GLY B 815 -54.95 0.40 -2.28
N ASP B 816 -54.77 1.27 -1.25
CA ASP B 816 -53.79 1.11 -0.17
C ASP B 816 -52.41 0.90 -0.78
N PRO B 817 -51.73 2.00 -1.19
CA PRO B 817 -50.85 2.00 -2.39
C PRO B 817 -49.70 1.01 -2.48
N ILE B 818 -49.07 1.04 -3.67
CA ILE B 818 -48.31 -0.05 -4.26
C ILE B 818 -47.08 -0.47 -3.46
N TRP B 819 -46.51 -1.61 -3.85
CA TRP B 819 -45.43 -2.30 -3.14
C TRP B 819 -44.19 -1.45 -2.92
N GLN B 820 -43.96 -0.44 -3.76
CA GLN B 820 -42.86 0.49 -3.51
C GLN B 820 -43.21 1.45 -2.37
N HIS B 821 -44.32 2.19 -2.53
CA HIS B 821 -44.72 3.24 -1.59
C HIS B 821 -45.84 2.80 -0.67
N GLN B 822 -45.83 1.55 -0.20
CA GLN B 822 -46.91 1.08 0.68
C GLN B 822 -46.78 1.65 2.08
N SER B 823 -45.61 1.48 2.70
CA SER B 823 -45.39 1.93 4.08
C SER B 823 -44.69 3.29 4.10
N LEU B 824 -45.38 4.30 3.58
CA LEU B 824 -44.79 5.64 3.58
C LEU B 824 -45.79 6.67 4.09
N GLY B 825 -47.08 6.48 3.85
CA GLY B 825 -48.10 7.36 4.35
C GLY B 825 -48.16 8.71 3.65
N PRO B 826 -49.21 9.50 3.95
CA PRO B 826 -49.34 10.82 3.31
C PRO B 826 -48.55 11.93 3.99
N ASP B 827 -47.29 11.69 4.32
CA ASP B 827 -46.47 12.73 4.92
C ASP B 827 -45.10 12.80 4.26
N GLY B 828 -44.64 11.67 3.74
CA GLY B 828 -43.29 11.60 3.17
C GLY B 828 -42.39 10.73 4.01
N LEU B 829 -42.53 10.84 5.33
CA LEU B 829 -41.74 10.03 6.26
C LEU B 829 -42.51 8.79 6.65
N GLY B 830 -41.79 7.71 6.91
CA GLY B 830 -42.40 6.44 7.25
C GLY B 830 -43.09 6.46 8.61
N GLU B 831 -43.94 5.46 8.80
CA GLU B 831 -44.78 5.40 9.99
C GLU B 831 -44.01 4.79 11.16
N VAL B 832 -44.72 4.45 12.23
CA VAL B 832 -44.16 3.74 13.37
C VAL B 832 -45.00 2.48 13.59
N GLY B 833 -44.36 1.32 13.48
CA GLY B 833 -45.00 0.04 13.69
C GLY B 833 -45.25 -0.74 12.42
N MET B 834 -45.28 -0.05 11.27
CA MET B 834 -45.47 -0.74 10.00
C MET B 834 -44.20 -1.49 9.61
N LYS B 835 -44.38 -2.53 8.81
CA LYS B 835 -43.29 -3.43 8.44
C LYS B 835 -42.74 -3.11 7.06
N VAL B 836 -41.57 -3.66 6.78
CA VAL B 836 -40.89 -3.46 5.49
C VAL B 836 -40.06 -4.71 5.18
N GLN B 837 -40.25 -5.27 4.00
CA GLN B 837 -39.54 -6.48 3.57
C GLN B 837 -38.94 -6.31 2.18
N SER B 838 -37.74 -5.71 2.13
CA SER B 838 -36.85 -5.68 0.97
C SER B 838 -37.51 -5.05 -0.26
N GLY B 839 -37.79 -3.76 -0.15
CA GLY B 839 -38.34 -3.05 -1.29
C GLY B 839 -39.30 -1.92 -1.00
N GLN B 840 -39.89 -1.86 0.19
CA GLN B 840 -40.71 -0.70 0.52
C GLN B 840 -39.82 0.49 0.87
N ILE B 841 -40.19 1.66 0.38
CA ILE B 841 -39.48 2.89 0.72
C ILE B 841 -40.00 3.40 2.05
N TYR B 842 -39.12 3.49 3.04
CA TYR B 842 -39.50 3.93 4.37
C TYR B 842 -39.11 5.37 4.67
N ILE B 843 -38.32 6.00 3.80
CA ILE B 843 -37.97 7.40 3.94
C ILE B 843 -37.68 7.95 2.55
N ASN B 844 -38.25 9.12 2.25
CA ASN B 844 -38.19 9.70 0.91
C ASN B 844 -37.10 10.77 0.84
N LYS B 845 -36.53 10.93 -0.35
CA LYS B 845 -35.48 11.91 -0.58
C LYS B 845 -35.49 12.24 -2.07
N SER B 846 -36.04 13.40 -2.42
CA SER B 846 -36.20 13.82 -3.81
C SER B 846 -35.40 15.09 -4.05
N VAL B 847 -34.35 14.99 -4.87
CA VAL B 847 -33.49 16.14 -5.17
C VAL B 847 -33.55 16.48 -6.65
N PRO B 848 -33.39 17.75 -7.04
CA PRO B 848 -33.35 18.10 -8.45
C PRO B 848 -31.95 17.98 -9.06
N THR B 849 -31.91 18.00 -10.39
CA THR B 849 -30.67 17.86 -11.14
C THR B 849 -30.25 19.13 -11.88
N ASN B 850 -31.14 20.11 -12.03
CA ASN B 850 -30.72 21.39 -12.57
C ASN B 850 -29.89 22.19 -11.57
N SER B 851 -30.01 21.87 -10.29
CA SER B 851 -29.18 22.45 -9.24
C SER B 851 -27.86 21.72 -9.05
N ALA B 852 -27.61 20.65 -9.80
CA ALA B 852 -26.30 19.99 -9.74
C ALA B 852 -25.22 20.86 -10.34
N ASP B 853 -25.56 21.66 -11.35
CA ASP B 853 -24.67 22.71 -11.83
C ASP B 853 -25.01 24.00 -11.08
N ALA B 854 -24.44 25.13 -11.51
CA ALA B 854 -24.70 26.42 -10.88
C ALA B 854 -25.13 27.43 -11.94
N PRO B 855 -26.42 27.49 -12.27
CA PRO B 855 -26.92 28.55 -13.14
C PRO B 855 -27.23 29.80 -12.32
N ASN B 856 -27.76 30.80 -12.99
CA ASN B 856 -28.24 32.00 -12.30
C ASN B 856 -29.62 31.74 -11.69
N PRO B 857 -29.94 32.42 -10.58
CA PRO B 857 -31.29 32.30 -10.02
C PRO B 857 -32.31 33.09 -10.83
N ASN B 858 -32.63 32.62 -12.03
CA ASN B 858 -33.57 33.28 -12.90
C ASN B 858 -34.99 32.94 -12.46
N ASN B 859 -35.98 33.61 -13.07
CA ASN B 859 -37.38 33.31 -12.79
C ASN B 859 -37.87 32.08 -13.56
N VAL B 860 -36.99 31.40 -14.29
CA VAL B 860 -37.33 30.12 -14.88
C VAL B 860 -37.50 29.07 -13.78
N ASN B 861 -38.25 28.00 -14.10
CA ASN B 861 -38.60 26.99 -13.12
C ASN B 861 -37.36 26.19 -12.71
N VAL B 862 -36.88 26.43 -11.49
CA VAL B 862 -35.78 25.67 -10.91
C VAL B 862 -36.27 24.37 -10.28
N GLN B 863 -37.45 24.39 -9.66
CA GLN B 863 -38.04 23.24 -8.98
C GLN B 863 -38.93 22.42 -9.91
N THR B 864 -38.62 22.39 -11.20
CA THR B 864 -39.53 21.86 -12.21
C THR B 864 -39.69 20.35 -12.18
N GLN B 865 -38.82 19.63 -11.48
CA GLN B 865 -38.93 18.17 -11.40
C GLN B 865 -38.42 17.70 -10.04
N TYR B 866 -39.10 16.70 -9.49
CA TYR B 866 -38.89 16.21 -8.13
C TYR B 866 -38.63 14.71 -8.13
N ARG B 867 -37.64 14.28 -8.92
CA ARG B 867 -37.42 12.85 -9.18
C ARG B 867 -37.07 12.09 -7.90
N GLU B 868 -37.38 10.80 -7.91
CA GLU B 868 -37.35 9.99 -6.70
C GLU B 868 -36.02 9.26 -6.61
N ALA B 869 -35.22 9.60 -5.61
CA ALA B 869 -34.01 8.86 -5.27
C ALA B 869 -33.94 8.60 -3.77
N PRO B 870 -34.79 7.69 -3.24
CA PRO B 870 -34.77 7.45 -1.79
C PRO B 870 -33.72 6.43 -1.39
N VAL B 871 -33.70 6.04 -0.12
CA VAL B 871 -32.94 4.90 0.35
C VAL B 871 -33.93 3.85 0.83
N ILE B 872 -33.65 2.59 0.50
CA ILE B 872 -34.60 1.50 0.66
C ILE B 872 -33.97 0.44 1.55
N TYR B 873 -34.79 -0.21 2.37
CA TYR B 873 -34.32 -1.25 3.27
C TYR B 873 -33.97 -2.52 2.50
N ARG B 874 -32.71 -2.63 2.07
CA ARG B 874 -32.19 -3.86 1.50
C ARG B 874 -31.83 -4.81 2.64
N GLY B 875 -32.62 -5.86 2.81
CA GLY B 875 -32.39 -6.81 3.87
C GLY B 875 -32.99 -8.16 3.58
N PRO B 876 -32.43 -9.22 4.18
CA PRO B 876 -32.99 -10.55 3.93
C PRO B 876 -34.30 -10.81 4.64
N GLU B 877 -34.48 -10.26 5.84
CA GLU B 877 -35.64 -10.52 6.67
C GLU B 877 -36.46 -9.25 6.87
N PRO B 878 -37.77 -9.36 7.07
CA PRO B 878 -38.57 -8.16 7.35
C PRO B 878 -38.30 -7.59 8.72
N SER B 879 -38.47 -6.28 8.85
CA SER B 879 -38.23 -5.56 10.09
C SER B 879 -39.34 -4.54 10.29
N HIS B 880 -39.25 -3.79 11.39
CA HIS B 880 -40.26 -2.80 11.74
C HIS B 880 -39.59 -1.48 12.06
N ILE B 881 -40.41 -0.43 12.10
CA ILE B 881 -39.97 0.91 12.48
C ILE B 881 -40.65 1.28 13.79
N ASP B 882 -39.85 1.67 14.78
CA ASP B 882 -40.38 2.01 16.09
C ASP B 882 -40.16 3.44 16.53
N GLN B 883 -39.25 4.18 15.89
CA GLN B 883 -38.98 5.56 16.29
C GLN B 883 -38.40 6.30 15.10
N VAL B 884 -39.18 7.21 14.52
CA VAL B 884 -38.72 8.06 13.44
C VAL B 884 -38.90 9.51 13.88
N MET B 885 -37.88 10.33 13.66
CA MET B 885 -37.90 11.71 14.12
C MET B 885 -37.28 12.61 13.07
N MET B 886 -37.86 13.79 12.92
CA MET B 886 -37.32 14.86 12.08
C MET B 886 -36.95 16.02 12.99
N SER B 887 -35.85 16.68 12.68
CA SER B 887 -35.23 17.59 13.64
C SER B 887 -34.51 18.70 12.87
N VAL B 888 -33.63 19.40 13.58
CA VAL B 888 -32.81 20.45 13.00
C VAL B 888 -31.37 20.17 13.38
N SER B 889 -30.45 20.57 12.51
CA SER B 889 -29.02 20.46 12.75
C SER B 889 -28.48 21.84 13.13
N ASP B 890 -27.16 21.98 13.11
CA ASP B 890 -26.51 23.26 13.30
C ASP B 890 -26.97 24.29 12.26
N ASN B 891 -26.82 23.95 10.99
CA ASN B 891 -27.10 24.93 9.92
C ASN B 891 -28.54 24.86 9.41
N ASP B 892 -29.49 24.82 10.34
CA ASP B 892 -30.92 25.11 10.11
C ASP B 892 -31.57 24.23 9.04
N GLN B 893 -31.09 23.00 8.88
CA GLN B 893 -31.61 22.09 7.88
C GLN B 893 -32.27 20.90 8.56
N ALA B 894 -33.22 20.29 7.87
CA ALA B 894 -34.08 19.26 8.45
C ALA B 894 -33.33 17.94 8.54
N LEU B 895 -32.71 17.72 9.70
CA LEU B 895 -32.11 16.43 9.99
C LEU B 895 -33.19 15.40 10.31
N ILE B 896 -33.10 14.22 9.68
CA ILE B 896 -34.04 13.14 9.94
C ILE B 896 -33.25 11.89 10.30
N LYS B 897 -33.54 11.33 11.48
CA LYS B 897 -32.97 10.06 11.90
C LYS B 897 -34.10 9.07 12.12
N VAL B 898 -33.94 7.88 11.56
CA VAL B 898 -34.88 6.77 11.76
C VAL B 898 -34.08 5.50 11.98
N LEU B 899 -34.45 4.73 13.00
CA LEU B 899 -33.81 3.45 13.28
C LEU B 899 -34.84 2.34 13.14
N LEU B 900 -34.38 1.20 12.61
CA LEU B 900 -35.23 0.04 12.41
C LEU B 900 -34.77 -1.08 13.32
N ARG B 901 -35.74 -1.84 13.84
CA ARG B 901 -35.43 -2.95 14.73
C ARG B 901 -36.20 -4.17 14.29
N GLN B 902 -35.55 -5.32 14.35
CA GLN B 902 -36.20 -6.61 14.14
C GLN B 902 -35.88 -7.52 15.31
N ASN B 903 -36.87 -8.31 15.70
CA ASN B 903 -36.75 -9.20 16.85
C ASN B 903 -36.26 -10.54 16.36
N ARG B 904 -34.94 -10.69 16.32
CA ARG B 904 -34.30 -11.88 15.78
C ARG B 904 -34.48 -13.03 16.77
N ARG B 905 -35.24 -14.03 16.37
CA ARG B 905 -35.25 -15.29 17.10
C ARG B 905 -33.88 -15.94 16.93
N PRO B 906 -33.26 -16.44 18.00
CA PRO B 906 -31.94 -17.06 17.87
C PRO B 906 -32.00 -18.37 17.10
N GLU B 907 -31.51 -18.32 15.86
CA GLU B 907 -31.64 -19.43 14.94
C GLU B 907 -30.44 -20.37 15.08
N LEU B 908 -30.32 -21.28 14.12
CA LEU B 908 -29.32 -22.33 14.16
C LEU B 908 -28.10 -21.87 13.35
N GLY B 909 -26.96 -21.76 14.03
CA GLY B 909 -25.77 -21.17 13.44
C GLY B 909 -25.28 -20.01 14.29
N ASP B 910 -26.04 -19.71 15.35
CA ASP B 910 -25.74 -18.57 16.20
C ASP B 910 -24.79 -18.96 17.32
N LYS B 911 -23.87 -18.06 17.65
CA LYS B 911 -22.90 -18.35 18.69
C LYS B 911 -23.51 -18.19 20.07
N PHE B 912 -23.21 -19.16 20.93
CA PHE B 912 -23.61 -19.14 22.34
C PHE B 912 -22.38 -19.56 23.14
N SER B 913 -21.83 -18.65 23.93
CA SER B 913 -20.64 -18.95 24.69
C SER B 913 -20.89 -18.81 26.19
N SER B 914 -20.30 -19.71 26.95
CA SER B 914 -20.31 -19.59 28.39
C SER B 914 -19.47 -18.40 28.83
N ARG B 915 -19.76 -17.90 30.03
CA ARG B 915 -19.00 -16.81 30.61
C ARG B 915 -17.67 -17.29 31.17
N HIS B 916 -17.50 -18.61 31.35
CA HIS B 916 -16.33 -19.15 32.01
C HIS B 916 -15.15 -19.38 31.08
N GLY B 917 -15.37 -19.45 29.77
CA GLY B 917 -14.25 -19.53 28.85
C GLY B 917 -14.34 -20.51 27.69
N GLN B 918 -15.52 -21.08 27.46
CA GLN B 918 -15.72 -21.99 26.34
C GLN B 918 -16.73 -21.42 25.37
N LYS B 919 -16.37 -21.39 24.09
CA LYS B 919 -17.23 -20.86 23.04
C LYS B 919 -18.23 -21.92 22.60
N GLY B 920 -19.02 -21.63 21.57
CA GLY B 920 -19.99 -22.61 21.10
C GLY B 920 -20.94 -22.12 20.04
N VAL B 921 -21.20 -22.96 19.04
CA VAL B 921 -22.18 -22.72 17.99
C VAL B 921 -23.16 -23.88 18.00
N CYS B 922 -24.46 -23.58 17.95
CA CYS B 922 -25.47 -24.61 18.05
C CYS B 922 -25.48 -25.54 16.83
N GLY B 923 -25.77 -26.81 17.08
CA GLY B 923 -25.73 -27.82 16.05
C GLY B 923 -27.08 -28.24 15.52
N ILE B 924 -28.05 -28.44 16.41
CA ILE B 924 -29.39 -28.85 16.04
C ILE B 924 -30.31 -28.40 17.16
N ILE B 925 -31.61 -28.34 16.89
CA ILE B 925 -32.62 -27.92 17.87
C ILE B 925 -33.53 -29.11 18.16
N VAL B 926 -33.73 -29.40 19.44
CA VAL B 926 -34.44 -30.59 19.89
C VAL B 926 -35.82 -30.19 20.38
N LYS B 927 -36.85 -30.97 19.97
CA LYS B 927 -38.25 -30.56 19.99
C LYS B 927 -38.82 -30.22 21.36
N GLN B 928 -39.03 -31.20 22.24
CA GLN B 928 -39.09 -30.88 23.66
C GLN B 928 -38.43 -31.96 24.52
N GLU B 929 -38.67 -33.22 24.17
CA GLU B 929 -38.55 -34.30 25.13
C GLU B 929 -37.51 -35.35 24.73
N ASP B 930 -36.77 -35.13 23.66
CA ASP B 930 -35.69 -36.03 23.29
C ASP B 930 -34.43 -35.80 24.13
N MET B 931 -34.42 -34.76 24.97
CA MET B 931 -33.37 -34.49 25.94
C MET B 931 -33.69 -35.15 27.27
N PRO B 932 -32.68 -35.71 27.94
CA PRO B 932 -32.95 -36.56 29.12
C PRO B 932 -33.34 -35.75 30.34
N PHE B 933 -34.47 -36.13 30.94
CA PHE B 933 -35.05 -35.49 32.10
C PHE B 933 -34.58 -36.19 33.37
N ASN B 934 -35.21 -35.91 34.50
CA ASN B 934 -34.83 -36.52 35.78
C ASN B 934 -36.10 -36.90 36.54
N ASP B 935 -35.94 -37.15 37.85
CA ASP B 935 -37.07 -37.54 38.69
C ASP B 935 -38.06 -36.38 38.86
N GLN B 936 -37.56 -35.17 39.02
CA GLN B 936 -38.44 -34.00 39.02
C GLN B 936 -38.98 -33.73 37.63
N GLY B 937 -38.24 -34.13 36.59
CA GLY B 937 -38.67 -33.99 35.23
C GLY B 937 -38.25 -32.73 34.53
N ILE B 938 -37.15 -32.10 34.97
CA ILE B 938 -36.69 -30.86 34.38
C ILE B 938 -35.81 -31.21 33.17
N VAL B 939 -36.29 -30.85 31.98
CA VAL B 939 -35.54 -31.06 30.75
C VAL B 939 -34.52 -29.93 30.66
N PRO B 940 -33.24 -30.21 30.43
CA PRO B 940 -32.25 -29.13 30.35
C PRO B 940 -32.43 -28.32 29.08
N ASP B 941 -31.72 -27.20 29.02
CA ASP B 941 -31.86 -26.28 27.89
C ASP B 941 -30.81 -26.54 26.82
N ILE B 942 -29.53 -26.45 27.18
CA ILE B 942 -28.43 -26.65 26.27
C ILE B 942 -27.65 -27.87 26.77
N ILE B 943 -26.87 -28.47 25.88
CA ILE B 943 -25.96 -29.56 26.21
C ILE B 943 -24.59 -29.22 25.67
N MET B 944 -23.58 -29.22 26.54
CA MET B 944 -22.22 -28.86 26.19
C MET B 944 -21.39 -30.11 25.89
N ASN B 945 -20.20 -29.88 25.36
CA ASN B 945 -19.30 -30.97 25.02
C ASN B 945 -18.51 -31.40 26.25
N PRO B 946 -18.50 -32.69 26.59
CA PRO B 946 -17.54 -33.16 27.59
C PRO B 946 -16.11 -33.08 27.10
N HIS B 947 -15.88 -33.12 25.79
CA HIS B 947 -14.54 -33.00 25.24
C HIS B 947 -14.01 -31.58 25.32
N GLY B 948 -14.88 -30.58 25.47
CA GLY B 948 -14.43 -29.22 25.62
C GLY B 948 -13.76 -28.92 26.94
N PHE B 949 -13.91 -29.79 27.93
CA PHE B 949 -13.30 -29.57 29.24
C PHE B 949 -11.82 -29.96 29.34
N PRO B 950 -11.34 -31.18 28.89
CA PRO B 950 -9.93 -31.54 29.18
C PRO B 950 -8.87 -30.75 28.45
N SER B 951 -8.94 -30.66 27.11
CA SER B 951 -7.84 -30.04 26.37
C SER B 951 -7.87 -28.53 26.50
N ARG B 952 -9.03 -27.94 26.73
CA ARG B 952 -9.11 -26.53 27.08
C ARG B 952 -8.79 -26.29 28.55
N MET B 953 -8.81 -27.35 29.36
CA MET B 953 -8.40 -27.37 30.77
C MET B 953 -9.20 -26.36 31.59
N THR B 954 -10.48 -26.68 31.75
CA THR B 954 -11.39 -25.91 32.58
C THR B 954 -12.02 -26.82 33.64
N VAL B 955 -11.76 -26.50 34.90
CA VAL B 955 -12.42 -27.18 36.02
C VAL B 955 -13.27 -26.25 36.86
N GLY B 956 -13.17 -24.93 36.65
CA GLY B 956 -14.00 -24.00 37.39
C GLY B 956 -15.43 -23.92 36.92
N LYS B 957 -15.69 -24.30 35.67
CA LYS B 957 -17.07 -24.44 35.22
C LYS B 957 -17.73 -25.63 35.90
N MET B 958 -16.95 -26.68 36.15
CA MET B 958 -17.42 -27.86 36.84
C MET B 958 -17.73 -27.57 38.31
N ILE B 959 -17.11 -26.52 38.87
CA ILE B 959 -17.51 -25.99 40.17
C ILE B 959 -18.66 -24.99 40.01
N GLU B 960 -18.76 -24.34 38.85
CA GLU B 960 -19.78 -23.33 38.61
C GLU B 960 -21.17 -23.96 38.55
N LEU B 961 -21.29 -25.17 38.00
CA LEU B 961 -22.59 -25.85 37.99
C LEU B 961 -23.05 -26.16 39.40
N ILE B 962 -22.14 -26.57 40.28
CA ILE B 962 -22.48 -26.89 41.66
C ILE B 962 -22.85 -25.64 42.43
N SER B 963 -22.08 -24.55 42.23
CA SER B 963 -22.37 -23.30 42.90
C SER B 963 -23.68 -22.68 42.42
N GLY B 964 -23.98 -22.82 41.13
CA GLY B 964 -25.26 -22.35 40.63
C GLY B 964 -26.42 -23.18 41.13
N LYS B 965 -26.22 -24.50 41.26
CA LYS B 965 -27.26 -25.37 41.80
C LYS B 965 -27.56 -25.05 43.25
N ALA B 966 -26.52 -24.81 44.06
CA ALA B 966 -26.77 -24.45 45.44
C ALA B 966 -27.29 -23.03 45.59
N GLY B 967 -26.92 -22.13 44.68
CA GLY B 967 -27.45 -20.79 44.72
C GLY B 967 -28.92 -20.72 44.34
N VAL B 968 -29.34 -21.53 43.38
CA VAL B 968 -30.75 -21.58 43.04
C VAL B 968 -31.52 -22.47 44.02
N LEU B 969 -30.83 -23.31 44.79
CA LEU B 969 -31.48 -24.17 45.78
C LEU B 969 -31.72 -23.45 47.10
N ASN B 970 -30.65 -22.99 47.75
CA ASN B 970 -30.74 -22.37 49.07
C ASN B 970 -31.23 -20.93 49.01
N GLY B 971 -31.32 -20.33 47.83
CA GLY B 971 -31.80 -18.97 47.68
C GLY B 971 -30.75 -17.90 47.49
N THR B 972 -29.65 -17.98 48.22
CA THR B 972 -28.65 -16.92 48.24
C THR B 972 -27.84 -16.91 46.96
N LEU B 973 -27.67 -15.73 46.37
CA LEU B 973 -26.72 -15.54 45.28
C LEU B 973 -25.31 -15.76 45.80
N GLU B 974 -24.61 -16.73 45.24
CA GLU B 974 -23.36 -17.18 45.82
C GLU B 974 -22.16 -16.52 45.16
N TYR B 975 -21.03 -16.62 45.86
CA TYR B 975 -19.76 -16.02 45.49
C TYR B 975 -18.98 -16.90 44.51
N GLY B 976 -17.67 -16.70 44.42
CA GLY B 976 -16.90 -17.29 43.35
C GLY B 976 -15.97 -16.31 42.68
N THR B 977 -15.52 -15.32 43.43
CA THR B 977 -14.49 -14.40 42.99
C THR B 977 -13.12 -15.09 42.94
N CYS B 978 -12.10 -14.32 42.59
CA CYS B 978 -10.74 -14.86 42.50
C CYS B 978 -10.19 -15.13 43.89
N PHE B 979 -9.63 -16.33 44.06
CA PHE B 979 -8.84 -16.80 45.20
C PHE B 979 -9.62 -16.91 46.51
N GLY B 980 -10.93 -16.69 46.49
CA GLY B 980 -11.74 -16.80 47.68
C GLY B 980 -13.13 -17.33 47.38
N GLY B 981 -14.15 -16.67 47.90
CA GLY B 981 -15.51 -17.01 47.57
C GLY B 981 -16.01 -18.23 48.32
N SER B 982 -17.13 -18.75 47.85
CA SER B 982 -17.78 -19.89 48.49
C SER B 982 -17.06 -21.18 48.08
N LYS B 983 -16.59 -21.94 49.07
CA LYS B 983 -15.81 -23.13 48.82
C LYS B 983 -16.72 -24.30 48.45
N LEU B 984 -16.11 -25.45 48.16
CA LEU B 984 -16.84 -26.62 47.71
C LEU B 984 -17.19 -27.58 48.84
N GLU B 985 -16.46 -27.52 49.97
CA GLU B 985 -16.65 -28.47 51.06
C GLU B 985 -18.01 -28.30 51.71
N ASP B 986 -18.38 -27.06 52.03
CA ASP B 986 -19.73 -26.79 52.51
C ASP B 986 -20.77 -26.86 51.39
N MET B 987 -20.34 -26.71 50.14
CA MET B 987 -21.26 -26.73 49.02
C MET B 987 -21.82 -28.13 48.80
N SER B 988 -20.93 -29.14 48.84
CA SER B 988 -21.38 -30.53 48.76
C SER B 988 -22.24 -30.91 49.96
N LYS B 989 -21.98 -30.31 51.12
CA LYS B 989 -22.80 -30.54 52.30
C LYS B 989 -24.21 -29.98 52.11
N ILE B 990 -24.33 -28.80 51.48
CA ILE B 990 -25.65 -28.24 51.19
C ILE B 990 -26.39 -29.09 50.17
N LEU B 991 -25.68 -29.54 49.11
CA LEU B 991 -26.30 -30.38 48.09
C LEU B 991 -26.75 -31.73 48.64
N VAL B 992 -26.00 -32.31 49.57
CA VAL B 992 -26.40 -33.58 50.14
C VAL B 992 -27.38 -33.38 51.30
N ASP B 993 -27.47 -32.18 51.85
CA ASP B 993 -28.43 -31.91 52.90
C ASP B 993 -29.82 -31.65 52.35
N GLN B 994 -29.92 -31.07 51.15
CA GLN B 994 -31.25 -30.92 50.54
C GLN B 994 -31.78 -32.27 50.05
N GLY B 995 -30.89 -33.13 49.56
CA GLY B 995 -31.30 -34.43 49.09
C GLY B 995 -30.73 -34.77 47.73
N PHE B 996 -29.98 -33.86 47.15
CA PHE B 996 -29.33 -34.10 45.87
C PHE B 996 -27.99 -34.81 46.09
N ASN B 997 -27.27 -35.05 45.00
CA ASN B 997 -26.01 -35.74 45.08
C ASN B 997 -24.90 -34.78 45.50
N TYR B 998 -23.86 -35.33 46.13
CA TYR B 998 -22.77 -34.52 46.66
C TYR B 998 -21.82 -34.01 45.60
N SER B 999 -21.98 -34.42 44.34
CA SER B 999 -21.07 -34.02 43.28
C SER B 999 -21.78 -33.33 42.12
N GLY B 1000 -23.06 -32.98 42.27
CA GLY B 1000 -23.83 -32.41 41.20
C GLY B 1000 -24.40 -33.39 40.21
N LYS B 1001 -24.02 -34.66 40.30
CA LYS B 1001 -24.52 -35.69 39.40
C LYS B 1001 -26.00 -35.99 39.65
N ASP B 1002 -26.60 -36.67 38.69
CA ASP B 1002 -27.98 -37.10 38.78
C ASP B 1002 -28.15 -38.28 37.85
N MET B 1003 -29.08 -39.17 38.17
CA MET B 1003 -29.49 -40.20 37.23
C MET B 1003 -30.54 -39.63 36.30
N LEU B 1004 -30.41 -39.90 35.01
CA LEU B 1004 -31.28 -39.34 34.00
C LEU B 1004 -31.89 -40.46 33.17
N TYR B 1005 -32.98 -40.14 32.49
CA TYR B 1005 -33.76 -41.12 31.73
C TYR B 1005 -33.73 -40.71 30.27
N SER B 1006 -33.33 -41.64 29.41
CA SER B 1006 -33.04 -41.32 28.01
C SER B 1006 -34.31 -40.96 27.24
N GLY B 1007 -34.15 -40.10 26.26
CA GLY B 1007 -35.29 -39.58 25.51
C GLY B 1007 -35.85 -40.53 24.48
N ILE B 1008 -34.99 -41.08 23.63
CA ILE B 1008 -35.47 -41.89 22.51
C ILE B 1008 -35.84 -43.31 22.92
N THR B 1009 -35.49 -43.75 24.13
CA THR B 1009 -35.81 -45.12 24.53
C THR B 1009 -36.40 -45.26 25.92
N GLY B 1010 -36.31 -44.27 26.80
CA GLY B 1010 -37.02 -44.28 28.06
C GLY B 1010 -36.30 -44.94 29.21
N GLU B 1011 -35.29 -45.75 28.95
CA GLU B 1011 -34.56 -46.41 30.02
C GLU B 1011 -33.54 -45.45 30.62
N CYS B 1012 -32.80 -45.90 31.63
CA CYS B 1012 -31.88 -45.04 32.34
C CYS B 1012 -30.62 -44.81 31.52
N LEU B 1013 -29.79 -43.89 31.99
CA LEU B 1013 -28.47 -43.66 31.41
C LEU B 1013 -27.45 -44.48 32.19
N GLN B 1014 -26.50 -45.08 31.46
CA GLN B 1014 -25.55 -45.99 32.09
C GLN B 1014 -24.55 -45.22 32.95
N ALA B 1015 -24.09 -44.07 32.49
CA ALA B 1015 -23.26 -43.20 33.30
C ALA B 1015 -24.09 -42.02 33.80
N TYR B 1016 -23.67 -41.45 34.93
CA TYR B 1016 -24.43 -40.35 35.51
C TYR B 1016 -24.11 -39.05 34.77
N ILE B 1017 -25.08 -38.16 34.74
CA ILE B 1017 -24.97 -36.88 34.06
C ILE B 1017 -25.27 -35.78 35.07
N PHE B 1018 -24.38 -34.81 35.19
CA PHE B 1018 -24.53 -33.69 36.10
C PHE B 1018 -25.04 -32.48 35.33
N PHE B 1019 -25.94 -31.72 35.95
CA PHE B 1019 -26.51 -30.57 35.26
C PHE B 1019 -26.94 -29.50 36.24
N GLY B 1020 -26.73 -28.24 35.86
CA GLY B 1020 -27.02 -27.09 36.67
C GLY B 1020 -26.91 -25.83 35.83
N PRO B 1021 -27.21 -24.67 36.43
CA PRO B 1021 -27.26 -23.43 35.65
C PRO B 1021 -25.88 -22.85 35.35
N ILE B 1022 -25.72 -22.37 34.11
CA ILE B 1022 -24.58 -21.54 33.72
C ILE B 1022 -25.11 -20.28 33.07
N TYR B 1023 -24.55 -19.14 33.44
CA TYR B 1023 -24.84 -17.86 32.79
C TYR B 1023 -24.31 -17.90 31.35
N TYR B 1024 -25.23 -17.94 30.38
CA TYR B 1024 -24.92 -18.09 28.96
C TYR B 1024 -25.19 -16.79 28.22
N GLN B 1025 -24.14 -16.15 27.73
CA GLN B 1025 -24.29 -14.93 26.96
C GLN B 1025 -24.25 -15.22 25.46
N LYS B 1026 -25.04 -14.46 24.70
CA LYS B 1026 -25.13 -14.62 23.26
C LYS B 1026 -24.33 -13.51 22.58
N LEU B 1027 -23.63 -13.87 21.51
CA LEU B 1027 -22.66 -12.99 20.87
C LEU B 1027 -23.27 -12.28 19.68
N LYS B 1028 -22.50 -11.37 19.10
CA LYS B 1028 -22.96 -10.60 17.94
C LYS B 1028 -22.59 -11.28 16.62
N HIS B 1029 -22.88 -12.57 16.54
CA HIS B 1029 -22.61 -13.37 15.35
C HIS B 1029 -23.86 -14.13 14.94
N MET B 1030 -24.97 -13.39 14.83
CA MET B 1030 -26.17 -13.92 14.20
C MET B 1030 -25.86 -14.32 12.76
N VAL B 1031 -26.45 -15.44 12.33
CA VAL B 1031 -26.15 -15.99 11.01
C VAL B 1031 -26.72 -15.11 9.89
N LEU B 1032 -27.72 -14.28 10.20
CA LEU B 1032 -28.22 -13.33 9.21
C LEU B 1032 -27.21 -12.21 8.95
N ASP B 1033 -26.39 -11.87 9.94
CA ASP B 1033 -25.37 -10.85 9.79
C ASP B 1033 -24.07 -11.38 9.19
N LYS B 1034 -23.99 -12.69 8.93
CA LYS B 1034 -22.76 -13.28 8.42
C LYS B 1034 -22.98 -14.13 7.17
N MET B 1035 -24.21 -14.35 6.74
CA MET B 1035 -24.48 -15.08 5.51
C MET B 1035 -24.08 -14.23 4.31
N HIS B 1036 -23.57 -14.90 3.27
CA HIS B 1036 -23.07 -14.21 2.10
C HIS B 1036 -23.54 -14.93 0.84
N ALA B 1037 -23.67 -14.17 -0.25
CA ALA B 1037 -24.12 -14.71 -1.52
C ALA B 1037 -23.38 -14.00 -2.65
N ARG B 1038 -23.47 -14.59 -3.85
CA ARG B 1038 -22.86 -14.01 -5.03
C ARG B 1038 -23.56 -14.56 -6.26
N ALA B 1039 -23.77 -13.70 -7.25
CA ALA B 1039 -24.38 -14.09 -8.52
C ALA B 1039 -23.59 -13.37 -9.62
N ARG B 1040 -24.16 -13.29 -10.82
CA ARG B 1040 -23.58 -12.47 -11.88
C ARG B 1040 -24.06 -11.04 -11.69
N GLY B 1041 -23.40 -10.34 -10.77
CA GLY B 1041 -23.87 -9.04 -10.32
C GLY B 1041 -22.93 -7.89 -10.65
N PRO B 1042 -22.78 -6.96 -9.71
CA PRO B 1042 -21.96 -5.77 -9.96
C PRO B 1042 -20.48 -6.09 -10.07
N ARG B 1043 -19.80 -5.34 -10.93
CA ARG B 1043 -18.36 -5.45 -11.14
C ARG B 1043 -17.73 -4.07 -11.02
N ALA B 1044 -16.41 -4.05 -10.80
CA ALA B 1044 -15.72 -2.80 -10.58
C ALA B 1044 -15.50 -2.04 -11.89
N VAL B 1045 -15.26 -0.73 -11.76
CA VAL B 1045 -14.95 0.10 -12.92
C VAL B 1045 -13.49 -0.01 -13.35
N LEU B 1046 -12.66 -0.70 -12.57
CA LEU B 1046 -11.22 -0.72 -12.76
C LEU B 1046 -10.68 -2.03 -13.30
N THR B 1047 -11.29 -3.16 -12.93
CA THR B 1047 -10.83 -4.46 -13.42
C THR B 1047 -11.99 -5.32 -13.92
N ARG B 1048 -13.24 -4.83 -13.81
CA ARG B 1048 -14.46 -5.55 -14.22
C ARG B 1048 -14.58 -6.88 -13.47
N GLN B 1049 -14.25 -6.84 -12.18
CA GLN B 1049 -14.31 -7.93 -11.23
C GLN B 1049 -15.17 -7.48 -10.06
N PRO B 1050 -15.77 -8.41 -9.30
CA PRO B 1050 -16.68 -8.01 -8.21
C PRO B 1050 -15.97 -7.30 -7.07
N THR B 1051 -16.79 -6.73 -6.19
CA THR B 1051 -16.32 -5.87 -5.12
C THR B 1051 -15.88 -6.70 -3.93
N GLU B 1052 -15.61 -6.05 -2.80
CA GLU B 1052 -15.08 -6.70 -1.62
C GLU B 1052 -16.13 -6.74 -0.51
N GLY B 1053 -15.91 -7.64 0.45
CA GLY B 1053 -16.73 -7.70 1.63
C GLY B 1053 -18.11 -8.29 1.37
N ARG B 1054 -19.11 -7.66 1.98
CA ARG B 1054 -20.51 -7.99 1.80
C ARG B 1054 -21.35 -6.79 1.40
N SER B 1055 -20.79 -5.58 1.56
CA SER B 1055 -21.60 -4.36 1.57
C SER B 1055 -22.10 -3.99 0.17
N ARG B 1056 -21.17 -3.81 -0.79
CA ARG B 1056 -21.56 -3.36 -2.13
C ARG B 1056 -22.41 -4.40 -2.86
N ASP B 1057 -21.80 -5.50 -3.29
CA ASP B 1057 -22.51 -6.76 -3.44
C ASP B 1057 -21.77 -7.82 -2.64
N GLY B 1058 -20.49 -7.95 -2.92
CA GLY B 1058 -19.63 -8.93 -2.28
C GLY B 1058 -18.76 -9.65 -3.29
N GLY B 1059 -17.70 -10.28 -2.78
CA GLY B 1059 -16.81 -11.07 -3.59
C GLY B 1059 -15.81 -11.85 -2.75
N LEU B 1060 -15.68 -13.14 -3.02
CA LEU B 1060 -14.85 -14.04 -2.21
C LEU B 1060 -13.67 -14.49 -3.07
N ARG B 1061 -12.50 -13.91 -2.81
CA ARG B 1061 -11.34 -14.18 -3.64
C ARG B 1061 -10.75 -15.56 -3.32
N LEU B 1062 -10.02 -16.10 -4.29
CA LEU B 1062 -9.22 -17.30 -4.10
C LEU B 1062 -7.91 -17.10 -4.85
N GLY B 1063 -6.80 -17.39 -4.19
CA GLY B 1063 -5.51 -17.27 -4.84
C GLY B 1063 -4.43 -16.91 -3.84
N GLU B 1064 -3.19 -16.97 -4.35
CA GLU B 1064 -1.89 -16.67 -3.72
C GLU B 1064 -1.47 -17.71 -2.69
N MET B 1065 -2.43 -18.49 -2.19
CA MET B 1065 -2.19 -19.72 -1.49
C MET B 1065 -3.26 -20.75 -1.82
N GLU B 1066 -4.38 -20.30 -2.42
CA GLU B 1066 -5.57 -21.10 -2.65
C GLU B 1066 -5.62 -21.68 -4.05
N ARG B 1067 -5.22 -20.92 -5.06
CA ARG B 1067 -5.14 -21.45 -6.42
C ARG B 1067 -4.01 -22.45 -6.56
N ASP B 1068 -3.04 -22.43 -5.65
CA ASP B 1068 -1.95 -23.39 -5.69
C ASP B 1068 -2.38 -24.77 -5.21
N CYS B 1069 -3.49 -24.84 -4.47
CA CYS B 1069 -3.99 -26.13 -3.99
C CYS B 1069 -4.44 -27.02 -5.15
N VAL B 1070 -5.21 -26.46 -6.09
CA VAL B 1070 -5.61 -27.24 -7.26
C VAL B 1070 -4.48 -27.45 -8.25
N ILE B 1071 -3.38 -26.70 -8.13
CA ILE B 1071 -2.17 -27.05 -8.86
C ILE B 1071 -1.50 -28.26 -8.21
N ALA B 1072 -1.54 -28.33 -6.88
CA ALA B 1072 -1.04 -29.50 -6.17
C ALA B 1072 -1.89 -30.73 -6.43
N TYR B 1073 -3.19 -30.56 -6.65
CA TYR B 1073 -4.01 -31.69 -7.09
C TYR B 1073 -3.69 -32.08 -8.52
N GLY B 1074 -3.40 -31.10 -9.37
CA GLY B 1074 -3.25 -31.35 -10.78
C GLY B 1074 -4.46 -31.03 -11.63
N ALA B 1075 -5.40 -30.25 -11.10
CA ALA B 1075 -6.56 -29.83 -11.88
C ALA B 1075 -6.14 -28.75 -12.86
N SER B 1076 -6.50 -28.94 -14.13
CA SER B 1076 -6.14 -28.01 -15.20
C SER B 1076 -7.31 -27.17 -15.69
N GLN B 1077 -8.45 -27.78 -15.97
CA GLN B 1077 -9.56 -27.06 -16.55
C GLN B 1077 -10.38 -26.31 -15.53
N LEU B 1078 -10.42 -26.77 -14.28
CA LEU B 1078 -11.08 -26.03 -13.22
C LEU B 1078 -10.32 -24.74 -12.90
N LEU B 1079 -9.00 -24.86 -12.74
CA LEU B 1079 -8.16 -23.70 -12.47
C LEU B 1079 -8.10 -22.74 -13.64
N LEU B 1080 -8.31 -23.23 -14.86
CA LEU B 1080 -8.44 -22.34 -16.00
C LEU B 1080 -9.79 -21.63 -16.02
N GLU B 1081 -10.87 -22.38 -15.77
CA GLU B 1081 -12.21 -21.82 -15.91
C GLU B 1081 -12.51 -20.83 -14.80
N ARG B 1082 -12.24 -21.19 -13.55
CA ARG B 1082 -12.58 -20.35 -12.42
C ARG B 1082 -11.65 -19.15 -12.23
N LEU B 1083 -10.64 -19.00 -13.09
CA LEU B 1083 -9.85 -17.78 -13.13
C LEU B 1083 -9.93 -17.04 -14.46
N MET B 1084 -10.51 -17.65 -15.49
CA MET B 1084 -10.69 -16.96 -16.77
C MET B 1084 -12.17 -16.79 -17.13
N ILE B 1085 -12.92 -17.88 -17.26
CA ILE B 1085 -14.24 -17.81 -17.87
C ILE B 1085 -15.27 -17.28 -16.88
N SER B 1086 -15.24 -17.79 -15.65
CA SER B 1086 -16.18 -17.33 -14.64
C SER B 1086 -15.87 -15.92 -14.17
N SER B 1087 -14.62 -15.49 -14.29
CA SER B 1087 -14.26 -14.13 -13.89
C SER B 1087 -14.55 -13.12 -15.00
N ASP B 1088 -13.87 -13.25 -16.14
CA ASP B 1088 -13.97 -12.26 -17.22
C ASP B 1088 -13.54 -12.85 -18.54
N ALA B 1089 -14.47 -12.94 -19.50
CA ALA B 1089 -14.17 -13.43 -20.84
C ALA B 1089 -14.06 -12.21 -21.76
N PHE B 1090 -12.84 -11.89 -22.16
CA PHE B 1090 -12.58 -10.71 -22.95
C PHE B 1090 -12.11 -11.11 -24.35
N GLU B 1091 -12.11 -10.15 -25.26
CA GLU B 1091 -11.97 -10.41 -26.70
C GLU B 1091 -10.86 -9.55 -27.29
N VAL B 1092 -9.65 -9.64 -26.71
CA VAL B 1092 -8.47 -8.97 -27.26
C VAL B 1092 -8.19 -9.47 -28.67
N ASP B 1093 -8.18 -8.55 -29.62
CA ASP B 1093 -7.75 -8.85 -30.98
C ASP B 1093 -6.23 -8.82 -31.07
N VAL B 1094 -5.68 -9.74 -31.87
CA VAL B 1094 -4.24 -9.91 -32.00
C VAL B 1094 -3.87 -9.90 -33.49
N CYS B 1095 -2.57 -10.05 -33.74
CA CYS B 1095 -2.05 -10.12 -35.10
C CYS B 1095 -0.80 -10.99 -35.12
N ASP B 1096 -0.24 -11.19 -36.31
CA ASP B 1096 1.02 -11.90 -36.48
C ASP B 1096 2.17 -10.92 -36.66
N LYS B 1097 2.08 -10.04 -37.67
CA LYS B 1097 3.06 -8.99 -37.86
C LYS B 1097 2.77 -7.85 -36.89
N CYS B 1098 3.71 -7.58 -35.99
CA CYS B 1098 3.63 -6.66 -34.84
C CYS B 1098 2.31 -6.81 -34.09
N GLY B 1099 2.09 -8.01 -33.53
CA GLY B 1099 0.81 -8.38 -32.96
C GLY B 1099 0.47 -7.72 -31.64
N LEU B 1100 0.20 -6.42 -31.67
CA LEU B 1100 -0.29 -5.70 -30.51
C LEU B 1100 -1.81 -5.77 -30.49
N MET B 1101 -2.45 -4.96 -29.66
CA MET B 1101 -3.90 -4.97 -29.51
C MET B 1101 -4.53 -3.88 -30.36
N GLY B 1102 -5.79 -4.10 -30.72
CA GLY B 1102 -6.57 -3.10 -31.44
C GLY B 1102 -7.97 -2.99 -30.88
N TYR B 1103 -8.91 -2.48 -31.67
CA TYR B 1103 -10.31 -2.41 -31.25
C TYR B 1103 -11.18 -3.03 -32.35
N SER B 1104 -11.22 -4.36 -32.37
CA SER B 1104 -12.15 -5.21 -33.12
C SER B 1104 -12.09 -5.08 -34.65
N GLY B 1105 -11.33 -4.14 -35.17
CA GLY B 1105 -11.25 -3.95 -36.61
C GLY B 1105 -9.89 -3.48 -37.09
N TRP B 1106 -8.95 -3.31 -36.16
CA TRP B 1106 -7.60 -2.87 -36.50
C TRP B 1106 -6.62 -3.42 -35.47
N CYS B 1107 -5.36 -3.06 -35.64
CA CYS B 1107 -4.38 -3.08 -34.57
C CYS B 1107 -3.77 -1.71 -34.32
N THR B 1108 -3.91 -0.78 -35.27
CA THR B 1108 -3.60 0.66 -35.23
C THR B 1108 -2.09 0.92 -35.25
N THR B 1109 -1.28 -0.13 -35.07
CA THR B 1109 0.15 -0.03 -35.30
C THR B 1109 0.54 -0.52 -36.68
N CYS B 1110 -0.37 -1.20 -37.38
CA CYS B 1110 -0.20 -1.55 -38.78
C CYS B 1110 -1.55 -1.40 -39.45
N LYS B 1111 -1.56 -0.78 -40.63
CA LYS B 1111 -2.82 -0.47 -41.32
C LYS B 1111 -3.14 -1.60 -42.29
N SER B 1112 -3.63 -2.70 -41.74
CA SER B 1112 -3.98 -3.88 -42.53
C SER B 1112 -5.44 -4.25 -42.45
N ALA B 1113 -5.99 -4.39 -41.23
CA ALA B 1113 -7.36 -4.85 -40.95
C ALA B 1113 -7.68 -6.21 -41.59
N GLU B 1114 -6.67 -7.07 -41.73
CA GLU B 1114 -6.84 -8.40 -42.29
C GLU B 1114 -6.34 -9.50 -41.37
N ASN B 1115 -5.21 -9.30 -40.71
CA ASN B 1115 -4.63 -10.32 -39.83
C ASN B 1115 -5.05 -10.04 -38.39
N ILE B 1116 -6.33 -10.33 -38.11
CA ILE B 1116 -6.93 -10.10 -36.81
C ILE B 1116 -7.62 -11.37 -36.36
N ILE B 1117 -7.24 -11.87 -35.19
CA ILE B 1117 -7.83 -13.07 -34.60
C ILE B 1117 -8.57 -12.65 -33.34
N LYS B 1118 -9.86 -12.96 -33.29
CA LYS B 1118 -10.71 -12.60 -32.14
C LYS B 1118 -10.71 -13.76 -31.15
N MET B 1119 -9.61 -13.89 -30.43
CA MET B 1119 -9.46 -14.96 -29.45
C MET B 1119 -10.02 -14.51 -28.11
N THR B 1120 -9.80 -15.32 -27.07
CA THR B 1120 -10.32 -15.05 -25.74
C THR B 1120 -9.17 -14.94 -24.73
N ILE B 1121 -9.42 -14.17 -23.68
CA ILE B 1121 -8.39 -13.78 -22.70
C ILE B 1121 -9.15 -13.29 -21.46
N PRO B 1122 -8.58 -13.36 -20.26
CA PRO B 1122 -9.17 -12.61 -19.15
C PRO B 1122 -8.86 -11.12 -19.26
N TYR B 1123 -9.71 -10.32 -18.62
CA TYR B 1123 -9.56 -8.87 -18.69
C TYR B 1123 -8.40 -8.36 -17.83
N ALA B 1124 -7.99 -9.12 -16.81
CA ALA B 1124 -6.88 -8.69 -15.97
C ALA B 1124 -5.56 -8.68 -16.74
N ALA B 1125 -5.37 -9.62 -17.66
CA ALA B 1125 -4.19 -9.59 -18.52
C ALA B 1125 -4.23 -8.41 -19.48
N LYS B 1126 -5.40 -8.03 -19.97
CA LYS B 1126 -5.53 -6.86 -20.82
C LYS B 1126 -5.25 -5.58 -20.05
N LEU B 1127 -5.72 -5.52 -18.79
CA LEU B 1127 -5.42 -4.40 -17.91
C LEU B 1127 -3.93 -4.30 -17.64
N LEU B 1128 -3.29 -5.45 -17.42
CA LEU B 1128 -1.85 -5.51 -17.27
C LEU B 1128 -1.13 -5.02 -18.51
N PHE B 1129 -1.60 -5.41 -19.69
CA PHE B 1129 -0.96 -4.99 -20.93
C PHE B 1129 -1.11 -3.49 -21.16
N GLN B 1130 -2.28 -2.93 -20.85
CA GLN B 1130 -2.46 -1.49 -21.02
C GLN B 1130 -1.64 -0.68 -20.01
N GLU B 1131 -1.65 -1.06 -18.74
CA GLU B 1131 -0.83 -0.34 -17.76
C GLU B 1131 0.65 -0.69 -17.88
N LEU B 1132 0.99 -1.71 -18.67
CA LEU B 1132 2.36 -2.16 -18.83
C LEU B 1132 3.01 -1.45 -20.02
N LEU B 1133 2.40 -1.54 -21.21
CA LEU B 1133 2.90 -0.77 -22.34
C LEU B 1133 2.42 0.68 -22.32
N SER B 1134 1.71 1.10 -21.28
CA SER B 1134 1.38 2.50 -21.11
C SER B 1134 2.61 3.36 -20.82
N MET B 1135 3.67 2.79 -20.26
CA MET B 1135 4.84 3.62 -20.01
C MET B 1135 5.94 3.53 -21.08
N ASN B 1136 6.73 2.45 -21.12
CA ASN B 1136 7.70 2.22 -22.20
C ASN B 1136 8.09 0.74 -22.17
N ILE B 1137 7.41 -0.07 -23.00
CA ILE B 1137 7.71 -1.47 -23.27
C ILE B 1137 6.82 -1.86 -24.44
N ALA B 1138 7.24 -2.86 -25.23
CA ALA B 1138 6.42 -3.39 -26.32
C ALA B 1138 6.21 -4.89 -26.13
N PRO B 1139 5.25 -5.31 -25.28
CA PRO B 1139 4.98 -6.74 -25.11
C PRO B 1139 4.23 -7.31 -26.30
N ARG B 1140 4.93 -8.07 -27.14
CA ARG B 1140 4.34 -8.63 -28.33
C ARG B 1140 3.86 -10.05 -28.06
N LEU B 1141 2.75 -10.41 -28.69
CA LEU B 1141 2.13 -11.73 -28.52
C LEU B 1141 2.18 -12.47 -29.85
N ARG B 1142 3.07 -13.44 -29.95
CA ARG B 1142 3.11 -14.30 -31.13
C ARG B 1142 2.05 -15.38 -31.00
N LEU B 1143 1.55 -15.84 -32.16
CA LEU B 1143 0.44 -16.78 -32.19
C LEU B 1143 0.90 -18.06 -32.87
N GLU B 1144 0.83 -19.17 -32.13
CA GLU B 1144 1.15 -20.48 -32.66
C GLU B 1144 -0.14 -21.20 -33.05
N ASP B 1145 -0.07 -21.99 -34.12
CA ASP B 1145 -1.16 -22.85 -34.49
C ASP B 1145 -1.39 -23.92 -33.42
N ILE B 1146 -2.65 -24.33 -33.29
CA ILE B 1146 -3.05 -25.25 -32.24
C ILE B 1146 -3.34 -26.65 -32.77
N PHE B 1147 -3.67 -26.80 -34.04
CA PHE B 1147 -4.17 -28.07 -34.58
C PHE B 1147 -3.22 -28.73 -35.56
N GLN B 1148 -2.79 -28.03 -36.60
CA GLN B 1148 -1.90 -28.62 -37.59
C GLN B 1148 -0.49 -28.74 -37.03
N GLN B 1149 0.23 -29.76 -37.52
CA GLN B 1149 1.61 -30.09 -37.14
C GLN B 1149 1.82 -30.27 -35.64
N MET C 1 -33.59 -61.47 36.62
CA MET C 1 -33.02 -60.15 36.83
C MET C 1 -33.78 -59.38 37.91
N SER C 2 -34.97 -59.90 38.26
CA SER C 2 -35.82 -59.41 39.35
C SER C 2 -36.24 -57.95 39.18
N ASN C 3 -36.29 -57.48 37.93
CA ASN C 3 -36.84 -56.17 37.53
C ASN C 3 -36.10 -55.00 38.19
N ILE C 4 -34.85 -55.19 38.61
CA ILE C 4 -34.13 -54.19 39.39
C ILE C 4 -32.80 -53.91 38.71
N VAL C 5 -32.36 -52.66 38.80
CA VAL C 5 -31.06 -52.27 38.31
C VAL C 5 -30.09 -52.21 39.49
N GLY C 6 -28.81 -52.15 39.18
CA GLY C 6 -27.79 -51.96 40.19
C GLY C 6 -27.37 -50.50 40.23
N ILE C 7 -27.02 -50.02 41.42
CA ILE C 7 -26.55 -48.66 41.61
C ILE C 7 -25.16 -48.74 42.22
N GLU C 8 -24.15 -48.53 41.38
CA GLU C 8 -22.78 -48.39 41.83
C GLU C 8 -22.42 -46.91 41.80
N TYR C 9 -21.34 -46.54 42.49
CA TYR C 9 -20.92 -45.16 42.65
C TYR C 9 -20.39 -44.53 41.36
N ASN C 10 -20.25 -45.27 40.27
CA ASN C 10 -19.79 -44.71 39.00
C ASN C 10 -20.63 -45.07 37.79
N ARG C 11 -21.40 -46.16 37.82
CA ARG C 11 -22.28 -46.51 36.71
C ARG C 11 -23.41 -47.39 37.24
N VAL C 12 -24.43 -47.60 36.40
CA VAL C 12 -25.53 -48.49 36.74
C VAL C 12 -25.37 -49.78 35.93
N THR C 13 -26.19 -50.76 36.28
CA THR C 13 -26.08 -52.11 35.73
C THR C 13 -27.48 -52.60 35.36
N ASN C 14 -27.57 -53.32 34.24
CA ASN C 14 -28.79 -53.98 33.75
C ASN C 14 -29.89 -52.96 33.47
N THR C 15 -29.60 -52.06 32.52
CA THR C 15 -30.54 -51.02 32.15
C THR C 15 -31.65 -51.55 31.25
N THR C 16 -31.34 -52.53 30.40
CA THR C 16 -32.30 -53.06 29.44
C THR C 16 -33.36 -53.90 30.16
N SER C 17 -34.62 -53.77 29.71
CA SER C 17 -35.74 -54.45 30.37
C SER C 17 -35.67 -55.96 30.20
N THR C 18 -35.21 -56.43 29.02
CA THR C 18 -35.02 -57.82 28.59
C THR C 18 -36.08 -58.82 29.05
N ASP C 19 -37.34 -58.59 28.69
CA ASP C 19 -38.46 -59.45 29.08
C ASP C 19 -39.20 -59.98 27.87
N PHE C 20 -38.46 -60.48 26.88
CA PHE C 20 -39.00 -60.99 25.64
C PHE C 20 -38.70 -62.47 25.50
N PRO C 21 -39.51 -63.21 24.73
CA PRO C 21 -39.14 -64.60 24.40
C PRO C 21 -38.04 -64.62 23.35
N GLY C 22 -37.01 -65.42 23.61
CA GLY C 22 -35.85 -65.47 22.73
C GLY C 22 -34.63 -64.87 23.37
N PHE C 23 -34.54 -64.98 24.70
CA PHE C 23 -33.42 -64.42 25.45
C PHE C 23 -32.58 -65.47 26.16
N SER C 24 -33.19 -66.57 26.64
CA SER C 24 -32.40 -67.69 27.13
C SER C 24 -33.19 -68.99 26.91
N LYS C 25 -32.99 -69.60 25.74
CA LYS C 25 -33.26 -71.01 25.44
C LYS C 25 -34.76 -71.37 25.36
N ASP C 26 -35.63 -70.50 25.81
CA ASP C 26 -37.06 -70.82 25.80
C ASP C 26 -37.87 -69.55 25.50
N ALA C 27 -39.18 -69.65 25.75
CA ALA C 27 -40.05 -68.49 25.65
C ALA C 27 -40.15 -67.87 27.03
N GLU C 28 -39.27 -66.90 27.31
CA GLU C 28 -39.50 -65.99 28.44
C GLU C 28 -40.75 -65.21 28.12
N ASN C 29 -41.83 -65.54 28.85
CA ASN C 29 -43.19 -65.69 28.35
C ASN C 29 -43.62 -64.64 27.34
N GLU C 30 -44.33 -65.10 26.30
CA GLU C 30 -44.76 -64.26 25.20
C GLU C 30 -45.93 -63.38 25.63
N TRP C 31 -46.58 -62.77 24.64
CA TRP C 31 -47.55 -61.71 24.90
C TRP C 31 -48.76 -62.20 25.70
N ASN C 32 -49.56 -63.11 25.12
CA ASN C 32 -50.66 -63.81 25.79
C ASN C 32 -51.69 -62.87 26.39
N VAL C 33 -52.55 -62.27 25.53
CA VAL C 33 -53.50 -61.20 25.86
C VAL C 33 -54.31 -61.42 27.14
N GLU C 34 -54.55 -62.68 27.53
CA GLU C 34 -55.21 -62.95 28.80
C GLU C 34 -54.28 -62.66 29.97
N LYS C 35 -52.98 -62.89 29.80
CA LYS C 35 -52.04 -62.70 30.91
C LYS C 35 -51.77 -61.22 31.17
N PHE C 36 -51.70 -60.42 30.10
CA PHE C 36 -51.45 -59.00 30.27
C PHE C 36 -52.65 -58.28 30.86
N LYS C 37 -53.86 -58.79 30.63
CA LYS C 37 -55.04 -58.25 31.27
C LYS C 37 -55.14 -58.70 32.72
N LYS C 38 -54.72 -59.93 33.03
CA LYS C 38 -54.78 -60.43 34.39
C LYS C 38 -53.74 -59.77 35.27
N ASP C 39 -52.57 -59.45 34.71
CA ASP C 39 -51.44 -58.94 35.47
C ASP C 39 -51.26 -57.43 35.28
N PHE C 40 -52.36 -56.68 35.29
CA PHE C 40 -52.28 -55.22 35.15
C PHE C 40 -53.28 -54.58 36.11
N GLU C 41 -52.78 -54.09 37.25
CA GLU C 41 -53.57 -53.33 38.21
C GLU C 41 -52.75 -52.13 38.69
N VAL C 42 -53.32 -50.94 38.53
CA VAL C 42 -52.60 -49.71 38.81
C VAL C 42 -52.96 -49.21 40.21
N ASN C 43 -52.17 -48.25 40.71
CA ASN C 43 -52.31 -47.74 42.07
C ASN C 43 -52.33 -46.21 42.01
N ILE C 44 -53.50 -45.63 42.20
CA ILE C 44 -53.65 -44.18 42.21
C ILE C 44 -53.41 -43.64 43.61
N SER C 45 -52.52 -42.65 43.73
CA SER C 45 -52.30 -41.98 45.00
C SER C 45 -53.34 -40.88 45.24
N SER C 46 -53.35 -39.86 44.39
CA SER C 46 -54.22 -38.71 44.59
C SER C 46 -54.39 -37.97 43.27
N LEU C 47 -55.50 -37.23 43.17
CA LEU C 47 -55.76 -36.34 42.04
C LEU C 47 -56.19 -34.98 42.56
N ASP C 48 -55.35 -33.97 42.38
CA ASP C 48 -55.72 -32.59 42.64
C ASP C 48 -56.22 -31.96 41.35
N ALA C 49 -56.37 -30.65 41.33
CA ALA C 49 -56.65 -29.92 40.10
C ALA C 49 -55.40 -29.59 39.32
N ARG C 50 -54.23 -29.60 39.97
CA ARG C 50 -52.95 -29.35 39.30
C ARG C 50 -51.90 -30.36 39.78
N GLU C 51 -52.31 -31.56 40.15
CA GLU C 51 -51.38 -32.58 40.62
C GLU C 51 -52.02 -33.95 40.47
N ALA C 52 -51.24 -34.90 39.97
CA ALA C 52 -51.65 -36.30 39.91
C ALA C 52 -50.44 -37.18 40.11
N ASN C 53 -50.59 -38.21 40.92
CA ASN C 53 -49.51 -39.11 41.30
C ASN C 53 -49.93 -40.55 41.08
N PHE C 54 -50.53 -40.83 39.93
CA PHE C 54 -51.05 -42.15 39.63
C PHE C 54 -49.96 -43.01 39.00
N ASP C 55 -49.87 -44.25 39.47
CA ASP C 55 -48.77 -45.14 39.11
C ASP C 55 -49.18 -46.08 37.98
N LEU C 56 -48.33 -47.05 37.69
CA LEU C 56 -48.51 -47.93 36.54
C LEU C 56 -47.76 -49.22 36.85
N ILE C 57 -48.03 -50.27 36.07
CA ILE C 57 -47.51 -51.59 36.41
C ILE C 57 -47.26 -52.39 35.13
N ASN C 58 -46.27 -53.28 35.20
CA ASN C 58 -46.11 -54.44 34.29
C ASN C 58 -45.91 -54.05 32.83
N ILE C 59 -45.29 -52.90 32.59
CA ILE C 59 -44.93 -52.47 31.25
C ILE C 59 -43.49 -51.96 31.28
N ASP C 60 -42.84 -52.02 30.13
CA ASP C 60 -41.44 -51.64 30.00
C ASP C 60 -41.28 -50.12 29.98
N THR C 61 -40.03 -49.69 29.82
CA THR C 61 -39.75 -48.26 29.72
C THR C 61 -40.16 -47.68 28.37
N SER C 62 -40.38 -48.52 27.36
CA SER C 62 -40.61 -48.02 26.00
C SER C 62 -41.98 -47.38 25.86
N ILE C 63 -43.04 -48.10 26.21
CA ILE C 63 -44.36 -47.50 26.06
C ILE C 63 -44.62 -46.48 27.17
N ALA C 64 -43.93 -46.56 28.30
CA ALA C 64 -43.99 -45.49 29.28
C ALA C 64 -43.35 -44.22 28.74
N ASN C 65 -42.25 -44.35 27.99
CA ASN C 65 -41.69 -43.20 27.29
C ASN C 65 -42.65 -42.68 26.23
N ALA C 66 -43.39 -43.57 25.60
CA ALA C 66 -44.42 -43.14 24.64
C ALA C 66 -45.53 -42.34 25.32
N PHE C 67 -46.01 -42.81 26.47
CA PHE C 67 -47.07 -42.11 27.17
C PHE C 67 -46.61 -40.84 27.88
N ARG C 68 -45.31 -40.66 28.12
CA ARG C 68 -44.86 -39.34 28.57
C ARG C 68 -44.43 -38.45 27.41
N ARG C 69 -44.17 -39.02 26.24
CA ARG C 69 -43.78 -38.24 25.08
C ARG C 69 -44.98 -37.62 24.39
N ILE C 70 -46.05 -38.40 24.22
CA ILE C 70 -47.26 -37.86 23.60
C ILE C 70 -47.99 -36.91 24.55
N MET C 71 -47.85 -37.12 25.87
CA MET C 71 -48.52 -36.27 26.84
C MET C 71 -47.93 -34.86 26.88
N ILE C 72 -46.62 -34.73 26.62
CA ILE C 72 -46.01 -33.42 26.75
C ILE C 72 -46.12 -32.62 25.44
N SER C 73 -46.17 -33.27 24.29
CA SER C 73 -46.14 -32.50 23.05
C SER C 73 -47.27 -32.82 22.09
N GLU C 74 -47.62 -34.10 21.91
CA GLU C 74 -48.48 -34.50 20.81
C GLU C 74 -49.96 -34.53 21.15
N VAL C 75 -50.37 -33.83 22.21
CA VAL C 75 -51.79 -33.67 22.52
C VAL C 75 -52.17 -32.21 22.32
N PRO C 76 -53.35 -31.91 21.79
CA PRO C 76 -53.67 -30.53 21.40
C PRO C 76 -53.97 -29.64 22.60
N SER C 77 -53.75 -28.35 22.40
CA SER C 77 -54.08 -27.33 23.38
C SER C 77 -54.66 -26.12 22.66
N VAL C 78 -54.99 -25.10 23.44
CA VAL C 78 -55.70 -23.92 22.93
C VAL C 78 -54.98 -22.67 23.43
N ALA C 79 -54.55 -21.83 22.48
CA ALA C 79 -53.85 -20.58 22.79
C ALA C 79 -53.91 -19.68 21.55
N ALA C 80 -53.79 -18.38 21.80
CA ALA C 80 -53.92 -17.39 20.75
C ALA C 80 -52.59 -17.20 20.01
N GLU C 81 -52.68 -17.06 18.68
CA GLU C 81 -51.51 -16.78 17.86
C GLU C 81 -51.59 -15.41 17.20
N TYR C 82 -52.64 -15.15 16.43
CA TYR C 82 -52.73 -13.93 15.63
C TYR C 82 -53.24 -12.81 16.52
N VAL C 83 -52.38 -11.82 16.76
CA VAL C 83 -52.70 -10.70 17.64
C VAL C 83 -52.72 -9.44 16.79
N TYR C 84 -53.93 -8.92 16.55
CA TYR C 84 -54.08 -7.69 15.78
C TYR C 84 -54.02 -6.52 16.77
N PHE C 85 -53.39 -5.43 16.34
CA PHE C 85 -53.15 -4.29 17.22
C PHE C 85 -53.90 -3.05 16.78
N PHE C 86 -54.02 -2.10 17.72
CA PHE C 86 -54.58 -0.78 17.47
C PHE C 86 -53.79 0.21 18.30
N ASN C 87 -53.00 1.06 17.61
CA ASN C 87 -52.16 2.17 18.08
C ASN C 87 -51.51 1.99 19.46
N ASN C 88 -50.81 0.87 19.63
CA ASN C 88 -50.15 0.52 20.88
C ASN C 88 -48.95 1.44 21.11
N THR C 89 -49.13 2.45 21.94
CA THR C 89 -48.09 3.43 22.21
C THR C 89 -47.32 3.14 23.49
N SER C 90 -47.11 1.86 23.79
CA SER C 90 -46.38 1.47 25.00
C SER C 90 -44.88 1.46 24.72
N VAL C 91 -44.08 1.15 25.73
CA VAL C 91 -42.63 1.00 25.58
C VAL C 91 -42.26 -0.41 25.14
N ILE C 92 -43.14 -1.37 25.33
CA ILE C 92 -42.92 -2.74 24.87
C ILE C 92 -43.32 -2.83 23.42
N GLN C 93 -42.41 -3.32 22.58
CA GLN C 93 -42.72 -3.54 21.17
C GLN C 93 -43.72 -4.68 21.02
N ASP C 94 -44.42 -4.66 19.89
CA ASP C 94 -45.62 -5.49 19.71
C ASP C 94 -45.32 -6.98 19.61
N GLU C 95 -44.12 -7.36 19.17
CA GLU C 95 -43.78 -8.77 19.05
C GLU C 95 -43.66 -9.43 20.41
N VAL C 96 -42.95 -8.77 21.34
CA VAL C 96 -42.76 -9.33 22.68
C VAL C 96 -44.07 -9.33 23.44
N LEU C 97 -44.88 -8.27 23.30
CA LEU C 97 -46.16 -8.22 23.99
C LEU C 97 -47.14 -9.26 23.44
N ALA C 98 -47.16 -9.44 22.12
CA ALA C 98 -48.00 -10.48 21.54
C ALA C 98 -47.51 -11.88 21.89
N HIS C 99 -46.20 -12.03 22.10
CA HIS C 99 -45.65 -13.28 22.60
C HIS C 99 -46.16 -13.57 24.02
N ARG C 100 -46.21 -12.54 24.86
CA ARG C 100 -46.74 -12.69 26.22
C ARG C 100 -48.24 -12.98 26.20
N ILE C 101 -48.95 -12.41 25.22
CA ILE C 101 -50.39 -12.66 25.09
C ILE C 101 -50.64 -14.08 24.61
N GLY C 102 -49.81 -14.57 23.71
CA GLY C 102 -49.97 -15.92 23.20
C GLY C 102 -49.61 -16.98 24.21
N LEU C 103 -48.48 -16.83 24.90
CA LEU C 103 -47.90 -17.94 25.63
C LEU C 103 -48.64 -18.24 26.94
N VAL C 104 -49.49 -17.34 27.42
CA VAL C 104 -50.27 -17.59 28.65
C VAL C 104 -51.34 -18.62 28.34
N PRO C 105 -51.62 -19.56 29.24
CA PRO C 105 -52.68 -20.54 29.00
C PRO C 105 -54.07 -19.91 29.02
N LEU C 106 -55.01 -20.59 28.38
CA LEU C 106 -56.39 -20.13 28.27
C LEU C 106 -57.31 -21.26 28.70
N LYS C 107 -58.04 -21.05 29.80
CA LYS C 107 -58.86 -22.09 30.41
C LYS C 107 -60.14 -22.26 29.58
N VAL C 108 -60.08 -23.17 28.62
CA VAL C 108 -61.25 -23.58 27.83
C VAL C 108 -60.99 -25.00 27.34
N ASP C 109 -62.00 -25.87 27.48
CA ASP C 109 -61.85 -27.26 27.12
C ASP C 109 -61.87 -27.42 25.60
N PRO C 110 -61.01 -28.28 25.04
CA PRO C 110 -61.07 -28.57 23.60
C PRO C 110 -62.24 -29.46 23.22
N ASP C 111 -62.25 -29.90 21.96
CA ASP C 111 -63.30 -30.61 21.22
C ASP C 111 -64.54 -29.75 20.97
N MET C 112 -64.52 -28.48 21.37
CA MET C 112 -65.50 -27.51 20.91
C MET C 112 -65.10 -26.87 19.59
N LEU C 113 -63.88 -27.14 19.13
CA LEU C 113 -63.33 -26.56 17.91
C LEU C 113 -62.84 -27.68 17.01
N THR C 114 -62.39 -27.31 15.82
CA THR C 114 -61.73 -28.21 14.89
C THR C 114 -60.37 -27.62 14.51
N TRP C 115 -59.72 -28.25 13.54
CA TRP C 115 -58.40 -27.83 13.09
C TRP C 115 -58.52 -26.92 11.87
N VAL C 116 -57.46 -26.16 11.62
CA VAL C 116 -57.45 -25.19 10.54
C VAL C 116 -56.49 -25.67 9.46
N ASP C 117 -56.71 -25.21 8.23
CA ASP C 117 -55.81 -25.50 7.13
C ASP C 117 -54.85 -24.33 6.90
N SER C 118 -53.77 -24.61 6.17
CA SER C 118 -52.82 -23.57 5.82
C SER C 118 -53.25 -22.76 4.61
N ASN C 119 -54.14 -23.30 3.78
CA ASN C 119 -54.72 -22.58 2.66
C ASN C 119 -56.00 -21.89 3.12
N LEU C 120 -56.81 -21.40 2.16
CA LEU C 120 -58.06 -20.67 2.36
C LEU C 120 -57.86 -19.46 3.27
N PRO C 121 -57.30 -18.35 2.77
CA PRO C 121 -56.83 -17.25 3.64
C PRO C 121 -57.93 -16.49 4.38
N ASP C 122 -57.51 -15.41 5.06
CA ASP C 122 -58.14 -14.73 6.20
C ASP C 122 -59.67 -14.63 6.20
N ASP C 123 -60.28 -14.43 5.05
CA ASP C 123 -61.74 -14.41 4.98
C ASP C 123 -62.35 -15.80 5.15
N GLU C 124 -61.55 -16.87 5.01
CA GLU C 124 -62.04 -18.23 5.15
C GLU C 124 -61.20 -19.08 6.10
N LYS C 125 -60.31 -18.47 6.88
CA LYS C 125 -59.54 -19.24 7.85
C LYS C 125 -60.40 -19.65 9.04
N PHE C 126 -61.29 -18.76 9.47
CA PHE C 126 -62.00 -18.92 10.73
C PHE C 126 -63.44 -19.33 10.40
N THR C 127 -63.65 -20.63 10.20
CA THR C 127 -64.91 -21.17 9.73
C THR C 127 -65.61 -21.89 10.89
N ASP C 128 -66.34 -21.10 11.68
CA ASP C 128 -67.42 -21.50 12.60
C ASP C 128 -66.94 -22.23 13.86
N GLU C 129 -65.70 -22.74 13.87
CA GLU C 129 -65.05 -23.12 15.13
C GLU C 129 -63.52 -22.98 14.93
N ASN C 130 -63.02 -21.77 15.11
CA ASN C 130 -61.58 -21.53 15.14
C ASN C 130 -61.13 -20.50 16.17
N THR C 131 -62.00 -19.59 16.61
CA THR C 131 -61.55 -18.33 17.20
C THR C 131 -62.13 -18.16 18.60
N ILE C 132 -61.24 -18.09 19.58
CA ILE C 132 -61.56 -17.55 20.90
C ILE C 132 -60.89 -16.19 20.92
N VAL C 133 -61.62 -15.15 20.53
CA VAL C 133 -61.04 -13.82 20.41
C VAL C 133 -61.05 -13.14 21.78
N LEU C 134 -59.93 -12.54 22.16
CA LEU C 134 -59.80 -11.85 23.43
C LEU C 134 -59.44 -10.39 23.15
N SER C 135 -60.40 -9.50 23.38
CA SER C 135 -60.23 -8.08 23.09
C SER C 135 -59.76 -7.36 24.34
N LEU C 136 -58.78 -6.47 24.19
CA LEU C 136 -58.21 -5.73 25.30
C LEU C 136 -58.04 -4.27 24.92
N ASN C 137 -58.24 -3.39 25.90
CA ASN C 137 -57.92 -1.98 25.78
C ASN C 137 -57.69 -1.40 27.18
N VAL C 138 -56.57 -0.70 27.35
CA VAL C 138 -56.22 -0.15 28.66
C VAL C 138 -55.35 1.09 28.47
N LYS C 139 -55.65 2.13 29.23
CA LYS C 139 -54.86 3.35 29.29
C LYS C 139 -55.19 4.06 30.60
N CYS C 140 -54.29 4.91 31.06
CA CYS C 140 -54.54 5.64 32.30
C CYS C 140 -54.05 7.08 32.17
N THR C 141 -54.47 7.88 33.13
CA THR C 141 -53.96 9.23 33.34
C THR C 141 -53.41 9.32 34.75
N ARG C 142 -53.01 10.51 35.15
CA ARG C 142 -52.69 10.77 36.55
C ARG C 142 -53.98 10.72 37.36
N ASN C 143 -54.02 9.85 38.35
CA ASN C 143 -55.25 9.57 39.10
C ASN C 143 -55.64 10.77 39.95
N PRO C 144 -56.83 11.35 39.76
CA PRO C 144 -57.25 12.46 40.62
C PRO C 144 -57.65 11.99 42.02
N ASP C 145 -56.75 12.20 42.97
CA ASP C 145 -56.86 11.72 44.33
C ASP C 145 -55.75 12.42 45.12
N ALA C 146 -55.70 12.16 46.43
CA ALA C 146 -54.60 12.63 47.27
C ALA C 146 -54.01 11.49 48.09
N PRO C 147 -53.18 10.61 47.47
CA PRO C 147 -52.34 9.73 48.28
C PRO C 147 -51.00 10.40 48.54
N LYS C 148 -50.07 9.70 49.20
CA LYS C 148 -48.70 10.19 49.28
C LYS C 148 -47.74 9.33 48.47
N GLY C 149 -47.63 8.04 48.81
CA GLY C 149 -46.91 7.00 48.08
C GLY C 149 -45.58 7.33 47.44
N SER C 150 -44.68 7.99 48.19
CA SER C 150 -43.51 8.61 47.59
C SER C 150 -42.47 7.60 47.08
N THR C 151 -42.60 6.33 47.43
CA THR C 151 -41.73 5.28 46.91
C THR C 151 -42.46 4.29 46.03
N ASP C 152 -43.61 3.76 46.48
CA ASP C 152 -44.29 2.69 45.76
C ASP C 152 -45.38 3.26 44.87
N PRO C 153 -45.36 2.95 43.56
CA PRO C 153 -46.42 3.43 42.65
C PRO C 153 -47.63 2.49 42.62
N LYS C 154 -48.35 2.42 43.73
CA LYS C 154 -49.58 1.63 43.81
C LYS C 154 -50.83 2.49 43.75
N GLU C 155 -50.93 3.50 44.61
CA GLU C 155 -52.10 4.37 44.64
C GLU C 155 -51.94 5.61 43.77
N LEU C 156 -50.79 5.79 43.12
CA LEU C 156 -50.55 7.00 42.35
C LEU C 156 -51.15 6.89 40.95
N TYR C 157 -51.00 5.74 40.31
CA TYR C 157 -51.42 5.55 38.93
C TYR C 157 -52.49 4.47 38.86
N ASN C 158 -53.50 4.73 38.04
CA ASN C 158 -54.52 3.73 37.78
C ASN C 158 -53.95 2.64 36.88
N ASN C 159 -54.31 1.38 37.20
CA ASN C 159 -54.04 0.11 36.51
C ASN C 159 -52.70 0.01 35.78
N ALA C 160 -51.62 0.41 36.47
CA ALA C 160 -50.31 0.44 35.86
C ALA C 160 -49.71 -0.95 35.68
N HIS C 161 -50.18 -1.93 36.43
CA HIS C 161 -49.75 -3.32 36.30
C HIS C 161 -50.93 -4.11 35.75
N VAL C 162 -51.01 -4.20 34.41
CA VAL C 162 -52.09 -4.95 33.79
C VAL C 162 -51.84 -6.44 33.97
N TYR C 163 -52.92 -7.19 34.16
CA TYR C 163 -52.87 -8.60 34.51
C TYR C 163 -53.54 -9.42 33.40
N ALA C 164 -53.63 -10.72 33.64
CA ALA C 164 -54.27 -11.60 32.66
C ALA C 164 -55.78 -11.48 32.68
N ARG C 165 -56.35 -10.99 33.78
CA ARG C 165 -57.80 -10.81 33.85
C ARG C 165 -58.29 -9.61 33.05
N ASP C 166 -57.40 -8.72 32.62
CA ASP C 166 -57.80 -7.62 31.74
C ASP C 166 -58.16 -8.09 30.34
N LEU C 167 -57.70 -9.27 29.94
CA LEU C 167 -58.05 -9.83 28.65
C LEU C 167 -59.49 -10.30 28.70
N LYS C 168 -60.38 -9.56 28.04
CA LYS C 168 -61.80 -9.85 28.05
C LYS C 168 -62.11 -10.93 27.02
N PHE C 169 -63.40 -11.19 26.79
CA PHE C 169 -63.83 -12.18 25.80
C PHE C 169 -65.00 -11.60 25.01
N GLU C 170 -64.92 -11.67 23.69
CA GLU C 170 -65.99 -11.19 22.84
C GLU C 170 -66.66 -12.37 22.15
N PRO C 171 -67.86 -12.76 22.56
CA PRO C 171 -68.60 -13.79 21.81
C PRO C 171 -69.45 -13.18 20.71
N GLN C 172 -69.56 -13.92 19.60
CA GLN C 172 -70.42 -13.51 18.49
C GLN C 172 -71.21 -14.70 18.00
N GLY C 173 -72.54 -14.54 17.97
CA GLY C 173 -73.45 -15.56 17.49
C GLY C 173 -73.41 -16.86 18.26
N ARG C 174 -72.86 -17.89 17.61
CA ARG C 174 -72.73 -19.21 18.22
C ARG C 174 -71.63 -19.28 19.27
N GLN C 175 -70.75 -18.27 19.34
CA GLN C 175 -69.70 -18.26 20.35
C GLN C 175 -70.25 -18.02 21.74
N SER C 176 -71.44 -17.43 21.86
CA SER C 176 -72.08 -17.28 23.16
C SER C 176 -72.77 -18.54 23.63
N THR C 177 -72.99 -19.50 22.73
CA THR C 177 -73.61 -20.77 23.13
C THR C 177 -72.63 -21.62 23.94
N THR C 178 -71.37 -21.68 23.51
CA THR C 178 -70.34 -22.38 24.27
C THR C 178 -69.86 -21.59 25.48
N PHE C 179 -70.25 -20.32 25.60
CA PHE C 179 -69.88 -19.50 26.73
C PHE C 179 -70.89 -19.58 27.87
N ALA C 180 -72.15 -19.93 27.57
CA ALA C 180 -73.18 -19.99 28.60
C ALA C 180 -72.95 -21.14 29.57
N ASP C 181 -72.78 -22.35 29.04
CA ASP C 181 -72.49 -23.51 29.87
C ASP C 181 -71.02 -23.63 30.23
N CYS C 182 -70.13 -22.92 29.53
CA CYS C 182 -68.69 -22.97 29.81
C CYS C 182 -68.13 -21.56 29.68
N PRO C 183 -68.17 -20.77 30.77
CA PRO C 183 -67.58 -19.42 30.73
C PRO C 183 -66.06 -19.48 30.68
N VAL C 184 -65.47 -18.75 29.74
CA VAL C 184 -64.04 -18.81 29.50
C VAL C 184 -63.32 -17.74 30.31
N VAL C 185 -62.20 -18.14 30.91
CA VAL C 185 -61.32 -17.28 31.70
C VAL C 185 -59.91 -17.68 31.31
N PRO C 186 -58.86 -16.92 31.66
CA PRO C 186 -57.50 -17.46 31.58
C PRO C 186 -57.23 -18.43 32.73
N ALA C 187 -56.01 -18.97 32.72
CA ALA C 187 -55.63 -19.97 33.72
C ALA C 187 -55.48 -19.34 35.10
N ASP C 188 -54.55 -18.41 35.24
CA ASP C 188 -54.36 -17.66 36.48
C ASP C 188 -54.62 -16.19 36.19
N PRO C 189 -55.50 -15.52 36.93
CA PRO C 189 -55.78 -14.11 36.62
C PRO C 189 -54.66 -13.16 37.02
N ASP C 190 -53.80 -13.55 37.96
CA ASP C 190 -52.73 -12.67 38.45
C ASP C 190 -51.43 -12.88 37.69
N ILE C 191 -51.48 -12.84 36.36
CA ILE C 191 -50.29 -13.03 35.52
C ILE C 191 -49.94 -11.69 34.89
N LEU C 192 -48.74 -11.19 35.19
CA LEU C 192 -48.32 -9.89 34.71
C LEU C 192 -47.91 -9.98 33.24
N LEU C 193 -48.58 -9.20 32.39
CA LEU C 193 -48.20 -9.09 30.99
C LEU C 193 -47.31 -7.87 30.73
N ALA C 194 -47.82 -6.67 31.03
CA ALA C 194 -47.13 -5.44 30.71
C ALA C 194 -47.19 -4.48 31.90
N LYS C 195 -46.43 -3.40 31.80
CA LYS C 195 -46.47 -2.31 32.77
C LYS C 195 -46.52 -1.00 32.00
N LEU C 196 -47.52 -0.18 32.29
CA LEU C 196 -47.77 1.03 31.52
C LEU C 196 -47.65 2.27 32.40
N ARG C 197 -47.65 3.42 31.74
CA ARG C 197 -47.57 4.75 32.32
C ARG C 197 -48.60 5.64 31.65
N PRO C 198 -49.02 6.74 32.31
CA PRO C 198 -49.98 7.65 31.66
C PRO C 198 -49.39 8.35 30.46
N GLY C 199 -50.21 8.49 29.42
CA GLY C 199 -49.77 8.89 28.11
C GLY C 199 -49.51 7.72 27.17
N GLN C 200 -49.33 6.52 27.71
CA GLN C 200 -49.15 5.31 26.92
C GLN C 200 -50.46 4.52 26.89
N GLU C 201 -50.63 3.72 25.84
CA GLU C 201 -51.92 3.10 25.58
C GLU C 201 -51.69 1.72 24.97
N ILE C 202 -52.49 0.75 25.41
CA ILE C 202 -52.43 -0.61 24.91
C ILE C 202 -53.84 -1.05 24.54
N SER C 203 -54.06 -1.33 23.26
CA SER C 203 -55.35 -1.85 22.80
C SER C 203 -55.08 -2.77 21.62
N LEU C 204 -55.74 -3.93 21.61
CA LEU C 204 -55.42 -4.97 20.65
C LEU C 204 -56.59 -5.94 20.55
N LYS C 205 -56.42 -6.94 19.68
CA LYS C 205 -57.47 -7.93 19.42
C LYS C 205 -56.77 -9.20 18.96
N ALA C 206 -56.72 -10.21 19.84
CA ALA C 206 -55.97 -11.44 19.56
C ALA C 206 -56.93 -12.53 19.12
N HIS C 207 -56.57 -13.24 18.05
CA HIS C 207 -57.32 -14.38 17.56
C HIS C 207 -56.65 -15.67 18.02
N CYS C 208 -57.48 -16.70 18.23
CA CYS C 208 -57.01 -17.97 18.75
C CYS C 208 -57.04 -19.04 17.68
N ILE C 209 -56.42 -20.18 18.01
CA ILE C 209 -56.36 -21.32 17.10
C ILE C 209 -56.12 -22.56 17.95
N LEU C 210 -56.45 -23.72 17.38
CA LEU C 210 -56.22 -25.01 18.03
C LEU C 210 -54.93 -25.60 17.45
N GLY C 211 -53.95 -25.87 18.32
CA GLY C 211 -52.65 -26.28 17.86
C GLY C 211 -52.08 -27.42 18.70
N ILE C 212 -51.03 -28.02 18.15
CA ILE C 212 -50.31 -29.12 18.78
C ILE C 212 -48.94 -28.60 19.22
N GLY C 213 -48.36 -29.25 20.22
CA GLY C 213 -47.15 -28.75 20.88
C GLY C 213 -45.89 -28.76 20.04
N GLY C 214 -45.92 -29.38 18.85
CA GLY C 214 -44.76 -29.33 17.98
C GLY C 214 -44.54 -27.99 17.32
N ASP C 215 -45.58 -27.16 17.23
CA ASP C 215 -45.45 -25.86 16.58
C ASP C 215 -44.83 -24.83 17.51
N HIS C 216 -45.49 -24.54 18.62
CA HIS C 216 -45.05 -23.52 19.55
C HIS C 216 -44.92 -24.16 20.94
N ALA C 217 -44.50 -23.38 21.92
CA ALA C 217 -44.38 -23.85 23.29
C ALA C 217 -45.65 -23.68 24.11
N LYS C 218 -46.58 -22.85 23.65
CA LYS C 218 -47.82 -22.57 24.37
C LYS C 218 -48.89 -23.64 24.13
N PHE C 219 -48.63 -24.58 23.23
CA PHE C 219 -49.56 -25.64 22.91
C PHE C 219 -49.30 -26.92 23.72
N SER C 220 -48.54 -26.82 24.80
CA SER C 220 -48.29 -27.95 25.68
C SER C 220 -49.19 -27.84 26.90
N PRO C 221 -50.10 -28.79 27.13
CA PRO C 221 -51.03 -28.66 28.26
C PRO C 221 -50.42 -29.03 29.60
N VAL C 222 -49.28 -29.72 29.60
CA VAL C 222 -48.66 -30.21 30.82
C VAL C 222 -47.30 -29.54 30.95
N SER C 223 -47.02 -29.02 32.16
CA SER C 223 -45.70 -28.44 32.42
C SER C 223 -44.63 -29.52 32.46
N THR C 224 -44.88 -30.60 33.20
CA THR C 224 -43.91 -31.69 33.35
C THR C 224 -44.68 -33.00 33.43
N ALA C 225 -44.53 -33.83 32.40
CA ALA C 225 -45.24 -35.10 32.31
C ALA C 225 -44.33 -36.30 32.53
N SER C 226 -43.30 -36.13 33.36
CA SER C 226 -42.26 -37.15 33.47
C SER C 226 -42.71 -38.29 34.39
N TYR C 227 -41.81 -39.26 34.56
CA TYR C 227 -42.03 -40.36 35.49
C TYR C 227 -40.82 -40.55 36.39
N ARG C 228 -40.84 -41.57 37.22
CA ARG C 228 -39.73 -41.86 38.12
C ARG C 228 -39.64 -43.36 38.35
N LEU C 229 -38.45 -43.90 38.14
CA LEU C 229 -38.18 -45.27 38.56
C LEU C 229 -38.15 -45.31 40.08
N LEU C 230 -38.91 -46.22 40.68
CA LEU C 230 -39.03 -46.25 42.13
C LEU C 230 -37.76 -46.81 42.76
N PRO C 231 -37.17 -46.12 43.74
CA PRO C 231 -35.99 -46.67 44.42
C PRO C 231 -36.39 -47.78 45.38
N GLN C 232 -35.77 -48.94 45.20
CA GLN C 232 -35.99 -50.08 46.09
C GLN C 232 -34.75 -50.27 46.95
N ILE C 233 -34.91 -50.17 48.26
CA ILE C 233 -33.83 -50.44 49.19
C ILE C 233 -33.77 -51.94 49.43
N ASN C 234 -32.58 -52.52 49.23
CA ASN C 234 -32.41 -53.96 49.35
C ASN C 234 -31.39 -54.25 50.44
N ILE C 235 -31.58 -53.63 51.61
CA ILE C 235 -30.62 -53.73 52.71
C ILE C 235 -30.60 -55.16 53.26
N LEU C 236 -29.39 -55.68 53.45
CA LEU C 236 -29.14 -56.97 54.05
C LEU C 236 -28.06 -56.81 55.11
N GLN C 237 -27.89 -57.86 55.95
CA GLN C 237 -26.98 -57.92 57.09
C GLN C 237 -27.25 -56.73 58.02
N PRO C 238 -28.30 -56.81 58.85
CA PRO C 238 -28.82 -55.61 59.53
C PRO C 238 -27.82 -54.91 60.44
N ILE C 239 -28.09 -53.63 60.70
CA ILE C 239 -27.07 -52.69 61.15
C ILE C 239 -27.37 -52.19 62.55
N LYS C 240 -27.96 -53.06 63.37
CA LYS C 240 -28.39 -52.70 64.73
C LYS C 240 -27.20 -52.30 65.59
N GLY C 241 -27.46 -51.39 66.53
CA GLY C 241 -26.41 -50.72 67.29
C GLY C 241 -26.50 -49.21 67.13
N GLU C 242 -25.35 -48.56 67.29
CA GLU C 242 -25.27 -47.11 67.16
C GLU C 242 -25.01 -46.65 65.73
N SER C 243 -24.87 -47.57 64.79
CA SER C 243 -24.68 -47.21 63.39
C SER C 243 -25.97 -46.74 62.74
N ALA C 244 -27.12 -47.06 63.33
CA ALA C 244 -28.40 -46.66 62.76
C ALA C 244 -28.62 -45.16 62.86
N ARG C 245 -27.98 -44.49 63.82
CA ARG C 245 -28.07 -43.04 63.91
C ARG C 245 -27.36 -42.38 62.73
N ARG C 246 -26.17 -42.87 62.37
CA ARG C 246 -25.48 -42.36 61.19
C ARG C 246 -26.20 -42.76 59.91
N PHE C 247 -26.82 -43.93 59.91
CA PHE C 247 -27.61 -44.37 58.76
C PHE C 247 -28.86 -43.52 58.57
N GLN C 248 -29.40 -42.97 59.66
CA GLN C 248 -30.56 -42.08 59.55
C GLN C 248 -30.13 -40.66 59.17
N LYS C 249 -28.99 -40.19 59.72
CA LYS C 249 -28.50 -38.87 59.36
C LYS C 249 -27.93 -38.81 57.96
N CYS C 250 -27.58 -39.96 57.37
CA CYS C 250 -27.06 -39.96 56.01
C CYS C 250 -28.18 -39.93 54.97
N PHE C 251 -29.20 -40.77 55.16
CA PHE C 251 -30.38 -40.77 54.31
C PHE C 251 -31.31 -39.62 54.70
N PRO C 252 -32.30 -39.30 53.86
CA PRO C 252 -33.35 -38.35 54.27
C PRO C 252 -34.15 -38.87 55.45
N PRO C 253 -34.84 -37.98 56.21
CA PRO C 253 -35.62 -38.44 57.38
C PRO C 253 -36.95 -39.09 57.05
N GLY C 254 -37.13 -39.52 55.81
CA GLY C 254 -38.35 -40.08 55.27
C GLY C 254 -38.28 -41.60 55.27
N VAL C 255 -37.82 -42.17 54.15
CA VAL C 255 -38.02 -43.56 53.74
C VAL C 255 -37.57 -44.61 54.78
N ILE C 256 -36.63 -44.26 55.67
CA ILE C 256 -36.10 -45.25 56.60
C ILE C 256 -36.32 -44.79 58.03
N GLY C 257 -36.48 -45.76 58.94
CA GLY C 257 -36.70 -45.50 60.35
C GLY C 257 -36.17 -46.63 61.19
N ILE C 258 -36.22 -46.42 62.51
CA ILE C 258 -35.68 -47.34 63.50
C ILE C 258 -36.80 -47.66 64.49
N ASP C 259 -36.91 -48.94 64.88
CA ASP C 259 -37.99 -49.40 65.77
C ASP C 259 -37.87 -48.79 67.16
N GLU C 260 -36.84 -49.19 67.91
CA GLU C 260 -36.59 -48.76 69.28
C GLU C 260 -35.23 -49.29 69.72
N GLY C 261 -34.59 -48.57 70.64
CA GLY C 261 -33.39 -49.02 71.32
C GLY C 261 -32.20 -49.36 70.45
N SER C 262 -31.91 -50.65 70.33
CA SER C 262 -30.81 -51.16 69.52
C SER C 262 -31.32 -52.12 68.45
N ASP C 263 -32.41 -51.76 67.78
CA ASP C 263 -32.95 -52.56 66.70
C ASP C 263 -32.31 -52.17 65.38
N GLU C 264 -32.75 -52.83 64.30
CA GLU C 264 -32.23 -52.55 62.97
C GLU C 264 -33.00 -51.38 62.36
N ALA C 265 -32.62 -50.98 61.15
CA ALA C 265 -33.26 -49.87 60.45
C ALA C 265 -34.16 -50.46 59.36
N TYR C 266 -35.47 -50.31 59.54
CA TYR C 266 -36.43 -50.77 58.56
C TYR C 266 -36.69 -49.67 57.52
N VAL C 267 -37.63 -49.92 56.63
CA VAL C 267 -37.97 -48.99 55.56
C VAL C 267 -39.44 -48.60 55.74
N LYS C 268 -39.71 -47.29 55.75
CA LYS C 268 -41.07 -46.79 55.96
C LYS C 268 -41.97 -47.12 54.77
N ASP C 269 -41.64 -46.59 53.60
CA ASP C 269 -42.47 -46.74 52.41
C ASP C 269 -41.55 -46.77 51.20
N ALA C 270 -42.12 -46.56 50.01
CA ALA C 270 -41.35 -46.64 48.78
C ALA C 270 -41.27 -45.31 48.04
N ARG C 271 -42.36 -44.55 48.03
CA ARG C 271 -42.47 -43.35 47.20
C ARG C 271 -42.12 -42.10 48.03
N LYS C 272 -40.87 -42.06 48.49
CA LYS C 272 -40.48 -40.96 49.37
C LYS C 272 -39.21 -40.24 48.92
N ASP C 273 -38.23 -40.99 48.43
CA ASP C 273 -36.89 -40.44 48.26
C ASP C 273 -36.37 -40.59 46.84
N THR C 274 -35.38 -39.78 46.51
CA THR C 274 -34.53 -39.99 45.35
C THR C 274 -33.29 -40.76 45.82
N VAL C 275 -32.27 -40.84 44.96
CA VAL C 275 -31.03 -41.53 45.30
C VAL C 275 -29.97 -40.47 45.58
N SER C 276 -29.64 -40.29 46.85
CA SER C 276 -28.52 -39.43 47.24
C SER C 276 -27.20 -40.17 47.24
N ARG C 277 -27.25 -41.47 47.57
CA ARG C 277 -26.11 -42.43 47.59
C ARG C 277 -24.85 -41.87 48.24
N GLU C 278 -25.02 -41.16 49.36
CA GLU C 278 -23.88 -40.75 50.16
C GLU C 278 -23.28 -41.95 50.92
N VAL C 279 -24.04 -43.04 51.08
CA VAL C 279 -23.55 -44.24 51.73
C VAL C 279 -22.44 -44.92 50.94
N LEU C 280 -22.30 -44.62 49.64
CA LEU C 280 -21.24 -45.19 48.82
C LEU C 280 -19.94 -44.40 48.92
N ARG C 281 -19.81 -43.52 49.91
CA ARG C 281 -18.58 -42.80 50.19
C ARG C 281 -17.81 -43.40 51.35
N TYR C 282 -18.50 -43.69 52.45
CA TYR C 282 -17.84 -44.08 53.68
C TYR C 282 -17.47 -45.55 53.64
N GLU C 283 -16.43 -45.92 54.38
CA GLU C 283 -16.00 -47.32 54.46
C GLU C 283 -16.67 -48.02 55.64
N GLU C 284 -17.97 -47.88 55.74
CA GLU C 284 -18.85 -48.64 56.60
C GLU C 284 -20.07 -49.17 55.88
N PHE C 285 -20.61 -48.39 54.94
CA PHE C 285 -21.83 -48.75 54.22
C PHE C 285 -21.55 -49.08 52.76
N ALA C 286 -20.29 -49.07 52.33
CA ALA C 286 -19.97 -49.31 50.93
C ALA C 286 -20.18 -50.76 50.52
N ASP C 287 -20.06 -51.70 51.47
CA ASP C 287 -20.28 -53.11 51.19
C ASP C 287 -21.29 -53.73 52.16
N LYS C 288 -22.18 -52.93 52.71
CA LYS C 288 -23.10 -53.37 53.75
C LYS C 288 -24.56 -53.07 53.44
N VAL C 289 -24.85 -51.93 52.81
CA VAL C 289 -26.19 -51.55 52.41
C VAL C 289 -26.21 -51.37 50.90
N LYS C 290 -27.01 -52.18 50.21
CA LYS C 290 -27.09 -52.15 48.75
C LYS C 290 -28.50 -51.72 48.35
N LEU C 291 -28.58 -50.60 47.64
CA LEU C 291 -29.84 -50.06 47.18
C LEU C 291 -30.00 -50.33 45.68
N GLY C 292 -31.05 -49.78 45.10
CA GLY C 292 -31.31 -49.97 43.68
C GLY C 292 -32.57 -49.23 43.29
N ARG C 293 -32.82 -49.21 41.97
CA ARG C 293 -33.99 -48.55 41.41
C ARG C 293 -34.78 -49.57 40.62
N VAL C 294 -35.87 -50.06 41.21
CA VAL C 294 -36.67 -51.11 40.59
C VAL C 294 -37.44 -50.51 39.41
N ARG C 295 -37.77 -51.36 38.43
CA ARG C 295 -38.68 -51.05 37.35
C ARG C 295 -40.10 -51.32 37.87
N ASN C 296 -41.09 -51.43 36.97
CA ASN C 296 -42.44 -51.94 37.17
C ASN C 296 -43.34 -50.89 37.86
N HIS C 297 -42.81 -49.74 38.28
CA HIS C 297 -43.60 -48.84 39.11
C HIS C 297 -43.94 -47.53 38.42
N PHE C 298 -42.93 -46.77 37.96
CA PHE C 298 -43.11 -45.59 37.08
C PHE C 298 -44.00 -44.52 37.73
N ILE C 299 -43.47 -43.94 38.81
CA ILE C 299 -44.17 -42.92 39.59
C ILE C 299 -44.38 -41.67 38.75
N PHE C 300 -45.63 -41.36 38.43
CA PHE C 300 -45.92 -40.18 37.63
C PHE C 300 -46.05 -38.94 38.52
N ASN C 301 -45.75 -37.79 37.92
CA ASN C 301 -46.05 -36.50 38.55
C ASN C 301 -46.36 -35.49 37.45
N VAL C 302 -47.64 -35.34 37.14
CA VAL C 302 -48.07 -34.44 36.07
C VAL C 302 -48.82 -33.26 36.70
N GLU C 303 -48.84 -32.15 35.98
CA GLU C 303 -49.58 -30.97 36.39
C GLU C 303 -50.15 -30.27 35.16
N SER C 304 -51.32 -29.68 35.32
CA SER C 304 -52.00 -29.06 34.21
C SER C 304 -51.57 -27.61 34.04
N ALA C 305 -51.79 -27.09 32.84
CA ALA C 305 -51.64 -25.66 32.61
C ALA C 305 -52.89 -24.88 32.98
N GLY C 306 -53.97 -25.57 33.31
CA GLY C 306 -55.22 -24.92 33.67
C GLY C 306 -56.35 -25.30 32.73
N ALA C 307 -56.01 -25.99 31.65
CA ALA C 307 -57.00 -26.28 30.61
C ALA C 307 -57.93 -27.42 31.02
N MET C 308 -57.38 -28.51 31.53
CA MET C 308 -58.18 -29.69 31.82
C MET C 308 -57.54 -30.51 32.93
N THR C 309 -58.32 -31.42 33.49
CA THR C 309 -57.85 -32.29 34.55
C THR C 309 -56.87 -33.34 34.00
N PRO C 310 -55.89 -33.78 34.80
CA PRO C 310 -54.93 -34.78 34.31
C PRO C 310 -55.52 -36.16 34.04
N GLU C 311 -56.65 -36.51 34.67
CA GLU C 311 -57.33 -37.75 34.30
C GLU C 311 -57.94 -37.67 32.90
N GLU C 312 -58.20 -36.45 32.40
CA GLU C 312 -58.52 -36.28 30.99
C GLU C 312 -57.27 -36.32 30.12
N ILE C 313 -56.13 -35.86 30.66
CA ILE C 313 -54.90 -35.79 29.87
C ILE C 313 -54.37 -37.18 29.57
N PHE C 314 -54.33 -38.05 30.59
CA PHE C 314 -53.82 -39.40 30.39
C PHE C 314 -54.75 -40.22 29.49
N PHE C 315 -56.05 -40.05 29.68
CA PHE C 315 -57.05 -40.73 28.85
C PHE C 315 -56.95 -40.26 27.40
N LYS C 316 -56.74 -38.95 27.19
CA LYS C 316 -56.61 -38.42 25.84
C LYS C 316 -55.32 -38.89 25.19
N SER C 317 -54.24 -39.05 25.98
CA SER C 317 -52.99 -39.58 25.46
C SER C 317 -53.12 -41.04 25.02
N VAL C 318 -53.81 -41.86 25.83
CA VAL C 318 -54.05 -43.25 25.46
C VAL C 318 -54.91 -43.34 24.19
N ARG C 319 -55.96 -42.52 24.13
CA ARG C 319 -56.86 -42.54 22.97
C ARG C 319 -56.18 -42.03 21.71
N ILE C 320 -55.31 -41.02 21.82
CA ILE C 320 -54.64 -40.53 20.62
C ILE C 320 -53.50 -41.46 20.20
N LEU C 321 -52.90 -42.23 21.11
CA LEU C 321 -51.95 -43.24 20.69
C LEU C 321 -52.66 -44.38 19.97
N LYS C 322 -53.84 -44.77 20.48
CA LYS C 322 -54.63 -45.81 19.82
C LYS C 322 -55.10 -45.36 18.44
N ASN C 323 -55.49 -44.10 18.30
CA ASN C 323 -55.90 -43.57 17.01
C ASN C 323 -54.72 -43.45 16.04
N LYS C 324 -53.54 -43.06 16.56
CA LYS C 324 -52.34 -42.96 15.75
C LYS C 324 -51.87 -44.32 15.26
N ALA C 325 -52.08 -45.38 16.06
CA ALA C 325 -51.77 -46.72 15.60
C ALA C 325 -52.84 -47.26 14.65
N GLU C 326 -54.11 -46.90 14.86
CA GLU C 326 -55.18 -47.37 13.98
C GLU C 326 -55.08 -46.75 12.59
N TYR C 327 -54.66 -45.48 12.51
CA TYR C 327 -54.50 -44.83 11.21
C TYR C 327 -53.36 -45.45 10.41
N LEU C 328 -52.36 -46.02 11.08
CA LEU C 328 -51.30 -46.76 10.39
C LEU C 328 -51.70 -48.20 10.12
N LYS C 329 -52.61 -48.75 10.93
CA LYS C 329 -53.12 -50.09 10.66
C LYS C 329 -53.98 -50.12 9.41
N ASN C 330 -54.85 -49.12 9.24
CA ASN C 330 -55.75 -49.09 8.10
C ASN C 330 -55.12 -48.49 6.84
N CYS C 331 -53.81 -48.30 6.81
CA CYS C 331 -53.16 -47.71 5.64
C CYS C 331 -52.70 -48.82 4.69
N PRO C 332 -53.02 -48.71 3.40
CA PRO C 332 -52.56 -49.73 2.45
C PRO C 332 -51.09 -49.55 2.10
N ILE C 333 -50.43 -50.68 1.83
CA ILE C 333 -49.01 -50.71 1.53
C ILE C 333 -48.82 -50.57 0.02
N THR C 334 -48.06 -49.55 -0.38
CA THR C 334 -47.77 -49.30 -1.79
C THR C 334 -46.29 -48.99 -1.94
N GLN C 335 -45.62 -49.76 -2.80
CA GLN C 335 -44.19 -49.57 -3.04
C GLN C 335 -43.92 -48.30 -3.85
N MET D 1 -7.30 -22.82 -44.78
CA MET D 1 -7.88 -22.65 -46.09
C MET D 1 -6.80 -22.50 -47.16
N LYS D 2 -5.57 -22.86 -46.79
CA LYS D 2 -4.43 -22.67 -47.68
C LYS D 2 -4.50 -23.63 -48.87
N VAL D 3 -3.88 -23.21 -49.97
CA VAL D 3 -4.00 -23.88 -51.26
C VAL D 3 -2.68 -24.57 -51.57
N LEU D 4 -2.74 -25.85 -51.95
CA LEU D 4 -1.54 -26.60 -52.30
C LEU D 4 -1.28 -26.63 -53.81
N GLU D 5 -2.30 -26.88 -54.62
CA GLU D 5 -2.14 -26.94 -56.07
C GLU D 5 -3.21 -26.07 -56.73
N GLU D 6 -2.89 -25.61 -57.94
CA GLU D 6 -3.75 -24.70 -58.68
C GLU D 6 -4.55 -25.38 -59.77
N ARG D 7 -3.90 -26.19 -60.61
CA ARG D 7 -4.62 -26.99 -61.62
C ARG D 7 -4.19 -28.45 -61.49
N ASN D 8 -4.88 -29.18 -60.61
CA ASN D 8 -4.63 -30.61 -60.48
C ASN D 8 -5.27 -31.37 -61.64
N ALA D 9 -6.50 -31.02 -61.98
CA ALA D 9 -7.20 -31.65 -63.10
C ALA D 9 -8.31 -30.73 -63.57
N PHE D 10 -8.36 -30.48 -64.86
CA PHE D 10 -9.47 -29.73 -65.45
C PHE D 10 -10.54 -30.68 -65.97
N LEU D 11 -11.80 -30.30 -65.75
CA LEU D 11 -12.93 -31.16 -66.07
C LEU D 11 -13.63 -30.66 -67.33
N SER D 12 -14.73 -31.34 -67.65
CA SER D 12 -15.47 -31.13 -68.89
C SER D 12 -16.94 -31.46 -68.63
N ASP D 13 -17.66 -31.77 -69.71
CA ASP D 13 -19.05 -32.17 -69.74
C ASP D 13 -19.27 -33.61 -69.27
N TYR D 14 -20.26 -34.27 -69.86
CA TYR D 14 -21.19 -35.27 -69.34
C TYR D 14 -20.82 -36.07 -68.09
N GLU D 15 -19.55 -36.48 -67.94
CA GLU D 15 -19.12 -37.14 -66.71
C GLU D 15 -19.35 -36.27 -65.48
N VAL D 16 -19.02 -34.97 -65.57
CA VAL D 16 -19.31 -34.06 -64.48
C VAL D 16 -20.80 -33.68 -64.44
N LEU D 17 -21.50 -33.76 -65.57
CA LEU D 17 -22.95 -33.62 -65.55
C LEU D 17 -23.60 -34.76 -64.77
N LYS D 18 -23.10 -35.99 -64.94
CA LYS D 18 -23.56 -37.09 -64.10
C LYS D 18 -23.08 -36.98 -62.66
N PHE D 19 -21.93 -36.33 -62.42
CA PHE D 19 -21.53 -36.05 -61.04
C PHE D 19 -22.50 -35.10 -60.36
N LEU D 20 -22.87 -34.01 -61.04
CA LEU D 20 -23.87 -33.09 -60.52
C LEU D 20 -25.25 -33.73 -60.43
N THR D 21 -25.54 -34.68 -61.31
CA THR D 21 -26.79 -35.43 -61.21
C THR D 21 -26.80 -36.34 -59.99
N ASP D 22 -25.67 -36.99 -59.70
CA ASP D 22 -25.56 -37.85 -58.52
C ASP D 22 -25.63 -37.03 -57.23
N LEU D 23 -25.10 -35.80 -57.25
CA LEU D 23 -25.33 -34.91 -56.12
C LEU D 23 -26.74 -34.37 -56.06
N GLU D 24 -27.43 -34.28 -57.21
CA GLU D 24 -28.85 -33.91 -57.23
C GLU D 24 -29.73 -35.04 -56.72
N LYS D 25 -29.26 -36.29 -56.78
CA LYS D 25 -29.98 -37.45 -56.26
C LYS D 25 -30.13 -37.47 -54.74
N LYS D 26 -29.66 -36.45 -54.01
CA LYS D 26 -29.92 -36.35 -52.58
C LYS D 26 -31.39 -36.14 -52.27
N HIS D 27 -32.18 -35.60 -53.22
CA HIS D 27 -33.60 -35.37 -52.97
C HIS D 27 -34.43 -36.28 -53.85
N LEU D 28 -34.40 -36.04 -55.17
CA LEU D 28 -35.27 -36.61 -56.17
C LEU D 28 -34.68 -36.28 -57.54
N TRP D 29 -35.45 -36.49 -58.60
CA TRP D 29 -35.03 -35.97 -59.90
C TRP D 29 -35.65 -34.59 -60.17
N ASP D 30 -36.96 -34.43 -59.95
CA ASP D 30 -37.59 -33.12 -60.04
C ASP D 30 -38.63 -32.84 -58.97
N GLN D 31 -39.11 -33.85 -58.25
CA GLN D 31 -40.31 -33.74 -57.41
C GLN D 31 -40.01 -32.92 -56.16
N LYS D 32 -40.73 -31.80 -56.01
CA LYS D 32 -40.61 -30.92 -54.85
C LYS D 32 -41.89 -30.85 -54.01
N SER D 33 -43.06 -30.90 -54.65
CA SER D 33 -44.33 -30.81 -53.93
C SER D 33 -44.96 -32.16 -53.64
N LEU D 34 -44.68 -33.19 -54.44
CA LEU D 34 -45.21 -34.52 -54.17
C LEU D 34 -44.60 -35.12 -52.90
N ALA D 35 -43.37 -34.75 -52.56
CA ALA D 35 -42.77 -35.17 -51.31
C ALA D 35 -43.15 -34.28 -50.15
N ALA D 36 -43.60 -33.04 -50.42
CA ALA D 36 -43.99 -32.11 -49.38
C ALA D 36 -45.47 -32.19 -49.01
N LEU D 37 -46.30 -32.81 -49.86
CA LEU D 37 -47.71 -32.95 -49.57
C LEU D 37 -48.10 -34.33 -49.04
N LYS D 38 -47.23 -35.32 -49.13
CA LYS D 38 -47.52 -36.65 -48.63
C LYS D 38 -47.03 -36.78 -47.18
N LYS D 39 -47.31 -37.94 -46.57
CA LYS D 39 -47.14 -38.13 -45.14
C LYS D 39 -45.70 -38.08 -44.67
N SER D 40 -44.87 -39.06 -45.03
CA SER D 40 -43.47 -39.07 -44.60
C SER D 40 -42.49 -39.09 -45.76
N ARG D 41 -42.58 -40.09 -46.65
CA ARG D 41 -41.51 -40.48 -47.58
C ARG D 41 -40.15 -40.54 -46.88
N SER D 42 -40.08 -41.46 -45.90
CA SER D 42 -38.96 -41.59 -44.95
C SER D 42 -38.64 -40.27 -44.27
N LYS D 43 -39.73 -39.63 -43.79
CA LYS D 43 -39.71 -38.28 -43.19
C LYS D 43 -39.11 -37.25 -44.14
N GLY D 44 -39.48 -37.34 -45.41
CA GLY D 44 -38.93 -36.44 -46.43
C GLY D 44 -37.47 -36.67 -46.70
N LYS D 45 -37.04 -37.93 -46.71
CA LYS D 45 -35.63 -38.35 -46.73
C LYS D 45 -34.83 -37.67 -45.62
N GLN D 46 -35.21 -38.02 -44.39
CA GLN D 46 -34.54 -37.63 -43.14
C GLN D 46 -34.54 -36.11 -42.93
N ASN D 47 -35.74 -35.53 -42.94
CA ASN D 47 -36.05 -34.20 -42.39
C ASN D 47 -35.27 -33.09 -43.08
N ARG D 48 -35.58 -32.90 -44.38
CA ARG D 48 -35.19 -31.73 -45.19
C ARG D 48 -33.70 -31.47 -45.22
N PRO D 49 -32.96 -32.14 -46.13
CA PRO D 49 -31.49 -32.08 -46.13
C PRO D 49 -30.88 -30.71 -46.45
N TYR D 50 -29.57 -30.71 -46.74
CA TYR D 50 -28.59 -29.68 -46.39
C TYR D 50 -28.78 -28.32 -47.09
N ASN D 51 -29.94 -28.11 -47.70
CA ASN D 51 -30.19 -27.03 -48.66
C ASN D 51 -30.29 -25.65 -48.03
N HIS D 52 -30.30 -25.56 -46.70
CA HIS D 52 -30.89 -24.41 -46.02
C HIS D 52 -30.15 -23.07 -46.16
N PRO D 53 -28.78 -22.95 -45.98
CA PRO D 53 -28.19 -21.61 -46.09
C PRO D 53 -28.22 -21.00 -47.48
N GLU D 54 -27.53 -21.61 -48.46
CA GLU D 54 -27.66 -21.17 -49.85
C GLU D 54 -27.52 -22.31 -50.85
N LEU D 55 -27.65 -23.57 -50.42
CA LEU D 55 -27.21 -24.70 -51.24
C LEU D 55 -28.12 -24.97 -52.44
N GLN D 56 -29.37 -24.48 -52.41
CA GLN D 56 -30.25 -24.63 -53.55
C GLN D 56 -29.85 -23.81 -54.76
N GLY D 57 -29.00 -22.80 -54.59
CA GLY D 57 -28.49 -22.07 -55.73
C GLY D 57 -27.50 -22.90 -56.54
N ILE D 58 -26.54 -23.51 -55.87
CA ILE D 58 -25.49 -24.26 -56.54
C ILE D 58 -26.05 -25.58 -57.04
N THR D 59 -25.54 -25.99 -58.22
CA THR D 59 -25.82 -27.18 -59.03
C THR D 59 -27.20 -27.10 -59.71
N ARG D 60 -28.12 -26.32 -59.14
CA ARG D 60 -29.41 -26.08 -59.75
C ARG D 60 -29.37 -24.88 -60.69
N ASN D 61 -28.48 -23.93 -60.43
CA ASN D 61 -28.29 -22.80 -61.31
C ASN D 61 -27.24 -23.09 -62.39
N VAL D 62 -26.75 -24.33 -62.49
CA VAL D 62 -25.75 -24.66 -63.50
C VAL D 62 -26.14 -25.93 -64.23
N VAL D 63 -27.12 -26.70 -63.69
CA VAL D 63 -27.62 -27.83 -64.46
C VAL D 63 -28.46 -27.36 -65.64
N ASN D 64 -29.04 -26.15 -65.57
CA ASN D 64 -29.65 -25.53 -66.73
C ASN D 64 -28.59 -24.92 -67.64
N TYR D 65 -27.50 -24.43 -67.06
CA TYR D 65 -26.47 -23.74 -67.83
C TYR D 65 -25.62 -24.70 -68.66
N LEU D 66 -25.43 -25.93 -68.21
CA LEU D 66 -24.66 -26.90 -68.98
C LEU D 66 -25.51 -27.64 -70.00
N SER D 67 -26.82 -27.72 -69.79
CA SER D 67 -27.68 -28.52 -70.64
C SER D 67 -27.91 -27.85 -72.00
N ILE D 68 -28.52 -26.67 -71.99
CA ILE D 68 -28.93 -26.02 -73.23
C ILE D 68 -28.02 -24.84 -73.59
N ASN D 69 -26.98 -25.12 -74.36
CA ASN D 69 -26.08 -24.10 -74.89
C ASN D 69 -25.71 -24.44 -76.34
N LYS D 70 -26.72 -24.84 -77.13
CA LYS D 70 -26.43 -25.33 -78.48
C LYS D 70 -26.13 -24.20 -79.44
N ASN D 71 -26.71 -23.01 -79.23
CA ASN D 71 -26.50 -21.80 -80.01
C ASN D 71 -26.85 -22.00 -81.49
N PHE D 72 -28.13 -22.28 -81.74
CA PHE D 72 -28.65 -22.50 -83.07
C PHE D 72 -29.63 -21.39 -83.42
N ILE D 73 -29.52 -20.85 -84.63
CA ILE D 73 -30.42 -19.80 -85.10
C ILE D 73 -31.72 -20.43 -85.56
N ASN D 74 -32.71 -20.45 -84.67
CA ASN D 74 -34.01 -21.05 -84.98
C ASN D 74 -35.08 -20.31 -84.19
N GLN D 75 -36.26 -20.90 -84.09
CA GLN D 75 -37.36 -20.29 -83.35
C GLN D 75 -38.17 -21.36 -82.63
N SER D 96 -29.75 -31.71 -76.94
CA SER D 96 -29.86 -31.31 -75.54
C SER D 96 -29.68 -32.51 -74.62
N LYS D 97 -28.83 -33.45 -75.03
CA LYS D 97 -28.60 -34.66 -74.26
C LYS D 97 -27.24 -35.25 -74.64
N MET D 98 -26.60 -35.89 -73.66
CA MET D 98 -25.36 -36.62 -73.86
C MET D 98 -25.50 -38.00 -73.22
N SER D 99 -24.65 -38.94 -73.65
CA SER D 99 -24.75 -40.31 -73.20
C SER D 99 -23.35 -40.91 -73.04
N ASP D 100 -23.32 -42.18 -72.63
CA ASP D 100 -22.05 -42.89 -72.44
C ASP D 100 -21.39 -43.18 -73.78
N GLU D 101 -22.14 -43.75 -74.72
CA GLU D 101 -21.64 -44.21 -76.01
C GLU D 101 -21.28 -43.04 -76.93
N SER D 102 -21.79 -41.85 -76.67
CA SER D 102 -21.47 -40.68 -77.46
C SER D 102 -20.27 -39.90 -76.95
N PHE D 103 -19.84 -40.12 -75.70
CA PHE D 103 -18.65 -39.47 -75.16
C PHE D 103 -17.45 -40.40 -75.08
N ALA D 104 -17.69 -41.72 -74.92
CA ALA D 104 -16.61 -42.68 -74.89
C ALA D 104 -15.88 -42.77 -76.23
N GLU D 105 -16.58 -42.50 -77.33
CA GLU D 105 -15.92 -42.38 -78.62
C GLU D 105 -15.48 -40.96 -78.92
N LEU D 106 -16.08 -39.96 -78.27
CA LEU D 106 -15.65 -38.58 -78.45
C LEU D 106 -14.29 -38.33 -77.81
N MET D 107 -13.99 -39.06 -76.74
CA MET D 107 -12.68 -38.92 -76.09
C MET D 107 -11.57 -39.52 -76.95
N THR D 108 -11.85 -40.61 -77.67
CA THR D 108 -10.82 -41.37 -78.37
C THR D 108 -10.70 -41.01 -79.85
N LYS D 109 -11.83 -40.84 -80.54
CA LYS D 109 -11.82 -40.70 -81.99
C LYS D 109 -11.22 -39.37 -82.43
N LEU D 110 -11.47 -38.30 -81.67
CA LEU D 110 -10.95 -36.98 -82.03
C LEU D 110 -9.46 -36.82 -81.73
N ASN D 111 -8.84 -37.79 -81.07
CA ASN D 111 -7.41 -37.76 -80.81
C ASN D 111 -6.69 -38.33 -82.04
N SER D 112 -6.54 -37.47 -83.05
CA SER D 112 -5.99 -37.89 -84.34
C SER D 112 -4.66 -37.23 -84.66
N PHE D 113 -4.60 -35.90 -84.66
CA PHE D 113 -3.45 -35.17 -85.17
C PHE D 113 -2.87 -34.25 -84.09
N LYS D 114 -1.89 -33.44 -84.48
CA LYS D 114 -1.25 -32.48 -83.59
C LYS D 114 -2.24 -31.37 -83.28
N LEU D 115 -2.84 -31.43 -82.10
CA LEU D 115 -3.90 -30.52 -81.72
C LEU D 115 -3.77 -30.19 -80.24
N PHE D 116 -4.23 -29.01 -79.86
CA PHE D 116 -4.02 -28.43 -78.53
C PHE D 116 -5.04 -29.02 -77.55
N LYS D 117 -5.12 -28.42 -76.36
CA LYS D 117 -5.94 -29.00 -75.29
C LYS D 117 -7.21 -28.17 -75.02
N ALA D 118 -7.10 -26.85 -74.98
CA ALA D 118 -8.28 -26.01 -74.73
C ALA D 118 -9.18 -25.96 -75.95
N GLU D 119 -8.62 -26.22 -77.13
CA GLU D 119 -9.39 -26.52 -78.32
C GLU D 119 -10.40 -27.64 -78.05
N LYS D 120 -9.91 -28.75 -77.49
CA LYS D 120 -10.79 -29.87 -77.17
C LYS D 120 -11.68 -29.59 -75.96
N LEU D 121 -11.22 -28.75 -75.03
CA LEU D 121 -12.08 -28.28 -73.94
C LEU D 121 -13.31 -27.58 -74.48
N GLN D 122 -13.13 -26.68 -75.43
CA GLN D 122 -14.28 -25.96 -75.98
C GLN D 122 -15.07 -26.82 -76.97
N ILE D 123 -14.43 -27.80 -77.61
CA ILE D 123 -15.16 -28.75 -78.47
C ILE D 123 -16.10 -29.62 -77.63
N VAL D 124 -15.60 -30.16 -76.52
CA VAL D 124 -16.44 -30.97 -75.64
C VAL D 124 -17.49 -30.09 -74.97
N ASN D 125 -17.13 -28.85 -74.61
CA ASN D 125 -18.10 -27.93 -74.02
C ASN D 125 -19.14 -27.50 -75.05
N GLN D 126 -18.70 -26.84 -76.12
CA GLN D 126 -19.60 -26.25 -77.10
C GLN D 126 -19.57 -27.06 -78.38
N LEU D 127 -20.74 -27.43 -78.87
CA LEU D 127 -20.84 -28.16 -80.13
C LEU D 127 -20.94 -27.18 -81.29
N PRO D 128 -19.99 -27.19 -82.23
CA PRO D 128 -20.09 -26.30 -83.40
C PRO D 128 -21.22 -26.75 -84.31
N ALA D 129 -21.94 -25.76 -84.88
CA ALA D 129 -23.10 -26.10 -85.71
C ALA D 129 -22.67 -26.59 -87.08
N ASN D 130 -22.10 -25.71 -87.91
CA ASN D 130 -21.46 -26.15 -89.14
C ASN D 130 -19.99 -25.75 -89.23
N MET D 131 -19.68 -24.45 -89.18
CA MET D 131 -18.31 -23.98 -89.28
C MET D 131 -18.00 -22.80 -88.37
N VAL D 132 -19.00 -22.20 -87.71
CA VAL D 132 -18.81 -20.93 -87.02
C VAL D 132 -17.96 -21.10 -85.77
N HIS D 133 -18.39 -21.99 -84.87
CA HIS D 133 -17.61 -22.24 -83.65
C HIS D 133 -16.30 -22.94 -83.97
N LEU D 134 -16.25 -23.72 -85.05
CA LEU D 134 -14.98 -24.35 -85.44
C LEU D 134 -13.98 -23.31 -85.95
N TYR D 135 -14.46 -22.25 -86.59
CA TYR D 135 -13.56 -21.15 -86.95
C TYR D 135 -13.20 -20.31 -85.73
N SER D 136 -14.12 -20.22 -84.76
CA SER D 136 -13.87 -19.36 -83.60
C SER D 136 -12.87 -19.99 -82.63
N ILE D 137 -12.96 -21.30 -82.42
CA ILE D 137 -12.08 -21.97 -81.45
C ILE D 137 -10.67 -22.08 -82.01
N VAL D 138 -10.55 -22.55 -83.26
CA VAL D 138 -9.23 -22.82 -83.84
C VAL D 138 -8.59 -21.51 -84.28
N GLU D 139 -7.66 -21.00 -83.47
CA GLU D 139 -6.89 -19.83 -83.85
C GLU D 139 -5.69 -20.25 -84.68
N GLU D 140 -5.29 -19.35 -85.59
CA GLU D 140 -4.32 -19.62 -86.66
C GLU D 140 -4.74 -20.86 -87.46
N CYS D 141 -6.00 -20.89 -87.87
CA CYS D 141 -6.54 -22.03 -88.59
C CYS D 141 -6.01 -22.10 -90.00
N ASP D 142 -5.92 -20.96 -90.67
CA ASP D 142 -5.41 -20.89 -92.03
C ASP D 142 -3.96 -20.42 -92.13
N ALA D 143 -3.43 -19.81 -91.07
CA ALA D 143 -2.05 -19.31 -91.09
C ALA D 143 -1.06 -20.40 -90.69
N ARG D 144 -1.36 -21.17 -89.65
CA ARG D 144 -0.44 -22.20 -89.19
C ARG D 144 -0.67 -23.52 -89.92
N PHE D 145 -1.92 -23.90 -90.13
CA PHE D 145 -2.25 -25.24 -90.58
C PHE D 145 -2.96 -25.20 -91.93
N ASP D 146 -2.84 -26.31 -92.67
CA ASP D 146 -3.35 -26.43 -94.04
C ASP D 146 -4.83 -26.81 -94.08
N GLU D 147 -5.29 -27.23 -95.26
CA GLU D 147 -6.71 -27.38 -95.55
C GLU D 147 -7.22 -28.77 -95.17
N LYS D 148 -8.52 -28.97 -95.45
CA LYS D 148 -9.29 -30.21 -95.47
C LYS D 148 -9.57 -30.82 -94.10
N THR D 149 -8.93 -30.33 -93.05
CA THR D 149 -9.15 -30.86 -91.71
C THR D 149 -10.31 -30.14 -91.00
N ILE D 150 -10.62 -28.92 -91.45
CA ILE D 150 -11.88 -28.27 -91.09
C ILE D 150 -13.06 -29.11 -91.54
N GLU D 151 -12.95 -29.69 -92.73
CA GLU D 151 -14.02 -30.49 -93.33
C GLU D 151 -14.07 -31.92 -92.81
N GLU D 152 -12.92 -32.60 -92.67
CA GLU D 152 -12.98 -34.01 -92.31
C GLU D 152 -13.18 -34.22 -90.82
N MET D 153 -12.63 -33.34 -89.98
CA MET D 153 -12.77 -33.47 -88.53
C MET D 153 -13.94 -32.65 -88.00
N LEU D 154 -15.11 -32.82 -88.61
CA LEU D 154 -16.32 -32.14 -88.15
C LEU D 154 -17.55 -33.04 -88.15
N GLU D 155 -17.54 -34.18 -88.84
CA GLU D 155 -18.72 -35.02 -88.98
C GLU D 155 -18.94 -35.96 -87.80
N ILE D 156 -18.21 -35.76 -86.70
CA ILE D 156 -18.49 -36.45 -85.44
C ILE D 156 -19.44 -35.61 -84.58
N ILE D 157 -20.00 -34.54 -85.15
CA ILE D 157 -20.90 -33.67 -84.41
C ILE D 157 -22.26 -34.33 -84.21
N SER D 158 -22.61 -35.32 -85.03
CA SER D 158 -23.91 -35.99 -84.94
C SER D 158 -24.04 -36.87 -83.69
N GLY D 159 -22.93 -37.22 -83.05
CA GLY D 159 -22.99 -37.90 -81.77
C GLY D 159 -23.46 -36.98 -80.67
N TYR D 160 -24.68 -37.20 -80.18
CA TYR D 160 -25.28 -36.34 -79.17
C TYR D 160 -25.16 -36.96 -77.79
N MET E 1 65.83 -27.91 13.13
CA MET E 1 64.81 -28.45 14.01
C MET E 1 63.93 -29.46 13.29
N ASP E 2 63.69 -30.60 13.94
CA ASP E 2 62.85 -31.65 13.37
C ASP E 2 61.42 -31.59 13.89
N GLN E 3 61.10 -30.67 14.80
CA GLN E 3 59.77 -30.61 15.40
C GLN E 3 58.73 -30.16 14.38
N GLU E 4 58.94 -28.98 13.78
CA GLU E 4 58.06 -28.54 12.70
C GLU E 4 58.32 -29.31 11.42
N ASN E 5 59.56 -29.81 11.26
CA ASN E 5 59.94 -30.51 10.03
C ASN E 5 59.21 -31.84 9.90
N GLU E 6 58.98 -32.54 11.01
CA GLU E 6 58.25 -33.81 10.97
C GLU E 6 56.79 -33.59 10.58
N ARG E 7 56.16 -32.54 11.11
CA ARG E 7 54.78 -32.24 10.75
C ARG E 7 54.68 -31.78 9.31
N ASN E 8 55.68 -31.04 8.83
CA ASN E 8 55.70 -30.60 7.43
C ASN E 8 55.87 -31.78 6.47
N ILE E 9 56.78 -32.72 6.79
CA ILE E 9 56.96 -33.85 5.88
C ILE E 9 55.81 -34.82 6.00
N SER E 10 55.12 -34.87 7.15
CA SER E 10 53.92 -35.71 7.25
C SER E 10 52.78 -35.13 6.42
N ARG E 11 52.59 -33.81 6.47
CA ARG E 11 51.57 -33.16 5.65
C ARG E 11 51.89 -33.28 4.17
N LEU E 12 53.16 -33.18 3.80
CA LEU E 12 53.55 -33.33 2.40
C LEU E 12 53.44 -34.77 1.94
N TRP E 13 53.63 -35.74 2.86
CA TRP E 13 53.43 -37.14 2.51
C TRP E 13 51.95 -37.45 2.30
N ARG E 14 51.08 -36.84 3.12
CA ARG E 14 49.64 -36.96 2.90
C ARG E 14 49.23 -36.35 1.56
N ALA E 15 49.82 -35.19 1.22
CA ALA E 15 49.53 -34.55 -0.07
C ALA E 15 50.03 -35.40 -1.23
N PHE E 16 51.18 -36.05 -1.06
CA PHE E 16 51.72 -36.92 -2.09
C PHE E 16 50.85 -38.17 -2.28
N ARG E 17 50.34 -38.73 -1.17
CA ARG E 17 49.44 -39.87 -1.27
C ARG E 17 48.14 -39.49 -1.97
N THR E 18 47.60 -38.31 -1.66
CA THR E 18 46.36 -37.88 -2.30
C THR E 18 46.56 -37.58 -3.78
N VAL E 19 47.69 -36.98 -4.16
CA VAL E 19 47.88 -36.71 -5.59
C VAL E 19 48.24 -38.00 -6.34
N LYS E 20 48.82 -38.99 -5.67
CA LYS E 20 49.11 -40.26 -6.32
C LYS E 20 47.84 -41.06 -6.56
N GLU E 21 46.95 -41.12 -5.56
CA GLU E 21 45.66 -41.77 -5.80
C GLU E 21 44.77 -40.94 -6.71
N MET E 22 45.01 -39.62 -6.80
CA MET E 22 44.30 -38.78 -7.76
C MET E 22 44.68 -39.14 -9.19
N VAL E 23 45.98 -39.25 -9.47
CA VAL E 23 46.38 -39.62 -10.82
C VAL E 23 46.11 -41.10 -11.10
N LYS E 24 45.95 -41.92 -10.06
CA LYS E 24 45.45 -43.28 -10.26
C LYS E 24 43.98 -43.26 -10.68
N ASP E 25 43.15 -42.48 -9.98
CA ASP E 25 41.73 -42.37 -10.29
C ASP E 25 41.46 -41.56 -11.55
N ARG E 26 42.48 -40.88 -12.10
CA ARG E 26 42.31 -40.20 -13.37
C ARG E 26 42.06 -41.18 -14.51
N GLY E 27 42.68 -42.36 -14.44
CA GLY E 27 42.45 -43.39 -15.44
C GLY E 27 43.72 -43.98 -16.03
N TYR E 28 44.85 -43.73 -15.38
CA TYR E 28 46.14 -44.21 -15.86
C TYR E 28 46.48 -45.51 -15.14
N PHE E 29 47.68 -46.03 -15.38
CA PHE E 29 48.12 -47.25 -14.69
C PHE E 29 49.35 -46.91 -13.84
N ILE E 30 49.20 -47.11 -12.53
CA ILE E 30 50.28 -47.07 -11.55
C ILE E 30 50.02 -48.16 -10.53
N THR E 31 51.07 -48.82 -10.07
CA THR E 31 50.92 -50.00 -9.21
C THR E 31 50.96 -49.60 -7.74
N GLN E 32 51.01 -50.61 -6.86
CA GLN E 32 50.78 -50.36 -5.44
C GLN E 32 52.00 -49.82 -4.72
N GLU E 33 53.20 -50.01 -5.29
CA GLU E 33 54.42 -49.61 -4.59
C GLU E 33 54.62 -48.10 -4.55
N GLU E 34 53.99 -47.35 -5.46
CA GLU E 34 54.01 -45.90 -5.41
C GLU E 34 52.76 -45.30 -4.81
N VAL E 35 51.67 -46.06 -4.71
CA VAL E 35 50.44 -45.59 -4.08
C VAL E 35 50.42 -45.92 -2.59
N GLU E 36 50.60 -47.19 -2.26
CA GLU E 36 50.57 -47.65 -0.86
C GLU E 36 51.98 -47.77 -0.30
N LEU E 37 52.65 -46.64 -0.17
CA LEU E 37 53.94 -46.60 0.52
C LEU E 37 53.68 -46.45 2.02
N PRO E 38 54.02 -47.47 2.83
CA PRO E 38 53.55 -47.47 4.23
C PRO E 38 54.17 -46.41 5.13
N LEU E 39 55.48 -46.50 5.38
CA LEU E 39 56.14 -45.53 6.27
C LEU E 39 57.54 -45.13 5.84
N GLU E 40 58.25 -45.92 5.05
CA GLU E 40 59.71 -45.84 4.99
C GLU E 40 60.24 -45.18 3.72
N ASP E 41 59.49 -45.21 2.62
CA ASP E 41 60.01 -44.73 1.35
C ASP E 41 60.18 -43.21 1.35
N PHE E 42 59.18 -42.49 1.85
CA PHE E 42 59.28 -41.03 1.91
C PHE E 42 60.29 -40.59 2.97
N LYS E 43 60.44 -41.37 4.04
CA LYS E 43 61.38 -41.02 5.10
C LYS E 43 62.82 -41.33 4.71
N ALA E 44 63.00 -42.21 3.71
CA ALA E 44 64.36 -42.60 3.35
C ALA E 44 64.81 -41.94 2.04
N LYS E 45 64.05 -42.11 0.96
CA LYS E 45 64.51 -41.76 -0.37
C LYS E 45 64.28 -40.29 -0.71
N TYR E 46 63.15 -39.72 -0.28
CA TYR E 46 62.70 -38.44 -0.82
C TYR E 46 63.18 -37.23 -0.04
N CYS E 47 63.52 -37.38 1.23
CA CYS E 47 64.04 -36.26 2.00
C CYS E 47 65.57 -36.32 2.01
N ASP E 48 66.19 -35.44 2.79
CA ASP E 48 67.64 -35.36 2.90
C ASP E 48 68.11 -36.13 4.13
N SER E 49 69.41 -36.04 4.41
CA SER E 49 69.97 -36.64 5.61
C SER E 49 69.67 -35.81 6.86
N MET E 50 69.31 -34.54 6.69
CA MET E 50 68.96 -33.67 7.81
C MET E 50 67.47 -33.65 8.10
N GLY E 51 66.62 -33.85 7.10
CA GLY E 51 65.18 -33.87 7.31
C GLY E 51 64.42 -32.98 6.36
N ARG E 52 65.12 -32.06 5.70
CA ARG E 52 64.48 -31.15 4.75
C ARG E 52 64.19 -31.88 3.45
N PRO E 53 62.93 -31.99 3.02
CA PRO E 53 62.62 -32.75 1.81
C PRO E 53 62.97 -31.98 0.55
N GLN E 54 63.55 -32.68 -0.43
CA GLN E 54 63.75 -32.12 -1.76
C GLN E 54 62.40 -32.13 -2.46
N ARG E 55 61.79 -30.94 -2.58
CA ARG E 55 60.39 -30.86 -2.99
C ARG E 55 60.22 -31.09 -4.49
N LYS E 56 61.17 -30.64 -5.29
CA LYS E 56 61.05 -30.74 -6.75
C LYS E 56 61.66 -32.03 -7.30
N MET E 57 61.32 -33.15 -6.68
CA MET E 57 61.94 -34.43 -7.04
C MET E 57 60.85 -35.47 -7.22
N MET E 58 59.84 -35.15 -8.03
CA MET E 58 58.83 -36.12 -8.43
C MET E 58 58.54 -35.95 -9.93
N SER E 59 59.60 -35.93 -10.73
CA SER E 59 59.47 -35.78 -12.18
C SER E 59 59.21 -37.15 -12.79
N PHE E 60 57.92 -37.52 -12.87
CA PHE E 60 57.53 -38.79 -13.45
C PHE E 60 56.75 -38.58 -14.75
N GLN E 61 56.40 -39.71 -15.36
CA GLN E 61 55.92 -39.78 -16.74
C GLN E 61 54.68 -40.68 -16.79
N ALA E 62 53.64 -40.29 -16.04
CA ALA E 62 52.37 -41.01 -16.00
C ALA E 62 51.80 -41.27 -17.39
N ASN E 63 51.30 -42.48 -17.60
CA ASN E 63 51.05 -43.08 -18.90
C ASN E 63 49.64 -43.65 -18.90
N PRO E 64 48.83 -43.35 -19.92
CA PRO E 64 47.52 -44.01 -20.05
C PRO E 64 47.67 -45.49 -20.35
N THR E 65 46.62 -46.23 -19.98
CA THR E 65 46.60 -47.69 -20.05
C THR E 65 45.77 -48.14 -21.25
N GLU E 66 45.62 -49.46 -21.38
CA GLU E 66 44.82 -50.01 -22.47
C GLU E 66 43.32 -49.83 -22.20
N GLU E 67 42.90 -49.84 -20.94
CA GLU E 67 41.51 -49.61 -20.61
C GLU E 67 41.12 -48.15 -20.82
N SER E 68 42.09 -47.24 -20.73
CA SER E 68 41.86 -45.84 -21.03
C SER E 68 41.88 -45.55 -22.52
N ILE E 69 42.81 -46.17 -23.26
CA ILE E 69 42.90 -45.92 -24.71
C ILE E 69 41.86 -46.71 -25.48
N SER E 70 41.23 -47.71 -24.86
CA SER E 70 40.12 -48.40 -25.52
C SER E 70 38.87 -47.54 -25.56
N LYS E 71 38.74 -46.58 -24.64
CA LYS E 71 37.61 -45.68 -24.59
C LYS E 71 37.98 -44.25 -24.97
N PHE E 72 39.05 -43.72 -24.37
CA PHE E 72 39.44 -42.33 -24.61
C PHE E 72 40.72 -42.29 -25.42
N PRO E 73 40.69 -41.88 -26.69
CA PRO E 73 41.94 -41.75 -27.45
C PRO E 73 42.70 -40.46 -27.17
N ASP E 74 42.11 -39.51 -26.44
CA ASP E 74 42.72 -38.20 -26.23
C ASP E 74 43.66 -38.18 -25.03
N MET E 75 43.60 -39.18 -24.16
CA MET E 75 44.40 -39.17 -22.94
C MET E 75 45.87 -39.46 -23.25
N GLY E 76 46.75 -38.58 -22.79
CA GLY E 76 48.18 -38.78 -22.95
C GLY E 76 48.93 -38.65 -21.65
N SER E 77 50.19 -38.21 -21.72
CA SER E 77 51.05 -38.13 -20.55
C SER E 77 50.99 -36.76 -19.90
N LEU E 78 51.31 -36.72 -18.61
CA LEU E 78 51.38 -35.45 -17.88
C LEU E 78 52.68 -35.35 -17.07
N TRP E 79 52.78 -34.30 -16.26
CA TRP E 79 53.98 -34.05 -15.47
C TRP E 79 53.59 -33.15 -14.31
N VAL E 80 53.95 -33.56 -13.08
CA VAL E 80 53.63 -32.77 -11.90
C VAL E 80 54.81 -31.85 -11.60
N GLU E 81 54.56 -30.79 -10.83
CA GLU E 81 55.61 -29.87 -10.41
C GLU E 81 55.28 -29.37 -9.01
N PHE E 82 56.08 -29.76 -8.03
CA PHE E 82 55.92 -29.27 -6.67
C PHE E 82 56.80 -28.03 -6.53
N CYS E 83 56.15 -26.87 -6.40
CA CYS E 83 56.86 -25.60 -6.39
C CYS E 83 57.62 -25.44 -5.07
N ASP E 84 58.95 -25.36 -5.17
CA ASP E 84 59.80 -25.36 -3.98
C ASP E 84 59.69 -24.06 -3.18
N GLU E 85 59.36 -22.96 -3.83
CA GLU E 85 59.24 -21.68 -3.13
C GLU E 85 57.96 -21.67 -2.28
N PRO E 86 58.05 -21.35 -0.99
CA PRO E 86 56.82 -21.20 -0.20
C PRO E 86 55.97 -20.03 -0.63
N SER E 87 56.59 -18.99 -1.20
CA SER E 87 55.87 -17.87 -1.80
C SER E 87 55.42 -18.22 -3.21
N VAL E 88 55.04 -17.20 -3.99
CA VAL E 88 54.61 -17.43 -5.36
C VAL E 88 55.77 -17.93 -6.21
N GLY E 89 55.44 -18.68 -7.26
CA GLY E 89 56.40 -19.36 -8.08
C GLY E 89 56.42 -18.84 -9.50
N VAL E 90 56.45 -17.51 -9.66
CA VAL E 90 56.19 -16.85 -10.95
C VAL E 90 57.21 -17.26 -12.00
N LYS E 91 58.50 -17.09 -11.71
CA LYS E 91 59.54 -17.53 -12.64
C LYS E 91 59.59 -19.05 -12.74
N THR E 92 59.27 -19.74 -11.64
CA THR E 92 59.11 -21.19 -11.68
C THR E 92 57.93 -21.59 -12.55
N MET E 93 56.86 -20.81 -12.56
CA MET E 93 55.75 -21.08 -13.45
C MET E 93 56.10 -20.77 -14.90
N LYS E 94 56.97 -19.79 -15.13
CA LYS E 94 57.44 -19.49 -16.48
C LYS E 94 58.27 -20.63 -17.04
N THR E 95 59.26 -21.10 -16.28
CA THR E 95 60.04 -22.25 -16.74
C THR E 95 59.22 -23.53 -16.74
N PHE E 96 58.13 -23.59 -15.96
CA PHE E 96 57.18 -24.69 -16.07
C PHE E 96 56.47 -24.69 -17.43
N VAL E 97 55.94 -23.53 -17.84
CA VAL E 97 55.20 -23.45 -19.10
C VAL E 97 56.14 -23.70 -20.28
N ILE E 98 57.37 -23.18 -20.21
CA ILE E 98 58.38 -23.48 -21.23
C ILE E 98 58.77 -24.96 -21.21
N HIS E 99 58.80 -25.61 -20.04
CA HIS E 99 59.12 -27.03 -19.98
C HIS E 99 58.00 -27.89 -20.58
N ILE E 100 56.74 -27.52 -20.32
CA ILE E 100 55.60 -28.27 -20.87
C ILE E 100 55.52 -28.06 -22.38
N GLN E 101 55.83 -26.85 -22.85
CA GLN E 101 55.83 -26.60 -24.29
C GLN E 101 56.99 -27.32 -24.98
N GLU E 102 58.14 -27.43 -24.32
CA GLU E 102 59.29 -28.09 -24.93
C GLU E 102 59.12 -29.60 -24.97
N LYS E 103 58.68 -30.21 -23.86
CA LYS E 103 58.53 -31.66 -23.84
C LYS E 103 57.26 -32.14 -24.53
N ASN E 104 56.28 -31.25 -24.74
CA ASN E 104 55.05 -31.51 -25.50
C ASN E 104 54.22 -32.63 -24.89
N PHE E 105 53.74 -32.40 -23.68
CA PHE E 105 52.85 -33.35 -23.01
C PHE E 105 51.43 -33.21 -23.53
N GLN E 106 50.49 -33.88 -22.87
CA GLN E 106 49.07 -33.73 -23.14
C GLN E 106 48.39 -32.84 -22.12
N THR E 107 48.79 -32.92 -20.86
CA THR E 107 48.30 -32.04 -19.81
C THR E 107 49.39 -31.93 -18.74
N GLY E 108 49.07 -31.27 -17.64
CA GLY E 108 50.02 -31.11 -16.55
C GLY E 108 49.44 -30.30 -15.41
N ILE E 109 49.64 -30.74 -14.18
CA ILE E 109 49.07 -30.11 -13.00
C ILE E 109 50.18 -29.86 -11.99
N PHE E 110 50.10 -28.74 -11.27
CA PHE E 110 51.17 -28.39 -10.35
C PHE E 110 50.58 -27.75 -9.10
N VAL E 111 51.30 -27.88 -7.99
CA VAL E 111 50.82 -27.54 -6.65
C VAL E 111 51.70 -26.46 -6.05
N TYR E 112 51.09 -25.37 -5.58
CA TYR E 112 51.81 -24.33 -4.86
C TYR E 112 51.72 -24.60 -3.36
N GLN E 113 52.33 -23.72 -2.56
CA GLN E 113 52.45 -23.99 -1.12
C GLN E 113 51.29 -23.38 -0.32
N ASN E 114 51.21 -22.06 -0.28
CA ASN E 114 50.09 -21.40 0.39
C ASN E 114 49.54 -20.18 -0.33
N ASN E 115 50.23 -19.62 -1.30
CA ASN E 115 49.85 -18.34 -1.88
C ASN E 115 50.27 -18.31 -3.34
N ILE E 116 49.32 -18.07 -4.22
CA ILE E 116 49.59 -17.82 -5.64
C ILE E 116 48.99 -16.46 -6.00
N THR E 117 49.73 -15.69 -6.80
CA THR E 117 49.32 -14.34 -7.17
C THR E 117 48.44 -14.37 -8.43
N PRO E 118 47.44 -13.48 -8.52
CA PRO E 118 46.58 -13.47 -9.71
C PRO E 118 47.25 -12.91 -10.95
N SER E 119 48.40 -12.24 -10.81
CA SER E 119 49.11 -11.75 -11.98
C SER E 119 49.91 -12.83 -12.70
N ALA E 120 50.09 -13.99 -12.07
CA ALA E 120 50.82 -15.08 -12.70
C ALA E 120 49.92 -16.18 -13.23
N MET E 121 48.65 -16.23 -12.83
CA MET E 121 47.72 -17.23 -13.33
C MET E 121 46.96 -16.78 -14.56
N LYS E 122 47.42 -15.72 -15.23
CA LYS E 122 46.73 -15.21 -16.40
C LYS E 122 46.92 -16.09 -17.63
N LEU E 123 47.99 -16.88 -17.68
CA LEU E 123 48.31 -17.73 -18.82
C LEU E 123 47.88 -19.17 -18.60
N VAL E 124 46.90 -19.40 -17.73
CA VAL E 124 46.36 -20.73 -17.50
C VAL E 124 45.58 -21.31 -18.70
N PRO E 125 44.97 -20.56 -19.63
CA PRO E 125 44.55 -21.23 -20.88
C PRO E 125 45.50 -21.05 -22.06
N SER E 126 46.69 -20.50 -21.86
CA SER E 126 47.52 -19.99 -22.95
C SER E 126 48.12 -21.07 -23.84
N ILE E 127 48.02 -22.35 -23.50
CA ILE E 127 48.46 -23.44 -24.36
C ILE E 127 47.21 -24.10 -24.94
N PRO E 128 46.96 -24.01 -26.24
CA PRO E 128 45.76 -24.63 -26.82
C PRO E 128 45.79 -26.16 -26.86
N PRO E 129 46.89 -26.85 -27.23
CA PRO E 129 46.80 -28.32 -27.24
C PRO E 129 46.85 -28.99 -25.87
N ALA E 130 47.05 -28.23 -24.78
CA ALA E 130 47.18 -28.81 -23.46
C ALA E 130 46.43 -27.93 -22.47
N THR E 131 46.68 -28.15 -21.19
CA THR E 131 46.15 -27.29 -20.14
C THR E 131 47.04 -27.42 -18.90
N ILE E 132 47.02 -26.38 -18.09
CA ILE E 132 47.70 -26.37 -16.79
C ILE E 132 46.66 -26.06 -15.72
N GLU E 133 46.99 -26.40 -14.48
CA GLU E 133 46.03 -26.30 -13.39
C GLU E 133 46.76 -26.22 -12.07
N THR E 134 46.31 -25.32 -11.19
CA THR E 134 46.91 -25.13 -9.88
C THR E 134 46.17 -25.93 -8.82
N PHE E 135 46.87 -26.27 -7.75
CA PHE E 135 46.28 -26.97 -6.61
C PHE E 135 46.92 -26.46 -5.33
N ASN E 136 46.12 -26.48 -4.27
CA ASN E 136 46.54 -26.00 -2.96
C ASN E 136 47.03 -27.17 -2.12
N GLU E 137 48.11 -26.96 -1.38
CA GLU E 137 48.65 -28.01 -0.53
C GLU E 137 47.74 -28.26 0.68
N ALA E 138 47.02 -27.23 1.13
CA ALA E 138 46.08 -27.37 2.22
C ALA E 138 44.73 -27.94 1.79
N ALA E 139 44.53 -28.13 0.48
CA ALA E 139 43.27 -28.66 -0.04
C ALA E 139 43.37 -30.11 -0.48
N LEU E 140 44.59 -30.66 -0.57
CA LEU E 140 44.80 -32.03 -1.01
C LEU E 140 45.45 -32.86 0.10
N VAL E 141 45.03 -32.65 1.34
CA VAL E 141 45.55 -33.46 2.44
C VAL E 141 44.72 -34.72 2.69
N VAL E 142 43.46 -34.73 2.28
CA VAL E 142 42.61 -35.92 2.33
C VAL E 142 41.94 -36.10 0.98
N ASN E 143 41.56 -37.33 0.68
CA ASN E 143 40.84 -37.61 -0.54
C ASN E 143 39.41 -37.09 -0.46
N ILE E 144 38.86 -36.74 -1.63
CA ILE E 144 37.54 -36.15 -1.71
C ILE E 144 36.49 -37.17 -2.14
N THR E 145 36.81 -37.99 -3.15
CA THR E 145 35.88 -38.96 -3.69
C THR E 145 35.68 -40.19 -2.81
N HIS E 146 36.40 -40.29 -1.69
CA HIS E 146 36.18 -41.35 -0.71
C HIS E 146 35.96 -40.80 0.70
N HIS E 147 35.51 -39.55 0.81
CA HIS E 147 35.36 -38.90 2.12
C HIS E 147 34.30 -39.56 2.99
N GLU E 148 33.03 -39.28 2.71
CA GLU E 148 31.92 -40.11 3.19
C GLU E 148 30.84 -40.14 2.15
N LEU E 149 30.78 -39.07 1.35
CA LEU E 149 29.55 -38.66 0.69
C LEU E 149 29.68 -38.57 -0.82
N VAL E 150 30.83 -38.10 -1.31
CA VAL E 150 31.06 -37.98 -2.74
C VAL E 150 31.22 -39.38 -3.32
N PRO E 151 30.32 -39.81 -4.21
CA PRO E 151 30.37 -41.19 -4.69
C PRO E 151 31.39 -41.39 -5.79
N LYS E 152 31.41 -42.59 -6.37
CA LYS E 152 32.28 -42.89 -7.49
C LYS E 152 31.77 -42.16 -8.73
N HIS E 153 32.44 -41.08 -9.11
CA HIS E 153 32.07 -40.32 -10.30
C HIS E 153 32.73 -40.96 -11.51
N ILE E 154 31.96 -41.72 -12.27
CA ILE E 154 32.49 -42.48 -13.40
C ILE E 154 32.40 -41.61 -14.64
N ARG E 155 33.55 -41.18 -15.16
CA ARG E 155 33.58 -40.43 -16.41
C ARG E 155 33.30 -41.37 -17.58
N LEU E 156 32.38 -40.96 -18.44
CA LEU E 156 31.98 -41.77 -19.59
C LEU E 156 32.50 -41.15 -20.89
N SER E 157 32.43 -41.94 -21.96
CA SER E 157 33.07 -41.62 -23.22
C SER E 157 32.15 -40.76 -24.09
N SER E 158 32.52 -40.57 -25.35
CA SER E 158 31.71 -39.82 -26.30
C SER E 158 30.63 -40.67 -26.94
N ASP E 159 30.97 -41.91 -27.32
CA ASP E 159 29.95 -42.84 -27.81
C ASP E 159 28.98 -43.21 -26.69
N GLU E 160 29.47 -43.31 -25.46
CA GLU E 160 28.60 -43.50 -24.31
C GLU E 160 27.73 -42.27 -24.06
N LYS E 161 28.25 -41.07 -24.38
CA LYS E 161 27.47 -39.85 -24.23
C LYS E 161 26.33 -39.79 -25.24
N ARG E 162 26.63 -40.10 -26.51
CA ARG E 162 25.55 -40.12 -27.50
C ARG E 162 24.60 -41.29 -27.29
N GLU E 163 25.05 -42.38 -26.67
CA GLU E 163 24.14 -43.46 -26.30
C GLU E 163 23.21 -43.02 -25.17
N LEU E 164 23.73 -42.24 -24.21
CA LEU E 164 22.89 -41.69 -23.16
C LEU E 164 21.87 -40.72 -23.72
N LEU E 165 22.30 -39.88 -24.66
CA LEU E 165 21.36 -38.95 -25.30
C LEU E 165 20.34 -39.69 -26.17
N LYS E 166 20.73 -40.85 -26.73
CA LYS E 166 19.77 -41.64 -27.50
C LYS E 166 18.75 -42.31 -26.60
N ARG E 167 19.19 -42.81 -25.43
CA ARG E 167 18.26 -43.53 -24.57
C ARG E 167 17.37 -42.59 -23.77
N TYR E 168 17.81 -41.35 -23.52
CA TYR E 168 16.96 -40.40 -22.82
C TYR E 168 16.29 -39.39 -23.75
N ARG E 169 16.64 -39.39 -25.04
CA ARG E 169 16.06 -38.51 -26.07
C ARG E 169 16.24 -37.03 -25.72
N LEU E 170 17.38 -36.71 -25.14
CA LEU E 170 17.65 -35.36 -24.65
C LEU E 170 18.58 -34.62 -25.60
N LYS E 171 19.03 -33.44 -25.17
CA LYS E 171 19.89 -32.55 -25.93
C LYS E 171 21.19 -32.39 -25.15
N GLU E 172 22.19 -31.79 -25.80
CA GLU E 172 23.52 -31.61 -25.19
C GLU E 172 23.46 -30.72 -23.95
N SER E 173 22.60 -29.71 -23.96
CA SER E 173 22.34 -28.88 -22.79
C SER E 173 21.19 -29.51 -22.00
N GLN E 174 20.57 -28.73 -21.10
CA GLN E 174 19.39 -29.03 -20.27
C GLN E 174 19.55 -30.29 -19.40
N LEU E 175 20.79 -30.71 -19.15
CA LEU E 175 21.12 -31.68 -18.12
C LEU E 175 21.40 -30.96 -16.82
N PRO E 176 21.53 -31.67 -15.70
CA PRO E 176 22.10 -31.03 -14.51
C PRO E 176 23.55 -30.63 -14.74
N ARG E 177 23.90 -29.43 -14.29
CA ARG E 177 25.19 -28.84 -14.59
C ARG E 177 26.20 -29.11 -13.47
N ILE E 178 27.49 -29.00 -13.84
CA ILE E 178 28.60 -29.06 -12.90
C ILE E 178 29.51 -27.88 -13.20
N GLN E 179 29.79 -27.07 -12.18
CA GLN E 179 30.66 -25.92 -12.37
C GLN E 179 32.13 -26.32 -12.37
N ARG E 180 32.92 -25.54 -13.10
CA ARG E 180 34.38 -25.63 -13.07
C ARG E 180 34.88 -24.98 -11.78
N ALA E 181 36.10 -25.36 -11.38
CA ALA E 181 36.74 -24.98 -10.11
C ALA E 181 35.89 -25.39 -8.92
N ASP E 182 35.27 -26.55 -9.03
CA ASP E 182 34.55 -27.24 -7.97
C ASP E 182 35.43 -28.37 -7.44
N PRO E 183 35.60 -28.54 -6.12
CA PRO E 183 36.68 -29.40 -5.60
C PRO E 183 36.51 -30.90 -5.81
N VAL E 184 35.49 -31.32 -6.57
CA VAL E 184 35.39 -32.68 -7.06
C VAL E 184 35.70 -32.75 -8.55
N ALA E 185 35.27 -31.75 -9.32
CA ALA E 185 35.51 -31.73 -10.76
C ALA E 185 36.99 -31.49 -11.08
N LEU E 186 37.66 -30.65 -10.29
CA LEU E 186 39.10 -30.48 -10.45
C LEU E 186 39.90 -31.66 -9.91
N TYR E 187 39.28 -32.51 -9.07
CA TYR E 187 39.95 -33.71 -8.62
C TYR E 187 39.95 -34.78 -9.70
N LEU E 188 38.87 -34.85 -10.47
CA LEU E 188 38.77 -35.86 -11.52
C LEU E 188 39.26 -35.34 -12.86
N GLY E 189 39.42 -34.02 -13.00
CA GLY E 189 39.96 -33.46 -14.22
C GLY E 189 38.96 -33.39 -15.36
N LEU E 190 37.89 -32.62 -15.16
CA LEU E 190 36.85 -32.51 -16.18
C LEU E 190 37.13 -31.32 -17.10
N LYS E 191 36.34 -31.22 -18.16
CA LYS E 191 36.46 -30.17 -19.15
C LYS E 191 35.06 -29.65 -19.47
N ARG E 192 34.96 -28.87 -20.54
CA ARG E 192 33.68 -28.32 -20.97
C ARG E 192 32.88 -29.39 -21.69
N GLY E 193 31.83 -29.88 -21.05
CA GLY E 193 30.83 -30.70 -21.72
C GLY E 193 31.04 -32.20 -21.70
N GLU E 194 31.54 -32.75 -20.60
CA GLU E 194 31.70 -34.20 -20.45
C GLU E 194 30.77 -34.71 -19.35
N VAL E 195 29.90 -35.66 -19.71
CA VAL E 195 28.97 -36.24 -18.76
C VAL E 195 29.71 -37.18 -17.82
N VAL E 196 29.37 -37.14 -16.54
CA VAL E 196 29.92 -38.06 -15.56
C VAL E 196 28.76 -38.88 -14.98
N LYS E 197 29.06 -40.10 -14.56
CA LYS E 197 28.06 -40.98 -13.96
C LYS E 197 28.20 -40.93 -12.44
N ILE E 198 27.09 -40.66 -11.76
CA ILE E 198 27.05 -40.52 -10.31
C ILE E 198 26.13 -41.59 -9.76
N ILE E 199 26.69 -42.51 -8.97
CA ILE E 199 25.96 -43.64 -8.41
C ILE E 199 25.81 -43.38 -6.92
N ARG E 200 24.65 -42.87 -6.52
CA ARG E 200 24.43 -42.44 -5.15
C ARG E 200 23.74 -43.54 -4.32
N LYS E 201 23.91 -43.44 -3.01
CA LYS E 201 23.38 -44.43 -2.07
C LYS E 201 22.58 -43.72 -0.99
N SER E 202 21.33 -44.12 -0.81
CA SER E 202 20.48 -43.58 0.24
C SER E 202 19.44 -44.63 0.60
N GLU E 203 18.85 -44.49 1.78
CA GLU E 203 17.86 -45.45 2.26
C GLU E 203 16.44 -44.94 1.92
N THR E 204 16.24 -44.72 0.62
CA THR E 204 14.92 -44.54 0.05
C THR E 204 14.80 -45.47 -1.14
N SER E 205 15.94 -45.76 -1.78
CA SER E 205 15.99 -46.60 -2.96
C SER E 205 17.18 -47.54 -2.99
N GLY E 206 18.02 -47.56 -1.97
CA GLY E 206 19.23 -48.35 -2.02
C GLY E 206 20.32 -47.66 -2.82
N ARG E 207 20.59 -48.15 -4.03
CA ARG E 207 21.57 -47.55 -4.93
C ARG E 207 20.91 -47.28 -6.27
N TYR E 208 21.13 -46.08 -6.80
CA TYR E 208 20.66 -45.73 -8.13
C TYR E 208 21.56 -44.66 -8.70
N ALA E 209 21.56 -44.54 -10.03
CA ALA E 209 22.53 -43.73 -10.74
C ALA E 209 21.86 -42.57 -11.46
N SER E 210 22.61 -41.48 -11.62
CA SER E 210 22.21 -40.33 -12.41
C SER E 210 23.42 -39.83 -13.18
N TYR E 211 23.22 -38.77 -13.96
CA TYR E 211 24.26 -38.24 -14.83
C TYR E 211 24.21 -36.72 -14.78
N ARG E 212 25.36 -36.09 -14.53
CA ARG E 212 25.46 -34.63 -14.47
C ARG E 212 26.56 -34.18 -15.42
N ILE E 213 26.20 -33.30 -16.35
CA ILE E 213 27.17 -32.77 -17.32
C ILE E 213 27.92 -31.59 -16.70
N CYS E 214 29.10 -31.30 -17.23
CA CYS E 214 29.89 -30.16 -16.79
C CYS E 214 29.79 -29.01 -17.79
N MET E 215 29.95 -27.80 -17.28
CA MET E 215 29.96 -26.61 -18.13
C MET E 215 31.20 -25.79 -17.87
N GLU F 71 6.45 -35.57 -33.99
CA GLU F 71 6.40 -35.52 -35.44
C GLU F 71 6.40 -36.93 -36.02
N LYS F 72 7.17 -37.81 -35.39
CA LYS F 72 7.28 -39.19 -35.85
C LYS F 72 6.08 -40.00 -35.37
N ALA F 73 5.48 -40.76 -36.28
CA ALA F 73 4.35 -41.63 -35.96
C ALA F 73 4.92 -42.97 -35.54
N ILE F 74 5.15 -43.12 -34.24
CA ILE F 74 5.71 -44.37 -33.72
C ILE F 74 4.61 -45.43 -33.70
N PRO F 75 4.84 -46.61 -34.30
CA PRO F 75 3.78 -47.62 -34.37
C PRO F 75 3.53 -48.33 -33.05
N LYS F 76 2.67 -49.35 -33.09
CA LYS F 76 2.24 -50.05 -31.89
C LYS F 76 3.30 -51.00 -31.33
N ASP F 77 4.45 -51.13 -31.98
CA ASP F 77 5.45 -52.08 -31.51
C ASP F 77 6.21 -51.54 -30.30
N GLN F 78 6.71 -50.29 -30.40
CA GLN F 78 7.51 -49.71 -29.33
C GLN F 78 6.72 -49.51 -28.05
N ARG F 79 5.78 -48.56 -28.07
CA ARG F 79 4.89 -48.19 -26.95
C ARG F 79 5.64 -48.04 -25.63
N ALA F 80 6.53 -47.04 -25.58
CA ALA F 80 7.44 -46.86 -24.44
C ALA F 80 6.76 -46.04 -23.35
N THR F 81 5.65 -46.59 -22.83
CA THR F 81 4.87 -46.00 -21.75
C THR F 81 4.08 -47.14 -21.11
N THR F 82 4.01 -47.14 -19.77
CA THR F 82 3.27 -48.14 -19.03
C THR F 82 1.79 -48.09 -19.38
N PRO F 83 1.14 -49.24 -19.60
CA PRO F 83 -0.25 -49.25 -20.07
C PRO F 83 -1.30 -49.08 -18.97
N TYR F 84 -0.91 -48.65 -17.77
CA TYR F 84 -1.87 -48.42 -16.70
C TYR F 84 -2.62 -47.12 -16.95
N MET F 85 -3.64 -46.84 -16.14
CA MET F 85 -4.50 -45.67 -16.36
C MET F 85 -4.28 -44.68 -15.23
N THR F 86 -3.66 -43.56 -15.58
CA THR F 86 -3.52 -42.45 -14.63
C THR F 86 -4.90 -41.89 -14.30
N LYS F 87 -5.11 -41.52 -13.03
CA LYS F 87 -6.36 -40.90 -12.61
C LYS F 87 -6.58 -39.54 -13.28
N TYR F 88 -5.51 -38.88 -13.72
CA TYR F 88 -5.67 -37.61 -14.44
C TYR F 88 -6.23 -37.86 -15.84
N GLU F 89 -5.87 -38.99 -16.43
CA GLU F 89 -6.40 -39.36 -17.74
C GLU F 89 -7.90 -39.61 -17.67
N ARG F 90 -8.36 -40.37 -16.67
CA ARG F 90 -9.80 -40.58 -16.55
C ARG F 90 -10.52 -39.32 -16.09
N ALA F 91 -9.84 -38.43 -15.36
CA ALA F 91 -10.43 -37.15 -15.00
C ALA F 91 -10.64 -36.28 -16.24
N ARG F 92 -9.73 -36.38 -17.22
CA ARG F 92 -9.97 -35.68 -18.49
C ARG F 92 -11.05 -36.36 -19.32
N ILE F 93 -11.04 -37.71 -19.37
CA ILE F 93 -11.93 -38.43 -20.27
C ILE F 93 -13.39 -38.30 -19.83
N LEU F 94 -13.64 -38.41 -18.51
CA LEU F 94 -15.01 -38.24 -18.02
C LEU F 94 -15.54 -36.83 -18.24
N GLY F 95 -14.68 -35.83 -18.05
CA GLY F 95 -15.10 -34.45 -18.29
C GLY F 95 -15.38 -34.17 -19.76
N THR F 96 -14.51 -34.67 -20.64
CA THR F 96 -14.69 -34.45 -22.07
C THR F 96 -15.90 -35.21 -22.60
N ARG F 97 -16.14 -36.42 -22.08
CA ARG F 97 -17.32 -37.17 -22.49
C ARG F 97 -18.61 -36.53 -21.99
N ALA F 98 -18.61 -36.01 -20.76
CA ALA F 98 -19.78 -35.31 -20.24
C ALA F 98 -20.03 -34.02 -21.00
N LEU F 99 -18.98 -33.33 -21.42
CA LEU F 99 -19.15 -32.13 -22.20
C LEU F 99 -19.63 -32.45 -23.61
N GLN F 100 -19.25 -33.60 -24.16
CA GLN F 100 -19.77 -34.00 -25.46
C GLN F 100 -21.24 -34.38 -25.39
N ILE F 101 -21.64 -35.09 -24.33
CA ILE F 101 -23.06 -35.46 -24.19
C ILE F 101 -23.91 -34.22 -23.91
N SER F 102 -23.35 -33.23 -23.20
CA SER F 102 -24.06 -31.96 -23.03
C SER F 102 -24.17 -31.17 -24.33
N MET F 103 -23.34 -31.48 -25.33
CA MET F 103 -23.45 -30.91 -26.67
C MET F 103 -24.21 -31.84 -27.63
N ASN F 104 -25.18 -32.60 -27.10
CA ASN F 104 -26.10 -33.45 -27.86
C ASN F 104 -25.38 -34.56 -28.62
N ALA F 105 -24.38 -35.18 -27.97
CA ALA F 105 -23.87 -36.38 -28.61
C ALA F 105 -24.71 -37.59 -28.20
N PRO F 106 -24.88 -38.58 -29.07
CA PRO F 106 -25.61 -39.78 -28.68
C PRO F 106 -24.79 -40.65 -27.73
N VAL F 107 -25.49 -41.37 -26.86
CA VAL F 107 -24.86 -42.22 -25.87
C VAL F 107 -24.79 -43.64 -26.39
N PHE F 108 -23.93 -44.45 -25.79
CA PHE F 108 -23.76 -45.84 -26.16
C PHE F 108 -24.22 -46.80 -25.06
N VAL F 109 -24.88 -46.29 -24.02
CA VAL F 109 -25.33 -47.08 -22.88
C VAL F 109 -26.83 -46.89 -22.75
N ASP F 110 -27.49 -47.89 -22.16
CA ASP F 110 -28.94 -47.87 -21.95
C ASP F 110 -29.23 -47.18 -20.62
N LEU F 111 -29.87 -46.00 -20.70
CA LEU F 111 -30.19 -45.23 -19.52
C LEU F 111 -31.43 -45.78 -18.82
N GLU F 112 -31.77 -45.17 -17.68
CA GLU F 112 -32.88 -45.60 -16.85
C GLU F 112 -33.71 -44.39 -16.44
N GLY F 113 -34.05 -43.56 -17.42
CA GLY F 113 -34.91 -42.41 -17.21
C GLY F 113 -34.27 -41.26 -16.47
N GLU F 114 -32.94 -41.26 -16.34
CA GLU F 114 -32.22 -40.19 -15.68
C GLU F 114 -31.39 -39.44 -16.70
N THR F 115 -30.96 -38.24 -16.33
CA THR F 115 -30.03 -37.49 -17.15
C THR F 115 -29.09 -36.69 -16.26
N ASP F 116 -27.83 -37.09 -16.28
CA ASP F 116 -26.71 -36.33 -15.77
C ASP F 116 -25.51 -36.80 -16.58
N PRO F 117 -24.88 -35.92 -17.37
CA PRO F 117 -23.82 -36.38 -18.30
C PRO F 117 -22.59 -36.91 -17.59
N LEU F 118 -22.33 -36.46 -16.36
CA LEU F 118 -21.27 -37.04 -15.55
C LEU F 118 -21.61 -38.47 -15.14
N ARG F 119 -22.85 -38.72 -14.75
CA ARG F 119 -23.26 -40.04 -14.29
C ARG F 119 -23.29 -41.04 -15.45
N ILE F 120 -23.85 -40.66 -16.59
CA ILE F 120 -23.83 -41.58 -17.72
C ILE F 120 -22.45 -41.63 -18.36
N ALA F 121 -21.58 -40.66 -18.13
CA ALA F 121 -20.18 -40.79 -18.52
C ALA F 121 -19.49 -41.87 -17.69
N MET F 122 -19.78 -41.92 -16.38
CA MET F 122 -19.32 -43.02 -15.54
C MET F 122 -19.91 -44.36 -15.99
N LYS F 123 -21.18 -44.33 -16.43
CA LYS F 123 -21.82 -45.57 -16.89
C LYS F 123 -21.22 -46.05 -18.21
N GLU F 124 -20.85 -45.13 -19.10
CA GLU F 124 -20.16 -45.51 -20.33
C GLU F 124 -18.73 -45.93 -20.07
N LEU F 125 -18.12 -45.41 -18.99
CA LEU F 125 -16.83 -45.95 -18.56
C LEU F 125 -16.97 -47.37 -18.04
N ALA F 126 -18.09 -47.67 -17.38
CA ALA F 126 -18.31 -49.03 -16.88
C ALA F 126 -18.55 -50.02 -18.02
N GLU F 127 -19.14 -49.55 -19.12
CA GLU F 127 -19.39 -50.42 -20.27
C GLU F 127 -18.25 -50.40 -21.28
N LYS F 128 -17.28 -49.49 -21.11
CA LYS F 128 -16.09 -49.34 -21.97
C LYS F 128 -16.48 -49.10 -23.44
N LYS F 129 -17.25 -48.03 -23.65
CA LYS F 129 -17.75 -47.65 -24.98
C LYS F 129 -17.49 -46.18 -25.23
N ILE F 130 -16.26 -45.73 -24.98
CA ILE F 130 -15.86 -44.35 -25.21
C ILE F 130 -15.15 -44.30 -26.57
N PRO F 131 -15.66 -43.55 -27.54
CA PRO F 131 -15.02 -43.45 -28.86
C PRO F 131 -13.94 -42.35 -28.91
N LEU F 132 -12.98 -42.45 -28.01
CA LEU F 132 -11.87 -41.50 -27.94
C LEU F 132 -10.54 -42.27 -28.00
N VAL F 133 -9.45 -41.52 -27.91
CA VAL F 133 -8.11 -42.06 -28.02
C VAL F 133 -7.15 -41.08 -27.35
N ILE F 134 -6.16 -41.62 -26.62
CA ILE F 134 -5.27 -40.83 -25.78
C ILE F 134 -4.01 -40.50 -26.58
N ARG F 135 -3.50 -39.29 -26.40
CA ARG F 135 -2.38 -38.74 -27.16
C ARG F 135 -1.29 -38.30 -26.18
N ARG F 136 -0.85 -39.24 -25.33
CA ARG F 136 0.23 -39.05 -24.37
C ARG F 136 1.49 -38.45 -24.99
N TYR F 137 1.84 -37.23 -24.60
CA TYR F 137 2.96 -36.50 -25.17
C TYR F 137 4.27 -36.90 -24.49
N LEU F 138 5.33 -36.87 -25.26
CA LEU F 138 6.71 -37.06 -24.83
C LEU F 138 7.52 -35.79 -25.14
N PRO F 139 8.62 -35.55 -24.41
CA PRO F 139 9.38 -34.31 -24.66
C PRO F 139 10.13 -34.26 -25.99
N ASP F 140 10.15 -35.33 -26.77
CA ASP F 140 10.79 -35.31 -28.08
C ASP F 140 9.80 -35.28 -29.24
N GLY F 141 8.50 -35.29 -28.96
CA GLY F 141 7.51 -35.29 -30.02
C GLY F 141 7.20 -36.67 -30.55
N SER F 142 6.78 -37.57 -29.66
CA SER F 142 6.45 -38.94 -30.01
C SER F 142 4.95 -39.19 -30.07
N PHE F 143 4.21 -38.63 -29.11
CA PHE F 143 2.76 -38.48 -28.98
C PHE F 143 1.94 -39.78 -28.90
N GLU F 144 2.56 -40.94 -29.19
CA GLU F 144 2.26 -42.29 -28.69
C GLU F 144 0.77 -42.63 -28.52
N ASP F 145 0.06 -42.81 -29.64
CA ASP F 145 -1.37 -43.12 -29.62
C ASP F 145 -1.73 -44.33 -28.75
N TRP F 146 -2.63 -44.10 -27.80
CA TRP F 146 -3.17 -45.16 -26.96
C TRP F 146 -4.69 -45.10 -27.03
N SER F 147 -5.32 -46.22 -27.39
CA SER F 147 -6.78 -46.25 -27.44
C SER F 147 -7.35 -46.38 -26.03
N VAL F 148 -8.68 -46.24 -25.94
CA VAL F 148 -9.36 -46.34 -24.65
C VAL F 148 -9.63 -47.80 -24.30
N GLU F 149 -10.09 -48.59 -25.29
CA GLU F 149 -10.46 -49.99 -25.04
C GLU F 149 -9.23 -50.84 -24.74
N GLU F 150 -8.15 -50.64 -25.48
CA GLU F 150 -6.92 -51.41 -25.28
C GLU F 150 -6.01 -50.66 -24.29
N LEU F 151 -6.49 -50.59 -23.05
CA LEU F 151 -5.77 -49.89 -21.99
C LEU F 151 -6.22 -50.43 -20.65
N ILE F 152 -5.26 -50.72 -19.78
CA ILE F 152 -5.54 -51.33 -18.48
C ILE F 152 -5.97 -50.22 -17.52
N VAL F 153 -7.16 -50.38 -16.93
CA VAL F 153 -7.68 -49.42 -15.96
C VAL F 153 -7.04 -49.61 -14.60
N MET G 1 -16.61 -23.43 -64.90
CA MET G 1 -16.33 -24.24 -63.72
C MET G 1 -15.56 -25.50 -64.08
N PHE G 2 -14.46 -25.39 -64.82
CA PHE G 2 -13.82 -26.58 -65.37
C PHE G 2 -12.43 -26.75 -64.73
N ILE G 3 -12.41 -27.27 -63.51
CA ILE G 3 -11.16 -27.63 -62.83
C ILE G 3 -11.52 -28.48 -61.62
N LEU G 4 -10.53 -29.23 -61.10
CA LEU G 4 -10.66 -29.93 -59.82
C LEU G 4 -9.54 -29.56 -58.86
N SER G 5 -9.35 -28.25 -58.63
CA SER G 5 -8.21 -27.77 -57.83
C SER G 5 -8.25 -28.27 -56.40
N LYS G 6 -7.08 -28.55 -55.85
CA LYS G 6 -6.93 -29.18 -54.55
C LYS G 6 -6.57 -28.12 -53.51
N ILE G 7 -7.39 -28.01 -52.47
CA ILE G 7 -7.19 -27.06 -51.39
C ILE G 7 -7.31 -27.77 -50.05
N ALA G 8 -6.56 -27.30 -49.06
CA ALA G 8 -6.66 -27.83 -47.72
C ALA G 8 -7.58 -26.95 -46.87
N ASP G 9 -8.07 -27.52 -45.77
CA ASP G 9 -9.02 -26.82 -44.92
C ASP G 9 -8.99 -27.43 -43.53
N LEU G 10 -9.34 -26.62 -42.54
CA LEU G 10 -9.54 -27.07 -41.16
C LEU G 10 -11.04 -27.04 -40.89
N VAL G 11 -11.60 -28.18 -40.51
CA VAL G 11 -13.04 -28.37 -40.43
C VAL G 11 -13.45 -28.59 -38.98
N ARG G 12 -14.40 -27.78 -38.50
CA ARG G 12 -15.04 -27.97 -37.21
C ARG G 12 -16.39 -28.65 -37.45
N ILE G 13 -16.56 -29.85 -36.92
CA ILE G 13 -17.86 -30.52 -36.98
C ILE G 13 -18.57 -30.33 -35.65
N PRO G 14 -19.89 -30.13 -35.65
CA PRO G 14 -20.62 -30.00 -34.39
C PRO G 14 -20.73 -31.35 -33.72
N PRO G 15 -20.82 -31.38 -32.38
CA PRO G 15 -20.84 -32.67 -31.66
C PRO G 15 -22.13 -33.45 -31.81
N ASP G 16 -23.22 -32.83 -32.28
CA ASP G 16 -24.44 -33.61 -32.52
C ASP G 16 -24.41 -34.35 -33.84
N GLN G 17 -23.38 -34.15 -34.67
CA GLN G 17 -23.21 -34.88 -35.92
C GLN G 17 -22.33 -36.12 -35.75
N PHE G 18 -22.10 -36.56 -34.52
CA PHE G 18 -21.25 -37.72 -34.28
C PHE G 18 -21.96 -39.04 -34.63
N HIS G 19 -23.30 -39.05 -34.63
CA HIS G 19 -24.04 -40.23 -35.05
C HIS G 19 -23.93 -40.48 -36.54
N ARG G 20 -23.66 -39.44 -37.32
CA ARG G 20 -23.49 -39.53 -38.76
C ARG G 20 -22.01 -39.78 -39.06
N ASP G 21 -21.77 -40.51 -40.16
CA ASP G 21 -20.41 -40.87 -40.54
C ASP G 21 -19.60 -39.64 -40.97
N THR G 22 -18.28 -39.83 -41.00
CA THR G 22 -17.37 -38.70 -41.22
C THR G 22 -17.42 -38.21 -42.66
N ILE G 23 -17.53 -39.14 -43.62
CA ILE G 23 -17.47 -38.78 -45.03
C ILE G 23 -18.70 -38.01 -45.50
N SER G 24 -19.77 -38.00 -44.72
CA SER G 24 -20.91 -37.13 -45.01
C SER G 24 -20.91 -35.86 -44.19
N ALA G 25 -20.36 -35.88 -42.97
CA ALA G 25 -20.33 -34.68 -42.15
C ALA G 25 -19.30 -33.67 -42.67
N ILE G 26 -18.14 -34.15 -43.09
CA ILE G 26 -17.14 -33.27 -43.70
C ILE G 26 -17.67 -32.74 -45.03
N THR G 27 -18.41 -33.56 -45.76
CA THR G 27 -19.03 -33.15 -47.01
C THR G 27 -20.09 -32.06 -46.76
N HIS G 28 -20.88 -32.20 -45.71
CA HIS G 28 -21.86 -31.19 -45.32
C HIS G 28 -21.19 -29.87 -44.97
N GLN G 29 -20.13 -29.93 -44.16
CA GLN G 29 -19.48 -28.70 -43.71
C GLN G 29 -18.76 -28.01 -44.87
N LEU G 30 -18.13 -28.77 -45.76
CA LEU G 30 -17.46 -28.16 -46.90
C LEU G 30 -18.43 -27.71 -47.99
N ASN G 31 -19.63 -28.29 -48.05
CA ASN G 31 -20.65 -27.75 -48.94
C ASN G 31 -21.20 -26.42 -48.43
N ASN G 32 -21.58 -26.38 -47.15
CA ASN G 32 -22.12 -25.16 -46.56
C ASN G 32 -21.03 -24.31 -45.92
N LYS G 33 -19.80 -24.44 -46.39
CA LYS G 33 -18.70 -23.56 -45.97
C LYS G 33 -18.03 -22.98 -47.20
N PHE G 34 -18.08 -23.69 -48.32
CA PHE G 34 -17.50 -23.29 -49.60
C PHE G 34 -18.56 -23.32 -50.70
N ALA G 35 -19.71 -22.72 -50.45
CA ALA G 35 -20.80 -22.77 -51.43
C ALA G 35 -20.56 -21.79 -52.57
N ASN G 36 -20.55 -20.49 -52.28
CA ASN G 36 -20.19 -19.45 -53.25
C ASN G 36 -19.27 -18.48 -52.55
N LYS G 37 -17.97 -18.80 -52.53
CA LYS G 37 -16.99 -17.97 -51.83
C LYS G 37 -15.79 -17.82 -52.75
N ILE G 38 -15.52 -16.59 -53.18
CA ILE G 38 -14.38 -16.33 -54.06
C ILE G 38 -13.13 -16.24 -53.18
N ILE G 39 -12.34 -17.29 -53.18
CA ILE G 39 -11.05 -17.25 -52.47
C ILE G 39 -10.09 -16.38 -53.27
N PRO G 40 -9.32 -15.51 -52.63
CA PRO G 40 -8.27 -14.79 -53.35
C PRO G 40 -7.24 -15.75 -53.93
N ASN G 41 -6.78 -15.42 -55.14
CA ASN G 41 -5.91 -16.20 -56.04
C ASN G 41 -6.56 -17.48 -56.57
N VAL G 42 -7.84 -17.75 -56.26
CA VAL G 42 -8.44 -19.02 -56.66
C VAL G 42 -9.68 -18.81 -57.52
N GLY G 43 -10.73 -18.19 -56.96
CA GLY G 43 -11.95 -17.96 -57.70
C GLY G 43 -13.17 -18.52 -56.98
N LEU G 44 -14.27 -18.62 -57.73
CA LEU G 44 -15.58 -18.94 -57.17
C LEU G 44 -15.82 -20.44 -57.14
N CYS G 45 -16.33 -20.94 -56.01
CA CYS G 45 -16.63 -22.35 -55.87
C CYS G 45 -18.10 -22.64 -56.17
N ILE G 46 -18.41 -23.93 -56.35
CA ILE G 46 -19.78 -24.41 -56.40
C ILE G 46 -19.97 -25.55 -55.40
N THR G 47 -19.15 -26.59 -55.50
CA THR G 47 -19.34 -27.77 -54.67
C THR G 47 -17.99 -28.43 -54.41
N ILE G 48 -18.02 -29.57 -53.72
CA ILE G 48 -16.83 -30.29 -53.27
C ILE G 48 -16.84 -31.66 -53.93
N TYR G 49 -15.68 -32.09 -54.42
CA TYR G 49 -15.62 -33.32 -55.21
C TYR G 49 -15.60 -34.55 -54.31
N ASP G 50 -14.56 -34.69 -53.48
CA ASP G 50 -14.44 -35.84 -52.57
C ASP G 50 -13.53 -35.45 -51.40
N LEU G 51 -13.05 -36.45 -50.67
CA LEU G 51 -12.09 -36.26 -49.60
C LEU G 51 -10.80 -37.01 -49.92
N LEU G 52 -9.70 -36.53 -49.33
CA LEU G 52 -8.39 -37.14 -49.55
C LEU G 52 -7.64 -37.22 -48.22
N THR G 53 -7.08 -38.41 -47.94
CA THR G 53 -6.09 -38.73 -46.88
C THR G 53 -6.29 -37.99 -45.56
N VAL G 54 -7.54 -38.00 -45.08
CA VAL G 54 -7.88 -37.34 -43.83
C VAL G 54 -7.32 -38.13 -42.65
N GLU G 55 -6.66 -37.43 -41.73
CA GLU G 55 -6.05 -38.05 -40.57
C GLU G 55 -6.93 -37.83 -39.34
N GLU G 56 -6.42 -38.22 -38.18
CA GLU G 56 -7.16 -38.06 -36.92
C GLU G 56 -7.19 -36.59 -36.53
N GLY G 57 -8.38 -36.10 -36.18
CA GLY G 57 -8.58 -34.70 -35.89
C GLY G 57 -8.56 -34.43 -34.39
N GLN G 58 -7.90 -33.34 -34.01
CA GLN G 58 -7.66 -33.03 -32.61
C GLN G 58 -8.93 -32.51 -31.93
N LEU G 59 -8.81 -32.20 -30.64
CA LEU G 59 -9.96 -31.86 -29.81
C LEU G 59 -9.54 -30.80 -28.81
N LYS G 60 -10.05 -29.58 -28.98
CA LYS G 60 -9.67 -28.46 -28.13
C LYS G 60 -10.33 -28.59 -26.76
N PRO G 61 -9.58 -28.34 -25.67
CA PRO G 61 -10.18 -28.48 -24.34
C PRO G 61 -11.22 -27.43 -24.00
N GLY G 62 -11.21 -26.26 -24.66
CA GLY G 62 -12.10 -25.19 -24.29
C GLY G 62 -13.49 -25.25 -24.88
N ASP G 63 -13.68 -25.98 -25.97
CA ASP G 63 -14.97 -26.03 -26.66
C ASP G 63 -15.55 -27.43 -26.72
N GLY G 64 -14.74 -28.45 -26.94
CA GLY G 64 -15.19 -29.82 -26.95
C GLY G 64 -15.69 -30.33 -28.28
N SER G 65 -15.87 -29.48 -29.27
CA SER G 65 -16.23 -29.94 -30.60
C SER G 65 -15.02 -30.53 -31.29
N SER G 66 -15.26 -31.50 -32.17
CA SER G 66 -14.18 -32.18 -32.87
C SER G 66 -13.64 -31.31 -34.00
N TYR G 67 -12.34 -31.09 -34.00
CA TYR G 67 -11.65 -30.28 -35.01
C TYR G 67 -10.81 -31.22 -35.88
N ILE G 68 -11.30 -31.50 -37.09
CA ILE G 68 -10.63 -32.42 -38.00
C ILE G 68 -10.09 -31.62 -39.17
N ASN G 69 -8.79 -31.73 -39.41
CA ASN G 69 -8.18 -31.10 -40.59
C ASN G 69 -8.19 -32.07 -41.77
N VAL G 70 -8.58 -31.55 -42.93
CA VAL G 70 -8.75 -32.36 -44.14
C VAL G 70 -7.94 -31.74 -45.27
N THR G 71 -7.88 -32.48 -46.37
CA THR G 71 -7.42 -31.96 -47.65
C THR G 71 -8.23 -32.63 -48.75
N PHE G 72 -8.53 -31.89 -49.81
CA PHE G 72 -9.52 -32.32 -50.78
C PHE G 72 -9.33 -31.55 -52.08
N ARG G 73 -9.92 -32.08 -53.14
CA ARG G 73 -10.01 -31.37 -54.40
C ARG G 73 -11.43 -30.81 -54.56
N ALA G 74 -11.52 -29.65 -55.21
CA ALA G 74 -12.78 -28.95 -55.34
C ALA G 74 -12.85 -28.23 -56.68
N VAL G 75 -14.06 -27.92 -57.10
CA VAL G 75 -14.31 -27.31 -58.41
C VAL G 75 -14.42 -25.80 -58.20
N VAL G 76 -13.44 -25.06 -58.69
CA VAL G 76 -13.45 -23.60 -58.62
C VAL G 76 -13.52 -23.05 -60.04
N PHE G 77 -13.62 -21.72 -60.16
CA PHE G 77 -13.83 -21.06 -61.44
C PHE G 77 -12.50 -20.50 -61.95
N LYS G 78 -11.82 -21.26 -62.80
CA LYS G 78 -10.62 -20.79 -63.46
C LYS G 78 -10.65 -21.15 -64.94
N PRO G 79 -11.04 -20.21 -65.81
CA PRO G 79 -11.01 -20.48 -67.25
C PRO G 79 -9.59 -20.49 -67.81
N PHE G 80 -9.51 -20.66 -69.13
CA PHE G 80 -8.26 -20.68 -69.85
C PHE G 80 -7.85 -19.23 -70.14
N LEU G 81 -6.82 -19.02 -70.97
CA LEU G 81 -6.50 -17.70 -71.49
C LEU G 81 -7.42 -17.29 -72.64
N GLY G 82 -7.90 -18.25 -73.41
CA GLY G 82 -8.71 -17.96 -74.59
C GLY G 82 -10.07 -18.64 -74.57
N GLU G 83 -10.72 -18.64 -73.42
CA GLU G 83 -12.03 -19.28 -73.28
C GLU G 83 -13.09 -18.48 -74.03
N ILE G 84 -13.95 -19.19 -74.76
CA ILE G 84 -15.01 -18.57 -75.56
C ILE G 84 -16.32 -19.16 -75.04
N VAL G 85 -16.96 -18.44 -74.11
CA VAL G 85 -18.15 -18.95 -73.45
C VAL G 85 -19.30 -17.98 -73.75
N THR G 86 -20.53 -18.48 -73.65
CA THR G 86 -21.69 -17.79 -74.20
C THR G 86 -22.74 -17.55 -73.11
N GLY G 87 -23.07 -16.28 -72.89
CA GLY G 87 -24.23 -15.89 -72.11
C GLY G 87 -25.13 -15.00 -72.96
N TRP G 88 -26.12 -14.34 -72.37
CA TRP G 88 -26.97 -13.44 -73.14
C TRP G 88 -27.22 -12.15 -72.38
N ILE G 89 -27.70 -11.15 -73.11
CA ILE G 89 -27.80 -9.77 -72.64
C ILE G 89 -29.07 -9.59 -71.81
N SER G 90 -28.93 -8.85 -70.70
CA SER G 90 -30.09 -8.48 -69.89
C SER G 90 -30.06 -7.06 -69.36
N LYS G 91 -29.03 -6.27 -69.67
CA LYS G 91 -28.93 -4.92 -69.15
C LYS G 91 -28.17 -4.04 -70.14
N CYS G 92 -28.66 -2.82 -70.35
CA CYS G 92 -28.12 -1.90 -71.32
C CYS G 92 -27.74 -0.57 -70.67
N THR G 93 -26.51 -0.12 -70.92
CA THR G 93 -26.06 1.20 -70.49
C THR G 93 -25.48 1.99 -71.67
N ALA G 94 -24.84 3.12 -71.38
CA ALA G 94 -24.31 4.00 -72.41
C ALA G 94 -22.83 3.75 -72.72
N GLU G 95 -22.00 3.61 -71.68
CA GLU G 95 -20.56 3.42 -71.89
C GLU G 95 -20.27 2.05 -72.50
N GLY G 96 -20.58 0.99 -71.76
CA GLY G 96 -20.42 -0.36 -72.27
C GLY G 96 -21.69 -1.15 -72.04
N ILE G 97 -21.69 -2.39 -72.52
CA ILE G 97 -22.81 -3.30 -72.36
C ILE G 97 -22.29 -4.54 -71.66
N LYS G 98 -22.70 -4.72 -70.40
CA LYS G 98 -22.37 -5.95 -69.69
C LYS G 98 -23.30 -7.07 -70.17
N VAL G 99 -22.74 -8.26 -70.31
CA VAL G 99 -23.56 -9.40 -70.66
C VAL G 99 -23.88 -10.20 -69.41
N SER G 100 -25.06 -10.80 -69.40
CA SER G 100 -25.55 -11.53 -68.23
C SER G 100 -25.38 -13.03 -68.47
N LEU G 101 -25.76 -13.79 -67.45
CA LEU G 101 -25.72 -15.25 -67.50
C LEU G 101 -26.79 -15.76 -66.56
N LEU G 102 -27.28 -16.97 -66.82
CA LEU G 102 -28.30 -17.58 -65.96
C LEU G 102 -27.60 -18.08 -64.70
N GLY G 103 -27.27 -17.13 -63.82
CA GLY G 103 -26.83 -17.39 -62.47
C GLY G 103 -25.51 -18.09 -62.22
N ILE G 104 -24.38 -17.49 -62.60
CA ILE G 104 -23.13 -17.92 -61.99
C ILE G 104 -22.42 -16.69 -61.42
N PHE G 105 -22.70 -15.52 -62.00
CA PHE G 105 -21.98 -14.27 -61.77
C PHE G 105 -22.66 -13.20 -62.62
N ASP G 106 -22.42 -11.94 -62.27
CA ASP G 106 -23.09 -10.84 -62.98
C ASP G 106 -22.16 -9.75 -63.48
N ASP G 107 -21.10 -9.42 -62.75
CA ASP G 107 -20.32 -8.20 -63.01
C ASP G 107 -19.13 -8.51 -63.93
N ILE G 108 -19.44 -8.74 -65.20
CA ILE G 108 -18.42 -8.99 -66.21
C ILE G 108 -18.46 -7.87 -67.25
N PHE G 109 -18.73 -6.64 -66.78
CA PHE G 109 -18.83 -5.44 -67.60
C PHE G 109 -17.57 -5.19 -68.41
N ILE G 110 -17.76 -4.88 -69.69
CA ILE G 110 -16.64 -4.75 -70.63
C ILE G 110 -16.24 -3.29 -70.75
N PRO G 111 -14.94 -3.00 -70.82
CA PRO G 111 -14.48 -1.63 -71.07
C PRO G 111 -14.66 -1.20 -72.52
N GLN G 112 -14.05 -0.06 -72.86
CA GLN G 112 -14.14 0.54 -74.19
C GLN G 112 -13.03 0.09 -75.11
N ASN G 113 -12.66 -1.20 -75.03
CA ASN G 113 -11.82 -1.84 -76.04
C ASN G 113 -12.43 -1.65 -77.43
N MET G 114 -11.54 -1.64 -78.44
CA MET G 114 -11.69 -0.98 -79.73
C MET G 114 -13.04 -1.16 -80.44
N LEU G 115 -13.34 -2.39 -80.86
CA LEU G 115 -14.67 -2.83 -81.33
C LEU G 115 -15.25 -2.09 -82.54
N PHE G 116 -14.50 -1.15 -83.12
CA PHE G 116 -14.72 -0.55 -84.44
C PHE G 116 -15.99 0.29 -84.61
N GLU G 117 -16.86 0.32 -83.61
CA GLU G 117 -18.14 1.05 -83.69
C GLU G 117 -18.50 1.56 -82.30
N GLY G 118 -19.75 1.95 -82.12
CA GLY G 118 -20.24 2.40 -80.83
C GLY G 118 -20.97 3.74 -80.88
N CYS G 119 -22.22 3.75 -80.43
CA CYS G 119 -22.99 4.98 -80.35
C CYS G 119 -22.91 5.56 -78.94
N TYR G 120 -23.73 6.57 -78.65
CA TYR G 120 -23.75 7.15 -77.32
C TYR G 120 -24.47 6.24 -76.33
N TYR G 121 -25.75 5.98 -76.59
CA TYR G 121 -26.56 5.05 -75.82
C TYR G 121 -27.57 4.42 -76.77
N THR G 122 -28.64 3.88 -76.21
CA THR G 122 -29.72 3.18 -76.92
C THR G 122 -30.84 4.13 -77.34
N PRO G 123 -30.92 4.58 -78.62
CA PRO G 123 -32.05 5.43 -79.00
C PRO G 123 -33.39 4.73 -79.19
N GLU G 124 -33.47 3.80 -80.15
CA GLU G 124 -34.72 3.13 -80.49
C GLU G 124 -34.79 1.68 -79.99
N GLU G 125 -34.60 1.48 -78.69
CA GLU G 125 -34.68 0.16 -78.03
C GLU G 125 -33.76 -0.89 -78.67
N SER G 126 -32.61 -0.44 -79.16
CA SER G 126 -31.58 -1.34 -79.70
C SER G 126 -30.25 -0.97 -79.06
N ALA G 127 -29.64 -1.92 -78.34
CA ALA G 127 -28.48 -1.63 -77.51
C ALA G 127 -27.25 -1.31 -78.36
N TRP G 128 -26.81 -2.28 -79.15
CA TRP G 128 -25.70 -2.09 -80.08
C TRP G 128 -26.19 -2.26 -81.51
N ILE G 129 -25.96 -1.23 -82.32
CA ILE G 129 -26.18 -1.28 -83.76
C ILE G 129 -24.83 -1.47 -84.42
N TRP G 130 -24.75 -2.46 -85.32
CA TRP G 130 -23.50 -2.78 -86.03
C TRP G 130 -23.71 -2.51 -87.51
N PRO G 131 -23.47 -1.27 -87.98
CA PRO G 131 -23.66 -0.98 -89.41
C PRO G 131 -22.66 -1.67 -90.32
N MET G 132 -21.36 -1.43 -90.10
CA MET G 132 -20.25 -1.95 -90.92
C MET G 132 -20.48 -1.70 -92.41
N ASP G 133 -20.48 -0.41 -92.76
CA ASP G 133 -20.91 0.06 -94.08
C ASP G 133 -20.02 -0.50 -95.19
N GLU G 134 -20.60 -1.30 -96.09
CA GLU G 134 -22.06 -1.54 -96.13
C GLU G 134 -22.43 -3.03 -96.12
N GLU G 135 -21.87 -3.79 -95.19
CA GLU G 135 -22.15 -5.22 -95.08
C GLU G 135 -22.58 -5.57 -93.66
N THR G 136 -23.65 -6.35 -93.55
CA THR G 136 -24.20 -6.90 -92.30
C THR G 136 -24.55 -5.79 -91.30
N LYS G 137 -25.58 -5.02 -91.68
CA LYS G 137 -26.06 -3.90 -90.88
C LYS G 137 -27.08 -4.30 -89.83
N LEU G 138 -27.08 -5.55 -89.38
CA LEU G 138 -28.02 -6.03 -88.38
C LEU G 138 -27.62 -5.56 -86.99
N TYR G 139 -28.51 -5.84 -86.03
CA TYR G 139 -28.30 -5.51 -84.63
C TYR G 139 -28.80 -6.67 -83.79
N PHE G 140 -28.87 -6.48 -82.47
CA PHE G 140 -29.42 -7.49 -81.58
C PHE G 140 -30.17 -6.80 -80.44
N ASP G 141 -31.34 -7.34 -80.11
CA ASP G 141 -32.17 -6.85 -79.02
C ASP G 141 -31.79 -7.65 -77.77
N VAL G 142 -32.62 -7.56 -76.72
CA VAL G 142 -32.34 -8.29 -75.48
C VAL G 142 -32.54 -9.79 -75.69
N ASN G 143 -31.91 -10.57 -74.80
CA ASN G 143 -31.87 -12.03 -74.82
C ASN G 143 -31.31 -12.55 -76.14
N GLU G 144 -30.07 -12.15 -76.41
CA GLU G 144 -29.31 -12.63 -77.57
C GLU G 144 -28.03 -13.29 -77.06
N LYS G 145 -27.80 -14.53 -77.46
CA LYS G 145 -26.70 -15.33 -76.95
C LYS G 145 -25.37 -14.76 -77.45
N ILE G 146 -24.61 -14.16 -76.54
CA ILE G 146 -23.38 -13.46 -76.86
C ILE G 146 -22.20 -14.29 -76.34
N ARG G 147 -21.27 -14.62 -77.24
CA ARG G 147 -20.00 -15.22 -76.87
C ARG G 147 -18.97 -14.11 -76.77
N PHE G 148 -18.22 -14.09 -75.68
CA PHE G 148 -17.26 -13.04 -75.42
C PHE G 148 -15.87 -13.61 -75.13
N ARG G 149 -14.85 -12.81 -75.43
CA ARG G 149 -13.45 -13.22 -75.31
C ARG G 149 -12.91 -12.70 -73.99
N ILE G 150 -12.49 -13.62 -73.12
CA ILE G 150 -12.11 -13.27 -71.76
C ILE G 150 -10.66 -12.81 -71.71
N GLU G 151 -10.35 -11.93 -70.74
CA GLU G 151 -8.98 -11.56 -70.42
C GLU G 151 -8.46 -12.45 -69.29
N ARG G 152 -7.36 -12.04 -68.66
CA ARG G 152 -6.80 -12.75 -67.51
C ARG G 152 -7.70 -12.58 -66.29
N GLU G 153 -7.30 -13.21 -65.19
CA GLU G 153 -8.03 -13.14 -63.93
C GLU G 153 -7.67 -11.83 -63.23
N VAL G 154 -8.59 -10.87 -63.27
CA VAL G 154 -8.41 -9.59 -62.57
C VAL G 154 -9.22 -9.64 -61.28
N PHE G 155 -8.59 -10.13 -60.22
CA PHE G 155 -9.27 -10.50 -58.98
C PHE G 155 -8.98 -9.56 -57.82
N VAL G 156 -8.88 -8.26 -58.09
CA VAL G 156 -8.56 -7.27 -57.07
C VAL G 156 -9.70 -7.12 -56.05
N ASP G 157 -9.45 -7.55 -54.83
CA ASP G 157 -10.42 -7.50 -53.74
C ASP G 157 -9.76 -6.91 -52.51
N VAL G 158 -10.25 -5.75 -52.09
CA VAL G 158 -9.66 -4.98 -50.99
C VAL G 158 -10.71 -4.85 -49.89
N LYS G 159 -10.27 -4.85 -48.64
CA LYS G 159 -11.12 -4.60 -47.47
C LYS G 159 -10.64 -3.34 -46.76
N PRO G 160 -10.96 -2.12 -47.30
CA PRO G 160 -10.51 -0.87 -46.68
C PRO G 160 -11.53 -0.30 -45.68
N LYS G 161 -12.05 -1.15 -44.81
CA LYS G 161 -13.20 -0.78 -43.98
C LYS G 161 -12.73 -0.49 -42.56
N SER G 162 -12.33 0.75 -42.34
CA SER G 162 -12.16 1.26 -40.98
C SER G 162 -13.53 1.52 -40.38
N PRO G 163 -13.68 1.40 -39.04
CA PRO G 163 -14.99 1.65 -38.43
C PRO G 163 -15.48 3.08 -38.52
N LYS G 164 -14.60 4.06 -38.73
CA LYS G 164 -15.05 5.42 -38.99
C LYS G 164 -15.90 5.48 -40.26
N GLU G 165 -15.42 4.89 -41.35
CA GLU G 165 -16.23 4.75 -42.54
C GLU G 165 -17.42 3.81 -42.32
N ARG G 166 -17.35 2.88 -41.36
CA ARG G 166 -18.52 2.08 -41.06
C ARG G 166 -19.63 2.91 -40.43
N GLU G 167 -19.31 3.79 -39.47
CA GLU G 167 -20.38 4.62 -38.92
C GLU G 167 -20.77 5.75 -39.85
N LEU G 168 -19.91 6.14 -40.79
CA LEU G 168 -20.37 6.95 -41.92
C LEU G 168 -21.41 6.21 -42.75
N GLU G 169 -21.20 4.91 -42.98
CA GLU G 169 -22.21 4.14 -43.70
C GLU G 169 -23.47 3.92 -42.86
N GLU G 170 -23.35 3.82 -41.53
CA GLU G 170 -24.58 3.72 -40.73
C GLU G 170 -25.32 5.05 -40.64
N ARG G 171 -24.63 6.18 -40.79
CA ARG G 171 -25.32 7.44 -41.03
C ARG G 171 -25.92 7.50 -42.43
N ALA G 172 -25.35 6.79 -43.39
CA ALA G 172 -25.88 6.76 -44.74
C ALA G 172 -26.96 5.69 -44.97
N GLN G 173 -27.17 4.78 -44.02
CA GLN G 173 -28.33 3.91 -44.14
C GLN G 173 -29.64 4.65 -43.93
N LEU G 174 -29.64 5.70 -43.09
CA LEU G 174 -30.82 6.54 -42.93
C LEU G 174 -31.07 7.43 -44.14
N GLU G 175 -30.07 7.61 -45.00
CA GLU G 175 -30.27 8.26 -46.30
C GLU G 175 -31.17 7.42 -47.20
N ASN G 176 -31.15 6.09 -47.03
CA ASN G 176 -31.93 5.19 -47.87
C ASN G 176 -33.38 5.07 -47.45
N GLU G 177 -33.76 5.62 -46.28
CA GLU G 177 -35.10 5.38 -45.75
C GLU G 177 -36.16 6.18 -46.50
N ILE G 178 -36.11 7.50 -46.42
CA ILE G 178 -37.07 8.36 -47.07
C ILE G 178 -36.36 9.59 -47.65
N GLU G 179 -36.40 9.74 -48.97
CA GLU G 179 -35.98 10.91 -49.75
C GLU G 179 -36.44 10.66 -51.18
N GLY G 180 -36.63 11.75 -51.92
CA GLY G 180 -37.09 11.63 -53.30
C GLY G 180 -36.06 11.00 -54.22
N LYS G 181 -34.82 11.50 -54.20
CA LYS G 181 -33.77 10.93 -55.05
C LYS G 181 -32.43 11.09 -54.31
N ASN G 182 -32.07 10.08 -53.53
CA ASN G 182 -30.76 10.08 -52.85
C ASN G 182 -29.67 9.48 -53.74
N GLU G 183 -29.73 8.17 -53.99
CA GLU G 183 -28.87 7.40 -54.89
C GLU G 183 -27.37 7.58 -54.64
N GLU G 184 -26.93 7.85 -53.41
CA GLU G 184 -25.50 7.97 -53.16
C GLU G 184 -24.85 6.60 -52.92
N THR G 185 -25.26 5.92 -51.86
CA THR G 185 -24.64 4.65 -51.45
C THR G 185 -24.96 3.37 -52.24
N PRO G 186 -26.16 3.09 -52.80
CA PRO G 186 -26.33 1.76 -53.42
C PRO G 186 -25.65 1.60 -54.77
N GLN G 187 -25.27 2.69 -55.43
CA GLN G 187 -24.57 2.59 -56.70
C GLN G 187 -23.08 2.28 -56.53
N ASN G 188 -22.54 2.48 -55.33
CA ASN G 188 -21.12 2.24 -55.04
C ASN G 188 -21.01 0.92 -54.29
N GLU G 189 -20.79 -0.16 -55.04
CA GLU G 189 -20.63 -1.50 -54.48
C GLU G 189 -19.27 -2.04 -54.91
N LYS G 190 -18.66 -2.83 -54.03
CA LYS G 190 -17.38 -3.45 -54.31
C LYS G 190 -17.50 -4.44 -55.47
N PRO G 191 -16.77 -4.26 -56.56
CA PRO G 191 -16.85 -5.21 -57.69
C PRO G 191 -16.15 -6.51 -57.35
N PRO G 192 -16.88 -7.63 -57.36
CA PRO G 192 -16.30 -8.89 -56.88
C PRO G 192 -15.37 -9.58 -57.87
N ALA G 193 -14.06 -9.40 -57.70
CA ALA G 193 -12.97 -10.23 -58.23
C ALA G 193 -12.96 -10.37 -59.75
N TYR G 194 -13.75 -9.60 -60.50
CA TYR G 194 -13.82 -9.77 -61.95
C TYR G 194 -14.16 -8.43 -62.58
N ALA G 195 -13.30 -7.95 -63.48
CA ALA G 195 -13.58 -6.81 -64.36
C ALA G 195 -13.17 -7.26 -65.76
N LEU G 196 -14.09 -7.95 -66.44
CA LEU G 196 -13.76 -8.82 -67.57
C LEU G 196 -14.14 -8.15 -68.88
N LEU G 197 -13.22 -8.16 -69.84
CA LEU G 197 -13.47 -7.52 -71.13
C LEU G 197 -14.01 -8.53 -72.13
N GLY G 198 -14.28 -8.02 -73.34
CA GLY G 198 -14.69 -8.83 -74.46
C GLY G 198 -14.35 -8.11 -75.75
N SER G 199 -14.20 -8.88 -76.82
CA SER G 199 -13.85 -8.31 -78.11
C SER G 199 -14.83 -8.63 -79.23
N CYS G 200 -15.78 -9.54 -79.01
CA CYS G 200 -16.77 -9.84 -80.02
C CYS G 200 -18.10 -10.13 -79.33
N GLN G 201 -19.20 -9.92 -80.05
CA GLN G 201 -20.52 -10.17 -79.52
C GLN G 201 -21.46 -10.84 -80.51
N THR G 202 -21.01 -11.10 -81.76
CA THR G 202 -21.62 -11.90 -82.82
C THR G 202 -22.81 -11.17 -83.47
N ASP G 203 -23.25 -10.06 -82.87
CA ASP G 203 -24.24 -9.12 -83.44
C ASP G 203 -25.55 -9.80 -83.83
N GLY G 204 -25.93 -10.84 -83.08
CA GLY G 204 -27.02 -11.69 -83.49
C GLY G 204 -26.56 -13.09 -83.82
N MET G 205 -27.05 -13.65 -84.93
CA MET G 205 -26.71 -14.99 -85.37
C MET G 205 -26.30 -14.99 -86.84
N GLY G 206 -25.40 -14.08 -87.21
CA GLY G 206 -24.96 -13.99 -88.58
C GLY G 206 -23.49 -13.64 -88.74
N LEU G 207 -22.71 -13.84 -87.69
CA LEU G 207 -21.29 -13.50 -87.68
C LEU G 207 -20.50 -14.72 -87.25
N VAL G 208 -19.29 -14.87 -87.81
CA VAL G 208 -18.52 -16.08 -87.55
C VAL G 208 -17.33 -15.83 -86.63
N SER G 209 -16.33 -15.07 -87.11
CA SER G 209 -15.08 -15.00 -86.36
C SER G 209 -14.35 -13.66 -86.42
N TRP G 210 -14.89 -12.62 -87.04
CA TRP G 210 -14.10 -11.46 -87.39
C TRP G 210 -13.85 -10.56 -86.17
N TRP G 211 -12.93 -9.60 -86.37
CA TRP G 211 -12.36 -8.66 -85.41
C TRP G 211 -11.99 -9.27 -84.05
N GLU G 212 -11.45 -10.49 -84.08
CA GLU G 212 -10.93 -11.23 -82.91
C GLU G 212 -11.96 -11.39 -81.79
N MET H 1 -23.40 -89.35 20.25
CA MET H 1 -22.19 -89.87 19.61
C MET H 1 -20.97 -89.06 20.00
N SER H 2 -19.86 -89.29 19.31
CA SER H 2 -18.59 -88.60 19.59
C SER H 2 -18.68 -87.17 19.10
N ASN H 3 -18.79 -86.22 20.02
CA ASN H 3 -18.79 -84.81 19.69
C ASN H 3 -17.84 -83.97 20.53
N THR H 4 -17.34 -84.48 21.65
CA THR H 4 -16.40 -83.73 22.47
C THR H 4 -14.99 -83.85 21.92
N LEU H 5 -14.18 -82.83 22.20
CA LEU H 5 -12.81 -82.76 21.72
C LEU H 5 -11.77 -82.59 22.81
N PHE H 6 -12.18 -82.24 24.03
CA PHE H 6 -11.26 -82.04 25.14
C PHE H 6 -12.04 -82.20 26.43
N ASP H 7 -11.41 -82.80 27.44
CA ASP H 7 -12.04 -82.96 28.75
C ASP H 7 -10.95 -83.16 29.80
N ASP H 8 -10.87 -82.25 30.76
CA ASP H 8 -9.91 -82.38 31.85
C ASP H 8 -10.41 -81.54 33.02
N ILE H 9 -10.13 -82.03 34.24
CA ILE H 9 -10.55 -81.37 35.47
C ILE H 9 -9.46 -80.40 35.90
N PHE H 10 -9.81 -79.13 36.04
CA PHE H 10 -8.87 -78.07 36.36
C PHE H 10 -9.24 -77.41 37.69
N GLN H 11 -8.31 -76.63 38.22
CA GLN H 11 -8.55 -75.85 39.43
C GLN H 11 -8.11 -74.42 39.18
N VAL H 12 -8.90 -73.46 39.67
CA VAL H 12 -8.61 -72.04 39.48
C VAL H 12 -7.62 -71.60 40.56
N SER H 13 -6.52 -70.97 40.13
CA SER H 13 -5.42 -70.65 41.02
C SER H 13 -5.50 -69.23 41.57
N GLU H 14 -5.50 -68.22 40.70
CA GLU H 14 -5.63 -66.83 41.14
C GLU H 14 -6.65 -66.10 40.27
N VAL H 15 -7.32 -65.13 40.89
CA VAL H 15 -8.32 -64.29 40.23
C VAL H 15 -7.90 -62.83 40.44
N ASP H 16 -7.78 -62.09 39.34
CA ASP H 16 -7.43 -60.67 39.39
C ASP H 16 -8.48 -59.83 38.68
N PRO H 17 -9.40 -59.19 39.43
CA PRO H 17 -10.46 -58.39 38.80
C PRO H 17 -10.05 -56.95 38.51
N GLY H 18 -8.74 -56.66 38.52
CA GLY H 18 -8.21 -55.31 38.36
C GLY H 18 -8.56 -54.60 37.07
N ARG H 19 -9.00 -53.34 37.21
CA ARG H 19 -9.46 -52.46 36.12
C ARG H 19 -10.64 -53.04 35.34
N TYR H 20 -11.40 -53.95 35.96
CA TYR H 20 -12.52 -54.63 35.33
C TYR H 20 -13.77 -54.37 36.16
N ASN H 21 -14.93 -54.69 35.59
CA ASN H 21 -16.19 -54.53 36.31
C ASN H 21 -16.97 -55.83 36.43
N LYS H 22 -17.13 -56.58 35.34
CA LYS H 22 -17.88 -57.83 35.37
C LYS H 22 -17.17 -58.94 34.62
N VAL H 23 -16.26 -58.58 33.72
CA VAL H 23 -15.56 -59.56 32.90
C VAL H 23 -14.14 -59.68 33.43
N CYS H 24 -13.83 -60.81 34.05
CA CYS H 24 -12.55 -61.03 34.70
C CYS H 24 -11.78 -62.16 34.00
N ARG H 25 -10.47 -61.99 33.88
CA ARG H 25 -9.59 -62.93 33.21
C ARG H 25 -8.95 -63.84 34.27
N ILE H 26 -9.29 -65.12 34.23
CA ILE H 26 -8.83 -66.08 35.24
C ILE H 26 -7.89 -67.09 34.61
N GLU H 27 -7.02 -67.66 35.44
CA GLU H 27 -6.12 -68.71 35.01
C GLU H 27 -6.38 -69.98 35.83
N ALA H 28 -5.90 -71.11 35.31
CA ALA H 28 -6.19 -72.40 35.92
C ALA H 28 -5.08 -73.38 35.60
N ALA H 29 -4.65 -74.13 36.61
CA ALA H 29 -3.68 -75.19 36.43
C ALA H 29 -4.42 -76.50 36.12
N SER H 30 -3.71 -77.63 36.18
CA SER H 30 -4.28 -78.91 35.82
C SER H 30 -3.93 -79.98 36.84
N THR H 31 -4.53 -81.14 36.66
CA THR H 31 -4.17 -82.36 37.39
C THR H 31 -3.95 -83.48 36.39
N THR H 32 -3.17 -84.48 36.82
CA THR H 32 -2.88 -85.77 36.17
C THR H 32 -1.98 -85.62 34.93
N GLN H 33 -1.75 -84.39 34.46
CA GLN H 33 -0.75 -84.12 33.44
C GLN H 33 0.25 -83.05 33.86
N ASP H 34 -0.16 -82.11 34.72
CA ASP H 34 0.67 -81.07 35.34
C ASP H 34 1.31 -80.11 34.34
N GLN H 35 0.86 -80.09 33.09
CA GLN H 35 1.37 -79.18 32.09
C GLN H 35 0.29 -78.42 31.33
N CYS H 36 -0.97 -78.86 31.38
CA CYS H 36 -2.04 -78.24 30.62
C CYS H 36 -2.53 -77.00 31.38
N LYS H 37 -1.81 -75.91 31.20
CA LYS H 37 -2.18 -74.64 31.81
C LYS H 37 -3.33 -74.01 31.04
N LEU H 38 -3.91 -72.95 31.62
CA LEU H 38 -5.09 -72.31 31.05
C LEU H 38 -5.14 -70.87 31.52
N THR H 39 -5.66 -70.00 30.65
CA THR H 39 -5.93 -68.60 31.01
C THR H 39 -7.05 -68.11 30.09
N LEU H 40 -8.27 -68.00 30.64
CA LEU H 40 -9.39 -67.46 29.87
C LEU H 40 -10.10 -66.35 30.64
N ASP H 41 -11.25 -65.91 30.14
CA ASP H 41 -12.01 -64.84 30.79
C ASP H 41 -13.50 -65.13 30.71
N ILE H 42 -14.20 -64.81 31.79
CA ILE H 42 -15.63 -65.08 31.92
C ILE H 42 -16.33 -63.86 32.50
N ASN H 43 -17.66 -63.89 32.44
CA ASN H 43 -18.48 -62.86 33.05
C ASN H 43 -18.87 -63.32 34.46
N VAL H 44 -18.64 -62.45 35.46
CA VAL H 44 -18.87 -62.85 36.84
C VAL H 44 -20.35 -62.81 37.19
N GLU H 45 -21.17 -62.03 36.46
CA GLU H 45 -22.59 -61.98 36.75
C GLU H 45 -23.30 -63.23 36.26
N LEU H 46 -22.80 -63.82 35.18
CA LEU H 46 -23.36 -65.07 34.68
C LEU H 46 -22.73 -66.27 35.37
N PHE H 47 -21.48 -66.14 35.81
CA PHE H 47 -20.73 -67.25 36.40
C PHE H 47 -19.78 -66.71 37.45
N PRO H 48 -20.14 -66.76 38.73
CA PRO H 48 -19.21 -66.37 39.78
C PRO H 48 -18.14 -67.42 39.99
N VAL H 49 -16.92 -66.97 40.28
CA VAL H 49 -15.78 -67.86 40.46
C VAL H 49 -14.84 -67.22 41.48
N ALA H 50 -14.08 -68.07 42.18
CA ALA H 50 -13.10 -67.62 43.15
C ALA H 50 -11.90 -68.56 43.08
N ALA H 51 -11.01 -68.45 44.06
CA ALA H 51 -9.83 -69.29 44.09
C ALA H 51 -10.17 -70.69 44.60
N GLN H 52 -9.19 -71.59 44.50
CA GLN H 52 -9.18 -73.01 44.88
C GLN H 52 -10.46 -73.77 44.52
N ASP H 53 -11.03 -73.50 43.35
CA ASP H 53 -12.23 -74.16 42.91
C ASP H 53 -11.87 -75.44 42.15
N SER H 54 -12.89 -76.09 41.58
CA SER H 54 -12.71 -77.28 40.74
C SER H 54 -13.52 -77.05 39.47
N LEU H 55 -12.81 -76.83 38.35
CA LEU H 55 -13.42 -76.32 37.14
C LEU H 55 -13.26 -77.35 36.03
N THR H 56 -14.33 -77.56 35.27
CA THR H 56 -14.34 -78.52 34.16
C THR H 56 -14.34 -77.75 32.84
N VAL H 57 -13.43 -78.10 31.93
CA VAL H 57 -13.27 -77.42 30.66
C VAL H 57 -13.47 -78.42 29.53
N THR H 58 -14.34 -78.07 28.58
CA THR H 58 -14.63 -78.95 27.45
C THR H 58 -14.93 -78.10 26.23
N ILE H 59 -14.13 -78.23 25.18
CA ILE H 59 -14.41 -77.58 23.90
C ILE H 59 -14.92 -78.65 22.94
N ALA H 60 -15.96 -78.30 22.19
CA ALA H 60 -16.65 -79.29 21.37
C ALA H 60 -17.43 -78.57 20.27
N SER H 61 -18.09 -79.37 19.43
CA SER H 61 -18.97 -78.91 18.37
C SER H 61 -20.14 -79.88 18.25
N SER H 62 -21.12 -79.51 17.41
CA SER H 62 -22.28 -80.33 17.06
C SER H 62 -23.08 -80.71 18.32
N LEU H 63 -23.73 -79.69 18.88
CA LEU H 63 -24.30 -79.65 20.22
C LEU H 63 -25.10 -80.89 20.63
N ASN H 64 -26.20 -81.19 19.93
CA ASN H 64 -26.96 -82.37 20.28
C ASN H 64 -26.28 -83.62 19.73
N LEU H 65 -26.44 -84.74 20.45
CA LEU H 65 -25.69 -85.94 20.12
C LEU H 65 -26.33 -86.72 18.97
N GLU H 66 -27.65 -86.62 18.80
CA GLU H 66 -28.31 -87.45 17.80
C GLU H 66 -28.21 -86.84 16.41
N ASP H 67 -28.84 -85.69 16.19
CA ASP H 67 -28.97 -85.06 14.89
C ASP H 67 -29.56 -83.66 15.07
N THR H 68 -29.20 -82.76 14.15
CA THR H 68 -29.82 -81.45 14.09
C THR H 68 -29.97 -80.98 12.65
N PRO H 69 -31.13 -80.40 12.29
CA PRO H 69 -31.28 -79.71 11.00
C PRO H 69 -30.95 -78.23 11.09
N ALA H 70 -29.78 -77.91 11.64
CA ALA H 70 -29.41 -76.53 11.90
C ALA H 70 -28.74 -75.86 10.71
N ASN H 71 -27.88 -76.58 9.99
CA ASN H 71 -27.22 -76.02 8.82
C ASN H 71 -28.20 -75.82 7.68
N ASP H 72 -29.01 -76.84 7.40
CA ASP H 72 -30.06 -76.76 6.38
C ASP H 72 -31.40 -76.33 7.00
N SER H 73 -31.40 -75.20 7.69
CA SER H 73 -32.60 -74.69 8.35
C SER H 73 -33.36 -73.75 7.41
N SER H 74 -33.84 -74.35 6.31
CA SER H 74 -34.66 -73.72 5.26
C SER H 74 -33.95 -72.54 4.58
N ALA H 75 -32.62 -72.49 4.65
CA ALA H 75 -31.75 -71.51 3.98
C ALA H 75 -32.12 -70.07 4.34
N THR H 76 -31.97 -69.76 5.63
CA THR H 76 -32.28 -68.42 6.13
C THR H 76 -31.06 -67.52 6.26
N ARG H 77 -29.85 -68.11 6.23
CA ARG H 77 -28.57 -67.40 6.37
C ARG H 77 -28.49 -66.60 7.66
N SER H 78 -29.06 -67.15 8.73
CA SER H 78 -29.07 -66.51 10.04
C SER H 78 -28.74 -67.57 11.08
N TRP H 79 -28.95 -67.23 12.35
CA TRP H 79 -28.69 -68.14 13.46
C TRP H 79 -30.02 -68.49 14.14
N ARG H 80 -30.51 -69.70 13.86
CA ARG H 80 -31.67 -70.20 14.58
C ARG H 80 -31.23 -70.66 15.97
N PRO H 81 -31.78 -70.08 17.04
CA PRO H 81 -31.37 -70.48 18.38
C PRO H 81 -31.90 -71.85 18.74
N PRO H 82 -31.24 -72.57 19.66
CA PRO H 82 -31.76 -73.88 20.07
C PRO H 82 -33.05 -73.74 20.88
N GLN H 83 -34.11 -74.39 20.39
CA GLN H 83 -35.42 -74.26 20.98
C GLN H 83 -35.53 -75.14 22.22
N ALA H 84 -36.36 -74.70 23.17
CA ALA H 84 -36.70 -75.53 24.31
C ALA H 84 -37.53 -76.74 23.87
N GLY H 85 -37.64 -77.73 24.76
CA GLY H 85 -38.21 -78.98 24.33
C GLY H 85 -37.13 -79.98 23.94
N ASP H 86 -36.78 -79.98 22.66
CA ASP H 86 -35.80 -80.88 22.05
C ASP H 86 -34.47 -80.91 22.80
N ARG H 87 -33.84 -82.09 22.80
CA ARG H 87 -32.66 -82.34 23.61
C ARG H 87 -31.44 -81.68 23.00
N SER H 88 -30.66 -80.98 23.83
CA SER H 88 -29.43 -80.34 23.39
C SER H 88 -28.39 -80.46 24.49
N LEU H 89 -27.19 -79.96 24.23
CA LEU H 89 -26.09 -80.06 25.19
C LEU H 89 -26.21 -78.94 26.22
N ALA H 90 -25.46 -79.11 27.32
CA ALA H 90 -25.36 -78.16 28.44
C ALA H 90 -26.69 -77.93 29.13
N ASP H 91 -27.55 -78.96 29.16
CA ASP H 91 -28.73 -78.95 30.00
C ASP H 91 -28.42 -79.39 31.42
N ASP H 92 -27.44 -80.28 31.58
CA ASP H 92 -26.93 -80.66 32.89
C ASP H 92 -25.65 -79.92 33.28
N TYR H 93 -25.13 -79.07 32.40
CA TYR H 93 -23.96 -78.26 32.68
C TYR H 93 -24.39 -76.86 33.11
N ASP H 94 -23.40 -75.98 33.31
CA ASP H 94 -23.65 -74.66 33.87
C ASP H 94 -23.34 -73.53 32.89
N TYR H 95 -22.12 -73.46 32.37
CA TYR H 95 -21.66 -72.27 31.66
C TYR H 95 -20.98 -72.68 30.36
N VAL H 96 -21.13 -71.83 29.33
CA VAL H 96 -20.63 -72.11 27.99
C VAL H 96 -20.07 -70.83 27.37
N MET H 97 -19.54 -70.99 26.16
CA MET H 97 -19.06 -69.90 25.32
C MET H 97 -19.37 -70.22 23.86
N TYR H 98 -18.81 -69.41 22.96
CA TYR H 98 -18.80 -69.70 21.53
C TYR H 98 -17.69 -68.89 20.90
N GLY H 99 -17.02 -69.46 19.91
CA GLY H 99 -15.96 -68.75 19.22
C GLY H 99 -15.21 -69.68 18.28
N THR H 100 -13.99 -69.27 17.98
CA THR H 100 -13.09 -70.03 17.11
C THR H 100 -11.65 -69.73 17.49
N ALA H 101 -10.72 -70.37 16.80
CA ALA H 101 -9.30 -70.17 17.00
C ALA H 101 -8.72 -69.34 15.88
N TYR H 102 -7.52 -68.80 16.11
CA TYR H 102 -6.86 -67.97 15.11
C TYR H 102 -5.39 -68.31 14.87
N LYS H 103 -4.71 -68.95 15.82
CA LYS H 103 -3.32 -69.35 15.59
C LYS H 103 -3.00 -70.57 16.45
N PHE H 104 -1.91 -71.24 16.09
CA PHE H 104 -1.42 -72.40 16.84
C PHE H 104 0.10 -72.32 16.86
N GLU H 105 0.68 -72.33 18.06
CA GLU H 105 2.13 -72.36 18.20
C GLU H 105 2.49 -73.17 19.43
N GLU H 106 3.78 -73.46 19.55
CA GLU H 106 4.33 -74.22 20.66
C GLU H 106 5.10 -73.30 21.60
N VAL H 107 5.49 -73.83 22.75
CA VAL H 107 6.46 -73.11 23.57
C VAL H 107 7.73 -73.94 23.57
N SER H 108 8.53 -73.77 22.51
CA SER H 108 9.91 -74.20 22.29
C SER H 108 10.13 -75.71 22.24
N LYS H 109 9.20 -76.51 22.78
CA LYS H 109 9.29 -77.97 22.88
C LYS H 109 7.92 -78.56 23.20
N ASP H 110 7.32 -79.30 22.26
CA ASP H 110 6.34 -80.37 22.53
C ASP H 110 5.00 -79.87 23.13
N LEU H 111 4.85 -78.58 23.44
CA LEU H 111 3.68 -78.06 24.13
C LEU H 111 2.98 -77.05 23.24
N ILE H 112 2.04 -77.52 22.42
CA ILE H 112 1.32 -76.69 21.46
C ILE H 112 0.34 -75.81 22.23
N ALA H 113 0.67 -74.53 22.37
CA ALA H 113 -0.21 -73.60 23.06
C ALA H 113 -1.40 -73.25 22.18
N VAL H 114 -2.49 -73.98 22.33
CA VAL H 114 -3.68 -73.78 21.51
C VAL H 114 -4.42 -72.54 22.03
N TYR H 115 -4.62 -71.57 21.16
CA TYR H 115 -5.34 -70.36 21.48
C TYR H 115 -6.77 -70.43 20.94
N TYR H 116 -7.63 -69.57 21.49
CA TYR H 116 -8.98 -69.39 20.98
C TYR H 116 -9.33 -67.91 21.11
N SER H 117 -10.51 -67.58 20.58
CA SER H 117 -10.97 -66.19 20.56
C SER H 117 -12.50 -66.22 20.51
N PHE H 118 -13.12 -65.99 21.66
CA PHE H 118 -14.56 -66.18 21.82
C PHE H 118 -15.30 -64.87 21.60
N GLY H 119 -15.10 -64.30 20.41
CA GLY H 119 -15.72 -63.04 20.06
C GLY H 119 -15.24 -61.84 20.84
N GLY H 120 -14.09 -61.94 21.51
CA GLY H 120 -13.62 -60.86 22.34
C GLY H 120 -13.15 -61.34 23.70
N LEU H 121 -13.18 -62.66 23.88
CA LEU H 121 -12.84 -63.31 25.13
C LEU H 121 -11.76 -64.35 24.85
N LEU H 122 -10.54 -64.08 25.28
CA LEU H 122 -9.40 -64.91 24.93
C LEU H 122 -9.39 -66.20 25.74
N MET H 123 -8.65 -67.18 25.24
CA MET H 123 -8.56 -68.48 25.89
C MET H 123 -7.29 -69.16 25.40
N ARG H 124 -6.62 -69.88 26.30
CA ARG H 124 -5.43 -70.62 25.92
C ARG H 124 -5.38 -71.94 26.70
N LEU H 125 -4.79 -72.95 26.07
CA LEU H 125 -4.50 -74.22 26.69
C LEU H 125 -3.38 -74.89 25.89
N GLU H 126 -2.62 -75.75 26.54
CA GLU H 126 -1.48 -76.39 25.92
C GLU H 126 -1.44 -77.88 26.27
N GLY H 127 -0.84 -78.66 25.37
CA GLY H 127 -0.77 -80.10 25.58
C GLY H 127 0.38 -80.72 24.82
N ASN H 128 0.66 -81.97 25.13
CA ASN H 128 1.71 -82.75 24.50
C ASN H 128 1.19 -83.88 23.63
N TYR H 129 0.28 -84.70 24.14
CA TYR H 129 -0.40 -85.72 23.36
C TYR H 129 -1.84 -85.37 23.06
N ARG H 130 -2.46 -84.50 23.87
CA ARG H 130 -3.81 -84.01 23.66
C ARG H 130 -3.87 -82.94 22.57
N ASN H 131 -2.71 -82.52 22.05
CA ASN H 131 -2.64 -81.50 20.99
C ASN H 131 -3.28 -81.96 19.68
N LEU H 132 -3.45 -83.27 19.48
CA LEU H 132 -4.16 -83.76 18.31
C LEU H 132 -5.67 -83.57 18.50
N ASN H 133 -6.42 -83.90 17.43
CA ASN H 133 -7.88 -83.80 17.35
C ASN H 133 -8.35 -82.36 17.62
N ASN H 134 -7.58 -81.40 17.15
CA ASN H 134 -7.92 -79.99 17.28
C ASN H 134 -8.11 -79.36 15.92
N LEU H 135 -8.86 -78.27 15.90
CA LEU H 135 -9.23 -77.60 14.66
C LEU H 135 -9.60 -76.16 14.96
N LYS H 136 -9.54 -75.32 13.93
CA LYS H 136 -9.82 -73.89 14.04
C LYS H 136 -11.10 -73.49 13.32
N GLN H 137 -12.03 -74.43 13.17
CA GLN H 137 -13.30 -74.12 12.53
C GLN H 137 -14.18 -73.28 13.45
N GLU H 138 -15.21 -72.67 12.85
CA GLU H 138 -15.95 -71.58 13.48
C GLU H 138 -17.11 -72.06 14.33
N ASN H 139 -17.04 -73.28 14.88
CA ASN H 139 -18.13 -73.82 15.68
C ASN H 139 -17.60 -74.44 16.97
N ALA H 140 -16.71 -73.74 17.66
CA ALA H 140 -16.23 -74.21 18.95
C ALA H 140 -17.20 -73.84 20.05
N TYR H 141 -17.30 -74.72 21.05
CA TYR H 141 -18.23 -74.54 22.16
C TYR H 141 -17.52 -74.91 23.45
N LEU H 142 -17.13 -73.90 24.24
CA LEU H 142 -16.58 -74.16 25.56
C LEU H 142 -17.70 -74.66 26.47
N LEU H 143 -17.34 -75.49 27.45
CA LEU H 143 -18.31 -76.08 28.36
C LEU H 143 -17.75 -76.07 29.77
N ILE H 144 -18.40 -75.33 30.67
CA ILE H 144 -17.89 -75.09 32.01
C ILE H 144 -18.95 -75.51 33.01
N ARG H 145 -18.58 -76.37 33.95
CA ARG H 145 -19.44 -76.75 35.05
C ARG H 145 -18.61 -76.94 36.31
N ARG H 146 -19.04 -76.35 37.41
CA ARG H 146 -18.34 -76.49 38.68
C ARG H 146 -19.28 -76.98 39.78
N MET I 1 50.77 4.87 30.77
CA MET I 1 51.26 5.09 32.12
C MET I 1 50.12 5.44 33.07
N LEU I 2 49.14 6.20 32.55
CA LEU I 2 48.01 6.75 33.29
C LEU I 2 48.50 7.58 34.48
N SER I 3 49.14 8.70 34.13
CA SER I 3 49.93 9.49 35.07
C SER I 3 49.03 10.22 36.07
N PHE I 4 49.69 10.86 37.04
CA PHE I 4 49.05 11.43 38.22
C PHE I 4 49.64 12.81 38.56
N CYS I 5 50.12 13.51 37.53
CA CYS I 5 51.11 14.60 37.66
C CYS I 5 50.67 15.75 38.56
N PRO I 6 51.27 15.93 39.73
CA PRO I 6 50.92 17.05 40.59
C PRO I 6 51.51 18.35 40.04
N SER I 7 51.02 19.46 40.62
CA SER I 7 51.31 20.87 40.33
C SER I 7 50.84 21.33 38.95
N CYS I 8 50.34 20.43 38.11
CA CYS I 8 49.70 20.80 36.86
C CYS I 8 48.40 20.06 36.59
N ASN I 9 48.22 18.85 37.15
CA ASN I 9 47.01 18.03 37.08
C ASN I 9 46.61 17.76 35.62
N ASN I 10 47.47 17.01 34.94
CA ASN I 10 47.23 16.61 33.56
C ASN I 10 47.94 15.28 33.33
N MET I 11 47.54 14.59 32.27
CA MET I 11 48.14 13.31 31.93
C MET I 11 49.45 13.53 31.18
N LEU I 12 50.46 12.74 31.53
CA LEU I 12 51.76 12.80 30.88
C LEU I 12 51.80 11.84 29.69
N LEU I 13 52.55 12.23 28.66
CA LEU I 13 52.73 11.44 27.46
C LEU I 13 54.23 11.35 27.16
N ILE I 14 54.67 10.15 26.77
CA ILE I 14 56.09 9.90 26.56
C ILE I 14 56.31 9.99 25.05
N THR I 15 56.64 11.18 24.57
CA THR I 15 56.93 11.40 23.17
C THR I 15 58.44 11.28 22.94
N SER I 16 58.90 11.66 21.74
CA SER I 16 60.33 11.69 21.46
C SER I 16 61.01 12.77 22.29
N GLY I 17 62.26 12.53 22.65
CA GLY I 17 62.97 13.40 23.57
C GLY I 17 63.67 14.59 22.95
N ASP I 18 63.19 15.02 21.77
CA ASP I 18 63.64 16.21 21.05
C ASP I 18 65.14 16.16 20.74
N SER I 19 65.48 15.15 19.92
CA SER I 19 66.83 14.93 19.35
C SER I 19 67.88 14.77 20.45
N GLY I 20 67.74 13.69 21.20
CA GLY I 20 68.66 13.44 22.29
C GLY I 20 68.18 12.39 23.27
N VAL I 21 68.22 12.71 24.57
CA VAL I 21 67.88 11.76 25.61
C VAL I 21 66.37 11.51 25.57
N TYR I 22 65.98 10.24 25.77
CA TYR I 22 64.58 9.83 25.71
C TYR I 22 63.91 10.23 27.02
N THR I 23 63.39 11.46 27.04
CA THR I 23 62.78 12.00 28.24
C THR I 23 61.26 11.94 28.15
N LEU I 24 60.61 12.18 29.29
CA LEU I 24 59.16 12.23 29.39
C LEU I 24 58.74 13.56 30.00
N ALA I 25 57.69 14.15 29.45
CA ALA I 25 57.19 15.43 29.93
C ALA I 25 55.71 15.53 29.60
N CYS I 26 55.09 16.62 30.04
CA CYS I 26 53.69 16.89 29.75
C CYS I 26 53.61 17.95 28.66
N ARG I 27 52.39 18.38 28.35
CA ARG I 27 52.16 19.45 27.38
C ARG I 27 52.04 20.76 28.12
N SER I 28 53.10 21.57 28.05
CA SER I 28 53.21 22.90 28.66
C SER I 28 52.99 22.84 30.18
N CYS I 29 53.74 21.96 30.83
CA CYS I 29 53.65 21.75 32.27
C CYS I 29 55.05 21.45 32.80
N PRO I 30 55.44 22.06 33.92
CA PRO I 30 56.83 21.92 34.39
C PRO I 30 57.15 20.59 35.05
N TYR I 31 56.15 19.75 35.35
CA TYR I 31 56.38 18.50 36.07
C TYR I 31 56.91 17.46 35.08
N GLU I 32 58.15 17.00 35.30
CA GLU I 32 58.73 15.98 34.45
C GLU I 32 59.83 15.24 35.23
N PHE I 33 60.28 14.14 34.63
CA PHE I 33 61.37 13.32 35.13
C PHE I 33 62.10 12.69 33.96
N PRO I 34 63.36 12.28 34.14
CA PRO I 34 63.96 11.35 33.18
C PRO I 34 63.42 9.94 33.38
N ILE I 35 63.67 9.09 32.38
CA ILE I 35 63.16 7.72 32.44
C ILE I 35 63.98 6.90 33.43
N GLU I 36 63.29 6.01 34.14
CA GLU I 36 63.87 5.11 35.12
C GLU I 36 63.22 3.73 35.01
N GLY I 37 62.56 3.49 33.87
CA GLY I 37 61.74 2.31 33.72
C GLY I 37 60.29 2.62 34.03
N ILE I 38 59.39 2.25 33.13
CA ILE I 38 57.98 2.59 33.29
C ILE I 38 57.34 1.67 34.32
N GLU I 39 56.34 2.19 35.03
CA GLU I 39 55.63 1.52 36.12
C GLU I 39 54.46 0.66 35.63
N ILE I 40 54.51 0.15 34.40
CA ILE I 40 53.45 -0.62 33.75
C ILE I 40 53.05 -1.85 34.57
N TYR I 41 51.74 -2.09 34.65
CA TYR I 41 51.19 -3.14 35.49
C TYR I 41 51.30 -4.51 34.82
N MET J 1 -36.13 -7.09 32.22
CA MET J 1 -37.41 -6.42 31.98
C MET J 1 -38.54 -7.06 32.78
N ILE J 2 -39.50 -7.63 32.07
CA ILE J 2 -40.69 -8.21 32.67
C ILE J 2 -40.46 -9.71 32.79
N VAL J 3 -40.89 -10.29 33.90
CA VAL J 3 -40.76 -11.72 34.15
C VAL J 3 -41.60 -12.49 33.13
N PRO J 4 -41.06 -13.55 32.52
CA PRO J 4 -41.84 -14.30 31.52
C PRO J 4 -43.01 -15.04 32.16
N VAL J 5 -44.01 -15.31 31.33
CA VAL J 5 -45.23 -15.94 31.84
C VAL J 5 -44.98 -17.40 32.22
N ARG J 6 -44.08 -18.08 31.51
CA ARG J 6 -43.71 -19.45 31.83
C ARG J 6 -42.20 -19.57 31.74
N CYS J 7 -41.63 -20.45 32.58
CA CYS J 7 -40.19 -20.60 32.63
C CYS J 7 -39.66 -21.32 31.39
N PHE J 8 -38.35 -21.25 31.19
CA PHE J 8 -37.75 -21.68 29.93
C PHE J 8 -37.74 -23.19 29.80
N SER J 9 -37.05 -23.87 30.71
CA SER J 9 -36.81 -25.30 30.58
C SER J 9 -38.06 -26.11 30.89
N CYS J 10 -38.67 -25.89 32.05
CA CYS J 10 -39.93 -26.52 32.41
C CYS J 10 -41.07 -25.67 31.84
N GLY J 11 -42.29 -25.93 32.29
CA GLY J 11 -43.43 -25.20 31.76
C GLY J 11 -44.36 -24.61 32.79
N LYS J 12 -43.92 -24.55 34.04
CA LYS J 12 -44.77 -24.03 35.10
C LYS J 12 -44.87 -22.51 34.99
N VAL J 13 -46.08 -21.99 35.20
CA VAL J 13 -46.34 -20.57 34.99
C VAL J 13 -45.65 -19.75 36.06
N VAL J 14 -45.16 -18.57 35.67
CA VAL J 14 -44.45 -17.66 36.56
C VAL J 14 -45.26 -16.38 36.78
N GLY J 15 -46.54 -16.39 36.40
CA GLY J 15 -47.45 -15.36 36.86
C GLY J 15 -47.95 -15.65 38.26
N ASP J 16 -48.21 -14.57 39.01
CA ASP J 16 -48.43 -14.59 40.46
C ASP J 16 -47.24 -15.25 41.16
N LYS J 17 -46.04 -15.00 40.65
CA LYS J 17 -44.80 -15.48 41.25
C LYS J 17 -43.83 -14.36 41.56
N TRP J 18 -43.98 -13.18 40.97
CA TRP J 18 -43.06 -12.06 41.20
C TRP J 18 -43.61 -11.02 42.16
N GLU J 19 -44.84 -10.53 41.92
CA GLU J 19 -45.44 -9.57 42.83
C GLU J 19 -45.79 -10.21 44.16
N SER J 20 -46.17 -11.48 44.16
CA SER J 20 -46.36 -12.22 45.39
C SER J 20 -45.03 -12.57 46.06
N TYR J 21 -43.90 -12.37 45.39
CA TYR J 21 -42.59 -12.55 46.01
C TYR J 21 -42.08 -11.24 46.63
N LEU J 22 -42.23 -10.12 45.92
CA LEU J 22 -41.81 -8.85 46.50
C LEU J 22 -42.76 -8.39 47.60
N ASN J 23 -44.06 -8.72 47.48
CA ASN J 23 -45.01 -8.45 48.56
C ASN J 23 -44.68 -9.28 49.79
N LEU J 24 -44.17 -10.50 49.59
CA LEU J 24 -43.78 -11.34 50.70
C LEU J 24 -42.42 -10.96 51.26
N LEU J 25 -41.58 -10.31 50.46
CA LEU J 25 -40.29 -9.86 50.98
C LEU J 25 -40.43 -8.54 51.74
N GLN J 26 -41.33 -7.65 51.32
CA GLN J 26 -41.53 -6.41 52.05
C GLN J 26 -42.31 -6.63 53.33
N GLU J 27 -43.52 -7.16 53.21
CA GLU J 27 -44.35 -7.50 54.36
C GLU J 27 -44.29 -9.00 54.60
N ASP J 28 -44.28 -9.40 55.88
CA ASP J 28 -44.13 -10.79 56.34
C ASP J 28 -42.82 -11.38 55.82
N GLU J 29 -41.73 -10.81 56.32
CA GLU J 29 -40.40 -11.05 55.77
C GLU J 29 -39.93 -12.49 56.00
N LEU J 30 -39.38 -13.08 54.94
CA LEU J 30 -38.67 -14.35 55.02
C LEU J 30 -37.29 -14.17 54.41
N ASP J 31 -36.38 -15.10 54.71
CA ASP J 31 -34.96 -14.90 54.42
C ASP J 31 -34.66 -14.85 52.92
N GLU J 32 -34.64 -15.99 52.23
CA GLU J 32 -34.66 -15.96 50.78
C GLU J 32 -35.40 -17.15 50.18
N GLY J 33 -35.40 -18.27 50.89
CA GLY J 33 -35.78 -19.54 50.29
C GLY J 33 -37.11 -20.08 50.78
N THR J 34 -37.43 -19.81 52.05
CA THR J 34 -38.75 -20.14 52.57
C THR J 34 -39.85 -19.30 51.91
N ALA J 35 -39.48 -18.14 51.34
CA ALA J 35 -40.39 -17.39 50.49
C ALA J 35 -40.88 -18.21 49.31
N LEU J 36 -39.93 -18.79 48.55
CA LEU J 36 -40.31 -19.64 47.42
C LEU J 36 -40.94 -20.94 47.89
N SER J 37 -40.51 -21.47 49.04
CA SER J 37 -41.09 -22.71 49.55
C SER J 37 -42.53 -22.53 49.98
N ARG J 38 -42.89 -21.36 50.49
CA ARG J 38 -44.28 -21.08 50.86
C ARG J 38 -45.08 -20.58 49.67
N LEU J 39 -44.44 -19.98 48.67
CA LEU J 39 -45.15 -19.55 47.47
C LEU J 39 -45.48 -20.75 46.58
N GLY J 40 -44.68 -21.81 46.63
CA GLY J 40 -45.03 -23.03 45.94
C GLY J 40 -44.05 -23.49 44.88
N LEU J 41 -42.78 -23.18 45.05
CA LEU J 41 -41.75 -23.56 44.08
C LEU J 41 -41.10 -24.87 44.49
N LYS J 42 -41.13 -25.85 43.60
CA LYS J 42 -40.53 -27.17 43.84
C LYS J 42 -39.32 -27.42 42.97
N ARG J 43 -39.46 -27.31 41.66
CA ARG J 43 -38.40 -27.66 40.73
C ARG J 43 -37.44 -26.48 40.60
N TYR J 44 -36.13 -26.76 40.67
CA TYR J 44 -35.16 -25.68 40.82
C TYR J 44 -34.77 -25.01 39.52
N CYS J 45 -35.38 -25.35 38.39
CA CYS J 45 -35.25 -24.53 37.20
C CYS J 45 -36.43 -23.59 37.03
N CYS J 46 -37.48 -23.78 37.80
CA CYS J 46 -38.53 -22.78 37.95
C CYS J 46 -38.17 -21.73 38.98
N ARG J 47 -37.05 -21.91 39.68
CA ARG J 47 -36.60 -21.01 40.73
C ARG J 47 -35.44 -20.14 40.29
N ARG J 48 -35.02 -20.24 39.04
CA ARG J 48 -33.93 -19.42 38.50
C ARG J 48 -34.44 -18.20 37.74
N MET J 49 -35.65 -17.75 38.04
CA MET J 49 -36.16 -16.50 37.49
C MET J 49 -36.61 -15.52 38.57
N ILE J 50 -37.29 -16.02 39.60
CA ILE J 50 -37.70 -15.16 40.70
C ILE J 50 -36.48 -14.79 41.55
N LEU J 51 -35.57 -15.75 41.73
CA LEU J 51 -34.31 -15.47 42.43
C LEU J 51 -33.41 -14.58 41.59
N THR J 52 -33.47 -14.72 40.28
CA THR J 52 -32.64 -14.03 39.31
C THR J 52 -33.40 -12.77 38.88
N HIS J 53 -33.04 -12.15 37.75
CA HIS J 53 -33.84 -11.14 37.05
C HIS J 53 -34.07 -9.84 37.83
N VAL J 54 -33.03 -8.99 37.91
CA VAL J 54 -33.25 -7.58 38.24
C VAL J 54 -34.31 -6.98 37.33
N ASP J 55 -35.16 -6.13 37.94
CA ASP J 55 -36.30 -5.57 37.23
C ASP J 55 -35.85 -4.35 36.43
N LEU J 56 -35.83 -4.49 35.10
CA LEU J 56 -35.39 -3.40 34.24
C LEU J 56 -36.53 -2.51 33.75
N ILE J 57 -37.77 -3.01 33.72
CA ILE J 57 -38.85 -2.23 33.14
C ILE J 57 -39.28 -1.11 34.09
N GLU J 58 -39.05 -1.27 35.40
CA GLU J 58 -39.29 -0.19 36.33
C GLU J 58 -38.25 0.92 36.22
N LYS J 59 -37.07 0.61 35.67
CA LYS J 59 -36.09 1.63 35.36
C LYS J 59 -36.24 2.18 33.95
N PHE J 60 -36.91 1.44 33.06
CA PHE J 60 -37.17 1.94 31.71
C PHE J 60 -38.39 2.85 31.67
N LEU J 61 -39.40 2.60 32.51
CA LEU J 61 -40.56 3.46 32.56
C LEU J 61 -40.32 4.77 33.30
N ARG J 62 -39.15 4.93 33.91
CA ARG J 62 -38.79 6.20 34.53
C ARG J 62 -38.61 7.29 33.47
N TYR J 63 -38.14 6.92 32.28
CA TYR J 63 -37.81 7.89 31.23
C TYR J 63 -39.06 8.16 30.39
N ASN J 64 -39.89 9.07 30.90
CA ASN J 64 -41.00 9.64 30.15
C ASN J 64 -41.08 11.13 30.44
N PRO J 65 -40.64 12.00 29.53
CA PRO J 65 -40.71 13.44 29.78
C PRO J 65 -42.13 13.98 29.75
N LEU J 66 -42.87 13.74 30.83
CA LEU J 66 -44.28 14.13 31.00
C LEU J 66 -45.15 13.57 29.87
N GLU J 67 -45.17 12.24 29.80
CA GLU J 67 -45.93 11.55 28.76
C GLU J 67 -47.41 11.48 29.10
N GLU K 41 -61.16 -44.70 1.29
CA GLU K 41 -60.36 -43.67 0.64
C GLU K 41 -58.94 -44.16 0.38
N PRO K 42 -58.46 -44.03 -0.87
CA PRO K 42 -57.09 -44.45 -1.18
C PRO K 42 -56.05 -43.46 -0.65
N ASP K 43 -55.85 -43.47 0.66
CA ASP K 43 -54.94 -42.52 1.31
C ASP K 43 -53.58 -43.18 1.54
N ARG K 44 -52.86 -43.38 0.44
CA ARG K 44 -51.49 -43.90 0.52
C ARG K 44 -50.55 -42.72 0.75
N GLU K 45 -50.22 -42.49 2.01
CA GLU K 45 -49.16 -41.54 2.35
C GLU K 45 -48.20 -42.08 3.41
N LYS K 46 -48.65 -42.94 4.32
CA LYS K 46 -47.85 -43.29 5.49
C LYS K 46 -46.80 -44.36 5.14
N ILE K 47 -47.25 -45.56 4.80
CA ILE K 47 -46.37 -46.71 4.71
C ILE K 47 -45.94 -46.91 3.26
N LYS K 48 -44.70 -47.35 3.06
CA LYS K 48 -44.12 -47.52 1.74
C LYS K 48 -43.00 -48.53 1.84
N LEU K 49 -43.09 -49.61 1.06
CA LEU K 49 -42.07 -50.65 1.09
C LEU K 49 -40.91 -50.27 0.18
N LEU K 50 -39.69 -50.41 0.68
CA LEU K 50 -38.51 -50.10 -0.11
C LEU K 50 -38.26 -51.21 -1.12
N THR K 51 -38.22 -50.85 -2.40
CA THR K 51 -37.97 -51.82 -3.45
C THR K 51 -36.50 -52.22 -3.57
N GLN K 52 -35.60 -51.51 -2.88
CA GLN K 52 -34.16 -51.74 -3.00
C GLN K 52 -33.57 -52.29 -1.71
N ALA K 53 -34.40 -52.80 -0.81
CA ALA K 53 -33.92 -53.40 0.43
C ALA K 53 -34.54 -54.75 0.75
N THR K 54 -35.70 -55.08 0.18
CA THR K 54 -36.36 -56.34 0.46
C THR K 54 -35.72 -57.49 -0.31
N SER K 55 -36.07 -58.71 0.07
CA SER K 55 -35.63 -59.91 -0.63
C SER K 55 -36.67 -60.29 -1.68
N GLU K 56 -36.55 -61.51 -2.23
CA GLU K 56 -37.43 -61.92 -3.32
C GLU K 56 -38.82 -62.31 -2.81
N ASP K 57 -38.89 -63.33 -1.96
CA ASP K 57 -40.17 -63.81 -1.48
C ASP K 57 -40.75 -62.94 -0.37
N GLY K 58 -39.91 -62.35 0.46
CA GLY K 58 -40.36 -61.55 1.58
C GLY K 58 -39.32 -61.50 2.68
N THR K 59 -39.75 -61.79 3.92
CA THR K 59 -38.93 -62.16 5.08
C THR K 59 -38.13 -60.98 5.64
N SER K 60 -38.06 -59.87 4.90
CA SER K 60 -37.33 -58.67 5.28
C SER K 60 -37.81 -57.51 4.43
N ALA K 61 -38.22 -56.40 5.04
CA ALA K 61 -38.75 -55.28 4.28
C ALA K 61 -38.52 -53.99 5.07
N SER K 62 -37.94 -52.99 4.39
CA SER K 62 -37.79 -51.67 4.97
C SER K 62 -39.08 -50.89 4.79
N PHE K 63 -39.68 -50.45 5.90
CA PHE K 63 -40.93 -49.71 5.88
C PHE K 63 -40.64 -48.25 6.20
N GLN K 64 -40.74 -47.40 5.19
CA GLN K 64 -40.53 -45.95 5.33
C GLN K 64 -41.87 -45.32 5.67
N ILE K 65 -42.07 -45.02 6.95
CA ILE K 65 -43.31 -44.42 7.41
C ILE K 65 -43.10 -42.94 7.69
N VAL K 66 -44.07 -42.12 7.31
CA VAL K 66 -43.95 -40.68 7.36
C VAL K 66 -44.90 -40.18 8.46
N GLU K 67 -44.72 -38.91 8.84
CA GLU K 67 -45.54 -38.17 9.81
C GLU K 67 -45.54 -38.81 11.20
N GLU K 68 -44.52 -39.61 11.51
CA GLU K 68 -44.42 -40.28 12.81
C GLU K 68 -42.98 -40.17 13.29
N ASP K 69 -42.82 -40.31 14.60
CA ASP K 69 -41.56 -40.00 15.28
C ASP K 69 -41.36 -41.08 16.34
N HIS K 70 -40.53 -40.80 17.34
CA HIS K 70 -40.28 -41.70 18.47
C HIS K 70 -41.47 -41.90 19.40
N THR K 71 -42.63 -41.31 19.08
CA THR K 71 -43.85 -41.54 19.85
C THR K 71 -44.30 -42.99 19.77
N LEU K 72 -44.05 -43.66 18.64
CA LEU K 72 -44.38 -45.06 18.50
C LEU K 72 -43.22 -45.92 18.03
N GLY K 73 -42.01 -45.36 17.92
CA GLY K 73 -40.87 -46.14 17.45
C GLY K 73 -40.50 -47.27 18.39
N ASN K 74 -40.14 -46.93 19.63
CA ASN K 74 -39.90 -47.95 20.65
C ASN K 74 -41.16 -48.60 21.16
N ALA K 75 -42.32 -47.97 20.96
CA ALA K 75 -43.60 -48.59 21.33
C ALA K 75 -44.04 -49.66 20.34
N LEU K 76 -43.50 -49.65 19.13
CA LEU K 76 -43.78 -50.67 18.13
C LEU K 76 -42.65 -51.67 17.98
N ARG K 77 -41.40 -51.23 18.18
CA ARG K 77 -40.25 -52.13 18.19
C ARG K 77 -40.38 -53.16 19.29
N TYR K 78 -40.83 -52.74 20.48
CA TYR K 78 -40.95 -53.66 21.61
C TYR K 78 -42.05 -54.70 21.38
N VAL K 79 -43.08 -54.35 20.62
CA VAL K 79 -44.17 -55.28 20.40
C VAL K 79 -43.85 -56.23 19.25
N ILE K 80 -43.22 -55.74 18.19
CA ILE K 80 -42.83 -56.62 17.09
C ILE K 80 -41.65 -57.51 17.50
N MET K 81 -40.80 -57.04 18.43
CA MET K 81 -39.59 -57.78 18.76
C MET K 81 -39.88 -59.01 19.61
N LYS K 82 -40.91 -58.96 20.45
CA LYS K 82 -41.26 -60.10 21.28
C LYS K 82 -42.15 -61.10 20.55
N ASN K 83 -42.39 -60.90 19.27
CA ASN K 83 -42.92 -61.97 18.42
C ASN K 83 -41.83 -63.02 18.24
N PRO K 84 -42.10 -64.29 18.55
CA PRO K 84 -41.04 -65.32 18.38
C PRO K 84 -40.69 -65.61 16.94
N ASP K 85 -41.49 -65.19 15.96
CA ASP K 85 -41.10 -65.34 14.56
C ASP K 85 -40.20 -64.21 14.12
N VAL K 86 -40.45 -62.99 14.58
CA VAL K 86 -39.64 -61.83 14.22
C VAL K 86 -38.35 -61.84 15.03
N GLU K 87 -37.22 -61.75 14.34
CA GLU K 87 -35.92 -61.87 14.98
C GLU K 87 -35.10 -60.59 14.95
N PHE K 88 -35.44 -59.62 14.11
CA PHE K 88 -34.64 -58.40 13.96
C PHE K 88 -35.56 -57.30 13.44
N CYS K 89 -35.95 -56.39 14.33
CA CYS K 89 -36.70 -55.20 13.94
C CYS K 89 -36.19 -53.99 14.70
N GLY K 90 -35.77 -52.97 13.97
CA GLY K 90 -35.24 -51.77 14.59
C GLY K 90 -35.55 -50.55 13.75
N TYR K 91 -35.68 -49.41 14.43
CA TYR K 91 -36.09 -48.16 13.81
C TYR K 91 -34.97 -47.13 13.92
N SER K 92 -34.84 -46.30 12.89
CA SER K 92 -33.84 -45.24 12.90
C SER K 92 -34.26 -44.17 11.91
N ILE K 93 -34.36 -42.92 12.38
CA ILE K 93 -34.68 -41.82 11.47
C ILE K 93 -33.47 -41.52 10.59
N PRO K 94 -33.66 -41.13 9.34
CA PRO K 94 -32.51 -40.73 8.51
C PRO K 94 -31.89 -39.43 8.99
N HIS K 95 -32.74 -38.42 9.19
CA HIS K 95 -32.28 -37.11 9.58
C HIS K 95 -33.41 -36.43 10.37
N PRO K 96 -33.10 -35.74 11.46
CA PRO K 96 -34.17 -35.21 12.32
C PRO K 96 -34.95 -34.05 11.72
N SER K 97 -34.39 -33.28 10.79
CA SER K 97 -35.15 -32.20 10.18
C SER K 97 -36.20 -32.72 9.21
N GLU K 98 -36.00 -33.91 8.64
CA GLU K 98 -37.02 -34.57 7.86
C GLU K 98 -37.89 -35.43 8.77
N ASN K 99 -39.17 -35.53 8.42
CA ASN K 99 -40.14 -36.29 9.20
C ASN K 99 -40.27 -37.70 8.65
N LEU K 100 -39.16 -38.43 8.68
CA LEU K 100 -39.05 -39.77 8.14
C LEU K 100 -38.64 -40.74 9.23
N LEU K 101 -38.99 -42.02 9.03
CA LEU K 101 -38.55 -43.09 9.91
C LEU K 101 -38.53 -44.38 9.13
N ASN K 102 -37.40 -45.08 9.19
CA ASN K 102 -37.22 -46.36 8.51
C ASN K 102 -37.13 -47.47 9.55
N ILE K 103 -37.90 -48.53 9.34
CA ILE K 103 -37.87 -49.70 10.21
C ILE K 103 -37.66 -50.93 9.33
N ARG K 104 -36.79 -51.83 9.78
CA ARG K 104 -36.42 -53.01 9.01
C ARG K 104 -36.71 -54.25 9.82
N ILE K 105 -37.76 -54.97 9.44
CA ILE K 105 -38.24 -56.14 10.18
C ILE K 105 -37.72 -57.38 9.46
N GLN K 106 -36.78 -58.09 10.09
CA GLN K 106 -36.30 -59.37 9.60
C GLN K 106 -36.93 -60.48 10.43
N THR K 107 -37.25 -61.59 9.76
CA THR K 107 -37.90 -62.72 10.41
C THR K 107 -37.31 -64.01 9.86
N TYR K 108 -37.85 -65.13 10.33
CA TYR K 108 -37.44 -66.45 9.87
C TYR K 108 -38.34 -66.86 8.71
N GLY K 109 -38.30 -68.15 8.35
CA GLY K 109 -39.03 -68.64 7.20
C GLY K 109 -40.50 -68.92 7.40
N GLU K 110 -41.08 -68.61 8.55
CA GLU K 110 -42.49 -68.91 8.76
C GLU K 110 -43.40 -67.88 8.09
N THR K 111 -43.31 -66.62 8.51
CA THR K 111 -44.27 -65.62 8.11
C THR K 111 -43.60 -64.51 7.29
N THR K 112 -44.44 -63.75 6.59
CA THR K 112 -43.99 -62.64 5.78
C THR K 112 -43.78 -61.42 6.67
N ALA K 113 -42.66 -60.71 6.45
CA ALA K 113 -42.38 -59.50 7.21
C ALA K 113 -43.36 -58.36 6.92
N VAL K 114 -44.05 -58.41 5.78
CA VAL K 114 -45.12 -57.46 5.52
C VAL K 114 -46.29 -57.72 6.48
N ASP K 115 -46.72 -58.98 6.58
CA ASP K 115 -47.82 -59.36 7.45
C ASP K 115 -47.39 -59.52 8.91
N ALA K 116 -46.09 -59.51 9.20
CA ALA K 116 -45.64 -59.55 10.59
C ALA K 116 -45.88 -58.23 11.29
N LEU K 117 -45.72 -57.12 10.55
CA LEU K 117 -45.98 -55.79 11.11
C LEU K 117 -47.46 -55.60 11.43
N GLN K 118 -48.34 -56.28 10.69
CA GLN K 118 -49.78 -56.22 10.98
C GLN K 118 -50.10 -56.78 12.36
N LYS K 119 -49.57 -57.97 12.66
CA LYS K 119 -49.83 -58.58 13.96
C LYS K 119 -49.02 -57.90 15.06
N GLY K 120 -47.85 -57.36 14.73
CA GLY K 120 -47.09 -56.61 15.71
C GLY K 120 -47.55 -55.19 15.92
N LEU K 121 -48.50 -54.72 15.12
CA LEU K 121 -49.08 -53.40 15.31
C LEU K 121 -50.50 -53.44 15.83
N LYS K 122 -51.23 -54.53 15.60
CA LYS K 122 -52.53 -54.71 16.24
C LYS K 122 -52.37 -54.91 17.75
N ASP K 123 -51.25 -55.48 18.17
CA ASP K 123 -51.08 -55.81 19.58
C ASP K 123 -50.76 -54.58 20.43
N LEU K 124 -50.20 -53.53 19.82
CA LEU K 124 -50.03 -52.27 20.56
C LEU K 124 -51.37 -51.59 20.78
N MET K 125 -52.28 -51.69 19.80
CA MET K 125 -53.65 -51.23 20.00
C MET K 125 -54.34 -52.04 21.08
N ASP K 126 -54.06 -53.34 21.14
CA ASP K 126 -54.62 -54.17 22.21
C ASP K 126 -54.06 -53.77 23.58
N LEU K 127 -52.77 -53.44 23.63
CA LEU K 127 -52.14 -52.90 24.85
C LEU K 127 -52.85 -51.64 25.31
N CYS K 128 -53.04 -50.68 24.40
CA CYS K 128 -53.64 -49.41 24.78
C CYS K 128 -55.12 -49.57 25.13
N ASP K 129 -55.81 -50.53 24.51
CA ASP K 129 -57.19 -50.81 24.88
C ASP K 129 -57.29 -51.41 26.28
N VAL K 130 -56.37 -52.31 26.63
CA VAL K 130 -56.36 -52.89 27.97
C VAL K 130 -56.03 -51.83 29.03
N VAL K 131 -55.05 -50.96 28.73
CA VAL K 131 -54.68 -49.91 29.68
C VAL K 131 -55.81 -48.90 29.84
N GLU K 132 -56.48 -48.53 28.74
CA GLU K 132 -57.61 -47.62 28.81
C GLU K 132 -58.79 -48.22 29.57
N SER K 133 -59.06 -49.52 29.36
CA SER K 133 -60.17 -50.17 30.05
C SER K 133 -59.89 -50.28 31.54
N LYS K 134 -58.66 -50.65 31.94
CA LYS K 134 -58.35 -50.75 33.35
C LYS K 134 -58.30 -49.38 34.02
N PHE K 135 -57.84 -48.36 33.30
CA PHE K 135 -57.82 -47.01 33.87
C PHE K 135 -59.24 -46.44 34.02
N THR K 136 -60.13 -46.77 33.09
CA THR K 136 -61.53 -46.34 33.22
C THR K 136 -62.24 -47.08 34.34
N GLU K 137 -62.03 -48.39 34.45
CA GLU K 137 -62.66 -49.17 35.52
C GLU K 137 -62.04 -48.92 36.88
N LYS K 138 -60.85 -48.33 36.95
CA LYS K 138 -60.27 -47.93 38.23
C LYS K 138 -60.58 -46.49 38.61
N ILE K 139 -60.73 -45.59 37.63
CA ILE K 139 -60.98 -44.18 37.93
C ILE K 139 -62.41 -43.93 38.38
N LYS K 140 -63.31 -44.92 38.25
CA LYS K 140 -64.68 -44.76 38.74
C LYS K 140 -64.75 -44.80 40.26
N SER K 141 -63.73 -45.31 40.93
CA SER K 141 -63.70 -45.37 42.39
C SER K 141 -63.24 -44.02 42.95
N MET K 142 -62.96 -44.01 44.26
CA MET K 142 -62.53 -42.84 45.04
C MET K 142 -63.50 -41.66 44.94
N THR L 26 -53.83 16.34 10.31
CA THR L 26 -53.20 15.15 10.85
C THR L 26 -52.67 15.38 12.28
N LEU L 27 -52.98 14.44 13.17
CA LEU L 27 -52.58 14.54 14.57
C LEU L 27 -51.40 13.60 14.81
N LYS L 28 -50.19 14.14 14.71
CA LYS L 28 -48.97 13.38 14.87
C LYS L 28 -47.90 14.32 15.40
N TYR L 29 -46.63 13.92 15.26
CA TYR L 29 -45.44 14.68 15.63
C TYR L 29 -45.43 15.00 17.14
N ILE L 30 -45.29 13.92 17.91
CA ILE L 30 -45.19 14.03 19.37
C ILE L 30 -43.88 14.72 19.73
N CYS L 31 -43.96 15.66 20.68
CA CYS L 31 -42.76 16.33 21.17
C CYS L 31 -41.90 15.39 22.00
N ALA L 32 -40.70 15.86 22.33
CA ALA L 32 -39.77 15.06 23.11
C ALA L 32 -39.46 15.66 24.48
N GLU L 33 -40.09 16.75 24.86
CA GLU L 33 -39.87 17.34 26.18
C GLU L 33 -41.15 17.42 27.00
N CYS L 34 -42.27 17.79 26.38
CA CYS L 34 -43.56 17.82 27.08
C CYS L 34 -44.64 17.03 26.38
N SER L 35 -44.35 16.42 25.23
CA SER L 35 -45.24 15.50 24.50
C SER L 35 -46.57 16.16 24.12
N SER L 36 -46.47 17.18 23.27
CA SER L 36 -47.63 17.90 22.78
C SER L 36 -47.92 17.49 21.34
N LYS L 37 -49.20 17.37 21.01
CA LYS L 37 -49.63 16.97 19.67
C LYS L 37 -49.81 18.22 18.82
N LEU L 38 -48.78 18.56 18.04
CA LEU L 38 -48.82 19.71 17.15
C LEU L 38 -48.70 19.25 15.72
N SER L 39 -49.30 20.00 14.80
CA SER L 39 -49.29 19.68 13.38
C SER L 39 -48.65 20.84 12.63
N LEU L 40 -47.38 20.68 12.28
CA LEU L 40 -46.65 21.71 11.54
C LEU L 40 -47.09 21.73 10.08
N SER L 41 -46.97 22.91 9.47
CA SER L 41 -47.39 23.11 8.09
C SER L 41 -46.26 22.71 7.14
N ARG L 42 -46.43 22.99 5.85
CA ARG L 42 -45.42 22.64 4.87
C ARG L 42 -44.18 23.52 4.95
N THR L 43 -44.28 24.70 5.54
CA THR L 43 -43.13 25.56 5.81
C THR L 43 -43.18 25.98 7.28
N ASP L 44 -42.24 25.45 8.06
CA ASP L 44 -42.26 25.69 9.50
C ASP L 44 -40.90 26.10 10.04
N ALA L 45 -39.82 25.65 9.36
CA ALA L 45 -38.45 25.70 9.86
C ALA L 45 -38.38 25.09 11.27
N VAL L 46 -38.59 23.77 11.27
CA VAL L 46 -39.32 22.99 12.27
C VAL L 46 -39.08 23.39 13.73
N ARG L 47 -40.18 23.68 14.44
CA ARG L 47 -40.15 24.15 15.81
C ARG L 47 -41.28 23.51 16.59
N CYS L 48 -41.12 23.48 17.89
CA CYS L 48 -42.07 22.84 18.79
C CYS L 48 -43.09 23.87 19.29
N LYS L 49 -43.80 23.52 20.36
CA LYS L 49 -44.85 24.23 21.04
C LYS L 49 -44.21 24.80 22.33
N ASP L 50 -45.05 25.26 23.27
CA ASP L 50 -44.65 25.98 24.49
C ASP L 50 -43.56 25.32 25.35
N CYS L 51 -43.24 24.04 25.11
CA CYS L 51 -42.10 23.41 25.76
C CYS L 51 -40.77 24.09 25.39
N GLY L 52 -40.67 24.65 24.19
CA GLY L 52 -39.47 25.32 23.78
C GLY L 52 -38.36 24.36 23.38
N HIS L 53 -38.68 23.45 22.46
CA HIS L 53 -37.77 22.38 22.08
C HIS L 53 -37.53 22.47 20.57
N ARG L 54 -36.54 21.71 20.09
CA ARG L 54 -36.16 21.74 18.68
C ARG L 54 -36.51 20.46 17.93
N ILE L 55 -36.23 19.30 18.52
CA ILE L 55 -36.50 18.05 17.84
C ILE L 55 -37.92 17.57 18.17
N LEU L 56 -38.42 16.65 17.36
CA LEU L 56 -39.72 16.03 17.61
C LEU L 56 -39.76 14.66 16.96
N LEU L 57 -40.41 13.72 17.65
CA LEU L 57 -40.59 12.36 17.15
C LEU L 57 -41.85 12.30 16.29
N LYS L 58 -42.30 11.09 15.97
CA LYS L 58 -43.50 10.88 15.18
C LYS L 58 -44.39 9.87 15.88
N ALA L 59 -45.69 10.13 15.89
CA ALA L 59 -46.64 9.26 16.55
C ALA L 59 -46.82 7.97 15.78
N ARG L 60 -47.37 6.96 16.47
CA ARG L 60 -47.65 5.68 15.85
C ARG L 60 -48.82 5.81 14.89
N THR L 61 -48.74 5.08 13.77
CA THR L 61 -49.83 5.04 12.80
C THR L 61 -51.06 4.35 13.40
N LYS L 62 -52.21 4.63 12.80
CA LYS L 62 -53.49 4.13 13.28
C LYS L 62 -53.94 2.87 12.55
N ARG L 63 -53.03 2.22 11.82
CA ARG L 63 -53.39 1.05 11.03
C ARG L 63 -53.42 -0.19 11.92
N LEU L 64 -53.51 -1.36 11.30
CA LEU L 64 -53.66 -2.63 11.99
C LEU L 64 -52.46 -3.51 11.60
N VAL L 65 -51.46 -3.58 12.47
CA VAL L 65 -50.32 -4.45 12.23
C VAL L 65 -50.69 -5.87 12.63
N GLN L 66 -50.25 -6.85 11.85
CA GLN L 66 -50.61 -8.24 12.07
C GLN L 66 -49.39 -9.15 11.95
N PHE L 67 -49.32 -10.14 12.84
CA PHE L 67 -48.30 -11.19 12.89
C PHE L 67 -48.73 -12.23 13.92
N GLU L 68 -48.13 -13.41 13.81
CA GLU L 68 -48.38 -14.46 14.77
C GLU L 68 -47.54 -14.25 16.03
N ALA L 69 -47.87 -14.99 17.08
CA ALA L 69 -47.20 -14.84 18.37
C ALA L 69 -45.96 -15.72 18.51
N ARG L 70 -45.31 -16.06 17.41
CA ARG L 70 -44.14 -16.91 17.43
C ARG L 70 -42.85 -16.07 17.51
N ILE M 71 24.40 16.38 79.07
CA ILE M 71 25.28 16.63 80.20
C ILE M 71 26.13 17.86 79.93
N GLU M 72 26.85 17.86 78.82
CA GLU M 72 27.76 18.95 78.47
C GLU M 72 27.13 19.83 77.40
N GLU M 73 27.00 21.11 77.71
CA GLU M 73 26.31 22.06 76.83
C GLU M 73 27.33 22.94 76.09
N PHE M 74 27.09 23.12 74.79
CA PHE M 74 27.89 23.98 73.94
C PHE M 74 27.02 25.11 73.39
N PRO M 75 27.41 26.37 73.51
CA PRO M 75 26.63 27.44 72.91
C PRO M 75 27.10 27.73 71.49
N LEU M 76 26.16 28.16 70.64
CA LEU M 76 26.47 28.67 69.31
C LEU M 76 25.49 29.78 68.96
N LYS M 77 26.01 30.87 68.39
CA LYS M 77 25.22 32.05 68.10
C LYS M 77 25.63 32.59 66.72
N ILE M 78 24.64 32.98 65.92
CA ILE M 78 24.92 33.55 64.60
C ILE M 78 25.33 35.01 64.75
N SER M 79 26.53 35.32 64.25
CA SER M 79 27.06 36.69 64.36
C SER M 79 27.85 37.07 63.10
N GLY M 80 27.31 36.77 61.93
CA GLY M 80 28.05 37.06 60.71
C GLY M 80 27.53 38.24 59.92
N GLU M 81 28.40 39.24 59.69
CA GLU M 81 28.03 40.44 58.94
C GLU M 81 29.14 40.88 57.99
N GLU M 82 29.91 39.93 57.45
CA GLU M 82 31.00 40.24 56.53
C GLU M 82 30.75 39.71 55.13
N GLU M 83 30.38 38.43 55.01
CA GLU M 83 29.75 37.80 53.85
C GLU M 83 30.64 37.56 52.64
N SER M 84 31.86 38.11 52.63
CA SER M 84 32.78 37.87 51.52
C SER M 84 33.90 36.92 51.94
N LEU M 85 33.54 35.64 52.07
CA LEU M 85 34.49 34.60 52.46
C LEU M 85 34.29 33.33 51.62
N HIS M 86 34.28 33.52 50.30
CA HIS M 86 34.18 32.42 49.33
C HIS M 86 35.28 31.38 49.52
N VAL M 87 34.89 30.10 49.47
CA VAL M 87 35.85 29.00 49.58
C VAL M 87 36.45 28.72 48.22
N PHE M 88 37.54 27.96 48.21
CA PHE M 88 38.25 27.60 46.99
C PHE M 88 38.64 26.13 47.07
N GLN M 89 37.96 25.30 46.28
CA GLN M 89 38.20 23.87 46.24
C GLN M 89 39.40 23.60 45.34
N TYR M 90 40.58 23.51 45.94
CA TYR M 90 41.81 23.29 45.20
C TYR M 90 41.85 21.87 44.64
N ALA M 91 41.64 21.75 43.34
CA ALA M 91 41.54 20.44 42.69
C ALA M 91 42.89 20.06 42.08
N ASN M 92 43.92 20.10 42.91
CA ASN M 92 45.22 19.56 42.56
C ASN M 92 45.87 18.76 43.67
N ARG M 93 45.47 18.93 44.93
CA ARG M 93 46.25 18.46 46.07
C ARG M 93 45.47 17.38 46.79
N PRO M 94 45.99 16.15 46.86
CA PRO M 94 45.31 15.10 47.65
C PRO M 94 45.38 15.36 49.15
N ARG M 95 44.53 14.68 49.91
CA ARG M 95 44.50 14.83 51.36
C ARG M 95 45.63 14.01 51.98
N LEU M 96 46.64 14.71 52.50
CA LEU M 96 47.78 14.13 53.25
C LEU M 96 48.55 13.13 52.39
N VAL M 97 49.21 13.67 51.37
CA VAL M 97 49.98 12.92 50.37
C VAL M 97 51.05 12.07 51.03
N GLY M 98 50.95 10.75 50.86
CA GLY M 98 51.84 9.82 51.52
C GLY M 98 51.49 9.54 52.96
N ARG M 99 50.26 9.87 53.37
CA ARG M 99 49.75 9.75 54.75
C ARG M 99 50.64 10.49 55.76
N LYS M 100 51.25 11.59 55.34
CA LYS M 100 52.10 12.43 56.18
C LYS M 100 51.83 13.88 55.83
N PRO M 101 51.47 14.74 56.80
CA PRO M 101 51.23 16.15 56.47
C PRO M 101 52.52 16.89 56.16
N ALA M 102 52.79 17.12 54.86
CA ALA M 102 54.03 17.77 54.47
C ALA M 102 53.85 18.70 53.29
N GLU M 103 52.64 19.20 53.05
CA GLU M 103 52.40 20.03 51.86
C GLU M 103 52.56 21.52 52.18
N HIS M 104 51.68 22.05 53.02
CA HIS M 104 51.46 23.48 53.27
C HIS M 104 51.54 24.35 51.99
N PRO M 105 50.62 24.18 51.05
CA PRO M 105 50.81 24.79 49.71
C PRO M 105 50.09 26.13 49.50
N PHE M 106 49.50 26.73 50.55
CA PHE M 106 48.51 27.78 50.36
C PHE M 106 49.12 29.15 50.05
N ILE M 107 50.43 29.29 49.99
CA ILE M 107 51.06 30.58 49.74
C ILE M 107 50.99 30.86 48.23
N SER M 108 50.22 31.88 47.85
CA SER M 108 50.00 32.22 46.45
C SER M 108 49.51 33.66 46.35
N ALA M 109 49.10 34.06 45.14
CA ALA M 109 48.51 35.36 44.86
C ALA M 109 47.21 35.14 44.08
N ALA M 110 46.53 36.24 43.76
CA ALA M 110 45.22 36.13 43.12
C ALA M 110 44.89 37.42 42.37
N ARG M 111 43.80 37.36 41.61
CA ARG M 111 43.12 38.52 41.04
C ARG M 111 41.69 38.11 40.72
N TYR M 112 40.75 39.02 40.92
CA TYR M 112 39.33 38.66 40.89
C TYR M 112 38.61 39.36 39.73
N LYS M 113 37.32 39.07 39.60
CA LYS M 113 36.41 39.72 38.66
C LYS M 113 35.09 39.93 39.37
N PRO M 114 34.55 41.15 39.39
CA PRO M 114 33.30 41.40 40.10
C PRO M 114 32.06 41.09 39.26
N LYS M 115 31.06 40.50 39.93
CA LYS M 115 29.71 40.22 39.41
C LYS M 115 29.73 39.32 38.18
N SER M 116 30.78 38.52 38.00
CA SER M 116 30.78 37.52 36.95
C SER M 116 31.32 36.18 37.42
N HIS M 117 31.84 36.10 38.66
CA HIS M 117 32.15 34.86 39.37
C HIS M 117 33.23 34.02 38.66
N LEU M 118 34.42 34.60 38.53
CA LEU M 118 35.52 33.87 37.89
C LEU M 118 36.53 33.32 38.91
N TRP M 119 37.14 34.20 39.71
CA TRP M 119 38.09 33.88 40.79
C TRP M 119 39.29 33.06 40.30
N GLU M 120 40.12 33.70 39.49
CA GLU M 120 41.38 33.06 39.11
C GLU M 120 42.45 33.30 40.17
N ILE M 121 43.30 32.30 40.37
CA ILE M 121 44.38 32.34 41.36
C ILE M 121 45.62 31.75 40.73
N ASP M 122 46.75 32.46 40.83
CA ASP M 122 48.02 31.98 40.35
C ASP M 122 48.91 31.53 41.52
N ILE M 123 49.63 30.43 41.34
CA ILE M 123 50.46 29.84 42.39
C ILE M 123 51.91 29.84 41.93
N PRO M 124 52.88 30.03 42.83
CA PRO M 124 54.29 30.09 42.40
C PRO M 124 54.84 28.72 42.05
N LEU M 125 56.04 28.74 41.45
CA LEU M 125 56.67 27.54 40.92
C LEU M 125 57.73 26.98 41.86
N ASP M 126 57.86 25.66 41.83
CA ASP M 126 59.05 24.96 42.29
C ASP M 126 59.90 24.63 41.07
N GLU M 127 61.19 24.40 41.29
CA GLU M 127 62.13 24.21 40.18
C GLU M 127 62.50 22.73 40.10
N GLN M 128 61.67 21.96 39.39
CA GLN M 128 62.01 20.56 39.11
C GLN M 128 62.92 20.48 37.89
N ALA M 129 62.37 20.80 36.71
CA ALA M 129 63.14 20.88 35.47
C ALA M 129 62.35 21.74 34.49
N PHE M 130 62.74 23.02 34.37
CA PHE M 130 62.23 23.89 33.32
C PHE M 130 63.27 24.99 33.12
N TYR M 131 63.06 25.79 32.06
CA TYR M 131 63.96 26.21 30.98
C TYR M 131 63.75 25.30 29.77
N ASN M 132 62.78 24.39 29.85
CA ASN M 132 62.39 23.62 28.69
C ASN M 132 61.55 24.46 27.73
N LYS M 133 61.72 24.19 26.44
CA LYS M 133 61.11 25.04 25.41
C LYS M 133 59.61 24.81 25.29
N ASP M 134 59.15 23.59 25.53
CA ASP M 134 57.76 23.23 25.27
C ASP M 134 56.80 23.69 26.36
N LYS M 135 57.30 24.40 27.39
CA LYS M 135 56.47 24.65 28.56
C LYS M 135 55.84 26.04 28.54
N ALA M 136 56.32 26.94 27.67
CA ALA M 136 55.74 28.27 27.59
C ALA M 136 54.78 28.37 26.40
N GLU M 137 55.19 27.87 25.25
CA GLU M 137 54.35 27.72 24.05
C GLU M 137 54.82 26.47 23.32
N SER M 138 54.41 26.36 22.06
CA SER M 138 55.15 25.51 21.13
C SER M 138 56.58 26.00 20.99
N GLU M 139 56.80 27.31 20.98
CA GLU M 139 58.15 27.86 21.01
C GLU M 139 58.44 28.65 22.28
N TRP M 140 57.75 29.78 22.52
CA TRP M 140 58.21 30.72 23.56
C TRP M 140 57.10 31.69 23.95
N ASN M 141 56.83 31.77 25.26
CA ASN M 141 56.32 32.97 25.91
C ASN M 141 57.08 33.38 27.17
N GLY M 142 58.00 32.55 27.66
CA GLY M 142 58.63 32.81 28.94
C GLY M 142 57.70 32.57 30.11
N VAL M 143 57.35 31.31 30.36
CA VAL M 143 56.45 30.96 31.44
C VAL M 143 57.16 31.14 32.79
N ASN M 144 56.44 31.73 33.75
CA ASN M 144 56.99 31.94 35.09
C ASN M 144 56.04 31.60 36.22
N VAL M 145 54.79 31.23 35.96
CA VAL M 145 53.80 31.03 37.01
C VAL M 145 52.71 30.09 36.49
N GLN M 146 52.19 29.25 37.37
CA GLN M 146 50.99 28.45 37.10
C GLN M 146 49.77 29.25 37.48
N THR M 147 48.64 28.95 36.84
CA THR M 147 47.35 29.54 37.17
C THR M 147 46.33 28.46 37.44
N LEU M 148 45.18 28.87 38.00
CA LEU M 148 44.03 28.02 38.22
C LEU M 148 42.80 28.91 38.45
N LYS M 149 41.67 28.50 37.87
CA LYS M 149 40.45 29.30 37.82
C LYS M 149 39.25 28.36 37.72
N GLY M 150 38.14 28.75 38.35
CA GLY M 150 36.92 27.98 38.24
C GLY M 150 35.69 28.72 38.73
N VAL M 151 34.55 28.49 38.08
CA VAL M 151 33.32 29.20 38.40
C VAL M 151 32.50 28.35 39.35
N GLY M 152 31.47 28.94 39.96
CA GLY M 152 30.60 28.20 40.83
C GLY M 152 29.57 29.06 41.54
N VAL M 153 28.32 28.59 41.56
CA VAL M 153 27.24 29.33 42.20
C VAL M 153 27.28 29.08 43.70
N GLU M 154 26.85 30.07 44.47
CA GLU M 154 26.90 29.99 45.92
C GLU M 154 25.80 29.07 46.45
N ASN M 155 26.11 28.32 47.51
CA ASN M 155 25.18 27.39 48.13
C ASN M 155 24.43 28.14 49.23
N ASN M 156 23.71 27.40 50.08
CA ASN M 156 22.90 27.99 51.13
C ASN M 156 22.72 27.02 52.28
N GLY M 157 23.38 27.30 53.41
CA GLY M 157 23.22 26.48 54.59
C GLY M 157 24.49 26.14 55.33
N GLN M 158 25.64 26.27 54.67
CA GLN M 158 26.91 25.89 55.28
C GLN M 158 27.45 27.00 56.18
N TYR M 159 28.27 26.60 57.16
CA TYR M 159 28.83 27.52 58.14
C TYR M 159 30.23 27.06 58.51
N ALA M 160 31.04 27.98 59.02
CA ALA M 160 32.35 27.66 59.58
C ALA M 160 32.21 27.45 61.09
N ALA M 161 33.33 27.41 61.82
CA ALA M 161 33.30 27.24 63.27
C ALA M 161 34.59 27.76 63.89
N PHE M 162 34.47 28.35 65.08
CA PHE M 162 35.60 28.65 65.95
C PHE M 162 35.55 27.75 67.18
N VAL M 163 36.71 27.42 67.73
CA VAL M 163 36.80 26.43 68.79
C VAL M 163 37.47 27.07 70.02
N LYS M 164 37.05 28.30 70.37
CA LYS M 164 37.76 29.13 71.36
C LYS M 164 37.60 28.53 72.77
N ASP M 165 38.35 27.43 72.98
CA ASP M 165 38.78 26.80 74.22
C ASP M 165 37.69 26.10 75.03
N MET M 166 36.43 26.52 74.92
CA MET M 166 35.22 25.72 75.09
C MET M 166 34.03 26.51 74.57
N GLN M 167 33.70 26.36 73.27
CA GLN M 167 32.59 27.03 72.60
C GLN M 167 32.52 26.59 71.14
N VAL M 168 31.52 27.08 70.43
CA VAL M 168 31.51 27.02 68.96
C VAL M 168 30.78 28.28 68.46
N TYR M 169 31.35 28.91 67.43
CA TYR M 169 30.95 30.27 67.08
C TYR M 169 30.11 30.35 65.81
N LEU M 170 30.33 29.44 64.86
CA LEU M 170 29.53 29.26 63.64
C LEU M 170 29.57 30.52 62.77
N VAL M 171 30.75 30.77 62.22
CA VAL M 171 30.93 31.80 61.18
C VAL M 171 30.16 31.37 59.93
N PRO M 172 29.42 32.26 59.26
CA PRO M 172 28.78 31.86 58.02
C PRO M 172 29.76 31.75 56.87
N ILE M 173 29.60 30.70 56.06
CA ILE M 173 30.37 30.54 54.83
C ILE M 173 29.54 30.91 53.60
N GLU M 174 28.45 30.17 53.35
CA GLU M 174 27.33 30.49 52.46
C GLU M 174 27.74 30.80 51.01
N ARG M 175 28.99 30.57 50.63
CA ARG M 175 29.57 31.08 49.39
C ARG M 175 30.57 30.06 48.89
N VAL M 176 30.25 29.38 47.79
CA VAL M 176 31.10 28.31 47.28
C VAL M 176 31.36 28.54 45.80
N ALA M 177 32.61 28.29 45.40
CA ALA M 177 33.00 28.29 44.00
C ALA M 177 34.17 27.34 43.84
N GLN M 178 33.94 26.22 43.16
CA GLN M 178 34.96 25.20 42.97
C GLN M 178 35.85 25.65 41.82
N LEU M 179 37.09 25.20 41.83
CA LEU M 179 38.03 25.55 40.78
C LEU M 179 38.75 24.33 40.22
N LYS M 180 39.27 24.48 39.02
CA LYS M 180 40.06 23.48 38.32
C LYS M 180 41.32 24.15 37.82
N PRO M 181 42.40 23.38 37.57
CA PRO M 181 43.63 23.98 37.05
C PRO M 181 43.45 24.58 35.67
N PHE M 182 43.61 25.90 35.59
CA PHE M 182 43.39 26.67 34.38
C PHE M 182 44.74 26.94 33.72
N PHE M 183 44.75 26.98 32.39
CA PHE M 183 45.99 27.00 31.66
C PHE M 183 46.60 28.40 31.66
N LYS M 184 47.94 28.44 31.76
CA LYS M 184 48.65 29.61 32.27
C LYS M 184 49.15 30.52 31.16
N TYR M 185 49.68 29.98 30.06
CA TYR M 185 50.10 30.79 28.93
C TYR M 185 49.78 30.12 27.60
N ILE M 186 49.08 28.99 27.62
CA ILE M 186 48.45 28.48 26.41
C ILE M 186 47.15 29.23 26.16
N ASP M 187 46.57 29.83 27.20
CA ASP M 187 45.24 30.44 27.11
C ASP M 187 45.22 31.72 26.29
N ASP M 188 46.39 32.29 25.97
CA ASP M 188 46.45 33.33 24.95
C ASP M 188 47.18 32.89 23.69
N ALA M 189 47.82 31.71 23.71
CA ALA M 189 48.74 31.32 22.65
C ALA M 189 48.01 30.95 21.36
N ASN M 190 46.93 30.19 21.47
CA ASN M 190 46.20 29.76 20.27
C ASN M 190 45.48 30.93 19.60
N VAL M 191 44.93 31.86 20.38
CA VAL M 191 44.32 33.05 19.77
C VAL M 191 45.41 33.97 19.21
N THR M 192 46.58 34.02 19.85
CA THR M 192 47.69 34.84 19.35
C THR M 192 48.24 34.32 18.03
N ARG M 193 48.33 32.99 17.87
CA ARG M 193 48.83 32.44 16.61
C ARG M 193 47.82 32.64 15.48
N LYS M 194 46.52 32.54 15.78
CA LYS M 194 45.52 32.78 14.74
C LYS M 194 45.42 34.26 14.38
N GLN M 195 45.67 35.16 15.34
CA GLN M 195 45.70 36.58 15.02
C GLN M 195 46.95 36.96 14.24
N GLU M 196 48.08 36.31 14.54
CA GLU M 196 49.31 36.56 13.79
C GLU M 196 49.21 35.97 12.38
N ASP M 197 48.49 34.87 12.22
CA ASP M 197 48.19 34.37 10.88
C ASP M 197 47.18 35.26 10.16
N ALA M 198 46.30 35.90 10.91
CA ALA M 198 45.37 36.89 10.36
C ALA M 198 45.97 38.28 10.28
N ARG M 199 47.26 38.43 10.59
CA ARG M 199 47.95 39.70 10.44
C ARG M 199 48.47 39.83 9.01
N ARG M 200 48.52 41.09 8.54
CA ARG M 200 49.02 41.53 7.20
C ARG M 200 48.36 40.76 6.04
N ASN M 201 47.10 40.35 6.23
CA ASN M 201 46.39 39.63 5.17
C ASN M 201 45.68 40.59 4.23
N PRO M 202 45.64 40.30 2.93
CA PRO M 202 44.99 41.20 1.97
C PRO M 202 43.49 41.05 1.87
N ASN M 203 42.89 40.09 2.58
CA ASN M 203 41.44 39.89 2.55
C ASN M 203 40.64 41.04 3.19
N PRO M 204 41.12 41.71 4.29
CA PRO M 204 40.47 42.98 4.64
C PRO M 204 40.81 44.10 3.67
N SER M 205 40.05 44.18 2.58
CA SER M 205 40.21 45.21 1.56
C SER M 205 39.60 46.53 1.99
N SER M 206 39.34 47.43 1.03
CA SER M 206 38.93 48.82 1.28
C SER M 206 37.57 49.00 1.98
N GLN M 207 36.91 47.91 2.38
CA GLN M 207 35.74 47.98 3.24
C GLN M 207 36.08 48.53 4.62
N ARG M 208 37.35 48.42 5.05
CA ARG M 208 37.76 48.93 6.35
C ARG M 208 37.75 50.46 6.42
N ALA M 209 37.82 51.13 5.27
CA ALA M 209 37.78 52.59 5.27
C ALA M 209 36.38 53.11 5.57
N GLN M 210 35.39 52.59 4.85
CA GLN M 210 34.00 53.03 5.04
C GLN M 210 33.30 52.05 5.98
N VAL M 211 33.75 52.06 7.23
CA VAL M 211 33.09 51.34 8.31
C VAL M 211 32.18 52.32 9.03
N VAL M 212 30.90 51.99 9.10
CA VAL M 212 29.92 52.85 9.73
C VAL M 212 29.28 52.13 10.92
N THR M 213 29.01 52.89 11.97
CA THR M 213 28.33 52.38 13.16
C THR M 213 26.89 52.86 13.18
N MET M 214 26.27 52.93 12.01
CA MET M 214 24.89 53.37 11.86
C MET M 214 23.90 52.23 11.92
N SER M 215 24.31 51.07 12.43
CA SER M 215 23.54 49.83 12.31
C SER M 215 22.58 49.60 13.47
N VAL M 216 22.00 50.68 14.01
CA VAL M 216 21.04 50.59 15.11
C VAL M 216 19.79 49.85 14.61
N LYS M 217 19.33 48.89 15.40
CA LYS M 217 18.23 48.02 15.05
C LYS M 217 17.06 48.24 16.01
N SER M 218 15.85 48.02 15.52
CA SER M 218 14.66 48.13 16.36
C SER M 218 14.59 46.98 17.36
N VAL M 219 13.73 47.16 18.36
CA VAL M 219 13.49 46.13 19.38
C VAL M 219 12.81 44.93 18.72
N ASN M 220 13.05 43.74 19.27
CA ASN M 220 12.67 42.47 18.64
C ASN M 220 11.16 42.29 18.66
N ASP M 221 10.51 42.96 17.70
CA ASP M 221 9.16 42.65 17.27
C ASP M 221 9.13 41.20 16.74
N PRO M 222 7.92 40.48 16.80
CA PRO M 222 7.90 39.00 16.98
C PRO M 222 8.83 38.08 16.18
N SER M 223 9.54 38.60 15.17
CA SER M 223 10.69 37.89 14.62
C SER M 223 11.80 37.73 15.66
N GLN M 224 12.84 36.99 15.26
CA GLN M 224 13.79 36.34 16.15
C GLN M 224 14.55 37.34 17.04
N ASN M 225 14.98 36.85 18.20
CA ASN M 225 15.31 37.68 19.35
C ASN M 225 16.82 37.91 19.41
N ARG M 226 17.28 38.55 20.49
CA ARG M 226 18.68 38.88 20.73
C ARG M 226 19.30 37.72 21.52
N LEU M 227 20.49 37.92 22.08
CA LEU M 227 21.08 36.93 22.99
C LEU M 227 20.23 36.77 24.24
N THR M 228 20.04 37.87 24.98
CA THR M 228 19.04 38.05 26.05
C THR M 228 19.24 37.03 27.19
N GLY M 229 20.37 37.21 27.88
CA GLY M 229 20.59 36.60 29.17
C GLY M 229 20.98 35.14 29.17
N SER M 230 20.88 34.44 28.03
CA SER M 230 21.24 33.02 28.00
C SER M 230 22.74 32.82 28.08
N LEU M 231 23.52 33.80 27.65
CA LEU M 231 24.98 33.72 27.65
C LEU M 231 25.62 34.96 28.29
N LEU M 232 24.89 35.66 29.16
CA LEU M 232 25.44 36.87 29.77
C LEU M 232 26.57 36.55 30.73
N ALA M 233 26.42 35.44 31.48
CA ALA M 233 27.53 34.96 32.29
C ALA M 233 28.66 34.41 31.43
N HIS M 234 28.35 33.96 30.21
CA HIS M 234 29.39 33.56 29.27
C HIS M 234 30.00 34.77 28.56
N LYS M 235 29.22 35.83 28.37
CA LYS M 235 29.74 37.01 27.69
C LYS M 235 30.62 37.84 28.61
N VAL M 236 30.22 38.05 29.86
CA VAL M 236 31.00 38.88 30.76
C VAL M 236 32.15 38.04 31.31
N ALA M 237 33.25 38.03 30.58
CA ALA M 237 34.49 37.42 31.05
C ALA M 237 35.72 38.21 30.63
N ASP M 238 35.54 39.36 29.98
CA ASP M 238 36.66 40.19 29.55
C ASP M 238 36.40 41.66 29.81
N GLU M 239 35.23 42.02 30.34
CA GLU M 239 34.84 43.42 30.47
C GLU M 239 35.59 44.13 31.60
N GLU M 240 35.72 43.49 32.76
CA GLU M 240 36.49 44.06 33.85
C GLU M 240 37.14 42.95 34.66
N ALA M 241 38.18 43.32 35.40
CA ALA M 241 38.91 42.40 36.27
C ALA M 241 39.62 43.21 37.34
N ASN M 242 39.56 42.74 38.59
CA ASN M 242 40.20 43.44 39.70
C ASN M 242 41.46 42.71 40.15
N ILE M 243 42.48 43.49 40.52
CA ILE M 243 43.74 42.95 41.02
C ILE M 243 43.65 43.00 42.54
N GLU M 244 43.41 41.86 43.16
CA GLU M 244 43.31 41.75 44.61
C GLU M 244 44.60 41.17 45.17
N LEU M 245 45.17 41.86 46.16
CA LEU M 245 46.48 41.50 46.67
C LEU M 245 46.40 40.34 47.66
N THR M 246 47.56 39.89 48.11
CA THR M 246 47.65 38.77 49.03
C THR M 246 47.34 39.24 50.45
N TRP M 247 47.18 38.27 51.35
CA TRP M 247 46.85 38.62 52.73
C TRP M 247 48.07 38.71 53.63
N ALA M 248 48.75 37.57 53.85
CA ALA M 248 50.10 37.43 54.40
C ALA M 248 50.32 37.92 55.83
N GLU M 249 49.36 38.64 56.44
CA GLU M 249 49.56 39.10 57.81
C GLU M 249 48.27 39.16 58.62
N GLY M 250 47.12 38.79 58.04
CA GLY M 250 45.85 39.05 58.68
C GLY M 250 45.45 38.08 59.77
N THR M 251 45.54 38.51 61.03
CA THR M 251 45.23 37.65 62.17
C THR M 251 44.15 38.25 63.06
N PHE M 252 44.17 39.57 63.27
CA PHE M 252 43.35 40.21 64.28
C PHE M 252 41.89 40.38 63.82
N GLU M 253 41.69 40.65 62.53
CA GLU M 253 40.44 41.28 62.07
C GLU M 253 39.27 40.32 62.12
N GLN M 254 39.41 39.13 61.53
CA GLN M 254 38.32 38.17 61.50
C GLN M 254 38.40 37.17 62.64
N PHE M 255 39.16 37.47 63.69
CA PHE M 255 39.24 36.64 64.87
C PHE M 255 38.78 37.36 66.13
N LYS M 256 39.26 38.59 66.36
CA LYS M 256 38.93 39.25 67.62
C LYS M 256 37.63 40.04 67.55
N ASP M 257 37.33 40.64 66.38
CA ASP M 257 36.06 41.33 66.19
C ASP M 257 34.87 40.39 66.26
N THR M 258 35.09 39.12 65.90
CA THR M 258 34.06 38.09 66.06
C THR M 258 33.72 37.87 67.53
N ILE M 259 34.73 37.92 68.41
CA ILE M 259 34.47 37.76 69.83
C ILE M 259 33.89 39.05 70.42
N VAL M 260 34.29 40.21 69.89
CA VAL M 260 33.74 41.49 70.32
C VAL M 260 32.24 41.59 69.96
N LYS M 261 31.84 40.94 68.86
CA LYS M 261 30.43 40.87 68.50
C LYS M 261 29.60 40.10 69.53
N GLU M 262 30.22 39.12 70.22
CA GLU M 262 29.53 38.40 71.29
C GLU M 262 29.34 39.26 72.53
N ALA M 263 30.11 40.33 72.69
CA ALA M 263 29.92 41.21 73.83
C ALA M 263 28.66 42.05 73.69
N GLU M 264 28.20 42.28 72.46
CA GLU M 264 26.96 43.01 72.24
C GLU M 264 25.80 42.11 71.83
N ASP M 265 26.07 40.85 71.49
CA ASP M 265 24.99 39.90 71.19
C ASP M 265 24.14 39.62 72.42
N LYS M 266 24.75 39.00 73.44
CA LYS M 266 24.13 38.68 74.74
C LYS M 266 22.85 37.86 74.57
N THR M 267 22.99 36.67 73.97
CA THR M 267 21.92 35.72 73.67
C THR M 267 20.75 36.34 72.90
N LYS N 274 21.13 -6.28 57.14
CA LYS N 274 21.90 -5.75 58.26
C LYS N 274 22.06 -4.23 58.17
N GLU N 275 21.08 -3.58 57.53
CA GLU N 275 21.11 -2.13 57.39
C GLU N 275 20.91 -1.43 58.72
N ALA N 276 20.10 -2.01 59.61
CA ALA N 276 20.00 -1.48 60.97
C ALA N 276 21.30 -1.69 61.74
N ALA N 277 21.95 -2.84 61.52
CA ALA N 277 23.24 -3.10 62.15
C ALA N 277 24.32 -2.18 61.58
N ALA N 278 24.29 -1.95 60.26
CA ALA N 278 25.22 -1.01 59.64
C ALA N 278 25.00 0.39 60.16
N GLU N 279 23.73 0.79 60.34
CA GLU N 279 23.38 2.05 60.99
C GLU N 279 23.98 2.12 62.40
N LEU N 280 23.83 1.04 63.17
CA LEU N 280 24.31 1.00 64.56
C LEU N 280 25.82 1.16 64.65
N GLU N 281 26.58 0.27 64.00
CA GLU N 281 28.04 0.33 64.14
C GLU N 281 28.64 1.53 63.42
N LEU N 282 28.08 1.96 62.27
CA LEU N 282 28.64 3.12 61.60
C LEU N 282 28.35 4.41 62.36
N LEU N 283 27.16 4.53 62.96
CA LEU N 283 26.89 5.70 63.78
C LEU N 283 27.69 5.69 65.07
N ASN N 284 27.95 4.50 65.65
CA ASN N 284 28.78 4.43 66.84
C ASN N 284 30.23 4.83 66.53
N ALA N 285 30.77 4.34 65.41
CA ALA N 285 32.13 4.69 65.01
C ALA N 285 32.24 6.17 64.66
N ASP N 286 31.22 6.71 63.99
CA ASP N 286 31.23 8.13 63.62
C ASP N 286 31.09 9.02 64.84
N HIS N 287 30.28 8.61 65.82
CA HIS N 287 30.13 9.38 67.05
C HIS N 287 31.40 9.37 67.88
N GLN N 288 32.07 8.21 67.98
CA GLN N 288 33.32 8.15 68.72
C GLN N 288 34.43 8.94 68.01
N HIS N 289 34.45 8.89 66.67
CA HIS N 289 35.44 9.65 65.92
C HIS N 289 35.21 11.16 66.04
N ILE N 290 33.95 11.58 65.97
CA ILE N 290 33.66 13.01 66.03
C ILE N 290 33.72 13.53 67.46
N LEU N 291 33.67 12.64 68.46
CA LEU N 291 33.92 13.08 69.82
C LEU N 291 35.41 13.16 70.11
N ARG N 292 36.19 12.24 69.53
CA ARG N 292 37.64 12.27 69.73
C ARG N 292 38.28 13.44 68.98
N LYS N 293 37.78 13.75 67.78
CA LYS N 293 38.38 14.81 66.98
C LYS N 293 38.00 16.19 67.48
N LEU N 294 36.82 16.35 68.08
CA LEU N 294 36.38 17.66 68.55
C LEU N 294 37.15 18.14 69.76
N LYS N 295 37.76 17.24 70.53
CA LYS N 295 38.48 17.62 71.75
C LYS N 295 39.98 17.39 71.64
N LYS N 296 40.55 17.54 70.44
CA LYS N 296 42.00 17.53 70.29
C LYS N 296 42.41 18.45 69.14
N MET N 297 43.54 19.12 69.35
CA MET N 297 44.20 20.01 68.37
C MET N 297 43.25 21.12 67.91
N ASN N 298 42.46 21.66 68.84
CA ASN N 298 41.61 22.79 68.53
C ASN N 298 41.47 23.76 69.71
N ASN N 299 42.44 23.77 70.62
CA ASN N 299 42.42 24.76 71.69
C ASN N 299 42.89 26.12 71.18
N LYS N 300 44.14 26.21 70.75
CA LYS N 300 44.62 27.33 69.95
C LYS N 300 45.70 26.89 68.96
N PRO N 301 45.36 26.03 67.95
CA PRO N 301 45.99 26.21 66.63
C PRO N 301 45.07 26.99 65.71
N GLU N 302 45.51 27.26 64.49
CA GLU N 302 44.63 27.83 63.47
C GLU N 302 43.91 26.66 62.79
N ARG N 303 42.84 26.20 63.44
CA ARG N 303 42.13 24.99 63.05
C ARG N 303 40.63 25.26 63.05
N PHE N 304 39.96 24.88 61.97
CA PHE N 304 38.54 25.19 61.76
C PHE N 304 37.71 23.91 61.61
N MET N 305 36.45 24.13 61.25
CA MET N 305 35.42 23.10 61.12
C MET N 305 34.30 23.69 60.28
N VAL N 306 33.81 22.93 59.30
CA VAL N 306 32.81 23.44 58.36
C VAL N 306 31.47 22.78 58.69
N PHE N 307 30.53 23.60 59.17
CA PHE N 307 29.19 23.12 59.45
C PHE N 307 28.30 23.23 58.22
N GLN N 308 27.14 22.58 58.31
CA GLN N 308 25.96 22.93 57.53
C GLN N 308 24.77 22.90 58.45
N LEU N 309 23.83 23.83 58.23
CA LEU N 309 22.61 23.83 59.00
C LEU N 309 21.51 24.23 58.03
N PRO N 310 20.40 23.48 58.00
CA PRO N 310 19.38 23.69 56.96
C PRO N 310 18.62 24.99 57.16
N THR N 311 17.82 25.31 56.14
CA THR N 311 17.00 26.51 56.17
C THR N 311 15.77 26.30 57.05
N ARG N 312 14.98 27.37 57.19
CA ARG N 312 13.76 27.43 58.01
C ARG N 312 14.06 27.06 59.46
N LEU N 313 14.85 27.93 60.09
CA LEU N 313 15.09 27.76 61.52
C LEU N 313 14.14 28.66 62.30
N PRO N 314 13.43 28.14 63.31
CA PRO N 314 12.48 28.95 64.07
C PRO N 314 13.13 29.76 65.18
N LYS N 359 20.18 32.12 67.70
CA LYS N 359 20.02 30.92 68.51
C LYS N 359 20.96 30.94 69.71
N VAL N 360 20.52 30.34 70.82
CA VAL N 360 21.36 30.22 72.00
C VAL N 360 22.40 29.13 71.80
N GLY N 361 22.09 28.12 70.99
CA GLY N 361 22.96 26.99 70.75
C GLY N 361 22.72 25.82 71.67
N SER N 362 23.16 25.92 72.93
CA SER N 362 22.80 25.02 74.04
C SER N 362 23.00 23.54 73.71
N ILE N 363 24.07 23.24 72.96
CA ILE N 363 24.27 21.94 72.35
C ILE N 363 24.60 20.91 73.41
N ARG N 364 23.62 20.10 73.78
CA ARG N 364 23.79 19.15 74.87
C ARG N 364 24.46 17.87 74.36
N VAL N 365 24.99 17.10 75.30
CA VAL N 365 25.64 15.82 75.03
C VAL N 365 25.13 14.80 76.03
N HIS N 366 24.47 13.76 75.54
CA HIS N 366 24.00 12.67 76.39
C HIS N 366 24.99 11.53 76.37
N LYS N 367 25.06 10.79 77.49
CA LYS N 367 26.07 9.76 77.68
C LYS N 367 25.67 8.47 76.96
N SER N 368 26.47 7.42 77.18
CA SER N 368 26.29 6.07 76.63
C SER N 368 26.29 6.07 75.10
N GLY N 369 27.06 6.97 74.48
CA GLY N 369 27.21 7.00 73.04
C GLY N 369 26.08 7.66 72.28
N LYS N 370 24.95 7.96 72.93
CA LYS N 370 23.80 8.58 72.25
C LYS N 370 23.98 10.08 72.27
N LEU N 371 24.79 10.58 71.33
CA LEU N 371 25.13 11.99 71.29
C LEU N 371 23.97 12.83 70.77
N SER N 372 23.14 13.34 71.67
CA SER N 372 21.97 14.16 71.30
C SER N 372 22.43 15.58 71.04
N VAL N 373 23.03 15.77 69.86
CA VAL N 373 23.74 17.00 69.52
C VAL N 373 22.77 17.88 68.72
N LYS N 374 21.97 18.69 69.43
CA LYS N 374 21.22 19.81 68.89
C LYS N 374 20.88 20.82 69.98
N ILE N 375 20.09 21.82 69.59
CA ILE N 375 19.54 22.86 70.45
C ILE N 375 18.27 22.36 71.13
N GLY N 376 18.14 22.64 72.43
CA GLY N 376 16.99 22.22 73.20
C GLY N 376 15.99 23.32 73.51
N ASN N 377 16.03 24.41 72.73
CA ASN N 377 15.02 25.46 72.78
C ASN N 377 13.97 25.26 71.70
N VAL N 378 14.41 24.86 70.51
CA VAL N 378 13.52 24.44 69.45
C VAL N 378 13.57 22.92 69.37
N VAL N 379 12.79 22.35 68.43
CA VAL N 379 12.63 20.91 68.34
C VAL N 379 13.96 20.22 68.01
N MET N 380 14.18 19.08 68.66
CA MET N 380 15.49 18.42 68.65
C MET N 380 15.55 17.45 67.47
N ASP N 381 16.41 17.74 66.51
CA ASP N 381 16.52 17.03 65.23
C ASP N 381 17.96 16.60 64.98
N ILE N 382 18.52 15.85 65.96
CA ILE N 382 19.93 15.43 65.99
C ILE N 382 20.38 14.66 64.75
N GLY N 383 21.67 14.80 64.42
CA GLY N 383 22.26 14.12 63.29
C GLY N 383 23.55 14.78 62.85
N LYS N 384 24.54 13.95 62.48
CA LYS N 384 25.85 14.42 62.04
C LYS N 384 26.54 13.25 61.33
N GLY N 385 27.75 13.50 60.83
CA GLY N 385 28.50 12.43 60.21
C GLY N 385 28.71 12.58 58.72
N ALA N 386 28.96 13.81 58.26
CA ALA N 386 29.03 14.09 56.83
C ALA N 386 30.25 13.44 56.17
N GLU N 387 30.28 13.53 54.84
CA GLU N 387 31.30 12.87 54.04
C GLU N 387 32.64 13.58 54.16
N THR N 388 33.70 12.79 54.38
CA THR N 388 35.07 13.29 54.25
C THR N 388 35.47 13.22 52.78
N THR N 389 35.89 14.36 52.23
CA THR N 389 36.15 14.49 50.81
C THR N 389 37.57 14.97 50.57
N PHE N 390 38.02 14.81 49.32
CA PHE N 390 39.35 15.27 48.91
C PHE N 390 39.26 16.74 48.50
N LEU N 391 40.36 17.25 47.92
CA LEU N 391 40.45 18.54 47.26
C LEU N 391 40.13 19.69 48.21
N GLN N 392 41.05 19.95 49.16
CA GLN N 392 40.93 20.83 50.32
C GLN N 392 40.26 22.17 50.01
N ASP N 393 39.13 22.41 50.66
CA ASP N 393 38.27 23.56 50.40
C ASP N 393 38.30 24.45 51.63
N VAL N 394 38.99 25.59 51.54
CA VAL N 394 39.23 26.47 52.67
C VAL N 394 38.64 27.84 52.41
N ILE N 395 38.17 28.49 53.48
CA ILE N 395 37.70 29.87 53.39
C ILE N 395 38.86 30.82 53.09
N ALA N 396 39.90 30.79 53.92
CA ALA N 396 41.24 31.28 53.64
C ALA N 396 41.40 32.78 53.46
N LEU N 397 40.29 33.55 53.47
CA LEU N 397 40.33 34.97 53.16
C LEU N 397 39.00 35.61 53.53
N SER N 398 39.02 36.94 53.63
CA SER N 398 37.82 37.75 53.84
C SER N 398 38.10 39.13 53.29
N ILE N 399 37.32 39.56 52.30
CA ILE N 399 37.64 40.77 51.56
C ILE N 399 36.49 41.78 51.60
N ALA N 400 36.69 42.92 50.96
CA ALA N 400 35.67 43.94 50.76
C ALA N 400 35.93 44.59 49.41
N ASP N 401 35.20 45.68 49.09
CA ASP N 401 35.40 46.37 47.82
C ASP N 401 35.53 47.89 47.99
N ASP N 402 36.72 48.34 48.38
CA ASP N 402 37.18 49.67 47.98
C ASP N 402 38.53 49.50 47.27
N ALA N 403 39.51 48.95 48.01
CA ALA N 403 40.74 48.45 47.44
C ALA N 403 41.23 47.23 48.23
N SER N 404 40.31 46.49 48.85
CA SER N 404 40.56 45.72 50.08
C SER N 404 41.56 44.58 49.98
N SER N 405 41.95 44.07 51.14
CA SER N 405 42.88 42.95 51.31
C SER N 405 42.14 41.81 51.98
N ALA N 406 42.88 40.77 52.37
CA ALA N 406 42.28 39.54 52.85
C ALA N 406 42.85 39.22 54.23
N GLU N 407 42.56 38.00 54.70
CA GLU N 407 42.82 37.55 56.06
C GLU N 407 43.39 36.14 56.01
N LEU N 408 44.05 35.70 57.09
CA LEU N 408 44.41 34.29 57.28
C LEU N 408 43.24 33.59 57.94
N LEU N 409 42.67 32.58 57.27
CA LEU N 409 41.69 31.73 57.92
C LEU N 409 42.18 30.28 58.00
N GLY N 410 42.39 29.62 56.86
CA GLY N 410 43.21 28.43 56.80
C GLY N 410 42.69 27.10 57.33
N ARG N 411 43.08 26.02 56.65
CA ARG N 411 43.17 24.65 57.17
C ARG N 411 41.81 24.12 57.63
N VAL N 412 40.94 23.92 56.65
CA VAL N 412 39.72 23.15 56.83
C VAL N 412 40.07 21.68 56.72
N ASP N 413 39.68 20.89 57.73
CA ASP N 413 40.01 19.47 57.79
C ASP N 413 38.76 18.59 57.79
N GLY N 414 37.83 18.82 58.69
CA GLY N 414 36.72 17.90 58.92
C GLY N 414 35.38 18.48 58.49
N LYS N 415 34.58 17.64 57.83
CA LYS N 415 33.27 18.03 57.32
C LYS N 415 32.18 17.45 58.21
N ILE N 416 31.16 18.26 58.49
CA ILE N 416 30.06 17.89 59.38
C ILE N 416 28.80 18.65 58.98
N VAL N 417 27.70 17.92 58.83
CA VAL N 417 26.39 18.51 58.57
C VAL N 417 25.48 18.21 59.75
N VAL N 418 24.27 18.77 59.69
CA VAL N 418 23.22 18.51 60.66
C VAL N 418 22.06 17.88 59.92
N THR N 419 21.88 16.57 60.09
CA THR N 419 20.78 15.86 59.46
C THR N 419 19.59 15.85 60.39
N PRO N 420 18.49 16.51 60.04
CA PRO N 420 17.35 16.59 60.97
C PRO N 420 16.53 15.32 61.01
N GLN N 421 16.09 14.97 62.21
CA GLN N 421 15.15 13.88 62.40
C GLN N 421 13.77 14.45 62.71
N ILE N 422 12.75 13.61 62.50
CA ILE N 422 11.37 14.06 62.61
C ILE N 422 10.68 13.39 63.79
N VAL O 31 0.11 10.62 -37.53
CA VAL O 31 -1.25 10.78 -38.02
C VAL O 31 -1.26 10.69 -39.54
N MET O 32 -1.94 9.65 -40.04
CA MET O 32 -2.24 9.42 -41.47
C MET O 32 -1.01 9.22 -42.35
N THR O 33 0.17 9.05 -41.74
CA THR O 33 1.45 8.63 -42.34
C THR O 33 2.04 9.66 -43.31
N ILE O 34 1.32 10.76 -43.60
CA ILE O 34 1.84 11.78 -44.51
C ILE O 34 2.88 12.68 -43.84
N SER O 35 2.95 12.66 -42.51
CA SER O 35 3.94 13.45 -41.78
C SER O 35 5.35 12.88 -41.90
N SER O 36 5.48 11.64 -42.38
CA SER O 36 6.76 10.95 -42.63
C SER O 36 7.60 10.85 -41.35
N LEU O 37 6.99 10.27 -40.32
CA LEU O 37 7.68 10.03 -39.06
C LEU O 37 8.12 8.58 -38.89
N GLU O 38 7.56 7.66 -39.67
CA GLU O 38 7.95 6.25 -39.57
C GLU O 38 9.34 6.00 -40.14
N GLN O 39 9.92 6.97 -40.85
CA GLN O 39 11.31 6.92 -41.25
C GLN O 39 12.13 8.05 -40.66
N ARG O 40 11.51 8.95 -39.89
CA ARG O 40 12.23 10.15 -39.44
C ARG O 40 13.11 9.88 -38.22
N THR O 41 12.51 9.55 -37.09
CA THR O 41 13.25 9.41 -35.85
C THR O 41 13.54 7.93 -35.58
N LEU O 42 14.35 7.38 -36.48
CA LEU O 42 14.82 6.00 -36.43
C LEU O 42 16.24 6.01 -36.98
N ASN O 43 16.72 4.84 -37.42
CA ASN O 43 18.09 4.51 -37.77
C ASN O 43 18.76 5.51 -38.71
N PRO O 44 19.70 6.32 -38.20
CA PRO O 44 20.31 7.36 -39.03
C PRO O 44 21.46 6.85 -39.90
N ASP O 45 22.22 5.90 -39.37
CA ASP O 45 23.44 5.42 -40.01
C ASP O 45 23.22 4.14 -40.78
N LEU O 46 22.36 3.25 -40.30
CA LEU O 46 22.12 1.95 -40.93
C LEU O 46 20.91 1.98 -41.84
N PHE O 47 20.69 3.11 -42.52
CA PHE O 47 19.63 3.24 -43.50
C PHE O 47 20.14 3.62 -44.88
N LEU O 48 21.19 4.44 -44.98
CA LEU O 48 21.69 4.89 -46.28
C LEU O 48 22.45 3.79 -47.00
N TYR O 49 23.28 3.04 -46.26
CA TYR O 49 24.21 2.07 -46.85
C TYR O 49 23.48 0.92 -47.55
N LYS O 50 22.24 0.64 -47.14
CA LYS O 50 21.42 -0.35 -47.82
C LYS O 50 20.14 0.26 -48.39
N GLU O 51 19.99 1.58 -48.29
CA GLU O 51 18.96 2.28 -49.05
C GLU O 51 19.45 2.62 -50.44
N LEU O 52 20.76 2.79 -50.62
CA LEU O 52 21.34 2.95 -51.95
C LEU O 52 21.12 1.70 -52.80
N VAL O 53 21.39 0.52 -52.24
CA VAL O 53 21.28 -0.70 -53.02
C VAL O 53 19.84 -1.15 -53.25
N LYS O 54 18.87 -0.51 -52.59
CA LYS O 54 17.48 -0.65 -53.01
C LYS O 54 17.27 -0.08 -54.40
N ALA O 55 17.94 1.03 -54.69
CA ALA O 55 17.85 1.67 -56.00
C ALA O 55 18.89 1.15 -56.99
N HIS O 56 19.97 0.53 -56.51
CA HIS O 56 21.00 0.01 -57.39
C HIS O 56 20.89 -1.49 -57.62
N LEU O 57 20.81 -2.30 -56.56
CA LEU O 57 20.93 -3.74 -56.71
C LEU O 57 19.58 -4.42 -56.94
N GLY O 58 18.66 -4.29 -55.99
CA GLY O 58 17.35 -4.87 -56.19
C GLY O 58 16.64 -5.41 -54.95
N GLU O 59 16.08 -6.62 -55.06
CA GLU O 59 15.15 -7.10 -54.05
C GLU O 59 15.85 -7.90 -52.94
N ARG O 60 16.85 -8.72 -53.29
CA ARG O 60 17.46 -9.62 -52.33
C ARG O 60 18.93 -9.33 -52.08
N ALA O 61 19.54 -8.45 -52.87
CA ALA O 61 20.91 -8.01 -52.62
C ALA O 61 20.97 -6.79 -51.71
N ALA O 62 19.90 -6.52 -50.98
CA ALA O 62 19.83 -5.42 -50.02
C ALA O 62 19.69 -5.91 -48.59
N SER O 63 18.95 -7.00 -48.37
CA SER O 63 18.80 -7.53 -47.02
C SER O 63 20.08 -8.16 -46.50
N VAL O 64 20.98 -8.59 -47.39
CA VAL O 64 22.31 -9.04 -46.99
C VAL O 64 23.09 -7.90 -46.32
N ILE O 65 23.04 -6.70 -46.90
CA ILE O 65 23.70 -5.55 -46.28
C ILE O 65 22.92 -5.09 -45.05
N GLY O 66 21.58 -5.22 -45.10
CA GLY O 66 20.75 -4.83 -43.97
C GLY O 66 20.93 -5.70 -42.75
N MET O 67 21.37 -6.94 -42.95
CA MET O 67 21.70 -7.81 -41.83
C MET O 67 23.19 -7.76 -41.49
N LEU O 68 24.04 -7.44 -42.46
CA LEU O 68 25.48 -7.42 -42.24
C LEU O 68 25.93 -6.17 -41.51
N VAL O 69 25.36 -5.01 -41.83
CA VAL O 69 25.73 -3.78 -41.14
C VAL O 69 25.11 -3.76 -39.74
N ALA O 70 23.90 -4.30 -39.60
CA ALA O 70 23.17 -4.27 -38.34
C ALA O 70 23.75 -5.19 -37.27
N LEU O 71 24.61 -6.15 -37.65
CA LEU O 71 25.19 -7.05 -36.67
C LEU O 71 26.71 -7.01 -36.71
N GLY O 72 27.27 -6.69 -37.89
CA GLY O 72 28.71 -6.63 -38.01
C GLY O 72 29.33 -7.89 -38.59
N ARG O 73 29.85 -8.74 -37.72
CA ARG O 73 30.59 -9.94 -38.11
C ARG O 73 29.63 -11.09 -38.38
N LEU O 74 29.60 -11.56 -39.62
CA LEU O 74 28.70 -12.64 -40.03
C LEU O 74 29.47 -13.71 -40.78
N SER O 75 29.02 -14.96 -40.64
CA SER O 75 29.51 -16.07 -41.45
C SER O 75 28.51 -16.40 -42.55
N VAL O 76 28.73 -17.51 -43.26
CA VAL O 76 27.89 -17.86 -44.40
C VAL O 76 26.53 -18.36 -43.94
N ARG O 77 26.49 -19.29 -42.99
CA ARG O 77 25.24 -19.88 -42.55
C ARG O 77 24.42 -18.93 -41.66
N GLU O 78 25.06 -17.91 -41.10
CA GLU O 78 24.36 -16.99 -40.21
C GLU O 78 23.36 -16.12 -40.97
N LEU O 79 23.69 -15.71 -42.19
CA LEU O 79 22.72 -14.99 -43.02
C LEU O 79 21.51 -15.85 -43.34
N VAL O 80 21.72 -17.13 -43.61
CA VAL O 80 20.64 -18.04 -43.96
C VAL O 80 19.75 -18.30 -42.76
N GLU O 81 20.33 -18.39 -41.56
CA GLU O 81 19.47 -18.58 -40.40
C GLU O 81 18.85 -17.26 -39.92
N LYS O 82 19.38 -16.10 -40.31
CA LYS O 82 18.70 -14.85 -39.97
C LYS O 82 17.53 -14.57 -40.91
N ILE O 83 17.80 -14.37 -42.21
CA ILE O 83 16.73 -13.97 -43.11
C ILE O 83 16.02 -15.20 -43.66
N ASP O 84 14.70 -15.14 -43.68
CA ASP O 84 13.86 -16.21 -44.23
C ASP O 84 13.40 -15.87 -45.64
N GLY O 85 14.37 -15.68 -46.52
CA GLY O 85 14.06 -15.36 -47.90
C GLY O 85 14.32 -16.52 -48.85
N MET O 86 15.42 -17.24 -48.60
CA MET O 86 15.89 -18.30 -49.49
C MET O 86 16.89 -19.14 -48.70
N ASP O 87 17.22 -20.31 -49.24
CA ASP O 87 18.25 -21.19 -48.72
C ASP O 87 19.61 -20.66 -49.18
N VAL O 88 20.66 -21.49 -49.15
CA VAL O 88 22.03 -21.00 -49.27
C VAL O 88 22.41 -20.97 -50.76
N ASP O 89 21.41 -21.03 -51.64
CA ASP O 89 21.62 -20.96 -53.07
C ASP O 89 21.70 -19.52 -53.58
N SER O 90 20.64 -18.73 -53.37
CA SER O 90 20.58 -17.38 -53.91
C SER O 90 21.28 -16.35 -53.04
N VAL O 91 21.73 -16.74 -51.84
CA VAL O 91 22.60 -15.87 -51.06
C VAL O 91 23.96 -15.75 -51.75
N LYS O 92 24.39 -16.84 -52.41
CA LYS O 92 25.61 -16.83 -53.20
C LYS O 92 25.57 -15.79 -54.32
N THR O 93 24.41 -15.63 -54.96
CA THR O 93 24.26 -14.69 -56.06
C THR O 93 24.44 -13.25 -55.57
N THR O 94 23.83 -12.92 -54.44
CA THR O 94 24.00 -11.60 -53.85
C THR O 94 25.43 -11.34 -53.40
N LEU O 95 26.08 -12.36 -52.83
CA LEU O 95 27.45 -12.19 -52.36
C LEU O 95 28.44 -12.03 -53.52
N VAL O 96 28.28 -12.81 -54.58
CA VAL O 96 29.16 -12.66 -55.75
C VAL O 96 28.72 -11.54 -56.66
N SER O 97 27.59 -10.90 -56.38
CA SER O 97 27.29 -9.63 -57.03
C SER O 97 27.85 -8.44 -56.25
N LEU O 98 27.94 -8.55 -54.93
CA LEU O 98 28.49 -7.48 -54.11
C LEU O 98 29.98 -7.60 -53.85
N THR O 99 30.62 -8.69 -54.29
CA THR O 99 32.04 -8.88 -54.00
C THR O 99 32.92 -7.97 -54.85
N GLN O 100 32.78 -8.03 -56.17
CA GLN O 100 33.60 -7.17 -57.04
C GLN O 100 33.15 -5.72 -57.02
N LEU O 101 31.92 -5.45 -56.54
CA LEU O 101 31.47 -4.09 -56.31
C LEU O 101 32.03 -3.52 -55.01
N ARG O 102 32.74 -4.36 -54.24
CA ARG O 102 33.40 -4.07 -52.96
C ARG O 102 32.52 -3.29 -51.98
N CYS O 103 31.24 -3.66 -51.93
CA CYS O 103 30.37 -3.29 -50.83
C CYS O 103 30.48 -4.26 -49.67
N VAL O 104 31.24 -5.34 -49.83
CA VAL O 104 31.46 -6.34 -48.79
C VAL O 104 32.89 -6.89 -48.96
N LYS O 105 33.57 -7.10 -47.84
CA LYS O 105 34.89 -7.72 -47.83
C LYS O 105 34.84 -9.00 -47.03
N TYR O 106 35.66 -9.98 -47.41
CA TYR O 106 35.63 -11.29 -46.80
C TYR O 106 36.86 -11.53 -45.91
N LEU O 107 36.87 -12.68 -45.26
CA LEU O 107 37.99 -13.16 -44.47
C LEU O 107 37.88 -14.67 -44.30
N GLN O 108 38.92 -15.39 -44.71
CA GLN O 108 38.94 -16.85 -44.60
C GLN O 108 39.97 -17.23 -43.53
N GLU O 109 39.48 -17.70 -42.39
CA GLU O 109 40.33 -18.06 -41.27
C GLU O 109 39.66 -19.13 -40.44
N THR O 110 40.45 -19.79 -39.59
CA THR O 110 39.99 -20.85 -38.72
C THR O 110 40.34 -20.52 -37.28
N ALA O 111 39.66 -21.19 -36.35
CA ALA O 111 39.93 -20.93 -34.94
C ALA O 111 41.11 -21.75 -34.43
N ILE O 112 40.94 -23.07 -34.30
CA ILE O 112 42.04 -23.92 -33.87
C ILE O 112 42.13 -25.19 -34.71
N SER O 113 41.01 -25.61 -35.30
CA SER O 113 40.90 -26.97 -35.85
C SER O 113 40.89 -26.99 -37.37
N GLY O 114 39.94 -26.28 -37.99
CA GLY O 114 39.77 -26.33 -39.43
C GLY O 114 38.51 -25.62 -39.87
N LYS O 115 37.73 -26.27 -40.76
CA LYS O 115 36.52 -25.77 -41.43
C LYS O 115 36.69 -24.33 -41.95
N LYS O 116 37.57 -24.18 -42.94
CA LYS O 116 38.01 -22.88 -43.43
C LYS O 116 36.89 -22.13 -44.14
N THR O 117 35.94 -21.58 -43.37
CA THR O 117 34.83 -20.83 -43.91
C THR O 117 35.18 -19.35 -44.03
N THR O 118 34.39 -18.64 -44.83
CA THR O 118 34.63 -17.24 -45.12
C THR O 118 33.80 -16.37 -44.17
N TYR O 119 34.48 -15.61 -43.33
CA TYR O 119 33.84 -14.68 -42.42
C TYR O 119 33.82 -13.30 -43.04
N TYR O 120 32.80 -12.50 -42.70
CA TYR O 120 32.41 -11.34 -43.49
C TYR O 120 32.31 -10.11 -42.60
N TYR O 121 33.11 -9.09 -42.91
CA TYR O 121 32.81 -7.73 -42.51
C TYR O 121 31.95 -7.07 -43.57
N TYR O 122 31.67 -5.78 -43.40
CA TYR O 122 31.02 -4.98 -44.42
C TYR O 122 31.98 -3.91 -44.90
N ASN O 123 32.08 -3.76 -46.21
CA ASN O 123 32.97 -2.78 -46.80
C ASN O 123 32.22 -1.49 -47.04
N GLU O 124 32.96 -0.38 -47.01
CA GLU O 124 32.38 0.95 -47.08
C GLU O 124 32.76 1.69 -48.35
N GLU O 125 33.92 1.36 -48.95
CA GLU O 125 34.43 2.12 -50.08
C GLU O 125 33.60 1.91 -51.35
N GLY O 126 33.07 0.70 -51.55
CA GLY O 126 32.17 0.48 -52.67
C GLY O 126 30.86 1.22 -52.53
N ILE O 127 30.38 1.38 -51.30
CA ILE O 127 29.17 2.15 -51.08
C ILE O 127 29.46 3.64 -51.28
N HIS O 128 30.67 4.08 -50.96
CA HIS O 128 31.08 5.44 -51.33
C HIS O 128 31.16 5.61 -52.84
N ILE O 129 31.60 4.59 -53.56
CA ILE O 129 31.63 4.65 -55.03
C ILE O 129 30.21 4.74 -55.60
N LEU O 130 29.28 3.98 -55.03
CA LEU O 130 27.88 4.08 -55.45
C LEU O 130 27.24 5.40 -55.05
N LEU O 131 27.77 6.09 -54.04
CA LEU O 131 27.40 7.47 -53.79
C LEU O 131 27.96 8.40 -54.86
N TYR O 132 29.26 8.30 -55.15
CA TYR O 132 29.94 9.38 -55.85
C TYR O 132 30.01 9.21 -57.37
N SER O 133 29.60 8.06 -57.94
CA SER O 133 29.92 7.66 -59.32
C SER O 133 29.66 8.69 -60.43
N GLY O 134 28.47 9.29 -60.43
CA GLY O 134 28.14 10.24 -61.49
C GLY O 134 28.93 11.53 -61.39
N LEU O 135 29.14 12.04 -60.18
CA LEU O 135 29.97 13.22 -60.05
C LEU O 135 31.44 12.88 -59.84
N ILE O 136 31.80 11.60 -59.97
CA ILE O 136 33.15 11.19 -60.31
C ILE O 136 33.40 11.34 -61.81
N ILE O 137 32.49 10.79 -62.63
CA ILE O 137 32.71 10.82 -64.07
C ILE O 137 32.49 12.22 -64.63
N ASP O 138 31.67 13.05 -63.97
CA ASP O 138 31.39 14.38 -64.50
C ASP O 138 32.25 15.48 -63.88
N GLU O 139 33.17 15.14 -62.99
CA GLU O 139 34.11 16.12 -62.45
C GLU O 139 35.53 15.89 -62.93
N ILE O 140 35.86 14.65 -63.33
CA ILE O 140 37.23 14.28 -63.65
C ILE O 140 37.68 14.91 -64.98
N ILE O 141 36.74 15.26 -65.85
CA ILE O 141 37.08 15.58 -67.24
C ILE O 141 37.63 16.99 -67.35
N THR O 142 36.96 17.96 -66.73
CA THR O 142 37.34 19.35 -66.89
C THR O 142 38.63 19.71 -66.16
N GLN O 143 39.07 18.88 -65.22
CA GLN O 143 40.23 19.20 -64.40
C GLN O 143 41.37 18.21 -64.55
N MET O 144 41.13 16.91 -64.39
CA MET O 144 42.26 15.98 -64.32
C MET O 144 42.67 15.44 -65.68
N ARG O 145 41.75 14.81 -66.40
CA ARG O 145 42.08 14.19 -67.68
C ARG O 145 42.00 15.23 -68.79
N VAL O 146 43.18 15.63 -69.30
CA VAL O 146 43.27 16.68 -70.29
C VAL O 146 43.83 16.03 -71.56
N ASN O 147 43.42 14.78 -71.81
CA ASN O 147 43.78 14.10 -73.06
C ASN O 147 43.21 14.82 -74.27
N ASP O 148 41.87 14.88 -74.35
CA ASP O 148 41.23 15.42 -75.53
C ASP O 148 39.84 15.92 -75.16
N GLU O 149 39.35 16.89 -75.94
CA GLU O 149 38.06 17.49 -75.67
C GLU O 149 37.19 17.66 -76.91
N GLU O 150 37.66 17.23 -78.07
CA GLU O 150 36.90 17.39 -79.32
C GLU O 150 35.87 16.26 -79.46
N GLU O 151 34.81 16.40 -78.65
CA GLU O 151 33.65 15.51 -78.61
C GLU O 151 34.03 14.07 -78.33
N HIS O 152 34.68 13.86 -77.18
CA HIS O 152 35.01 12.53 -76.70
C HIS O 152 34.14 12.10 -75.53
N LYS O 153 33.01 12.78 -75.32
CA LYS O 153 32.07 12.38 -74.27
C LYS O 153 31.30 11.12 -74.63
N GLN O 154 31.30 10.74 -75.91
CA GLN O 154 30.62 9.52 -76.34
C GLN O 154 31.40 8.27 -75.96
N LEU O 155 32.67 8.40 -75.59
CA LEU O 155 33.50 7.26 -75.22
C LEU O 155 33.93 7.28 -73.75
N VAL O 156 33.90 8.43 -73.08
CA VAL O 156 34.24 8.50 -71.66
C VAL O 156 33.24 7.71 -70.82
N ALA O 157 31.95 7.87 -71.10
CA ALA O 157 30.92 7.12 -70.38
C ALA O 157 31.06 5.63 -70.63
N GLU O 158 31.34 5.24 -71.88
CA GLU O 158 31.51 3.83 -72.21
C GLU O 158 32.77 3.24 -71.59
N ILE O 159 33.81 4.06 -71.40
CA ILE O 159 35.09 3.55 -70.90
C ILE O 159 35.18 3.66 -69.37
N VAL O 160 34.26 4.35 -68.71
CA VAL O 160 34.30 4.51 -67.26
C VAL O 160 33.12 3.86 -66.56
N GLN O 161 31.89 4.07 -67.06
CA GLN O 161 30.71 3.52 -66.40
C GLN O 161 30.69 2.00 -66.46
N ASN O 162 31.20 1.44 -67.55
CA ASN O 162 31.31 -0.01 -67.67
C ASN O 162 32.36 -0.60 -66.73
N VAL O 163 33.29 0.23 -66.25
CA VAL O 163 34.29 -0.23 -65.29
C VAL O 163 33.76 -0.13 -63.87
N ILE O 164 32.98 0.91 -63.56
CA ILE O 164 32.33 0.95 -62.25
C ILE O 164 31.25 -0.13 -62.13
N SER O 165 30.36 -0.24 -63.12
CA SER O 165 29.23 -1.15 -63.03
C SER O 165 29.61 -2.62 -63.14
N LEU O 166 30.84 -2.94 -63.56
CA LEU O 166 31.32 -4.30 -63.54
C LEU O 166 32.38 -4.56 -62.49
N GLY O 167 33.29 -3.63 -62.25
CA GLY O 167 34.29 -3.76 -61.21
C GLY O 167 35.71 -3.98 -61.67
N SER O 168 35.92 -4.77 -62.71
CA SER O 168 37.25 -5.07 -63.21
C SER O 168 37.47 -4.48 -64.60
N LEU O 169 38.64 -4.77 -65.16
CA LEU O 169 39.00 -4.32 -66.50
C LEU O 169 40.00 -5.29 -67.08
N THR O 170 39.56 -6.13 -68.02
CA THR O 170 40.44 -6.99 -68.79
C THR O 170 40.28 -6.65 -70.25
N VAL O 171 41.34 -6.14 -70.87
CA VAL O 171 41.27 -5.53 -72.20
C VAL O 171 40.93 -6.56 -73.27
N GLU O 172 41.40 -7.80 -73.11
CA GLU O 172 41.14 -8.85 -74.11
C GLU O 172 39.68 -9.26 -74.17
N ASP O 173 38.92 -9.03 -73.10
CA ASP O 173 37.49 -9.32 -73.10
C ASP O 173 36.65 -8.05 -73.18
N TYR O 174 37.15 -6.92 -72.70
CA TYR O 174 36.39 -5.67 -72.74
C TYR O 174 36.47 -4.97 -74.09
N LEU O 175 37.66 -4.95 -74.71
CA LEU O 175 37.82 -4.35 -76.02
C LEU O 175 37.23 -5.20 -77.13
N SER O 176 36.98 -6.49 -76.88
CA SER O 176 36.47 -7.40 -77.90
C SER O 176 35.07 -7.06 -78.36
N SER O 177 34.31 -6.28 -77.58
CA SER O 177 33.04 -5.76 -78.06
C SER O 177 33.23 -4.72 -79.15
N VAL O 178 34.35 -4.00 -79.12
CA VAL O 178 34.66 -3.00 -80.14
C VAL O 178 35.38 -3.69 -81.29
N THR O 179 34.83 -3.58 -82.50
CA THR O 179 35.40 -4.25 -83.66
C THR O 179 36.55 -3.47 -84.29
N SER O 180 36.59 -2.15 -84.08
CA SER O 180 37.62 -1.33 -84.71
C SER O 180 38.95 -1.50 -83.99
N ASP O 181 40.03 -1.31 -84.74
CA ASP O 181 41.39 -1.41 -84.22
C ASP O 181 42.13 -0.08 -84.23
N SER O 182 41.60 0.92 -84.95
CA SER O 182 42.26 2.23 -84.99
C SER O 182 42.09 2.97 -83.69
N MET O 183 40.95 2.79 -83.02
CA MET O 183 40.70 3.46 -81.74
C MET O 183 41.33 2.73 -80.57
N LYS O 184 41.90 1.54 -80.79
CA LYS O 184 42.48 0.75 -79.70
C LYS O 184 43.71 1.42 -79.13
N TYR O 185 44.53 2.04 -79.98
CA TYR O 185 45.71 2.75 -79.50
C TYR O 185 45.34 4.00 -78.70
N THR O 186 44.26 4.67 -79.11
CA THR O 186 43.79 5.83 -78.36
C THR O 186 43.21 5.42 -77.00
N ILE O 187 42.49 4.29 -76.96
CA ILE O 187 41.96 3.79 -75.69
C ILE O 187 43.11 3.34 -74.78
N SER O 188 44.17 2.76 -75.35
CA SER O 188 45.32 2.36 -74.55
C SER O 188 46.07 3.58 -74.01
N SER O 189 46.16 4.65 -74.81
CA SER O 189 46.80 5.88 -74.32
C SER O 189 45.95 6.55 -73.24
N LEU O 190 44.62 6.47 -73.37
CA LEU O 190 43.73 6.94 -72.30
C LEU O 190 43.95 6.14 -71.02
N PHE O 191 44.09 4.82 -71.15
CA PHE O 191 44.36 3.97 -69.99
C PHE O 191 45.70 4.32 -69.34
N VAL O 192 46.73 4.55 -70.15
CA VAL O 192 48.06 4.87 -69.61
C VAL O 192 48.02 6.21 -68.87
N GLN O 193 47.50 7.26 -69.51
CA GLN O 193 47.53 8.58 -68.89
C GLN O 193 46.55 8.68 -67.71
N LEU O 194 45.46 7.91 -67.72
CA LEU O 194 44.55 7.98 -66.60
C LEU O 194 45.04 7.12 -65.43
N CYS O 195 45.80 6.06 -65.71
CA CYS O 195 46.42 5.29 -64.64
C CYS O 195 47.73 5.89 -64.14
N GLU O 196 48.26 6.91 -64.83
CA GLU O 196 49.39 7.67 -64.27
C GLU O 196 48.98 8.37 -62.98
N MET O 197 47.83 9.01 -62.97
CA MET O 197 47.33 9.70 -61.77
C MET O 197 46.41 8.82 -60.93
N GLY O 198 46.86 7.60 -60.65
CA GLY O 198 46.12 6.72 -59.76
C GLY O 198 44.84 6.20 -60.41
N TYR O 199 43.74 6.29 -59.65
CA TYR O 199 42.34 6.14 -60.06
C TYR O 199 41.93 4.71 -60.40
N LEU O 200 42.89 3.80 -60.51
CA LEU O 200 42.61 2.41 -60.84
C LEU O 200 43.66 1.57 -60.13
N ILE O 201 43.23 0.81 -59.12
CA ILE O 201 44.15 -0.03 -58.35
C ILE O 201 44.60 -1.18 -59.25
N GLN O 202 45.91 -1.30 -59.43
CA GLN O 202 46.45 -2.06 -60.57
C GLN O 202 46.45 -3.56 -60.30
N ILE O 203 47.14 -4.00 -59.25
CA ILE O 203 47.15 -5.43 -58.95
C ILE O 203 45.83 -5.87 -58.35
N SER O 204 45.12 -4.97 -57.67
CA SER O 204 43.75 -5.15 -57.15
C SER O 204 43.64 -6.27 -56.12
N LYS O 205 44.76 -6.71 -55.56
CA LYS O 205 44.78 -7.71 -54.50
C LYS O 205 44.68 -7.02 -53.15
N LEU O 206 44.32 -7.79 -52.13
CA LEU O 206 44.46 -7.49 -50.70
C LEU O 206 43.52 -6.38 -50.23
N HIS O 207 42.80 -5.71 -51.12
CA HIS O 207 41.84 -4.67 -50.75
C HIS O 207 40.49 -5.24 -50.34
N TYR O 208 40.35 -6.56 -50.29
CA TYR O 208 39.15 -7.20 -49.73
C TYR O 208 39.43 -7.74 -48.33
N THR O 209 40.51 -7.27 -47.72
CA THR O 209 40.90 -7.62 -46.37
C THR O 209 40.69 -6.44 -45.44
N PRO O 210 40.31 -6.69 -44.18
CA PRO O 210 40.07 -5.59 -43.25
C PRO O 210 41.36 -4.89 -42.85
N ILE O 211 41.22 -3.59 -42.56
CA ILE O 211 42.39 -2.79 -42.16
C ILE O 211 42.84 -3.17 -40.76
N GLU O 212 41.89 -3.50 -39.87
CA GLU O 212 42.25 -3.96 -38.53
C GLU O 212 42.89 -5.34 -38.58
N ASP O 213 42.42 -6.19 -39.49
CA ASP O 213 42.94 -7.55 -39.59
C ASP O 213 44.37 -7.56 -40.12
N LEU O 214 44.71 -6.63 -41.01
CA LEU O 214 46.09 -6.51 -41.48
C LEU O 214 47.04 -6.16 -40.34
N TRP O 215 46.64 -5.20 -39.50
CA TRP O 215 47.49 -4.81 -38.38
C TRP O 215 47.60 -5.90 -37.33
N GLN O 216 46.49 -6.60 -37.05
CA GLN O 216 46.54 -7.70 -36.10
C GLN O 216 47.36 -8.87 -36.61
N PHE O 217 47.25 -9.19 -37.91
CA PHE O 217 48.00 -10.30 -38.48
C PHE O 217 49.49 -9.98 -38.56
N LEU O 218 49.84 -8.75 -38.93
CA LEU O 218 51.25 -8.38 -38.97
C LEU O 218 51.85 -8.24 -37.58
N TYR O 219 51.07 -7.78 -36.60
CA TYR O 219 51.56 -7.74 -35.22
C TYR O 219 51.76 -9.15 -34.66
N GLU O 220 50.85 -10.07 -34.99
CA GLU O 220 50.97 -11.44 -34.52
C GLU O 220 52.15 -12.16 -35.18
N LYS O 221 52.36 -11.92 -36.48
CA LYS O 221 53.49 -12.51 -37.19
C LYS O 221 54.82 -11.93 -36.71
N HIS O 222 54.87 -10.63 -36.44
CA HIS O 222 56.09 -10.00 -35.97
C HIS O 222 56.30 -10.15 -34.46
N TYR O 223 55.34 -10.74 -33.75
CA TYR O 223 55.59 -11.18 -32.38
C TYR O 223 55.99 -12.65 -32.28
N LYS O 224 55.51 -13.51 -33.20
CA LYS O 224 55.87 -14.92 -33.13
C LYS O 224 57.33 -15.22 -33.43
N ASN O 225 58.06 -14.27 -34.02
CA ASN O 225 59.41 -14.57 -34.51
C ASN O 225 60.49 -14.50 -33.44
N ILE O 226 60.22 -13.94 -32.27
CA ILE O 226 61.27 -13.78 -31.27
C ILE O 226 60.95 -14.37 -29.89
N PRO O 227 60.99 -15.71 -29.71
CA PRO O 227 61.06 -16.24 -28.34
C PRO O 227 62.50 -16.52 -27.95
N ARG O 228 62.72 -16.84 -26.66
CA ARG O 228 63.98 -17.35 -26.12
C ARG O 228 65.13 -16.37 -26.35
N ASN O 229 65.01 -15.23 -25.66
CA ASN O 229 65.92 -14.10 -25.85
C ASN O 229 66.24 -13.48 -24.49
N SER O 230 66.74 -12.25 -24.54
CA SER O 230 66.88 -11.43 -23.35
C SER O 230 65.50 -11.19 -22.72
N PRO O 231 65.42 -11.06 -21.39
CA PRO O 231 64.11 -10.87 -20.73
C PRO O 231 63.40 -9.60 -21.18
N LEU O 232 62.15 -9.77 -21.59
CA LEU O 232 61.40 -8.75 -22.31
C LEU O 232 60.92 -7.65 -21.36
N SER O 233 60.44 -6.58 -21.97
CA SER O 233 59.83 -5.47 -21.27
C SER O 233 58.70 -4.92 -22.14
N ASP O 234 58.05 -3.85 -21.66
CA ASP O 234 57.09 -3.17 -22.51
C ASP O 234 57.80 -2.41 -23.63
N LEU O 235 58.95 -1.80 -23.33
CA LEU O 235 59.65 -0.99 -24.30
C LEU O 235 60.20 -1.83 -25.45
N LYS O 236 60.96 -2.88 -25.13
CA LYS O 236 61.62 -3.69 -26.15
C LYS O 236 60.59 -4.42 -27.03
N LYS O 237 59.69 -5.18 -26.41
CA LYS O 237 58.69 -5.96 -27.14
C LYS O 237 57.74 -5.06 -27.91
N ARG O 238 57.16 -4.06 -27.22
CA ARG O 238 56.16 -3.19 -27.86
C ARG O 238 56.78 -2.36 -28.97
N SER O 239 57.95 -1.75 -28.74
CA SER O 239 58.57 -0.91 -29.74
C SER O 239 59.06 -1.71 -30.94
N GLN O 240 59.66 -2.89 -30.71
CA GLN O 240 60.14 -3.71 -31.81
C GLN O 240 58.99 -4.23 -32.67
N ALA O 241 57.97 -4.79 -32.02
CA ALA O 241 56.82 -5.34 -32.76
C ALA O 241 56.07 -4.24 -33.49
N LYS O 242 55.88 -3.09 -32.86
CA LYS O 242 55.13 -2.02 -33.49
C LYS O 242 55.92 -1.33 -34.62
N MET O 243 57.24 -1.18 -34.48
CA MET O 243 58.00 -0.58 -35.59
C MET O 243 58.07 -1.51 -36.79
N ASN O 244 58.27 -2.82 -36.56
CA ASN O 244 58.25 -3.76 -37.68
C ASN O 244 56.86 -3.83 -38.31
N ALA O 245 55.80 -3.78 -37.50
CA ALA O 245 54.44 -3.80 -38.03
C ALA O 245 54.14 -2.52 -38.81
N LYS O 246 54.65 -1.37 -38.35
CA LYS O 246 54.44 -0.12 -39.05
C LYS O 246 55.15 -0.10 -40.41
N THR O 247 56.41 -0.54 -40.45
CA THR O 247 57.11 -0.49 -41.73
C THR O 247 56.58 -1.54 -42.71
N ASP O 248 56.15 -2.71 -42.21
CA ASP O 248 55.61 -3.71 -43.11
C ASP O 248 54.21 -3.34 -43.59
N PHE O 249 53.37 -2.79 -42.71
CA PHE O 249 52.06 -2.32 -43.12
C PHE O 249 52.17 -1.11 -44.03
N ALA O 250 53.21 -0.30 -43.86
CA ALA O 250 53.43 0.85 -44.73
C ALA O 250 53.83 0.42 -46.13
N LYS O 251 54.74 -0.57 -46.25
CA LYS O 251 55.06 -1.04 -47.59
C LYS O 251 53.92 -1.82 -48.21
N ILE O 252 53.07 -2.45 -47.39
CA ILE O 252 51.86 -3.12 -47.91
C ILE O 252 50.87 -2.09 -48.46
N ILE O 253 50.63 -0.99 -47.74
CA ILE O 253 49.68 -0.01 -48.26
C ILE O 253 50.26 0.83 -49.39
N ASN O 254 51.58 1.01 -49.44
CA ASN O 254 52.21 1.75 -50.52
C ASN O 254 52.53 0.86 -51.72
N LYS O 255 52.31 -0.45 -51.62
CA LYS O 255 52.47 -1.32 -52.79
C LYS O 255 51.43 -1.03 -53.89
N PRO O 256 50.11 -0.99 -53.65
CA PRO O 256 49.20 -0.71 -54.78
C PRO O 256 49.15 0.74 -55.21
N ASN O 257 49.78 1.66 -54.48
CA ASN O 257 49.74 3.07 -54.85
C ASN O 257 50.63 3.34 -56.06
N GLU O 258 51.89 2.94 -56.00
CA GLU O 258 52.83 3.10 -57.10
C GLU O 258 53.29 1.73 -57.56
N LEU O 259 53.06 1.43 -58.84
CA LEU O 259 53.42 0.15 -59.43
C LEU O 259 54.01 0.35 -60.81
N SER O 260 54.63 -0.71 -61.31
CA SER O 260 55.06 -0.79 -62.70
C SER O 260 54.55 -2.13 -63.24
N GLN O 261 53.29 -2.13 -63.67
CA GLN O 261 52.75 -3.28 -64.39
C GLN O 261 52.67 -3.02 -65.89
N ILE O 262 52.80 -1.76 -66.29
CA ILE O 262 52.78 -1.35 -67.69
C ILE O 262 54.19 -1.54 -68.22
N LEU O 263 54.45 -2.73 -68.78
CA LEU O 263 55.81 -3.19 -69.04
C LEU O 263 55.82 -3.86 -70.41
N THR O 264 57.01 -4.27 -70.84
CA THR O 264 57.31 -4.79 -72.18
C THR O 264 56.89 -3.80 -73.27
N VAL O 265 57.60 -2.67 -73.27
CA VAL O 265 57.42 -1.69 -74.33
C VAL O 265 57.86 -2.28 -75.67
N ASP O 266 57.18 -1.83 -76.75
CA ASP O 266 57.30 -2.11 -78.19
C ASP O 266 57.84 -3.49 -78.58
N PRO O 267 57.10 -4.60 -78.26
CA PRO O 267 57.59 -5.93 -78.67
C PRO O 267 57.52 -6.15 -80.18
N LYS O 268 56.39 -5.79 -80.79
CA LYS O 268 56.28 -5.66 -82.24
C LYS O 268 55.69 -4.33 -82.66
N THR O 269 54.71 -3.81 -81.92
CA THR O 269 54.12 -2.49 -82.11
C THR O 269 53.84 -1.91 -80.73
N SER O 270 53.11 -0.79 -80.70
CA SER O 270 52.42 -0.26 -79.51
C SER O 270 53.42 0.04 -78.37
N LEU O 271 54.20 1.12 -78.60
CA LEU O 271 55.31 1.52 -77.74
C LEU O 271 54.93 1.70 -76.27
N ARG O 272 53.67 1.99 -75.96
CA ARG O 272 53.23 2.13 -74.56
C ARG O 272 51.88 1.40 -74.43
N ILE O 273 51.92 0.18 -73.90
CA ILE O 273 50.73 -0.65 -73.80
C ILE O 273 50.61 -1.20 -72.37
N VAL O 274 49.38 -1.23 -71.86
CA VAL O 274 49.07 -1.85 -70.58
C VAL O 274 48.76 -3.32 -70.83
N LYS O 275 49.34 -4.19 -70.00
CA LYS O 275 49.09 -5.62 -70.15
C LYS O 275 47.66 -5.95 -69.74
N PRO O 276 46.98 -6.85 -70.45
CA PRO O 276 45.57 -7.14 -70.17
C PRO O 276 45.30 -8.31 -69.23
N THR O 277 46.33 -8.92 -68.65
CA THR O 277 46.12 -10.13 -67.85
C THR O 277 45.57 -9.81 -66.46
N VAL O 278 46.17 -8.82 -65.79
CA VAL O 278 45.82 -8.50 -64.41
C VAL O 278 44.49 -7.78 -64.38
N SER O 279 43.58 -8.22 -63.49
CA SER O 279 42.32 -7.54 -63.28
C SER O 279 42.56 -6.17 -62.66
N LEU O 280 41.73 -5.21 -63.06
CA LEU O 280 42.00 -3.79 -62.83
C LEU O 280 40.74 -3.11 -62.31
N THR O 281 40.75 -2.75 -61.03
CA THR O 281 39.60 -2.13 -60.39
C THR O 281 39.62 -0.61 -60.65
N ILE O 282 38.78 0.12 -59.91
CA ILE O 282 38.46 1.51 -60.23
C ILE O 282 38.38 2.32 -58.95
N ASN O 283 38.59 3.63 -59.09
CA ASN O 283 38.29 4.66 -58.09
C ASN O 283 39.14 4.50 -56.81
N LEU O 284 40.43 4.68 -56.99
CA LEU O 284 41.28 5.02 -55.87
C LEU O 284 40.88 6.40 -55.35
N ASP O 285 41.13 6.64 -54.05
CA ASP O 285 40.61 7.83 -53.38
C ASP O 285 41.39 9.12 -53.69
N ARG O 286 42.24 9.12 -54.72
CA ARG O 286 42.83 10.36 -55.20
C ARG O 286 41.77 11.30 -55.78
N PHE O 287 40.63 10.77 -56.24
CA PHE O 287 39.53 11.66 -56.60
C PHE O 287 38.91 12.30 -55.38
N MET O 288 38.86 11.58 -54.25
CA MET O 288 38.39 12.19 -53.00
C MET O 288 39.36 13.27 -52.54
N LYS O 289 40.66 13.03 -52.72
CA LYS O 289 41.67 14.05 -52.44
C LYS O 289 41.50 15.26 -53.35
N GLY O 290 41.25 15.03 -54.63
CA GLY O 290 40.99 16.12 -55.55
C GLY O 290 39.70 16.87 -55.24
N ARG O 291 38.69 16.16 -54.72
CA ARG O 291 37.42 16.81 -54.42
C ARG O 291 37.53 17.71 -53.20
N ARG O 292 38.22 17.26 -52.15
CA ARG O 292 38.47 18.17 -51.03
C ARG O 292 39.44 19.28 -51.43
N SER O 293 40.30 19.02 -52.44
CA SER O 293 41.11 20.09 -53.00
C SER O 293 40.24 21.15 -53.68
N LYS O 294 39.20 20.74 -54.41
CA LYS O 294 38.26 21.71 -54.98
C LYS O 294 37.50 22.46 -53.90
N GLN O 295 37.19 21.78 -52.79
CA GLN O 295 36.57 22.45 -51.65
C GLN O 295 37.50 23.52 -51.06
N LEU O 296 38.80 23.21 -50.98
CA LEU O 296 39.76 24.18 -50.47
C LEU O 296 40.00 25.31 -51.48
N ILE O 297 39.84 25.03 -52.77
CA ILE O 297 39.90 26.08 -53.79
C ILE O 297 38.71 27.02 -53.66
N ASN O 298 37.53 26.49 -53.34
CA ASN O 298 36.38 27.34 -53.05
C ASN O 298 36.60 28.17 -51.79
N LEU O 299 37.26 27.58 -50.79
CA LEU O 299 37.65 28.31 -49.58
C LEU O 299 38.59 29.48 -49.91
N ALA O 300 39.61 29.22 -50.73
CA ALA O 300 40.55 30.29 -51.08
C ALA O 300 39.93 31.31 -52.03
N LYS O 301 38.92 30.91 -52.81
CA LYS O 301 38.24 31.84 -53.69
C LYS O 301 37.35 32.80 -52.93
N THR O 302 36.65 32.30 -51.89
CA THR O 302 35.81 33.20 -51.11
C THR O 302 36.63 34.06 -50.16
N ARG O 303 37.89 33.67 -49.89
CA ARG O 303 38.82 34.49 -49.14
C ARG O 303 39.53 35.49 -50.05
N VAL O 304 40.66 36.04 -49.57
CA VAL O 304 41.35 37.16 -50.22
C VAL O 304 41.81 36.81 -51.64
N GLY O 305 41.99 37.86 -52.45
CA GLY O 305 42.57 37.69 -53.76
C GLY O 305 41.59 37.50 -54.89
N SER O 306 41.33 36.21 -55.16
CA SER O 306 40.63 35.56 -56.28
C SER O 306 41.47 35.52 -57.55
N VAL O 307 42.50 36.36 -57.64
CA VAL O 307 43.60 36.03 -58.53
C VAL O 307 44.49 35.03 -57.82
N THR O 308 44.50 35.06 -56.49
CA THR O 308 45.01 33.97 -55.69
C THR O 308 44.26 32.68 -55.99
N ALA O 309 42.95 32.76 -56.22
CA ALA O 309 42.18 31.58 -56.61
C ALA O 309 42.56 31.10 -57.99
N GLN O 310 42.62 32.02 -58.97
CA GLN O 310 42.96 31.62 -60.34
C GLN O 310 44.40 31.16 -60.52
N VAL O 311 45.30 31.46 -59.58
CA VAL O 311 46.65 30.91 -59.60
C VAL O 311 46.75 29.64 -58.77
N TYR O 312 46.22 29.66 -57.56
CA TYR O 312 46.33 28.56 -56.61
C TYR O 312 45.48 27.36 -57.02
N LYS O 313 44.50 27.54 -57.91
CA LYS O 313 43.78 26.39 -58.46
C LYS O 313 44.71 25.54 -59.32
N ILE O 314 45.43 26.19 -60.24
CA ILE O 314 46.36 25.49 -61.11
C ILE O 314 47.58 25.01 -60.31
N ALA O 315 47.92 25.73 -59.23
CA ALA O 315 49.00 25.25 -58.36
C ALA O 315 48.58 24.00 -57.59
N LEU O 316 47.38 23.99 -57.02
CA LEU O 316 46.98 22.90 -56.14
C LEU O 316 46.52 21.67 -56.92
N ARG O 317 45.99 21.84 -58.13
CA ARG O 317 45.65 20.67 -58.94
C ARG O 317 46.88 19.94 -59.46
N LEU O 318 48.02 20.61 -59.49
CA LEU O 318 49.30 19.96 -59.75
C LEU O 318 49.95 19.47 -58.46
N THR O 319 49.64 20.12 -57.34
CA THR O 319 50.23 19.71 -56.06
C THR O 319 49.61 18.42 -55.54
N GLU O 320 48.28 18.29 -55.58
CA GLU O 320 47.56 17.21 -54.88
C GLU O 320 47.72 15.82 -55.51
N GLN O 321 48.59 15.56 -56.49
CA GLN O 321 48.72 14.20 -57.01
C GLN O 321 49.59 13.33 -56.09
N LYS O 322 50.49 13.94 -55.32
CA LYS O 322 51.40 13.21 -54.45
C LYS O 322 51.13 13.48 -52.97
N SER O 323 49.99 14.09 -52.63
CA SER O 323 49.69 14.49 -51.28
C SER O 323 49.35 13.28 -50.40
N PRO O 324 49.51 13.41 -49.07
CA PRO O 324 49.11 12.31 -48.18
C PRO O 324 47.60 12.08 -48.17
N LYS O 325 47.23 10.83 -47.92
CA LYS O 325 45.88 10.34 -48.13
C LYS O 325 44.98 10.70 -46.95
N ILE O 326 43.69 10.90 -47.25
CA ILE O 326 42.73 11.40 -46.26
C ILE O 326 42.40 10.33 -45.24
N ARG O 327 42.23 9.09 -45.70
CA ARG O 327 41.75 7.99 -44.84
C ARG O 327 42.75 7.66 -43.74
N ASP O 328 44.04 7.91 -43.98
CA ASP O 328 45.15 7.80 -43.04
C ASP O 328 45.24 6.43 -42.38
N PRO O 329 45.75 5.41 -43.06
CA PRO O 329 46.05 4.15 -42.37
C PRO O 329 47.18 4.32 -41.35
N LEU O 330 47.41 3.24 -40.61
CA LEU O 330 48.22 3.05 -39.39
C LEU O 330 47.52 3.65 -38.18
N THR O 331 46.34 4.25 -38.32
CA THR O 331 45.52 4.65 -37.19
C THR O 331 44.06 4.26 -37.35
N GLN O 332 43.68 3.67 -38.49
CA GLN O 332 42.34 3.13 -38.65
C GLN O 332 42.10 1.95 -37.72
N THR O 333 43.12 1.10 -37.56
CA THR O 333 43.10 0.07 -36.54
C THR O 333 43.17 0.75 -35.17
N GLY O 334 42.52 0.15 -34.16
CA GLY O 334 42.47 0.75 -32.85
C GLY O 334 43.76 0.70 -32.06
N LEU O 335 44.80 1.37 -32.54
CA LEU O 335 46.03 1.58 -31.80
C LEU O 335 46.22 3.04 -31.42
N LEU O 336 45.17 3.85 -31.50
CA LEU O 336 45.22 5.25 -31.06
C LEU O 336 44.93 5.28 -29.56
N GLN O 337 45.99 5.28 -28.77
CA GLN O 337 45.90 5.40 -27.32
C GLN O 337 46.73 6.59 -26.85
N ASP O 338 46.39 7.12 -25.68
CA ASP O 338 47.01 8.32 -25.13
C ASP O 338 48.41 7.98 -24.59
N LEU O 339 49.33 7.78 -25.52
CA LEU O 339 50.72 7.45 -25.21
C LEU O 339 51.57 8.00 -26.36
N GLU O 340 52.80 7.47 -26.50
CA GLU O 340 53.72 7.95 -27.52
C GLU O 340 53.22 7.68 -28.95
N GLU O 341 52.26 6.76 -29.11
CA GLU O 341 51.68 6.50 -30.42
C GLU O 341 50.80 7.65 -30.89
N ALA O 342 50.19 8.38 -29.96
CA ALA O 342 49.27 9.45 -30.33
C ALA O 342 50.01 10.66 -30.90
N LYS O 343 51.11 11.05 -30.26
CA LYS O 343 51.92 12.14 -30.78
C LYS O 343 52.72 11.73 -32.02
N SER O 344 52.97 10.42 -32.18
CA SER O 344 53.66 9.94 -33.36
C SER O 344 52.81 10.10 -34.62
N PHE O 345 51.48 10.07 -34.47
CA PHE O 345 50.60 10.28 -35.61
C PHE O 345 50.64 11.72 -36.10
N GLN O 346 50.64 12.69 -35.17
CA GLN O 346 50.76 14.09 -35.56
C GLN O 346 52.17 14.38 -36.09
N ASP O 347 53.19 13.74 -35.53
CA ASP O 347 54.54 13.89 -36.03
C ASP O 347 54.68 13.32 -37.44
N GLU O 348 54.00 12.20 -37.71
CA GLU O 348 53.97 11.60 -39.04
C GLU O 348 53.24 12.49 -40.03
N ALA O 349 52.11 13.07 -39.60
CA ALA O 349 51.34 13.96 -40.47
C ALA O 349 52.09 15.26 -40.75
N GLU O 350 52.96 15.69 -39.84
CA GLU O 350 53.79 16.87 -40.12
C GLU O 350 54.98 16.51 -41.00
N LEU O 351 55.56 15.33 -40.82
CA LEU O 351 56.84 14.99 -41.45
C LEU O 351 56.69 14.40 -42.85
N VAL O 352 55.79 13.41 -43.02
CA VAL O 352 55.67 12.69 -44.27
C VAL O 352 55.14 13.61 -45.38
N GLU O 353 54.26 14.55 -45.03
CA GLU O 353 53.73 15.54 -45.95
C GLU O 353 54.82 16.44 -46.54
N GLU O 354 55.90 16.68 -45.81
CA GLU O 354 57.03 17.41 -46.35
C GLU O 354 58.04 16.50 -47.05
N LYS O 355 58.25 15.29 -46.53
CA LYS O 355 59.31 14.43 -47.05
C LYS O 355 58.90 13.73 -48.35
N THR O 356 57.84 12.92 -48.30
CA THR O 356 57.56 12.03 -49.42
C THR O 356 57.03 12.67 -50.71
N PRO O 357 56.20 13.77 -50.71
CA PRO O 357 55.94 14.43 -51.99
C PRO O 357 57.16 15.16 -52.53
N GLY O 358 57.75 16.01 -51.69
CA GLY O 358 58.80 16.91 -52.13
C GLY O 358 58.21 18.11 -52.82
N LEU O 359 57.82 17.93 -54.09
CA LEU O 359 57.05 18.87 -54.91
C LEU O 359 57.70 20.26 -54.97
N THR O 360 58.88 20.30 -55.59
CA THR O 360 59.68 21.51 -55.68
C THR O 360 59.00 22.46 -56.66
N PHE O 361 58.02 23.21 -56.14
CA PHE O 361 57.14 24.03 -56.94
C PHE O 361 57.54 25.50 -56.81
N ASN O 362 57.77 26.14 -57.94
CA ASN O 362 57.98 27.58 -58.04
C ASN O 362 57.18 28.11 -59.23
N ALA O 363 57.35 29.40 -59.51
CA ALA O 363 56.66 29.98 -60.66
C ALA O 363 57.28 29.53 -61.98
N ILE O 364 58.55 29.11 -61.97
CA ILE O 364 59.13 28.52 -63.18
C ILE O 364 58.53 27.13 -63.43
N ASP O 365 58.07 26.46 -62.38
CA ASP O 365 57.33 25.21 -62.56
C ASP O 365 55.89 25.49 -62.96
N LEU O 366 55.31 26.58 -62.44
CA LEU O 366 53.95 26.95 -62.78
C LEU O 366 53.81 27.47 -64.21
N ALA O 367 54.86 28.07 -64.77
CA ALA O 367 54.80 28.59 -66.13
C ALA O 367 54.80 27.49 -67.18
N ARG O 368 55.16 26.26 -66.82
CA ARG O 368 55.07 25.15 -67.76
C ARG O 368 53.62 24.81 -68.07
N HIS O 369 52.76 24.82 -67.04
CA HIS O 369 51.32 24.66 -67.21
C HIS O 369 50.69 26.01 -66.89
N LEU O 370 50.66 26.89 -67.89
CA LEU O 370 50.31 28.28 -67.73
C LEU O 370 48.95 28.56 -68.38
N PRO O 371 48.07 29.29 -67.71
CA PRO O 371 46.72 29.48 -68.25
C PRO O 371 46.69 30.47 -69.41
N ALA O 372 45.75 30.23 -70.32
CA ALA O 372 45.59 31.09 -71.49
C ALA O 372 44.94 32.40 -71.06
N GLU O 373 45.74 33.48 -71.05
CA GLU O 373 45.31 34.85 -70.82
C GLU O 373 44.68 35.02 -69.43
N LEU O 374 45.32 34.43 -68.44
CA LEU O 374 44.88 34.56 -67.05
C LEU O 374 46.06 34.90 -66.14
N HIS O 448 47.44 44.37 -64.43
CA HIS O 448 48.75 43.80 -64.75
C HIS O 448 48.61 42.44 -65.42
N SER O 449 48.00 42.43 -66.60
CA SER O 449 47.79 41.17 -67.31
C SER O 449 49.07 40.66 -67.94
N ALA O 450 49.93 41.55 -68.43
CA ALA O 450 51.23 41.16 -68.95
C ALA O 450 52.20 40.96 -67.78
N SER O 451 53.42 40.51 -68.13
CA SER O 451 54.49 40.16 -67.18
C SER O 451 54.01 39.12 -66.17
N LEU O 452 53.75 37.93 -66.71
CA LEU O 452 53.00 36.92 -65.97
C LEU O 452 53.80 36.33 -64.80
N ILE O 453 55.11 36.14 -65.00
CA ILE O 453 55.88 35.32 -64.05
C ILE O 453 56.13 36.08 -62.74
N ASN O 454 56.44 37.38 -62.82
CA ASN O 454 56.65 38.15 -61.59
C ASN O 454 55.34 38.39 -60.86
N SER O 455 54.23 38.50 -61.61
CA SER O 455 52.92 38.57 -60.97
C SER O 455 52.58 37.27 -60.25
N HIS O 456 52.97 36.13 -60.82
CA HIS O 456 52.77 34.86 -60.12
C HIS O 456 53.66 34.75 -58.89
N LEU O 457 54.88 35.30 -58.95
CA LEU O 457 55.73 35.41 -57.77
C LEU O 457 55.05 36.21 -56.66
N LYS O 458 54.51 37.38 -57.00
CA LYS O 458 53.91 38.25 -55.99
C LYS O 458 52.61 37.67 -55.42
N ILE O 459 51.80 37.03 -56.28
CA ILE O 459 50.55 36.44 -55.80
C ILE O 459 50.82 35.19 -54.96
N LEU O 460 51.81 34.38 -55.36
CA LEU O 460 52.15 33.19 -54.58
C LEU O 460 52.81 33.56 -53.26
N ALA O 461 53.56 34.66 -53.22
CA ALA O 461 54.16 35.12 -51.97
C ALA O 461 53.20 35.91 -51.10
N SER O 462 52.08 36.39 -51.65
CA SER O 462 51.14 37.18 -50.88
C SER O 462 50.04 36.35 -50.22
N SER O 463 50.00 35.04 -50.46
CA SER O 463 48.93 34.19 -49.94
C SER O 463 49.43 33.46 -48.69
N ASN O 464 49.48 34.21 -47.59
CA ASN O 464 49.90 33.67 -46.30
C ASN O 464 49.33 34.53 -45.19
N PHE O 465 49.35 33.98 -43.96
CA PHE O 465 48.86 34.60 -42.72
C PHE O 465 47.41 35.06 -42.88
N PRO O 466 46.42 34.15 -42.82
CA PRO O 466 46.33 32.82 -42.19
C PRO O 466 47.01 31.62 -42.86
N PHE O 467 46.66 30.44 -42.34
CA PHE O 467 47.43 29.21 -42.48
C PHE O 467 47.40 28.58 -43.86
N LEU O 468 46.72 29.17 -44.84
CA LEU O 468 46.79 28.63 -46.20
C LEU O 468 48.13 28.98 -46.83
N ASN O 469 48.73 28.00 -47.52
CA ASN O 469 49.97 28.14 -48.27
C ASN O 469 51.12 28.61 -47.37
N GLU O 470 51.48 27.74 -46.43
CA GLU O 470 52.57 28.02 -45.51
C GLU O 470 53.89 28.09 -46.27
N THR O 471 54.54 29.25 -46.22
CA THR O 471 55.66 29.56 -47.08
C THR O 471 56.98 29.44 -46.32
N LYS O 472 58.06 29.79 -47.00
CA LYS O 472 59.43 29.65 -46.53
C LYS O 472 60.27 30.63 -47.34
N PRO O 473 61.31 31.24 -46.75
CA PRO O 473 62.25 32.02 -47.58
C PRO O 473 62.98 31.13 -48.57
N GLY O 474 62.65 31.29 -49.85
CA GLY O 474 63.00 30.29 -50.83
C GLY O 474 62.17 29.04 -50.62
N VAL O 475 60.87 29.15 -50.86
CA VAL O 475 59.95 28.05 -50.58
C VAL O 475 60.05 27.00 -51.67
N TYR O 476 59.84 25.72 -51.28
CA TYR O 476 59.87 24.63 -52.25
C TYR O 476 58.79 23.58 -52.01
N TYR O 477 57.80 23.87 -51.15
CA TYR O 477 56.69 22.95 -50.88
C TYR O 477 55.55 23.75 -50.27
N VAL O 478 54.48 23.05 -49.88
CA VAL O 478 53.35 23.66 -49.18
C VAL O 478 52.68 22.64 -48.26
N PRO O 479 52.64 22.89 -46.95
CA PRO O 479 51.97 21.97 -46.03
C PRO O 479 50.49 22.29 -45.84
N TYR O 480 49.79 21.32 -45.28
CA TYR O 480 48.45 21.55 -44.73
C TYR O 480 48.26 20.57 -43.58
N SER O 481 48.24 21.10 -42.35
CA SER O 481 47.91 20.31 -41.18
C SER O 481 46.94 21.08 -40.31
N LYS O 482 46.99 22.41 -40.39
CA LYS O 482 46.07 23.29 -39.70
C LYS O 482 45.31 24.15 -40.69
N LEU O 483 44.91 23.55 -41.81
CA LEU O 483 44.10 24.21 -42.83
C LEU O 483 42.81 23.46 -43.15
N MET O 484 42.87 22.13 -43.19
CA MET O 484 41.64 21.35 -43.34
C MET O 484 40.72 21.40 -42.12
N PRO O 485 41.18 21.37 -40.85
CA PRO O 485 40.23 21.67 -39.76
C PRO O 485 39.69 23.08 -39.78
N VAL O 486 40.46 24.05 -40.27
CA VAL O 486 39.96 25.42 -40.41
C VAL O 486 38.87 25.47 -41.48
N LEU O 487 39.05 24.71 -42.58
CA LEU O 487 38.00 24.57 -43.59
C LEU O 487 36.75 23.93 -43.03
N LYS O 488 36.92 22.88 -42.22
CA LYS O 488 35.78 22.19 -41.62
C LYS O 488 35.00 23.10 -40.67
N SER O 489 35.73 23.85 -39.83
CA SER O 489 35.10 24.79 -38.91
C SER O 489 34.41 25.94 -39.65
N SER O 490 35.01 26.42 -40.74
CA SER O 490 34.42 27.54 -41.46
C SER O 490 33.16 27.13 -42.22
N VAL O 491 33.18 25.91 -42.80
CA VAL O 491 31.98 25.38 -43.44
C VAL O 491 30.88 25.15 -42.41
N TYR O 492 31.24 24.65 -41.22
CA TYR O 492 30.26 24.48 -40.15
C TYR O 492 29.68 25.82 -39.69
N GLU O 493 30.51 26.86 -39.61
CA GLU O 493 30.01 28.14 -39.12
C GLU O 493 29.14 28.85 -40.16
N TYR O 494 29.41 28.63 -41.46
CA TYR O 494 28.51 29.25 -42.43
C TYR O 494 27.27 28.41 -42.66
N VAL O 495 27.32 27.11 -42.36
CA VAL O 495 26.08 26.32 -42.29
C VAL O 495 25.23 26.78 -41.10
N ILE O 496 25.87 27.06 -39.97
CA ILE O 496 25.10 27.51 -38.81
C ILE O 496 24.68 28.97 -38.95
N ALA O 497 25.32 29.72 -39.86
CA ALA O 497 24.77 31.00 -40.31
C ALA O 497 23.57 30.80 -41.22
N SER O 498 23.60 29.75 -42.05
CA SER O 498 22.44 29.38 -42.84
C SER O 498 21.28 28.81 -42.02
N THR O 499 21.54 28.41 -40.77
CA THR O 499 20.49 27.80 -39.95
C THR O 499 19.43 28.84 -39.55
N LEU O 500 19.82 29.86 -38.81
CA LEU O 500 18.92 30.97 -38.51
C LEU O 500 19.75 32.22 -38.21
N GLY O 501 19.63 33.23 -39.09
CA GLY O 501 20.25 34.51 -38.90
C GLY O 501 21.76 34.53 -38.86
N PRO O 502 22.35 35.71 -38.65
CA PRO O 502 23.78 35.79 -38.34
C PRO O 502 24.10 35.72 -36.86
N SER O 503 23.09 35.85 -36.00
CA SER O 503 23.34 35.99 -34.56
C SER O 503 23.80 34.68 -33.94
N ALA O 504 23.27 33.55 -34.40
CA ALA O 504 23.72 32.26 -33.91
C ALA O 504 25.15 31.97 -34.36
N MET O 505 25.52 32.43 -35.56
CA MET O 505 26.89 32.30 -36.05
C MET O 505 27.84 33.17 -35.24
N ARG O 506 27.42 34.39 -34.91
CA ARG O 506 28.19 35.26 -34.01
C ARG O 506 28.37 34.63 -32.63
N LEU O 507 27.31 34.01 -32.11
CA LEU O 507 27.35 33.47 -30.76
C LEU O 507 28.22 32.21 -30.70
N SER O 508 28.13 31.36 -31.73
CA SER O 508 28.97 30.17 -31.78
C SER O 508 30.44 30.53 -31.95
N ARG O 509 30.74 31.48 -32.85
CA ARG O 509 32.13 31.88 -33.03
C ARG O 509 32.68 32.63 -31.83
N CYS O 510 31.85 33.39 -31.11
CA CYS O 510 32.40 34.09 -29.95
C CYS O 510 32.61 33.13 -28.79
N ILE O 511 31.76 32.10 -28.64
CA ILE O 511 32.01 31.06 -27.65
C ILE O 511 33.28 30.30 -27.97
N ARG O 512 33.53 30.02 -29.26
CA ARG O 512 34.78 29.34 -29.61
C ARG O 512 36.00 30.25 -29.44
N ASP O 513 35.85 31.56 -29.69
CA ASP O 513 36.99 32.45 -29.73
C ASP O 513 37.40 33.03 -28.38
N ASN O 514 36.47 33.26 -27.45
CA ASN O 514 36.94 33.78 -26.16
C ASN O 514 37.26 32.69 -25.15
N LYS O 515 37.44 31.45 -25.63
CA LYS O 515 37.94 30.30 -24.88
C LYS O 515 37.03 29.97 -23.67
N LEU O 516 35.81 29.58 -24.02
CA LEU O 516 34.88 28.82 -23.16
C LEU O 516 34.53 29.60 -21.89
N VAL O 517 33.81 30.70 -22.10
CA VAL O 517 33.54 31.65 -21.05
C VAL O 517 32.11 31.48 -20.57
N SER O 518 31.79 32.09 -19.43
CA SER O 518 30.46 32.00 -18.84
C SER O 518 29.46 32.88 -19.60
N GLU O 519 28.26 33.01 -19.03
CA GLU O 519 27.14 33.63 -19.71
C GLU O 519 27.06 35.14 -19.49
N LYS O 520 27.58 35.64 -18.36
CA LYS O 520 27.34 37.03 -17.97
C LYS O 520 28.12 38.02 -18.84
N ILE O 521 29.32 37.62 -19.30
CA ILE O 521 30.14 38.50 -20.13
C ILE O 521 29.78 38.40 -21.60
N ILE O 522 28.83 37.53 -21.97
CA ILE O 522 28.37 37.44 -23.35
C ILE O 522 27.61 38.72 -23.73
N ASN O 523 26.91 39.32 -22.77
CA ASN O 523 26.19 40.56 -23.02
C ASN O 523 27.12 41.73 -23.30
N SER O 524 28.39 41.64 -22.88
CA SER O 524 29.37 42.64 -23.27
C SER O 524 29.66 42.57 -24.77
N THR O 525 29.91 41.37 -25.30
CA THR O 525 30.16 41.19 -26.72
C THR O 525 28.88 40.68 -27.39
N ALA O 526 27.94 41.60 -27.55
CA ALA O 526 26.64 41.31 -28.14
C ALA O 526 25.98 42.61 -28.55
N LEU O 527 24.78 42.50 -29.13
CA LEU O 527 23.94 43.63 -29.47
C LEU O 527 22.81 43.83 -28.46
N MET O 528 22.00 42.80 -28.23
CA MET O 528 20.85 42.83 -27.36
C MET O 528 21.22 42.44 -25.94
N LYS O 529 20.35 42.79 -25.00
CA LYS O 529 20.65 42.56 -23.59
C LYS O 529 20.33 41.14 -23.15
N GLU O 530 19.05 40.76 -23.18
CA GLU O 530 18.66 39.49 -22.61
C GLU O 530 17.74 38.64 -23.49
N LYS O 531 16.83 39.23 -24.27
CA LYS O 531 15.76 38.45 -24.87
C LYS O 531 16.23 37.62 -26.06
N ASP O 532 16.77 38.30 -27.10
CA ASP O 532 17.17 37.60 -28.31
C ASP O 532 18.40 36.73 -28.09
N ILE O 533 19.24 37.03 -27.10
CA ILE O 533 20.40 36.18 -26.84
C ILE O 533 19.97 34.87 -26.20
N ARG O 534 18.96 34.91 -25.31
CA ARG O 534 18.39 33.66 -24.80
C ARG O 534 17.62 32.92 -25.88
N SER O 535 17.01 33.65 -26.83
CA SER O 535 16.31 33.02 -27.94
C SER O 535 17.27 32.23 -28.83
N THR O 536 18.37 32.87 -29.25
CA THR O 536 19.32 32.16 -30.10
C THR O 536 20.12 31.12 -29.34
N LEU O 537 20.32 31.30 -28.02
CA LEU O 537 21.00 30.28 -27.24
C LEU O 537 20.10 29.08 -27.00
N ALA O 538 18.79 29.30 -26.92
CA ALA O 538 17.83 28.21 -26.85
C ALA O 538 17.78 27.44 -28.16
N SER O 539 17.70 28.16 -29.29
CA SER O 539 17.67 27.51 -30.59
C SER O 539 19.00 26.84 -30.93
N LEU O 540 20.10 27.24 -30.28
CA LEU O 540 21.36 26.56 -30.45
C LEU O 540 21.54 25.40 -29.47
N ILE O 541 20.97 25.49 -28.27
CA ILE O 541 21.09 24.41 -27.29
C ILE O 541 20.07 23.31 -27.57
N ARG O 542 19.10 23.55 -28.46
CA ARG O 542 18.35 22.42 -29.00
C ARG O 542 19.24 21.49 -29.81
N TYR O 543 20.20 22.05 -30.54
CA TYR O 543 21.27 21.27 -31.12
C TYR O 543 22.28 20.88 -30.05
N ASN O 544 23.00 19.79 -30.29
CA ASN O 544 24.02 19.33 -29.36
C ASN O 544 25.39 19.82 -29.83
N SER O 545 25.54 21.14 -29.82
CA SER O 545 26.78 21.78 -30.26
C SER O 545 27.44 22.65 -29.19
N VAL O 546 26.67 23.35 -28.37
CA VAL O 546 27.21 24.16 -27.28
C VAL O 546 26.68 23.54 -25.99
N GLU O 547 27.59 23.01 -25.18
CA GLU O 547 27.15 22.23 -24.03
C GLU O 547 26.82 23.14 -22.86
N ILE O 548 26.50 22.50 -21.73
CA ILE O 548 26.21 23.20 -20.49
C ILE O 548 27.17 22.64 -19.44
N GLN O 549 27.40 23.42 -18.38
CA GLN O 549 28.25 22.98 -17.28
C GLN O 549 27.60 23.38 -15.96
N GLU O 550 27.48 22.42 -15.05
CA GLU O 550 26.85 22.62 -13.76
C GLU O 550 27.88 22.46 -12.66
N VAL O 551 27.89 23.40 -11.71
CA VAL O 551 28.73 23.31 -10.53
C VAL O 551 27.85 23.39 -9.29
N PRO O 552 28.15 22.64 -8.22
CA PRO O 552 27.35 22.74 -6.99
C PRO O 552 27.83 23.89 -6.13
N ARG O 553 26.87 24.59 -5.51
CA ARG O 553 27.23 25.69 -4.63
C ARG O 553 27.30 25.26 -3.17
N THR O 554 26.41 24.38 -2.74
CA THR O 554 26.41 23.85 -1.38
C THR O 554 26.61 22.33 -1.38
N ALA O 555 27.36 21.83 -2.36
CA ALA O 555 27.64 20.41 -2.59
C ALA O 555 26.37 19.57 -2.75
N ASP O 556 25.31 20.16 -3.29
CA ASP O 556 24.03 19.49 -3.50
C ASP O 556 23.51 19.91 -4.87
N ARG O 557 23.10 18.92 -5.67
CA ARG O 557 22.65 19.18 -7.03
C ARG O 557 21.26 19.80 -6.99
N SER O 558 21.19 21.10 -7.25
CA SER O 558 19.93 21.81 -7.32
C SER O 558 19.98 22.75 -8.52
N ALA O 559 18.88 22.80 -9.26
CA ALA O 559 18.80 23.57 -10.50
C ALA O 559 18.32 25.00 -10.27
N SER O 560 18.51 25.52 -9.06
CA SER O 560 18.20 26.92 -8.75
C SER O 560 19.43 27.69 -8.30
N ARG O 561 20.26 27.10 -7.44
CA ARG O 561 21.49 27.72 -6.97
C ARG O 561 22.66 27.09 -7.75
N ALA O 562 22.90 27.60 -8.95
CA ALA O 562 23.99 27.13 -9.79
C ALA O 562 24.33 28.21 -10.80
N VAL O 563 25.61 28.32 -11.12
CA VAL O 563 26.08 29.21 -12.17
C VAL O 563 26.50 28.35 -13.36
N PHE O 564 26.27 28.87 -14.56
CA PHE O 564 26.39 28.07 -15.78
C PHE O 564 27.42 28.68 -16.72
N LEU O 565 28.23 27.81 -17.32
CA LEU O 565 29.11 28.18 -18.42
C LEU O 565 28.95 27.15 -19.51
N PHE O 566 29.51 27.45 -20.68
CA PHE O 566 29.21 26.72 -21.92
C PHE O 566 30.48 26.12 -22.49
N ARG O 567 30.53 24.80 -22.59
CA ARG O 567 31.67 24.10 -23.15
C ARG O 567 31.70 24.29 -24.67
N CYS O 568 32.86 23.98 -25.27
CA CYS O 568 32.98 24.08 -26.72
C CYS O 568 32.43 22.83 -27.40
N LYS O 569 33.10 21.69 -27.19
CA LYS O 569 32.75 20.37 -27.72
C LYS O 569 32.47 20.40 -29.22
N GLU O 570 33.56 20.67 -29.96
CA GLU O 570 33.40 20.86 -31.40
C GLU O 570 33.26 19.52 -32.13
N THR O 571 33.96 18.47 -31.67
CA THR O 571 34.05 17.24 -32.44
C THR O 571 32.75 16.45 -32.41
N HIS O 572 32.05 16.49 -31.27
CA HIS O 572 30.73 15.89 -31.21
C HIS O 572 29.74 16.64 -32.08
N SER O 573 29.93 17.96 -32.23
CA SER O 573 29.10 18.74 -33.14
C SER O 573 29.40 18.40 -34.60
N TYR O 574 30.66 18.11 -34.92
CA TYR O 574 30.98 17.68 -36.29
C TYR O 574 30.41 16.31 -36.58
N ASN O 575 30.46 15.40 -35.61
CA ASN O 575 29.84 14.08 -35.78
C ASN O 575 28.32 14.19 -35.93
N PHE O 576 27.71 15.09 -35.16
CA PHE O 576 26.27 15.30 -35.25
C PHE O 576 25.87 15.87 -36.60
N MET O 577 26.65 16.84 -37.11
CA MET O 577 26.36 17.36 -38.44
C MET O 577 26.63 16.34 -39.53
N ARG O 578 27.62 15.46 -39.33
CA ARG O 578 27.91 14.41 -40.31
C ARG O 578 26.76 13.42 -40.41
N GLN O 579 26.27 12.94 -39.27
CA GLN O 579 25.13 12.02 -39.31
C GLN O 579 23.84 12.73 -39.69
N ASN O 580 23.74 14.04 -39.45
CA ASN O 580 22.56 14.78 -39.88
C ASN O 580 22.53 14.91 -41.40
N LEU O 581 23.68 15.22 -42.01
CA LEU O 581 23.77 15.29 -43.47
C LEU O 581 23.58 13.91 -44.10
N GLU O 582 24.08 12.87 -43.43
CA GLU O 582 23.88 11.50 -43.91
C GLU O 582 22.40 11.10 -43.88
N TRP O 583 21.71 11.48 -42.80
CA TRP O 583 20.27 11.23 -42.71
C TRP O 583 19.49 12.05 -43.73
N ASN O 584 19.95 13.28 -44.03
CA ASN O 584 19.29 14.10 -45.03
C ASN O 584 19.40 13.48 -46.41
N MET O 585 20.59 12.97 -46.75
CA MET O 585 20.77 12.27 -48.02
C MET O 585 19.94 10.99 -48.08
N ALA O 586 19.89 10.25 -46.97
CA ALA O 586 19.13 9.00 -46.94
C ALA O 586 17.63 9.25 -47.07
N ASN O 587 17.13 10.29 -46.40
CA ASN O 587 15.71 10.63 -46.47
C ASN O 587 15.34 11.15 -47.86
N LEU O 588 16.23 11.94 -48.46
CA LEU O 588 15.99 12.44 -49.82
C LEU O 588 15.95 11.31 -50.84
N LEU O 589 16.88 10.36 -50.75
CA LEU O 589 16.88 9.27 -51.71
C LEU O 589 15.77 8.26 -51.43
N PHE O 590 15.32 8.14 -50.17
CA PHE O 590 14.18 7.28 -49.89
C PHE O 590 12.89 7.87 -50.44
N LYS O 591 12.72 9.19 -50.30
CA LYS O 591 11.55 9.84 -50.90
C LYS O 591 11.61 9.79 -52.42
N LYS O 592 12.81 9.83 -53.00
CA LYS O 592 12.92 9.71 -54.45
C LYS O 592 12.65 8.27 -54.90
N GLU O 593 13.01 7.28 -54.08
CA GLU O 593 12.67 5.91 -54.39
C GLU O 593 11.17 5.66 -54.29
N LYS O 594 10.51 6.32 -53.33
CA LYS O 594 9.05 6.27 -53.27
C LYS O 594 8.42 6.92 -54.49
N LEU O 595 9.01 8.04 -54.95
CA LEU O 595 8.55 8.69 -56.17
C LEU O 595 8.78 7.83 -57.41
N LYS O 596 9.83 7.01 -57.39
CA LYS O 596 10.03 6.01 -58.43
C LYS O 596 8.92 4.96 -58.40
N GLN O 597 8.73 4.34 -57.24
CA GLN O 597 7.87 3.16 -57.14
C GLN O 597 6.39 3.48 -57.18
N GLU O 598 5.99 4.73 -56.98
CA GLU O 598 4.59 5.11 -57.15
C GLU O 598 4.24 5.46 -58.59
N ASN O 599 5.22 5.57 -59.47
CA ASN O 599 5.00 5.93 -60.87
C ASN O 599 5.82 5.02 -61.78
N SER O 600 5.75 3.71 -61.55
CA SER O 600 6.63 2.79 -62.27
C SER O 600 6.08 2.45 -63.66
N THR O 601 4.77 2.19 -63.77
CA THR O 601 4.25 1.60 -64.99
C THR O 601 4.14 2.60 -66.14
N LEU O 602 3.86 3.88 -65.87
CA LEU O 602 3.77 4.84 -66.96
C LEU O 602 5.14 5.30 -67.43
N LEU O 603 6.15 5.24 -66.57
CA LEU O 603 7.53 5.41 -67.03
C LEU O 603 7.98 4.21 -67.85
N LYS O 604 7.62 3.01 -67.41
CA LYS O 604 8.04 1.79 -68.11
C LYS O 604 7.37 1.64 -69.47
N LYS O 605 6.11 2.07 -69.59
CA LYS O 605 5.40 1.97 -70.86
C LYS O 605 6.02 2.87 -71.92
N ALA O 606 6.45 4.06 -71.54
CA ALA O 606 7.21 4.91 -72.45
C ALA O 606 8.64 4.41 -72.64
N ASN O 607 9.17 3.65 -71.68
CA ASN O 607 10.53 3.13 -71.82
C ASN O 607 10.59 1.94 -72.79
N ARG O 608 9.50 1.18 -72.93
CA ARG O 608 9.50 -0.04 -73.73
C ARG O 608 9.76 0.18 -75.22
N ASP O 609 8.83 0.85 -75.91
CA ASP O 609 8.89 0.90 -77.37
C ASP O 609 8.64 2.29 -77.96
N ASP O 610 8.57 3.34 -77.14
CA ASP O 610 8.27 4.67 -77.64
C ASP O 610 9.53 5.48 -77.95
N VAL O 611 10.69 4.82 -78.02
CA VAL O 611 11.96 5.52 -78.17
C VAL O 611 12.09 6.13 -79.56
N LYS O 612 11.72 5.36 -80.60
CA LYS O 612 11.71 5.90 -81.95
C LYS O 612 10.53 6.84 -82.20
N GLY O 613 9.52 6.83 -81.32
CA GLY O 613 8.38 7.71 -81.44
C GLY O 613 8.31 8.74 -80.33
N ARG O 614 9.48 9.12 -79.78
CA ARG O 614 9.51 10.21 -78.80
C ARG O 614 9.10 11.56 -79.38
N GLU O 615 9.27 11.75 -80.70
CA GLU O 615 8.90 13.01 -81.33
C GLU O 615 7.38 13.19 -81.39
N ASN O 616 6.68 12.20 -81.94
CA ASN O 616 5.22 12.24 -81.97
C ASN O 616 4.60 11.88 -80.63
N GLU O 617 5.40 11.34 -79.69
CA GLU O 617 5.15 11.12 -78.27
C GLU O 617 4.18 9.97 -77.98
N LEU O 618 3.49 9.48 -79.02
CA LEU O 618 2.68 8.25 -79.04
C LEU O 618 1.68 8.13 -77.88
N LEU O 619 1.26 9.25 -77.28
CA LEU O 619 0.45 9.21 -76.06
C LEU O 619 -0.47 10.43 -76.04
N LEU O 620 -1.28 10.51 -74.99
CA LEU O 620 -2.15 11.65 -74.72
C LEU O 620 -1.34 12.77 -74.08
N PRO O 621 -1.74 14.04 -74.25
CA PRO O 621 -0.95 15.14 -73.70
C PRO O 621 -1.04 15.32 -72.18
N SER O 622 -1.83 14.51 -71.48
CA SER O 622 -1.88 14.60 -70.02
C SER O 622 -0.70 13.86 -69.39
N GLU O 623 -0.44 12.63 -69.83
CA GLU O 623 0.70 11.90 -69.31
C GLU O 623 2.02 12.44 -69.84
N LEU O 624 2.00 13.22 -70.92
CA LEU O 624 3.19 13.99 -71.31
C LEU O 624 3.57 14.99 -70.23
N ASN O 625 2.57 15.74 -69.73
CA ASN O 625 2.80 16.66 -68.63
C ASN O 625 3.19 15.92 -67.35
N GLN O 626 2.62 14.73 -67.14
CA GLN O 626 2.99 13.94 -65.96
C GLN O 626 4.44 13.47 -66.03
N LEU O 627 4.88 12.98 -67.19
CA LEU O 627 6.26 12.55 -67.36
C LEU O 627 7.23 13.72 -67.27
N LYS O 628 6.86 14.88 -67.83
CA LYS O 628 7.73 16.04 -67.75
C LYS O 628 7.82 16.56 -66.32
N MET O 629 6.71 16.49 -65.57
CA MET O 629 6.72 16.94 -64.19
C MET O 629 7.53 16.01 -63.29
N VAL O 630 7.41 14.70 -63.50
CA VAL O 630 8.20 13.77 -62.67
C VAL O 630 9.67 13.79 -63.10
N ASN O 631 9.95 14.14 -64.36
CA ASN O 631 11.33 14.31 -64.79
C ASN O 631 11.95 15.56 -64.15
N GLU O 632 11.16 16.64 -64.05
CA GLU O 632 11.63 17.83 -63.34
C GLU O 632 11.81 17.56 -61.85
N ARG O 633 10.95 16.70 -61.27
CA ARG O 633 11.12 16.28 -59.88
C ARG O 633 12.43 15.51 -59.69
N GLU O 634 12.74 14.58 -60.59
CA GLU O 634 13.98 13.81 -60.47
C GLU O 634 15.20 14.69 -60.69
N LEU O 635 15.13 15.64 -61.63
CA LEU O 635 16.19 16.62 -61.81
C LEU O 635 16.40 17.47 -60.57
N ASN O 636 15.31 17.87 -59.91
CA ASN O 636 15.41 18.66 -58.67
C ASN O 636 16.03 17.83 -57.56
N VAL O 637 15.66 16.56 -57.45
CA VAL O 637 16.18 15.71 -56.38
C VAL O 637 17.67 15.45 -56.58
N PHE O 638 18.10 15.18 -57.83
CA PHE O 638 19.53 14.95 -58.04
C PHE O 638 20.34 16.25 -57.90
N ALA O 639 19.74 17.39 -58.29
CA ALA O 639 20.43 18.67 -58.15
C ALA O 639 20.58 19.08 -56.69
N ARG O 640 19.61 18.72 -55.85
CA ARG O 640 19.77 18.97 -54.42
C ARG O 640 20.66 17.92 -53.78
N LEU O 641 20.68 16.70 -54.34
CA LEU O 641 21.47 15.61 -53.76
C LEU O 641 22.95 15.83 -53.99
N SER O 642 23.35 16.42 -55.12
CA SER O 642 24.75 16.73 -55.36
C SER O 642 25.28 17.75 -54.35
N ARG O 643 24.48 18.79 -54.08
CA ARG O 643 24.87 19.82 -53.12
C ARG O 643 24.89 19.28 -51.70
N LEU O 644 23.89 18.48 -51.34
CA LEU O 644 23.82 17.89 -50.01
C LEU O 644 24.94 16.87 -49.81
N LEU O 645 25.31 16.17 -50.88
CA LEU O 645 26.42 15.24 -50.87
C LEU O 645 27.75 15.95 -50.67
N SER O 646 27.94 17.11 -51.34
CA SER O 646 29.16 17.88 -51.14
C SER O 646 29.24 18.44 -49.72
N LEU O 647 28.10 18.89 -49.19
CA LEU O 647 28.09 19.42 -47.83
C LEU O 647 28.33 18.33 -46.79
N TRP O 648 27.87 17.10 -47.06
CA TRP O 648 28.29 15.97 -46.23
C TRP O 648 29.76 15.63 -46.44
N GLU O 649 30.26 15.84 -47.66
CA GLU O 649 31.60 15.42 -48.02
C GLU O 649 32.66 16.31 -47.37
N VAL O 650 32.30 17.54 -47.01
CA VAL O 650 33.21 18.38 -46.24
C VAL O 650 33.46 17.77 -44.87
N PHE O 651 32.42 17.22 -44.23
CA PHE O 651 32.55 16.61 -42.91
C PHE O 651 32.88 15.13 -43.02
N GLN O 652 34.15 14.84 -43.32
CA GLN O 652 34.61 13.45 -43.45
C GLN O 652 36.11 13.40 -43.16
N MET O 653 36.45 12.94 -41.96
CA MET O 653 37.83 12.65 -41.60
C MET O 653 37.89 11.63 -40.46
N LEU P 11 19.94 73.46 18.36
CA LEU P 11 20.73 72.81 19.40
C LEU P 11 21.12 73.82 20.48
N SER P 12 22.22 74.54 20.21
CA SER P 12 22.74 75.63 21.03
C SER P 12 23.06 75.16 22.46
N ASP P 13 23.94 74.18 22.55
CA ASP P 13 24.41 73.71 23.86
C ASP P 13 25.51 74.63 24.38
N ASN P 14 26.63 74.69 23.66
CA ASN P 14 27.73 75.59 23.97
C ASN P 14 28.45 75.91 22.67
N ALA P 15 29.68 76.42 22.77
CA ALA P 15 30.49 76.75 21.59
C ALA P 15 31.15 75.52 20.97
N LYS P 16 30.95 74.33 21.54
CA LYS P 16 31.57 73.13 20.97
C LYS P 16 30.93 72.72 19.65
N THR P 17 29.74 73.22 19.31
CA THR P 17 29.23 73.07 17.96
C THR P 17 30.10 73.83 16.96
N LEU P 18 30.52 75.05 17.34
CA LEU P 18 31.47 75.79 16.52
C LEU P 18 32.84 75.13 16.52
N HIS P 19 33.24 74.50 17.63
CA HIS P 19 34.49 73.74 17.64
C HIS P 19 34.42 72.53 16.72
N SER P 20 33.26 71.87 16.67
CA SER P 20 33.08 70.74 15.75
C SER P 20 33.08 71.21 14.30
N GLN P 21 32.52 72.39 14.03
CA GLN P 21 32.58 72.96 12.69
C GLN P 21 34.01 73.31 12.29
N MET P 22 34.79 73.91 13.21
CA MET P 22 36.16 74.29 12.89
C MET P 22 37.08 73.08 12.74
N MET P 23 36.83 72.00 13.49
CA MET P 23 37.62 70.79 13.33
C MET P 23 37.13 69.91 12.19
N SER P 24 35.89 70.10 11.73
CA SER P 24 35.36 69.37 10.60
C SER P 24 35.35 70.18 9.30
N LYS P 25 35.98 71.35 9.31
CA LYS P 25 36.12 72.13 8.08
C LYS P 25 36.99 71.40 7.06
N GLY P 26 38.23 71.07 7.44
CA GLY P 26 39.16 70.43 6.52
C GLY P 26 39.12 68.92 6.59
N ILE P 27 40.12 68.31 5.96
CA ILE P 27 40.26 66.86 5.94
C ILE P 27 40.70 66.42 7.34
N GLY P 28 39.82 65.67 8.03
CA GLY P 28 40.05 65.30 9.41
C GLY P 28 40.39 63.82 9.55
N ALA P 29 40.96 63.49 10.70
CA ALA P 29 41.35 62.12 11.04
C ALA P 29 41.27 61.98 12.55
N LEU P 30 41.91 60.94 13.08
CA LEU P 30 41.95 60.71 14.53
C LEU P 30 42.81 61.74 15.24
N PHE P 31 43.72 62.41 14.53
CA PHE P 31 44.55 63.46 15.13
C PHE P 31 43.72 64.68 15.53
N THR P 32 42.63 64.95 14.81
CA THR P 32 41.74 66.04 15.19
C THR P 32 41.07 65.76 16.53
N GLN P 33 40.62 64.52 16.75
CA GLN P 33 40.08 64.14 18.04
C GLN P 33 41.15 64.06 19.12
N GLN P 34 42.40 63.73 18.76
CA GLN P 34 43.50 63.82 19.71
C GLN P 34 43.71 65.25 20.18
N GLU P 35 43.66 66.21 19.25
CA GLU P 35 43.78 67.63 19.63
C GLU P 35 42.59 68.10 20.44
N LEU P 36 41.38 67.63 20.07
CA LEU P 36 40.16 68.02 20.77
C LEU P 36 40.14 67.49 22.20
N GLN P 37 40.72 66.31 22.43
CA GLN P 37 40.91 65.81 23.79
C GLN P 37 42.15 66.38 24.46
N LYS P 38 43.05 66.97 23.67
CA LYS P 38 44.29 67.55 24.19
C LYS P 38 44.10 68.97 24.74
N GLN P 39 43.08 69.69 24.26
CA GLN P 39 42.92 71.10 24.65
C GLN P 39 42.58 71.27 26.13
N MET P 40 41.44 70.78 26.57
CA MET P 40 40.97 70.97 27.93
C MET P 40 41.14 69.69 28.75
N GLY P 41 40.58 69.68 29.96
CA GLY P 41 40.59 68.48 30.77
C GLY P 41 39.70 67.39 30.19
N ILE P 42 40.14 66.14 30.35
CA ILE P 42 39.72 65.05 29.45
C ILE P 42 38.28 64.63 29.73
N GLY P 43 37.88 64.51 31.00
CA GLY P 43 36.61 63.90 31.33
C GLY P 43 35.40 64.75 30.94
N SER P 44 35.47 66.06 31.20
CA SER P 44 34.41 66.96 30.78
C SER P 44 34.32 67.05 29.26
N LEU P 45 35.47 66.97 28.57
CA LEU P 45 35.47 66.94 27.11
C LEU P 45 34.80 65.67 26.57
N THR P 46 35.08 64.52 27.19
CA THR P 46 34.43 63.28 26.76
C THR P 46 32.93 63.31 27.01
N ASP P 47 32.51 63.86 28.15
CA ASP P 47 31.09 63.94 28.48
C ASP P 47 30.35 64.88 27.52
N LEU P 48 30.90 66.08 27.31
CA LEU P 48 30.24 67.04 26.43
C LEU P 48 30.35 66.63 24.96
N MET P 49 31.39 65.89 24.59
CA MET P 49 31.48 65.38 23.21
C MET P 49 30.49 64.25 22.99
N SER P 50 30.23 63.43 24.02
CA SER P 50 29.16 62.44 23.92
C SER P 50 27.79 63.11 23.80
N ILE P 51 27.61 64.24 24.50
CA ILE P 51 26.36 65.00 24.36
C ILE P 51 26.21 65.59 22.95
N VAL P 52 27.31 66.15 22.42
CA VAL P 52 27.30 66.74 21.08
C VAL P 52 27.06 65.67 20.01
N GLN P 53 27.62 64.47 20.20
CA GLN P 53 27.32 63.36 19.30
C GLN P 53 25.89 62.86 19.47
N GLU P 54 25.30 63.04 20.65
CA GLU P 54 23.87 62.80 20.83
C GLU P 54 23.01 63.96 20.33
N LEU P 55 23.61 65.05 19.87
CA LEU P 55 22.89 66.17 19.27
C LEU P 55 22.94 66.14 17.75
N LEU P 56 22.84 64.94 17.16
CA LEU P 56 22.80 64.70 15.71
C LEU P 56 24.06 65.22 15.00
N ASP P 57 25.18 64.58 15.33
CA ASP P 57 26.48 64.94 14.79
C ASP P 57 27.19 63.65 14.36
N LYS P 58 28.50 63.76 14.14
CA LYS P 58 29.28 62.65 13.60
C LYS P 58 29.36 61.51 14.61
N ASN P 59 29.24 60.29 14.11
CA ASN P 59 29.31 59.08 14.92
C ASN P 59 30.68 58.44 14.78
N LEU P 60 31.15 57.82 15.86
CA LEU P 60 32.48 57.25 15.90
C LEU P 60 32.52 55.96 15.08
N ILE P 61 33.74 55.51 14.79
CA ILE P 61 33.98 54.34 13.95
C ILE P 61 34.87 53.37 14.72
N LYS P 62 34.42 52.12 14.84
CA LYS P 62 35.19 51.06 15.48
C LYS P 62 36.15 50.46 14.46
N LEU P 63 37.45 50.63 14.68
CA LEU P 63 38.47 50.04 13.83
C LEU P 63 39.63 49.51 14.66
N VAL P 64 40.75 49.21 14.00
CA VAL P 64 42.01 48.97 14.70
C VAL P 64 42.43 50.22 15.45
N LYS P 65 42.26 51.39 14.82
CA LYS P 65 42.43 52.66 15.50
C LYS P 65 41.21 52.95 16.37
N GLN P 66 41.37 53.93 17.27
CA GLN P 66 40.38 54.21 18.31
C GLN P 66 39.04 54.71 17.78
N ASN P 67 39.02 55.90 17.18
CA ASN P 67 37.77 56.57 16.83
C ASN P 67 37.99 57.46 15.62
N ASP P 68 37.09 57.38 14.64
CA ASP P 68 37.16 58.20 13.44
C ASP P 68 35.89 59.03 13.28
N GLU P 69 35.96 60.01 12.38
CA GLU P 69 34.84 60.89 12.07
C GLU P 69 34.05 60.33 10.89
N LEU P 70 32.88 60.92 10.66
CA LEU P 70 31.98 60.46 9.59
C LEU P 70 31.38 61.70 8.91
N LYS P 71 31.96 62.12 7.79
CA LYS P 71 33.24 61.62 7.30
C LYS P 71 34.27 62.75 7.26
N PHE P 72 33.95 63.80 6.51
CA PHE P 72 34.82 64.98 6.42
C PHE P 72 34.09 66.30 6.44
N GLN P 73 32.76 66.32 6.36
CA GLN P 73 32.00 67.54 6.13
C GLN P 73 31.11 67.87 7.32
N GLY P 74 30.62 69.11 7.32
CA GLY P 74 29.81 69.66 8.39
C GLY P 74 28.40 70.02 7.96
N VAL P 75 27.74 69.11 7.22
CA VAL P 75 26.43 69.39 6.63
C VAL P 75 25.39 69.61 7.72
N LEU P 76 25.17 68.60 8.57
CA LEU P 76 24.27 68.63 9.74
C LEU P 76 22.82 68.96 9.33
N GLU P 77 22.26 68.09 8.51
CA GLU P 77 20.88 68.27 8.01
C GLU P 77 20.11 66.98 8.22
N SER P 78 19.53 66.83 9.40
CA SER P 78 18.46 65.84 9.56
C SER P 78 17.21 66.44 10.18
N GLU P 79 17.36 67.25 11.23
CA GLU P 79 16.37 68.09 11.90
C GLU P 79 15.28 67.33 12.66
N ALA P 80 15.17 66.02 12.42
CA ALA P 80 14.53 65.02 13.28
C ALA P 80 13.03 65.17 13.51
N GLN P 81 12.41 66.28 13.10
CA GLN P 81 10.99 66.48 13.35
C GLN P 81 10.22 67.12 12.20
N LYS P 82 10.86 67.64 11.16
CA LYS P 82 10.20 68.58 10.25
C LYS P 82 10.52 68.26 8.80
N LYS P 83 9.68 67.41 8.18
CA LYS P 83 9.51 67.46 6.73
C LYS P 83 8.05 67.73 6.34
N ALA P 84 7.10 66.93 6.82
CA ALA P 84 5.66 67.20 6.85
C ALA P 84 5.04 66.84 8.19
N THR P 85 5.47 65.74 8.81
CA THR P 85 4.93 65.24 10.07
C THR P 85 6.05 64.97 11.07
N MET P 86 5.72 64.35 12.20
CA MET P 86 6.69 64.10 13.27
C MET P 86 6.70 62.61 13.57
N SER P 87 7.83 61.96 13.26
CA SER P 87 8.05 60.56 13.59
C SER P 87 9.54 60.29 13.62
N ALA P 88 10.00 59.57 14.65
CA ALA P 88 11.42 59.27 14.81
C ALA P 88 11.78 57.95 14.13
N GLU P 89 11.40 57.83 12.86
CA GLU P 89 11.69 56.64 12.07
C GLU P 89 12.17 57.05 10.68
N GLU P 90 11.81 58.26 10.25
CA GLU P 90 12.07 58.70 8.89
C GLU P 90 13.50 59.20 8.71
N ALA P 91 13.97 60.04 9.65
CA ALA P 91 15.35 60.51 9.63
C ALA P 91 16.34 59.38 9.84
N LEU P 92 15.94 58.32 10.54
CA LEU P 92 16.73 57.10 10.62
C LEU P 92 16.96 56.52 9.23
N VAL P 93 15.88 56.28 8.48
CA VAL P 93 15.96 55.69 7.14
C VAL P 93 16.73 56.61 6.18
N TYR P 94 16.57 57.94 6.34
CA TYR P 94 17.38 58.87 5.55
C TYR P 94 18.87 58.73 5.88
N SER P 95 19.21 58.53 7.16
CA SER P 95 20.59 58.27 7.53
C SER P 95 21.07 56.91 7.04
N TYR P 96 20.16 55.95 6.89
CA TYR P 96 20.55 54.66 6.31
C TYR P 96 20.88 54.80 4.82
N ILE P 97 20.16 55.66 4.11
CA ILE P 97 20.45 55.87 2.69
C ILE P 97 21.46 56.99 2.44
N GLU P 98 21.96 57.65 3.49
CA GLU P 98 23.08 58.56 3.31
C GLU P 98 24.37 57.82 2.96
N ALA P 99 24.66 56.75 3.70
CA ALA P 99 25.93 56.04 3.58
C ALA P 99 25.79 54.75 2.76
N SER P 100 25.00 54.80 1.69
CA SER P 100 24.81 53.63 0.84
C SER P 100 26.10 53.26 0.11
N GLY P 101 26.86 54.24 -0.36
CA GLY P 101 28.15 53.97 -0.95
C GLY P 101 28.28 54.36 -2.41
N ARG P 102 28.60 53.38 -3.26
CA ARG P 102 28.89 53.63 -4.67
C ARG P 102 27.64 53.57 -5.53
N GLU P 103 26.94 52.43 -5.49
CA GLU P 103 25.75 52.22 -6.31
C GLU P 103 24.46 52.62 -5.60
N GLY P 104 24.21 52.07 -4.40
CA GLY P 104 23.02 52.39 -3.66
C GLY P 104 22.72 51.40 -2.56
N ILE P 105 21.44 51.09 -2.36
CA ILE P 105 21.03 50.12 -1.35
C ILE P 105 19.79 49.39 -1.88
N TRP P 106 19.67 48.11 -1.52
CA TRP P 106 18.53 47.34 -1.97
C TRP P 106 17.29 47.69 -1.15
N SER P 107 16.14 47.20 -1.59
CA SER P 107 14.98 47.16 -0.72
C SER P 107 15.04 45.96 0.22
N LYS P 108 15.62 44.85 -0.24
CA LYS P 108 15.79 43.69 0.62
C LYS P 108 16.88 43.91 1.66
N THR P 109 17.85 44.78 1.38
CA THR P 109 18.88 45.08 2.37
C THR P 109 18.30 45.93 3.50
N ILE P 110 17.49 46.94 3.17
CA ILE P 110 16.86 47.74 4.21
C ILE P 110 15.71 46.97 4.86
N LYS P 111 15.20 45.92 4.22
CA LYS P 111 14.30 45.01 4.90
C LYS P 111 15.06 44.13 5.89
N ALA P 112 16.28 43.73 5.54
CA ALA P 112 17.07 42.83 6.39
C ALA P 112 17.54 43.55 7.64
N ARG P 113 18.04 44.78 7.49
CA ARG P 113 18.36 45.59 8.65
C ARG P 113 17.09 46.12 9.29
N THR P 114 17.18 46.39 10.60
CA THR P 114 16.17 47.01 11.46
C THR P 114 14.89 46.19 11.65
N ASN P 115 14.81 45.01 11.03
CA ASN P 115 13.73 44.01 10.99
C ASN P 115 12.31 44.59 11.03
N LEU P 116 12.07 45.62 10.21
CA LEU P 116 10.79 46.32 10.19
C LEU P 116 9.89 45.73 9.11
N HIS P 117 8.70 46.33 8.98
CA HIS P 117 7.74 45.93 7.96
C HIS P 117 8.14 46.57 6.62
N GLN P 118 7.42 46.23 5.56
CA GLN P 118 7.72 46.78 4.23
C GLN P 118 6.84 47.98 3.88
N HIS P 119 5.66 48.10 4.48
CA HIS P 119 4.82 49.25 4.21
C HIS P 119 5.27 50.49 4.97
N VAL P 120 6.01 50.33 6.07
CA VAL P 120 6.69 51.50 6.65
C VAL P 120 7.83 51.95 5.75
N VAL P 121 8.46 51.02 5.02
CA VAL P 121 9.45 51.40 4.02
C VAL P 121 8.76 52.11 2.84
N LEU P 122 7.54 51.68 2.49
CA LEU P 122 6.79 52.36 1.43
C LEU P 122 6.35 53.76 1.86
N LYS P 123 5.96 53.95 3.13
CA LYS P 123 5.60 55.30 3.54
C LYS P 123 6.83 56.18 3.74
N CYS P 124 7.99 55.58 4.07
CA CYS P 124 9.26 56.32 4.00
C CYS P 124 9.57 56.76 2.58
N LEU P 125 9.33 55.87 1.61
CA LEU P 125 9.50 56.18 0.19
C LEU P 125 8.65 57.37 -0.22
N LYS P 126 7.37 57.35 0.15
CA LYS P 126 6.47 58.44 -0.22
C LYS P 126 6.83 59.75 0.50
N SER P 127 7.05 59.68 1.82
CA SER P 127 7.27 60.90 2.60
C SER P 127 8.64 61.51 2.34
N LEU P 128 9.60 60.74 1.84
CA LEU P 128 10.87 61.32 1.44
C LEU P 128 10.93 61.65 -0.04
N GLU P 129 10.08 61.03 -0.87
CA GLU P 129 9.95 61.45 -2.25
C GLU P 129 9.18 62.76 -2.35
N SER P 130 8.41 63.10 -1.31
CA SER P 130 7.74 64.40 -1.25
C SER P 130 8.70 65.58 -1.09
N GLN P 131 9.99 65.35 -0.82
CA GLN P 131 10.93 66.46 -0.70
C GLN P 131 12.27 66.19 -1.39
N ARG P 132 12.31 65.26 -2.36
CA ARG P 132 13.44 65.00 -3.26
C ARG P 132 14.71 64.59 -2.51
N TYR P 133 14.64 63.42 -1.88
CA TYR P 133 15.85 62.74 -1.41
C TYR P 133 15.90 61.29 -1.89
N VAL P 134 14.98 60.90 -2.77
CA VAL P 134 14.89 59.52 -3.23
C VAL P 134 15.22 59.56 -4.72
N LYS P 135 16.13 60.46 -5.09
CA LYS P 135 16.53 60.61 -6.48
C LYS P 135 17.40 59.44 -6.88
N SER P 136 16.81 58.47 -7.59
CA SER P 136 17.43 57.18 -7.82
C SER P 136 18.25 57.17 -9.10
N VAL P 137 19.16 56.19 -9.18
CA VAL P 137 19.89 55.87 -10.40
C VAL P 137 19.56 54.44 -10.79
N LYS P 138 19.18 54.24 -12.04
CA LYS P 138 18.72 52.95 -12.53
C LYS P 138 19.89 52.20 -13.16
N SER P 139 20.01 50.91 -12.84
CA SER P 139 21.00 50.05 -13.45
C SER P 139 20.48 49.57 -14.81
N VAL P 140 21.34 48.86 -15.54
CA VAL P 140 20.92 48.28 -16.82
C VAL P 140 20.00 47.09 -16.58
N LYS P 141 20.38 46.20 -15.67
CA LYS P 141 19.56 45.08 -15.26
C LYS P 141 18.93 45.38 -13.90
N PHE P 142 17.84 44.68 -13.59
CA PHE P 142 17.10 44.87 -12.34
C PHE P 142 16.98 43.53 -11.60
N PRO P 143 18.04 43.09 -10.91
CA PRO P 143 17.93 41.85 -10.13
C PRO P 143 17.04 41.99 -8.89
N THR P 144 17.29 43.04 -8.09
CA THR P 144 16.54 43.25 -6.85
C THR P 144 16.27 44.72 -6.60
N ARG P 145 16.17 45.53 -7.67
CA ARG P 145 15.99 46.99 -7.63
C ARG P 145 17.12 47.67 -6.84
N LYS P 146 18.31 47.63 -7.46
CA LYS P 146 19.48 48.36 -6.96
C LYS P 146 19.33 49.84 -7.30
N ILE P 147 18.51 50.52 -6.50
CA ILE P 147 18.15 51.92 -6.74
C ILE P 147 18.17 52.73 -5.45
N TYR P 148 17.71 53.98 -5.54
CA TYR P 148 17.50 54.92 -4.42
C TYR P 148 18.82 55.31 -3.75
N MET P 149 19.70 55.90 -4.54
CA MET P 149 20.89 56.55 -4.01
C MET P 149 20.51 58.00 -3.71
N LEU P 150 21.44 58.77 -3.13
CA LEU P 150 21.19 60.16 -2.77
C LEU P 150 20.94 61.08 -3.97
N TYR P 151 21.99 61.34 -4.77
CA TYR P 151 22.02 62.48 -5.69
C TYR P 151 22.68 62.08 -7.00
N SER P 152 22.46 62.93 -8.02
CA SER P 152 23.28 63.13 -9.21
C SER P 152 23.32 61.98 -10.21
N LEU P 153 22.67 60.84 -9.93
CA LEU P 153 22.70 59.60 -10.73
C LEU P 153 24.13 59.20 -11.14
N GLN P 154 25.01 59.18 -10.15
CA GLN P 154 26.46 59.11 -10.35
C GLN P 154 27.01 57.82 -10.99
N PRO P 155 26.81 56.58 -10.40
CA PRO P 155 27.66 55.45 -10.83
C PRO P 155 27.44 54.92 -12.24
N SER P 156 26.18 54.61 -12.60
CA SER P 156 25.79 53.97 -13.86
C SER P 156 26.59 52.68 -14.11
N VAL P 157 26.49 51.77 -13.13
CA VAL P 157 27.23 50.49 -13.08
C VAL P 157 28.74 50.69 -13.17
N PHE P 165 28.63 52.10 -18.84
CA PHE P 165 27.31 52.26 -19.45
C PHE P 165 27.41 53.01 -20.77
N THR P 166 28.63 53.13 -21.30
CA THR P 166 28.83 53.80 -22.57
C THR P 166 28.31 52.96 -23.72
N ASP P 167 28.56 51.65 -23.69
CA ASP P 167 28.04 50.72 -24.67
C ASP P 167 27.00 49.76 -24.09
N GLY P 168 26.88 49.67 -22.77
CA GLY P 168 25.92 48.78 -22.15
C GLY P 168 24.50 49.33 -22.23
N GLU P 169 24.33 50.60 -21.86
CA GLU P 169 23.05 51.28 -21.94
C GLU P 169 22.85 52.00 -23.26
N LEU P 170 23.55 51.58 -24.31
CA LEU P 170 23.55 52.27 -25.59
C LEU P 170 22.59 51.66 -26.60
N ASP P 171 21.68 50.79 -26.15
CA ASP P 171 20.80 50.07 -27.07
C ASP P 171 19.72 50.99 -27.63
N ILE P 172 19.38 50.82 -28.92
CA ILE P 172 19.97 49.83 -29.82
C ILE P 172 20.40 50.43 -31.17
N GLU P 173 19.83 51.58 -31.56
CA GLU P 173 19.92 51.99 -32.95
C GLU P 173 21.26 52.61 -33.30
N PHE P 174 21.87 53.36 -32.38
CA PHE P 174 23.13 53.99 -32.73
C PHE P 174 24.32 53.07 -32.52
N ILE P 175 24.16 51.95 -31.81
CA ILE P 175 25.18 50.89 -31.88
C ILE P 175 25.25 50.34 -33.30
N ASN P 176 24.09 50.12 -33.93
CA ASN P 176 24.05 49.68 -35.32
C ASN P 176 24.58 50.75 -36.27
N SER P 177 24.28 52.03 -35.98
CA SER P 177 24.76 53.11 -36.84
C SER P 177 26.27 53.27 -36.76
N LEU P 178 26.82 53.24 -35.53
CA LEU P 178 28.27 53.30 -35.36
C LEU P 178 28.95 52.07 -35.92
N LEU P 179 28.31 50.89 -35.81
CA LEU P 179 28.85 49.67 -36.39
C LEU P 179 28.92 49.76 -37.91
N THR P 180 27.86 50.30 -38.53
CA THR P 180 27.83 50.44 -39.98
C THR P 180 28.87 51.46 -40.46
N ILE P 181 29.05 52.56 -39.73
CA ILE P 181 30.01 53.55 -40.23
C ILE P 181 31.44 53.13 -39.97
N VAL P 182 31.73 52.38 -38.88
CA VAL P 182 33.10 51.90 -38.73
C VAL P 182 33.37 50.75 -39.68
N TRP P 183 32.34 49.98 -40.05
CA TRP P 183 32.52 48.96 -41.08
C TRP P 183 32.83 49.61 -42.43
N ARG P 184 32.14 50.71 -42.75
CA ARG P 184 32.42 51.46 -43.97
C ARG P 184 33.82 52.07 -43.96
N PHE P 185 34.24 52.62 -42.81
CA PHE P 185 35.55 53.27 -42.74
C PHE P 185 36.69 52.26 -42.80
N ILE P 186 36.56 51.10 -42.15
CA ILE P 186 37.65 50.14 -42.23
C ILE P 186 37.63 49.43 -43.59
N SER P 187 36.46 49.31 -44.22
CA SER P 187 36.41 48.76 -45.57
C SER P 187 37.00 49.72 -46.60
N GLU P 188 36.92 51.03 -46.36
CA GLU P 188 37.54 51.98 -47.28
C GLU P 188 38.98 52.32 -46.89
N ASN P 189 39.42 51.93 -45.70
CA ASN P 189 40.81 52.15 -45.30
C ASN P 189 41.69 50.94 -45.65
N THR P 190 41.31 49.76 -45.16
CA THR P 190 42.11 48.57 -45.37
C THR P 190 41.92 47.94 -46.76
N PHE P 191 41.05 48.51 -47.58
CA PHE P 191 40.84 48.17 -48.98
C PHE P 191 40.44 49.43 -49.70
N PRO P 192 40.72 49.56 -51.02
CA PRO P 192 40.31 50.77 -51.74
C PRO P 192 38.80 50.91 -51.89
N ASN P 193 38.38 52.05 -52.43
CA ASN P 193 37.00 52.51 -52.22
C ASN P 193 36.00 51.78 -53.10
N GLY P 194 36.11 51.92 -54.42
CA GLY P 194 35.10 51.43 -55.34
C GLY P 194 35.46 50.22 -56.17
N PHE P 195 36.53 49.50 -55.81
CA PHE P 195 36.97 48.35 -56.58
C PHE P 195 36.35 47.04 -56.10
N LYS P 196 35.35 47.11 -55.24
CA LYS P 196 34.61 45.93 -54.80
C LYS P 196 33.27 45.78 -55.52
N ASN P 197 32.94 46.70 -56.43
CA ASN P 197 31.63 46.68 -57.07
C ASN P 197 31.57 45.68 -58.22
N PHE P 198 32.54 45.74 -59.12
CA PHE P 198 32.58 44.87 -60.30
C PHE P 198 33.91 44.15 -60.35
N GLU P 199 33.97 43.12 -61.19
CA GLU P 199 35.16 42.28 -61.33
C GLU P 199 36.02 42.71 -62.52
N ASN P 200 35.92 43.98 -62.94
CA ASN P 200 36.73 44.49 -64.05
C ASN P 200 38.06 44.97 -63.49
N GLY P 201 38.93 44.01 -63.18
CA GLY P 201 40.21 44.29 -62.56
C GLY P 201 40.11 44.82 -61.15
N PRO P 202 39.72 43.97 -60.19
CA PRO P 202 39.50 44.47 -58.82
C PRO P 202 40.80 44.81 -58.13
N LYS P 203 40.90 46.06 -57.65
CA LYS P 203 41.89 46.60 -56.72
C LYS P 203 43.31 46.70 -57.29
N LYS P 204 43.54 46.30 -58.55
CA LYS P 204 44.75 46.56 -59.32
C LYS P 204 46.01 45.97 -58.67
N ASN P 205 46.02 44.63 -58.56
CA ASN P 205 47.12 43.85 -57.97
C ASN P 205 47.39 44.31 -56.53
N VAL P 206 46.42 43.96 -55.66
CA VAL P 206 45.91 44.71 -54.52
C VAL P 206 46.97 45.44 -53.70
N PHE P 207 46.76 46.74 -53.51
CA PHE P 207 47.68 47.68 -52.85
C PHE P 207 49.07 47.69 -53.50
N TYR P 208 49.08 47.60 -54.84
CA TYR P 208 50.28 47.78 -55.68
C TYR P 208 51.40 46.81 -55.29
N ALA P 209 51.16 45.51 -55.59
CA ALA P 209 52.03 44.39 -55.21
C ALA P 209 52.19 44.33 -53.69
N PRO P 210 51.31 43.57 -52.98
CA PRO P 210 50.87 43.85 -51.60
C PRO P 210 51.90 44.06 -50.47
N ASN P 211 53.15 44.36 -50.81
CA ASN P 211 54.25 44.56 -49.88
C ASN P 211 54.12 45.85 -49.06
N VAL P 212 55.25 46.37 -48.57
CA VAL P 212 55.47 47.09 -47.32
C VAL P 212 54.52 48.27 -47.02
N LYS P 213 53.68 48.68 -47.98
CA LYS P 213 52.65 49.67 -47.68
C LYS P 213 51.67 49.17 -46.62
N ASN P 214 50.84 48.18 -47.00
CA ASN P 214 50.13 47.18 -46.17
C ASN P 214 49.70 47.60 -44.76
N TYR P 215 49.11 48.78 -44.62
CA TYR P 215 48.94 49.41 -43.31
C TYR P 215 47.50 49.28 -42.83
N SER P 216 47.27 49.81 -41.64
CA SER P 216 45.95 49.81 -41.00
C SER P 216 45.87 51.06 -40.13
N THR P 217 44.91 51.08 -39.19
CA THR P 217 44.57 52.32 -38.51
C THR P 217 45.59 52.70 -37.43
N THR P 218 45.66 51.90 -36.36
CA THR P 218 46.52 52.11 -35.19
C THR P 218 46.29 53.51 -34.60
N GLN P 219 45.11 53.62 -33.97
CA GLN P 219 44.50 54.77 -33.26
C GLN P 219 43.85 55.72 -34.27
N GLU P 220 43.96 55.46 -35.57
CA GLU P 220 43.31 56.28 -36.58
C GLU P 220 41.80 56.09 -36.61
N ILE P 221 41.30 54.93 -36.15
CA ILE P 221 39.86 54.70 -36.09
C ILE P 221 39.20 55.61 -35.05
N LEU P 222 39.88 55.86 -33.93
CA LEU P 222 39.35 56.81 -32.95
C LEU P 222 39.48 58.24 -33.46
N GLU P 223 40.44 58.50 -34.34
CA GLU P 223 40.52 59.81 -34.99
C GLU P 223 39.35 60.02 -35.94
N PHE P 224 38.93 58.95 -36.63
CA PHE P 224 37.76 59.06 -37.50
C PHE P 224 36.47 59.20 -36.69
N ILE P 225 36.41 58.55 -35.52
CA ILE P 225 35.31 58.81 -34.60
C ILE P 225 35.34 60.25 -34.10
N THR P 226 36.55 60.77 -33.87
CA THR P 226 36.75 62.16 -33.45
C THR P 226 36.35 63.15 -34.54
N ALA P 227 36.36 62.72 -35.81
CA ALA P 227 35.93 63.59 -36.89
C ALA P 227 34.43 63.91 -36.83
N ALA P 228 33.61 63.01 -36.27
CA ALA P 228 32.17 63.24 -36.22
C ALA P 228 31.54 62.44 -35.09
N GLN P 229 30.88 63.14 -34.17
CA GLN P 229 30.06 62.50 -33.15
C GLN P 229 28.68 63.15 -33.09
N VAL P 230 27.82 62.53 -32.28
CA VAL P 230 26.78 63.23 -31.55
C VAL P 230 27.14 63.16 -30.07
N ALA P 231 27.12 64.31 -29.40
CA ALA P 231 27.80 64.46 -28.11
C ALA P 231 26.87 64.05 -26.97
N ASN P 232 26.57 62.75 -26.90
CA ASN P 232 25.85 62.20 -25.76
C ASN P 232 26.67 61.16 -24.99
N VAL P 233 27.12 60.08 -25.63
CA VAL P 233 27.89 59.03 -24.95
C VAL P 233 29.10 58.65 -25.79
N GLU P 234 29.44 59.47 -26.77
CA GLU P 234 30.39 59.06 -27.82
C GLU P 234 31.79 59.64 -27.61
N LEU P 235 32.24 59.69 -26.36
CA LEU P 235 33.63 60.01 -26.03
C LEU P 235 34.23 58.74 -25.42
N THR P 236 34.78 57.89 -26.28
CA THR P 236 35.23 56.56 -25.90
C THR P 236 36.72 56.56 -25.64
N PRO P 237 37.19 56.25 -24.41
CA PRO P 237 38.62 56.25 -24.08
C PRO P 237 39.38 55.00 -24.54
N SER P 238 39.23 54.65 -25.82
CA SER P 238 39.86 53.50 -26.49
C SER P 238 39.54 52.16 -25.82
N ASN P 239 38.41 52.07 -25.13
CA ASN P 239 37.94 50.84 -24.52
C ASN P 239 36.61 50.36 -25.08
N ILE P 240 35.69 51.28 -25.36
CA ILE P 240 34.47 50.94 -26.09
C ILE P 240 34.82 50.63 -27.55
N ARG P 241 35.86 51.28 -28.09
CA ARG P 241 36.38 50.91 -29.39
C ARG P 241 36.97 49.51 -29.38
N SER P 242 37.61 49.13 -28.27
CA SER P 242 38.11 47.76 -28.15
C SER P 242 36.96 46.76 -27.95
N LEU P 243 35.86 47.19 -27.32
CA LEU P 243 34.70 46.31 -27.19
C LEU P 243 34.02 46.08 -28.54
N CYS P 244 33.91 47.13 -29.36
CA CYS P 244 33.39 46.94 -30.71
C CYS P 244 34.39 46.19 -31.60
N GLU P 245 35.68 46.32 -31.30
CA GLU P 245 36.70 45.51 -31.98
C GLU P 245 36.50 44.03 -31.70
N VAL P 246 36.26 43.66 -30.43
CA VAL P 246 35.95 42.28 -30.08
C VAL P 246 34.62 41.87 -30.70
N LEU P 247 33.66 42.79 -30.80
CA LEU P 247 32.39 42.52 -31.45
C LEU P 247 32.51 42.31 -32.95
N VAL P 248 33.57 42.81 -33.59
CA VAL P 248 33.69 42.61 -35.03
C VAL P 248 34.66 41.50 -35.42
N TYR P 249 35.67 41.18 -34.58
CA TYR P 249 36.53 40.09 -35.07
C TYR P 249 35.98 38.71 -34.75
N ASP P 250 34.86 38.59 -34.05
CA ASP P 250 34.26 37.28 -33.84
C ASP P 250 33.12 36.98 -34.80
N ASP P 251 32.85 37.87 -35.75
CA ASP P 251 31.86 37.59 -36.80
C ASP P 251 32.45 37.62 -38.20
N LYS P 252 33.11 38.71 -38.59
CA LYS P 252 33.49 38.91 -39.97
C LYS P 252 34.91 39.45 -40.18
N LEU P 253 35.71 39.61 -39.14
CA LEU P 253 37.08 40.06 -39.28
C LEU P 253 38.03 39.01 -38.71
N GLU P 254 39.21 38.92 -39.31
CA GLU P 254 40.24 37.99 -38.87
C GLU P 254 41.14 38.63 -37.81
N LYS P 255 41.69 39.80 -38.13
CA LYS P 255 42.53 40.61 -37.24
C LYS P 255 43.77 39.85 -36.77
N VAL P 256 44.68 39.65 -37.72
CA VAL P 256 46.04 39.23 -37.41
C VAL P 256 46.67 40.25 -36.43
N THR P 257 47.63 39.77 -35.63
CA THR P 257 47.84 40.08 -34.21
C THR P 257 47.51 41.49 -33.68
N HIS P 258 48.03 42.57 -34.26
CA HIS P 258 47.87 43.83 -33.53
C HIS P 258 46.68 44.68 -33.96
N ASP P 259 46.65 45.21 -35.18
CA ASP P 259 45.57 46.12 -35.53
C ASP P 259 45.19 46.01 -37.01
N CYS P 260 45.66 44.96 -37.68
CA CYS P 260 45.35 44.80 -39.10
C CYS P 260 44.06 44.01 -39.33
N TYR P 261 42.99 44.73 -39.65
CA TYR P 261 41.61 44.26 -39.55
C TYR P 261 41.22 43.18 -40.57
N ARG P 262 41.46 43.44 -41.87
CA ARG P 262 41.11 42.55 -42.98
C ARG P 262 39.61 42.24 -43.03
N VAL P 263 38.82 43.25 -43.42
CA VAL P 263 37.35 43.24 -43.35
C VAL P 263 36.74 42.13 -44.23
N THR P 264 37.47 41.68 -45.24
CA THR P 264 36.94 40.92 -46.37
C THR P 264 36.40 39.53 -46.06
N LEU P 265 36.01 38.83 -47.14
CA LEU P 265 35.43 37.49 -47.35
C LEU P 265 33.93 37.45 -47.07
N GLU P 266 33.31 38.51 -46.57
CA GLU P 266 31.87 38.68 -46.74
C GLU P 266 31.46 40.12 -47.00
N SER P 267 32.40 41.07 -47.03
CA SER P 267 32.04 42.48 -47.20
C SER P 267 31.59 42.75 -48.63
N ILE P 268 32.22 42.12 -49.61
CA ILE P 268 32.02 42.46 -51.02
C ILE P 268 30.61 42.08 -51.47
N LEU P 269 30.17 40.88 -51.10
CA LEU P 269 28.89 40.35 -51.57
C LEU P 269 27.71 41.17 -51.05
N GLN P 270 27.58 41.27 -49.74
CA GLN P 270 26.47 42.01 -49.15
C GLN P 270 26.76 43.50 -49.00
N MET P 271 27.84 44.00 -49.60
CA MET P 271 27.98 45.44 -49.79
C MET P 271 27.64 45.86 -51.21
N ASN P 272 28.05 45.08 -52.21
CA ASN P 272 27.79 45.40 -53.61
C ASN P 272 26.59 44.66 -54.19
N GLN P 273 25.80 44.00 -53.34
CA GLN P 273 24.52 43.46 -53.81
C GLN P 273 23.55 44.57 -54.18
N GLY P 274 23.63 45.73 -53.53
CA GLY P 274 22.79 46.85 -53.84
C GLY P 274 23.42 47.75 -54.89
N GLU P 275 22.84 47.76 -56.09
CA GLU P 275 23.21 48.56 -57.26
C GLU P 275 24.62 48.30 -57.76
N GLY P 276 25.26 47.20 -57.38
CA GLY P 276 26.56 46.85 -57.90
C GLY P 276 26.56 45.47 -58.53
N GLU P 277 25.64 44.62 -58.10
CA GLU P 277 25.50 43.27 -58.63
C GLU P 277 24.14 43.12 -59.29
N PRO P 278 23.92 43.75 -60.45
CA PRO P 278 22.62 43.63 -61.13
C PRO P 278 22.45 42.31 -61.85
N GLU P 279 21.35 42.18 -62.59
CA GLU P 279 21.04 40.95 -63.33
C GLU P 279 21.96 40.87 -64.56
N ALA P 280 21.94 39.71 -65.23
CA ALA P 280 22.76 39.40 -66.40
C ALA P 280 24.25 39.55 -66.10
N GLY P 281 24.73 38.69 -65.20
CA GLY P 281 26.11 38.73 -64.76
C GLY P 281 27.08 38.12 -65.76
N ASN P 282 28.11 37.46 -65.22
CA ASN P 282 29.21 36.93 -66.01
C ASN P 282 29.13 35.42 -66.24
N LYS P 283 29.02 34.63 -65.18
CA LYS P 283 29.05 33.18 -65.33
C LYS P 283 28.18 32.54 -64.25
N ALA P 284 27.67 31.35 -64.53
CA ALA P 284 26.85 30.63 -63.57
C ALA P 284 27.71 30.07 -62.45
N LEU P 285 27.15 30.03 -61.24
CA LEU P 285 27.89 29.65 -60.05
C LEU P 285 28.03 28.14 -59.89
N GLU P 286 29.05 27.71 -59.17
CA GLU P 286 29.26 26.31 -58.83
C GLU P 286 28.23 25.90 -57.77
N ASP P 287 27.79 24.64 -57.84
CA ASP P 287 26.77 24.13 -56.94
C ASP P 287 27.27 24.07 -55.50
N GLU P 288 26.44 24.57 -54.57
CA GLU P 288 26.69 24.63 -53.13
C GLU P 288 27.97 25.41 -52.83
N GLU P 289 27.91 26.70 -53.14
CA GLU P 289 28.89 27.62 -52.58
C GLU P 289 28.46 27.99 -51.16
N GLU P 290 29.34 27.66 -50.21
CA GLU P 290 28.98 27.70 -48.80
C GLU P 290 28.96 29.14 -48.28
N PHE P 291 29.75 30.01 -48.92
CA PHE P 291 29.95 31.37 -48.45
C PHE P 291 29.06 32.30 -49.25
N SER P 292 27.74 32.08 -49.14
CA SER P 292 26.80 32.77 -50.02
C SER P 292 25.41 32.77 -49.39
N ILE P 293 24.86 33.96 -49.17
CA ILE P 293 23.45 34.10 -48.78
C ILE P 293 22.79 35.02 -49.78
N PHE P 294 22.28 34.45 -50.88
CA PHE P 294 21.52 35.17 -51.91
C PHE P 294 20.85 34.18 -52.85
N ASN P 295 19.62 34.51 -53.24
CA ASN P 295 18.80 33.77 -54.20
C ASN P 295 18.56 32.32 -53.75
N TYR P 296 17.84 32.20 -52.64
CA TYR P 296 17.47 30.90 -52.08
C TYR P 296 15.97 30.91 -51.77
N PHE P 297 15.15 30.50 -52.74
CA PHE P 297 13.71 30.43 -52.59
C PHE P 297 13.20 29.17 -53.27
N LYS P 298 12.09 28.64 -52.76
CA LYS P 298 11.69 27.28 -53.14
C LYS P 298 10.21 27.08 -53.41
N MET P 299 9.37 28.09 -53.17
CA MET P 299 7.94 27.85 -53.16
C MET P 299 7.18 29.15 -53.43
N PHE P 300 6.24 29.12 -54.38
CA PHE P 300 5.20 30.15 -54.28
C PHE P 300 4.29 29.73 -53.13
N PRO P 301 3.30 28.80 -53.32
CA PRO P 301 3.36 27.50 -52.62
C PRO P 301 3.85 26.41 -53.56
N ALA P 302 4.89 25.66 -53.19
CA ALA P 302 5.32 24.57 -54.06
C ALA P 302 5.84 23.36 -53.28
N SER P 303 5.61 23.33 -51.96
CA SER P 303 6.18 22.28 -51.12
C SER P 303 5.43 20.96 -51.22
N LYS P 304 5.46 20.32 -52.39
CA LYS P 304 4.79 19.04 -52.58
C LYS P 304 5.67 17.87 -52.16
N HIS P 305 6.76 17.66 -52.89
CA HIS P 305 7.68 16.55 -52.70
C HIS P 305 8.95 17.03 -52.01
N ASP P 306 9.97 16.15 -52.01
CA ASP P 306 11.21 16.41 -51.27
C ASP P 306 12.06 17.51 -51.91
N LYS P 307 11.60 18.74 -51.74
CA LYS P 307 12.35 19.97 -51.96
C LYS P 307 13.19 20.24 -50.72
N GLU P 308 13.55 21.49 -50.48
CA GLU P 308 14.58 21.82 -49.49
C GLU P 308 14.08 21.82 -48.05
N VAL P 309 13.09 20.98 -47.76
CA VAL P 309 12.32 20.95 -46.52
C VAL P 309 12.97 19.93 -45.58
N VAL P 310 14.26 19.68 -45.80
CA VAL P 310 14.92 18.52 -45.23
C VAL P 310 15.56 18.81 -43.86
N TYR P 311 15.93 20.06 -43.58
CA TYR P 311 16.84 20.39 -42.47
C TYR P 311 16.15 20.21 -41.12
N PHE P 312 16.66 19.24 -40.35
CA PHE P 312 16.45 18.98 -38.92
C PHE P 312 15.07 18.42 -38.58
N ASP P 313 14.07 18.62 -39.46
CA ASP P 313 12.78 17.93 -39.50
C ASP P 313 12.04 17.71 -38.18
N GLU P 314 12.35 18.50 -37.15
CA GLU P 314 11.88 18.30 -35.77
C GLU P 314 12.14 16.87 -35.28
N TRP P 315 13.43 16.58 -35.08
CA TRP P 315 13.89 15.31 -34.47
C TRP P 315 13.18 14.96 -33.17
N GLU Q 35 6.77 19.94 -39.12
CA GLU Q 35 6.92 21.28 -39.67
C GLU Q 35 8.39 21.59 -39.93
N PHE Q 36 8.67 22.76 -40.48
CA PHE Q 36 10.01 23.05 -40.98
C PHE Q 36 10.34 24.54 -40.98
N PRO Q 37 11.11 25.03 -40.01
CA PRO Q 37 11.43 26.47 -39.96
C PRO Q 37 12.60 26.94 -40.83
N SER Q 38 13.65 26.13 -40.97
CA SER Q 38 14.96 26.63 -41.37
C SER Q 38 15.12 26.55 -42.90
N ILE Q 39 16.35 26.69 -43.39
CA ILE Q 39 16.73 26.59 -44.81
C ILE Q 39 18.21 26.18 -44.91
N PRO Q 40 18.53 24.93 -45.32
CA PRO Q 40 19.96 24.57 -45.44
C PRO Q 40 20.54 24.85 -46.81
N LEU Q 41 20.09 25.93 -47.45
CA LEU Q 41 20.37 26.41 -48.80
C LEU Q 41 20.60 25.41 -49.93
N PRO Q 42 19.69 24.42 -50.25
CA PRO Q 42 19.87 23.65 -51.50
C PRO Q 42 19.09 24.24 -52.67
N ILE Q 43 19.58 25.32 -53.24
CA ILE Q 43 18.91 25.93 -54.40
C ILE Q 43 19.13 25.04 -55.62
N ASN Q 44 18.15 25.05 -56.53
CA ASN Q 44 18.28 24.40 -57.82
C ASN Q 44 18.54 25.47 -58.88
N GLY Q 45 19.73 25.42 -59.48
CA GLY Q 45 20.04 26.14 -60.69
C GLY Q 45 19.94 25.29 -61.94
N PRO Q 46 18.73 24.99 -62.43
CA PRO Q 46 18.60 23.97 -63.49
C PRO Q 46 19.04 24.45 -64.86
N ILE Q 47 19.23 25.75 -65.06
CA ILE Q 47 19.62 26.27 -66.37
C ILE Q 47 21.11 26.09 -66.65
N THR Q 48 21.90 25.71 -65.65
CA THR Q 48 23.32 25.49 -65.85
C THR Q 48 23.54 24.19 -66.62
N ASN Q 49 24.68 24.14 -67.33
CA ASN Q 49 24.98 22.98 -68.16
C ASN Q 49 25.40 21.79 -67.32
N LYS Q 50 26.18 22.03 -66.26
CA LYS Q 50 26.74 20.92 -65.49
C LYS Q 50 25.68 20.24 -64.63
N GLU Q 51 24.68 20.97 -64.14
CA GLU Q 51 23.64 20.33 -63.36
C GLU Q 51 22.64 19.58 -64.21
N ARG Q 52 22.53 19.93 -65.50
CA ARG Q 52 21.76 19.09 -66.41
C ARG Q 52 22.54 17.82 -66.76
N SER Q 53 23.80 17.98 -67.19
CA SER Q 53 24.58 16.84 -67.67
C SER Q 53 24.91 15.86 -66.57
N LEU Q 54 25.12 16.35 -65.33
CA LEU Q 54 25.48 15.46 -64.23
C LEU Q 54 24.27 14.64 -63.77
N ALA Q 55 23.08 15.23 -63.79
CA ALA Q 55 21.88 14.45 -63.47
C ALA Q 55 21.52 13.50 -64.60
N VAL Q 56 21.81 13.86 -65.85
CA VAL Q 56 21.63 12.94 -66.97
C VAL Q 56 22.57 11.73 -66.83
N LYS Q 57 23.81 11.98 -66.39
CA LYS Q 57 24.73 10.86 -66.14
C LYS Q 57 24.31 10.05 -64.92
N TYR Q 58 23.68 10.68 -63.92
CA TYR Q 58 23.06 9.94 -62.82
C TYR Q 58 21.98 8.98 -63.33
N ILE Q 59 21.09 9.47 -64.19
CA ILE Q 59 20.02 8.65 -64.72
C ILE Q 59 20.58 7.54 -65.63
N ASN Q 60 21.65 7.84 -66.36
CA ASN Q 60 22.28 6.82 -67.20
C ASN Q 60 22.97 5.74 -66.36
N PHE Q 61 23.62 6.15 -65.26
CA PHE Q 61 24.23 5.19 -64.34
C PHE Q 61 23.17 4.32 -63.67
N GLY Q 62 22.02 4.92 -63.32
CA GLY Q 62 20.92 4.12 -62.80
C GLY Q 62 20.34 3.16 -63.83
N LYS Q 63 20.34 3.57 -65.11
CA LYS Q 63 19.88 2.68 -66.17
C LYS Q 63 20.84 1.51 -66.37
N THR Q 64 22.15 1.76 -66.22
CA THR Q 64 23.12 0.68 -66.36
C THR Q 64 23.06 -0.28 -65.18
N VAL Q 65 22.92 0.24 -63.95
CA VAL Q 65 23.00 -0.62 -62.78
C VAL Q 65 21.68 -1.34 -62.52
N LYS Q 66 20.54 -0.66 -62.72
CA LYS Q 66 19.23 -1.29 -62.53
C LYS Q 66 18.94 -2.39 -63.56
N ASP Q 67 19.60 -2.36 -64.71
CA ASP Q 67 19.47 -3.43 -65.68
C ASP Q 67 20.38 -4.62 -65.39
N GLY Q 68 21.08 -4.59 -64.25
CA GLY Q 68 21.90 -5.70 -63.85
C GLY Q 68 23.24 -5.72 -64.55
N PRO Q 69 23.79 -6.92 -64.76
CA PRO Q 69 25.10 -7.03 -65.42
C PRO Q 69 25.08 -6.73 -66.91
N PHE Q 70 26.21 -6.95 -67.55
CA PHE Q 70 26.44 -6.70 -68.97
C PHE Q 70 26.71 -8.04 -69.66
N TYR Q 71 27.22 -7.96 -70.89
CA TYR Q 71 27.48 -9.13 -71.72
C TYR Q 71 28.71 -9.89 -71.19
N THR Q 72 29.19 -10.85 -71.99
CA THR Q 72 30.19 -11.81 -71.52
C THR Q 72 31.56 -11.18 -71.33
N GLY Q 73 31.69 -10.38 -70.27
CA GLY Q 73 32.95 -9.85 -69.81
C GLY Q 73 33.09 -10.09 -68.33
N SER Q 74 32.02 -10.62 -67.73
CA SER Q 74 32.01 -10.98 -66.32
C SER Q 74 32.68 -12.32 -66.05
N MET Q 75 33.12 -13.03 -67.10
CA MET Q 75 33.91 -14.25 -66.91
C MET Q 75 35.23 -13.96 -66.23
N SER Q 76 35.80 -12.78 -66.45
CA SER Q 76 36.98 -12.36 -65.71
C SER Q 76 36.67 -12.14 -64.24
N LEU Q 77 35.50 -11.59 -63.92
CA LEU Q 77 35.06 -11.46 -62.54
C LEU Q 77 34.85 -12.82 -61.90
N ILE Q 78 34.40 -13.80 -62.69
CA ILE Q 78 34.22 -15.16 -62.21
C ILE Q 78 35.56 -15.83 -61.93
N ILE Q 79 36.55 -15.64 -62.80
CA ILE Q 79 37.83 -16.31 -62.69
C ILE Q 79 38.92 -15.36 -62.18
N ASP Q 80 38.55 -14.34 -61.39
CA ASP Q 80 39.55 -13.61 -60.63
C ASP Q 80 40.22 -14.53 -59.61
N GLN Q 81 39.46 -14.93 -58.59
CA GLN Q 81 39.77 -16.04 -57.67
C GLN Q 81 41.14 -15.86 -57.00
N GLN Q 82 41.23 -14.80 -56.20
CA GLN Q 82 42.49 -14.37 -55.58
C GLN Q 82 43.05 -15.43 -54.63
N GLU Q 83 42.36 -15.63 -53.50
CA GLU Q 83 42.58 -16.79 -52.62
C GLU Q 83 41.20 -17.12 -52.05
N ASN Q 84 40.47 -17.97 -52.75
CA ASN Q 84 39.04 -18.14 -52.46
C ASN Q 84 38.56 -19.51 -52.92
N SER Q 85 38.56 -20.48 -52.00
CA SER Q 85 38.00 -21.80 -52.32
C SER Q 85 36.48 -21.74 -52.47
N LYS Q 86 35.80 -21.13 -51.50
CA LYS Q 86 34.34 -21.14 -51.52
C LYS Q 86 33.76 -20.26 -52.61
N SER Q 87 34.26 -19.03 -52.78
CA SER Q 87 33.72 -18.23 -53.88
C SER Q 87 34.29 -18.66 -55.23
N GLY Q 88 35.43 -19.37 -55.24
CA GLY Q 88 35.86 -20.03 -56.46
C GLY Q 88 35.03 -21.26 -56.78
N LYS Q 89 34.22 -21.72 -55.83
CA LYS Q 89 33.16 -22.66 -56.16
C LYS Q 89 31.86 -21.95 -56.51
N ARG Q 90 31.66 -20.75 -55.96
CA ARG Q 90 30.42 -20.01 -56.17
C ARG Q 90 30.32 -19.46 -57.59
N LYS Q 91 31.38 -18.84 -58.07
CA LYS Q 91 31.36 -18.13 -59.35
C LYS Q 91 31.24 -19.03 -60.60
N PRO Q 92 31.85 -20.22 -60.69
CA PRO Q 92 31.49 -21.10 -61.82
C PRO Q 92 30.11 -21.70 -61.73
N ASN Q 93 29.45 -21.63 -60.57
CA ASN Q 93 28.04 -21.99 -60.51
C ASN Q 93 27.18 -20.91 -61.18
N ILE Q 94 27.64 -19.66 -61.14
CA ILE Q 94 26.84 -18.53 -61.62
C ILE Q 94 27.58 -17.93 -62.82
N ILE Q 95 28.32 -18.78 -63.54
CA ILE Q 95 28.65 -18.44 -64.93
C ILE Q 95 27.39 -18.22 -65.75
N LEU Q 96 26.41 -19.12 -65.63
CA LEU Q 96 25.19 -19.06 -66.42
C LEU Q 96 24.07 -18.32 -65.69
N ASP Q 97 24.44 -17.31 -64.91
CA ASP Q 97 23.47 -16.51 -64.18
C ASP Q 97 22.69 -15.61 -65.13
N GLU Q 98 21.58 -15.08 -64.62
CA GLU Q 98 20.68 -14.25 -65.42
C GLU Q 98 21.26 -12.84 -65.50
N ASP Q 99 22.14 -12.62 -66.47
CA ASP Q 99 22.76 -11.33 -66.70
C ASP Q 99 22.29 -10.69 -67.99
N ASP Q 100 22.40 -11.39 -69.13
CA ASP Q 100 21.94 -10.86 -70.40
C ASP Q 100 21.20 -11.88 -71.24
N THR Q 101 20.92 -13.07 -70.71
CA THR Q 101 20.23 -14.11 -71.45
C THR Q 101 18.73 -14.16 -71.14
N ASN Q 102 18.23 -13.26 -70.30
CA ASN Q 102 16.81 -13.24 -69.97
C ASN Q 102 15.97 -12.68 -71.11
N ASP Q 103 16.50 -11.67 -71.82
CA ASP Q 103 15.76 -11.06 -72.91
C ASP Q 103 15.66 -12.00 -74.11
N GLY Q 104 16.73 -12.75 -74.40
CA GLY Q 104 16.68 -13.71 -75.49
C GLY Q 104 15.76 -14.88 -75.20
N ILE Q 105 15.74 -15.34 -73.94
CA ILE Q 105 14.82 -16.41 -73.55
C ILE Q 105 13.37 -15.90 -73.57
N GLU Q 106 13.17 -14.63 -73.20
CA GLU Q 106 11.82 -14.06 -73.26
C GLU Q 106 11.35 -13.88 -74.70
N ARG Q 107 12.26 -13.52 -75.60
CA ARG Q 107 11.92 -13.41 -77.02
C ARG Q 107 11.63 -14.77 -77.63
N TYR Q 108 12.40 -15.79 -77.22
CA TYR Q 108 12.14 -17.15 -77.69
C TYR Q 108 10.80 -17.68 -77.16
N SER Q 109 10.46 -17.35 -75.91
CA SER Q 109 9.17 -17.75 -75.36
C SER Q 109 8.02 -17.00 -76.03
N ASP Q 110 8.23 -15.73 -76.40
CA ASP Q 110 7.21 -14.98 -77.12
C ASP Q 110 7.01 -15.53 -78.53
N LYS Q 111 8.11 -15.94 -79.19
CA LYS Q 111 8.00 -16.55 -80.51
C LYS Q 111 7.32 -17.91 -80.44
N TYR Q 112 7.60 -18.68 -79.38
CA TYR Q 112 6.92 -19.96 -79.21
C TYR Q 112 5.45 -19.79 -78.86
N LEU Q 113 5.10 -18.72 -78.15
CA LEU Q 113 3.69 -18.44 -77.87
C LEU Q 113 2.97 -17.93 -79.11
N LYS Q 114 3.65 -17.17 -79.97
CA LYS Q 114 3.05 -16.75 -81.22
C LYS Q 114 2.96 -17.89 -82.23
N LYS Q 115 3.80 -18.92 -82.09
CA LYS Q 115 3.75 -20.08 -82.97
C LYS Q 115 2.71 -21.11 -82.54
N ARG Q 116 2.54 -21.30 -81.23
CA ARG Q 116 1.59 -22.28 -80.73
C ARG Q 116 1.16 -21.90 -79.33
N LYS Q 117 0.05 -22.51 -78.89
CA LYS Q 117 -0.52 -22.23 -77.58
C LYS Q 117 0.16 -23.09 -76.51
N ILE Q 118 0.23 -22.55 -75.30
CA ILE Q 118 0.82 -23.25 -74.16
C ILE Q 118 0.10 -22.80 -72.90
N GLY Q 119 -0.16 -23.75 -72.01
CA GLY Q 119 -0.87 -23.45 -70.78
C GLY Q 119 0.04 -23.24 -69.59
N ILE Q 120 0.28 -21.98 -69.22
CA ILE Q 120 1.13 -21.62 -68.10
C ILE Q 120 0.60 -20.32 -67.51
N SER Q 121 1.10 -19.97 -66.34
CA SER Q 121 0.69 -18.75 -65.65
C SER Q 121 1.56 -17.58 -66.08
N ILE Q 122 0.98 -16.38 -66.02
CA ILE Q 122 1.68 -15.17 -66.40
C ILE Q 122 1.84 -14.23 -65.20
N LYS T 257 -41.40 51.38 44.44
CA LYS T 257 -41.05 50.62 45.65
C LYS T 257 -39.85 49.72 45.40
N LYS T 258 -40.11 48.52 44.88
CA LYS T 258 -39.07 47.55 44.60
C LYS T 258 -39.51 46.66 43.44
N VAL T 259 -38.71 45.64 43.16
CA VAL T 259 -39.00 44.72 42.07
C VAL T 259 -39.83 43.57 42.63
N ARG T 260 -41.13 43.56 42.30
CA ARG T 260 -42.02 42.51 42.76
C ARG T 260 -43.20 42.42 41.81
N ASP T 261 -43.64 41.19 41.55
CA ASP T 261 -44.76 40.93 40.65
C ASP T 261 -46.06 41.19 41.42
N GLY T 262 -46.62 42.38 41.21
CA GLY T 262 -47.84 42.76 41.89
C GLY T 262 -49.07 42.02 41.41
N GLU T 263 -49.44 42.24 40.15
CA GLU T 263 -50.60 41.58 39.57
C GLU T 263 -50.61 41.83 38.07
N SER T 264 -51.47 41.09 37.37
CA SER T 264 -51.59 41.23 35.93
C SER T 264 -52.82 40.46 35.46
N ALA T 265 -53.41 40.94 34.37
CA ALA T 265 -54.55 40.32 33.71
C ALA T 265 -55.89 40.60 34.37
N LYS T 266 -55.90 41.33 35.49
CA LYS T 266 -57.14 41.64 36.19
C LYS T 266 -57.41 43.14 36.24
N TYR T 267 -56.45 43.94 36.66
CA TYR T 267 -56.61 45.38 36.76
C TYR T 267 -55.22 46.01 36.74
N PHE T 268 -55.12 47.27 37.16
CA PHE T 268 -53.83 47.89 37.40
C PHE T 268 -53.13 47.15 38.52
N ILE T 269 -51.93 46.65 38.24
CA ILE T 269 -51.23 45.76 39.17
C ILE T 269 -50.71 46.56 40.35
N ASP T 270 -51.20 46.23 41.55
CA ASP T 270 -50.77 46.92 42.77
C ASP T 270 -50.79 45.89 43.90
N GLU T 271 -49.64 45.27 44.13
CA GLU T 271 -49.41 44.43 45.30
C GLU T 271 -48.31 44.97 46.19
N GLU T 272 -47.16 45.33 45.59
CA GLU T 272 -46.12 46.09 46.28
C GLU T 272 -45.43 46.94 45.21
N ASN T 273 -45.93 48.17 45.05
CA ASN T 273 -45.43 49.07 44.02
C ASN T 273 -46.05 50.45 44.25
N PHE T 274 -45.81 51.36 43.31
CA PHE T 274 -46.35 52.72 43.38
C PHE T 274 -47.18 53.08 42.16
N THR T 275 -47.80 52.09 41.52
CA THR T 275 -48.63 52.31 40.35
C THR T 275 -50.11 52.28 40.74
N MET T 276 -50.90 53.12 40.07
CA MET T 276 -52.32 53.21 40.38
C MET T 276 -53.20 53.29 39.13
N ALA T 277 -52.65 53.07 37.94
CA ALA T 277 -53.45 53.11 36.72
C ALA T 277 -52.74 52.30 35.64
N GLU T 278 -53.47 52.00 34.57
CA GLU T 278 -52.93 51.28 33.45
C GLU T 278 -52.29 52.25 32.45
N LEU T 279 -51.81 51.73 31.32
CA LEU T 279 -51.13 52.51 30.28
C LEU T 279 -49.83 53.12 30.82
N CYS T 280 -48.94 52.22 31.24
CA CYS T 280 -47.64 52.60 31.79
C CYS T 280 -46.55 52.77 30.75
N LYS T 281 -46.92 53.05 29.50
CA LYS T 281 -46.02 53.19 28.37
C LYS T 281 -45.04 54.36 28.52
N PRO T 282 -45.37 55.39 29.33
CA PRO T 282 -44.56 56.62 29.36
C PRO T 282 -43.14 56.45 29.88
N ASN T 283 -42.96 55.94 31.10
CA ASN T 283 -41.64 55.68 31.64
C ASN T 283 -41.26 54.21 31.59
N PHE T 284 -42.24 53.33 31.54
CA PHE T 284 -42.15 51.88 31.42
C PHE T 284 -41.33 51.19 32.50
N PRO T 285 -41.39 51.65 33.75
CA PRO T 285 -41.25 50.70 34.86
C PRO T 285 -42.65 50.31 35.32
N ILE T 286 -43.00 49.03 35.34
CA ILE T 286 -44.30 48.59 35.83
C ILE T 286 -44.18 47.52 36.93
N GLY T 287 -43.76 46.32 36.55
CA GLY T 287 -43.75 45.25 37.53
C GLY T 287 -42.51 45.15 38.39
N GLN T 288 -41.40 44.72 37.78
CA GLN T 288 -40.15 44.48 38.49
C GLN T 288 -39.13 44.01 37.47
N ILE T 289 -37.85 44.24 37.77
CA ILE T 289 -36.77 43.83 36.88
C ILE T 289 -35.70 43.13 37.70
N SER T 290 -35.06 42.14 37.09
CA SER T 290 -33.96 41.42 37.73
C SER T 290 -32.83 41.13 36.74
N GLU T 291 -32.72 41.92 35.68
CA GLU T 291 -31.74 41.69 34.62
C GLU T 291 -31.08 43.01 34.26
N ASN T 292 -29.74 43.01 34.28
CA ASN T 292 -28.88 44.08 33.75
C ASN T 292 -29.14 45.41 34.47
N PHE T 293 -28.81 45.41 35.77
CA PHE T 293 -29.01 46.61 36.58
C PHE T 293 -27.97 47.68 36.27
N GLU T 294 -26.71 47.41 36.60
CA GLU T 294 -25.72 48.48 36.62
C GLU T 294 -25.13 48.75 35.24
N LYS T 295 -24.99 47.73 34.39
CA LYS T 295 -24.40 47.95 33.07
C LYS T 295 -25.36 48.66 32.13
N SER T 296 -26.67 48.52 32.37
CA SER T 296 -27.64 49.29 31.61
C SER T 296 -28.02 50.60 32.31
N LYS T 297 -27.77 50.70 33.62
CA LYS T 297 -27.99 51.97 34.29
C LYS T 297 -26.88 52.96 33.96
N MET T 298 -25.63 52.51 33.89
CA MET T 298 -24.51 53.38 33.57
C MET T 298 -24.22 53.40 32.06
N ALA T 299 -25.25 53.62 31.27
CA ALA T 299 -25.12 53.86 29.83
C ALA T 299 -25.73 55.18 29.43
N LYS T 300 -26.97 55.46 29.87
CA LYS T 300 -27.54 56.79 29.66
C LYS T 300 -26.81 57.85 30.48
N LYS T 301 -26.21 57.46 31.61
CA LYS T 301 -25.36 58.38 32.36
C LYS T 301 -24.12 58.75 31.55
N ALA T 302 -23.49 57.77 30.91
CA ALA T 302 -22.31 58.04 30.09
C ALA T 302 -22.68 58.87 28.86
N LYS T 303 -23.83 58.56 28.23
CA LYS T 303 -24.30 59.35 27.11
C LYS T 303 -24.60 60.79 27.52
N LEU T 304 -25.22 60.98 28.69
CA LEU T 304 -25.56 62.32 29.16
C LEU T 304 -24.32 63.13 29.50
N GLU T 305 -23.31 62.49 30.12
CA GLU T 305 -22.10 63.24 30.43
C GLU T 305 -21.28 63.54 29.18
N LYS T 306 -21.34 62.68 28.16
CA LYS T 306 -20.69 63.02 26.89
C LYS T 306 -21.44 64.14 26.15
N ARG T 307 -22.77 64.20 26.27
CA ARG T 307 -23.50 65.31 25.65
C ARG T 307 -23.23 66.63 26.36
N ARG T 308 -23.14 66.60 27.69
CA ARG T 308 -22.74 67.81 28.42
C ARG T 308 -21.30 68.19 28.13
N HIS T 309 -20.45 67.19 27.88
CA HIS T 309 -19.06 67.45 27.46
C HIS T 309 -19.01 68.14 26.10
N LEU T 310 -19.82 67.68 25.14
CA LEU T 310 -19.84 68.34 23.84
C LEU T 310 -20.49 69.72 23.92
N ARG T 311 -21.44 69.92 24.84
CA ARG T 311 -22.03 71.24 25.01
C ARG T 311 -21.03 72.22 25.62
N GLU T 312 -20.23 71.77 26.59
CA GLU T 312 -19.23 72.70 27.16
C GLU T 312 -18.07 72.91 26.20
N LEU T 313 -17.80 71.95 25.30
CA LEU T 313 -16.92 72.22 24.17
C LEU T 313 -17.46 73.30 23.24
N ARG T 314 -18.76 73.24 22.93
CA ARG T 314 -19.37 74.26 22.08
C ARG T 314 -19.41 75.61 22.78
N MET T 315 -19.47 75.62 24.11
CA MET T 315 -19.41 76.87 24.86
C MET T 315 -18.00 77.43 24.90
N ARG T 316 -16.98 76.56 25.03
CA ARG T 316 -15.60 77.03 25.05
C ARG T 316 -15.15 77.48 23.67
N ALA T 317 -15.73 76.92 22.61
CA ALA T 317 -15.37 77.30 21.25
C ALA T 317 -15.78 78.72 20.88
N ARG T 318 -16.67 79.34 21.65
CA ARG T 318 -17.03 80.73 21.41
C ARG T 318 -15.88 81.68 21.77
N GLN T 319 -15.09 81.33 22.79
CA GLN T 319 -14.04 82.22 23.26
C GLN T 319 -12.85 82.24 22.30
N GLU T 320 -12.22 81.09 22.09
CA GLU T 320 -11.13 80.98 21.13
C GLU T 320 -11.72 80.86 19.74
N PHE T 321 -11.44 81.83 18.88
CA PHE T 321 -12.05 81.89 17.55
C PHE T 321 -11.26 81.10 16.51
N LYS T 322 -10.96 79.84 16.83
CA LYS T 322 -10.27 78.88 15.97
C LYS T 322 -10.79 77.48 16.30
N PRO T 323 -11.57 76.84 15.41
CA PRO T 323 -12.21 75.56 15.74
C PRO T 323 -11.25 74.39 15.96
N LEU T 324 -10.42 74.10 14.95
CA LEU T 324 -9.50 72.97 15.04
C LEU T 324 -8.37 73.26 16.03
N HIS T 325 -8.01 74.53 16.21
CA HIS T 325 -7.07 74.86 17.26
C HIS T 325 -7.71 74.74 18.64
N SER T 326 -9.03 74.90 18.74
CA SER T 326 -9.70 74.58 20.00
C SER T 326 -9.73 73.08 20.25
N LEU T 327 -9.84 72.28 19.19
CA LEU T 327 -9.73 70.82 19.36
C LEU T 327 -8.32 70.41 19.78
N THR T 328 -7.29 71.06 19.22
CA THR T 328 -5.93 70.76 19.67
C THR T 328 -5.67 71.31 21.07
N LYS T 329 -6.38 72.37 21.47
CA LYS T 329 -6.31 72.85 22.85
C LYS T 329 -6.96 71.84 23.79
N GLU T 330 -8.04 71.20 23.34
CA GLU T 330 -8.68 70.15 24.12
C GLU T 330 -7.76 68.95 24.30
N GLU T 331 -7.10 68.52 23.21
CA GLU T 331 -6.18 67.39 23.36
C GLU T 331 -4.91 67.81 24.09
N GLN T 332 -4.56 69.09 24.08
CA GLN T 332 -3.45 69.57 24.91
C GLN T 332 -3.83 69.54 26.39
N GLU T 333 -5.09 69.86 26.71
CA GLU T 333 -5.56 69.76 28.08
C GLU T 333 -5.60 68.30 28.54
N GLU T 334 -6.04 67.38 27.67
CA GLU T 334 -6.06 66.00 28.09
C GLU T 334 -4.66 65.38 28.14
N GLU T 335 -3.68 65.89 27.38
CA GLU T 335 -2.32 65.40 27.59
C GLU T 335 -1.63 66.09 28.76
N GLU T 336 -2.11 67.26 29.18
CA GLU T 336 -1.74 67.76 30.51
C GLU T 336 -2.28 66.86 31.60
N GLU T 337 -3.49 66.34 31.42
CA GLU T 337 -4.01 65.31 32.32
C GLU T 337 -3.17 64.04 32.25
N LYS T 338 -2.65 63.71 31.06
CA LYS T 338 -1.80 62.54 30.90
C LYS T 338 -0.45 62.72 31.61
N ARG T 339 0.14 63.91 31.55
CA ARG T 339 1.40 64.11 32.27
C ARG T 339 1.15 64.25 33.78
N LYS T 340 -0.05 64.67 34.17
CA LYS T 340 -0.45 64.57 35.58
C LYS T 340 -0.54 63.10 36.00
N GLU T 341 -1.04 62.24 35.12
CA GLU T 341 -1.05 60.80 35.40
C GLU T 341 0.36 60.22 35.41
N GLU T 342 1.27 60.80 34.61
CA GLU T 342 2.69 60.41 34.68
C GLU T 342 3.29 60.78 36.02
N ARG T 343 2.89 61.93 36.58
CA ARG T 343 3.28 62.28 37.94
C ARG T 343 2.66 61.34 38.95
N ASP T 344 1.42 60.91 38.71
CA ASP T 344 0.66 60.14 39.69
C ASP T 344 1.16 58.69 39.77
N LYS T 345 1.12 57.96 38.65
CA LYS T 345 1.31 56.51 38.69
C LYS T 345 2.78 56.13 38.84
N LEU T 346 3.67 56.89 38.23
CA LEU T 346 5.11 56.59 38.32
C LEU T 346 5.66 56.94 39.69
N GLU T 353 14.46 59.25 35.73
CA GLU T 353 13.65 59.89 34.70
C GLU T 353 12.58 58.93 34.20
N SER T 354 11.75 59.42 33.28
CA SER T 354 10.65 58.63 32.73
C SER T 354 10.58 58.63 31.21
N ASP T 355 11.15 59.63 30.54
CA ASP T 355 11.09 59.72 29.08
C ASP T 355 12.21 58.87 28.48
N ARG T 356 12.01 57.55 28.54
CA ARG T 356 12.97 56.59 28.01
C ARG T 356 12.56 56.27 26.58
N LYS T 357 13.08 57.05 25.63
CA LYS T 357 12.75 56.86 24.22
C LYS T 357 13.99 56.97 23.35
N ALA T 358 13.80 57.04 22.05
CA ALA T 358 14.89 57.15 21.08
C ALA T 358 14.86 58.55 20.46
N HIS T 359 15.75 58.76 19.49
CA HIS T 359 15.87 60.03 18.80
C HIS T 359 16.06 59.75 17.31
N THR T 360 16.35 60.80 16.55
CA THR T 360 16.57 60.65 15.11
C THR T 360 17.91 60.02 14.77
N ALA T 361 18.87 60.02 15.71
CA ALA T 361 20.17 59.44 15.49
C ALA T 361 20.26 58.08 16.20
N ILE T 362 21.44 57.47 16.15
CA ILE T 362 21.63 56.17 16.76
C ILE T 362 22.05 56.27 18.23
N GLN T 363 22.48 57.45 18.68
CA GLN T 363 22.92 57.66 20.06
C GLN T 363 21.67 57.78 20.92
N LEU T 364 21.17 56.64 21.39
CA LEU T 364 19.97 56.60 22.22
C LEU T 364 20.27 55.93 23.55
N LYS T 365 19.49 56.31 24.56
CA LYS T 365 19.59 55.74 25.89
C LYS T 365 18.21 55.71 26.54
N GLY T 370 21.99 58.46 30.19
CA GLY T 370 22.55 57.11 30.17
C GLY T 370 23.84 56.94 29.40
N THR T 371 23.82 57.18 28.09
CA THR T 371 25.04 57.12 27.31
C THR T 371 24.78 57.33 25.83
N MET T 372 25.83 57.67 25.07
CA MET T 372 25.82 57.45 23.63
C MET T 372 26.62 56.21 23.31
N ALA T 373 27.69 55.99 24.06
CA ALA T 373 28.50 54.77 24.01
C ALA T 373 29.19 54.63 25.36
N ILE T 374 30.23 53.79 25.39
CA ILE T 374 31.05 53.67 26.58
C ILE T 374 31.89 54.93 26.73
N ASP T 375 32.11 55.34 27.98
CA ASP T 375 32.90 56.53 28.29
C ASP T 375 34.23 56.20 28.94
N GLU T 376 34.59 54.91 28.99
CA GLU T 376 35.85 54.52 29.62
C GLU T 376 37.02 54.65 28.64
N GLU T 377 37.01 53.87 27.58
CA GLU T 377 38.08 53.90 26.59
C GLU T 377 37.59 54.05 25.17
N THR T 378 36.45 53.45 24.83
CA THR T 378 35.93 53.46 23.47
C THR T 378 34.42 53.20 23.52
N MET T 379 33.85 52.90 22.35
CA MET T 379 32.43 52.59 22.25
C MET T 379 32.18 51.21 22.86
N VAL T 380 31.67 51.19 24.09
CA VAL T 380 31.41 49.95 24.80
C VAL T 380 29.94 49.54 24.75
N VAL T 381 29.02 50.50 24.84
CA VAL T 381 27.60 50.20 24.88
C VAL T 381 26.96 50.30 23.50
N ASP T 382 27.75 50.18 22.43
CA ASP T 382 27.21 50.18 21.07
C ASP T 382 26.40 48.93 20.77
N ARG T 383 26.67 47.82 21.46
CA ARG T 383 25.83 46.65 21.33
C ARG T 383 24.48 46.83 22.00
N HIS T 384 24.40 47.68 23.03
CA HIS T 384 23.15 48.02 23.67
C HIS T 384 22.46 49.23 23.05
N LYS T 385 23.23 50.17 22.49
CA LYS T 385 22.62 51.31 21.82
C LYS T 385 22.06 50.92 20.46
N ASN T 386 22.57 49.85 19.86
CA ASN T 386 22.07 49.36 18.58
C ASN T 386 20.84 48.48 18.71
N ALA T 387 20.41 48.16 19.93
CA ALA T 387 19.24 47.31 20.13
C ALA T 387 17.97 48.14 20.22
N GLU T 390 12.72 51.38 21.23
CA GLU T 390 11.66 51.57 20.24
C GLU T 390 10.33 51.08 20.81
N ASN T 391 10.20 49.77 21.00
CA ASN T 391 8.98 49.19 21.55
C ASN T 391 9.06 49.01 23.07
N GLU T 392 10.19 49.34 23.67
CA GLU T 392 10.31 49.40 25.13
C GLU T 392 10.31 50.87 25.50
N TYR T 393 9.19 51.34 26.04
CA TYR T 393 8.99 52.76 26.31
C TYR T 393 7.99 52.90 27.45
N LYS T 394 7.52 54.13 27.67
CA LYS T 394 6.60 54.45 28.76
C LYS T 394 5.18 54.50 28.20
N GLU T 395 4.34 53.58 28.63
CA GLU T 395 2.97 53.50 28.16
C GLU T 395 1.95 53.33 29.28
N LYS T 396 2.35 52.83 30.45
CA LYS T 396 1.45 52.64 31.58
C LYS T 396 1.07 53.97 32.23
N VAL T 397 0.33 54.80 31.48
CA VAL T 397 -0.03 56.15 31.90
C VAL T 397 -1.54 56.34 31.92
N ASP T 398 -2.20 56.08 30.80
CA ASP T 398 -3.62 56.36 30.62
C ASP T 398 -4.46 55.11 30.91
N GLU T 399 -5.01 55.05 32.12
CA GLU T 399 -5.88 53.97 32.54
C GLU T 399 -7.30 54.49 32.72
N ASN T 400 -8.25 53.85 32.06
CA ASN T 400 -9.66 54.25 32.09
C ASN T 400 -10.54 53.02 32.19
N PRO T 401 -11.66 53.12 32.92
CA PRO T 401 -12.55 51.96 33.06
C PRO T 401 -13.28 51.64 31.76
N PHE T 402 -13.86 50.44 31.73
CA PHE T 402 -14.47 49.90 30.53
C PHE T 402 -15.97 50.11 30.53
N ALA T 403 -16.60 49.71 29.43
CA ALA T 403 -18.04 49.75 29.26
C ALA T 403 -18.43 48.74 28.18
N ASN T 404 -19.71 48.68 27.86
CA ASN T 404 -20.26 47.87 26.78
C ASN T 404 -21.23 48.70 25.95
N LEU T 405 -20.81 49.90 25.60
CA LEU T 405 -21.67 50.89 24.97
C LEU T 405 -21.81 50.61 23.46
N TYR T 406 -22.41 51.55 22.74
CA TYR T 406 -22.70 51.37 21.33
C TYR T 406 -22.83 52.75 20.69
N ASN T 407 -22.69 52.77 19.35
CA ASN T 407 -22.84 54.00 18.59
C ASN T 407 -23.58 53.77 17.27
N TYR T 408 -24.51 52.83 17.26
CA TYR T 408 -25.08 52.33 16.01
C TYR T 408 -26.32 53.13 15.62
N GLY T 409 -27.04 52.64 14.62
CA GLY T 409 -28.10 53.40 13.99
C GLY T 409 -27.56 54.15 12.79
N SER T 410 -26.72 55.15 13.06
CA SER T 410 -26.02 55.91 12.02
C SER T 410 -24.82 56.58 12.67
N TYR T 411 -23.62 56.24 12.21
CA TYR T 411 -22.40 56.83 12.75
C TYR T 411 -21.47 57.20 11.60
N GLY T 412 -20.73 58.29 11.80
CA GLY T 412 -19.86 58.81 10.76
C GLY T 412 -20.01 60.31 10.59
N ARG T 413 -20.43 60.74 9.41
CA ARG T 413 -20.65 62.15 9.15
C ARG T 413 -21.90 62.65 9.88
N GLY T 414 -21.99 63.96 10.02
CA GLY T 414 -23.12 64.55 10.71
C GLY T 414 -22.92 66.05 10.87
N SER T 415 -23.80 66.64 11.68
CA SER T 415 -23.77 68.09 11.91
C SER T 415 -24.27 68.36 13.31
N TYR T 416 -23.39 68.84 14.18
CA TYR T 416 -23.75 69.23 15.55
C TYR T 416 -24.00 70.74 15.53
N THR T 417 -25.28 71.12 15.56
CA THR T 417 -25.65 72.53 15.52
C THR T 417 -26.51 72.92 16.72
N ASP T 418 -27.06 74.12 16.69
CA ASP T 418 -27.80 74.67 17.81
C ASP T 418 -28.84 75.65 17.26
N PRO T 419 -29.80 76.07 18.08
CA PRO T 419 -30.60 77.25 17.70
C PRO T 419 -29.72 78.48 17.62
N TRP T 420 -29.75 79.14 16.46
CA TRP T 420 -28.79 80.17 16.14
C TRP T 420 -29.07 81.47 16.89
N THR T 421 -28.00 82.23 17.12
CA THR T 421 -28.09 83.47 17.87
C THR T 421 -28.68 84.57 16.99
N VAL T 422 -29.59 85.35 17.57
CA VAL T 422 -30.21 86.44 16.81
C VAL T 422 -29.21 87.59 16.58
N GLU T 423 -28.22 87.73 17.48
CA GLU T 423 -27.17 88.71 17.24
C GLU T 423 -26.25 88.27 16.10
N GLU T 424 -26.03 86.95 15.97
CA GLU T 424 -25.36 86.41 14.80
C GLU T 424 -26.16 86.66 13.53
N MET T 425 -27.49 86.63 13.63
CA MET T 425 -28.32 86.94 12.47
C MET T 425 -28.23 88.40 12.08
N ILE T 426 -28.22 89.30 13.08
CA ILE T 426 -28.06 90.73 12.80
C ILE T 426 -26.70 91.02 12.19
N LYS T 427 -25.65 90.35 12.69
CA LYS T 427 -24.33 90.46 12.10
C LYS T 427 -24.29 89.89 10.68
N PHE T 428 -25.08 88.85 10.41
CA PHE T 428 -25.13 88.28 9.08
C PHE T 428 -25.84 89.20 8.09
N TYR T 429 -26.92 89.85 8.53
CA TYR T 429 -27.60 90.79 7.64
C TYR T 429 -26.75 92.03 7.40
N LYS T 430 -26.03 92.50 8.43
CA LYS T 430 -25.10 93.62 8.24
C LYS T 430 -23.94 93.23 7.34
N ALA T 431 -23.48 91.98 7.43
CA ALA T 431 -22.42 91.50 6.57
C ALA T 431 -22.88 91.40 5.12
N LEU T 432 -24.07 90.85 4.90
CA LEU T 432 -24.60 90.73 3.54
C LEU T 432 -24.97 92.09 2.96
N SER T 433 -25.25 93.09 3.81
CA SER T 433 -25.35 94.46 3.35
C SER T 433 -23.98 95.07 3.09
N MET T 434 -22.93 94.51 3.67
CA MET T 434 -21.58 95.05 3.54
C MET T 434 -20.68 94.25 2.62
N TRP T 435 -20.76 92.91 2.67
CA TRP T 435 -19.89 92.04 1.90
C TRP T 435 -20.67 90.76 1.64
N GLY T 436 -21.14 90.57 0.41
CA GLY T 436 -22.21 89.64 0.12
C GLY T 436 -21.85 88.16 0.05
N THR T 437 -22.35 87.49 -0.98
CA THR T 437 -22.28 86.03 -1.07
C THR T 437 -20.87 85.57 -1.38
N ASP T 438 -20.07 85.42 -0.33
CA ASP T 438 -18.63 85.22 -0.39
C ASP T 438 -18.24 84.10 0.57
N PHE T 439 -18.82 82.91 0.31
CA PHE T 439 -18.82 81.68 1.13
C PHE T 439 -17.58 81.43 1.98
N ASN T 440 -16.39 81.60 1.40
CA ASN T 440 -15.15 81.43 2.16
C ASN T 440 -14.96 82.57 3.16
N LEU T 441 -15.21 83.81 2.73
CA LEU T 441 -15.13 84.95 3.64
C LEU T 441 -16.22 84.91 4.71
N ILE T 442 -17.38 84.33 4.41
CA ILE T 442 -18.41 84.21 5.41
C ILE T 442 -18.05 83.10 6.41
N SER T 443 -17.43 82.02 5.94
CA SER T 443 -16.97 80.98 6.86
C SER T 443 -15.81 81.46 7.73
N GLN T 444 -14.96 82.34 7.20
CA GLN T 444 -13.88 82.90 7.99
C GLN T 444 -14.38 84.01 8.90
N LEU T 445 -15.48 84.68 8.53
CA LEU T 445 -16.04 85.76 9.33
C LEU T 445 -16.68 85.24 10.61
N TYR T 446 -17.11 83.99 10.63
CA TYR T 446 -17.58 83.31 11.83
C TYR T 446 -16.60 82.18 12.15
N PRO T 447 -15.43 82.48 12.75
CA PRO T 447 -14.38 81.45 12.83
C PRO T 447 -14.53 80.50 14.01
N TYR T 448 -15.76 80.05 14.29
CA TYR T 448 -15.95 78.87 15.11
C TYR T 448 -17.15 78.06 14.62
N ARG T 449 -17.75 78.45 13.49
CA ARG T 449 -18.68 77.61 12.75
C ARG T 449 -17.91 76.82 11.69
N SER T 450 -18.63 76.23 10.74
CA SER T 450 -18.01 75.46 9.67
C SER T 450 -18.59 75.87 8.33
N ARG T 451 -18.33 75.08 7.29
CA ARG T 451 -18.59 75.52 5.92
C ARG T 451 -19.95 75.05 5.39
N LYS T 452 -20.29 73.78 5.57
CA LYS T 452 -21.53 73.27 4.99
C LYS T 452 -22.75 73.75 5.76
N GLN T 453 -22.60 73.94 7.07
CA GLN T 453 -23.70 74.39 7.90
C GLN T 453 -24.05 75.85 7.62
N VAL T 454 -23.03 76.69 7.35
CA VAL T 454 -23.38 78.05 6.95
C VAL T 454 -23.88 78.11 5.52
N LYS T 455 -23.60 77.09 4.69
CA LYS T 455 -24.25 77.02 3.37
C LYS T 455 -25.74 76.69 3.52
N ALA T 456 -26.08 75.80 4.45
CA ALA T 456 -27.48 75.59 4.80
C ALA T 456 -28.10 76.86 5.40
N LYS T 457 -27.30 77.64 6.12
CA LYS T 457 -27.76 78.94 6.58
C LYS T 457 -27.98 79.91 5.42
N PHE T 458 -27.15 79.84 4.37
CA PHE T 458 -27.35 80.65 3.17
C PHE T 458 -28.68 80.32 2.51
N VAL T 459 -28.97 79.03 2.31
CA VAL T 459 -30.23 78.71 1.65
C VAL T 459 -31.43 78.96 2.56
N ASN T 460 -31.24 78.84 3.89
CA ASN T 460 -32.32 79.14 4.82
C ASN T 460 -32.64 80.64 4.83
N GLU T 461 -31.63 81.49 4.84
CA GLU T 461 -31.86 82.93 4.77
C GLU T 461 -32.27 83.40 3.38
N GLU T 462 -31.93 82.64 2.33
CA GLU T 462 -32.44 82.92 1.00
C GLU T 462 -33.92 82.56 0.90
N LYS T 463 -34.39 81.64 1.74
CA LYS T 463 -35.79 81.24 1.73
C LYS T 463 -36.72 82.37 2.21
N LYS T 464 -36.55 82.82 3.45
CA LYS T 464 -37.66 83.49 4.14
C LYS T 464 -37.74 85.00 3.96
N ARG T 465 -36.68 85.68 3.50
CA ARG T 465 -36.76 87.13 3.58
C ARG T 465 -36.31 87.84 2.30
N PRO T 466 -37.24 88.48 1.57
CA PRO T 466 -36.83 89.27 0.39
C PRO T 466 -36.50 90.73 0.67
N ILE T 467 -37.07 91.31 1.72
CA ILE T 467 -37.07 92.76 1.88
C ILE T 467 -35.70 93.27 2.32
N LEU T 468 -35.20 92.76 3.45
CA LEU T 468 -33.92 93.23 3.96
C LEU T 468 -32.76 92.77 3.10
N ILE T 469 -32.91 91.63 2.42
CA ILE T 469 -31.85 91.18 1.51
C ILE T 469 -31.83 92.05 0.24
N GLU T 470 -33.01 92.47 -0.24
CA GLU T 470 -33.05 93.38 -1.38
C GLU T 470 -32.49 94.75 -1.02
N LEU T 471 -32.78 95.23 0.19
CA LEU T 471 -32.18 96.47 0.67
C LEU T 471 -30.68 96.31 0.92
N ALA T 472 -30.25 95.09 1.24
CA ALA T 472 -28.83 94.82 1.45
C ALA T 472 -28.05 94.85 0.14
N LEU T 473 -28.60 94.23 -0.91
CA LEU T 473 -27.99 94.33 -2.23
C LEU T 473 -28.13 95.72 -2.83
N ARG T 474 -29.08 96.52 -2.34
CA ARG T 474 -29.17 97.93 -2.74
C ARG T 474 -28.06 98.78 -2.13
N SER T 475 -27.47 98.34 -1.01
CA SER T 475 -26.69 99.24 -0.16
C SER T 475 -25.29 99.52 -0.72
N LYS T 476 -24.54 98.46 -1.02
CA LYS T 476 -23.15 98.50 -1.52
C LYS T 476 -22.22 99.24 -0.55
N LEU T 477 -22.03 98.63 0.62
CA LEU T 477 -21.12 99.20 1.62
C LEU T 477 -19.68 98.76 1.37
N PRO T 478 -18.69 99.62 1.64
CA PRO T 478 -17.29 99.25 1.43
C PRO T 478 -16.75 98.40 2.57
N PRO T 479 -15.95 97.37 2.26
CA PRO T 479 -15.42 96.42 3.29
C PRO T 479 -14.17 96.87 4.06
N ASN T 480 -14.38 97.63 5.14
CA ASN T 480 -13.28 98.00 6.03
C ASN T 480 -13.40 97.41 7.43
N PHE T 481 -14.60 97.42 8.01
CA PHE T 481 -14.83 96.79 9.32
C PHE T 481 -14.76 95.28 9.23
N ASP T 482 -15.08 94.70 8.06
CA ASP T 482 -14.92 93.27 7.86
C ASP T 482 -13.45 92.87 7.90
N GLU T 483 -12.59 93.63 7.23
CA GLU T 483 -11.15 93.39 7.33
C GLU T 483 -10.62 93.68 8.71
N TYR T 484 -11.22 94.66 9.41
CA TYR T 484 -10.85 94.96 10.80
C TYR T 484 -11.11 93.75 11.71
N CYS T 485 -12.29 93.15 11.58
CA CYS T 485 -12.61 91.94 12.36
C CYS T 485 -11.75 90.76 11.95
N CYS T 486 -11.49 90.60 10.64
CA CYS T 486 -10.69 89.48 10.17
C CYS T 486 -9.21 89.63 10.53
N GLU T 487 -8.73 90.85 10.77
CA GLU T 487 -7.34 91.01 11.18
C GLU T 487 -7.17 91.06 12.69
N ILE T 488 -8.23 91.33 13.44
CA ILE T 488 -8.12 91.27 14.90
C ILE T 488 -8.41 89.87 15.43
N LYS T 489 -9.56 89.28 15.03
CA LYS T 489 -9.98 88.02 15.59
C LYS T 489 -9.13 86.84 15.13
N LYS T 490 -8.44 86.97 14.00
CA LYS T 490 -7.57 85.92 13.48
C LYS T 490 -6.09 86.22 13.72
N ASN T 491 -5.74 87.50 13.83
CA ASN T 491 -4.35 88.00 13.91
C ASN T 491 -3.55 87.52 12.71
N ILE T 492 -4.08 87.80 11.52
CA ILE T 492 -3.42 87.52 10.25
C ILE T 492 -2.84 88.82 9.71
N GLY T 493 -1.71 88.70 9.01
CA GLY T 493 -0.98 89.90 8.59
C GLY T 493 -1.68 90.64 7.46
N THR T 494 -2.19 89.89 6.47
CA THR T 494 -2.80 90.40 5.23
C THR T 494 -1.87 91.38 4.49
N VAL T 495 -0.73 90.84 4.06
CA VAL T 495 0.17 91.61 3.20
C VAL T 495 -0.47 91.74 1.83
N ALA T 496 -0.31 92.92 1.21
CA ALA T 496 -1.01 93.27 -0.01
C ALA T 496 -0.51 92.45 -1.21
N ASP T 497 -1.12 92.71 -2.37
CA ASP T 497 -0.87 91.91 -3.57
C ASP T 497 0.52 92.17 -4.13
N PHE T 498 1.05 93.38 -3.94
CA PHE T 498 2.41 93.67 -4.35
C PHE T 498 3.44 92.96 -3.49
N ASN T 499 3.26 92.98 -2.16
CA ASN T 499 4.21 92.33 -1.27
C ASN T 499 4.12 90.81 -1.37
N GLU T 500 2.91 90.27 -1.39
CA GLU T 500 2.73 88.83 -1.56
C GLU T 500 3.14 88.34 -2.94
N LYS T 501 2.89 89.14 -3.98
CA LYS T 501 3.33 88.77 -5.32
C LYS T 501 4.85 88.82 -5.44
N LEU T 502 5.48 89.81 -4.80
CA LEU T 502 6.94 89.87 -4.78
C LEU T 502 7.55 88.73 -3.97
N ILE T 503 6.90 88.32 -2.88
CA ILE T 503 7.39 87.20 -2.08
C ILE T 503 7.25 85.89 -2.85
N GLU T 504 6.14 85.73 -3.59
CA GLU T 504 5.96 84.54 -4.40
C GLU T 504 6.94 84.49 -5.57
N LEU T 505 7.23 85.65 -6.17
CA LEU T 505 8.21 85.70 -7.25
C LEU T 505 9.62 85.42 -6.71
N GLN T 506 9.93 85.90 -5.50
CA GLN T 506 11.23 85.63 -4.90
C GLN T 506 11.38 84.16 -4.52
N ASN T 507 10.30 83.54 -4.06
CA ASN T 507 10.35 82.11 -3.76
C ASN T 507 10.49 81.28 -5.02
N GLU T 508 9.82 81.69 -6.11
CA GLU T 508 9.95 80.98 -7.38
C GLU T 508 11.35 81.14 -7.96
N HIS T 509 11.93 82.34 -7.81
CA HIS T 509 13.29 82.58 -8.30
C HIS T 509 14.31 81.81 -7.48
N LYS T 510 14.10 81.71 -6.16
CA LYS T 510 15.00 80.92 -5.31
C LYS T 510 14.90 79.44 -5.63
N HIS T 511 13.68 78.95 -5.92
CA HIS T 511 13.52 77.56 -6.29
C HIS T 511 14.14 77.26 -7.66
N HIS T 512 14.01 78.19 -8.61
CA HIS T 512 14.63 78.01 -9.92
C HIS T 512 16.14 78.07 -9.84
N MET T 513 16.69 78.96 -9.00
CA MET T 513 18.13 79.01 -8.80
C MET T 513 18.65 77.76 -8.09
N LYS T 514 17.88 77.22 -7.15
CA LYS T 514 18.28 75.98 -6.49
C LYS T 514 18.24 74.80 -7.45
N GLU T 515 17.25 74.77 -8.34
CA GLU T 515 17.16 73.70 -9.33
C GLU T 515 18.30 73.79 -10.35
N ILE T 516 18.64 75.02 -10.75
CA ILE T 516 19.75 75.21 -11.69
C ILE T 516 21.08 74.88 -11.04
N GLU T 517 21.24 75.20 -9.76
CA GLU T 517 22.47 74.86 -9.04
C GLU T 517 22.58 73.35 -8.82
N GLU T 518 21.45 72.68 -8.60
CA GLU T 518 21.46 71.22 -8.47
C GLU T 518 21.78 70.56 -9.80
N ALA T 519 21.27 71.10 -10.90
CA ALA T 519 21.58 70.56 -12.22
C ALA T 519 23.05 70.77 -12.58
N LYS T 520 23.60 71.95 -12.24
CA LYS T 520 25.02 72.21 -12.48
C LYS T 520 25.92 71.34 -11.59
N ASN T 521 25.52 71.11 -10.34
CA ASN T 521 26.28 70.22 -9.47
C ASN T 521 26.22 68.78 -9.94
N THR T 522 25.07 68.35 -10.48
CA THR T 522 24.96 67.01 -11.03
C THR T 522 25.80 66.85 -12.30
N ALA T 523 25.85 67.89 -13.14
CA ALA T 523 26.71 67.85 -14.32
C ALA T 523 28.18 67.83 -13.94
N LYS T 524 28.57 68.60 -12.91
CA LYS T 524 29.95 68.60 -12.45
C LYS T 524 30.33 67.26 -11.81
N GLU T 525 29.39 66.64 -11.08
CA GLU T 525 29.65 65.32 -10.52
C GLU T 525 29.75 64.25 -11.59
N GLU T 526 28.94 64.38 -12.67
CA GLU T 526 29.04 63.43 -13.78
C GLU T 526 30.36 63.60 -14.53
N ASP T 527 30.82 64.85 -14.68
CA ASP T 527 32.12 65.08 -15.32
C ASP T 527 33.26 64.57 -14.47
N GLN T 528 33.16 64.72 -13.14
CA GLN T 528 34.17 64.19 -12.24
C GLN T 528 34.18 62.67 -12.24
N THR T 529 32.99 62.06 -12.35
CA THR T 529 32.91 60.60 -12.45
C THR T 529 33.46 60.09 -13.78
N ALA T 530 33.25 60.83 -14.87
CA ALA T 530 33.83 60.44 -16.14
C ALA T 530 35.35 60.59 -16.13
N GLN T 531 35.86 61.64 -15.47
CA GLN T 531 37.31 61.79 -15.32
C GLN T 531 37.90 60.70 -14.43
N ARG T 532 37.18 60.30 -13.39
CA ARG T 532 37.65 59.21 -12.53
C ARG T 532 37.62 57.87 -13.25
N LEU T 533 36.62 57.67 -14.13
CA LEU T 533 36.57 56.45 -14.93
C LEU T 533 37.69 56.42 -15.97
N ASN T 534 38.03 57.57 -16.56
CA ASN T 534 39.16 57.63 -17.47
C ASN T 534 40.48 57.41 -16.74
N ASP T 535 40.59 57.91 -15.50
CA ASP T 535 41.79 57.68 -14.71
C ASP T 535 41.91 56.22 -14.29
N ALA T 536 40.79 55.57 -13.98
CA ALA T 536 40.81 54.15 -13.66
C ALA T 536 41.13 53.29 -14.87
N ASN T 537 40.67 53.71 -16.06
CA ASN T 537 41.05 53.01 -17.29
C ASN T 537 42.53 53.22 -17.62
N LEU T 538 43.08 54.39 -17.28
CA LEU T 538 44.51 54.62 -17.49
C LEU T 538 45.35 53.85 -16.48
N ASN T 539 44.86 53.68 -15.25
CA ASN T 539 45.57 52.93 -14.23
C ASN T 539 45.35 51.42 -14.33
N LYS T 540 44.37 50.97 -15.11
CA LYS T 540 44.16 49.54 -15.30
C LYS T 540 45.16 48.96 -16.30
N LYS T 541 45.69 49.80 -17.19
CA LYS T 541 46.66 49.34 -18.19
C LYS T 541 47.99 50.05 -18.00
N SER U 61 -57.14 61.90 -10.44
CA SER U 61 -58.04 62.44 -11.46
C SER U 61 -57.25 63.08 -12.59
N GLY U 62 -57.72 64.23 -13.07
CA GLY U 62 -57.06 64.93 -14.16
C GLY U 62 -56.12 66.03 -13.69
N ILE U 63 -55.39 65.76 -12.61
CA ILE U 63 -54.47 66.74 -12.05
C ILE U 63 -53.20 66.80 -12.88
N VAL U 64 -52.40 67.85 -12.67
CA VAL U 64 -51.17 68.04 -13.43
C VAL U 64 -50.02 68.26 -12.45
N PRO U 65 -48.85 67.67 -12.68
CA PRO U 65 -47.71 67.94 -11.80
C PRO U 65 -47.12 69.33 -12.02
N THR U 66 -46.62 69.91 -10.93
CA THR U 66 -45.93 71.18 -10.97
C THR U 66 -44.42 70.93 -10.91
N LEU U 67 -43.68 71.58 -11.81
CA LEU U 67 -42.26 71.34 -11.91
C LEU U 67 -41.52 72.04 -10.77
N GLN U 68 -40.31 71.53 -10.48
CA GLN U 68 -39.51 72.03 -9.37
C GLN U 68 -38.23 72.71 -9.85
N ASN U 69 -37.40 72.02 -10.64
CA ASN U 69 -36.14 72.57 -11.09
C ASN U 69 -35.72 71.85 -12.37
N ILE U 70 -35.04 72.57 -13.24
CA ILE U 70 -34.43 71.99 -14.44
C ILE U 70 -32.95 72.35 -14.47
N VAL U 71 -32.13 71.43 -14.97
CA VAL U 71 -30.69 71.59 -15.05
C VAL U 71 -30.25 71.22 -16.46
N ALA U 72 -29.56 72.15 -17.13
CA ALA U 72 -29.00 71.90 -18.46
C ALA U 72 -27.66 72.61 -18.53
N THR U 73 -27.11 72.69 -19.75
CA THR U 73 -25.82 73.34 -19.96
C THR U 73 -25.78 73.91 -21.38
N VAL U 74 -24.74 74.70 -21.65
CA VAL U 74 -24.53 75.30 -22.95
C VAL U 74 -23.02 75.32 -23.23
N THR U 75 -22.65 75.11 -24.49
CA THR U 75 -21.26 75.03 -24.90
C THR U 75 -20.84 76.35 -25.55
N LEU U 76 -19.71 76.88 -25.11
CA LEU U 76 -19.13 78.09 -25.67
C LEU U 76 -17.88 77.77 -26.47
N GLY U 77 -17.40 78.76 -27.23
CA GLY U 77 -16.36 78.54 -28.20
C GLY U 77 -14.92 78.68 -27.75
N CYS U 78 -14.58 79.83 -27.18
CA CYS U 78 -13.19 80.17 -26.90
C CYS U 78 -12.78 79.68 -25.50
N ARG U 79 -11.62 80.13 -25.04
CA ARG U 79 -11.14 79.85 -23.69
C ARG U 79 -11.54 80.99 -22.77
N LEU U 80 -12.37 80.70 -21.78
CA LEU U 80 -12.91 81.72 -20.90
C LEU U 80 -11.95 82.01 -19.75
N ASP U 81 -12.22 83.10 -19.04
CA ASP U 81 -11.40 83.52 -17.90
C ASP U 81 -12.27 84.41 -17.04
N LEU U 82 -12.57 83.96 -15.82
CA LEU U 82 -13.40 84.70 -14.87
C LEU U 82 -12.64 84.86 -13.55
N LYS U 83 -11.40 85.36 -13.66
CA LYS U 83 -10.55 85.58 -12.51
C LYS U 83 -10.20 87.04 -12.27
N THR U 84 -10.41 87.91 -13.26
CA THR U 84 -10.11 89.33 -13.13
C THR U 84 -11.33 90.22 -13.24
N VAL U 85 -12.28 89.89 -14.12
CA VAL U 85 -13.48 90.70 -14.25
C VAL U 85 -14.40 90.50 -13.04
N ALA U 86 -14.52 89.26 -12.57
CA ALA U 86 -15.25 88.99 -11.34
C ALA U 86 -14.54 89.53 -10.10
N LEU U 87 -13.21 89.72 -10.19
CA LEU U 87 -12.47 90.34 -9.11
C LEU U 87 -12.77 91.83 -8.99
N HIS U 88 -13.20 92.47 -10.07
CA HIS U 88 -13.63 93.86 -10.06
C HIS U 88 -15.14 93.98 -9.87
N ALA U 89 -15.69 93.30 -8.87
CA ALA U 89 -17.14 93.19 -8.78
C ALA U 89 -17.55 93.05 -7.31
N ARG U 90 -18.80 92.63 -7.08
CA ARG U 90 -19.33 92.52 -5.73
C ARG U 90 -18.95 91.20 -5.08
N ASN U 91 -19.31 90.08 -5.72
CA ASN U 91 -19.15 88.76 -5.13
C ASN U 91 -18.25 87.90 -6.00
N ALA U 92 -17.43 87.08 -5.33
CA ALA U 92 -16.55 86.14 -6.01
C ALA U 92 -16.21 85.02 -5.05
N GLU U 93 -16.61 83.80 -5.37
CA GLU U 93 -16.36 82.63 -4.51
C GLU U 93 -15.17 81.88 -5.11
N TYR U 94 -13.97 82.29 -4.72
CA TYR U 94 -12.75 81.59 -5.13
C TYR U 94 -12.67 80.27 -4.40
N ASN U 95 -12.74 79.18 -5.14
CA ASN U 95 -12.83 77.85 -4.55
C ASN U 95 -11.48 77.15 -4.64
N PRO U 96 -10.82 76.84 -3.51
CA PRO U 96 -9.61 76.03 -3.56
C PRO U 96 -9.86 74.55 -3.83
N LYS U 97 -11.13 74.12 -3.91
CA LYS U 97 -11.49 72.74 -4.18
C LYS U 97 -11.41 72.43 -5.67
N ARG U 98 -12.03 71.32 -6.06
CA ARG U 98 -11.95 70.82 -7.44
C ARG U 98 -12.62 71.78 -8.41
N PHE U 99 -13.84 72.21 -8.10
CA PHE U 99 -14.55 73.14 -8.98
C PHE U 99 -14.07 74.56 -8.78
N ALA U 100 -13.01 74.95 -9.48
CA ALA U 100 -12.45 76.29 -9.36
C ALA U 100 -13.27 77.23 -10.24
N ALA U 101 -14.31 77.82 -9.66
CA ALA U 101 -15.16 78.76 -10.36
C ALA U 101 -15.82 79.68 -9.35
N VAL U 102 -15.96 80.96 -9.73
CA VAL U 102 -16.53 81.97 -8.86
C VAL U 102 -17.98 82.22 -9.26
N ILE U 103 -18.77 82.72 -8.32
CA ILE U 103 -20.17 83.04 -8.53
C ILE U 103 -20.42 84.44 -8.01
N MET U 104 -20.97 85.30 -8.87
CA MET U 104 -21.42 86.63 -8.46
C MET U 104 -22.94 86.64 -8.41
N ARG U 105 -23.49 87.05 -7.27
CA ARG U 105 -24.92 87.25 -7.03
C ARG U 105 -25.72 85.95 -7.27
N ILE U 106 -25.44 84.97 -6.40
CA ILE U 106 -26.16 83.70 -6.44
C ILE U 106 -27.63 83.89 -6.06
N ARG U 107 -27.91 84.88 -5.21
CA ARG U 107 -29.20 84.92 -4.52
C ARG U 107 -30.33 85.39 -5.42
N GLU U 108 -30.01 86.24 -6.41
CA GLU U 108 -31.05 86.86 -7.25
C GLU U 108 -31.70 85.78 -8.12
N PRO U 109 -32.98 85.49 -7.94
CA PRO U 109 -33.55 84.24 -8.47
C PRO U 109 -33.80 84.29 -9.96
N LYS U 110 -33.53 83.16 -10.62
CA LYS U 110 -33.73 82.93 -12.05
C LYS U 110 -32.92 83.90 -12.91
N THR U 111 -31.81 84.40 -12.38
CA THR U 111 -30.93 85.33 -13.08
C THR U 111 -29.51 84.78 -13.24
N THR U 112 -28.94 84.22 -12.19
CA THR U 112 -27.55 83.78 -12.20
C THR U 112 -27.43 82.39 -11.59
N ALA U 113 -26.85 81.47 -12.34
CA ALA U 113 -26.53 80.12 -11.88
C ALA U 113 -25.10 80.08 -11.34
N LEU U 114 -24.52 78.89 -11.23
CA LEU U 114 -23.27 78.66 -10.53
C LEU U 114 -22.22 78.02 -11.42
N ILE U 115 -21.22 77.40 -10.78
CA ILE U 115 -19.90 77.02 -11.26
C ILE U 115 -19.81 76.46 -12.67
N PHE U 116 -18.75 76.84 -13.38
CA PHE U 116 -18.38 76.26 -14.65
C PHE U 116 -17.17 75.36 -14.47
N ALA U 117 -17.13 74.27 -15.25
CA ALA U 117 -15.98 73.37 -15.22
C ALA U 117 -14.91 73.82 -16.22
N SER U 118 -15.28 73.88 -17.50
CA SER U 118 -14.42 74.41 -18.55
C SER U 118 -15.12 75.51 -19.34
N GLY U 119 -16.22 76.04 -18.80
CA GLY U 119 -17.04 77.04 -19.47
C GLY U 119 -18.50 76.64 -19.59
N LYS U 120 -18.78 75.33 -19.66
CA LYS U 120 -20.14 74.83 -19.81
C LYS U 120 -20.78 74.79 -18.42
N MET U 121 -21.26 75.95 -17.99
CA MET U 121 -21.87 76.08 -16.67
C MET U 121 -23.26 75.49 -16.65
N VAL U 122 -23.66 75.01 -15.47
CA VAL U 122 -24.96 74.38 -15.27
C VAL U 122 -26.03 75.45 -15.08
N VAL U 123 -27.30 75.04 -15.11
CA VAL U 123 -28.42 75.93 -14.84
C VAL U 123 -28.98 75.56 -13.47
N THR U 124 -29.02 76.53 -12.57
CA THR U 124 -29.44 76.30 -11.18
C THR U 124 -30.54 77.28 -10.83
N GLY U 125 -31.69 76.74 -10.41
CA GLY U 125 -32.79 77.57 -9.96
C GLY U 125 -33.68 78.08 -11.06
N ALA U 126 -34.07 77.20 -11.98
CA ALA U 126 -34.95 77.54 -13.09
C ALA U 126 -36.06 76.51 -13.20
N LYS U 127 -37.24 76.97 -13.61
CA LYS U 127 -38.41 76.10 -13.76
C LYS U 127 -38.90 76.03 -15.19
N SER U 128 -39.18 77.17 -15.81
CA SER U 128 -39.67 77.23 -17.18
C SER U 128 -38.53 77.52 -18.16
N GLU U 129 -38.80 77.27 -19.43
CA GLU U 129 -37.80 77.50 -20.47
C GLU U 129 -37.67 78.97 -20.85
N ASP U 130 -38.62 79.82 -20.45
CA ASP U 130 -38.43 81.26 -20.59
C ASP U 130 -37.31 81.74 -19.67
N ASP U 131 -37.38 81.38 -18.38
CA ASP U 131 -36.38 81.83 -17.43
C ASP U 131 -35.07 81.06 -17.58
N SER U 132 -35.12 79.85 -18.15
CA SER U 132 -33.91 79.07 -18.34
C SER U 132 -33.02 79.68 -19.43
N LYS U 133 -33.62 80.02 -20.57
CA LYS U 133 -32.87 80.66 -21.65
C LYS U 133 -32.67 82.14 -21.39
N LEU U 134 -33.55 82.76 -20.60
CA LEU U 134 -33.34 84.15 -20.19
C LEU U 134 -32.16 84.26 -19.24
N ALA U 135 -31.98 83.27 -18.36
CA ALA U 135 -30.78 83.21 -17.55
C ALA U 135 -29.56 82.90 -18.42
N SER U 136 -29.72 82.02 -19.40
CA SER U 136 -28.65 81.74 -20.37
C SER U 136 -28.38 82.93 -21.28
N ARG U 137 -29.35 83.82 -21.44
CA ARG U 137 -29.09 85.10 -22.12
C ARG U 137 -28.17 85.99 -21.29
N LYS U 138 -28.21 85.84 -19.97
CA LYS U 138 -27.43 86.68 -19.07
C LYS U 138 -26.05 86.12 -18.74
N TYR U 139 -25.66 84.99 -19.32
CA TYR U 139 -24.39 84.34 -18.98
C TYR U 139 -23.32 84.61 -20.02
N ALA U 140 -23.67 84.38 -21.29
CA ALA U 140 -22.81 84.79 -22.40
C ALA U 140 -22.65 86.31 -22.46
N ARG U 141 -23.62 87.06 -21.94
CA ARG U 141 -23.46 88.51 -21.83
C ARG U 141 -22.37 88.88 -20.84
N ILE U 142 -22.27 88.15 -19.72
CA ILE U 142 -21.19 88.39 -18.76
C ILE U 142 -19.84 87.95 -19.36
N ILE U 143 -19.84 86.83 -20.09
CA ILE U 143 -18.60 86.35 -20.69
C ILE U 143 -18.13 87.28 -21.82
N GLN U 144 -19.05 87.96 -22.50
CA GLN U 144 -18.64 89.00 -23.44
C GLN U 144 -18.35 90.33 -22.76
N LYS U 145 -18.88 90.55 -21.54
CA LYS U 145 -18.45 91.69 -20.74
C LYS U 145 -17.01 91.52 -20.28
N ILE U 146 -16.57 90.27 -20.13
CA ILE U 146 -15.14 90.00 -19.99
C ILE U 146 -14.39 90.42 -21.24
N GLY U 147 -14.98 90.18 -22.41
CA GLY U 147 -14.35 90.54 -23.68
C GLY U 147 -14.06 89.35 -24.57
N PHE U 148 -14.89 88.33 -24.50
CA PHE U 148 -14.68 87.06 -25.20
C PHE U 148 -15.81 86.83 -26.21
N ALA U 149 -15.81 85.63 -26.80
CA ALA U 149 -16.76 85.31 -27.87
C ALA U 149 -18.11 84.88 -27.32
N ALA U 150 -18.12 83.84 -26.47
CA ALA U 150 -19.29 83.35 -25.73
C ALA U 150 -20.42 82.91 -26.66
N LYS U 151 -20.12 81.86 -27.44
CA LYS U 151 -21.11 81.31 -28.35
C LYS U 151 -22.19 80.54 -27.61
N PHE U 152 -23.43 80.68 -28.07
CA PHE U 152 -24.58 79.96 -27.53
C PHE U 152 -24.81 78.75 -28.43
N THR U 153 -24.14 77.65 -28.10
CA THR U 153 -24.21 76.43 -28.91
C THR U 153 -24.65 75.25 -28.05
N ASP U 154 -25.56 74.44 -28.62
CA ASP U 154 -25.99 73.15 -28.10
C ASP U 154 -26.64 73.27 -26.71
N PHE U 155 -27.76 73.98 -26.69
CA PHE U 155 -28.60 74.04 -25.49
C PHE U 155 -29.49 72.81 -25.46
N LYS U 156 -29.08 71.81 -24.69
CA LYS U 156 -29.75 70.51 -24.66
C LYS U 156 -30.28 70.25 -23.26
N ILE U 157 -31.58 69.94 -23.17
CA ILE U 157 -32.23 69.71 -21.89
C ILE U 157 -31.86 68.32 -21.39
N GLN U 158 -31.36 68.24 -20.16
CA GLN U 158 -30.93 66.98 -19.57
C GLN U 158 -31.76 66.53 -18.38
N ASN U 159 -32.36 67.45 -17.63
CA ASN U 159 -33.07 67.09 -16.41
C ASN U 159 -34.25 68.02 -16.23
N ILE U 160 -35.45 67.43 -16.07
CA ILE U 160 -36.65 68.17 -15.70
C ILE U 160 -37.29 67.44 -14.53
N VAL U 161 -37.43 68.12 -13.39
CA VAL U 161 -37.94 67.53 -12.16
C VAL U 161 -39.36 67.99 -11.94
N GLY U 162 -40.27 67.04 -11.70
CA GLY U 162 -41.66 67.36 -11.44
C GLY U 162 -42.18 66.67 -10.21
N SER U 163 -42.99 67.38 -9.44
CA SER U 163 -43.57 66.86 -8.20
C SER U 163 -45.06 67.07 -8.20
N CYS U 164 -45.78 66.13 -7.58
CA CYS U 164 -47.24 66.19 -7.52
C CYS U 164 -47.72 65.34 -6.35
N ASP U 165 -49.04 65.29 -6.18
CA ASP U 165 -49.68 64.48 -5.15
C ASP U 165 -51.11 64.19 -5.59
N VAL U 166 -51.49 62.92 -5.61
CA VAL U 166 -52.84 62.54 -6.02
C VAL U 166 -53.83 62.59 -4.87
N LYS U 167 -53.37 62.96 -3.66
CA LYS U 167 -54.14 63.26 -2.44
C LYS U 167 -54.75 62.01 -1.79
N PHE U 168 -54.71 60.87 -2.49
CA PHE U 168 -55.21 59.59 -1.99
C PHE U 168 -54.05 58.59 -2.09
N PRO U 169 -53.17 58.54 -1.09
CA PRO U 169 -52.02 57.64 -1.16
C PRO U 169 -52.44 56.19 -1.02
N ILE U 170 -51.60 55.30 -1.55
CA ILE U 170 -51.94 53.90 -1.76
C ILE U 170 -50.92 53.01 -1.06
N ARG U 171 -51.26 51.72 -0.98
CA ARG U 171 -50.39 50.74 -0.35
C ARG U 171 -49.19 50.42 -1.25
N LEU U 172 -48.06 50.12 -0.62
CA LEU U 172 -46.85 49.77 -1.36
C LEU U 172 -46.30 48.40 -1.02
N GLU U 173 -46.84 47.71 0.00
CA GLU U 173 -46.39 46.36 0.27
C GLU U 173 -46.89 45.39 -0.80
N GLY U 174 -48.07 45.63 -1.36
CA GLY U 174 -48.52 44.83 -2.48
C GLY U 174 -47.91 45.26 -3.80
N LEU U 175 -47.57 46.55 -3.91
CA LEU U 175 -46.90 47.04 -5.12
C LEU U 175 -45.44 46.62 -5.16
N ALA U 176 -44.85 46.27 -4.01
CA ALA U 176 -43.51 45.73 -3.97
C ALA U 176 -43.48 44.21 -3.87
N PHE U 177 -44.56 43.59 -3.40
CA PHE U 177 -44.61 42.13 -3.30
C PHE U 177 -44.87 41.49 -4.66
N SER U 178 -45.73 42.09 -5.48
CA SER U 178 -46.11 41.52 -6.76
C SER U 178 -45.46 42.22 -7.95
N HIS U 179 -45.43 43.55 -7.95
CA HIS U 179 -44.83 44.31 -9.05
C HIS U 179 -43.36 44.60 -8.78
N GLY U 180 -42.58 43.52 -8.69
CA GLY U 180 -41.17 43.61 -8.43
C GLY U 180 -40.27 43.61 -9.64
N THR U 181 -40.85 43.60 -10.84
CA THR U 181 -40.04 43.60 -12.06
C THR U 181 -39.53 44.98 -12.42
N PHE U 182 -40.26 46.03 -12.03
CA PHE U 182 -39.91 47.41 -12.37
C PHE U 182 -39.48 48.22 -11.16
N SER U 183 -39.25 47.58 -10.02
CA SER U 183 -38.96 48.32 -8.79
C SER U 183 -37.99 47.53 -7.93
N SER U 184 -37.19 48.25 -7.15
CA SER U 184 -36.32 47.69 -6.13
C SER U 184 -36.63 48.42 -4.84
N TYR U 185 -37.64 47.95 -4.11
CA TYR U 185 -38.09 48.58 -2.89
C TYR U 185 -37.26 48.06 -1.72
N GLU U 186 -36.49 48.95 -1.10
CA GLU U 186 -35.66 48.61 0.04
C GLU U 186 -36.01 49.54 1.19
N PRO U 187 -36.39 49.00 2.38
CA PRO U 187 -37.06 49.81 3.40
C PRO U 187 -36.24 50.94 4.03
N GLU U 188 -35.07 50.63 4.59
CA GLU U 188 -34.37 51.60 5.42
C GLU U 188 -33.10 52.15 4.81
N LEU U 189 -32.79 51.80 3.57
CA LEU U 189 -31.86 52.62 2.81
C LEU U 189 -32.47 53.97 2.52
N PHE U 190 -33.72 53.97 2.08
CA PHE U 190 -34.53 55.13 1.73
C PHE U 190 -35.99 54.70 1.73
N PRO U 191 -36.86 55.41 2.45
CA PRO U 191 -38.26 54.93 2.58
C PRO U 191 -39.08 55.02 1.30
N GLY U 192 -38.73 55.92 0.39
CA GLY U 192 -39.46 56.02 -0.87
C GLY U 192 -39.05 54.89 -1.82
N LEU U 193 -40.04 54.41 -2.56
CA LEU U 193 -39.80 53.36 -3.54
C LEU U 193 -39.07 53.91 -4.75
N ILE U 194 -38.16 53.12 -5.30
CA ILE U 194 -37.43 53.47 -6.51
C ILE U 194 -38.08 52.72 -7.66
N TYR U 195 -38.83 53.43 -8.50
CA TYR U 195 -39.56 52.83 -9.61
C TYR U 195 -38.73 52.98 -10.88
N ARG U 196 -38.21 51.86 -11.37
CA ARG U 196 -37.38 51.84 -12.57
C ARG U 196 -38.28 51.65 -13.79
N MET U 197 -38.73 52.77 -14.36
CA MET U 197 -39.48 52.71 -15.61
C MET U 197 -38.50 52.67 -16.78
N VAL U 198 -38.70 51.70 -17.68
CA VAL U 198 -37.82 51.53 -18.83
C VAL U 198 -38.36 52.19 -20.09
N LYS U 199 -39.60 52.67 -20.08
CA LYS U 199 -40.21 53.31 -21.24
C LYS U 199 -40.95 54.56 -20.80
N PRO U 200 -40.31 55.75 -20.90
CA PRO U 200 -38.94 55.98 -21.35
C PRO U 200 -37.93 55.82 -20.21
N LYS U 201 -36.72 56.34 -20.39
CA LYS U 201 -35.66 56.22 -19.38
C LYS U 201 -35.92 57.27 -18.30
N ILE U 202 -36.80 56.90 -17.37
CA ILE U 202 -37.13 57.73 -16.21
C ILE U 202 -37.16 56.82 -14.99
N VAL U 203 -36.40 57.19 -13.96
CA VAL U 203 -36.42 56.49 -12.68
C VAL U 203 -37.34 57.30 -11.76
N LEU U 204 -38.55 56.79 -11.54
CA LEU U 204 -39.51 57.50 -10.71
C LEU U 204 -39.19 57.30 -9.24
N LEU U 205 -39.72 58.20 -8.41
CA LEU U 205 -39.59 58.14 -6.96
C LEU U 205 -41.00 58.08 -6.37
N ILE U 206 -41.49 56.86 -6.16
CA ILE U 206 -42.77 56.66 -5.49
C ILE U 206 -42.54 56.73 -3.99
N PHE U 207 -43.35 57.51 -3.29
CA PHE U 207 -43.17 57.73 -1.86
C PHE U 207 -44.31 57.08 -1.08
N VAL U 208 -43.98 56.70 0.16
CA VAL U 208 -44.96 56.14 1.08
C VAL U 208 -46.00 57.19 1.47
N SER U 209 -45.56 58.46 1.59
CA SER U 209 -46.46 59.55 1.90
C SER U 209 -47.44 59.84 0.77
N GLY U 210 -47.13 59.46 -0.47
CA GLY U 210 -48.03 59.64 -1.58
C GLY U 210 -47.72 60.82 -2.48
N LYS U 211 -46.82 61.71 -2.07
CA LYS U 211 -46.43 62.86 -2.89
C LYS U 211 -45.48 62.35 -3.97
N ILE U 212 -46.05 62.02 -5.13
CA ILE U 212 -45.29 61.41 -6.21
C ILE U 212 -44.40 62.45 -6.86
N VAL U 213 -43.09 62.21 -6.85
CA VAL U 213 -42.10 63.13 -7.37
C VAL U 213 -41.31 62.43 -8.47
N LEU U 214 -41.24 63.04 -9.64
CA LEU U 214 -40.53 62.48 -10.79
C LEU U 214 -39.28 63.30 -11.07
N THR U 215 -38.24 62.62 -11.54
CA THR U 215 -36.98 63.26 -11.89
C THR U 215 -36.31 62.48 -13.01
N GLY U 216 -35.23 63.06 -13.54
CA GLY U 216 -34.43 62.41 -14.56
C GLY U 216 -34.96 62.54 -15.97
N ALA U 217 -36.14 63.14 -16.17
CA ALA U 217 -36.73 63.23 -17.49
C ALA U 217 -36.17 64.42 -18.26
N LYS U 218 -36.20 64.31 -19.58
CA LYS U 218 -35.73 65.36 -20.47
C LYS U 218 -36.86 66.09 -21.18
N GLN U 219 -38.09 65.59 -21.11
CA GLN U 219 -39.23 66.21 -21.77
C GLN U 219 -40.43 66.20 -20.82
N ARG U 220 -41.29 67.21 -20.97
CA ARG U 220 -42.51 67.26 -20.20
C ARG U 220 -43.51 66.20 -20.66
N GLU U 221 -43.48 65.87 -21.96
CA GLU U 221 -44.32 64.81 -22.48
C GLU U 221 -43.92 63.45 -21.91
N GLU U 222 -42.63 63.26 -21.62
CA GLU U 222 -42.18 62.05 -20.95
C GLU U 222 -42.73 61.98 -19.53
N ILE U 223 -42.82 63.12 -18.85
CA ILE U 223 -43.38 63.18 -17.51
C ILE U 223 -44.88 62.86 -17.55
N TYR U 224 -45.58 63.38 -18.56
CA TYR U 224 -47.01 63.13 -18.70
C TYR U 224 -47.30 61.68 -19.04
N GLN U 225 -46.50 61.09 -19.95
CA GLN U 225 -46.67 59.67 -20.28
C GLN U 225 -46.20 58.74 -19.17
N ALA U 226 -45.32 59.21 -18.28
CA ALA U 226 -44.91 58.38 -17.15
C ALA U 226 -45.91 58.45 -16.01
N PHE U 227 -46.52 59.61 -15.79
CA PHE U 227 -47.48 59.74 -14.70
C PHE U 227 -48.87 59.24 -15.09
N GLU U 228 -49.25 59.37 -16.36
CA GLU U 228 -50.57 58.89 -16.77
C GLU U 228 -50.62 57.36 -16.82
N ALA U 229 -49.52 56.72 -17.20
CA ALA U 229 -49.48 55.26 -17.30
C ALA U 229 -49.30 54.57 -15.96
N ILE U 230 -49.10 55.32 -14.87
CA ILE U 230 -48.97 54.73 -13.54
C ILE U 230 -50.20 54.97 -12.68
N TYR U 231 -51.09 55.87 -13.09
CA TYR U 231 -52.34 56.13 -12.38
C TYR U 231 -53.33 54.94 -12.35
N PRO U 232 -53.47 54.11 -13.40
CA PRO U 232 -54.21 52.85 -13.18
C PRO U 232 -53.50 51.87 -12.26
N VAL U 233 -52.16 51.91 -12.21
CA VAL U 233 -51.44 51.09 -11.23
C VAL U 233 -51.68 51.62 -9.82
N LEU U 234 -51.77 52.94 -9.68
CA LEU U 234 -52.18 53.54 -8.42
C LEU U 234 -53.64 53.23 -8.10
N SER U 235 -54.49 53.15 -9.12
CA SER U 235 -55.88 52.77 -8.95
C SER U 235 -56.08 51.27 -8.85
N GLU U 236 -55.05 50.47 -9.13
CA GLU U 236 -55.14 49.03 -8.96
C GLU U 236 -55.17 48.66 -7.48
N PHE U 237 -54.10 49.00 -6.76
CA PHE U 237 -54.04 48.78 -5.31
C PHE U 237 -54.43 50.06 -4.57
N ARG U 238 -55.66 50.51 -4.83
CA ARG U 238 -56.14 51.79 -4.32
C ARG U 238 -56.84 51.58 -2.98
N LYS U 239 -56.19 52.03 -1.90
CA LYS U 239 -56.76 52.03 -0.57
C LYS U 239 -56.54 53.40 0.05
N MET U 240 -57.63 54.14 0.27
CA MET U 240 -57.54 55.49 0.82
C MET U 240 -57.08 55.48 2.28
N MET V 1 -30.08 4.01 -23.99
CA MET V 1 -31.16 3.69 -23.05
C MET V 1 -32.36 2.88 -23.62
N PRO V 2 -32.92 3.22 -24.83
CA PRO V 2 -34.04 2.38 -25.33
C PRO V 2 -33.59 1.14 -26.09
N VAL V 3 -32.32 0.75 -25.95
CA VAL V 3 -31.76 -0.38 -26.68
C VAL V 3 -32.37 -1.67 -26.14
N CYS V 4 -33.14 -2.35 -26.99
CA CYS V 4 -33.72 -3.65 -26.64
C CYS V 4 -33.90 -4.44 -27.92
N LYS V 5 -34.42 -5.66 -27.78
CA LYS V 5 -34.54 -6.58 -28.91
C LYS V 5 -35.98 -6.87 -29.29
N ASN V 6 -36.83 -7.24 -28.31
CA ASN V 6 -38.22 -7.59 -28.62
C ASN V 6 -39.14 -6.38 -28.59
N CYS V 7 -38.90 -5.44 -27.69
CA CYS V 7 -39.67 -4.20 -27.59
C CYS V 7 -38.74 -3.01 -27.79
N HIS V 8 -39.31 -1.80 -27.72
CA HIS V 8 -38.55 -0.59 -27.95
C HIS V 8 -39.02 0.51 -27.01
N GLY V 9 -38.06 1.12 -26.29
CA GLY V 9 -38.34 2.31 -25.52
C GLY V 9 -39.15 2.11 -24.25
N THR V 10 -39.13 0.90 -23.69
CA THR V 10 -39.91 0.63 -22.49
C THR V 10 -39.17 1.12 -21.25
N GLU V 11 -39.82 0.98 -20.10
CA GLU V 11 -39.20 1.33 -18.83
C GLU V 11 -38.29 0.20 -18.36
N PHE V 12 -37.62 0.42 -17.24
CA PHE V 12 -36.63 -0.54 -16.75
C PHE V 12 -36.67 -0.57 -15.24
N GLU V 13 -36.03 -1.60 -14.66
CA GLU V 13 -36.08 -1.83 -13.23
C GLU V 13 -34.92 -2.74 -12.83
N ARG V 14 -33.99 -2.22 -12.01
CA ARG V 14 -32.92 -3.02 -11.46
C ARG V 14 -33.46 -3.93 -10.37
N ASP V 15 -32.94 -5.17 -10.33
CA ASP V 15 -33.49 -6.19 -9.45
C ASP V 15 -33.15 -5.93 -7.99
N LEU V 16 -34.07 -6.31 -7.11
CA LEU V 16 -33.88 -6.19 -5.68
C LEU V 16 -33.47 -7.50 -5.03
N SER V 17 -33.91 -8.63 -5.58
CA SER V 17 -33.63 -9.94 -5.02
C SER V 17 -32.40 -10.56 -5.66
N ASN V 18 -31.93 -11.66 -5.04
CA ASN V 18 -30.87 -12.54 -5.52
C ASN V 18 -29.49 -11.90 -5.65
N ALA V 19 -29.34 -10.66 -5.14
CA ALA V 19 -28.09 -9.89 -5.17
C ALA V 19 -27.53 -9.75 -6.58
N ASN V 20 -28.41 -9.54 -7.55
CA ASN V 20 -28.06 -9.62 -8.96
C ASN V 20 -28.18 -8.28 -9.68
N ASN V 21 -29.19 -7.48 -9.32
CA ASN V 21 -29.48 -6.08 -9.69
C ASN V 21 -29.09 -5.63 -11.10
N ASP V 22 -29.46 -6.42 -12.11
CA ASP V 22 -29.26 -6.02 -13.50
C ASP V 22 -30.44 -5.20 -14.01
N LEU V 23 -30.15 -4.32 -14.97
CA LEU V 23 -31.14 -3.38 -15.49
C LEU V 23 -31.90 -4.07 -16.62
N VAL V 24 -33.14 -4.46 -16.34
CA VAL V 24 -33.90 -5.36 -17.21
C VAL V 24 -35.19 -4.65 -17.66
N CYS V 25 -35.74 -5.11 -18.79
CA CYS V 25 -36.94 -4.51 -19.37
C CYS V 25 -38.18 -5.22 -18.82
N LYS V 26 -39.34 -4.96 -19.46
CA LYS V 26 -40.62 -5.48 -19.00
C LYS V 26 -41.32 -6.26 -20.10
N ALA V 27 -42.24 -7.13 -19.65
CA ALA V 27 -43.32 -7.79 -20.39
C ALA V 27 -42.86 -8.87 -21.36
N CYS V 28 -41.56 -8.97 -21.63
CA CYS V 28 -41.00 -10.17 -22.25
C CYS V 28 -39.88 -10.69 -21.36
N GLY V 29 -38.97 -9.80 -20.99
CA GLY V 29 -37.88 -10.08 -20.08
C GLY V 29 -36.60 -10.33 -20.83
N VAL V 30 -35.79 -9.29 -21.02
CA VAL V 30 -34.47 -9.36 -21.64
C VAL V 30 -33.60 -8.38 -20.88
N VAL V 31 -32.41 -8.81 -20.47
CA VAL V 31 -31.49 -7.92 -19.75
C VAL V 31 -31.03 -6.77 -20.66
N SER V 32 -30.84 -7.06 -21.95
CA SER V 32 -30.54 -6.09 -23.02
C SER V 32 -29.24 -5.32 -22.80
N GLU V 33 -28.36 -5.83 -21.95
CA GLU V 33 -27.12 -5.14 -21.61
C GLU V 33 -26.14 -6.17 -21.04
N ASP V 34 -25.03 -5.68 -20.50
CA ASP V 34 -24.05 -6.50 -19.81
C ASP V 34 -24.43 -6.65 -18.33
N ASN V 35 -23.49 -7.12 -17.53
CA ASN V 35 -23.58 -7.05 -16.09
C ASN V 35 -23.43 -5.59 -15.64
N PRO V 36 -23.95 -5.22 -14.47
CA PRO V 36 -23.78 -3.84 -14.01
C PRO V 36 -22.34 -3.57 -13.56
N ILE V 37 -21.85 -2.37 -13.86
CA ILE V 37 -20.52 -1.94 -13.46
C ILE V 37 -20.69 -0.70 -12.57
N VAL V 38 -20.34 -0.83 -11.29
CA VAL V 38 -20.43 0.28 -10.35
C VAL V 38 -19.07 0.47 -9.68
N SER V 39 -18.87 1.68 -9.15
CA SER V 39 -17.63 2.01 -8.45
C SER V 39 -17.86 2.15 -6.95
N SER V 75 -3.52 33.61 -11.63
CA SER V 75 -4.20 34.57 -12.48
C SER V 75 -5.52 35.01 -11.86
N ARG V 76 -6.62 34.72 -12.56
CA ARG V 76 -7.95 35.03 -12.05
C ARG V 76 -8.33 34.10 -10.90
N GLU V 77 -7.78 32.87 -10.91
CA GLU V 77 -8.08 31.90 -9.86
C GLU V 77 -7.51 32.33 -8.51
N ALA V 78 -6.39 33.06 -8.51
CA ALA V 78 -5.85 33.58 -7.26
C ALA V 78 -6.72 34.70 -6.71
N THR V 79 -7.30 35.51 -7.59
CA THR V 79 -8.23 36.55 -7.16
C THR V 79 -9.51 35.95 -6.60
N LEU V 80 -10.02 34.90 -7.25
CA LEU V 80 -11.19 34.20 -6.70
C LEU V 80 -10.88 33.44 -5.42
N ASN V 81 -9.62 33.00 -5.25
CA ASN V 81 -9.22 32.37 -3.99
C ASN V 81 -9.17 33.40 -2.85
N ASN V 82 -8.65 34.60 -3.14
CA ASN V 82 -8.65 35.66 -2.14
C ASN V 82 -10.07 36.11 -1.81
N ALA V 83 -10.94 36.15 -2.83
CA ALA V 83 -12.34 36.49 -2.61
C ALA V 83 -13.07 35.41 -1.82
N ARG V 84 -12.70 34.14 -2.03
CA ARG V 84 -13.31 33.04 -1.28
C ARG V 84 -12.83 33.06 0.17
N ARG V 85 -11.58 33.44 0.41
CA ARG V 85 -11.10 33.55 1.79
C ARG V 85 -11.75 34.73 2.51
N LYS V 86 -11.94 35.85 1.81
CA LYS V 86 -12.61 36.99 2.42
C LYS V 86 -14.09 36.70 2.66
N LEU V 87 -14.73 35.98 1.73
CA LEU V 87 -16.12 35.60 1.92
C LEU V 87 -16.26 34.56 3.03
N ARG V 88 -15.27 33.70 3.18
CA ARG V 88 -15.22 32.76 4.31
C ARG V 88 -15.12 33.51 5.64
N ALA V 89 -14.29 34.56 5.67
CA ALA V 89 -14.14 35.37 6.87
C ALA V 89 -15.44 36.07 7.25
N VAL V 90 -16.05 36.76 6.29
CA VAL V 90 -17.30 37.47 6.56
C VAL V 90 -18.45 36.49 6.84
N SER V 91 -18.39 35.29 6.24
CA SER V 91 -19.43 34.29 6.46
C SER V 91 -19.35 33.70 7.86
N TYR V 92 -18.16 33.30 8.30
CA TYR V 92 -17.99 32.78 9.65
C TYR V 92 -18.02 33.87 10.70
N ALA V 93 -17.93 35.13 10.31
CA ALA V 93 -18.09 36.23 11.27
C ALA V 93 -19.53 36.67 11.42
N LEU V 94 -20.33 36.56 10.37
CA LEU V 94 -21.70 37.04 10.39
C LEU V 94 -22.68 35.93 10.78
N HIS V 95 -22.17 34.72 11.07
CA HIS V 95 -22.93 33.55 11.52
C HIS V 95 -24.02 33.16 10.52
N ILE V 96 -23.56 32.75 9.34
CA ILE V 96 -24.44 32.22 8.30
C ILE V 96 -24.02 30.79 8.03
N PRO V 97 -24.94 29.94 7.51
CA PRO V 97 -24.56 28.56 7.19
C PRO V 97 -23.60 28.41 6.01
N GLU V 98 -23.22 27.18 5.70
CA GLU V 98 -22.15 26.90 4.75
C GLU V 98 -22.61 26.85 3.30
N TYR V 99 -23.89 26.56 3.04
CA TYR V 99 -24.36 26.52 1.66
C TYR V 99 -24.51 27.92 1.07
N ILE V 100 -24.93 28.89 1.90
CA ILE V 100 -25.13 30.24 1.42
C ILE V 100 -23.79 30.94 1.17
N THR V 101 -22.71 30.43 1.78
CA THR V 101 -21.36 30.87 1.43
C THR V 101 -21.03 30.51 -0.02
N ASP V 102 -21.34 29.27 -0.42
CA ASP V 102 -21.13 28.87 -1.82
C ASP V 102 -22.12 29.56 -2.76
N ALA V 103 -23.31 29.90 -2.26
CA ALA V 103 -24.25 30.67 -3.09
C ALA V 103 -23.74 32.09 -3.33
N ALA V 104 -23.19 32.73 -2.30
CA ALA V 104 -22.56 34.03 -2.49
C ALA V 104 -21.30 33.93 -3.34
N PHE V 105 -20.60 32.79 -3.29
CA PHE V 105 -19.41 32.61 -4.11
C PHE V 105 -19.77 32.50 -5.59
N GLN V 106 -20.79 31.71 -5.92
CA GLN V 106 -21.20 31.61 -7.32
C GLN V 106 -21.88 32.90 -7.79
N TRP V 107 -22.54 33.63 -6.88
CA TRP V 107 -23.09 34.93 -7.22
C TRP V 107 -21.99 35.94 -7.53
N TYR V 108 -20.92 35.94 -6.73
CA TYR V 108 -19.78 36.80 -6.99
C TYR V 108 -19.04 36.39 -8.26
N LYS V 109 -19.00 35.08 -8.56
CA LYS V 109 -18.39 34.62 -9.80
C LYS V 109 -19.17 35.07 -11.02
N LEU V 110 -20.51 34.98 -10.96
CA LEU V 110 -21.35 35.48 -12.06
C LEU V 110 -21.23 37.00 -12.20
N ALA V 111 -21.15 37.71 -11.08
CA ALA V 111 -21.03 39.16 -11.11
C ALA V 111 -19.68 39.59 -11.67
N LEU V 112 -18.60 38.90 -11.30
CA LEU V 112 -17.29 39.20 -11.85
C LEU V 112 -17.20 38.78 -13.31
N ALA V 113 -17.98 37.78 -13.73
CA ALA V 113 -18.13 37.49 -15.14
C ALA V 113 -18.90 38.57 -15.88
N ASN V 114 -19.74 39.33 -15.16
CA ASN V 114 -20.41 40.48 -15.76
C ASN V 114 -19.62 41.78 -15.56
N ASN V 115 -18.48 41.72 -14.86
CA ASN V 115 -17.56 42.85 -14.63
C ASN V 115 -18.26 44.03 -13.96
N PHE V 116 -18.65 43.78 -12.70
CA PHE V 116 -19.55 44.69 -12.00
C PHE V 116 -18.81 45.78 -11.23
N VAL V 117 -17.61 45.51 -10.72
CA VAL V 117 -16.86 46.52 -9.97
C VAL V 117 -15.38 46.17 -10.07
N GLN V 118 -14.53 47.15 -9.76
CA GLN V 118 -13.09 46.98 -9.74
C GLN V 118 -12.47 48.01 -8.80
N GLY V 119 -11.35 47.64 -8.20
CA GLY V 119 -10.53 48.59 -7.47
C GLY V 119 -11.07 49.05 -6.14
N ARG V 120 -12.07 48.36 -5.57
CA ARG V 120 -12.56 48.70 -4.25
C ARG V 120 -11.64 48.15 -3.18
N ARG V 121 -11.94 48.49 -1.92
CA ARG V 121 -11.29 47.87 -0.78
C ARG V 121 -11.80 46.47 -0.51
N SER V 122 -12.85 46.04 -1.23
CA SER V 122 -13.42 44.70 -1.31
C SER V 122 -14.20 44.30 -0.05
N GLN V 123 -14.10 45.08 1.02
CA GLN V 123 -14.92 44.83 2.20
C GLN V 123 -16.37 45.16 1.90
N ASN V 124 -16.61 46.31 1.27
CA ASN V 124 -17.95 46.71 0.87
C ASN V 124 -18.50 45.77 -0.20
N VAL V 125 -17.63 45.26 -1.08
CA VAL V 125 -18.06 44.38 -2.16
C VAL V 125 -18.50 43.03 -1.62
N ILE V 126 -17.66 42.42 -0.76
CA ILE V 126 -18.00 41.12 -0.17
C ILE V 126 -19.19 41.26 0.77
N ALA V 127 -19.29 42.38 1.50
CA ALA V 127 -20.43 42.60 2.37
C ALA V 127 -21.72 42.79 1.59
N SER V 128 -21.65 43.44 0.42
CA SER V 128 -22.85 43.63 -0.39
C SER V 128 -23.29 42.34 -1.05
N CYS V 129 -22.34 41.52 -1.51
CA CYS V 129 -22.67 40.23 -2.10
C CYS V 129 -23.25 39.28 -1.06
N LEU V 130 -22.66 39.25 0.14
CA LEU V 130 -23.21 38.41 1.19
C LEU V 130 -24.53 38.97 1.70
N TYR V 131 -24.74 40.30 1.60
CA TYR V 131 -26.00 40.89 2.01
C TYR V 131 -27.13 40.51 1.05
N VAL V 132 -26.86 40.51 -0.26
CA VAL V 132 -27.94 40.13 -1.18
C VAL V 132 -28.19 38.62 -1.13
N ALA V 133 -27.12 37.81 -0.93
CA ALA V 133 -27.33 36.38 -0.78
C ALA V 133 -28.00 36.03 0.55
N CYS V 134 -27.83 36.88 1.56
CA CYS V 134 -28.42 36.66 2.88
C CYS V 134 -29.84 37.18 2.98
N ARG V 135 -30.16 38.27 2.27
CA ARG V 135 -31.53 38.77 2.19
C ARG V 135 -32.33 38.07 1.10
N LYS V 136 -31.72 37.17 0.34
CA LYS V 136 -32.50 36.16 -0.37
C LYS V 136 -33.33 35.33 0.62
N GLU V 137 -32.66 34.74 1.61
CA GLU V 137 -33.28 33.92 2.62
C GLU V 137 -33.91 34.81 3.70
N LYS V 138 -34.93 34.27 4.37
CA LYS V 138 -35.69 34.93 5.43
C LYS V 138 -34.91 35.10 6.74
N THR V 139 -33.60 34.88 6.81
CA THR V 139 -32.86 34.96 8.07
C THR V 139 -32.71 36.42 8.51
N HIS V 140 -32.11 36.60 9.68
CA HIS V 140 -32.22 37.84 10.45
C HIS V 140 -30.90 38.62 10.43
N HIS V 141 -30.69 39.37 9.35
CA HIS V 141 -29.47 40.15 9.22
C HIS V 141 -29.81 41.44 8.47
N MET V 142 -29.58 42.57 9.13
CA MET V 142 -29.87 43.89 8.58
C MET V 142 -28.58 44.56 8.13
N LEU V 143 -28.67 45.82 7.74
CA LEU V 143 -27.52 46.55 7.21
C LEU V 143 -26.50 46.90 8.29
N ILE V 144 -26.95 47.06 9.54
CA ILE V 144 -26.06 47.53 10.59
C ILE V 144 -25.09 46.42 11.02
N ASP V 145 -25.51 45.16 10.88
CA ASP V 145 -24.62 44.03 11.18
C ASP V 145 -23.45 43.97 10.21
N PHE V 146 -23.61 44.50 9.00
CA PHE V 146 -22.52 44.62 8.06
C PHE V 146 -21.77 45.94 8.20
N SER V 147 -22.47 47.01 8.58
CA SER V 147 -21.82 48.31 8.75
C SER V 147 -20.97 48.37 10.00
N SER V 148 -21.20 47.47 10.96
CA SER V 148 -20.34 47.40 12.14
C SER V 148 -18.94 46.93 11.79
N ARG V 149 -18.82 46.05 10.80
CA ARG V 149 -17.51 45.60 10.35
C ARG V 149 -16.80 46.71 9.58
N LEU V 150 -15.52 46.92 9.92
CA LEU V 150 -14.60 47.90 9.34
C LEU V 150 -15.01 49.35 9.59
N GLN V 151 -16.02 49.59 10.43
CA GLN V 151 -16.45 50.91 10.89
C GLN V 151 -16.84 51.84 9.73
N VAL V 152 -17.44 51.25 8.71
CA VAL V 152 -17.89 51.98 7.54
C VAL V 152 -19.31 52.47 7.81
N SER V 153 -19.61 53.70 7.37
CA SER V 153 -20.97 54.21 7.46
C SER V 153 -21.92 53.39 6.61
N VAL V 154 -23.15 53.23 7.10
CA VAL V 154 -24.11 52.33 6.49
C VAL V 154 -24.62 52.86 5.16
N TYR V 155 -24.58 54.18 4.97
CA TYR V 155 -25.16 54.78 3.77
C TYR V 155 -24.28 54.55 2.55
N SER V 156 -22.96 54.53 2.73
CA SER V 156 -22.07 54.21 1.61
C SER V 156 -22.19 52.74 1.21
N ILE V 157 -22.41 51.86 2.20
CA ILE V 157 -22.60 50.44 1.90
C ILE V 157 -23.90 50.22 1.15
N GLY V 158 -24.97 50.92 1.56
CA GLY V 158 -26.21 50.86 0.80
C GLY V 158 -26.11 51.49 -0.58
N ALA V 159 -25.28 52.53 -0.72
CA ALA V 159 -25.05 53.14 -2.03
C ALA V 159 -24.35 52.18 -2.97
N THR V 160 -23.33 51.47 -2.47
CA THR V 160 -22.68 50.45 -3.31
C THR V 160 -23.61 49.26 -3.55
N PHE V 161 -24.54 49.00 -2.61
CA PHE V 161 -25.52 47.94 -2.83
C PHE V 161 -26.50 48.30 -3.94
N LEU V 162 -26.80 49.58 -4.12
CA LEU V 162 -27.58 50.00 -5.28
C LEU V 162 -26.71 50.37 -6.49
N LYS V 163 -25.39 50.34 -6.36
CA LYS V 163 -24.55 50.36 -7.54
C LYS V 163 -24.32 48.97 -8.12
N MET V 164 -24.35 47.93 -7.30
CA MET V 164 -24.14 46.56 -7.78
C MET V 164 -25.41 45.92 -8.33
N VAL V 165 -26.48 46.69 -8.54
CA VAL V 165 -27.69 46.16 -9.17
C VAL V 165 -27.67 46.51 -10.65
N LYS V 166 -26.49 46.85 -11.17
CA LYS V 166 -26.30 46.98 -12.61
C LYS V 166 -25.83 45.65 -13.20
N LYS V 167 -26.48 44.57 -12.77
CA LYS V 167 -26.36 43.26 -13.37
C LYS V 167 -27.67 42.48 -13.35
N LEU V 168 -28.65 42.90 -12.55
CA LEU V 168 -29.78 42.03 -12.23
C LEU V 168 -30.81 41.97 -13.35
N HIS V 169 -31.47 43.11 -13.62
CA HIS V 169 -32.74 43.29 -14.35
C HIS V 169 -33.80 42.25 -13.99
N ILE V 170 -33.80 41.77 -12.75
CA ILE V 170 -34.78 40.85 -12.20
C ILE V 170 -35.29 41.43 -10.90
N THR V 171 -34.34 41.71 -9.99
CA THR V 171 -34.45 42.28 -8.64
C THR V 171 -35.66 41.80 -7.82
N GLU V 172 -35.98 40.52 -7.94
CA GLU V 172 -37.10 39.93 -7.20
C GLU V 172 -36.56 39.41 -5.87
N LEU V 173 -36.66 40.23 -4.84
CA LEU V 173 -36.18 39.88 -3.50
C LEU V 173 -37.34 39.90 -2.52
N PRO V 174 -37.66 38.78 -1.86
CA PRO V 174 -38.72 38.80 -0.85
C PRO V 174 -38.29 39.47 0.45
N LEU V 175 -38.35 40.80 0.47
CA LEU V 175 -37.83 41.58 1.59
C LEU V 175 -38.90 42.06 2.55
N ALA V 176 -40.17 41.99 2.18
CA ALA V 176 -41.24 42.62 2.97
C ALA V 176 -41.88 41.59 3.90
N ASP V 177 -41.08 41.10 4.85
CA ASP V 177 -41.58 40.22 5.89
C ASP V 177 -40.68 40.30 7.13
N PRO V 178 -40.86 41.29 8.01
CA PRO V 178 -40.08 41.31 9.27
C PRO V 178 -40.73 40.48 10.36
N SER V 179 -40.80 39.17 10.15
CA SER V 179 -41.41 38.25 11.11
C SER V 179 -40.39 37.38 11.83
N LEU V 180 -39.32 36.98 11.14
CA LEU V 180 -38.27 36.19 11.77
C LEU V 180 -37.32 37.07 12.57
N PHE V 181 -37.32 38.38 12.31
CA PHE V 181 -36.61 39.35 13.15
C PHE V 181 -37.10 39.27 14.58
N ILE V 182 -38.42 39.15 14.78
CA ILE V 182 -38.99 39.03 16.11
C ILE V 182 -38.65 37.67 16.71
N GLN V 183 -38.56 36.63 15.87
CA GLN V 183 -38.29 35.28 16.35
C GLN V 183 -36.85 35.12 16.84
N HIS V 184 -35.90 35.84 16.23
CA HIS V 184 -34.50 35.64 16.57
C HIS V 184 -33.81 36.84 17.19
N PHE V 185 -34.47 37.99 17.30
CA PHE V 185 -33.93 39.04 18.16
C PHE V 185 -34.20 38.75 19.63
N ALA V 186 -35.26 37.99 19.92
CA ALA V 186 -35.68 37.72 21.29
C ALA V 186 -34.83 36.65 21.99
N GLU V 187 -33.73 36.21 21.39
CA GLU V 187 -32.80 35.29 22.03
C GLU V 187 -31.66 36.00 22.74
N LYS V 188 -31.10 37.04 22.13
CA LYS V 188 -30.03 37.80 22.77
C LYS V 188 -30.52 39.03 23.51
N LEU V 189 -31.74 39.50 23.25
CA LEU V 189 -32.37 40.53 24.05
C LEU V 189 -33.70 40.02 24.58
N ASP V 190 -34.17 40.67 25.66
CA ASP V 190 -35.44 40.39 26.31
C ASP V 190 -35.51 38.93 26.78
N LEU V 191 -34.59 38.59 27.67
CA LEU V 191 -34.48 37.22 28.16
C LEU V 191 -35.62 36.93 29.13
N ALA V 192 -36.39 35.88 28.83
CA ALA V 192 -37.51 35.48 29.67
C ALA V 192 -37.38 34.00 30.03
N ASP V 193 -38.16 33.61 31.04
CA ASP V 193 -38.20 32.20 31.41
C ASP V 193 -38.93 31.36 30.38
N LYS V 194 -39.89 31.96 29.66
CA LYS V 194 -40.70 31.25 28.68
C LYS V 194 -40.21 31.47 27.26
N LYS V 195 -40.15 32.73 26.81
CA LYS V 195 -39.70 33.16 25.49
C LYS V 195 -40.51 32.55 24.35
N ILE V 196 -41.76 32.14 24.60
CA ILE V 196 -42.71 31.83 23.55
C ILE V 196 -43.97 32.63 23.80
N LYS V 197 -44.26 32.89 25.09
CA LYS V 197 -45.44 33.66 25.46
C LYS V 197 -45.28 35.12 25.09
N VAL V 198 -44.07 35.66 25.27
CA VAL V 198 -43.80 37.02 24.82
C VAL V 198 -43.64 37.06 23.30
N VAL V 199 -43.05 36.02 22.71
CA VAL V 199 -42.58 36.11 21.34
C VAL V 199 -43.72 35.90 20.34
N LYS V 200 -44.59 34.93 20.59
CA LYS V 200 -45.70 34.67 19.67
C LYS V 200 -46.72 35.80 19.70
N ASP V 201 -47.02 36.32 20.89
CA ASP V 201 -47.89 37.49 20.99
C ASP V 201 -47.22 38.73 20.42
N ALA V 202 -45.89 38.81 20.51
CA ALA V 202 -45.14 39.92 19.93
C ALA V 202 -45.26 39.93 18.41
N VAL V 203 -45.02 38.79 17.77
CA VAL V 203 -45.08 38.73 16.32
C VAL V 203 -46.54 38.83 15.85
N LYS V 204 -47.50 38.37 16.66
CA LYS V 204 -48.91 38.51 16.31
C LYS V 204 -49.34 39.97 16.32
N LEU V 205 -48.98 40.71 17.39
CA LEU V 205 -49.30 42.13 17.47
C LEU V 205 -48.55 42.94 16.42
N ALA V 206 -47.31 42.55 16.10
CA ALA V 206 -46.55 43.30 15.11
C ALA V 206 -47.09 43.09 13.70
N GLN V 207 -47.49 41.86 13.35
CA GLN V 207 -48.10 41.64 12.05
C GLN V 207 -49.50 42.25 11.97
N ARG V 208 -50.26 42.24 13.07
CA ARG V 208 -51.55 42.90 13.10
C ARG V 208 -51.42 44.41 12.97
N MET V 209 -50.35 44.99 13.51
CA MET V 209 -50.13 46.42 13.39
C MET V 209 -49.58 46.80 12.02
N SER V 210 -48.75 45.93 11.42
CA SER V 210 -48.25 46.19 10.07
C SER V 210 -49.37 46.08 9.03
N LYS V 211 -50.27 45.12 9.20
CA LYS V 211 -51.48 45.09 8.41
C LYS V 211 -52.50 46.13 8.83
N ASP V 212 -52.31 46.75 10.00
CA ASP V 212 -53.15 47.83 10.48
C ASP V 212 -52.55 49.20 10.15
N TRP V 213 -51.83 49.28 9.02
CA TRP V 213 -51.29 50.51 8.43
C TRP V 213 -50.32 51.22 9.38
N MET V 214 -49.22 50.54 9.70
CA MET V 214 -48.17 51.16 10.50
C MET V 214 -46.78 50.70 10.03
N PHE V 215 -46.68 50.07 8.86
CA PHE V 215 -45.36 49.65 8.39
C PHE V 215 -45.33 49.71 6.86
N GLU V 216 -44.64 50.71 6.33
CA GLU V 216 -44.22 50.72 4.93
C GLU V 216 -42.96 51.58 4.87
N GLY V 217 -41.80 50.92 4.88
CA GLY V 217 -40.54 51.62 5.03
C GLY V 217 -40.45 52.24 6.41
N ARG V 218 -40.70 51.42 7.43
CA ARG V 218 -40.93 51.90 8.79
C ARG V 218 -40.13 51.06 9.79
N ARG V 219 -38.84 50.86 9.47
CA ARG V 219 -37.78 50.41 10.38
C ARG V 219 -38.05 49.05 11.02
N PRO V 220 -37.83 47.95 10.27
CA PRO V 220 -38.12 46.60 10.82
C PRO V 220 -37.43 46.26 12.13
N ALA V 221 -36.19 46.71 12.33
CA ALA V 221 -35.56 46.56 13.64
C ALA V 221 -36.24 47.42 14.69
N GLY V 222 -36.70 48.61 14.30
CA GLY V 222 -37.40 49.46 15.24
C GLY V 222 -38.77 48.93 15.61
N ILE V 223 -39.49 48.37 14.65
CA ILE V 223 -40.80 47.79 14.98
C ILE V 223 -40.60 46.46 15.71
N ALA V 224 -39.47 45.79 15.52
CA ALA V 224 -39.14 44.63 16.34
C ALA V 224 -38.86 45.01 17.79
N GLY V 225 -38.10 46.08 18.02
CA GLY V 225 -37.89 46.58 19.37
C GLY V 225 -39.15 47.09 20.03
N ALA V 226 -40.00 47.73 19.24
CA ALA V 226 -41.25 48.28 19.77
C ALA V 226 -42.24 47.18 20.13
N CYS V 227 -42.52 46.25 19.21
CA CYS V 227 -43.29 45.06 19.57
C CYS V 227 -42.38 43.91 19.98
N ILE V 228 -41.38 44.23 20.78
CA ILE V 228 -40.94 43.35 21.85
C ILE V 228 -40.95 44.03 23.21
N LEU V 229 -40.81 45.36 23.27
CA LEU V 229 -41.01 46.08 24.53
C LEU V 229 -42.47 46.08 24.96
N LEU V 230 -43.39 46.17 23.99
CA LEU V 230 -44.81 46.13 24.32
C LEU V 230 -45.22 44.76 24.82
N ALA V 231 -44.73 43.69 24.20
CA ALA V 231 -45.05 42.35 24.64
C ALA V 231 -44.35 41.99 25.95
N CYS V 232 -43.18 42.57 26.20
CA CYS V 232 -42.55 42.40 27.51
C CYS V 232 -43.30 43.17 28.58
N ARG V 233 -43.91 44.31 28.22
CA ARG V 233 -44.78 45.03 29.13
C ARG V 233 -46.05 44.23 29.42
N MET V 234 -46.51 43.44 28.45
CA MET V 234 -47.60 42.51 28.71
C MET V 234 -47.19 41.43 29.71
N ASN V 235 -45.94 40.99 29.62
CA ASN V 235 -45.41 40.04 30.60
C ASN V 235 -45.17 40.75 31.93
N ASN V 236 -45.08 39.97 33.00
CA ASN V 236 -44.87 40.51 34.35
C ASN V 236 -43.37 40.63 34.66
N LEU V 237 -42.69 41.36 33.78
CA LEU V 237 -41.25 41.62 33.92
C LEU V 237 -40.93 42.84 33.05
N ARG V 238 -40.13 43.76 33.58
CA ARG V 238 -39.82 44.99 32.87
C ARG V 238 -38.37 44.97 32.40
N ARG V 239 -38.08 45.83 31.44
CA ARG V 239 -36.74 46.01 30.90
C ARG V 239 -36.32 47.46 31.04
N THR V 240 -35.04 47.67 31.29
CA THR V 240 -34.44 48.97 31.08
C THR V 240 -34.46 49.28 29.59
N HIS V 241 -34.78 50.53 29.25
CA HIS V 241 -34.98 50.91 27.85
C HIS V 241 -33.68 50.90 27.05
N THR V 242 -32.53 51.02 27.72
CA THR V 242 -31.25 50.98 27.03
C THR V 242 -30.90 49.57 26.57
N GLU V 243 -31.31 48.54 27.34
CA GLU V 243 -30.90 47.17 27.07
C GLU V 243 -31.50 46.63 25.77
N ILE V 244 -32.71 47.06 25.41
CA ILE V 244 -33.31 46.61 24.17
C ILE V 244 -32.66 47.32 22.98
N VAL V 245 -32.51 48.65 23.06
CA VAL V 245 -32.01 49.42 21.94
C VAL V 245 -30.50 49.33 21.75
N ALA V 246 -29.80 48.66 22.67
CA ALA V 246 -28.35 48.51 22.53
C ALA V 246 -27.99 47.49 21.46
N VAL V 247 -28.50 46.26 21.61
CA VAL V 247 -28.12 45.17 20.72
C VAL V 247 -29.06 45.06 19.51
N SER V 248 -30.22 45.71 19.55
CA SER V 248 -31.09 45.76 18.38
C SER V 248 -30.69 46.84 17.38
N HIS V 249 -29.67 47.64 17.71
CA HIS V 249 -29.04 48.63 16.81
C HIS V 249 -30.04 49.70 16.36
N VAL V 250 -30.92 50.10 17.27
CA VAL V 250 -31.95 51.08 16.98
C VAL V 250 -31.77 52.26 17.94
N ALA V 251 -32.21 53.44 17.50
CA ALA V 251 -32.10 54.64 18.32
C ALA V 251 -33.07 54.59 19.51
N GLU V 252 -32.81 55.47 20.47
CA GLU V 252 -33.63 55.54 21.67
C GLU V 252 -34.88 56.37 21.47
N GLU V 253 -34.77 57.45 20.70
CA GLU V 253 -35.90 58.35 20.49
C GLU V 253 -36.93 57.78 19.52
N THR V 254 -36.46 57.02 18.52
CA THR V 254 -37.36 56.52 17.48
C THR V 254 -38.30 55.45 18.02
N LEU V 255 -37.81 54.60 18.92
CA LEU V 255 -38.68 53.58 19.52
C LEU V 255 -39.69 54.22 20.47
N GLN V 256 -39.31 55.32 21.12
CA GLN V 256 -40.27 56.07 21.93
C GLN V 256 -41.32 56.75 21.06
N GLN V 257 -40.94 57.21 19.87
CA GLN V 257 -41.92 57.73 18.91
C GLN V 257 -42.86 56.63 18.44
N ARG V 258 -42.33 55.42 18.24
CA ARG V 258 -43.15 54.26 17.89
C ARG V 258 -44.16 53.96 18.99
N LEU V 259 -43.70 53.89 20.24
CA LEU V 259 -44.59 53.60 21.36
C LEU V 259 -45.59 54.73 21.60
N ASN V 260 -45.22 55.96 21.28
CA ASN V 260 -46.16 57.07 21.30
C ASN V 260 -47.25 56.87 20.26
N GLU V 261 -46.89 56.36 19.08
CA GLU V 261 -47.93 56.07 18.09
C GLU V 261 -48.76 54.84 18.47
N PHE V 262 -48.19 53.90 19.23
CA PHE V 262 -49.00 52.80 19.76
C PHE V 262 -50.00 53.30 20.78
N LYS V 263 -49.60 54.26 21.62
CA LYS V 263 -50.53 54.88 22.55
C LYS V 263 -51.58 55.71 21.81
N ASN V 264 -51.20 56.29 20.67
CA ASN V 264 -52.14 57.10 19.89
C ASN V 264 -53.20 56.24 19.22
N THR V 265 -52.79 55.17 18.55
CA THR V 265 -53.73 54.37 17.77
C THR V 265 -54.56 53.45 18.65
N LYS V 266 -53.91 52.52 19.36
CA LYS V 266 -54.61 51.61 20.23
C LYS V 266 -55.06 52.35 21.49
N ALA V 267 -56.29 52.03 21.95
CA ALA V 267 -56.83 52.66 23.15
C ALA V 267 -56.05 52.28 24.40
N ALA V 268 -55.50 51.06 24.42
CA ALA V 268 -54.62 50.53 25.46
C ALA V 268 -55.27 50.49 26.85
N LYS V 269 -56.58 50.38 26.92
CA LYS V 269 -57.24 50.09 28.19
C LYS V 269 -57.38 48.59 28.40
N LEU V 270 -57.86 47.87 27.38
CA LEU V 270 -57.92 46.42 27.44
C LEU V 270 -56.57 45.78 27.17
N SER V 271 -55.61 46.54 26.63
CA SER V 271 -54.29 46.00 26.33
C SER V 271 -53.45 45.77 27.57
N VAL V 272 -53.82 46.39 28.70
CA VAL V 272 -53.04 46.23 29.92
C VAL V 272 -53.27 44.86 30.53
N GLN V 273 -54.52 44.44 30.63
CA GLN V 273 -54.84 43.16 31.27
C GLN V 273 -54.64 42.00 30.31
N LYS V 274 -55.44 41.96 29.25
CA LYS V 274 -55.41 40.85 28.29
C LYS V 274 -56.06 41.25 26.97
N PHE V 275 -55.38 40.94 25.86
CA PHE V 275 -55.92 41.24 24.55
C PHE V 275 -57.11 40.34 24.21
N ARG V 276 -57.95 40.81 23.30
CA ARG V 276 -59.14 40.08 22.92
C ARG V 276 -58.79 38.89 22.03
N GLU V 277 -59.55 37.81 22.18
CA GLU V 277 -59.32 36.62 21.36
C GLU V 277 -59.85 36.80 19.94
N ASN V 278 -60.76 37.73 19.73
CA ASN V 278 -61.31 38.03 18.40
C ASN V 278 -61.13 39.52 18.15
N ASP V 279 -60.01 39.88 17.52
CA ASP V 279 -59.66 41.28 17.29
C ASP V 279 -60.14 41.68 15.90
N VAL V 280 -61.10 42.60 15.85
CA VAL V 280 -61.64 43.13 14.60
C VAL V 280 -61.16 44.57 14.45
N GLU V 281 -60.36 44.81 13.41
CA GLU V 281 -59.77 46.13 13.15
C GLU V 281 -60.05 46.50 11.70
N ASP V 282 -61.04 47.36 11.48
CA ASP V 282 -61.42 47.79 10.14
C ASP V 282 -61.48 49.31 10.08
N GLY V 283 -60.69 49.90 9.19
CA GLY V 283 -60.72 51.34 8.98
C GLY V 283 -59.98 52.11 10.05
N GLU V 284 -59.83 53.42 9.79
CA GLU V 284 -59.22 54.41 10.69
C GLU V 284 -57.78 54.03 11.04
N ALA V 285 -57.00 53.70 10.02
CA ALA V 285 -55.65 53.20 10.18
C ALA V 285 -54.73 53.90 9.20
N ARG V 286 -53.75 54.65 9.72
CA ARG V 286 -52.85 55.39 8.84
C ARG V 286 -51.52 55.66 9.54
N PRO V 287 -50.42 55.64 8.80
CA PRO V 287 -49.17 56.24 9.29
C PRO V 287 -49.29 57.75 9.35
N PRO V 288 -48.44 58.44 10.12
CA PRO V 288 -48.56 59.92 10.21
C PRO V 288 -48.15 60.68 8.96
N SER V 289 -47.60 60.01 7.94
CA SER V 289 -47.42 60.66 6.64
C SER V 289 -48.77 60.99 6.00
N PHE V 290 -49.78 60.16 6.24
CA PHE V 290 -51.15 60.49 5.86
C PHE V 290 -51.67 61.72 6.59
N VAL V 291 -51.26 61.92 7.85
CA VAL V 291 -51.67 63.11 8.59
C VAL V 291 -50.98 64.35 8.03
N LYS V 292 -49.67 64.25 7.80
CA LYS V 292 -48.89 65.35 7.25
C LYS V 292 -49.22 65.66 5.80
N ASN V 293 -49.91 64.75 5.10
CA ASN V 293 -50.51 65.07 3.82
C ASN V 293 -51.97 65.49 3.94
N ARG V 294 -52.63 65.14 5.04
CA ARG V 294 -53.99 65.60 5.27
C ARG V 294 -54.03 67.09 5.56
N LYS V 295 -53.03 67.59 6.30
CA LYS V 295 -52.97 69.03 6.50
C LYS V 295 -52.09 69.75 5.47
N LYS V 296 -50.92 69.19 5.13
CA LYS V 296 -50.01 69.52 4.02
C LYS V 296 -49.51 70.95 3.96
N GLU V 297 -49.86 71.79 4.94
CA GLU V 297 -49.28 73.11 5.12
C GLU V 297 -49.14 73.37 6.61
N ARG V 298 -48.89 74.63 6.97
CA ARG V 298 -48.96 75.10 8.34
C ARG V 298 -49.32 76.57 8.31
N LYS V 299 -50.04 77.03 9.34
CA LYS V 299 -50.60 78.38 9.33
C LYS V 299 -49.58 79.45 9.69
N ILE V 300 -48.50 79.07 10.39
CA ILE V 300 -47.45 79.97 10.89
C ILE V 300 -48.01 81.11 11.74
N PRO V 439 -61.30 63.39 -18.42
CA PRO V 439 -61.16 63.79 -19.81
C PRO V 439 -59.70 63.96 -20.22
N ARG V 440 -58.92 62.88 -20.10
CA ARG V 440 -57.50 62.94 -20.43
C ARG V 440 -57.33 62.95 -21.94
N ASN V 441 -56.62 63.96 -22.44
CA ASN V 441 -56.37 64.11 -23.87
C ASN V 441 -54.89 64.42 -24.08
N LEU V 442 -54.38 64.05 -25.25
CA LEU V 442 -52.98 64.28 -25.57
C LEU V 442 -52.69 65.75 -25.86
N HIS V 443 -53.68 66.48 -26.39
CA HIS V 443 -53.49 67.87 -26.77
C HIS V 443 -53.84 68.85 -25.66
N LEU V 444 -54.73 68.47 -24.74
CA LEU V 444 -55.08 69.35 -23.62
C LEU V 444 -53.99 69.46 -22.58
N LEU V 445 -52.98 68.58 -22.62
CA LEU V 445 -51.84 68.72 -21.73
C LEU V 445 -50.98 69.92 -22.17
N PRO V 446 -50.37 70.63 -21.23
CA PRO V 446 -49.57 71.80 -21.60
C PRO V 446 -48.29 71.42 -22.33
N THR V 447 -48.00 72.13 -23.42
CA THR V 447 -46.83 71.88 -24.24
C THR V 447 -45.66 72.70 -23.70
N THR V 448 -44.45 72.15 -23.80
CA THR V 448 -43.27 72.77 -23.23
C THR V 448 -42.33 73.38 -24.26
N ASP V 449 -42.54 73.11 -25.55
CA ASP V 449 -41.66 73.64 -26.58
C ASP V 449 -41.95 75.10 -26.92
N THR V 450 -43.15 75.60 -26.57
CA THR V 450 -43.49 76.98 -26.89
C THR V 450 -42.73 77.98 -26.02
N TYR V 451 -42.34 77.58 -24.81
CA TYR V 451 -41.53 78.45 -23.97
C TYR V 451 -40.12 78.59 -24.51
N LEU V 452 -39.57 77.50 -25.06
CA LEU V 452 -38.23 77.54 -25.65
C LEU V 452 -38.24 78.14 -27.05
N SER V 453 -39.38 78.12 -27.74
CA SER V 453 -39.42 78.62 -29.11
C SER V 453 -39.50 80.14 -29.17
N LYS V 454 -40.00 80.80 -28.12
CA LYS V 454 -40.16 82.25 -28.17
C LYS V 454 -38.85 82.98 -28.02
N VAL V 455 -38.03 82.61 -27.04
CA VAL V 455 -36.77 83.29 -26.77
C VAL V 455 -35.76 82.89 -27.83
N SER V 456 -35.02 83.86 -28.35
CA SER V 456 -34.18 83.66 -29.53
C SER V 456 -32.96 82.81 -29.21
N ASP V 457 -32.51 82.07 -30.23
CA ASP V 457 -31.32 81.24 -30.15
C ASP V 457 -30.09 81.93 -30.75
N ASP V 458 -30.02 83.26 -30.62
CA ASP V 458 -28.96 84.03 -31.25
C ASP V 458 -27.77 84.12 -30.30
N PRO V 459 -26.59 83.64 -30.71
CA PRO V 459 -25.39 83.86 -29.89
C PRO V 459 -24.86 85.29 -29.94
N ASP V 460 -25.35 86.12 -30.87
CA ASP V 460 -24.92 87.49 -31.00
C ASP V 460 -25.82 88.50 -30.30
N ASN V 461 -27.09 88.14 -30.09
CA ASN V 461 -28.05 89.03 -29.44
C ASN V 461 -28.06 88.71 -27.95
N LEU V 462 -27.51 89.62 -27.14
CA LEU V 462 -27.42 89.42 -25.70
C LEU V 462 -27.78 90.66 -24.89
N GLU V 463 -28.16 91.77 -25.53
CA GLU V 463 -28.31 93.04 -24.84
C GLU V 463 -29.77 93.36 -24.51
N ASP V 464 -30.66 92.38 -24.56
CA ASP V 464 -32.08 92.60 -24.28
C ASP V 464 -32.44 92.32 -22.82
N VAL V 465 -31.48 92.40 -21.91
CA VAL V 465 -31.71 92.10 -20.50
C VAL V 465 -31.36 93.31 -19.63
N ASP V 466 -31.58 94.50 -20.16
CA ASP V 466 -31.32 95.74 -19.42
C ASP V 466 -32.42 95.96 -18.40
N ASP V 467 -32.23 95.46 -17.18
CA ASP V 467 -33.18 95.64 -16.09
C ASP V 467 -32.44 95.98 -14.79
N GLU V 468 -31.46 96.90 -14.90
CA GLU V 468 -30.55 97.41 -13.86
C GLU V 468 -29.56 96.33 -13.40
N GLU V 469 -29.61 95.16 -14.02
CA GLU V 469 -28.70 94.07 -13.70
C GLU V 469 -27.49 94.03 -14.64
N LEU V 470 -27.69 94.40 -15.91
CA LEU V 470 -26.56 94.45 -16.84
C LEU V 470 -25.62 95.62 -16.52
N ASN V 471 -26.13 96.67 -15.90
CA ASN V 471 -25.32 97.82 -15.53
C ASN V 471 -24.87 97.77 -14.06
N ALA V 472 -24.91 96.59 -13.43
CA ALA V 472 -24.49 96.46 -12.05
C ALA V 472 -23.69 95.17 -11.80
N HIS V 473 -23.05 94.61 -12.83
CA HIS V 473 -22.22 93.42 -12.63
C HIS V 473 -20.91 93.77 -11.94
N LEU V 474 -20.11 94.64 -12.57
CA LEU V 474 -18.79 94.98 -12.10
C LEU V 474 -18.74 96.43 -11.62
N LEU V 475 -17.93 96.67 -10.60
CA LEU V 475 -17.67 98.01 -10.11
C LEU V 475 -16.30 98.47 -10.61
N ASN V 476 -15.83 99.61 -10.11
CA ASN V 476 -14.63 100.26 -10.62
C ASN V 476 -13.36 99.54 -10.15
N GLU V 477 -12.20 100.13 -10.47
CA GLU V 477 -10.91 99.57 -10.09
C GLU V 477 -10.57 99.84 -8.63
N GLU V 478 -11.24 100.82 -8.01
CA GLU V 478 -10.85 101.29 -6.68
C GLU V 478 -11.16 100.25 -5.60
N ALA V 479 -12.40 99.79 -5.53
CA ALA V 479 -12.77 98.76 -4.55
C ALA V 479 -12.66 97.36 -5.15
N SER V 480 -11.54 97.10 -5.79
CA SER V 480 -11.22 95.80 -6.37
C SER V 480 -9.86 95.28 -5.94
N LYS V 481 -8.87 96.17 -5.82
CA LYS V 481 -7.58 95.77 -5.26
C LYS V 481 -7.69 95.46 -3.77
N LEU V 482 -8.71 96.00 -3.09
CA LEU V 482 -8.99 95.59 -1.72
C LEU V 482 -9.50 94.15 -1.67
N LYS V 483 -10.35 93.77 -2.62
CA LYS V 483 -10.80 92.39 -2.74
C LYS V 483 -9.64 91.46 -3.10
N GLU V 484 -8.75 91.93 -3.98
CA GLU V 484 -7.55 91.17 -4.32
C GLU V 484 -6.64 91.01 -3.11
N ARG V 485 -6.56 92.05 -2.27
CA ARG V 485 -5.80 91.99 -1.02
C ARG V 485 -6.39 90.96 -0.07
N ILE V 486 -7.72 90.93 0.04
CA ILE V 486 -8.41 89.94 0.88
C ILE V 486 -8.16 88.52 0.38
N TRP V 487 -8.24 88.32 -0.94
CA TRP V 487 -8.05 86.99 -1.52
C TRP V 487 -6.61 86.50 -1.36
N ILE V 488 -5.63 87.37 -1.63
CA ILE V 488 -4.23 86.97 -1.47
C ILE V 488 -3.87 86.83 0.02
N GLY V 489 -4.53 87.56 0.91
CA GLY V 489 -4.27 87.39 2.33
C GLY V 489 -4.83 86.10 2.89
N LEU V 490 -6.01 85.69 2.42
CA LEU V 490 -6.63 84.49 2.98
C LEU V 490 -6.31 83.23 2.18
N ASN V 491 -6.67 83.18 0.90
CA ASN V 491 -6.42 81.99 0.08
C ASN V 491 -5.00 82.08 -0.48
N ALA V 492 -4.04 81.86 0.40
CA ALA V 492 -2.62 81.99 0.08
C ALA V 492 -1.86 80.68 0.10
N ASP V 493 -2.15 79.81 1.07
CA ASP V 493 -1.38 78.58 1.24
C ASP V 493 -1.65 77.60 0.12
N PHE V 494 -2.88 77.56 -0.41
CA PHE V 494 -3.17 76.67 -1.52
C PHE V 494 -2.49 77.13 -2.80
N LEU V 495 -2.43 78.44 -3.03
CA LEU V 495 -1.74 78.96 -4.21
C LEU V 495 -0.24 78.76 -4.08
N LEU V 496 0.31 78.91 -2.88
CA LEU V 496 1.73 78.65 -2.67
C LEU V 496 2.06 77.17 -2.83
N GLU V 497 1.17 76.29 -2.37
CA GLU V 497 1.39 74.86 -2.57
C GLU V 497 1.25 74.46 -4.04
N GLN V 498 0.38 75.14 -4.78
CA GLN V 498 0.24 74.84 -6.21
C GLN V 498 1.47 75.31 -6.99
N GLU V 499 1.94 76.52 -6.71
CA GLU V 499 3.14 77.03 -7.39
C GLU V 499 4.38 76.25 -6.99
N SER V 500 4.49 75.88 -5.71
CA SER V 500 5.58 75.02 -5.27
C SER V 500 5.48 73.61 -5.83
N LYS V 501 4.27 73.11 -6.08
CA LYS V 501 4.13 71.79 -6.72
C LYS V 501 4.56 71.86 -8.18
N ARG V 502 4.28 72.98 -8.85
CA ARG V 502 4.79 73.17 -10.21
C ARG V 502 6.32 73.28 -10.22
N LEU V 503 6.89 73.93 -9.21
CA LEU V 503 8.34 73.99 -9.09
C LEU V 503 8.93 72.63 -8.76
N LYS V 504 8.22 71.82 -7.96
CA LYS V 504 8.65 70.46 -7.67
C LYS V 504 8.63 69.59 -8.93
N GLN V 505 7.59 69.75 -9.75
CA GLN V 505 7.50 69.04 -11.03
C GLN V 505 8.66 69.42 -11.95
N GLU V 506 8.78 70.72 -12.26
CA GLU V 506 9.85 71.17 -13.15
C GLU V 506 11.24 71.09 -12.53
N ALA V 507 11.39 70.72 -11.24
CA ALA V 507 12.63 70.10 -10.73
C ALA V 507 12.76 68.64 -11.17
N ASP V 508 11.82 67.79 -10.74
CA ASP V 508 12.07 66.35 -10.80
C ASP V 508 11.68 65.68 -12.12
N ILE V 509 11.32 66.46 -13.15
CA ILE V 509 11.13 65.90 -14.48
C ILE V 509 12.31 66.17 -15.38
N ALA V 510 13.35 66.83 -14.88
CA ALA V 510 14.52 67.12 -15.70
C ALA V 510 15.34 65.87 -15.97
N THR V 511 15.60 65.08 -14.92
CA THR V 511 16.37 63.85 -15.06
C THR V 511 15.43 62.70 -15.41
N GLY V 512 15.96 61.48 -15.43
CA GLY V 512 15.17 60.31 -15.75
C GLY V 512 15.42 59.14 -14.83
#